data_7S64
#
_entry.id   7S64
#
_cell.length_a   1.00
_cell.length_b   1.00
_cell.length_c   1.00
_cell.angle_alpha   90.00
_cell.angle_beta   90.00
_cell.angle_gamma   90.00
#
_symmetry.space_group_name_H-M   'P 1'
#
_entity_poly.entity_id   1
_entity_poly.type   'polypeptide(L)'
_entity_poly.pdbx_seq_one_letter_code
;MSPNRFLLCVCILGLIAGGAAKVQYALTIPALLKSGETQRACVNLIGYHQPLALSVVLEHQRVNISIFSEKVQPPHYFKC
NKFMVPTVITNAPDFVTLSVSGGGEDIKDRKAVVIAPLNTICLIQMDKPVYKPGCKVRFRLISLNTMLLPISEKYTAVYL
EDPSGSRIAQWQNQESVGGVVQLEFPLISDAAPGSYTITAEGESCESARQGFTVDEYILPRFSVIVDPPNTISILDDILT
LNVSAIYTYGQPVPGSVTIKCCREASSYYGRKGNCFKGNRGICTNITGELGPDGAFYGVVSLLPFQMGQSGFQMSLGVAL
TVTEEGTGIQVTHQFFIMITSQLATLIFDYDALKEFYKRGIPYLVKVILTDANDNPMANEQVEVELAGKTIGAVLTDKEG
RAEYAIDTSSFVQENFTVVVSYENPHQCYYTEWEGPDFPTAQHFVMRFYSETGSFLDIQGSSVELNCGQVHNISVRYILS
LDGMGEGATTATFYYLAMSRAKIVQHGQRDVHLNQSKSGLFNIGLNVTSDLAPGAELIVYCILDLELIADTISLDIEKCF
QNQVSLSFSDDLGPTASNVSLNLSAAPGSLCGVKVIDSSLLLINPYESLSASGVYYSIPYLSLFGYNYGGFNLEEPEPPC
EDPNTVIFCKGRYYLPVSSSTEGDTYQNLRRVGLVLGTSSKIRKPVVCGMEAKFSVPRKSSGESDFGSSLSNGHVETLRK
NFSETFLWRLVSVDSEGQNTITETVPDTITKWQGSMFCVSEKEGFGITKYSANFTSFLPFFVELSLPYSLTREEILVMKA
FVSNYLEECIKIIVTLQPSADFEVIPQDVKQDQCICSGGRSSYSWNIIASSLGRISFIVSAETTHIGASCDGPSDQSQST
RKDTVIQTILVQPEGIRKEETSSNLVCVEDSNVEMPINLTLPENIVQGSASAFVTFVGDVLGLPLSNLQNLLQMPYGCGE
QNLARMAPIPYVLEYLNNTNQLTDELLQTAVQFLNEGYYRQLRYKLPSGAYDAFWSSPSDGSSWLSAYTFKTFEKAKKYI
YVDGKIQQQTLLYLQTSQKLDNGCFKAEGNLFMRQCGQERDLCFTAYLAIALLESNYSSGMTLLDDALGCLEAAMSSAST
LYFKSYTVYVFTLVQNWEIRNTLLNELKSKVVSERGTLHWEREDKLGQEGIPLYYPNYSPAEVEITAYMLLSIAKGSDPT
HDDLTYMAQISVWLIQQQNSYGGFRSTQDTVVALQALAFYAQLLFKSNAHHNVFLRSEYGDVGQLNLSEHNRLVVQRLQL
PEVSGNYSISINGTGCCLVQSTIRYNIPVPKENSAFYVAADSVSKNCLNGVAYTITITVSVSYRGLRNETNMVIIDIQML
SGYQADYPSLRQLENSQQVSKTEEQDNHVFLYLNAVPLKTIQLSFKVLIGSRVLNVKSASVYVYDYYETGENGFASYSQP
C
;
_entity_poly.pdbx_strand_id   A,B,C,D
#
# COMPACT_ATOMS: atom_id res chain seq x y z
N GLY A 19 -27.85 45.69 18.37
CA GLY A 19 -27.46 46.78 17.50
C GLY A 19 -25.99 47.14 17.62
N ALA A 20 -25.62 48.31 17.09
CA ALA A 20 -24.24 48.76 17.18
C ALA A 20 -23.86 49.10 18.62
N ALA A 21 -24.74 49.78 19.35
CA ALA A 21 -24.52 50.10 20.75
C ALA A 21 -25.16 48.99 21.59
N LYS A 22 -24.70 47.76 21.33
CA LYS A 22 -25.28 46.57 21.94
C LYS A 22 -24.73 46.40 23.35
N VAL A 23 -25.64 46.24 24.31
CA VAL A 23 -25.22 45.93 25.66
C VAL A 23 -24.40 44.65 25.65
N GLN A 24 -23.35 44.63 26.45
CA GLN A 24 -22.52 43.44 26.53
C GLN A 24 -22.02 43.30 27.96
N TYR A 25 -21.66 42.05 28.30
CA TYR A 25 -21.67 41.55 29.65
C TYR A 25 -20.25 41.17 30.06
N ALA A 26 -19.86 41.52 31.28
CA ALA A 26 -18.50 41.23 31.75
C ALA A 26 -18.60 40.66 33.16
N LEU A 27 -18.58 39.32 33.25
CA LEU A 27 -18.91 38.61 34.48
C LEU A 27 -17.65 38.01 35.08
N THR A 28 -17.48 38.23 36.39
CA THR A 28 -16.29 37.83 37.12
C THR A 28 -16.76 37.02 38.32
N ILE A 29 -16.55 35.71 38.25
CA ILE A 29 -17.02 34.75 39.25
C ILE A 29 -15.96 33.67 39.44
N PRO A 30 -15.35 33.55 40.62
CA PRO A 30 -14.40 32.46 40.84
C PRO A 30 -15.09 31.10 40.76
N ALA A 31 -14.35 30.10 40.30
CA ALA A 31 -14.89 28.76 40.12
C ALA A 31 -14.91 27.95 41.41
N LEU A 32 -14.34 28.47 42.49
CA LEU A 32 -14.28 27.75 43.75
C LEU A 32 -14.77 28.65 44.87
N LEU A 33 -15.31 28.04 45.91
CA LEU A 33 -15.80 28.76 47.07
C LEU A 33 -15.36 28.06 48.33
N LYS A 34 -14.95 28.84 49.32
CA LYS A 34 -14.80 28.32 50.67
C LYS A 34 -16.16 28.29 51.35
N SER A 35 -16.44 27.19 52.05
CA SER A 35 -17.73 27.02 52.69
C SER A 35 -17.90 27.97 53.86
N GLY A 36 -18.18 29.25 53.57
CA GLY A 36 -18.40 30.22 54.61
C GLY A 36 -17.53 31.45 54.51
N GLU A 37 -16.99 31.72 53.32
CA GLU A 37 -16.10 32.85 53.09
C GLU A 37 -16.87 33.97 52.40
N THR A 38 -16.39 35.20 52.56
CA THR A 38 -16.90 36.33 51.78
C THR A 38 -16.05 36.52 50.53
N GLN A 39 -16.71 36.64 49.40
CA GLN A 39 -16.01 36.86 48.14
C GLN A 39 -16.65 38.04 47.40
N ARG A 40 -15.81 38.75 46.65
CA ARG A 40 -16.23 39.88 45.84
C ARG A 40 -16.30 39.42 44.39
N ALA A 41 -17.51 39.36 43.83
CA ALA A 41 -17.71 39.03 42.43
C ALA A 41 -18.50 40.14 41.75
N CYS A 42 -18.39 40.18 40.41
CA CYS A 42 -18.85 41.38 39.72
C CYS A 42 -18.78 41.47 38.21
N VAL A 43 -19.46 42.50 37.70
CA VAL A 43 -19.80 42.59 36.28
C VAL A 43 -19.69 44.03 35.82
N ASN A 44 -19.20 44.19 34.60
CA ASN A 44 -19.30 45.43 33.85
C ASN A 44 -20.28 45.27 32.70
N LEU A 45 -20.85 46.39 32.28
CA LEU A 45 -21.85 46.43 31.23
C LEU A 45 -21.47 47.50 30.22
N ILE A 46 -21.74 47.23 28.95
CA ILE A 46 -21.57 48.26 27.91
C ILE A 46 -22.88 48.45 27.19
N GLY A 47 -23.20 49.71 26.89
CA GLY A 47 -24.48 50.07 26.32
C GLY A 47 -25.59 49.90 27.34
N TYR A 48 -26.65 50.69 27.23
CA TYR A 48 -27.82 50.45 28.07
C TYR A 48 -29.00 51.24 27.55
N HIS A 49 -30.18 50.74 27.89
CA HIS A 49 -31.45 51.39 27.60
C HIS A 49 -31.99 52.14 28.81
N GLN A 50 -31.91 51.51 29.99
CA GLN A 50 -32.42 52.01 31.25
C GLN A 50 -31.57 51.38 32.36
N PRO A 51 -31.80 51.71 33.63
CA PRO A 51 -31.27 50.84 34.69
C PRO A 51 -31.95 49.48 34.68
N LEU A 52 -31.19 48.46 35.04
CA LEU A 52 -31.69 47.08 35.00
C LEU A 52 -31.55 46.39 36.34
N ALA A 53 -31.77 45.07 36.35
CA ALA A 53 -31.55 44.25 37.52
C ALA A 53 -30.76 43.02 37.12
N LEU A 54 -29.93 42.53 38.05
CA LEU A 54 -29.16 41.32 37.83
C LEU A 54 -29.43 40.34 38.97
N SER A 55 -29.50 39.07 38.59
CA SER A 55 -29.84 38.01 39.51
C SER A 55 -28.74 36.96 39.47
N VAL A 56 -28.20 36.60 40.64
CA VAL A 56 -27.30 35.48 40.78
C VAL A 56 -27.86 34.56 41.85
N VAL A 57 -27.85 33.26 41.57
CA VAL A 57 -28.33 32.27 42.52
C VAL A 57 -27.31 31.15 42.59
N LEU A 58 -26.93 30.79 43.81
CA LEU A 58 -26.22 29.55 44.06
C LEU A 58 -27.21 28.47 44.45
N GLU A 59 -27.05 27.29 43.86
CA GLU A 59 -27.86 26.14 44.20
C GLU A 59 -26.96 24.93 44.30
N HIS A 60 -27.19 24.11 45.33
CA HIS A 60 -26.42 22.89 45.48
C HIS A 60 -26.78 21.90 44.37
N GLN A 61 -25.81 21.08 43.99
CA GLN A 61 -26.09 20.06 42.98
C GLN A 61 -27.16 19.08 43.45
N ARG A 62 -27.27 18.87 44.76
CA ARG A 62 -28.36 18.11 45.34
C ARG A 62 -28.98 18.93 46.46
N VAL A 63 -30.31 18.79 46.61
CA VAL A 63 -31.14 19.63 47.46
C VAL A 63 -31.17 21.03 46.86
N ASN A 64 -32.36 21.45 46.41
CA ASN A 64 -32.49 22.68 45.63
C ASN A 64 -32.48 23.91 46.54
N ILE A 65 -31.31 24.17 47.11
CA ILE A 65 -31.11 25.31 48.00
C ILE A 65 -30.81 26.52 47.12
N SER A 66 -31.82 27.30 46.82
CA SER A 66 -31.68 28.50 46.00
C SER A 66 -31.37 29.68 46.89
N ILE A 67 -30.12 30.13 46.87
CA ILE A 67 -29.72 31.35 47.57
C ILE A 67 -29.43 32.41 46.52
N PHE A 68 -29.88 33.62 46.77
CA PHE A 68 -29.95 34.64 45.73
C PHE A 68 -29.25 35.92 46.17
N SER A 69 -28.76 36.66 45.18
CA SER A 69 -28.27 38.02 45.37
C SER A 69 -28.60 38.83 44.11
N GLU A 70 -29.09 40.04 44.31
CA GLU A 70 -29.37 40.94 43.20
C GLU A 70 -28.27 41.99 43.11
N LYS A 71 -27.90 42.32 41.88
CA LYS A 71 -26.90 43.34 41.58
C LYS A 71 -27.50 44.32 40.58
N VAL A 72 -28.24 45.31 41.08
CA VAL A 72 -28.65 46.41 40.22
C VAL A 72 -27.41 47.21 39.85
N GLN A 73 -27.22 47.46 38.56
CA GLN A 73 -25.96 47.91 38.00
C GLN A 73 -26.07 49.35 37.50
N PRO A 74 -25.01 50.15 37.65
CA PRO A 74 -24.95 51.45 36.98
C PRO A 74 -25.01 51.29 35.48
N PRO A 75 -25.62 52.24 34.77
CA PRO A 75 -25.82 52.08 33.32
C PRO A 75 -24.51 51.92 32.57
N HIS A 76 -24.42 50.81 31.81
CA HIS A 76 -23.32 50.51 30.89
C HIS A 76 -21.94 50.68 31.54
N TYR A 77 -21.82 50.24 32.78
CA TYR A 77 -20.55 50.32 33.49
C TYR A 77 -20.46 49.19 34.50
N PHE A 78 -19.53 49.30 35.44
CA PHE A 78 -19.07 48.20 36.26
C PHE A 78 -19.47 48.38 37.72
N LYS A 79 -19.78 47.26 38.38
CA LYS A 79 -20.08 47.28 39.81
C LYS A 79 -19.96 45.86 40.38
N CYS A 80 -19.86 45.79 41.71
CA CYS A 80 -19.78 44.50 42.38
C CYS A 80 -19.86 44.54 43.89
N ASN A 81 -19.80 43.33 44.46
CA ASN A 81 -20.02 43.20 45.90
C ASN A 81 -19.45 41.88 46.39
N LYS A 82 -19.23 41.82 47.70
CA LYS A 82 -18.79 40.62 48.37
C LYS A 82 -19.99 40.02 49.09
N PHE A 83 -19.85 38.75 49.46
CA PHE A 83 -21.00 37.95 49.83
C PHE A 83 -20.57 36.74 50.63
N MET A 84 -21.54 36.15 51.34
CA MET A 84 -21.37 34.94 52.12
C MET A 84 -21.55 33.73 51.22
N VAL A 85 -20.62 32.79 51.31
CA VAL A 85 -20.78 31.45 50.76
C VAL A 85 -21.52 30.61 51.80
N PRO A 86 -22.64 29.99 51.47
CA PRO A 86 -23.33 29.13 52.43
C PRO A 86 -22.44 27.96 52.84
N THR A 87 -22.59 27.55 54.10
CA THR A 87 -21.80 26.45 54.61
C THR A 87 -22.28 25.13 54.02
N VAL A 88 -21.47 24.09 54.23
CA VAL A 88 -21.75 22.77 53.68
C VAL A 88 -20.86 21.77 54.41
N ILE A 89 -21.35 20.52 54.50
CA ILE A 89 -20.57 19.47 55.15
C ILE A 89 -19.37 19.07 54.29
N THR A 90 -19.55 19.00 52.98
CA THR A 90 -18.56 18.39 52.10
C THR A 90 -18.22 19.35 50.96
N ASN A 91 -17.03 19.13 50.39
CA ASN A 91 -16.61 19.89 49.23
C ASN A 91 -17.53 19.53 48.07
N ALA A 92 -18.45 20.43 47.74
CA ALA A 92 -19.57 20.09 46.87
C ALA A 92 -19.55 20.90 45.58
N PRO A 93 -19.56 20.27 44.41
CA PRO A 93 -19.88 21.00 43.19
C PRO A 93 -21.33 21.43 43.19
N ASP A 94 -21.59 22.56 42.54
CA ASP A 94 -22.87 23.26 42.61
C ASP A 94 -23.11 23.99 41.30
N PHE A 95 -24.33 24.52 41.15
CA PHE A 95 -24.65 25.38 40.02
C PHE A 95 -24.84 26.82 40.46
N VAL A 96 -24.56 27.74 39.55
CA VAL A 96 -24.77 29.17 39.75
C VAL A 96 -25.45 29.73 38.51
N THR A 97 -26.53 30.47 38.71
CA THR A 97 -27.34 31.01 37.63
C THR A 97 -27.32 32.53 37.65
N LEU A 98 -27.19 33.14 36.48
CA LEU A 98 -27.20 34.57 36.31
C LEU A 98 -28.27 34.96 35.31
N SER A 99 -28.87 36.12 35.52
CA SER A 99 -29.84 36.64 34.56
C SER A 99 -29.97 38.14 34.75
N VAL A 100 -29.91 38.89 33.65
CA VAL A 100 -30.01 40.34 33.70
C VAL A 100 -31.23 40.77 32.90
N SER A 101 -32.05 41.62 33.51
CA SER A 101 -33.36 41.95 32.98
C SER A 101 -33.61 43.46 33.03
N GLY A 102 -34.25 43.97 31.99
CA GLY A 102 -34.68 45.35 31.94
C GLY A 102 -35.58 45.54 30.74
N GLY A 103 -35.99 46.79 30.55
CA GLY A 103 -36.87 47.11 29.44
C GLY A 103 -36.28 46.80 28.08
N GLY A 104 -34.96 46.77 27.98
CA GLY A 104 -34.31 46.45 26.71
C GLY A 104 -34.32 44.96 26.45
N GLU A 105 -33.75 44.18 27.37
CA GLU A 105 -33.65 42.74 27.16
C GLU A 105 -33.20 42.07 28.45
N ASP A 106 -33.56 40.79 28.59
CA ASP A 106 -33.10 39.93 29.66
C ASP A 106 -32.43 38.72 29.05
N ILE A 107 -31.29 38.33 29.62
CA ILE A 107 -30.59 37.12 29.21
C ILE A 107 -30.22 36.33 30.45
N LYS A 108 -30.36 35.01 30.35
CA LYS A 108 -30.11 34.07 31.43
C LYS A 108 -29.05 33.07 31.01
N ASP A 109 -28.20 32.70 31.96
CA ASP A 109 -27.15 31.71 31.72
C ASP A 109 -26.86 31.00 33.04
N ARG A 110 -26.20 29.85 32.93
CA ARG A 110 -25.91 29.02 34.09
C ARG A 110 -24.56 28.35 33.93
N LYS A 111 -23.78 28.35 35.00
CA LYS A 111 -22.53 27.60 35.04
C LYS A 111 -22.43 26.87 36.36
N ALA A 112 -21.27 26.29 36.66
CA ALA A 112 -21.09 25.51 37.87
C ALA A 112 -19.93 26.06 38.68
N VAL A 113 -20.03 25.92 40.00
CA VAL A 113 -19.02 26.35 40.95
C VAL A 113 -18.77 25.18 41.91
N VAL A 114 -17.93 25.40 42.91
CA VAL A 114 -17.70 24.41 43.95
C VAL A 114 -17.46 25.12 45.27
N ILE A 115 -17.92 24.49 46.34
CA ILE A 115 -17.80 24.99 47.70
C ILE A 115 -16.93 24.04 48.51
N ALA A 116 -16.17 24.59 49.46
CA ALA A 116 -15.15 23.80 50.14
C ALA A 116 -15.11 24.06 51.64
N PRO A 117 -15.60 23.13 52.45
CA PRO A 117 -15.40 23.23 53.91
C PRO A 117 -14.08 22.59 54.31
N LEU A 118 -13.24 23.38 55.00
CA LEU A 118 -11.94 22.92 55.44
C LEU A 118 -11.71 23.33 56.89
N ASN A 119 -10.48 23.18 57.34
CA ASN A 119 -10.08 23.40 58.72
C ASN A 119 -9.18 24.63 58.83
N THR A 120 -8.65 24.83 60.04
CA THR A 120 -7.73 25.91 60.34
C THR A 120 -6.32 25.34 60.48
N ILE A 121 -5.34 26.05 59.93
CA ILE A 121 -3.96 25.64 60.06
C ILE A 121 -3.54 25.71 61.53
N CYS A 122 -2.96 24.63 62.01
CA CYS A 122 -2.49 24.51 63.38
C CYS A 122 -0.98 24.31 63.39
N LEU A 123 -0.35 24.79 64.46
CA LEU A 123 1.10 24.70 64.56
C LEU A 123 1.52 24.82 66.01
N ILE A 124 2.72 24.32 66.28
CA ILE A 124 3.33 24.27 67.61
C ILE A 124 4.60 25.09 67.58
N GLN A 125 4.73 26.01 68.53
CA GLN A 125 5.98 26.70 68.79
C GLN A 125 6.66 26.06 69.99
N MET A 126 7.89 25.59 69.78
CA MET A 126 8.73 25.09 70.85
C MET A 126 9.46 26.25 71.51
N ASP A 127 10.10 25.96 72.64
CA ASP A 127 11.12 26.88 73.15
C ASP A 127 12.48 26.61 72.50
N LYS A 128 13.03 25.42 72.67
CA LYS A 128 14.34 25.07 72.14
C LYS A 128 14.28 23.82 71.28
N PRO A 129 15.24 23.65 70.38
CA PRO A 129 15.26 22.42 69.56
C PRO A 129 15.47 21.17 70.39
N VAL A 130 16.55 21.12 71.17
CA VAL A 130 16.88 19.97 71.98
C VAL A 130 17.16 20.46 73.39
N TYR A 131 17.09 19.54 74.34
CA TYR A 131 16.95 19.92 75.74
C TYR A 131 17.96 19.18 76.61
N LYS A 132 17.72 19.21 77.91
CA LYS A 132 18.27 18.29 78.88
C LYS A 132 17.28 17.18 79.15
N PRO A 133 17.74 15.99 79.53
CA PRO A 133 16.81 14.88 79.74
C PRO A 133 16.06 15.09 81.05
N GLY A 134 14.77 14.80 81.03
CA GLY A 134 13.95 14.92 82.20
C GLY A 134 13.21 16.24 82.32
N CYS A 135 13.62 17.26 81.57
CA CYS A 135 13.11 18.60 81.79
C CYS A 135 11.67 18.69 81.26
N LYS A 136 11.13 19.90 81.25
CA LYS A 136 9.78 20.13 80.76
C LYS A 136 9.87 20.61 79.32
N VAL A 137 9.40 19.78 78.39
CA VAL A 137 9.25 20.23 77.02
C VAL A 137 8.06 21.17 76.96
N ARG A 138 8.32 22.42 76.58
CA ARG A 138 7.34 23.49 76.70
C ARG A 138 7.04 24.05 75.31
N PHE A 139 5.75 24.15 74.99
CA PHE A 139 5.35 24.46 73.62
C PHE A 139 3.95 25.03 73.62
N ARG A 140 3.59 25.63 72.50
CA ARG A 140 2.32 26.30 72.32
C ARG A 140 1.66 25.80 71.03
N LEU A 141 0.35 25.58 71.06
CA LEU A 141 -0.40 25.18 69.89
C LEU A 141 -1.45 26.23 69.54
N ILE A 142 -1.51 26.56 68.25
CA ILE A 142 -2.47 27.52 67.71
C ILE A 142 -3.05 26.94 66.42
N SER A 143 -4.13 27.57 65.96
CA SER A 143 -4.74 27.22 64.67
C SER A 143 -5.70 28.32 64.26
N LEU A 144 -5.51 28.86 63.05
CA LEU A 144 -6.44 29.80 62.45
C LEU A 144 -6.64 29.46 60.99
N ASN A 145 -7.81 29.82 60.46
CA ASN A 145 -8.07 29.58 59.05
C ASN A 145 -7.70 30.82 58.24
N THR A 146 -8.21 30.88 57.01
CA THR A 146 -7.79 31.91 56.06
C THR A 146 -8.03 33.31 56.58
N MET A 147 -8.94 33.48 57.55
CA MET A 147 -9.12 34.80 58.12
C MET A 147 -7.85 35.28 58.78
N LEU A 148 -7.08 34.35 59.37
CA LEU A 148 -5.85 34.66 60.07
C LEU A 148 -6.11 35.55 61.28
N LEU A 149 -7.38 35.87 61.53
CA LEU A 149 -7.77 36.55 62.74
C LEU A 149 -8.06 35.50 63.82
N PRO A 150 -7.72 35.80 65.08
CA PRO A 150 -7.95 34.81 66.14
C PRO A 150 -9.40 34.37 66.18
N ILE A 151 -9.60 33.11 65.81
CA ILE A 151 -10.91 32.46 65.84
C ILE A 151 -10.76 31.20 66.67
N SER A 152 -11.72 30.96 67.55
CA SER A 152 -11.58 29.88 68.53
C SER A 152 -11.96 28.55 67.90
N GLU A 153 -11.13 27.54 68.13
CA GLU A 153 -11.39 26.18 67.73
C GLU A 153 -11.16 25.26 68.92
N LYS A 154 -11.56 24.01 68.78
CA LYS A 154 -11.49 23.04 69.88
C LYS A 154 -10.27 22.15 69.66
N TYR A 155 -9.33 22.22 70.59
CA TYR A 155 -8.18 21.34 70.53
C TYR A 155 -8.68 19.92 70.81
N THR A 156 -8.88 19.15 69.75
CA THR A 156 -9.50 17.84 69.89
C THR A 156 -8.63 16.91 70.72
N ALA A 157 -7.45 16.57 70.23
CA ALA A 157 -6.59 15.70 71.01
C ALA A 157 -5.14 15.94 70.61
N VAL A 158 -4.25 15.87 71.61
CA VAL A 158 -2.83 16.09 71.41
C VAL A 158 -2.08 15.02 72.21
N TYR A 159 -0.99 14.51 71.64
CA TYR A 159 -0.21 13.48 72.32
C TYR A 159 1.21 13.47 71.78
N LEU A 160 2.08 12.81 72.53
CA LEU A 160 3.47 12.65 72.17
C LEU A 160 3.79 11.20 71.86
N GLU A 161 4.75 11.00 70.96
CA GLU A 161 5.22 9.68 70.58
C GLU A 161 6.73 9.64 70.64
N ASP A 162 7.25 8.45 70.94
CA ASP A 162 8.65 8.14 71.17
C ASP A 162 9.12 7.09 70.18
N PRO A 163 10.41 6.78 70.14
CA PRO A 163 10.85 5.65 69.28
C PRO A 163 10.19 4.35 69.66
N SER A 164 9.74 4.20 70.90
CA SER A 164 9.00 3.02 71.30
C SER A 164 7.53 3.08 70.90
N GLY A 165 7.05 4.22 70.41
CA GLY A 165 5.65 4.34 70.07
C GLY A 165 4.73 4.48 71.27
N SER A 166 5.28 4.69 72.46
CA SER A 166 4.48 4.77 73.67
C SER A 166 4.04 6.21 73.90
N ARG A 167 2.73 6.45 73.82
CA ARG A 167 2.19 7.75 74.15
C ARG A 167 2.55 8.12 75.59
N ILE A 168 3.07 9.34 75.76
CA ILE A 168 3.56 9.73 77.08
C ILE A 168 3.09 11.11 77.51
N ALA A 169 2.58 11.95 76.62
CA ALA A 169 2.09 13.28 76.99
C ALA A 169 0.80 13.50 76.20
N GLN A 170 -0.34 13.44 76.89
CA GLN A 170 -1.64 13.37 76.24
C GLN A 170 -2.61 14.33 76.90
N TRP A 171 -3.32 15.09 76.08
CA TRP A 171 -4.38 15.97 76.57
C TRP A 171 -5.50 16.02 75.52
N GLN A 172 -6.73 15.90 76.00
CA GLN A 172 -7.88 15.69 75.13
C GLN A 172 -8.92 16.76 75.37
N ASN A 173 -9.56 17.21 74.28
CA ASN A 173 -10.69 18.13 74.34
C ASN A 173 -10.31 19.43 75.04
N GLN A 174 -9.45 20.20 74.39
CA GLN A 174 -9.09 21.52 74.87
C GLN A 174 -9.58 22.59 73.90
N GLU A 175 -9.44 23.83 74.31
CA GLU A 175 -9.89 24.98 73.53
C GLU A 175 -8.95 26.15 73.76
N SER A 176 -8.91 27.04 72.77
CA SER A 176 -8.02 28.19 72.80
C SER A 176 -8.68 29.33 73.55
N VAL A 177 -8.25 29.55 74.80
CA VAL A 177 -8.75 30.68 75.56
C VAL A 177 -8.41 31.98 74.85
N GLY A 178 -7.17 32.10 74.41
CA GLY A 178 -6.74 33.28 73.69
C GLY A 178 -6.16 32.94 72.33
N GLY A 179 -6.79 32.00 71.63
CA GLY A 179 -6.29 31.55 70.36
C GLY A 179 -5.08 30.65 70.43
N VAL A 180 -4.73 30.17 71.62
CA VAL A 180 -3.48 29.45 71.84
C VAL A 180 -3.62 28.65 73.12
N VAL A 181 -2.90 27.52 73.18
CA VAL A 181 -2.82 26.75 74.42
C VAL A 181 -1.39 26.27 74.61
N GLN A 182 -0.86 26.45 75.82
CA GLN A 182 0.49 26.03 76.16
C GLN A 182 0.44 24.69 76.88
N LEU A 183 1.25 23.74 76.41
CA LEU A 183 1.46 22.48 77.13
C LEU A 183 2.94 22.22 77.37
N GLU A 184 3.18 21.50 78.46
CA GLU A 184 4.52 21.15 78.91
C GLU A 184 4.52 19.70 79.37
N PHE A 185 5.70 19.07 79.32
CA PHE A 185 5.82 17.69 79.76
C PHE A 185 7.19 17.40 80.38
N PRO A 186 7.21 16.83 81.58
CA PRO A 186 8.49 16.44 82.17
C PRO A 186 9.09 15.22 81.49
N LEU A 187 10.24 15.41 80.86
CA LEU A 187 10.87 14.31 80.14
C LEU A 187 11.42 13.28 81.13
N ILE A 188 12.18 12.33 80.61
CA ILE A 188 12.90 11.36 81.42
C ILE A 188 14.37 11.70 81.40
N SER A 189 14.99 11.70 82.59
CA SER A 189 16.43 11.87 82.67
C SER A 189 17.15 10.70 82.01
N ASP A 190 16.77 9.48 82.37
CA ASP A 190 17.40 8.30 81.78
C ASP A 190 16.85 8.06 80.39
N ALA A 191 17.29 8.86 79.43
CA ALA A 191 16.77 8.80 78.08
C ALA A 191 17.88 8.40 77.11
N ALA A 192 17.62 7.36 76.34
CA ALA A 192 18.50 7.09 75.20
C ALA A 192 18.08 7.99 74.04
N PRO A 193 19.03 8.58 73.32
CA PRO A 193 18.67 9.53 72.26
C PRO A 193 17.84 8.87 71.17
N GLY A 194 16.89 9.65 70.62
CA GLY A 194 16.02 9.15 69.58
C GLY A 194 15.06 10.23 69.11
N SER A 195 14.21 9.87 68.17
CA SER A 195 13.30 10.83 67.56
C SER A 195 11.94 10.78 68.25
N TYR A 196 11.42 11.95 68.61
CA TYR A 196 10.15 12.06 69.31
C TYR A 196 9.31 13.12 68.61
N THR A 197 7.99 12.98 68.70
CA THR A 197 7.12 13.81 67.87
C THR A 197 5.77 14.00 68.53
N ILE A 198 5.29 15.23 68.54
CA ILE A 198 3.94 15.50 68.98
C ILE A 198 3.00 15.38 67.80
N THR A 199 1.90 14.65 67.99
CA THR A 199 0.85 14.56 66.98
C THR A 199 -0.45 15.00 67.61
N ALA A 200 -1.19 15.84 66.89
CA ALA A 200 -2.43 16.40 67.39
C ALA A 200 -3.49 16.37 66.29
N GLU A 201 -4.65 15.85 66.62
CA GLU A 201 -5.80 15.85 65.72
C GLU A 201 -6.78 16.93 66.15
N GLY A 202 -7.40 17.58 65.16
CA GLY A 202 -8.36 18.62 65.39
C GLY A 202 -9.78 18.16 65.15
N GLU A 203 -10.70 19.13 65.09
CA GLU A 203 -12.12 18.82 64.96
C GLU A 203 -12.41 18.08 63.67
N SER A 204 -11.83 18.56 62.56
CA SER A 204 -11.99 17.94 61.26
C SER A 204 -10.89 16.92 60.96
N CYS A 205 -10.37 16.27 62.00
CA CYS A 205 -9.42 15.16 61.93
C CYS A 205 -8.12 15.52 61.21
N GLU A 206 -7.90 16.79 60.86
CA GLU A 206 -6.59 17.17 60.36
C GLU A 206 -5.60 17.15 61.51
N SER A 207 -4.41 16.65 61.25
CA SER A 207 -3.45 16.36 62.31
C SER A 207 -2.12 17.02 62.00
N ALA A 208 -1.56 17.68 63.01
CA ALA A 208 -0.21 18.21 62.92
C ALA A 208 0.78 17.26 63.58
N ARG A 209 1.93 17.08 62.94
CA ARG A 209 3.01 16.24 63.43
C ARG A 209 4.25 17.10 63.57
N GLN A 210 4.46 17.66 64.76
CA GLN A 210 5.69 18.41 65.04
C GLN A 210 6.72 17.40 65.51
N GLY A 211 7.60 17.01 64.61
CA GLY A 211 8.66 16.10 64.96
C GLY A 211 9.87 16.81 65.50
N PHE A 212 10.78 16.05 66.10
CA PHE A 212 12.00 16.60 66.64
C PHE A 212 12.89 15.45 67.07
N THR A 213 14.16 15.77 67.27
CA THR A 213 15.10 14.83 67.86
C THR A 213 15.23 15.13 69.34
N VAL A 214 15.66 14.12 70.09
CA VAL A 214 15.98 14.24 71.49
C VAL A 214 17.31 13.53 71.68
N ASP A 215 18.37 14.31 71.82
CA ASP A 215 19.71 13.76 71.98
C ASP A 215 20.47 14.70 72.89
N GLU A 216 20.92 14.19 74.02
CA GLU A 216 21.55 15.06 75.00
C GLU A 216 22.88 15.56 74.47
N TYR A 217 23.14 16.84 74.68
CA TYR A 217 24.25 17.51 74.04
C TYR A 217 24.63 18.76 74.81
N ILE A 218 25.87 19.20 74.61
CA ILE A 218 26.41 20.39 75.25
C ILE A 218 26.79 21.37 74.16
N LEU A 219 26.21 22.56 74.21
CA LEU A 219 26.42 23.59 73.21
C LEU A 219 27.89 23.94 73.13
N PRO A 220 28.38 24.28 71.95
CA PRO A 220 29.83 24.30 71.74
C PRO A 220 30.46 25.65 71.46
N ARG A 221 30.68 25.94 70.18
CA ARG A 221 31.90 26.60 69.71
C ARG A 221 31.57 28.04 69.29
N PHE A 222 32.52 28.77 68.70
CA PHE A 222 32.40 30.16 68.27
C PHE A 222 31.85 30.20 66.85
N SER A 223 32.03 31.32 66.14
CA SER A 223 31.48 31.50 64.79
C SER A 223 32.61 31.58 63.76
N VAL A 224 32.42 30.93 62.62
CA VAL A 224 33.34 31.02 61.49
C VAL A 224 32.55 31.33 60.23
N ILE A 225 33.11 32.14 59.33
CA ILE A 225 32.41 32.58 58.14
C ILE A 225 33.37 32.49 56.95
N VAL A 226 32.84 32.02 55.83
CA VAL A 226 33.55 31.95 54.56
C VAL A 226 32.60 32.43 53.46
N ASP A 227 33.14 32.59 52.26
CA ASP A 227 32.35 32.96 51.10
C ASP A 227 33.14 32.67 49.83
N PRO A 228 33.46 31.41 49.56
CA PRO A 228 34.37 31.10 48.47
C PRO A 228 33.76 31.47 47.14
N PRO A 229 34.57 31.87 46.16
CA PRO A 229 34.02 32.12 44.82
C PRO A 229 33.38 30.89 44.22
N ASN A 230 33.97 29.72 44.46
CA ASN A 230 33.45 28.40 44.13
C ASN A 230 33.45 28.11 42.63
N THR A 231 33.74 29.10 41.79
CA THR A 231 33.74 28.94 40.35
C THR A 231 35.08 29.45 39.84
N ILE A 232 35.85 28.59 39.19
CA ILE A 232 37.23 28.88 38.84
C ILE A 232 37.48 28.45 37.40
N SER A 233 38.10 29.32 36.64
CA SER A 233 38.39 29.05 35.24
C SER A 233 39.77 28.43 35.11
N ILE A 234 40.03 27.85 33.94
CA ILE A 234 41.34 27.28 33.69
C ILE A 234 42.37 28.39 33.54
N LEU A 235 41.96 29.55 33.04
CA LEU A 235 42.86 30.68 32.91
C LEU A 235 42.80 31.56 34.15
N ASP A 236 43.04 30.93 35.30
CA ASP A 236 43.14 31.63 36.56
C ASP A 236 44.54 31.39 37.13
N ASP A 237 45.14 32.44 37.68
CA ASP A 237 46.53 32.39 38.11
C ASP A 237 46.68 31.89 39.55
N ILE A 238 46.13 32.63 40.50
CA ILE A 238 46.31 32.39 41.92
C ILE A 238 44.96 32.56 42.60
N LEU A 239 44.65 31.69 43.55
CA LEU A 239 43.35 31.72 44.22
C LEU A 239 43.42 32.70 45.39
N THR A 240 42.85 33.88 45.21
CA THR A 240 42.69 34.78 46.34
C THR A 240 41.65 34.20 47.30
N LEU A 241 41.71 34.64 48.55
CA LEU A 241 40.86 34.09 49.59
C LEU A 241 40.41 35.20 50.53
N ASN A 242 39.30 34.94 51.22
CA ASN A 242 38.79 35.86 52.24
C ASN A 242 37.92 35.05 53.19
N VAL A 243 38.48 34.68 54.33
CA VAL A 243 37.80 33.86 55.33
C VAL A 243 37.96 34.54 56.69
N SER A 244 36.86 34.61 57.45
CA SER A 244 36.89 35.25 58.76
C SER A 244 36.27 34.32 59.80
N ALA A 245 36.39 34.73 61.05
CA ALA A 245 35.81 34.00 62.17
C ALA A 245 36.03 34.83 63.43
N ILE A 246 35.13 34.66 64.39
CA ILE A 246 35.17 35.39 65.65
C ILE A 246 34.59 34.51 66.74
N TYR A 247 34.67 34.99 67.97
CA TYR A 247 34.21 34.23 69.12
C TYR A 247 32.70 34.06 69.08
N THR A 248 32.19 33.36 70.09
CA THR A 248 30.76 33.44 70.36
C THR A 248 30.32 34.87 70.67
N TYR A 249 31.25 35.72 71.09
CA TYR A 249 30.98 37.07 71.54
C TYR A 249 31.08 38.11 70.44
N GLY A 250 31.43 37.71 69.22
CA GLY A 250 31.63 38.68 68.17
C GLY A 250 32.91 39.49 68.29
N GLN A 251 34.01 38.85 68.67
CA GLN A 251 35.32 39.45 68.60
C GLN A 251 36.32 38.45 68.04
N PRO A 252 37.39 38.94 67.40
CA PRO A 252 38.32 38.03 66.73
C PRO A 252 39.00 37.07 67.70
N VAL A 253 39.35 35.91 67.17
CA VAL A 253 40.00 34.85 67.94
C VAL A 253 41.42 34.70 67.43
N PRO A 254 42.39 34.37 68.29
CA PRO A 254 43.75 34.11 67.80
C PRO A 254 44.00 32.66 67.46
N GLY A 255 44.65 32.44 66.31
CA GLY A 255 44.98 31.09 65.89
C GLY A 255 45.45 31.06 64.46
N SER A 256 45.60 29.84 63.96
CA SER A 256 46.08 29.59 62.61
C SER A 256 45.03 28.81 61.82
N VAL A 257 45.23 28.81 60.51
CA VAL A 257 44.35 28.09 59.58
C VAL A 257 45.25 27.24 58.68
N THR A 258 45.28 25.94 58.94
CA THR A 258 45.98 25.02 58.04
C THR A 258 44.98 24.56 56.99
N ILE A 259 45.06 25.15 55.81
CA ILE A 259 44.13 24.85 54.74
C ILE A 259 44.65 23.68 53.91
N LYS A 260 43.77 22.71 53.65
CA LYS A 260 44.06 21.59 52.77
C LYS A 260 43.27 21.78 51.50
N CYS A 261 43.94 21.67 50.35
CA CYS A 261 43.27 21.84 49.08
C CYS A 261 44.00 21.00 48.05
N CYS A 262 43.29 20.06 47.44
CA CYS A 262 43.95 19.20 46.45
C CYS A 262 42.89 18.46 45.64
N ARG A 263 43.37 17.60 44.75
CA ARG A 263 42.53 16.90 43.79
C ARG A 263 43.33 15.81 43.11
N GLU A 264 42.72 14.64 42.95
CA GLU A 264 43.32 13.57 42.16
C GLU A 264 42.97 13.80 40.69
N ALA A 265 43.40 12.90 39.82
CA ALA A 265 43.14 13.10 38.40
C ALA A 265 41.83 12.45 37.99
N SER A 266 41.79 11.12 37.94
CA SER A 266 40.59 10.37 37.60
C SER A 266 40.84 8.87 37.53
N SER A 267 39.79 8.10 37.25
CA SER A 267 39.96 6.70 36.90
C SER A 267 40.92 6.53 35.74
N TYR A 268 40.63 7.20 34.62
CA TYR A 268 41.59 7.34 33.51
C TYR A 268 42.08 5.98 32.99
N TYR A 269 41.16 5.29 32.32
CA TYR A 269 41.58 4.32 31.33
C TYR A 269 42.31 5.03 30.18
N GLY A 270 43.43 4.47 29.74
CA GLY A 270 44.30 5.08 28.75
C GLY A 270 44.11 4.56 27.34
N ARG A 271 45.19 4.59 26.55
CA ARG A 271 45.16 4.21 25.12
C ARG A 271 46.25 3.19 24.80
N LYS A 272 45.96 1.91 25.03
CA LYS A 272 46.80 0.79 24.60
C LYS A 272 45.98 -0.41 24.15
N GLY A 273 44.65 -0.32 24.12
CA GLY A 273 43.77 -1.37 23.67
C GLY A 273 42.58 -1.77 24.54
N ASN A 274 42.72 -1.93 25.87
CA ASN A 274 41.53 -2.07 26.71
C ASN A 274 41.71 -1.96 28.23
N CYS A 275 40.96 -1.07 28.85
CA CYS A 275 40.65 -1.11 30.30
C CYS A 275 41.93 -0.99 31.13
N PHE A 276 41.87 -1.47 32.39
CA PHE A 276 43.04 -1.64 33.24
C PHE A 276 43.82 -0.37 33.52
N LYS A 277 43.25 0.57 34.27
CA LYS A 277 43.77 1.93 34.47
C LYS A 277 45.23 2.00 34.91
N GLY A 278 45.81 3.20 34.85
CA GLY A 278 47.24 3.42 35.05
C GLY A 278 47.72 3.77 36.45
N ASN A 279 48.10 5.03 36.68
CA ASN A 279 48.89 5.45 37.84
C ASN A 279 48.11 6.39 38.77
N ARG A 280 48.81 6.90 39.78
CA ARG A 280 48.22 7.68 40.87
C ARG A 280 48.31 9.19 40.61
N GLY A 281 47.86 9.97 41.59
CA GLY A 281 47.73 11.41 41.46
C GLY A 281 48.48 12.24 42.47
N ILE A 282 47.98 13.45 42.77
CA ILE A 282 48.73 14.44 43.55
C ILE A 282 47.83 15.13 44.57
N CYS A 283 48.47 15.67 45.60
CA CYS A 283 47.85 16.57 46.57
C CYS A 283 48.94 17.46 47.16
N THR A 284 48.57 18.30 48.12
CA THR A 284 49.53 19.24 48.71
C THR A 284 49.14 19.58 50.14
N ASN A 285 49.98 20.40 50.77
CA ASN A 285 49.77 20.85 52.14
C ASN A 285 50.27 22.29 52.29
N ILE A 286 49.39 23.19 52.71
CA ILE A 286 49.73 24.58 52.96
C ILE A 286 49.00 25.03 54.22
N THR A 287 49.25 26.28 54.63
CA THR A 287 48.83 26.75 55.94
C THR A 287 48.57 28.24 55.90
N GLY A 288 47.86 28.73 56.90
CA GLY A 288 47.60 30.15 57.08
C GLY A 288 47.52 30.51 58.55
N GLU A 289 47.53 31.81 58.82
CA GLU A 289 47.59 32.34 60.17
C GLU A 289 46.89 33.69 60.21
N LEU A 290 46.35 34.04 61.38
CA LEU A 290 45.60 35.27 61.55
C LEU A 290 45.44 35.53 63.04
N GLY A 291 44.65 36.54 63.38
CA GLY A 291 44.32 36.77 64.77
C GLY A 291 44.51 38.18 65.31
N PRO A 292 45.61 38.88 64.91
CA PRO A 292 45.83 40.24 65.46
C PRO A 292 44.63 41.15 65.25
N ASP A 293 44.28 41.38 63.99
CA ASP A 293 42.94 41.83 63.67
C ASP A 293 42.02 40.64 63.45
N GLY A 294 42.56 39.58 62.86
CA GLY A 294 41.89 38.33 62.62
C GLY A 294 41.42 38.31 61.19
N ALA A 295 42.28 37.84 60.31
CA ALA A 295 41.98 37.68 58.89
C ALA A 295 43.15 36.98 58.23
N PHE A 296 42.91 35.93 57.46
CA PHE A 296 44.01 35.45 56.63
C PHE A 296 44.00 36.10 55.26
N TYR A 297 42.80 36.29 54.69
CA TYR A 297 42.68 36.65 53.28
C TYR A 297 43.58 35.70 52.50
N GLY A 298 44.75 36.19 52.09
CA GLY A 298 45.77 35.31 51.54
C GLY A 298 45.39 34.75 50.20
N VAL A 299 46.25 33.85 49.72
CA VAL A 299 46.09 33.29 48.37
C VAL A 299 46.58 31.85 48.36
N VAL A 300 46.41 31.20 47.21
CA VAL A 300 46.84 29.83 46.97
C VAL A 300 47.53 29.77 45.61
N SER A 301 48.76 29.31 45.60
CA SER A 301 49.53 29.18 44.36
C SER A 301 48.93 28.06 43.53
N LEU A 302 48.19 28.43 42.48
CA LEU A 302 47.52 27.45 41.64
C LEU A 302 48.45 26.84 40.61
N LEU A 303 49.61 27.46 40.39
CA LEU A 303 50.52 27.01 39.34
C LEU A 303 50.99 25.57 39.50
N PRO A 304 51.40 25.10 40.68
CA PRO A 304 51.90 23.72 40.77
C PRO A 304 50.91 22.70 40.27
N PHE A 305 49.62 22.99 40.38
CA PHE A 305 48.59 22.13 39.86
C PHE A 305 48.53 22.29 38.35
N GLN A 306 48.35 21.17 37.65
CA GLN A 306 48.35 21.19 36.20
C GLN A 306 47.23 22.08 35.68
N MET A 307 47.38 22.53 34.44
CA MET A 307 46.41 23.42 33.85
C MET A 307 46.07 22.89 32.47
N GLY A 308 44.78 22.61 32.23
CA GLY A 308 44.32 22.24 30.93
C GLY A 308 44.79 20.89 30.44
N GLN A 309 45.45 20.11 31.27
CA GLN A 309 45.93 18.78 30.89
C GLN A 309 44.76 17.80 30.92
N SER A 310 45.07 16.51 30.84
CA SER A 310 44.07 15.45 30.96
C SER A 310 44.25 14.68 32.26
N GLY A 311 44.58 15.38 33.34
CA GLY A 311 44.79 14.77 34.62
C GLY A 311 43.87 15.34 35.68
N PHE A 312 42.60 15.55 35.33
CA PHE A 312 41.70 16.33 36.14
C PHE A 312 40.39 15.58 36.37
N GLN A 313 39.71 15.95 37.45
CA GLN A 313 38.34 15.54 37.67
C GLN A 313 37.41 16.74 37.83
N MET A 314 37.91 17.93 37.49
CA MET A 314 37.17 19.14 37.19
C MET A 314 36.74 19.88 38.47
N SER A 315 36.99 19.35 39.66
CA SER A 315 36.71 20.07 40.90
C SER A 315 37.85 19.86 41.89
N LEU A 316 37.93 20.78 42.85
CA LEU A 316 39.03 20.84 43.81
C LEU A 316 38.47 20.77 45.21
N GLY A 317 39.09 19.97 46.08
CA GLY A 317 38.62 19.79 47.45
C GLY A 317 39.36 20.70 48.42
N VAL A 318 38.60 21.25 49.38
CA VAL A 318 39.06 22.26 50.32
C VAL A 318 38.60 21.88 51.72
N ALA A 319 39.49 22.05 52.70
CA ALA A 319 39.23 21.68 54.09
C ALA A 319 39.97 22.63 55.02
N LEU A 320 39.24 23.29 55.91
CA LEU A 320 39.74 24.40 56.71
C LEU A 320 40.30 23.93 58.04
N THR A 321 40.65 24.88 58.91
CA THR A 321 41.26 24.65 60.21
C THR A 321 41.26 25.96 60.98
N VAL A 322 41.01 25.89 62.29
CA VAL A 322 41.02 27.08 63.14
C VAL A 322 41.61 26.75 64.51
N THR A 323 42.79 27.26 64.79
CA THR A 323 43.48 26.93 66.02
C THR A 323 43.24 27.99 67.09
N GLU A 324 43.51 27.62 68.34
CA GLU A 324 43.61 28.56 69.44
C GLU A 324 44.83 28.18 70.25
N GLU A 325 45.31 29.15 71.04
CA GLU A 325 46.47 28.89 71.88
C GLU A 325 46.21 27.76 72.87
N GLY A 326 45.29 27.98 73.81
CA GLY A 326 45.04 26.95 74.80
C GLY A 326 44.21 25.81 74.25
N THR A 327 43.09 26.12 73.61
CA THR A 327 42.18 25.11 73.09
C THR A 327 42.59 24.76 71.67
N GLY A 328 43.03 23.52 71.47
CA GLY A 328 43.31 23.02 70.14
C GLY A 328 42.04 22.58 69.45
N ILE A 329 40.93 23.23 69.79
CA ILE A 329 39.63 22.88 69.24
C ILE A 329 39.44 23.63 67.92
N GLN A 330 38.82 22.97 66.96
CA GLN A 330 38.68 23.52 65.61
C GLN A 330 37.23 23.41 65.18
N VAL A 331 36.91 24.00 64.03
CA VAL A 331 35.56 23.97 63.47
C VAL A 331 35.63 23.39 62.07
N THR A 332 34.71 22.48 61.78
CA THR A 332 34.81 21.70 60.55
C THR A 332 34.30 22.48 59.35
N HIS A 333 35.01 22.36 58.23
CA HIS A 333 34.64 23.06 57.01
C HIS A 333 35.30 22.34 55.84
N GLN A 334 34.50 21.68 55.01
CA GLN A 334 35.00 21.05 53.80
C GLN A 334 34.02 21.30 52.66
N PHE A 335 34.56 21.50 51.46
CA PHE A 335 33.72 21.76 50.29
C PHE A 335 34.57 21.60 49.04
N PHE A 336 34.00 22.00 47.89
CA PHE A 336 34.63 21.82 46.60
C PHE A 336 34.45 23.06 45.74
N ILE A 337 35.33 23.20 44.77
CA ILE A 337 35.34 24.35 43.86
C ILE A 337 35.37 23.82 42.43
N MET A 338 34.65 24.49 41.54
CA MET A 338 34.32 23.98 40.22
C MET A 338 35.17 24.65 39.16
N ILE A 339 36.08 23.90 38.56
CA ILE A 339 36.76 24.37 37.35
C ILE A 339 35.77 24.36 36.19
N THR A 340 35.89 25.36 35.33
CA THR A 340 35.03 25.47 34.15
C THR A 340 35.85 25.53 32.87
N SER A 341 35.17 25.23 31.76
CA SER A 341 35.65 25.54 30.42
C SER A 341 34.76 26.59 29.77
N GLN A 342 33.62 26.87 30.38
CA GLN A 342 32.66 27.82 29.85
C GLN A 342 32.83 29.16 30.55
N LEU A 343 33.52 30.09 29.90
CA LEU A 343 33.76 31.39 30.52
C LEU A 343 32.45 32.11 30.82
N ALA A 344 31.55 32.18 29.84
CA ALA A 344 30.36 32.99 29.95
C ALA A 344 29.13 32.19 29.53
N THR A 345 27.97 32.80 29.72
CA THR A 345 26.72 32.27 29.23
C THR A 345 25.77 33.40 28.90
N LEU A 346 25.05 33.20 27.80
CA LEU A 346 23.89 34.00 27.45
C LEU A 346 22.66 33.17 27.75
N ILE A 347 21.72 33.76 28.47
CA ILE A 347 20.60 33.03 29.03
C ILE A 347 19.32 33.81 28.83
N PHE A 348 18.25 33.09 28.54
CA PHE A 348 16.92 33.69 28.48
C PHE A 348 16.48 34.03 29.90
N ASP A 349 16.17 35.30 30.13
CA ASP A 349 15.51 35.66 31.37
C ASP A 349 14.13 35.02 31.40
N TYR A 350 13.82 34.35 32.51
CA TYR A 350 12.50 33.75 32.62
C TYR A 350 11.50 34.81 33.06
N ASP A 351 11.55 35.97 32.42
CA ASP A 351 10.62 37.06 32.61
C ASP A 351 9.94 37.47 31.31
N ALA A 352 10.72 37.67 30.27
CA ALA A 352 10.25 38.14 28.98
C ALA A 352 10.18 36.99 27.99
N LEU A 353 9.96 37.31 26.72
CA LEU A 353 9.91 36.34 25.63
C LEU A 353 8.75 35.37 25.82
N LYS A 354 7.55 35.93 25.80
CA LYS A 354 6.37 35.09 25.90
C LYS A 354 6.16 34.35 24.58
N GLU A 355 5.32 33.32 24.64
CA GLU A 355 5.29 32.27 23.63
C GLU A 355 4.36 32.58 22.47
N PHE A 356 4.19 33.86 22.12
CA PHE A 356 3.30 34.21 21.02
C PHE A 356 3.89 35.34 20.18
N TYR A 357 4.05 35.08 18.88
CA TYR A 357 4.40 36.10 17.91
C TYR A 357 3.16 36.53 17.13
N LYS A 358 3.24 37.70 16.49
CA LYS A 358 2.11 38.30 15.80
C LYS A 358 2.52 38.77 14.40
N ARG A 359 1.57 39.35 13.67
CA ARG A 359 1.80 39.86 12.32
C ARG A 359 1.91 41.38 12.36
N GLY A 360 3.08 41.88 12.71
CA GLY A 360 3.33 43.31 12.65
C GLY A 360 3.35 44.01 13.99
N ILE A 361 3.77 43.30 15.02
CA ILE A 361 3.71 43.79 16.39
C ILE A 361 5.12 43.85 16.96
N PRO A 362 5.47 44.89 17.71
CA PRO A 362 6.84 44.96 18.24
C PRO A 362 7.09 43.92 19.32
N TYR A 363 7.85 42.90 18.97
CA TYR A 363 8.25 41.87 19.92
C TYR A 363 9.61 42.21 20.50
N LEU A 364 9.75 42.02 21.80
CA LEU A 364 11.00 42.31 22.49
C LEU A 364 11.67 41.00 22.88
N VAL A 365 12.96 40.90 22.57
CA VAL A 365 13.79 39.77 22.98
C VAL A 365 14.96 40.32 23.79
N LYS A 366 15.19 39.71 24.95
CA LYS A 366 16.23 40.15 25.87
C LYS A 366 16.92 38.93 26.47
N VAL A 367 18.23 39.03 26.62
CA VAL A 367 19.08 37.94 27.07
C VAL A 367 20.12 38.47 28.05
N ILE A 368 20.42 37.67 29.06
CA ILE A 368 21.40 38.00 30.09
C ILE A 368 22.71 37.34 29.69
N LEU A 369 23.73 38.14 29.41
CA LEU A 369 25.07 37.61 29.16
C LEU A 369 25.97 37.95 30.32
N THR A 370 26.67 36.94 30.85
CA THR A 370 27.58 37.19 31.95
C THR A 370 28.61 36.06 32.00
N ASP A 371 29.81 36.38 32.48
CA ASP A 371 30.88 35.40 32.50
C ASP A 371 31.33 35.08 33.92
N ALA A 372 32.02 33.95 34.03
CA ALA A 372 32.73 33.51 35.23
C ALA A 372 31.78 33.61 36.43
N ASN A 373 32.21 34.18 37.55
CA ASN A 373 31.35 34.33 38.72
C ASN A 373 30.55 35.63 38.62
N ASP A 374 29.66 35.66 37.62
CA ASP A 374 28.72 36.76 37.42
C ASP A 374 29.45 38.09 37.27
N ASN A 375 30.22 38.18 36.19
CA ASN A 375 30.90 39.43 35.94
C ASN A 375 30.55 39.98 34.58
N PRO A 376 30.26 41.28 34.50
CA PRO A 376 29.87 41.87 33.21
C PRO A 376 31.07 42.11 32.31
N MET A 377 30.77 42.27 31.02
CA MET A 377 31.76 42.54 29.99
C MET A 377 31.55 43.95 29.45
N ALA A 378 32.32 44.30 28.42
CA ALA A 378 32.08 45.50 27.66
C ALA A 378 31.05 45.19 26.57
N ASN A 379 30.85 46.12 25.64
CA ASN A 379 29.90 45.90 24.56
C ASN A 379 30.39 44.79 23.64
N GLU A 380 29.52 43.83 23.37
CA GLU A 380 29.85 42.67 22.55
C GLU A 380 28.74 42.45 21.54
N GLN A 381 29.10 41.97 20.36
CA GLN A 381 28.09 41.71 19.34
C GLN A 381 27.61 40.27 19.42
N VAL A 382 26.30 40.10 19.61
CA VAL A 382 25.66 38.81 19.69
C VAL A 382 24.60 38.74 18.61
N GLU A 383 24.55 37.61 17.91
CA GLU A 383 23.77 37.46 16.69
C GLU A 383 22.54 36.61 16.94
N VAL A 384 21.39 37.07 16.45
CA VAL A 384 20.12 36.39 16.60
C VAL A 384 19.57 36.09 15.21
N GLU A 385 19.21 34.83 15.00
CA GLU A 385 18.64 34.35 13.74
C GLU A 385 17.18 34.00 13.96
N LEU A 386 16.32 34.51 13.07
CA LEU A 386 14.88 34.27 13.12
C LEU A 386 14.60 32.79 12.95
N ALA A 387 14.91 32.25 11.78
CA ALA A 387 14.85 30.83 11.51
C ALA A 387 16.22 30.27 11.12
N GLY A 388 16.86 30.87 10.11
CA GLY A 388 18.20 30.46 9.73
C GLY A 388 19.07 31.64 9.33
N LYS A 389 18.51 32.85 9.39
CA LYS A 389 19.21 34.06 8.99
C LYS A 389 19.04 35.12 10.06
N THR A 390 20.03 36.00 10.16
CA THR A 390 20.11 36.97 11.23
C THR A 390 20.00 38.40 10.72
N ILE A 391 19.46 39.26 11.58
CA ILE A 391 19.43 40.70 11.33
C ILE A 391 19.84 41.46 12.59
N GLY A 392 19.96 40.74 13.71
CA GLY A 392 20.17 41.38 14.99
C GLY A 392 21.54 42.03 15.19
N ALA A 393 22.58 41.21 15.31
CA ALA A 393 23.96 41.69 15.46
C ALA A 393 24.08 42.74 16.56
N VAL A 394 23.40 42.48 17.68
CA VAL A 394 23.20 43.53 18.67
C VAL A 394 24.43 43.66 19.55
N LEU A 395 24.80 44.89 19.86
CA LEU A 395 25.86 45.17 20.82
C LEU A 395 25.26 45.29 22.21
N THR A 396 25.89 44.63 23.18
CA THR A 396 25.30 44.52 24.50
C THR A 396 25.39 45.84 25.25
N ASP A 397 24.80 45.84 26.44
CA ASP A 397 24.67 47.03 27.27
C ASP A 397 25.67 47.05 28.40
N LYS A 398 26.87 46.49 28.17
CA LYS A 398 27.95 46.48 29.15
C LYS A 398 27.60 45.58 30.34
N GLU A 399 26.39 45.04 30.36
CA GLU A 399 26.00 44.08 31.40
C GLU A 399 25.30 42.87 30.82
N GLY A 400 25.57 42.52 29.56
CA GLY A 400 24.91 41.38 28.96
C GLY A 400 23.41 41.56 28.92
N ARG A 401 22.98 42.70 28.37
CA ARG A 401 21.58 43.11 28.47
C ARG A 401 20.92 43.12 27.11
N ALA A 402 21.09 42.05 26.34
CA ALA A 402 20.63 42.01 24.96
C ALA A 402 19.15 42.36 24.86
N GLU A 403 18.85 43.50 24.24
CA GLU A 403 17.48 43.94 24.01
C GLU A 403 17.29 44.25 22.53
N TYR A 404 16.20 43.75 21.96
CA TYR A 404 15.97 43.95 20.54
C TYR A 404 14.47 43.86 20.26
N ALA A 405 13.93 44.89 19.62
CA ALA A 405 12.52 44.95 19.26
C ALA A 405 12.37 44.68 17.77
N ILE A 406 11.30 43.98 17.40
CA ILE A 406 11.12 43.46 16.05
C ILE A 406 9.71 43.77 15.59
N ASP A 407 9.57 44.41 14.44
CA ASP A 407 8.30 44.43 13.73
C ASP A 407 8.07 43.05 13.11
N THR A 408 6.99 42.39 13.52
CA THR A 408 6.77 41.00 13.19
C THR A 408 5.80 40.83 12.02
N SER A 409 5.86 41.75 11.06
CA SER A 409 4.85 41.86 10.02
C SER A 409 4.62 40.53 9.31
N SER A 410 3.40 40.01 9.43
CA SER A 410 2.94 38.88 8.64
C SER A 410 3.77 37.63 8.89
N PHE A 411 3.73 37.14 10.12
CA PHE A 411 4.43 35.93 10.50
C PHE A 411 3.40 34.85 10.86
N VAL A 412 3.49 33.71 10.20
CA VAL A 412 2.46 32.69 10.32
C VAL A 412 3.08 31.31 10.53
N GLN A 413 4.39 31.22 10.32
CA GLN A 413 5.15 29.97 10.39
C GLN A 413 4.75 29.11 11.58
N GLU A 414 4.70 27.78 11.34
CA GLU A 414 4.04 26.89 12.29
C GLU A 414 4.72 26.91 13.65
N ASN A 415 6.05 26.90 13.68
CA ASN A 415 6.79 26.66 14.91
C ASN A 415 7.55 27.90 15.38
N PHE A 416 8.42 28.43 14.53
CA PHE A 416 9.14 29.69 14.78
C PHE A 416 9.98 29.62 16.04
N THR A 417 11.00 28.77 15.97
CA THR A 417 12.09 28.82 16.94
C THR A 417 13.09 29.87 16.47
N VAL A 418 13.63 30.62 17.42
CA VAL A 418 14.56 31.71 17.15
C VAL A 418 15.79 31.51 18.02
N VAL A 419 16.97 31.71 17.42
CA VAL A 419 18.22 31.32 18.07
C VAL A 419 19.10 32.56 18.21
N VAL A 420 20.04 32.49 19.15
CA VAL A 420 20.96 33.59 19.40
C VAL A 420 22.25 33.02 19.94
N SER A 421 23.36 33.72 19.70
CA SER A 421 24.67 33.23 20.12
C SER A 421 25.69 34.36 20.04
N TYR A 422 26.68 34.29 20.91
CA TYR A 422 27.80 35.21 20.86
C TYR A 422 29.01 34.54 20.21
N GLU A 423 29.81 35.34 19.52
CA GLU A 423 31.00 34.85 18.81
C GLU A 423 32.19 35.73 19.10
N ASN A 424 33.35 35.10 19.21
CA ASN A 424 34.64 35.79 19.25
C ASN A 424 35.75 34.78 18.99
N PRO A 425 36.61 35.04 18.01
CA PRO A 425 37.73 34.12 17.73
C PRO A 425 39.02 34.48 18.45
N HIS A 426 38.95 34.65 19.76
CA HIS A 426 40.15 34.99 20.51
C HIS A 426 40.29 34.27 21.85
N GLN A 427 39.34 33.45 22.25
CA GLN A 427 39.31 32.94 23.61
C GLN A 427 39.66 31.46 23.65
N CYS A 428 39.97 30.99 24.85
CA CYS A 428 40.17 29.58 25.10
C CYS A 428 38.86 28.94 25.56
N TYR A 429 37.78 29.15 24.82
CA TYR A 429 36.48 28.62 25.22
C TYR A 429 36.27 27.27 24.56
N TYR A 430 36.58 26.19 25.26
CA TYR A 430 36.76 24.91 24.59
C TYR A 430 35.76 23.90 25.14
N THR A 431 34.94 23.35 24.25
CA THR A 431 33.85 22.48 24.63
C THR A 431 34.35 21.11 25.05
N GLU A 432 33.69 20.53 26.05
CA GLU A 432 33.90 19.14 26.39
C GLU A 432 32.94 18.23 25.63
N TRP A 433 31.65 18.57 25.66
CA TRP A 433 30.61 17.67 25.16
C TRP A 433 30.29 17.96 23.69
N GLU A 434 31.35 17.99 22.87
CA GLU A 434 31.29 17.93 21.41
C GLU A 434 30.09 18.64 20.80
N GLY A 435 29.77 19.82 21.32
CA GLY A 435 28.62 20.56 20.85
C GLY A 435 28.96 21.97 20.44
N PRO A 436 28.07 22.90 20.75
CA PRO A 436 28.30 24.31 20.38
C PRO A 436 29.50 24.88 21.11
N ASP A 437 30.49 25.30 20.34
CA ASP A 437 31.69 25.91 20.89
C ASP A 437 31.51 27.38 21.26
N PHE A 438 30.28 27.81 21.47
CA PHE A 438 29.95 29.14 21.97
C PHE A 438 28.56 29.11 22.58
N PRO A 439 28.24 30.04 23.48
CA PRO A 439 26.91 30.09 24.07
C PRO A 439 25.84 30.34 23.01
N THR A 440 24.68 29.71 23.18
CA THR A 440 23.62 29.74 22.18
C THR A 440 22.29 29.38 22.84
N ALA A 441 21.22 30.04 22.43
CA ALA A 441 19.91 29.86 23.04
C ALA A 441 18.82 29.89 21.97
N GLN A 442 17.71 29.21 22.26
CA GLN A 442 16.61 29.06 21.30
C GLN A 442 15.28 29.18 22.03
N HIS A 443 14.35 29.91 21.43
CA HIS A 443 13.03 30.14 22.00
C HIS A 443 11.95 29.78 20.99
N PHE A 444 10.76 29.47 21.50
CA PHE A 444 9.63 29.02 20.70
C PHE A 444 8.40 29.83 21.08
N VAL A 445 7.69 30.36 20.08
CA VAL A 445 6.51 31.19 20.31
C VAL A 445 5.42 30.84 19.30
N MET A 446 4.24 31.44 19.51
CA MET A 446 3.02 31.09 18.77
C MET A 446 2.24 32.34 18.37
N ARG A 447 0.94 32.21 18.08
CA ARG A 447 0.12 33.34 17.65
C ARG A 447 -1.05 33.52 18.61
N PHE A 448 -1.42 34.78 18.84
CA PHE A 448 -2.71 35.06 19.47
C PHE A 448 -3.78 35.16 18.39
N TYR A 449 -5.02 34.93 18.79
CA TYR A 449 -6.16 34.95 17.86
C TYR A 449 -6.84 36.30 17.83
N SER A 450 -6.09 37.38 17.59
CA SER A 450 -6.66 38.73 17.54
C SER A 450 -7.31 38.92 16.19
N GLU A 451 -8.59 38.58 16.11
CA GLU A 451 -9.28 38.62 14.83
C GLU A 451 -9.38 40.04 14.29
N THR A 452 -9.71 41.00 15.14
CA THR A 452 -9.62 42.38 14.72
C THR A 452 -8.16 42.85 14.67
N GLY A 453 -7.26 42.13 15.32
CA GLY A 453 -5.85 42.45 15.27
C GLY A 453 -5.42 43.29 16.45
N SER A 454 -6.25 44.25 16.84
CA SER A 454 -5.95 45.04 18.03
C SER A 454 -5.84 44.12 19.22
N PHE A 455 -4.81 44.31 20.03
CA PHE A 455 -4.64 43.52 21.22
C PHE A 455 -3.67 44.25 22.15
N LEU A 456 -3.22 43.55 23.18
CA LEU A 456 -2.61 44.19 24.33
C LEU A 456 -1.36 43.44 24.73
N ASP A 457 -0.49 44.14 25.47
CA ASP A 457 0.66 43.53 26.10
C ASP A 457 0.88 44.14 27.47
N ILE A 458 1.15 43.29 28.44
CA ILE A 458 1.61 43.72 29.75
C ILE A 458 3.12 43.56 29.76
N GLN A 459 3.80 44.47 30.46
CA GLN A 459 5.26 44.50 30.44
C GLN A 459 5.79 43.73 31.63
N GLY A 460 6.22 42.51 31.38
CA GLY A 460 6.87 41.70 32.39
C GLY A 460 8.14 42.36 32.87
N SER A 461 8.12 42.85 34.11
CA SER A 461 9.23 43.57 34.68
C SER A 461 9.60 42.95 36.01
N SER A 462 9.77 41.62 36.01
CA SER A 462 9.85 40.84 37.25
C SER A 462 10.87 41.39 38.24
N VAL A 463 10.35 41.87 39.36
CA VAL A 463 11.16 42.27 40.51
C VAL A 463 10.23 42.25 41.71
N GLU A 464 10.72 41.68 42.80
CA GLU A 464 9.86 41.47 43.96
C GLU A 464 9.34 42.80 44.50
N LEU A 465 8.08 42.82 44.88
CA LEU A 465 7.39 44.05 45.24
C LEU A 465 7.13 44.10 46.73
N ASN A 466 7.62 45.16 47.39
CA ASN A 466 7.31 45.40 48.78
C ASN A 466 5.80 45.59 48.95
N CYS A 467 5.31 45.36 50.16
CA CYS A 467 3.90 45.56 50.43
C CYS A 467 3.70 46.87 51.19
N GLY A 468 2.45 47.34 51.18
CA GLY A 468 2.13 48.62 51.77
C GLY A 468 2.51 49.81 50.93
N GLN A 469 2.75 49.60 49.64
CA GLN A 469 3.24 50.65 48.76
C GLN A 469 2.43 50.66 47.47
N VAL A 470 2.80 51.58 46.59
CA VAL A 470 2.18 51.71 45.27
C VAL A 470 3.29 51.72 44.23
N HIS A 471 3.02 51.09 43.08
CA HIS A 471 4.01 50.92 42.03
C HIS A 471 3.42 51.29 40.68
N ASN A 472 4.29 51.72 39.77
CA ASN A 472 3.91 52.03 38.39
C ASN A 472 4.23 50.84 37.51
N ILE A 473 3.22 50.32 36.81
CA ILE A 473 3.39 49.18 35.91
C ILE A 473 2.95 49.57 34.51
N SER A 474 3.83 49.35 33.55
CA SER A 474 3.55 49.76 32.18
C SER A 474 2.71 48.72 31.45
N VAL A 475 1.82 49.21 30.59
CA VAL A 475 0.97 48.37 29.75
C VAL A 475 0.85 49.03 28.38
N ARG A 476 1.11 48.26 27.32
CA ARG A 476 1.12 48.74 25.95
C ARG A 476 0.00 48.10 25.14
N TYR A 477 -0.58 48.90 24.24
CA TYR A 477 -1.74 48.50 23.47
C TYR A 477 -1.52 48.80 21.99
N ILE A 478 -2.25 48.08 21.14
CA ILE A 478 -2.18 48.26 19.70
C ILE A 478 -3.57 48.24 19.10
N LEU A 479 -3.80 49.11 18.12
CA LEU A 479 -5.09 49.34 17.50
C LEU A 479 -5.13 48.72 16.10
N SER A 480 -6.33 48.36 15.65
CA SER A 480 -6.48 47.78 14.30
C SER A 480 -7.94 47.84 13.89
N LEU A 481 -8.24 48.61 12.84
CA LEU A 481 -9.52 48.59 12.13
C LEU A 481 -10.71 48.77 13.06
N ASP A 482 -10.46 49.19 14.30
CA ASP A 482 -11.49 49.23 15.34
C ASP A 482 -11.99 50.63 15.61
N GLY A 483 -12.01 51.50 14.60
CA GLY A 483 -12.71 52.76 14.73
C GLY A 483 -14.21 52.62 14.60
N MET A 484 -14.66 51.60 13.87
CA MET A 484 -16.09 51.36 13.58
C MET A 484 -16.78 52.60 13.02
N GLY A 485 -16.03 53.48 12.38
CA GLY A 485 -16.60 54.71 11.84
C GLY A 485 -16.60 55.86 12.81
N GLU A 486 -16.97 55.61 14.07
CA GLU A 486 -17.01 56.69 15.05
C GLU A 486 -15.61 57.21 15.37
N GLY A 487 -14.61 56.34 15.33
CA GLY A 487 -13.28 56.75 15.77
C GLY A 487 -13.31 57.12 17.23
N ALA A 488 -13.95 56.29 18.05
CA ALA A 488 -14.17 56.60 19.45
C ALA A 488 -12.84 56.85 20.16
N THR A 489 -12.61 58.10 20.56
CA THR A 489 -11.37 58.46 21.22
C THR A 489 -11.26 57.80 22.59
N THR A 490 -12.34 57.30 23.14
CA THR A 490 -12.30 56.60 24.43
C THR A 490 -11.80 55.17 24.25
N ALA A 491 -11.02 54.72 25.23
CA ALA A 491 -10.66 53.31 25.32
C ALA A 491 -10.56 52.96 26.80
N THR A 492 -11.60 52.35 27.35
CA THR A 492 -11.65 52.04 28.77
C THR A 492 -11.23 50.60 29.00
N PHE A 493 -10.16 50.43 29.77
CA PHE A 493 -9.63 49.12 30.13
C PHE A 493 -9.80 48.91 31.62
N TYR A 494 -9.70 47.64 32.01
CA TYR A 494 -10.20 47.19 33.29
C TYR A 494 -9.20 46.22 33.89
N TYR A 495 -8.68 46.56 35.07
CA TYR A 495 -7.69 45.74 35.75
C TYR A 495 -8.29 45.10 36.99
N LEU A 496 -8.11 43.79 37.10
CA LEU A 496 -8.69 42.96 38.14
C LEU A 496 -7.59 42.13 38.77
N ALA A 497 -7.49 42.18 40.09
CA ALA A 497 -6.40 41.56 40.82
C ALA A 497 -6.98 40.58 41.84
N MET A 498 -6.63 39.31 41.65
CA MET A 498 -6.98 38.23 42.57
C MET A 498 -5.77 37.85 43.39
N SER A 499 -6.01 37.44 44.63
CA SER A 499 -4.95 36.97 45.51
C SER A 499 -5.57 36.06 46.56
N ARG A 500 -4.76 35.16 47.10
CA ARG A 500 -5.22 34.24 48.13
C ARG A 500 -6.49 33.50 47.70
N ALA A 501 -6.53 33.14 46.42
CA ALA A 501 -7.69 32.48 45.81
C ALA A 501 -8.95 33.32 45.98
N LYS A 502 -8.82 34.65 45.86
CA LYS A 502 -9.99 35.50 45.92
C LYS A 502 -9.66 36.87 45.31
N ILE A 503 -10.53 37.32 44.42
CA ILE A 503 -10.32 38.62 43.79
C ILE A 503 -10.53 39.71 44.83
N VAL A 504 -9.58 40.64 44.91
CA VAL A 504 -9.57 41.66 45.94
C VAL A 504 -9.52 43.06 45.36
N GLN A 505 -8.69 43.28 44.35
CA GLN A 505 -8.48 44.63 43.84
C GLN A 505 -9.09 44.75 42.45
N HIS A 506 -9.48 45.98 42.11
CA HIS A 506 -10.13 46.19 40.82
C HIS A 506 -10.00 47.66 40.46
N GLY A 507 -10.28 47.93 39.19
CA GLY A 507 -10.41 49.31 38.75
C GLY A 507 -10.38 49.38 37.24
N GLN A 508 -10.37 50.62 36.76
CA GLN A 508 -10.40 50.86 35.33
C GLN A 508 -9.72 52.18 35.02
N ARG A 509 -9.30 52.31 33.78
CA ARG A 509 -8.77 53.58 33.25
C ARG A 509 -9.26 53.73 31.82
N ASP A 510 -8.90 54.86 31.21
CA ASP A 510 -9.29 55.13 29.84
C ASP A 510 -8.17 55.87 29.14
N VAL A 511 -8.12 55.70 27.82
CA VAL A 511 -7.04 56.21 26.98
C VAL A 511 -7.65 56.93 25.79
N HIS A 512 -7.05 58.07 25.41
CA HIS A 512 -7.47 58.78 24.20
C HIS A 512 -6.84 58.14 22.98
N LEU A 513 -7.63 58.06 21.91
CA LEU A 513 -7.20 57.46 20.64
C LEU A 513 -6.61 58.52 19.72
N ASN A 514 -5.57 59.18 20.20
CA ASN A 514 -4.87 60.18 19.40
C ASN A 514 -4.26 59.55 18.16
N GLN A 515 -3.66 58.37 18.33
CA GLN A 515 -3.09 57.62 17.23
C GLN A 515 -3.82 56.28 17.11
N SER A 516 -4.36 56.02 15.94
CA SER A 516 -5.14 54.81 15.69
C SER A 516 -4.28 53.59 15.43
N LYS A 517 -3.00 53.62 15.81
CA LYS A 517 -2.09 52.52 15.56
C LYS A 517 -1.89 51.66 16.79
N SER A 518 -1.42 52.26 17.88
CA SER A 518 -0.97 51.51 19.04
C SER A 518 -0.82 52.49 20.20
N GLY A 519 -0.21 52.03 21.28
CA GLY A 519 0.19 52.95 22.33
C GLY A 519 0.54 52.23 23.61
N LEU A 520 0.94 53.03 24.58
CA LEU A 520 1.49 52.56 25.85
C LEU A 520 1.06 53.51 26.94
N PHE A 521 1.09 53.03 28.18
CA PHE A 521 0.71 53.84 29.33
C PHE A 521 1.21 53.15 30.60
N ASN A 522 0.88 53.74 31.75
CA ASN A 522 1.22 53.19 33.04
C ASN A 522 -0.04 53.09 33.90
N ILE A 523 0.03 52.21 34.89
CA ILE A 523 -1.03 52.05 35.88
C ILE A 523 -0.41 52.04 37.27
N GLY A 524 -0.98 52.85 38.17
CA GLY A 524 -0.54 52.84 39.55
C GLY A 524 -1.32 51.79 40.31
N LEU A 525 -0.60 50.95 41.06
CA LEU A 525 -1.19 49.80 41.72
C LEU A 525 -0.72 49.75 43.16
N ASN A 526 -1.67 49.64 44.09
CA ASN A 526 -1.39 49.73 45.52
C ASN A 526 -1.56 48.36 46.17
N VAL A 527 -0.67 48.06 47.11
CA VAL A 527 -0.67 46.82 47.87
C VAL A 527 -0.85 47.14 49.35
N THR A 528 -1.63 46.31 50.03
CA THR A 528 -1.94 46.51 51.45
C THR A 528 -1.87 45.20 52.23
N SER A 529 -0.87 44.37 51.94
CA SER A 529 -0.60 43.14 52.68
C SER A 529 -1.75 42.14 52.60
N ASP A 530 -2.82 42.52 51.91
CA ASP A 530 -3.92 41.62 51.62
C ASP A 530 -3.60 40.71 50.46
N LEU A 531 -2.47 40.91 49.80
CA LEU A 531 -2.14 40.22 48.57
C LEU A 531 -1.16 39.09 48.88
N ALA A 532 -1.50 37.88 48.47
CA ALA A 532 -0.59 36.76 48.63
C ALA A 532 0.65 37.00 47.76
N PRO A 533 1.77 36.35 48.08
CA PRO A 533 2.98 36.53 47.29
C PRO A 533 2.77 36.35 45.79
N GLY A 534 1.75 35.58 45.39
CA GLY A 534 1.35 35.52 44.00
C GLY A 534 0.10 36.35 43.78
N ALA A 535 0.18 37.28 42.82
CA ALA A 535 -0.94 38.17 42.50
C ALA A 535 -1.33 37.97 41.05
N GLU A 536 -2.63 37.88 40.78
CA GLU A 536 -3.12 37.58 39.44
C GLU A 536 -3.84 38.80 38.92
N LEU A 537 -3.19 39.58 38.06
CA LEU A 537 -3.78 40.80 37.53
C LEU A 537 -4.05 40.62 36.05
N ILE A 538 -5.28 40.94 35.64
CA ILE A 538 -5.66 40.91 34.24
C ILE A 538 -6.31 42.25 33.87
N VAL A 539 -5.93 42.76 32.71
CA VAL A 539 -6.55 43.96 32.15
C VAL A 539 -7.26 43.55 30.86
N TYR A 540 -8.45 44.10 30.67
CA TYR A 540 -9.30 43.73 29.56
C TYR A 540 -10.08 44.94 29.07
N CYS A 541 -10.62 44.81 27.87
CA CYS A 541 -11.63 45.73 27.37
C CYS A 541 -12.41 45.03 26.25
N ILE A 542 -13.36 45.77 25.68
CA ILE A 542 -14.35 45.25 24.76
C ILE A 542 -14.29 46.03 23.46
N LEU A 543 -14.35 45.31 22.34
CA LEU A 543 -14.54 45.92 21.03
C LEU A 543 -15.74 45.24 20.38
N ASP A 544 -16.92 45.74 20.70
CA ASP A 544 -18.18 45.28 20.09
C ASP A 544 -18.30 43.78 20.26
N LEU A 545 -18.19 42.97 19.21
CA LEU A 545 -18.21 41.53 19.36
C LEU A 545 -16.91 40.98 19.93
N GLU A 546 -15.89 41.81 20.05
CA GLU A 546 -14.54 41.35 20.29
C GLU A 546 -14.03 41.84 21.64
N LEU A 547 -13.33 40.97 22.34
CA LEU A 547 -12.76 41.29 23.64
C LEU A 547 -11.24 41.33 23.55
N ILE A 548 -10.63 41.74 24.64
CA ILE A 548 -9.19 41.58 24.84
C ILE A 548 -8.92 41.53 26.33
N ALA A 549 -7.96 40.69 26.72
CA ALA A 549 -7.58 40.55 28.11
C ALA A 549 -6.20 39.93 28.19
N ASP A 550 -5.44 40.34 29.19
CA ASP A 550 -4.09 39.84 29.41
C ASP A 550 -3.80 39.85 30.90
N THR A 551 -3.15 38.81 31.39
CA THR A 551 -2.92 38.66 32.81
C THR A 551 -1.50 38.19 33.09
N ILE A 552 -1.00 38.56 34.27
CA ILE A 552 0.28 38.10 34.79
C ILE A 552 0.20 37.94 36.31
N SER A 553 0.97 37.00 36.83
CA SER A 553 1.19 36.85 38.26
C SER A 553 2.40 37.65 38.69
N LEU A 554 2.30 38.22 39.89
CA LEU A 554 3.26 39.19 40.39
C LEU A 554 3.73 38.77 41.78
N ASP A 555 4.97 39.14 42.09
CA ASP A 555 5.63 38.74 43.32
C ASP A 555 5.42 39.77 44.41
N ILE A 556 4.99 39.30 45.57
CA ILE A 556 4.74 40.13 46.74
C ILE A 556 5.59 39.58 47.89
N GLU A 557 6.02 40.48 48.76
CA GLU A 557 6.79 40.05 49.91
C GLU A 557 5.91 39.29 50.90
N LYS A 558 6.57 38.50 51.74
CA LYS A 558 5.89 37.53 52.60
C LYS A 558 5.37 38.21 53.87
N CYS A 559 4.67 39.31 53.67
CA CYS A 559 4.35 40.20 54.77
C CYS A 559 2.93 39.98 55.28
N PHE A 560 2.78 40.18 56.57
CA PHE A 560 1.54 40.12 57.31
C PHE A 560 1.13 41.52 57.73
N GLN A 561 0.07 41.61 58.53
CA GLN A 561 -0.48 42.89 58.96
C GLN A 561 -0.23 43.21 60.42
N ASN A 562 -0.32 42.24 61.32
CA ASN A 562 -0.22 42.52 62.75
C ASN A 562 1.23 42.82 63.09
N GLN A 563 1.66 44.03 62.72
CA GLN A 563 3.00 44.51 63.05
C GLN A 563 3.26 44.37 64.55
N VAL A 564 4.53 44.19 64.87
CA VAL A 564 4.96 43.92 66.23
C VAL A 564 6.43 44.25 66.34
N SER A 565 6.80 44.95 67.41
CA SER A 565 8.17 45.44 67.53
C SER A 565 8.64 45.31 68.96
N LEU A 566 9.77 44.64 69.16
CA LEU A 566 10.32 44.41 70.47
C LEU A 566 11.68 45.08 70.61
N SER A 567 12.02 45.45 71.84
CA SER A 567 13.25 46.20 72.10
C SER A 567 13.69 45.99 73.54
N PHE A 568 14.87 45.42 73.71
CA PHE A 568 15.61 45.54 74.95
C PHE A 568 16.46 46.81 74.89
N SER A 569 16.55 47.50 76.03
CA SER A 569 17.26 48.77 76.07
C SER A 569 18.04 48.85 77.37
N ASP A 570 19.37 48.78 77.27
CA ASP A 570 20.07 48.51 76.02
C ASP A 570 20.84 47.19 76.14
N ASP A 571 21.67 46.89 75.15
CA ASP A 571 22.34 45.60 75.06
C ASP A 571 23.76 45.69 75.60
N LEU A 572 24.39 44.52 75.73
CA LEU A 572 25.80 44.34 76.05
C LEU A 572 26.16 44.79 77.46
N GLY A 573 25.19 45.01 78.33
CA GLY A 573 25.48 45.50 79.65
C GLY A 573 26.04 44.43 80.56
N PRO A 574 26.11 44.72 81.86
CA PRO A 574 26.43 43.69 82.84
C PRO A 574 25.22 42.81 83.10
N THR A 575 25.29 41.94 84.10
CA THR A 575 24.11 41.17 84.46
C THR A 575 23.11 42.11 85.10
N ALA A 576 22.47 42.94 84.28
CA ALA A 576 21.55 43.97 84.76
C ALA A 576 20.16 43.35 84.84
N SER A 577 19.87 42.75 85.99
CA SER A 577 18.54 42.22 86.22
C SER A 577 17.51 43.34 86.21
N ASN A 578 16.25 42.96 86.26
CA ASN A 578 15.12 43.88 86.09
C ASN A 578 15.20 44.61 84.74
N VAL A 579 15.77 43.95 83.73
CA VAL A 579 15.90 44.58 82.43
C VAL A 579 14.55 44.56 81.71
N SER A 580 14.34 45.56 80.84
CA SER A 580 13.05 45.83 80.23
C SER A 580 13.06 45.47 78.75
N LEU A 581 11.94 44.90 78.30
CA LEU A 581 11.69 44.60 76.90
C LEU A 581 10.35 45.22 76.54
N ASN A 582 10.38 46.33 75.82
CA ASN A 582 9.15 46.98 75.40
C ASN A 582 8.80 46.57 73.97
N LEU A 583 7.50 46.39 73.74
CA LEU A 583 7.00 45.89 72.47
C LEU A 583 5.71 46.62 72.13
N SER A 584 5.47 46.74 70.82
CA SER A 584 4.32 47.45 70.28
C SER A 584 3.59 46.55 69.29
N ALA A 585 2.26 46.56 69.37
CA ALA A 585 1.38 45.78 68.50
C ALA A 585 -0.03 46.35 68.61
N ALA A 586 -1.02 45.57 68.17
CA ALA A 586 -2.40 46.03 68.15
C ALA A 586 -2.90 46.32 69.57
N PRO A 587 -3.75 47.34 69.73
CA PRO A 587 -4.23 47.69 71.09
C PRO A 587 -5.07 46.63 71.74
N GLY A 588 -5.63 45.70 70.97
CA GLY A 588 -6.35 44.58 71.54
C GLY A 588 -5.75 43.26 71.09
N SER A 589 -5.18 42.51 72.03
CA SER A 589 -4.43 41.31 71.70
C SER A 589 -4.00 40.59 72.98
N LEU A 590 -3.87 39.28 72.86
CA LEU A 590 -3.21 38.43 73.83
C LEU A 590 -2.27 37.51 73.08
N CYS A 591 -1.01 37.45 73.51
CA CYS A 591 0.00 36.85 72.66
C CYS A 591 1.22 36.48 73.49
N GLY A 592 2.26 35.96 72.82
CA GLY A 592 3.27 35.22 73.55
C GLY A 592 4.69 35.51 73.10
N VAL A 593 5.65 35.01 73.89
CA VAL A 593 7.05 35.37 73.76
C VAL A 593 7.95 34.23 74.21
N LYS A 594 9.14 34.16 73.59
CA LYS A 594 10.13 33.12 73.84
C LYS A 594 11.53 33.72 73.62
N VAL A 595 12.34 33.76 74.68
CA VAL A 595 13.73 34.20 74.59
C VAL A 595 14.60 33.05 75.05
N ILE A 596 15.51 32.60 74.19
CA ILE A 596 16.32 31.41 74.41
C ILE A 596 17.78 31.70 74.09
N ASP A 597 18.61 30.66 74.11
CA ASP A 597 20.04 30.78 73.85
C ASP A 597 20.29 31.09 72.37
N SER A 598 21.57 31.14 72.00
CA SER A 598 21.97 31.36 70.62
C SER A 598 22.89 30.30 70.06
N SER A 599 23.58 29.54 70.92
CA SER A 599 24.50 28.52 70.43
C SER A 599 23.78 27.46 69.62
N LEU A 600 22.60 27.05 70.07
CA LEU A 600 21.79 26.13 69.28
C LEU A 600 21.43 26.76 67.95
N LEU A 601 21.04 28.03 67.95
CA LEU A 601 20.80 28.76 66.72
C LEU A 601 21.96 28.59 65.75
N LEU A 602 23.16 28.79 66.25
CA LEU A 602 24.33 28.70 65.36
C LEU A 602 24.56 27.26 64.89
N ILE A 603 24.38 26.28 65.78
CA ILE A 603 24.86 24.95 65.46
C ILE A 603 23.87 24.16 64.61
N ASN A 604 22.59 24.19 64.97
CA ASN A 604 21.72 23.20 64.38
C ASN A 604 20.83 23.82 63.31
N PRO A 605 20.34 23.03 62.37
CA PRO A 605 19.43 23.57 61.35
C PRO A 605 18.09 23.93 61.95
N TYR A 606 17.83 25.22 62.10
CA TYR A 606 16.59 25.67 62.71
C TYR A 606 15.40 25.31 61.83
N GLU A 607 14.32 24.88 62.46
CA GLU A 607 13.05 24.84 61.76
C GLU A 607 12.58 26.27 61.51
N SER A 608 12.33 26.59 60.24
CA SER A 608 11.99 27.96 59.88
C SER A 608 10.57 28.30 60.33
N LEU A 609 10.38 28.49 61.63
CA LEU A 609 9.07 28.89 62.14
C LEU A 609 8.84 30.34 61.76
N SER A 610 8.19 30.56 60.62
CA SER A 610 8.08 31.90 60.07
C SER A 610 6.82 32.00 59.24
N ALA A 611 6.41 33.25 59.01
CA ALA A 611 5.27 33.51 58.12
C ALA A 611 5.50 32.87 56.77
N SER A 612 6.73 32.89 56.28
CA SER A 612 7.05 32.21 55.03
C SER A 612 6.56 30.77 55.06
N GLY A 613 7.05 30.00 56.04
CA GLY A 613 6.68 28.61 56.11
C GLY A 613 5.20 28.39 56.30
N VAL A 614 4.57 29.22 57.14
CA VAL A 614 3.16 28.99 57.43
C VAL A 614 2.30 29.30 56.22
N TYR A 615 2.58 30.40 55.52
CA TYR A 615 1.83 30.71 54.32
C TYR A 615 2.04 29.63 53.27
N TYR A 616 3.28 29.13 53.16
CA TYR A 616 3.51 28.02 52.25
C TYR A 616 2.66 26.81 52.63
N SER A 617 2.58 26.53 53.93
CA SER A 617 1.74 25.44 54.40
C SER A 617 0.26 25.70 54.16
N ILE A 618 -0.11 26.96 53.96
CA ILE A 618 -1.52 27.26 53.71
C ILE A 618 -1.95 26.61 52.40
N PRO A 619 -3.01 25.83 52.39
CA PRO A 619 -3.46 25.20 51.15
C PRO A 619 -4.49 26.05 50.40
N TYR A 620 -4.68 25.70 49.13
CA TYR A 620 -5.65 26.35 48.27
C TYR A 620 -5.45 27.86 48.25
N LEU A 621 -4.18 28.26 48.16
CA LEU A 621 -3.87 29.67 48.01
C LEU A 621 -4.47 30.24 46.73
N SER A 622 -4.56 29.43 45.69
CA SER A 622 -5.17 29.77 44.41
C SER A 622 -5.11 28.55 43.52
N LEU A 623 -5.82 28.61 42.40
CA LEU A 623 -6.04 27.45 41.56
C LEU A 623 -5.57 27.74 40.15
N PHE A 624 -4.82 26.80 39.57
CA PHE A 624 -4.56 26.84 38.14
C PHE A 624 -5.77 26.26 37.41
N GLY A 625 -6.35 27.07 36.53
CA GLY A 625 -7.57 26.63 35.88
C GLY A 625 -8.69 26.43 36.87
N TYR A 626 -9.73 25.74 36.40
CA TYR A 626 -10.88 25.45 37.23
C TYR A 626 -10.61 24.23 38.12
N ASN A 627 -11.49 24.01 39.10
CA ASN A 627 -11.25 22.97 40.10
C ASN A 627 -11.48 21.61 39.45
N TYR A 628 -10.48 21.19 38.67
CA TYR A 628 -10.59 19.95 37.93
C TYR A 628 -10.63 18.72 38.82
N GLY A 629 -10.35 18.86 40.12
CA GLY A 629 -10.43 17.73 41.02
C GLY A 629 -11.78 17.07 41.02
N GLY A 630 -12.85 17.86 41.04
CA GLY A 630 -14.19 17.32 40.92
C GLY A 630 -14.96 17.99 39.81
N PHE A 631 -14.40 19.08 39.28
CA PHE A 631 -15.06 19.93 38.28
C PHE A 631 -14.10 20.11 37.11
N ASN A 632 -14.07 19.11 36.23
CA ASN A 632 -13.32 19.20 34.98
C ASN A 632 -14.08 18.71 33.77
N LEU A 633 -15.08 17.85 33.93
CA LEU A 633 -15.67 17.12 32.81
C LEU A 633 -17.00 17.71 32.35
N GLU A 634 -17.55 18.67 33.10
CA GLU A 634 -18.84 19.24 32.80
C GLU A 634 -18.75 20.64 32.22
N GLU A 635 -17.74 21.40 32.63
CA GLU A 635 -17.48 22.70 32.03
C GLU A 635 -17.13 22.66 30.54
N PRO A 636 -16.27 21.74 30.04
CA PRO A 636 -15.54 22.04 28.80
C PRO A 636 -16.31 21.86 27.49
N GLU A 637 -17.64 21.88 27.51
CA GLU A 637 -18.32 21.66 26.24
C GLU A 637 -19.04 22.88 25.69
N PRO A 638 -18.33 23.85 25.10
CA PRO A 638 -18.98 24.79 24.18
C PRO A 638 -18.96 24.25 22.76
N PRO A 639 -19.70 24.85 21.83
CA PRO A 639 -19.81 24.24 20.50
C PRO A 639 -18.47 24.20 19.78
N CYS A 640 -18.23 23.10 19.08
CA CYS A 640 -16.97 22.87 18.37
C CYS A 640 -17.28 22.40 16.95
N GLU A 641 -16.99 23.28 15.98
CA GLU A 641 -17.21 22.95 14.57
C GLU A 641 -16.10 23.41 13.63
N ASP A 642 -15.21 24.31 14.05
CA ASP A 642 -14.18 24.83 13.15
C ASP A 642 -13.22 23.77 12.65
N PRO A 643 -12.57 22.96 13.50
CA PRO A 643 -11.75 21.87 12.97
C PRO A 643 -12.56 20.83 12.23
N ASN A 644 -13.87 20.78 12.44
CA ASN A 644 -14.73 19.89 11.68
C ASN A 644 -14.96 20.39 10.26
N THR A 645 -14.67 21.65 10.00
CA THR A 645 -15.00 22.27 8.71
C THR A 645 -14.13 21.65 7.62
N VAL A 646 -14.78 21.22 6.54
CA VAL A 646 -14.07 20.64 5.40
C VAL A 646 -13.98 21.62 4.24
N ILE A 647 -14.99 22.46 4.08
CA ILE A 647 -15.07 23.40 2.97
C ILE A 647 -14.91 24.81 3.51
N PHE A 648 -13.96 25.56 2.96
CA PHE A 648 -13.57 26.87 3.47
C PHE A 648 -13.81 27.92 2.38
N CYS A 649 -15.06 28.35 2.29
CA CYS A 649 -15.52 29.24 1.22
C CYS A 649 -15.80 30.62 1.82
N LYS A 650 -15.14 31.65 1.31
CA LYS A 650 -14.11 31.51 0.28
C LYS A 650 -12.93 32.44 0.57
N GLY A 651 -11.73 31.99 0.24
CA GLY A 651 -10.59 32.88 0.15
C GLY A 651 -10.29 33.04 -1.32
N ARG A 652 -9.35 32.25 -1.80
CA ARG A 652 -9.36 31.84 -3.19
C ARG A 652 -9.48 30.33 -3.32
N TYR A 653 -9.50 29.60 -2.20
CA TYR A 653 -9.99 28.23 -2.18
C TYR A 653 -10.38 27.87 -0.74
N TYR A 654 -10.56 26.57 -0.49
CA TYR A 654 -11.06 26.03 0.76
C TYR A 654 -9.90 25.44 1.55
N LEU A 655 -9.32 26.23 2.47
CA LEU A 655 -8.22 25.76 3.31
C LEU A 655 -8.76 24.95 4.48
N PRO A 656 -8.24 23.74 4.70
CA PRO A 656 -8.68 22.91 5.83
C PRO A 656 -8.00 23.35 7.12
N VAL A 657 -8.22 22.56 8.16
CA VAL A 657 -7.76 22.88 9.50
C VAL A 657 -6.54 22.05 9.85
N SER A 658 -5.93 22.37 10.99
CA SER A 658 -4.80 21.61 11.50
C SER A 658 -4.78 21.79 13.01
N SER A 659 -4.62 20.68 13.74
CA SER A 659 -4.53 20.76 15.19
C SER A 659 -3.29 21.56 15.58
N SER A 660 -3.51 22.71 16.22
CA SER A 660 -2.44 23.66 16.49
C SER A 660 -2.73 24.32 17.82
N THR A 661 -2.08 25.44 18.07
CA THR A 661 -2.19 26.11 19.36
C THR A 661 -2.07 27.61 19.15
N GLU A 662 -3.04 28.35 19.66
CA GLU A 662 -2.99 29.80 19.73
C GLU A 662 -3.28 30.25 21.15
N GLY A 663 -3.34 31.56 21.35
CA GLY A 663 -3.57 32.12 22.66
C GLY A 663 -4.68 33.14 22.64
N ASP A 664 -5.38 33.24 23.77
CA ASP A 664 -6.49 34.17 23.88
C ASP A 664 -6.81 34.42 25.36
N THR A 665 -7.85 35.23 25.56
CA THR A 665 -8.35 35.49 26.90
C THR A 665 -8.88 34.22 27.56
N TYR A 666 -9.41 33.29 26.77
CA TYR A 666 -9.82 32.02 27.35
C TYR A 666 -8.62 31.25 27.87
N GLN A 667 -7.50 31.29 27.14
CA GLN A 667 -6.25 30.79 27.70
C GLN A 667 -5.89 31.52 28.98
N ASN A 668 -6.08 32.84 29.00
CA ASN A 668 -5.79 33.61 30.20
C ASN A 668 -6.56 33.05 31.39
N LEU A 669 -7.87 32.86 31.23
CA LEU A 669 -8.68 32.35 32.34
C LEU A 669 -8.29 30.93 32.71
N ARG A 670 -8.02 30.07 31.72
CA ARG A 670 -7.62 28.72 32.06
C ARG A 670 -6.29 28.70 32.79
N ARG A 671 -5.49 29.75 32.64
CA ARG A 671 -4.36 29.92 33.56
C ARG A 671 -4.81 30.52 34.88
N VAL A 672 -5.91 31.27 34.87
CA VAL A 672 -6.39 31.92 36.08
C VAL A 672 -7.33 31.01 36.85
N GLY A 673 -8.43 30.61 36.22
CA GLY A 673 -9.41 29.77 36.87
C GLY A 673 -10.73 30.43 37.23
N LEU A 674 -11.00 31.62 36.71
CA LEU A 674 -12.28 32.28 36.94
C LEU A 674 -13.17 32.10 35.72
N VAL A 675 -14.40 31.68 35.96
CA VAL A 675 -15.38 31.56 34.89
C VAL A 675 -15.95 32.94 34.60
N LEU A 676 -15.98 33.29 33.31
CA LEU A 676 -16.52 34.58 32.89
C LEU A 676 -17.77 34.34 32.07
N GLY A 677 -18.87 34.94 32.49
CA GLY A 677 -20.02 35.07 31.63
C GLY A 677 -19.94 36.33 30.80
N THR A 678 -20.68 36.33 29.70
CA THR A 678 -20.67 37.47 28.79
C THR A 678 -21.85 37.33 27.84
N SER A 679 -21.86 38.16 26.80
CA SER A 679 -22.87 38.11 25.76
C SER A 679 -22.23 38.29 24.40
N SER A 680 -21.07 37.69 24.18
CA SER A 680 -20.38 37.79 22.90
C SER A 680 -19.42 36.62 22.77
N LYS A 681 -18.50 36.73 21.82
CA LYS A 681 -17.53 35.69 21.51
C LYS A 681 -16.13 36.28 21.53
N ILE A 682 -15.26 35.68 22.33
CA ILE A 682 -13.82 35.96 22.26
C ILE A 682 -12.98 34.71 22.13
N ARG A 683 -13.49 33.54 22.51
CA ARG A 683 -12.70 32.32 22.46
C ARG A 683 -12.50 31.86 21.01
N LYS A 684 -11.40 31.16 20.78
CA LYS A 684 -11.09 30.70 19.44
C LYS A 684 -12.12 29.68 18.98
N PRO A 685 -12.50 29.69 17.71
CA PRO A 685 -13.45 28.69 17.20
C PRO A 685 -13.03 27.23 17.34
N VAL A 686 -11.87 26.92 17.91
CA VAL A 686 -11.57 25.54 18.27
C VAL A 686 -11.96 25.32 19.73
N VAL A 687 -12.67 24.21 19.98
CA VAL A 687 -13.12 23.84 21.31
C VAL A 687 -12.70 22.42 21.66
N CYS A 688 -13.02 21.47 20.78
CA CYS A 688 -12.93 20.05 21.09
C CYS A 688 -11.59 19.42 20.71
N GLY A 689 -10.54 20.23 20.56
CA GLY A 689 -9.25 19.71 20.10
C GLY A 689 -8.28 19.29 21.18
N MET A 690 -8.58 18.21 21.89
CA MET A 690 -7.70 17.66 22.91
C MET A 690 -7.12 16.33 22.45
N GLU A 691 -6.14 15.85 23.19
CA GLU A 691 -5.49 14.57 22.90
C GLU A 691 -5.03 13.93 24.20
N ALA A 692 -5.49 12.72 24.46
CA ALA A 692 -5.10 12.00 25.67
C ALA A 692 -3.67 11.49 25.51
N LYS A 693 -2.77 11.98 26.34
CA LYS A 693 -1.34 11.69 26.20
C LYS A 693 -0.79 10.95 27.40
N ASN A 721 17.73 27.35 88.01
CA ASN A 721 17.53 28.52 87.17
C ASN A 721 18.86 29.19 86.82
N PHE A 722 19.73 28.47 86.11
CA PHE A 722 21.03 29.02 85.75
C PHE A 722 21.20 29.22 84.25
N SER A 723 21.08 28.17 83.44
CA SER A 723 21.21 28.39 82.00
C SER A 723 20.58 27.29 81.15
N GLU A 724 19.35 27.49 80.71
CA GLU A 724 18.85 26.78 79.55
C GLU A 724 18.08 27.65 78.57
N THR A 725 17.42 28.70 79.03
CA THR A 725 16.63 29.59 78.20
C THR A 725 16.72 30.98 78.80
N PHE A 726 15.82 31.85 78.42
CA PHE A 726 15.67 33.01 79.27
C PHE A 726 14.23 33.28 79.68
N LEU A 727 13.28 33.12 78.76
CA LEU A 727 11.92 33.53 79.04
C LEU A 727 10.96 32.79 78.12
N TRP A 728 9.76 32.53 78.64
CA TRP A 728 8.74 31.78 77.91
C TRP A 728 7.40 32.11 78.55
N ARG A 729 6.60 32.95 77.91
CA ARG A 729 5.36 33.36 78.56
C ARG A 729 4.42 33.97 77.55
N LEU A 730 3.33 34.56 78.06
CA LEU A 730 2.32 35.22 77.26
C LEU A 730 1.71 36.35 78.08
N VAL A 731 1.50 37.49 77.43
CA VAL A 731 0.86 38.65 78.03
C VAL A 731 -0.11 39.21 77.01
N SER A 732 -1.14 39.90 77.50
CA SER A 732 -2.02 40.67 76.63
C SER A 732 -1.40 42.03 76.36
N VAL A 733 -2.18 42.91 75.75
CA VAL A 733 -1.70 44.22 75.33
C VAL A 733 -2.53 45.31 75.99
N ASP A 734 -1.91 46.48 76.19
CA ASP A 734 -2.62 47.68 76.62
C ASP A 734 -2.24 48.81 75.68
N SER A 735 -2.87 48.83 74.50
CA SER A 735 -2.93 50.00 73.64
C SER A 735 -1.56 50.45 73.12
N GLU A 736 -0.49 49.82 73.61
CA GLU A 736 0.87 50.14 73.15
C GLU A 736 1.72 48.92 72.92
N GLY A 737 1.33 47.75 73.41
CA GLY A 737 2.24 46.64 73.53
C GLY A 737 2.41 46.26 74.99
N GLN A 738 3.65 46.12 75.41
CA GLN A 738 3.97 45.66 76.76
C GLN A 738 5.46 45.84 77.00
N ASN A 739 5.81 46.37 78.16
CA ASN A 739 7.21 46.49 78.56
C ASN A 739 7.43 45.50 79.70
N THR A 740 7.73 44.26 79.32
CA THR A 740 7.95 43.22 80.32
C THR A 740 9.30 43.38 80.97
N ILE A 741 9.32 43.26 82.29
CA ILE A 741 10.54 43.36 83.08
C ILE A 741 10.94 41.96 83.52
N THR A 742 12.18 41.58 83.23
CA THR A 742 12.69 40.27 83.61
C THR A 742 14.11 40.41 84.14
N GLU A 743 14.42 39.60 85.15
CA GLU A 743 15.74 39.63 85.74
C GLU A 743 16.79 39.12 84.76
N THR A 744 18.05 39.34 85.08
CA THR A 744 19.17 38.87 84.28
C THR A 744 19.98 37.86 85.06
N VAL A 745 20.31 36.74 84.42
CA VAL A 745 20.98 35.62 85.06
C VAL A 745 22.47 35.92 85.18
N PRO A 746 23.11 35.64 86.34
CA PRO A 746 24.56 35.86 86.45
C PRO A 746 25.37 34.86 85.65
N ASP A 747 24.66 34.03 84.88
CA ASP A 747 25.25 33.14 83.89
C ASP A 747 25.20 33.76 82.51
N THR A 748 25.50 35.06 82.42
CA THR A 748 25.46 35.77 81.15
C THR A 748 26.62 35.27 80.30
N ILE A 749 26.46 34.04 79.81
CA ILE A 749 27.54 33.43 79.03
C ILE A 749 27.71 34.15 77.71
N THR A 750 26.71 34.12 76.84
CA THR A 750 26.85 34.70 75.51
C THR A 750 25.45 35.09 75.04
N LYS A 751 25.32 35.44 73.75
CA LYS A 751 24.18 36.16 73.24
C LYS A 751 22.89 35.35 73.30
N TRP A 752 21.77 36.06 73.23
CA TRP A 752 20.45 35.53 73.55
C TRP A 752 19.49 35.93 72.45
N GLN A 753 18.72 34.98 71.93
CA GLN A 753 17.81 35.25 70.83
C GLN A 753 16.37 35.25 71.31
N GLY A 754 15.66 36.34 71.05
CA GLY A 754 14.28 36.44 71.47
C GLY A 754 13.32 36.65 70.32
N SER A 755 12.31 35.78 70.23
CA SER A 755 11.28 35.85 69.21
C SER A 755 9.93 35.65 69.87
N MET A 756 8.90 36.20 69.24
CA MET A 756 7.59 36.16 69.86
C MET A 756 6.53 36.24 68.78
N PHE A 757 5.27 36.22 69.19
CA PHE A 757 4.15 36.18 68.26
C PHE A 757 2.98 36.93 68.86
N CYS A 758 2.12 37.46 67.99
CA CYS A 758 0.92 38.10 68.48
C CYS A 758 -0.27 37.85 67.55
N VAL A 759 -1.47 38.03 68.10
CA VAL A 759 -2.73 37.88 67.38
C VAL A 759 -3.70 38.97 67.79
N SER A 760 -4.49 39.44 66.83
CA SER A 760 -5.47 40.50 67.05
C SER A 760 -6.72 40.20 66.25
N GLU A 761 -7.87 40.26 66.94
CA GLU A 761 -9.20 39.90 66.43
C GLU A 761 -9.63 40.75 65.26
N LYS A 762 -8.82 41.65 64.82
CA LYS A 762 -9.24 42.52 63.73
C LYS A 762 -8.29 42.46 62.54
N GLU A 763 -6.99 42.50 62.77
CA GLU A 763 -6.06 42.57 61.66
C GLU A 763 -5.02 41.46 61.64
N GLY A 764 -5.13 40.47 62.53
CA GLY A 764 -4.44 39.20 62.33
C GLY A 764 -3.21 38.94 63.17
N PHE A 765 -2.28 38.17 62.64
CA PHE A 765 -1.16 37.66 63.41
C PHE A 765 0.12 38.38 63.03
N GLY A 766 1.12 38.24 63.91
CA GLY A 766 2.34 39.01 63.78
C GLY A 766 3.58 38.35 64.34
N ILE A 767 4.70 38.54 63.63
CA ILE A 767 5.98 37.91 63.93
C ILE A 767 7.08 38.95 63.73
N THR A 768 8.32 38.55 64.04
CA THR A 768 9.45 39.46 63.98
C THR A 768 10.05 39.54 62.57
N LYS A 769 10.88 40.57 62.38
CA LYS A 769 11.80 40.61 61.25
C LYS A 769 13.03 39.76 61.52
N TYR A 770 13.78 40.13 62.55
CA TYR A 770 14.83 39.27 63.09
C TYR A 770 14.72 39.26 64.60
N SER A 771 15.15 38.16 65.22
CA SER A 771 15.01 38.02 66.65
C SER A 771 15.87 39.05 67.39
N ALA A 772 15.30 39.62 68.44
CA ALA A 772 16.04 40.54 69.29
C ALA A 772 17.18 39.78 69.96
N ASN A 773 18.42 40.09 69.57
CA ASN A 773 19.58 39.38 70.08
C ASN A 773 20.28 40.25 71.12
N PHE A 774 20.17 39.85 72.38
CA PHE A 774 20.79 40.54 73.50
C PHE A 774 22.14 39.93 73.84
N THR A 775 22.98 40.71 74.50
CA THR A 775 24.27 40.21 74.95
C THR A 775 24.64 40.90 76.26
N SER A 776 25.53 40.25 77.01
CA SER A 776 26.00 40.80 78.28
C SER A 776 27.16 39.97 78.78
N PHE A 777 28.16 40.65 79.35
CA PHE A 777 29.36 40.02 79.90
C PHE A 777 30.25 41.10 80.47
N LEU A 778 31.37 40.66 81.07
CA LEU A 778 32.38 41.51 81.65
C LEU A 778 33.61 41.56 80.76
N PRO A 779 34.29 42.70 80.68
CA PRO A 779 35.50 42.78 79.83
C PRO A 779 36.56 41.80 80.24
N PHE A 780 36.56 41.37 81.49
CA PHE A 780 37.59 40.51 82.06
C PHE A 780 36.92 39.40 82.83
N PHE A 781 37.31 38.17 82.54
CA PHE A 781 36.74 37.00 83.23
C PHE A 781 37.52 35.77 82.78
N VAL A 782 37.00 34.60 83.11
CA VAL A 782 37.55 33.34 82.64
C VAL A 782 36.44 32.52 82.01
N GLU A 783 36.68 32.07 80.78
CA GLU A 783 35.87 31.02 80.17
C GLU A 783 36.53 29.68 80.42
N LEU A 784 35.72 28.64 80.50
CA LEU A 784 36.20 27.29 80.80
C LEU A 784 36.01 26.40 79.59
N SER A 785 36.96 25.49 79.39
CA SER A 785 36.85 24.42 78.41
C SER A 785 36.81 23.11 79.19
N LEU A 786 35.66 22.46 79.13
CA LEU A 786 35.26 21.27 79.86
C LEU A 786 34.66 20.24 78.90
N PRO A 787 34.77 18.96 79.23
CA PRO A 787 34.22 17.94 78.35
C PRO A 787 32.77 17.60 78.66
N TYR A 788 32.26 16.59 77.97
CA TYR A 788 30.88 16.16 78.16
C TYR A 788 30.74 15.33 79.43
N SER A 789 31.43 14.20 79.50
CA SER A 789 31.32 13.26 80.61
C SER A 789 32.44 12.23 80.44
N LEU A 790 32.59 11.38 81.45
CA LEU A 790 33.65 10.38 81.43
C LEU A 790 33.38 9.35 82.52
N THR A 791 34.37 8.50 82.77
CA THR A 791 34.37 7.54 83.86
C THR A 791 35.36 7.98 84.93
N ARG A 792 35.21 7.38 86.11
CA ARG A 792 35.94 7.86 87.29
C ARG A 792 37.44 7.69 87.13
N GLU A 793 37.88 6.50 86.75
CA GLU A 793 39.31 6.20 86.76
C GLU A 793 40.06 6.94 85.66
N GLU A 794 39.38 7.44 84.65
CA GLU A 794 40.06 8.12 83.56
C GLU A 794 40.44 9.55 83.97
N ILE A 795 41.56 10.01 83.43
CA ILE A 795 42.01 11.36 83.67
C ILE A 795 41.65 12.23 82.47
N LEU A 796 41.63 13.53 82.68
CA LEU A 796 41.39 14.52 81.64
C LEU A 796 42.21 15.75 81.98
N VAL A 797 42.04 16.79 81.17
CA VAL A 797 42.71 18.07 81.40
C VAL A 797 41.64 19.14 81.26
N MET A 798 41.10 19.59 82.38
CA MET A 798 40.28 20.79 82.37
C MET A 798 41.12 21.98 81.95
N LYS A 799 40.52 22.93 81.24
CA LYS A 799 41.27 24.12 80.87
C LYS A 799 40.37 25.34 81.02
N ALA A 800 40.98 26.52 81.08
CA ALA A 800 40.21 27.75 81.18
C ALA A 800 41.04 28.93 80.70
N PHE A 801 40.50 29.66 79.72
CA PHE A 801 41.06 30.94 79.32
C PHE A 801 40.68 32.01 80.31
N VAL A 802 41.65 32.82 80.70
CA VAL A 802 41.40 34.14 81.25
C VAL A 802 41.44 35.12 80.09
N SER A 803 40.46 36.02 80.05
CA SER A 803 40.26 36.93 78.93
C SER A 803 40.06 38.33 79.46
N ASN A 804 40.75 39.30 78.86
CA ASN A 804 40.65 40.70 79.22
C ASN A 804 40.17 41.50 78.02
N TYR A 805 39.22 42.40 78.26
CA TYR A 805 38.91 43.47 77.33
C TYR A 805 39.22 44.84 77.90
N LEU A 806 39.37 44.95 79.23
CA LEU A 806 39.68 46.23 79.84
C LEU A 806 41.01 46.76 79.34
N GLU A 807 41.06 48.08 79.14
CA GLU A 807 42.23 48.71 78.52
C GLU A 807 43.52 48.40 79.28
N GLU A 808 43.50 48.57 80.60
CA GLU A 808 44.73 48.49 81.37
C GLU A 808 45.27 47.06 81.39
N CYS A 809 46.60 46.96 81.44
CA CYS A 809 47.32 45.69 81.44
C CYS A 809 47.71 45.37 82.89
N ILE A 810 47.05 44.36 83.46
CA ILE A 810 47.14 44.11 84.89
C ILE A 810 47.44 42.64 85.13
N LYS A 811 48.08 42.35 86.26
CA LYS A 811 48.35 40.98 86.63
C LYS A 811 47.14 40.37 87.32
N ILE A 812 46.88 39.11 87.01
CA ILE A 812 45.70 38.38 87.46
C ILE A 812 46.17 37.03 87.99
N ILE A 813 45.37 36.46 88.90
CA ILE A 813 45.58 35.12 89.41
C ILE A 813 44.21 34.47 89.61
N VAL A 814 44.23 33.19 89.99
CA VAL A 814 43.05 32.35 90.04
C VAL A 814 42.97 31.65 91.39
N THR A 815 41.76 31.24 91.75
CA THR A 815 41.49 30.47 92.95
C THR A 815 40.64 29.27 92.55
N LEU A 816 40.93 28.12 93.14
CA LEU A 816 40.23 26.88 92.84
C LEU A 816 39.74 26.25 94.13
N GLN A 817 38.57 25.59 94.08
CA GLN A 817 38.09 24.90 95.26
C GLN A 817 38.26 23.40 95.07
N PRO A 818 39.12 22.74 95.83
CA PRO A 818 39.26 21.28 95.71
C PRO A 818 38.16 20.54 96.46
N SER A 819 37.96 19.29 96.05
CA SER A 819 37.00 18.42 96.73
C SER A 819 37.45 16.98 96.57
N ALA A 820 36.94 16.12 97.45
CA ALA A 820 37.32 14.72 97.47
C ALA A 820 36.71 13.91 96.34
N ASP A 821 35.76 14.48 95.59
CA ASP A 821 35.12 13.75 94.51
C ASP A 821 36.04 13.51 93.33
N PHE A 822 37.31 13.88 93.44
CA PHE A 822 38.24 13.85 92.32
C PHE A 822 39.64 14.10 92.89
N GLU A 823 40.63 14.03 92.01
CA GLU A 823 41.98 14.47 92.32
C GLU A 823 42.45 15.41 91.22
N VAL A 824 43.27 16.38 91.61
CA VAL A 824 43.77 17.39 90.68
C VAL A 824 45.27 17.49 90.80
N ILE A 825 45.94 17.61 89.66
CA ILE A 825 47.38 17.84 89.59
C ILE A 825 47.60 19.06 88.69
N PRO A 826 48.40 20.01 89.11
CA PRO A 826 48.67 21.19 88.28
C PRO A 826 49.70 20.87 87.21
N GLN A 827 50.06 21.89 86.44
CA GLN A 827 51.18 21.82 85.53
C GLN A 827 52.38 22.61 86.04
N ASP A 828 52.43 22.85 87.35
CA ASP A 828 53.59 23.39 88.06
C ASP A 828 53.90 24.84 87.69
N VAL A 829 52.99 25.53 87.02
CA VAL A 829 53.16 26.96 86.73
C VAL A 829 51.93 27.67 87.27
N LYS A 830 51.98 28.02 88.55
CA LYS A 830 50.93 28.81 89.17
C LYS A 830 51.36 30.28 89.23
N GLN A 831 51.49 30.86 88.06
CA GLN A 831 52.07 32.18 87.91
C GLN A 831 50.97 33.20 87.64
N ASP A 832 50.83 34.17 88.54
CA ASP A 832 50.02 35.34 88.25
C ASP A 832 50.69 36.13 87.13
N GLN A 833 49.90 36.59 86.19
CA GLN A 833 50.49 37.13 84.96
C GLN A 833 49.76 38.38 84.51
N CYS A 834 50.49 39.26 83.83
CA CYS A 834 49.93 40.51 83.35
C CYS A 834 49.34 40.31 81.96
N ILE A 835 48.06 40.63 81.83
CA ILE A 835 47.35 40.57 80.56
C ILE A 835 46.88 41.98 80.23
N CYS A 836 47.03 42.35 78.96
CA CYS A 836 46.67 43.69 78.50
C CYS A 836 45.25 43.67 77.93
N SER A 837 44.84 44.79 77.34
CA SER A 837 43.53 44.86 76.72
C SER A 837 43.44 43.88 75.57
N GLY A 838 42.31 43.18 75.48
CA GLY A 838 42.13 42.16 74.47
C GLY A 838 42.92 40.89 74.70
N GLY A 839 43.91 40.92 75.60
CA GLY A 839 44.74 39.76 75.78
C GLY A 839 44.01 38.61 76.45
N ARG A 840 44.63 37.43 76.38
CA ARG A 840 44.12 36.27 77.06
C ARG A 840 45.26 35.33 77.38
N SER A 841 45.09 34.62 78.50
CA SER A 841 45.98 33.55 78.91
C SER A 841 45.08 32.39 79.32
N SER A 842 45.66 31.40 79.99
CA SER A 842 44.86 30.27 80.43
C SER A 842 45.59 29.51 81.52
N TYR A 843 44.87 28.58 82.12
CA TYR A 843 45.51 27.53 82.88
C TYR A 843 44.65 26.27 82.82
N SER A 844 45.30 25.14 83.07
CA SER A 844 44.67 23.84 82.95
C SER A 844 45.02 23.00 84.17
N TRP A 845 44.22 21.96 84.40
CA TRP A 845 44.42 21.07 85.52
C TRP A 845 44.17 19.64 85.08
N ASN A 846 45.10 18.75 85.44
CA ASN A 846 45.01 17.34 85.12
C ASN A 846 44.16 16.66 86.19
N ILE A 847 42.99 16.18 85.81
CA ILE A 847 41.98 15.76 86.78
C ILE A 847 41.69 14.28 86.61
N ILE A 848 41.69 13.55 87.73
CA ILE A 848 41.06 12.24 87.81
C ILE A 848 39.86 12.39 88.74
N ALA A 849 39.04 11.35 88.80
CA ALA A 849 37.82 11.39 89.58
C ALA A 849 37.85 10.41 90.73
N SER A 850 37.05 10.69 91.75
CA SER A 850 36.92 9.82 92.91
C SER A 850 35.48 9.45 93.22
N SER A 851 34.52 10.34 92.95
CA SER A 851 33.11 10.05 93.15
C SER A 851 32.52 9.49 91.86
N LEU A 852 31.19 9.41 91.79
CA LEU A 852 30.50 9.03 90.57
C LEU A 852 29.21 9.83 90.47
N GLY A 853 28.75 10.03 89.24
CA GLY A 853 27.53 10.79 89.00
C GLY A 853 27.83 12.27 88.91
N ARG A 854 27.06 13.08 89.64
CA ARG A 854 27.20 14.53 89.59
C ARG A 854 28.61 14.94 89.98
N ILE A 855 29.18 15.90 89.25
CA ILE A 855 30.46 16.48 89.55
C ILE A 855 30.37 17.97 89.28
N SER A 856 30.93 18.79 90.17
CA SER A 856 30.96 20.23 90.02
C SER A 856 32.37 20.75 90.28
N PHE A 857 32.70 21.86 89.64
CA PHE A 857 33.97 22.53 89.85
C PHE A 857 33.75 24.02 90.02
N ILE A 858 34.44 24.60 90.99
CA ILE A 858 34.29 25.99 91.38
C ILE A 858 35.65 26.66 91.33
N VAL A 859 35.71 27.79 90.62
CA VAL A 859 36.94 28.56 90.50
C VAL A 859 36.57 30.05 90.52
N SER A 860 37.59 30.89 90.52
CA SER A 860 37.40 32.32 90.58
C SER A 860 38.62 33.02 90.01
N ALA A 861 38.38 34.06 89.24
CA ALA A 861 39.43 34.89 88.66
C ALA A 861 39.50 36.18 89.46
N GLU A 862 40.69 36.53 89.96
CA GLU A 862 40.86 37.68 90.81
C GLU A 862 42.05 38.51 90.35
N THR A 863 41.94 39.81 90.58
CA THR A 863 42.96 40.75 90.15
C THR A 863 44.05 40.84 91.22
N THR A 864 45.31 40.88 90.79
CA THR A 864 46.41 40.98 91.72
C THR A 864 46.94 42.41 91.74
N HIS A 865 47.35 42.86 92.92
CA HIS A 865 47.83 44.22 93.12
C HIS A 865 49.35 44.24 93.11
N ILE A 866 49.93 45.09 92.26
CA ILE A 866 51.36 45.32 92.24
C ILE A 866 51.62 46.64 91.55
N GLY A 867 52.57 47.41 92.10
CA GLY A 867 52.91 48.72 91.55
C GLY A 867 54.02 48.67 90.51
N ALA A 868 55.04 47.84 90.77
CA ALA A 868 56.15 47.65 89.84
C ALA A 868 55.85 46.38 89.03
N SER A 869 55.12 46.55 87.94
CA SER A 869 54.62 45.44 87.14
C SER A 869 55.20 45.52 85.73
N CYS A 870 54.66 44.69 84.85
CA CYS A 870 55.01 44.76 83.44
C CYS A 870 54.83 46.18 82.90
N ASP A 871 53.81 46.88 83.37
CA ASP A 871 53.59 48.27 82.98
C ASP A 871 52.85 48.98 84.11
N GLY A 872 53.60 49.70 84.94
CA GLY A 872 53.01 50.52 85.97
C GLY A 872 52.27 49.73 87.02
N PRO A 873 51.55 50.43 87.91
CA PRO A 873 50.75 49.71 88.91
C PRO A 873 49.64 48.89 88.27
N SER A 874 49.43 47.70 88.81
CA SER A 874 48.36 46.83 88.35
C SER A 874 47.07 47.29 89.03
N ASP A 875 46.22 47.96 88.28
CA ASP A 875 45.00 48.54 88.85
C ASP A 875 44.09 47.44 89.37
N GLN A 876 43.31 47.77 90.39
CA GLN A 876 42.51 46.79 91.10
C GLN A 876 41.02 47.07 91.07
N SER A 877 40.59 48.11 90.36
CA SER A 877 39.18 48.47 90.25
C SER A 877 38.55 48.69 91.62
N GLN A 878 37.77 47.72 92.08
CA GLN A 878 37.06 47.83 93.35
C GLN A 878 36.88 46.42 93.90
N SER A 879 35.98 46.28 94.89
CA SER A 879 35.83 45.01 95.59
C SER A 879 35.48 43.87 94.64
N THR A 880 34.59 44.12 93.69
CA THR A 880 34.17 43.09 92.74
C THR A 880 35.14 43.05 91.55
N ARG A 881 36.41 42.87 91.88
CA ARG A 881 37.45 42.62 90.89
C ARG A 881 37.69 41.13 90.65
N LYS A 882 36.94 40.27 91.34
CA LYS A 882 37.03 38.84 91.20
C LYS A 882 35.65 38.27 90.91
N ASP A 883 35.59 37.25 90.07
CA ASP A 883 34.34 36.55 89.81
C ASP A 883 34.50 35.06 90.00
N THR A 884 33.41 34.42 90.43
CA THR A 884 33.37 33.00 90.70
C THR A 884 32.50 32.29 89.66
N VAL A 885 32.95 31.11 89.25
CA VAL A 885 32.25 30.28 88.28
C VAL A 885 32.14 28.87 88.84
N ILE A 886 30.93 28.31 88.75
CA ILE A 886 30.65 26.95 89.17
C ILE A 886 30.02 26.23 87.98
N GLN A 887 30.61 25.10 87.58
CA GLN A 887 30.09 24.36 86.44
C GLN A 887 30.11 22.87 86.73
N THR A 888 29.09 22.17 86.25
CA THR A 888 28.87 20.77 86.59
C THR A 888 28.79 19.91 85.34
N ILE A 889 29.33 18.69 85.44
CA ILE A 889 29.07 17.63 84.47
C ILE A 889 28.79 16.36 85.24
N LEU A 890 28.70 15.24 84.56
CA LEU A 890 28.50 13.95 85.21
C LEU A 890 29.57 12.98 84.77
N VAL A 891 29.84 12.01 85.63
CA VAL A 891 30.86 10.98 85.42
C VAL A 891 30.20 9.63 85.59
N GLN A 892 30.61 8.67 84.77
CA GLN A 892 29.93 7.40 84.62
C GLN A 892 30.73 6.26 85.22
N PRO A 893 30.09 5.12 85.50
CA PRO A 893 30.82 3.96 86.00
C PRO A 893 31.78 3.42 84.94
N GLU A 894 32.79 2.71 85.44
CA GLU A 894 34.03 2.46 84.70
C GLU A 894 33.93 1.31 83.71
N GLY A 895 33.58 0.12 84.20
CA GLY A 895 33.74 -1.09 83.42
C GLY A 895 32.72 -1.28 82.32
N ILE A 896 32.30 -2.52 82.09
CA ILE A 896 31.35 -2.82 81.02
C ILE A 896 29.95 -2.98 81.63
N ARG A 897 28.99 -2.33 81.00
CA ARG A 897 27.62 -2.32 81.49
C ARG A 897 26.87 -3.56 81.04
N LYS A 898 25.92 -4.01 81.86
CA LYS A 898 25.11 -5.17 81.56
C LYS A 898 23.71 -4.97 82.11
N GLU A 899 22.72 -5.37 81.31
CA GLU A 899 21.31 -5.25 81.67
C GLU A 899 20.64 -6.61 81.65
N GLU A 900 19.73 -6.80 82.60
CA GLU A 900 18.88 -7.98 82.65
C GLU A 900 17.46 -7.54 82.97
N THR A 901 16.51 -8.41 82.62
CA THR A 901 15.12 -8.07 82.84
C THR A 901 14.31 -9.34 83.05
N SER A 902 13.14 -9.15 83.64
CA SER A 902 12.15 -10.19 83.76
C SER A 902 10.79 -9.62 83.37
N SER A 903 9.87 -10.51 83.04
CA SER A 903 8.61 -10.12 82.45
C SER A 903 7.48 -10.91 83.11
N ASN A 904 6.28 -10.33 83.07
CA ASN A 904 5.10 -11.09 83.49
C ASN A 904 3.86 -10.44 82.89
N LEU A 905 3.19 -11.16 82.00
CA LEU A 905 1.84 -10.77 81.60
C LEU A 905 0.88 -11.29 82.65
N VAL A 906 0.45 -10.39 83.52
CA VAL A 906 -0.53 -10.72 84.55
C VAL A 906 -1.87 -10.18 84.09
N CYS A 907 -2.83 -11.07 83.89
CA CYS A 907 -4.18 -10.66 83.53
C CYS A 907 -5.13 -11.10 84.64
N VAL A 908 -5.82 -10.12 85.23
CA VAL A 908 -6.70 -10.36 86.36
C VAL A 908 -8.15 -10.20 85.91
N GLU A 909 -8.96 -11.20 86.21
CA GLU A 909 -10.40 -11.15 86.00
C GLU A 909 -11.02 -10.58 87.27
N ASP A 910 -11.35 -9.29 87.23
CA ASP A 910 -12.14 -8.58 88.22
C ASP A 910 -11.88 -9.04 89.65
N SER A 911 -10.61 -9.09 90.05
CA SER A 911 -10.26 -9.63 91.36
C SER A 911 -8.89 -9.07 91.77
N ASN A 912 -8.29 -9.69 92.76
CA ASN A 912 -6.97 -9.31 93.26
C ASN A 912 -5.97 -10.42 92.98
N VAL A 913 -4.78 -10.03 92.53
CA VAL A 913 -3.70 -10.97 92.24
C VAL A 913 -2.39 -10.37 92.73
N GLU A 914 -1.54 -11.20 93.31
CA GLU A 914 -0.30 -10.74 93.93
C GLU A 914 0.86 -11.59 93.44
N MET A 915 2.04 -10.98 93.42
CA MET A 915 3.27 -11.67 93.04
C MET A 915 4.49 -11.01 93.65
N PRO A 916 5.28 -11.74 94.43
CA PRO A 916 6.57 -11.20 94.88
C PRO A 916 7.55 -11.07 93.71
N ILE A 917 8.62 -10.35 93.98
CA ILE A 917 9.62 -10.02 92.97
C ILE A 917 10.99 -10.33 93.53
N ASN A 918 11.70 -11.24 92.86
CA ASN A 918 13.06 -11.65 93.22
C ASN A 918 14.02 -11.06 92.20
N LEU A 919 15.00 -10.29 92.68
CA LEU A 919 15.99 -9.62 91.83
C LEU A 919 17.33 -9.73 92.55
N THR A 920 18.09 -10.76 92.20
CA THR A 920 19.40 -11.02 92.76
C THR A 920 20.46 -10.78 91.70
N LEU A 921 21.60 -10.24 92.12
CA LEU A 921 22.64 -9.79 91.22
C LEU A 921 23.97 -10.44 91.56
N PRO A 922 24.90 -10.50 90.60
CA PRO A 922 26.22 -11.09 90.89
C PRO A 922 27.02 -10.27 91.88
N GLU A 923 28.24 -10.71 92.16
CA GLU A 923 29.02 -10.24 93.31
C GLU A 923 30.05 -9.17 92.97
N ASN A 924 30.89 -9.39 91.95
CA ASN A 924 32.01 -8.50 91.66
C ASN A 924 31.60 -7.19 91.01
N ILE A 925 30.30 -6.88 91.00
CA ILE A 925 29.83 -5.68 90.33
C ILE A 925 30.46 -4.44 90.94
N VAL A 926 30.67 -3.41 90.11
CA VAL A 926 31.08 -2.12 90.63
C VAL A 926 30.03 -1.60 91.60
N GLN A 927 30.49 -1.01 92.70
CA GLN A 927 29.58 -0.47 93.69
C GLN A 927 28.72 0.64 93.10
N GLY A 928 27.47 0.69 93.53
CA GLY A 928 26.57 1.78 93.16
C GLY A 928 26.19 1.82 91.70
N SER A 929 26.82 0.97 90.88
CA SER A 929 26.54 0.98 89.45
C SER A 929 25.10 0.57 89.18
N ALA A 930 24.60 -0.41 89.90
CA ALA A 930 23.30 -1.00 89.58
C ALA A 930 22.18 0.01 89.80
N SER A 931 21.12 -0.17 89.01
CA SER A 931 19.91 0.62 89.09
C SER A 931 18.77 -0.17 88.47
N ALA A 932 17.61 -0.14 89.12
CA ALA A 932 16.50 -0.99 88.72
C ALA A 932 15.21 -0.17 88.60
N PHE A 933 14.33 -0.64 87.74
CA PHE A 933 13.13 0.10 87.40
C PHE A 933 12.11 -0.84 86.76
N VAL A 934 10.83 -0.51 86.95
CA VAL A 934 9.74 -1.37 86.56
C VAL A 934 8.80 -0.62 85.63
N THR A 935 8.27 -1.34 84.65
CA THR A 935 7.49 -0.81 83.54
C THR A 935 6.16 -1.54 83.49
N PHE A 936 5.12 -0.84 83.03
CA PHE A 936 3.75 -1.32 83.18
C PHE A 936 2.97 -0.90 81.96
N VAL A 937 2.60 -1.87 81.10
CA VAL A 937 2.17 -1.49 79.77
C VAL A 937 0.79 -2.03 79.37
N GLY A 938 0.64 -3.34 79.30
CA GLY A 938 -0.41 -3.92 78.48
C GLY A 938 0.00 -3.84 77.02
N ASP A 939 -0.77 -4.39 76.10
CA ASP A 939 -0.41 -4.31 74.69
C ASP A 939 -1.68 -4.37 73.84
N VAL A 940 -1.49 -4.66 72.56
CA VAL A 940 -2.50 -4.88 71.52
C VAL A 940 -3.43 -3.69 71.39
N LEU A 941 -3.76 -3.05 72.50
CA LEU A 941 -4.55 -1.82 72.46
C LEU A 941 -3.73 -0.64 71.95
N GLY A 942 -2.51 -0.88 71.46
CA GLY A 942 -1.58 0.20 71.20
C GLY A 942 -2.03 1.20 70.15
N LEU A 943 -2.04 0.81 68.88
CA LEU A 943 -2.46 1.69 67.80
C LEU A 943 -3.40 0.95 66.85
N PRO A 944 -4.60 0.62 67.30
CA PRO A 944 -5.62 0.12 66.37
C PRO A 944 -6.59 1.18 65.85
N LEU A 945 -6.36 2.46 66.16
CA LEU A 945 -7.27 3.53 65.79
C LEU A 945 -6.64 4.53 64.82
N SER A 946 -5.40 4.96 65.06
CA SER A 946 -4.75 5.90 64.16
C SER A 946 -4.29 5.28 62.89
N ASN A 947 -4.56 3.99 62.76
CA ASN A 947 -4.19 3.20 61.59
C ASN A 947 -5.35 2.95 60.64
N LEU A 948 -6.59 3.04 61.13
CA LEU A 948 -7.72 2.67 60.31
C LEU A 948 -8.08 3.75 59.29
N GLN A 949 -7.94 5.02 59.67
CA GLN A 949 -8.50 6.10 58.86
C GLN A 949 -7.82 6.23 57.51
N ASN A 950 -6.63 5.68 57.35
CA ASN A 950 -5.86 5.83 56.14
C ASN A 950 -5.72 4.54 55.35
N LEU A 951 -6.08 3.39 55.93
CA LEU A 951 -5.92 2.13 55.22
C LEU A 951 -7.22 1.71 54.55
N LEU A 952 -7.73 2.59 53.69
CA LEU A 952 -8.93 2.33 52.92
C LEU A 952 -9.04 3.39 51.85
N GLN A 953 -9.30 2.96 50.62
CA GLN A 953 -9.37 3.88 49.49
C GLN A 953 -9.91 3.14 48.28
N MET A 954 -10.52 3.87 47.38
CA MET A 954 -10.99 3.27 46.13
C MET A 954 -9.78 2.83 45.32
N PRO A 955 -9.73 1.57 44.89
CA PRO A 955 -8.58 1.09 44.11
C PRO A 955 -8.68 1.51 42.65
N TYR A 956 -7.63 2.17 42.18
CA TYR A 956 -7.56 2.65 40.81
C TYR A 956 -6.11 2.63 40.36
N GLY A 957 -5.88 2.27 39.10
CA GLY A 957 -4.54 2.04 38.61
C GLY A 957 -4.44 0.73 37.87
N CYS A 958 -3.32 0.04 37.98
CA CYS A 958 -3.22 -1.26 37.33
C CYS A 958 -3.80 -2.34 38.24
N GLY A 959 -4.07 -3.49 37.63
CA GLY A 959 -4.80 -4.54 38.32
C GLY A 959 -4.05 -5.12 39.50
N GLU A 960 -2.76 -5.41 39.31
CA GLU A 960 -1.98 -6.00 40.40
C GLU A 960 -1.90 -5.08 41.60
N GLN A 961 -1.60 -3.80 41.38
CA GLN A 961 -1.52 -2.87 42.49
C GLN A 961 -2.87 -2.64 43.12
N ASN A 962 -3.94 -2.61 42.32
CA ASN A 962 -5.25 -2.38 42.88
C ASN A 962 -5.71 -3.56 43.73
N LEU A 963 -5.47 -4.78 43.26
CA LEU A 963 -5.80 -5.94 44.06
C LEU A 963 -4.98 -5.98 45.34
N ALA A 964 -3.69 -5.66 45.24
CA ALA A 964 -2.86 -5.60 46.43
C ALA A 964 -3.40 -4.59 47.43
N ARG A 965 -3.68 -3.38 46.96
CA ARG A 965 -4.15 -2.35 47.88
C ARG A 965 -5.51 -2.70 48.47
N MET A 966 -6.35 -3.39 47.72
CA MET A 966 -7.69 -3.68 48.25
C MET A 966 -7.68 -4.87 49.22
N ALA A 967 -6.72 -5.77 49.07
CA ALA A 967 -6.71 -6.96 49.93
C ALA A 967 -6.74 -6.67 51.42
N PRO A 968 -6.01 -5.70 51.96
CA PRO A 968 -5.97 -5.55 53.43
C PRO A 968 -7.26 -5.03 54.05
N ILE A 969 -8.15 -4.42 53.27
CA ILE A 969 -9.34 -3.80 53.85
C ILE A 969 -10.29 -4.81 54.48
N PRO A 970 -10.60 -5.95 53.88
CA PRO A 970 -11.42 -6.93 54.61
C PRO A 970 -10.78 -7.34 55.92
N TYR A 971 -9.46 -7.35 55.96
CA TYR A 971 -8.78 -7.74 57.19
C TYR A 971 -8.89 -6.64 58.23
N VAL A 972 -8.73 -5.38 57.82
CA VAL A 972 -8.92 -4.32 58.79
C VAL A 972 -10.38 -4.25 59.19
N LEU A 973 -11.26 -4.75 58.33
CA LEU A 973 -12.68 -4.79 58.65
C LEU A 973 -12.95 -5.81 59.76
N GLU A 974 -12.41 -7.02 59.61
CA GLU A 974 -12.56 -8.01 60.66
C GLU A 974 -11.86 -7.55 61.93
N TYR A 975 -10.76 -6.81 61.78
CA TYR A 975 -10.13 -6.16 62.92
C TYR A 975 -11.09 -5.18 63.59
N LEU A 976 -11.77 -4.38 62.79
CA LEU A 976 -12.71 -3.40 63.32
C LEU A 976 -13.82 -4.11 64.10
N ASN A 977 -14.27 -5.26 63.60
CA ASN A 977 -15.35 -5.97 64.25
C ASN A 977 -14.89 -6.60 65.56
N ASN A 978 -13.87 -7.46 65.49
CA ASN A 978 -13.47 -8.17 66.71
C ASN A 978 -12.87 -7.23 67.74
N THR A 979 -12.23 -6.14 67.31
CA THR A 979 -11.85 -5.09 68.23
C THR A 979 -13.06 -4.39 68.81
N ASN A 980 -14.22 -4.52 68.17
CA ASN A 980 -15.49 -4.04 68.68
C ASN A 980 -15.56 -2.51 68.72
N GLN A 981 -14.63 -1.85 68.05
CA GLN A 981 -14.76 -0.44 67.70
C GLN A 981 -15.01 -0.40 66.21
N LEU A 982 -16.16 0.15 65.82
CA LEU A 982 -16.66 -0.01 64.47
C LEU A 982 -17.90 0.86 64.30
N THR A 983 -18.19 1.24 63.07
CA THR A 983 -19.44 1.93 62.77
C THR A 983 -19.96 1.59 61.39
N ASP A 984 -21.28 1.68 61.26
CA ASP A 984 -21.98 1.22 60.06
C ASP A 984 -21.56 1.98 58.82
N GLU A 985 -21.27 3.28 58.96
CA GLU A 985 -20.85 4.05 57.79
C GLU A 985 -19.51 3.53 57.27
N LEU A 986 -18.59 3.21 58.18
CA LEU A 986 -17.35 2.57 57.75
C LEU A 986 -17.64 1.22 57.11
N LEU A 987 -18.57 0.46 57.67
CA LEU A 987 -18.90 -0.84 57.09
C LEU A 987 -19.38 -0.69 55.66
N GLN A 988 -20.28 0.25 55.41
CA GLN A 988 -20.85 0.37 54.07
C GLN A 988 -19.85 0.98 53.10
N THR A 989 -19.00 1.89 53.56
CA THR A 989 -17.93 2.37 52.71
C THR A 989 -17.01 1.22 52.32
N ALA A 990 -16.72 0.33 53.27
CA ALA A 990 -15.95 -0.86 52.97
C ALA A 990 -16.67 -1.71 51.95
N VAL A 991 -17.99 -1.85 52.09
CA VAL A 991 -18.76 -2.67 51.16
C VAL A 991 -18.63 -2.11 49.75
N GLN A 992 -18.78 -0.81 49.59
CA GLN A 992 -18.74 -0.26 48.24
C GLN A 992 -17.33 -0.33 47.66
N PHE A 993 -16.30 -0.09 48.50
CA PHE A 993 -14.93 -0.23 48.02
C PHE A 993 -14.66 -1.64 47.55
N LEU A 994 -15.03 -2.64 48.35
CA LEU A 994 -14.86 -4.01 47.92
C LEU A 994 -15.75 -4.33 46.73
N ASN A 995 -16.82 -3.56 46.53
CA ASN A 995 -17.66 -3.75 45.36
C ASN A 995 -16.90 -3.36 44.09
N GLU A 996 -16.26 -2.20 44.10
CA GLU A 996 -15.50 -1.86 42.89
C GLU A 996 -14.29 -2.77 42.75
N GLY A 997 -13.75 -3.25 43.88
CA GLY A 997 -12.71 -4.27 43.78
C GLY A 997 -13.21 -5.52 43.09
N TYR A 998 -14.38 -6.00 43.51
CA TYR A 998 -15.02 -7.14 42.90
C TYR A 998 -15.15 -6.94 41.40
N TYR A 999 -15.91 -5.91 41.01
CA TYR A 999 -16.21 -5.70 39.61
C TYR A 999 -14.95 -5.46 38.79
N ARG A 1000 -14.03 -4.67 39.31
CA ARG A 1000 -13.04 -3.99 38.49
C ARG A 1000 -11.98 -4.93 37.93
N GLN A 1001 -11.43 -5.81 38.74
CA GLN A 1001 -10.37 -6.68 38.24
C GLN A 1001 -10.89 -7.98 37.64
N LEU A 1002 -12.10 -8.41 38.01
CA LEU A 1002 -12.62 -9.65 37.47
C LEU A 1002 -12.62 -9.64 35.95
N ARG A 1003 -12.84 -8.47 35.36
CA ARG A 1003 -12.91 -8.37 33.91
C ARG A 1003 -11.63 -8.84 33.23
N TYR A 1004 -10.51 -8.87 33.96
CA TYR A 1004 -9.26 -9.37 33.40
C TYR A 1004 -9.10 -10.82 33.84
N LYS A 1005 -10.07 -11.65 33.44
CA LYS A 1005 -10.01 -13.08 33.67
C LYS A 1005 -9.86 -13.82 32.35
N LEU A 1006 -8.90 -14.74 32.30
CA LEU A 1006 -8.76 -15.55 31.11
C LEU A 1006 -9.91 -16.53 31.00
N PRO A 1007 -10.28 -16.91 29.77
CA PRO A 1007 -11.28 -17.97 29.62
C PRO A 1007 -10.87 -19.26 30.28
N SER A 1008 -9.56 -19.49 30.39
CA SER A 1008 -9.03 -20.57 31.21
C SER A 1008 -9.27 -20.32 32.69
N GLY A 1009 -9.69 -19.13 33.06
CA GLY A 1009 -9.78 -18.75 34.45
C GLY A 1009 -8.50 -18.18 35.02
N ALA A 1010 -7.44 -18.11 34.22
CA ALA A 1010 -6.19 -17.55 34.69
C ALA A 1010 -6.29 -16.03 34.81
N TYR A 1011 -5.29 -15.45 35.47
CA TYR A 1011 -5.16 -14.00 35.60
C TYR A 1011 -3.72 -13.63 35.32
N ASP A 1012 -3.52 -12.50 34.63
CA ASP A 1012 -2.17 -12.05 34.29
C ASP A 1012 -2.14 -10.53 34.28
N ALA A 1013 -0.98 -9.97 34.66
CA ALA A 1013 -0.83 -8.52 34.67
C ALA A 1013 -0.95 -7.94 33.27
N PHE A 1014 -0.40 -8.62 32.27
CA PHE A 1014 -0.55 -8.19 30.89
C PHE A 1014 -1.98 -8.46 30.43
N TRP A 1015 -2.24 -8.21 29.15
CA TRP A 1015 -3.60 -8.29 28.61
C TRP A 1015 -3.58 -8.99 27.25
N SER A 1016 -2.92 -10.15 27.19
CA SER A 1016 -2.91 -11.00 26.01
C SER A 1016 -3.26 -12.42 26.43
N SER A 1017 -4.31 -12.97 25.84
CA SER A 1017 -4.81 -14.28 26.28
C SER A 1017 -3.80 -15.41 26.13
N PRO A 1018 -3.07 -15.56 25.01
CA PRO A 1018 -2.08 -16.64 24.95
C PRO A 1018 -1.02 -16.53 26.04
N SER A 1019 -0.64 -15.30 26.40
CA SER A 1019 0.21 -15.13 27.57
C SER A 1019 -0.52 -15.59 28.82
N ASP A 1020 0.23 -16.24 29.71
CA ASP A 1020 -0.35 -16.90 30.88
C ASP A 1020 0.63 -16.77 32.03
N GLY A 1021 0.39 -17.55 33.08
CA GLY A 1021 1.31 -17.59 34.20
C GLY A 1021 0.85 -16.75 35.37
N SER A 1022 1.80 -16.12 36.06
CA SER A 1022 1.51 -15.28 37.22
C SER A 1022 0.72 -16.05 38.27
N SER A 1023 1.02 -17.33 38.42
CA SER A 1023 0.24 -18.18 39.31
C SER A 1023 0.21 -17.63 40.72
N TRP A 1024 1.28 -16.94 41.12
CA TRP A 1024 1.27 -16.31 42.43
C TRP A 1024 0.12 -15.33 42.57
N LEU A 1025 0.04 -14.38 41.65
CA LEU A 1025 -1.05 -13.42 41.70
C LEU A 1025 -2.40 -14.12 41.46
N SER A 1026 -2.39 -15.21 40.72
CA SER A 1026 -3.63 -15.95 40.50
C SER A 1026 -4.18 -16.49 41.81
N ALA A 1027 -3.33 -17.20 42.56
CA ALA A 1027 -3.75 -17.69 43.87
C ALA A 1027 -4.03 -16.53 44.82
N TYR A 1028 -3.35 -15.40 44.61
CA TYR A 1028 -3.61 -14.22 45.41
C TYR A 1028 -5.04 -13.77 45.21
N THR A 1029 -5.47 -13.68 43.94
CA THR A 1029 -6.87 -13.42 43.63
C THR A 1029 -7.77 -14.43 44.31
N PHE A 1030 -7.44 -15.71 44.15
CA PHE A 1030 -8.18 -16.81 44.76
C PHE A 1030 -8.48 -16.52 46.21
N LYS A 1031 -7.44 -16.38 47.01
CA LYS A 1031 -7.59 -16.24 48.44
C LYS A 1031 -8.23 -14.92 48.81
N THR A 1032 -7.91 -13.85 48.09
CA THR A 1032 -8.50 -12.55 48.40
C THR A 1032 -10.00 -12.58 48.24
N PHE A 1033 -10.47 -13.05 47.08
CA PHE A 1033 -11.91 -13.15 46.87
C PHE A 1033 -12.53 -14.15 47.83
N GLU A 1034 -11.81 -15.21 48.19
CA GLU A 1034 -12.35 -16.15 49.16
C GLU A 1034 -12.59 -15.46 50.51
N LYS A 1035 -11.63 -14.65 50.95
CA LYS A 1035 -11.81 -13.91 52.18
C LYS A 1035 -12.97 -12.94 52.06
N ALA A 1036 -13.07 -12.27 50.93
CA ALA A 1036 -14.18 -11.33 50.73
C ALA A 1036 -15.53 -12.04 50.74
N LYS A 1037 -15.53 -13.33 50.41
CA LYS A 1037 -16.79 -14.06 50.29
C LYS A 1037 -17.58 -14.02 51.59
N LYS A 1038 -16.90 -14.17 52.72
CA LYS A 1038 -17.64 -14.21 53.98
C LYS A 1038 -18.28 -12.89 54.30
N TYR A 1039 -17.96 -11.83 53.55
CA TYR A 1039 -18.62 -10.56 53.72
C TYR A 1039 -19.35 -10.07 52.49
N ILE A 1040 -19.28 -10.79 51.37
CA ILE A 1040 -20.09 -10.48 50.20
C ILE A 1040 -20.08 -11.67 49.26
N TYR A 1041 -21.10 -11.77 48.43
CA TYR A 1041 -21.24 -12.89 47.51
C TYR A 1041 -20.29 -12.76 46.34
N VAL A 1042 -19.64 -13.87 46.02
CA VAL A 1042 -18.90 -14.04 44.77
C VAL A 1042 -19.26 -15.40 44.21
N ASP A 1043 -19.11 -15.55 42.89
CA ASP A 1043 -19.26 -16.85 42.27
C ASP A 1043 -18.18 -17.81 42.77
N GLY A 1044 -18.57 -19.06 42.94
CA GLY A 1044 -17.61 -20.11 43.31
C GLY A 1044 -17.25 -20.94 42.11
N LYS A 1045 -18.08 -20.87 41.06
CA LYS A 1045 -17.72 -21.48 39.79
C LYS A 1045 -16.43 -20.90 39.25
N ILE A 1046 -16.29 -19.58 39.30
CA ILE A 1046 -15.05 -18.96 38.85
C ILE A 1046 -13.91 -19.43 39.73
N GLN A 1047 -14.16 -19.59 41.03
CA GLN A 1047 -13.13 -20.09 41.93
C GLN A 1047 -12.68 -21.48 41.52
N GLN A 1048 -13.63 -22.34 41.17
CA GLN A 1048 -13.28 -23.70 40.82
C GLN A 1048 -12.54 -23.75 39.48
N GLN A 1049 -12.93 -22.91 38.53
CA GLN A 1049 -12.17 -22.82 37.29
C GLN A 1049 -10.77 -22.28 37.55
N THR A 1050 -10.63 -21.39 38.52
CA THR A 1050 -9.31 -20.92 38.90
C THR A 1050 -8.48 -22.08 39.43
N LEU A 1051 -9.09 -22.90 40.29
CA LEU A 1051 -8.45 -24.13 40.72
C LEU A 1051 -8.02 -24.95 39.52
N LEU A 1052 -8.90 -25.06 38.53
CA LEU A 1052 -8.61 -25.83 37.33
C LEU A 1052 -7.37 -25.29 36.65
N TYR A 1053 -7.28 -23.97 36.50
CA TYR A 1053 -6.12 -23.39 35.85
C TYR A 1053 -4.85 -23.69 36.65
N LEU A 1054 -4.92 -23.49 37.95
CA LEU A 1054 -3.70 -23.56 38.75
C LEU A 1054 -3.18 -24.99 38.86
N GLN A 1055 -4.09 -25.97 38.95
CA GLN A 1055 -3.65 -27.35 39.14
C GLN A 1055 -2.80 -27.83 37.98
N THR A 1056 -2.87 -27.14 36.84
CA THR A 1056 -1.97 -27.42 35.73
C THR A 1056 -0.51 -27.34 36.17
N SER A 1057 -0.22 -26.50 37.15
CA SER A 1057 1.14 -26.29 37.63
C SER A 1057 1.64 -27.41 38.54
N GLN A 1058 0.76 -28.30 38.97
CA GLN A 1058 1.10 -29.34 39.94
C GLN A 1058 1.50 -30.65 39.28
N LYS A 1059 1.59 -30.71 37.96
CA LYS A 1059 1.82 -31.97 37.25
C LYS A 1059 3.26 -32.45 37.45
N LEU A 1060 3.62 -32.64 38.72
CA LEU A 1060 4.89 -33.22 39.09
C LEU A 1060 4.66 -34.23 40.19
N ASP A 1061 5.13 -35.45 39.98
CA ASP A 1061 4.90 -36.49 40.97
C ASP A 1061 5.85 -36.33 42.14
N ASN A 1062 7.15 -36.48 41.89
CA ASN A 1062 8.13 -36.18 42.94
C ASN A 1062 8.30 -34.68 43.12
N GLY A 1063 8.28 -33.94 42.02
CA GLY A 1063 8.48 -32.51 42.09
C GLY A 1063 7.30 -31.72 42.57
N CYS A 1064 6.23 -32.40 42.99
CA CYS A 1064 4.99 -31.78 43.45
C CYS A 1064 4.59 -30.60 42.57
N PHE A 1065 5.08 -29.40 42.90
CA PHE A 1065 4.74 -28.19 42.17
C PHE A 1065 6.00 -27.44 41.74
N LYS A 1066 5.93 -26.79 40.58
CA LYS A 1066 7.04 -26.00 40.05
C LYS A 1066 6.59 -24.56 39.91
N ALA A 1067 7.35 -23.63 40.48
CA ALA A 1067 6.99 -22.22 40.43
C ALA A 1067 7.66 -21.54 39.23
N GLU A 1068 7.03 -20.45 38.79
CA GLU A 1068 7.56 -19.66 37.68
C GLU A 1068 7.43 -18.19 38.04
N GLY A 1069 8.56 -17.48 38.10
CA GLY A 1069 8.52 -16.08 38.44
C GLY A 1069 9.09 -15.16 37.37
N ASN A 1070 8.21 -14.39 36.72
CA ASN A 1070 8.61 -13.38 35.74
C ASN A 1070 7.49 -12.33 35.73
N LEU A 1071 7.70 -11.25 36.49
CA LEU A 1071 6.69 -10.21 36.62
C LEU A 1071 7.41 -8.90 36.90
N PHE A 1072 6.62 -7.87 37.24
CA PHE A 1072 7.17 -6.54 37.46
C PHE A 1072 7.75 -6.38 38.86
N MET A 1073 7.44 -7.29 39.78
CA MET A 1073 8.01 -7.27 41.12
C MET A 1073 7.89 -8.66 41.72
N ARG A 1074 9.00 -9.37 41.85
CA ARG A 1074 9.01 -10.72 42.40
C ARG A 1074 8.79 -10.67 43.90
N GLN A 1075 8.90 -11.82 44.55
CA GLN A 1075 8.62 -11.98 45.97
C GLN A 1075 9.90 -12.16 46.77
N CYS A 1076 9.77 -12.13 48.09
CA CYS A 1076 10.94 -12.17 48.97
C CYS A 1076 11.69 -13.50 48.84
N GLY A 1077 11.00 -14.54 48.35
CA GLY A 1077 11.67 -15.81 48.16
C GLY A 1077 12.78 -15.72 47.14
N GLN A 1078 13.78 -16.57 47.30
CA GLN A 1078 14.92 -16.61 46.39
C GLN A 1078 14.73 -17.69 45.34
N GLU A 1079 13.48 -17.84 44.89
CA GLU A 1079 13.13 -18.65 43.73
C GLU A 1079 13.49 -20.13 43.96
N ARG A 1080 12.83 -20.72 44.94
CA ARG A 1080 12.87 -22.15 45.16
C ARG A 1080 11.44 -22.66 45.25
N ASP A 1081 11.06 -23.52 44.30
CA ASP A 1081 9.65 -23.84 44.08
C ASP A 1081 9.01 -24.47 45.30
N LEU A 1082 9.81 -25.02 46.20
CA LEU A 1082 9.26 -25.59 47.44
C LEU A 1082 8.60 -24.52 48.29
N CYS A 1083 9.23 -23.34 48.38
CA CYS A 1083 8.67 -22.26 49.18
C CYS A 1083 7.30 -21.84 48.66
N PHE A 1084 7.21 -21.51 47.39
CA PHE A 1084 5.96 -21.01 46.85
C PHE A 1084 4.95 -22.13 46.72
N THR A 1085 5.42 -23.38 46.64
CA THR A 1085 4.55 -24.52 46.77
C THR A 1085 3.83 -24.49 48.11
N ALA A 1086 4.60 -24.30 49.19
CA ALA A 1086 3.98 -24.19 50.51
C ALA A 1086 3.06 -22.99 50.59
N TYR A 1087 3.43 -21.88 49.94
CA TYR A 1087 2.54 -20.72 49.89
C TYR A 1087 1.21 -21.07 49.24
N LEU A 1088 1.26 -21.76 48.12
CA LEU A 1088 0.05 -22.22 47.48
C LEU A 1088 -0.75 -23.11 48.41
N ALA A 1089 -0.06 -24.01 49.10
CA ALA A 1089 -0.74 -24.94 50.00
C ALA A 1089 -1.46 -24.19 51.11
N ILE A 1090 -0.80 -23.21 51.72
CA ILE A 1090 -1.39 -22.50 52.84
C ILE A 1090 -2.57 -21.66 52.36
N ALA A 1091 -2.45 -21.07 51.18
CA ALA A 1091 -3.60 -20.41 50.59
C ALA A 1091 -4.74 -21.39 50.40
N LEU A 1092 -4.41 -22.60 49.97
CA LEU A 1092 -5.42 -23.63 49.75
C LEU A 1092 -6.15 -23.98 51.03
N LEU A 1093 -5.40 -24.15 52.11
CA LEU A 1093 -5.92 -24.85 53.28
C LEU A 1093 -7.10 -24.11 53.88
N GLU A 1094 -7.07 -22.78 53.85
CA GLU A 1094 -8.11 -21.96 54.46
C GLU A 1094 -9.41 -21.95 53.67
N SER A 1095 -9.58 -22.86 52.70
CA SER A 1095 -10.70 -22.76 51.76
C SER A 1095 -11.99 -23.31 52.36
N ASN A 1096 -13.02 -23.34 51.52
CA ASN A 1096 -14.33 -23.88 51.83
C ASN A 1096 -14.45 -25.34 51.41
N TYR A 1097 -13.46 -26.15 51.80
CA TYR A 1097 -13.44 -27.54 51.39
C TYR A 1097 -12.75 -28.37 52.47
N SER A 1098 -12.98 -29.67 52.43
CA SER A 1098 -12.47 -30.59 53.43
C SER A 1098 -11.21 -31.30 52.92
N SER A 1099 -10.74 -32.29 53.67
CA SER A 1099 -9.47 -32.93 53.38
C SER A 1099 -9.45 -33.66 52.04
N GLY A 1100 -10.62 -33.95 51.47
CA GLY A 1100 -10.67 -34.70 50.23
C GLY A 1100 -10.27 -33.90 49.01
N MET A 1101 -9.13 -33.23 49.10
CA MET A 1101 -8.56 -32.48 47.98
C MET A 1101 -7.14 -33.01 47.80
N THR A 1102 -6.94 -33.89 46.83
CA THR A 1102 -5.65 -34.55 46.67
C THR A 1102 -4.51 -33.55 46.53
N LEU A 1103 -4.83 -32.30 46.25
CA LEU A 1103 -3.85 -31.23 46.39
C LEU A 1103 -3.27 -31.26 47.79
N LEU A 1104 -4.13 -31.40 48.80
CA LEU A 1104 -3.63 -31.63 50.15
C LEU A 1104 -2.70 -32.84 50.19
N ASP A 1105 -3.10 -33.93 49.53
CA ASP A 1105 -2.35 -35.17 49.60
C ASP A 1105 -0.92 -34.98 49.10
N ASP A 1106 -0.79 -34.61 47.83
CA ASP A 1106 0.55 -34.50 47.25
C ASP A 1106 1.31 -33.32 47.84
N ALA A 1107 0.62 -32.27 48.28
CA ALA A 1107 1.30 -31.19 48.98
C ALA A 1107 1.99 -31.71 50.23
N LEU A 1108 1.25 -32.41 51.08
CA LEU A 1108 1.85 -32.94 52.30
C LEU A 1108 2.91 -33.98 51.99
N GLY A 1109 2.74 -34.76 50.93
CA GLY A 1109 3.79 -35.70 50.56
C GLY A 1109 5.08 -34.99 50.20
N CYS A 1110 5.00 -33.98 49.35
CA CYS A 1110 6.19 -33.22 48.98
C CYS A 1110 6.77 -32.52 50.22
N LEU A 1111 5.91 -32.07 51.12
CA LEU A 1111 6.37 -31.51 52.38
C LEU A 1111 7.22 -32.51 53.13
N GLU A 1112 6.60 -33.62 53.56
CA GLU A 1112 7.32 -34.61 54.37
C GLU A 1112 8.59 -35.06 53.68
N ALA A 1113 8.60 -35.07 52.34
CA ALA A 1113 9.85 -35.31 51.64
C ALA A 1113 10.87 -34.23 51.97
N ALA A 1114 10.48 -32.97 51.87
CA ALA A 1114 11.41 -31.87 52.08
C ALA A 1114 11.78 -31.65 53.53
N MET A 1115 11.00 -32.20 54.47
CA MET A 1115 11.12 -31.78 55.86
C MET A 1115 12.43 -32.26 56.47
N SER A 1116 12.61 -33.57 56.59
CA SER A 1116 13.75 -34.13 57.30
C SER A 1116 15.06 -33.95 56.55
N SER A 1117 15.02 -33.49 55.29
CA SER A 1117 16.21 -33.44 54.47
C SER A 1117 16.96 -32.12 54.61
N ALA A 1118 16.31 -31.01 54.27
CA ALA A 1118 17.02 -29.76 54.08
C ALA A 1118 16.02 -28.61 54.21
N SER A 1119 16.41 -27.45 53.66
CA SER A 1119 15.61 -26.24 53.43
C SER A 1119 16.04 -25.13 54.38
N THR A 1120 15.54 -23.92 54.13
CA THR A 1120 15.89 -22.75 54.91
C THR A 1120 14.88 -22.55 56.03
N LEU A 1121 15.17 -21.56 56.87
CA LEU A 1121 14.42 -21.38 58.11
C LEU A 1121 12.97 -21.01 57.83
N TYR A 1122 12.74 -20.04 56.95
CA TYR A 1122 11.40 -19.48 56.82
C TYR A 1122 10.43 -20.39 56.10
N PHE A 1123 10.92 -21.23 55.18
CA PHE A 1123 10.08 -22.32 54.69
C PHE A 1123 9.59 -23.20 55.84
N LYS A 1124 10.51 -23.65 56.68
CA LYS A 1124 10.12 -24.45 57.83
C LYS A 1124 9.11 -23.70 58.68
N SER A 1125 9.29 -22.38 58.82
CA SER A 1125 8.35 -21.58 59.59
C SER A 1125 6.95 -21.66 59.00
N TYR A 1126 6.86 -21.55 57.68
CA TYR A 1126 5.55 -21.68 57.04
C TYR A 1126 4.96 -23.05 57.32
N THR A 1127 5.78 -24.09 57.14
CA THR A 1127 5.34 -25.45 57.41
C THR A 1127 4.82 -25.60 58.82
N VAL A 1128 5.33 -24.80 59.75
CA VAL A 1128 4.84 -24.86 61.13
C VAL A 1128 3.34 -24.65 61.14
N TYR A 1129 2.89 -23.47 60.70
CA TYR A 1129 1.46 -23.21 60.71
C TYR A 1129 0.72 -24.18 59.81
N VAL A 1130 1.39 -24.64 58.74
CA VAL A 1130 0.79 -25.64 57.88
C VAL A 1130 0.36 -26.86 58.70
N PHE A 1131 1.26 -27.35 59.52
CA PHE A 1131 0.94 -28.51 60.34
C PHE A 1131 0.02 -28.16 61.51
N THR A 1132 0.07 -26.91 61.99
CA THR A 1132 -0.81 -26.50 63.08
C THR A 1132 -2.27 -26.57 62.64
N LEU A 1133 -2.58 -26.03 61.46
CA LEU A 1133 -3.97 -25.95 61.05
C LEU A 1133 -4.56 -27.34 60.84
N VAL A 1134 -3.79 -28.26 60.27
CA VAL A 1134 -4.21 -29.65 60.20
C VAL A 1134 -4.04 -30.33 61.54
N GLN A 1135 -3.29 -29.70 62.44
CA GLN A 1135 -3.08 -30.18 63.81
C GLN A 1135 -2.35 -31.53 63.81
N ASN A 1136 -1.39 -31.67 62.89
CA ASN A 1136 -0.45 -32.78 62.93
C ASN A 1136 0.65 -32.41 63.93
N TRP A 1137 0.28 -32.47 65.20
CA TRP A 1137 0.95 -31.73 66.26
C TRP A 1137 2.17 -32.41 66.83
N GLU A 1138 2.74 -33.43 66.17
CA GLU A 1138 4.02 -33.93 66.66
C GLU A 1138 5.18 -33.36 65.86
N ILE A 1139 5.07 -33.33 64.52
CA ILE A 1139 6.06 -32.60 63.74
C ILE A 1139 6.03 -31.13 64.11
N ARG A 1140 4.86 -30.62 64.52
CA ARG A 1140 4.77 -29.21 64.85
C ARG A 1140 5.70 -28.87 66.00
N ASN A 1141 5.73 -29.69 67.04
CA ASN A 1141 6.70 -29.47 68.10
C ASN A 1141 8.10 -29.80 67.61
N THR A 1142 8.22 -30.87 66.81
CA THR A 1142 9.51 -31.34 66.34
C THR A 1142 10.28 -30.21 65.67
N LEU A 1143 9.56 -29.31 65.02
CA LEU A 1143 10.20 -28.17 64.38
C LEU A 1143 10.06 -26.88 65.16
N LEU A 1144 9.03 -26.77 66.00
CA LEU A 1144 8.87 -25.59 66.84
C LEU A 1144 10.01 -25.46 67.83
N ASN A 1145 10.63 -26.58 68.20
CA ASN A 1145 11.79 -26.49 69.07
C ASN A 1145 12.87 -25.61 68.45
N GLU A 1146 13.25 -25.93 67.21
CA GLU A 1146 14.24 -25.12 66.50
C GLU A 1146 13.72 -23.72 66.25
N LEU A 1147 12.44 -23.62 65.86
CA LEU A 1147 11.79 -22.34 65.67
C LEU A 1147 12.04 -21.43 66.85
N LYS A 1148 11.60 -21.86 68.03
CA LYS A 1148 11.80 -21.11 69.25
C LYS A 1148 13.27 -20.85 69.53
N SER A 1149 14.12 -21.85 69.27
CA SER A 1149 15.54 -21.71 69.54
C SER A 1149 16.14 -20.55 68.76
N LYS A 1150 15.61 -20.28 67.58
CA LYS A 1150 16.23 -19.21 66.82
C LYS A 1150 15.83 -17.83 67.28
N VAL A 1151 15.28 -17.71 68.49
CA VAL A 1151 14.85 -16.42 69.01
C VAL A 1151 16.05 -15.49 69.16
N VAL A 1152 15.75 -14.20 69.25
CA VAL A 1152 16.72 -13.16 69.57
C VAL A 1152 16.13 -12.31 70.69
N SER A 1153 16.97 -11.93 71.64
CA SER A 1153 16.56 -11.14 72.78
C SER A 1153 16.84 -9.67 72.52
N GLU A 1154 15.85 -8.82 72.79
CA GLU A 1154 15.95 -7.39 72.62
C GLU A 1154 15.37 -6.76 73.88
N ARG A 1155 15.23 -5.43 73.88
CA ARG A 1155 14.90 -4.72 75.11
C ARG A 1155 13.54 -5.14 75.64
N GLY A 1156 13.55 -5.93 76.70
CA GLY A 1156 12.32 -6.44 77.29
C GLY A 1156 11.47 -7.18 76.28
N THR A 1157 12.12 -7.74 75.26
CA THR A 1157 11.41 -8.27 74.11
C THR A 1157 12.16 -9.47 73.55
N LEU A 1158 11.42 -10.27 72.78
CA LEU A 1158 11.98 -11.40 72.05
C LEU A 1158 11.38 -11.40 70.64
N HIS A 1159 12.21 -11.67 69.64
CA HIS A 1159 11.68 -11.84 68.29
C HIS A 1159 12.77 -12.41 67.40
N TRP A 1160 12.42 -12.64 66.14
CA TRP A 1160 13.31 -13.26 65.17
C TRP A 1160 13.74 -12.25 64.11
N GLU A 1161 15.05 -12.19 63.86
CA GLU A 1161 15.62 -11.36 62.82
C GLU A 1161 16.19 -12.26 61.72
N ARG A 1162 15.93 -11.89 60.47
CA ARG A 1162 16.36 -12.72 59.36
C ARG A 1162 17.88 -12.79 59.31
N GLU A 1163 18.39 -13.96 58.92
CA GLU A 1163 19.83 -14.12 58.75
C GLU A 1163 20.26 -13.37 57.50
N ASP A 1164 21.37 -12.64 57.60
CA ASP A 1164 21.84 -11.77 56.53
C ASP A 1164 23.14 -12.27 55.89
N LYS A 1165 23.22 -13.57 55.57
CA LYS A 1165 24.44 -14.14 55.03
C LYS A 1165 24.96 -13.35 53.83
N LEU A 1166 24.08 -13.07 52.86
CA LEU A 1166 24.48 -12.28 51.72
C LEU A 1166 24.56 -10.80 52.09
N GLY A 1167 25.58 -10.13 51.56
CA GLY A 1167 25.80 -8.73 51.86
C GLY A 1167 24.87 -7.79 51.12
N GLN A 1168 25.38 -6.62 50.77
CA GLN A 1168 24.58 -5.63 50.05
C GLN A 1168 24.17 -6.16 48.69
N GLU A 1169 23.19 -5.48 48.09
CA GLU A 1169 22.68 -5.91 46.79
C GLU A 1169 23.76 -5.74 45.72
N GLY A 1170 23.82 -6.69 44.81
CA GLY A 1170 24.76 -6.69 43.71
C GLY A 1170 24.06 -6.77 42.37
N ILE A 1171 24.76 -7.34 41.40
CA ILE A 1171 24.16 -7.52 40.08
C ILE A 1171 22.92 -8.41 40.12
N PRO A 1172 22.95 -9.60 40.78
CA PRO A 1172 21.70 -10.38 40.87
C PRO A 1172 20.84 -9.98 42.05
N LEU A 1173 21.44 -9.47 43.11
CA LEU A 1173 20.73 -9.10 44.32
C LEU A 1173 20.07 -7.74 44.13
N TYR A 1174 18.75 -7.70 44.21
CA TYR A 1174 18.00 -6.49 43.90
C TYR A 1174 17.02 -6.07 44.98
N TYR A 1175 16.36 -7.03 45.64
CA TYR A 1175 15.29 -6.70 46.58
C TYR A 1175 15.73 -6.96 48.01
N PRO A 1176 15.93 -5.91 48.82
CA PRO A 1176 16.31 -6.12 50.23
C PRO A 1176 15.15 -6.56 51.09
N ASN A 1177 14.92 -7.87 51.18
CA ASN A 1177 13.76 -8.43 51.88
C ASN A 1177 14.04 -8.76 53.35
N TYR A 1178 14.89 -7.98 54.01
CA TYR A 1178 15.23 -8.15 55.43
C TYR A 1178 14.03 -7.96 56.35
N SER A 1179 13.52 -6.72 56.42
CA SER A 1179 12.47 -6.40 57.38
C SER A 1179 11.14 -7.07 57.06
N PRO A 1180 10.63 -7.06 55.82
CA PRO A 1180 9.36 -7.77 55.58
C PRO A 1180 9.45 -9.26 55.88
N ALA A 1181 10.57 -9.90 55.58
CA ALA A 1181 10.68 -11.34 55.86
C ALA A 1181 10.71 -11.60 57.36
N GLU A 1182 11.46 -10.80 58.13
CA GLU A 1182 11.44 -11.03 59.56
C GLU A 1182 10.06 -10.73 60.13
N VAL A 1183 9.36 -9.76 59.55
CA VAL A 1183 8.00 -9.46 60.00
C VAL A 1183 7.08 -10.64 59.74
N GLU A 1184 7.13 -11.19 58.53
CA GLU A 1184 6.25 -12.31 58.20
C GLU A 1184 6.57 -13.51 59.07
N ILE A 1185 7.85 -13.71 59.38
CA ILE A 1185 8.22 -14.84 60.23
C ILE A 1185 7.66 -14.63 61.63
N THR A 1186 7.79 -13.41 62.16
CA THR A 1186 7.21 -13.12 63.46
C THR A 1186 5.72 -13.41 63.46
N ALA A 1187 5.02 -12.97 62.42
CA ALA A 1187 3.57 -13.15 62.38
C ALA A 1187 3.19 -14.62 62.29
N TYR A 1188 3.90 -15.37 61.46
CA TYR A 1188 3.57 -16.78 61.30
C TYR A 1188 3.85 -17.55 62.58
N MET A 1189 4.93 -17.20 63.28
CA MET A 1189 5.16 -17.76 64.60
C MET A 1189 4.02 -17.40 65.53
N LEU A 1190 3.56 -16.14 65.47
CA LEU A 1190 2.44 -15.72 66.28
C LEU A 1190 1.28 -16.68 66.09
N LEU A 1191 0.90 -16.87 64.84
CA LEU A 1191 -0.25 -17.71 64.51
C LEU A 1191 -0.05 -19.13 64.99
N SER A 1192 1.13 -19.70 64.72
CA SER A 1192 1.37 -21.09 65.06
C SER A 1192 1.27 -21.30 66.57
N ILE A 1193 2.03 -20.50 67.33
CA ILE A 1193 1.91 -20.55 68.78
C ILE A 1193 0.58 -19.97 69.25
N ALA A 1194 -0.12 -19.21 68.41
CA ALA A 1194 -1.45 -18.77 68.80
C ALA A 1194 -2.36 -19.96 69.08
N LYS A 1195 -2.03 -21.13 68.54
CA LYS A 1195 -2.76 -22.35 68.80
C LYS A 1195 -1.79 -23.50 69.08
N GLY A 1196 -1.58 -23.77 70.36
CA GLY A 1196 -1.07 -25.06 70.76
C GLY A 1196 -2.10 -26.15 70.51
N SER A 1197 -1.64 -27.40 70.52
CA SER A 1197 -2.51 -28.49 70.09
C SER A 1197 -3.75 -28.57 70.98
N ASP A 1198 -3.60 -29.01 72.22
CA ASP A 1198 -4.62 -28.78 73.23
C ASP A 1198 -4.45 -27.45 73.98
N PRO A 1199 -3.30 -27.20 74.60
CA PRO A 1199 -3.26 -26.21 75.69
C PRO A 1199 -2.88 -24.82 75.23
N THR A 1200 -3.41 -23.84 75.96
CA THR A 1200 -3.04 -22.42 75.80
C THR A 1200 -2.98 -21.78 77.20
N HIS A 1201 -1.83 -21.89 77.86
CA HIS A 1201 -1.62 -21.15 79.10
C HIS A 1201 -0.40 -20.23 79.05
N ASP A 1202 0.78 -20.75 78.81
CA ASP A 1202 1.99 -19.94 78.77
C ASP A 1202 2.18 -19.29 77.42
N ASP A 1203 1.20 -19.47 76.53
CA ASP A 1203 1.15 -18.65 75.34
C ASP A 1203 1.24 -17.19 75.68
N LEU A 1204 0.62 -16.78 76.80
CA LEU A 1204 0.76 -15.40 77.25
C LEU A 1204 2.21 -15.07 77.52
N THR A 1205 2.92 -15.98 78.19
CA THR A 1205 4.33 -15.76 78.47
C THR A 1205 5.12 -15.59 77.18
N TYR A 1206 4.88 -16.48 76.22
CA TYR A 1206 5.64 -16.46 74.97
C TYR A 1206 5.19 -15.35 74.06
N MET A 1207 4.05 -14.75 74.34
CA MET A 1207 3.31 -13.95 73.40
C MET A 1207 3.29 -12.48 73.70
N ALA A 1208 3.27 -12.10 74.97
CA ALA A 1208 3.20 -10.68 75.30
C ALA A 1208 4.37 -9.94 74.70
N GLN A 1209 5.59 -10.42 74.95
CA GLN A 1209 6.79 -9.71 74.53
C GLN A 1209 6.83 -9.60 73.01
N ILE A 1210 6.44 -10.65 72.30
CA ILE A 1210 6.56 -10.64 70.86
C ILE A 1210 5.49 -9.76 70.22
N SER A 1211 4.27 -9.81 70.76
CA SER A 1211 3.25 -8.85 70.35
C SER A 1211 3.76 -7.43 70.58
N VAL A 1212 4.39 -7.19 71.72
CA VAL A 1212 4.89 -5.86 72.04
C VAL A 1212 5.96 -5.42 71.05
N TRP A 1213 6.87 -6.33 70.69
CA TRP A 1213 7.88 -5.99 69.70
C TRP A 1213 7.21 -5.55 68.41
N LEU A 1214 6.23 -6.31 67.96
CA LEU A 1214 5.50 -5.97 66.75
C LEU A 1214 4.84 -4.60 66.86
N ILE A 1215 4.17 -4.36 67.98
CA ILE A 1215 3.46 -3.10 68.17
C ILE A 1215 4.44 -1.94 68.14
N GLN A 1216 5.53 -2.06 68.88
CA GLN A 1216 6.53 -1.00 68.91
C GLN A 1216 7.07 -0.72 67.52
N GLN A 1217 7.33 -1.78 66.75
CA GLN A 1217 7.78 -1.56 65.39
C GLN A 1217 6.58 -1.32 64.49
N GLN A 1218 5.66 -0.48 64.95
CA GLN A 1218 4.61 0.01 64.10
C GLN A 1218 5.18 0.99 63.08
N ASN A 1219 4.39 1.27 62.06
CA ASN A 1219 4.75 2.23 61.03
C ASN A 1219 3.71 3.35 61.03
N SER A 1220 4.17 4.58 61.27
CA SER A 1220 3.27 5.72 61.20
C SER A 1220 2.86 6.07 59.77
N TYR A 1221 3.50 5.45 58.77
CA TYR A 1221 3.16 5.74 57.38
C TYR A 1221 1.74 5.35 57.05
N GLY A 1222 1.26 4.23 57.59
CA GLY A 1222 0.02 3.63 57.16
C GLY A 1222 0.32 2.45 56.27
N GLY A 1223 0.15 1.25 56.81
CA GLY A 1223 0.74 0.08 56.19
C GLY A 1223 2.20 -0.03 56.55
N PHE A 1224 2.90 -0.90 55.81
CA PHE A 1224 4.31 -1.12 56.09
C PHE A 1224 5.05 -1.21 54.76
N ARG A 1225 6.29 -1.69 54.81
CA ARG A 1225 7.15 -1.69 53.63
C ARG A 1225 6.55 -2.49 52.48
N SER A 1226 5.72 -3.48 52.78
CA SER A 1226 5.06 -4.25 51.74
C SER A 1226 3.63 -4.53 52.20
N THR A 1227 3.00 -5.49 51.53
CA THR A 1227 1.62 -5.86 51.82
C THR A 1227 1.51 -7.13 52.64
N GLN A 1228 2.13 -8.21 52.16
CA GLN A 1228 1.98 -9.53 52.78
C GLN A 1228 2.27 -9.45 54.28
N ASP A 1229 3.29 -8.66 54.64
CA ASP A 1229 3.63 -8.46 56.04
C ASP A 1229 2.44 -7.92 56.82
N THR A 1230 1.84 -6.83 56.34
CA THR A 1230 0.70 -6.25 57.03
C THR A 1230 -0.46 -7.23 57.07
N VAL A 1231 -0.68 -7.96 55.98
CA VAL A 1231 -1.76 -8.92 55.92
C VAL A 1231 -1.64 -9.92 57.06
N VAL A 1232 -0.56 -10.70 57.05
CA VAL A 1232 -0.41 -11.75 58.04
C VAL A 1232 -0.31 -11.16 59.43
N ALA A 1233 0.30 -9.99 59.56
CA ALA A 1233 0.35 -9.31 60.83
C ALA A 1233 -1.04 -9.12 61.38
N LEU A 1234 -1.83 -8.28 60.71
CA LEU A 1234 -3.16 -7.97 61.23
C LEU A 1234 -4.00 -9.22 61.41
N GLN A 1235 -3.75 -10.26 60.61
CA GLN A 1235 -4.34 -11.56 60.91
C GLN A 1235 -4.04 -11.96 62.34
N ALA A 1236 -2.76 -12.04 62.68
CA ALA A 1236 -2.36 -12.52 63.99
C ALA A 1236 -2.80 -11.56 65.10
N LEU A 1237 -2.70 -10.25 64.84
CA LEU A 1237 -3.19 -9.27 65.79
C LEU A 1237 -4.66 -9.49 66.10
N ALA A 1238 -5.47 -9.70 65.06
CA ALA A 1238 -6.89 -9.92 65.26
C ALA A 1238 -7.14 -11.18 66.07
N PHE A 1239 -6.42 -12.26 65.74
CA PHE A 1239 -6.67 -13.52 66.44
C PHE A 1239 -6.24 -13.41 67.89
N TYR A 1240 -5.10 -12.76 68.13
CA TYR A 1240 -4.69 -12.41 69.48
C TYR A 1240 -5.78 -11.65 70.22
N ALA A 1241 -6.32 -10.62 69.58
CA ALA A 1241 -7.31 -9.80 70.24
C ALA A 1241 -8.54 -10.61 70.62
N GLN A 1242 -8.98 -11.49 69.71
CA GLN A 1242 -10.22 -12.23 69.95
C GLN A 1242 -10.03 -13.30 71.00
N LEU A 1243 -8.88 -13.98 71.03
CA LEU A 1243 -8.60 -14.83 72.19
C LEU A 1243 -8.35 -13.98 73.43
N LEU A 1244 -8.20 -12.67 73.23
CA LEU A 1244 -8.08 -11.69 74.30
C LEU A 1244 -9.15 -10.64 74.03
N PHE A 1245 -8.93 -9.40 74.47
CA PHE A 1245 -9.89 -8.30 74.49
C PHE A 1245 -11.06 -8.56 75.44
N LYS A 1246 -10.77 -8.60 76.73
CA LYS A 1246 -11.76 -8.27 77.74
C LYS A 1246 -12.00 -6.77 77.63
N SER A 1247 -13.27 -6.36 77.58
CA SER A 1247 -13.58 -4.98 77.25
C SER A 1247 -13.10 -4.03 78.34
N ASN A 1248 -13.64 -4.15 79.54
CA ASN A 1248 -13.26 -3.28 80.63
C ASN A 1248 -11.94 -3.70 81.23
N ALA A 1249 -11.15 -2.72 81.69
CA ALA A 1249 -9.87 -2.98 82.33
C ALA A 1249 -9.74 -2.22 83.64
N HIS A 1250 -10.84 -2.10 84.38
CA HIS A 1250 -10.84 -1.48 85.70
C HIS A 1250 -9.68 -2.03 86.50
N HIS A 1251 -8.73 -1.18 86.89
CA HIS A 1251 -7.52 -1.71 87.49
C HIS A 1251 -6.88 -0.76 88.47
N ASN A 1252 -6.30 -1.32 89.52
CA ASN A 1252 -5.40 -0.61 90.42
C ASN A 1252 -4.31 -1.57 90.86
N VAL A 1253 -3.11 -1.03 91.04
CA VAL A 1253 -1.95 -1.84 91.38
C VAL A 1253 -1.20 -1.18 92.53
N PHE A 1254 -0.51 -2.00 93.31
CA PHE A 1254 0.17 -1.54 94.52
C PHE A 1254 1.44 -2.36 94.71
N LEU A 1255 2.57 -1.67 94.72
CA LEU A 1255 3.88 -2.27 94.90
C LEU A 1255 4.37 -2.03 96.33
N ARG A 1256 5.03 -3.05 96.87
CA ARG A 1256 5.59 -3.01 98.21
C ARG A 1256 6.96 -3.69 98.19
N SER A 1257 7.65 -3.64 99.31
CA SER A 1257 8.87 -4.40 99.53
C SER A 1257 8.66 -5.35 100.71
N GLU A 1258 9.74 -5.98 101.14
CA GLU A 1258 9.68 -6.84 102.32
C GLU A 1258 9.39 -6.05 103.59
N TYR A 1259 9.54 -4.72 103.55
CA TYR A 1259 9.44 -3.91 104.77
C TYR A 1259 8.63 -2.63 104.58
N GLY A 1260 7.97 -2.44 103.43
CA GLY A 1260 7.09 -1.30 103.32
C GLY A 1260 7.22 -0.36 102.15
N ASP A 1261 7.80 -0.79 101.02
CA ASP A 1261 7.75 0.05 99.84
C ASP A 1261 6.31 0.31 99.44
N VAL A 1262 6.10 1.39 98.69
CA VAL A 1262 4.74 1.85 98.43
C VAL A 1262 4.63 2.42 97.03
N GLY A 1263 3.68 1.89 96.26
CA GLY A 1263 3.25 2.60 95.07
C GLY A 1263 1.90 2.15 94.56
N GLN A 1264 0.95 3.07 94.40
CA GLN A 1264 -0.41 2.74 93.98
C GLN A 1264 -0.71 3.47 92.68
N LEU A 1265 -1.06 2.71 91.64
CA LEU A 1265 -1.33 3.28 90.33
C LEU A 1265 -2.68 2.81 89.81
N ASN A 1266 -3.43 3.77 89.28
CA ASN A 1266 -4.72 3.54 88.65
C ASN A 1266 -4.52 2.99 87.25
N LEU A 1267 -5.61 2.46 86.68
CA LEU A 1267 -5.57 1.99 85.29
C LEU A 1267 -6.99 1.97 84.76
N SER A 1268 -7.28 2.90 83.85
CA SER A 1268 -8.55 3.04 83.15
C SER A 1268 -8.28 3.24 81.67
N GLU A 1269 -9.36 3.33 80.89
CA GLU A 1269 -9.23 3.52 79.44
C GLU A 1269 -8.44 4.75 79.11
N HIS A 1270 -8.75 5.85 79.77
CA HIS A 1270 -8.12 7.15 79.59
C HIS A 1270 -6.76 7.19 80.13
N ASN A 1271 -6.43 6.08 80.79
CA ASN A 1271 -5.09 5.83 81.28
C ASN A 1271 -4.39 4.68 80.59
N ARG A 1272 -5.15 3.78 79.96
CA ARG A 1272 -4.57 2.54 79.45
C ARG A 1272 -3.64 2.79 78.26
N LEU A 1273 -3.89 3.86 77.51
CA LEU A 1273 -3.09 4.15 76.33
C LEU A 1273 -1.63 4.44 76.68
N VAL A 1274 -1.33 4.73 77.94
CA VAL A 1274 -0.01 5.19 78.33
C VAL A 1274 0.70 4.08 79.11
N VAL A 1275 2.02 4.10 79.06
CA VAL A 1275 2.89 3.23 79.84
C VAL A 1275 3.19 3.90 81.18
N GLN A 1276 3.27 3.09 82.23
CA GLN A 1276 3.60 3.60 83.55
C GLN A 1276 4.93 3.02 84.02
N ARG A 1277 5.55 3.74 84.95
CA ARG A 1277 6.95 3.53 85.25
C ARG A 1277 7.22 3.77 86.72
N LEU A 1278 8.29 3.16 87.24
CA LEU A 1278 8.79 3.53 88.56
C LEU A 1278 10.20 3.00 88.76
N GLN A 1279 11.11 3.88 89.17
CA GLN A 1279 12.42 3.46 89.62
C GLN A 1279 12.30 2.74 90.97
N LEU A 1280 13.39 2.10 91.38
CA LEU A 1280 13.38 1.33 92.61
C LEU A 1280 14.49 1.83 93.53
N PRO A 1281 14.20 2.07 94.82
CA PRO A 1281 15.13 2.81 95.67
C PRO A 1281 16.29 2.02 96.25
N GLU A 1282 16.07 0.76 96.61
CA GLU A 1282 17.05 0.03 97.41
C GLU A 1282 17.98 -0.78 96.52
N VAL A 1283 18.74 -1.67 97.15
CA VAL A 1283 19.87 -2.35 96.50
C VAL A 1283 19.41 -3.56 95.71
N SER A 1284 18.91 -4.57 96.41
CA SER A 1284 18.61 -5.88 95.80
C SER A 1284 17.12 -6.14 95.88
N GLY A 1285 16.53 -6.54 94.77
CA GLY A 1285 15.08 -6.56 94.68
C GLY A 1285 14.38 -7.66 95.45
N ASN A 1286 13.73 -7.28 96.54
CA ASN A 1286 12.87 -8.19 97.31
C ASN A 1286 11.54 -7.46 97.47
N TYR A 1287 10.69 -7.53 96.46
CA TYR A 1287 9.48 -6.74 96.44
C TYR A 1287 8.24 -7.63 96.32
N SER A 1288 7.10 -6.97 96.16
CA SER A 1288 5.83 -7.64 95.96
C SER A 1288 4.91 -6.70 95.20
N ILE A 1289 3.98 -7.28 94.47
CA ILE A 1289 2.99 -6.53 93.71
C ILE A 1289 1.61 -7.09 94.02
N SER A 1290 0.63 -6.21 94.03
CA SER A 1290 -0.75 -6.58 94.27
C SER A 1290 -1.62 -5.81 93.29
N ILE A 1291 -2.75 -6.42 92.94
CA ILE A 1291 -3.65 -5.87 91.93
C ILE A 1291 -5.08 -6.10 92.36
N ASN A 1292 -5.88 -5.05 92.31
CA ASN A 1292 -7.33 -5.16 92.36
C ASN A 1292 -7.91 -4.73 91.02
N GLY A 1293 -9.08 -5.29 90.69
CA GLY A 1293 -9.74 -4.93 89.47
C GLY A 1293 -9.53 -5.93 88.36
N THR A 1294 -9.51 -5.45 87.11
CA THR A 1294 -9.43 -6.34 85.96
C THR A 1294 -8.50 -5.74 84.92
N GLY A 1295 -8.06 -6.60 84.00
CA GLY A 1295 -7.22 -6.17 82.91
C GLY A 1295 -6.01 -7.06 82.70
N CYS A 1296 -5.50 -7.09 81.48
CA CYS A 1296 -4.28 -7.80 81.13
C CYS A 1296 -3.15 -6.79 81.03
N CYS A 1297 -2.22 -6.82 81.97
CA CYS A 1297 -1.10 -5.88 81.98
C CYS A 1297 0.21 -6.65 81.93
N LEU A 1298 1.09 -6.23 81.04
CA LEU A 1298 2.47 -6.69 81.08
C LEU A 1298 3.27 -5.83 82.04
N VAL A 1299 4.03 -6.49 82.91
CA VAL A 1299 4.89 -5.84 83.87
C VAL A 1299 6.32 -6.28 83.59
N GLN A 1300 7.24 -5.33 83.72
CA GLN A 1300 8.64 -5.57 83.38
C GLN A 1300 9.53 -5.09 84.51
N SER A 1301 10.49 -5.92 84.89
CA SER A 1301 11.52 -5.56 85.85
C SER A 1301 12.83 -5.46 85.10
N THR A 1302 13.60 -4.40 85.37
CA THR A 1302 14.80 -4.12 84.61
C THR A 1302 15.91 -3.66 85.54
N ILE A 1303 17.07 -4.30 85.43
CA ILE A 1303 18.24 -3.97 86.24
C ILE A 1303 19.43 -3.75 85.33
N ARG A 1304 20.17 -2.69 85.59
CA ARG A 1304 21.43 -2.40 84.91
C ARG A 1304 22.53 -2.34 85.95
N TYR A 1305 23.72 -2.77 85.57
CA TYR A 1305 24.86 -2.68 86.47
C TYR A 1305 26.12 -2.62 85.63
N ASN A 1306 27.25 -2.37 86.29
CA ASN A 1306 28.53 -2.29 85.60
C ASN A 1306 29.53 -3.22 86.27
N ILE A 1307 30.16 -4.08 85.49
CA ILE A 1307 31.09 -5.09 86.00
C ILE A 1307 32.50 -4.72 85.57
N PRO A 1308 33.48 -4.79 86.45
CA PRO A 1308 34.88 -4.69 86.05
C PRO A 1308 35.44 -6.07 85.77
N VAL A 1309 36.74 -6.16 85.49
CA VAL A 1309 37.43 -7.44 85.43
C VAL A 1309 38.68 -7.20 86.28
N PRO A 1310 39.24 -8.19 87.00
CA PRO A 1310 40.40 -7.86 87.82
C PRO A 1310 41.64 -7.73 86.97
N LYS A 1311 41.78 -6.53 86.40
CA LYS A 1311 42.66 -6.26 85.28
C LYS A 1311 44.08 -6.77 85.51
N GLU A 1312 44.51 -6.83 86.76
CA GLU A 1312 45.89 -7.15 87.08
C GLU A 1312 46.29 -8.51 86.52
N ASN A 1313 45.53 -9.54 86.85
CA ASN A 1313 45.73 -10.87 86.27
C ASN A 1313 44.50 -11.21 85.44
N SER A 1314 44.53 -10.83 84.16
CA SER A 1314 43.43 -11.12 83.25
C SER A 1314 43.83 -12.21 82.28
N ALA A 1315 42.82 -12.85 81.69
CA ALA A 1315 43.04 -13.86 80.67
C ALA A 1315 42.98 -13.29 79.26
N PHE A 1316 42.75 -11.99 79.11
CA PHE A 1316 42.81 -11.35 77.82
C PHE A 1316 44.03 -10.43 77.75
N TYR A 1317 44.69 -10.44 76.60
CA TYR A 1317 45.69 -9.42 76.30
C TYR A 1317 45.16 -8.50 75.23
N VAL A 1318 45.39 -7.20 75.42
CA VAL A 1318 44.93 -6.17 74.50
C VAL A 1318 46.06 -5.17 74.28
N ALA A 1319 46.01 -4.51 73.12
CA ALA A 1319 46.97 -3.46 72.80
C ALA A 1319 46.36 -2.57 71.73
N ALA A 1320 46.08 -1.32 72.07
CA ALA A 1320 45.48 -0.37 71.16
C ALA A 1320 46.49 0.72 70.81
N ASP A 1321 46.43 1.19 69.57
CA ASP A 1321 47.35 2.24 69.14
C ASP A 1321 46.76 2.94 67.91
N SER A 1322 47.41 4.03 67.52
CA SER A 1322 46.97 4.86 66.42
C SER A 1322 48.16 5.13 65.49
N VAL A 1323 47.85 5.66 64.30
CA VAL A 1323 48.92 6.03 63.38
C VAL A 1323 49.74 7.17 63.95
N SER A 1324 49.13 8.34 64.09
CA SER A 1324 49.81 9.47 64.69
C SER A 1324 49.41 9.58 66.15
N LYS A 1325 50.05 10.49 66.85
CA LYS A 1325 49.84 10.67 68.27
C LYS A 1325 49.51 12.11 68.64
N ASN A 1326 50.13 13.07 67.96
CA ASN A 1326 49.79 14.48 68.07
C ASN A 1326 49.66 15.02 66.65
N CYS A 1327 48.65 15.85 66.42
CA CYS A 1327 48.31 16.23 65.05
C CYS A 1327 49.18 17.37 64.55
N LEU A 1328 49.06 18.54 65.14
CA LEU A 1328 50.02 19.65 64.98
C LEU A 1328 50.10 20.18 63.56
N ASN A 1329 49.45 19.50 62.62
CA ASN A 1329 49.20 20.06 61.30
C ASN A 1329 47.84 20.72 61.22
N GLY A 1330 47.36 21.21 62.35
CA GLY A 1330 45.94 21.28 62.54
C GLY A 1330 45.55 19.90 63.01
N VAL A 1331 45.03 19.09 62.10
CA VAL A 1331 44.82 17.66 62.33
C VAL A 1331 45.30 16.93 61.10
N ALA A 1332 46.42 16.20 61.22
CA ALA A 1332 46.85 15.35 60.13
C ALA A 1332 45.90 14.17 60.03
N TYR A 1333 44.87 14.30 59.19
CA TYR A 1333 43.78 13.34 59.17
C TYR A 1333 44.19 11.95 58.72
N THR A 1334 45.47 11.72 58.45
CA THR A 1334 45.95 10.40 58.09
C THR A 1334 45.93 9.50 59.33
N ILE A 1335 44.76 9.01 59.70
CA ILE A 1335 44.57 8.42 61.02
C ILE A 1335 43.90 7.05 60.95
N THR A 1336 44.70 5.99 61.01
CA THR A 1336 44.17 4.65 61.20
C THR A 1336 44.35 4.24 62.66
N ILE A 1337 43.48 3.36 63.14
CA ILE A 1337 43.53 2.86 64.50
C ILE A 1337 43.73 1.36 64.45
N THR A 1338 44.70 0.87 65.21
CA THR A 1338 45.11 -0.52 65.19
C THR A 1338 44.91 -1.11 66.57
N VAL A 1339 44.63 -2.41 66.63
CA VAL A 1339 44.49 -3.11 67.91
C VAL A 1339 44.91 -4.55 67.71
N SER A 1340 45.57 -5.10 68.73
CA SER A 1340 45.99 -6.49 68.76
C SER A 1340 45.49 -7.11 70.05
N VAL A 1341 44.78 -8.23 69.94
CA VAL A 1341 44.15 -8.87 71.08
C VAL A 1341 44.43 -10.37 71.04
N SER A 1342 44.35 -10.99 72.22
CA SER A 1342 44.46 -12.43 72.35
C SER A 1342 43.73 -12.89 73.61
N TYR A 1343 43.34 -14.16 73.60
CA TYR A 1343 42.76 -14.81 74.77
C TYR A 1343 43.66 -15.97 75.18
N ARG A 1344 43.96 -16.06 76.48
CA ARG A 1344 44.88 -17.05 77.01
C ARG A 1344 44.13 -18.26 77.57
N GLY A 1345 43.11 -18.02 78.39
CA GLY A 1345 42.33 -19.10 78.95
C GLY A 1345 41.33 -19.67 77.96
N LEU A 1346 41.80 -19.97 76.76
CA LEU A 1346 40.91 -20.35 75.67
C LEU A 1346 40.16 -21.64 75.97
N ARG A 1347 40.84 -22.63 76.53
CA ARG A 1347 40.28 -23.98 76.57
C ARG A 1347 39.06 -24.04 77.48
N ASN A 1348 37.94 -24.47 76.91
CA ASN A 1348 36.73 -24.79 77.67
C ASN A 1348 36.20 -23.60 78.44
N GLU A 1349 36.45 -22.39 77.95
CA GLU A 1349 35.89 -21.18 78.54
C GLU A 1349 34.96 -20.45 77.59
N THR A 1350 35.41 -20.18 76.36
CA THR A 1350 34.58 -19.49 75.38
C THR A 1350 35.05 -19.88 73.99
N ASN A 1351 34.16 -19.69 73.03
CA ASN A 1351 34.50 -19.83 71.62
C ASN A 1351 33.89 -18.72 70.80
N MET A 1352 33.74 -17.52 71.38
CA MET A 1352 33.13 -16.37 70.75
C MET A 1352 33.62 -15.13 71.46
N VAL A 1353 33.76 -14.01 70.76
CA VAL A 1353 34.32 -12.82 71.40
C VAL A 1353 33.68 -11.58 70.79
N ILE A 1354 33.64 -10.49 71.56
CA ILE A 1354 33.12 -9.21 71.08
C ILE A 1354 33.97 -8.08 71.63
N ILE A 1355 34.37 -7.15 70.75
CA ILE A 1355 35.08 -5.93 71.13
C ILE A 1355 34.23 -4.72 70.80
N ASP A 1356 34.11 -3.80 71.74
CA ASP A 1356 33.53 -2.50 71.46
C ASP A 1356 34.59 -1.43 71.63
N ILE A 1357 34.46 -0.40 70.80
CA ILE A 1357 35.44 0.67 70.66
C ILE A 1357 34.71 1.99 70.83
N GLN A 1358 35.27 2.89 71.64
CA GLN A 1358 34.64 4.17 71.88
C GLN A 1358 35.25 5.24 70.99
N MET A 1359 34.39 6.06 70.40
CA MET A 1359 34.84 7.20 69.61
C MET A 1359 35.05 8.39 70.55
N LEU A 1360 35.19 9.59 69.99
CA LEU A 1360 35.42 10.76 70.82
C LEU A 1360 35.21 12.01 69.98
N SER A 1361 34.95 13.12 70.68
CA SER A 1361 34.80 14.44 70.05
C SER A 1361 33.91 14.35 68.82
N GLY A 1362 34.48 14.64 67.66
CA GLY A 1362 33.84 14.32 66.41
C GLY A 1362 34.81 13.69 65.44
N TYR A 1363 34.57 12.41 65.12
CA TYR A 1363 35.35 11.67 64.14
C TYR A 1363 34.70 10.30 64.00
N GLN A 1364 34.88 9.69 62.84
CA GLN A 1364 34.26 8.39 62.57
C GLN A 1364 35.20 7.58 61.69
N ALA A 1365 34.93 6.29 61.59
CA ALA A 1365 35.56 5.45 60.58
C ALA A 1365 34.77 5.60 59.28
N ASP A 1366 35.05 4.77 58.29
CA ASP A 1366 34.37 4.87 57.01
C ASP A 1366 33.85 3.52 56.57
N TYR A 1367 32.66 3.53 55.98
CA TYR A 1367 32.05 2.29 55.48
C TYR A 1367 32.93 1.54 54.50
N PRO A 1368 33.65 2.20 53.57
CA PRO A 1368 34.63 1.44 52.76
C PRO A 1368 35.62 0.66 53.61
N SER A 1369 36.19 1.30 54.62
CA SER A 1369 37.06 0.57 55.53
C SER A 1369 36.31 -0.57 56.18
N LEU A 1370 35.04 -0.34 56.50
CA LEU A 1370 34.26 -1.35 57.22
C LEU A 1370 34.10 -2.61 56.39
N ARG A 1371 33.62 -2.48 55.15
CA ARG A 1371 33.40 -3.71 54.41
C ARG A 1371 34.68 -4.24 53.80
N GLN A 1372 35.74 -3.42 53.74
CA GLN A 1372 37.05 -3.99 53.51
C GLN A 1372 37.45 -4.90 54.65
N LEU A 1373 37.18 -4.47 55.88
CA LEU A 1373 37.54 -5.26 57.05
C LEU A 1373 36.72 -6.54 57.14
N GLU A 1374 35.43 -6.47 56.80
CA GLU A 1374 34.57 -7.62 57.03
C GLU A 1374 35.09 -8.85 56.29
N ASN A 1375 35.76 -8.67 55.16
CA ASN A 1375 36.34 -9.78 54.42
C ASN A 1375 37.67 -10.20 55.05
N SER A 1376 37.61 -10.48 56.34
CA SER A 1376 38.75 -10.99 57.08
C SER A 1376 38.29 -12.16 57.93
N GLN A 1377 39.26 -12.96 58.37
CA GLN A 1377 38.94 -14.11 59.20
C GLN A 1377 38.35 -13.65 60.53
N GLN A 1378 37.50 -14.50 61.11
CA GLN A 1378 36.83 -14.33 62.39
C GLN A 1378 35.76 -13.24 62.38
N VAL A 1379 35.67 -12.45 61.31
CA VAL A 1379 34.79 -11.29 61.33
C VAL A 1379 33.37 -11.77 61.02
N SER A 1380 32.68 -12.22 62.05
CA SER A 1380 31.32 -12.70 61.85
C SER A 1380 30.35 -11.54 61.68
N LYS A 1381 30.50 -10.48 62.47
CA LYS A 1381 29.54 -9.38 62.45
C LYS A 1381 30.24 -8.08 62.82
N THR A 1382 29.77 -6.99 62.22
CA THR A 1382 30.22 -5.65 62.54
C THR A 1382 29.01 -4.79 62.86
N GLU A 1383 29.25 -3.71 63.60
CA GLU A 1383 28.19 -2.79 63.95
C GLU A 1383 28.79 -1.44 64.34
N GLU A 1384 28.15 -0.37 63.88
CA GLU A 1384 28.50 0.99 64.28
C GLU A 1384 27.29 1.61 64.96
N GLN A 1385 27.48 2.07 66.19
CA GLN A 1385 26.37 2.62 66.98
C GLN A 1385 26.87 3.80 67.80
N ASP A 1386 26.39 4.99 67.46
CA ASP A 1386 26.53 6.20 68.27
C ASP A 1386 27.84 6.29 69.02
N ASN A 1387 28.96 6.24 68.29
CA ASN A 1387 30.30 6.36 68.83
C ASN A 1387 30.75 5.09 69.55
N HIS A 1388 30.11 3.96 69.23
CA HIS A 1388 30.42 2.69 69.87
C HIS A 1388 30.46 1.62 68.78
N VAL A 1389 31.64 1.08 68.53
CA VAL A 1389 31.86 0.12 67.46
C VAL A 1389 31.84 -1.27 68.06
N PHE A 1390 30.87 -2.08 67.64
CA PHE A 1390 30.75 -3.44 68.12
C PHE A 1390 31.27 -4.39 67.04
N LEU A 1391 32.10 -5.33 67.46
CA LEU A 1391 32.72 -6.27 66.52
C LEU A 1391 32.56 -7.64 67.13
N TYR A 1392 31.76 -8.47 66.46
CA TYR A 1392 31.28 -9.75 66.99
C TYR A 1392 32.04 -10.82 66.21
N LEU A 1393 33.02 -11.44 66.87
CA LEU A 1393 34.07 -12.23 66.22
C LEU A 1393 33.93 -13.69 66.60
N ASN A 1394 34.06 -14.55 65.59
CA ASN A 1394 33.65 -15.95 65.70
C ASN A 1394 34.25 -16.61 66.95
N ALA A 1395 35.54 -16.47 67.16
CA ALA A 1395 36.21 -17.14 68.26
C ALA A 1395 37.41 -16.32 68.69
N VAL A 1396 38.27 -16.93 69.50
CA VAL A 1396 39.45 -16.28 70.06
C VAL A 1396 40.68 -17.07 69.63
N PRO A 1397 41.77 -16.40 69.26
CA PRO A 1397 43.04 -17.12 69.08
C PRO A 1397 43.91 -17.06 70.32
N LEU A 1398 44.70 -18.10 70.57
CA LEU A 1398 45.76 -18.01 71.56
C LEU A 1398 46.88 -17.12 71.10
N LYS A 1399 46.88 -16.71 69.84
CA LYS A 1399 47.89 -15.86 69.25
C LYS A 1399 47.31 -14.48 69.00
N THR A 1400 48.19 -13.55 68.63
CA THR A 1400 47.78 -12.18 68.46
C THR A 1400 46.97 -12.01 67.18
N ILE A 1401 45.79 -11.42 67.30
CA ILE A 1401 44.99 -11.05 66.14
C ILE A 1401 44.89 -9.53 66.08
N GLN A 1402 45.20 -8.98 64.91
CA GLN A 1402 45.40 -7.55 64.75
C GLN A 1402 44.43 -7.03 63.70
N LEU A 1403 43.67 -5.98 64.06
CA LEU A 1403 42.76 -5.33 63.14
C LEU A 1403 42.93 -3.83 63.25
N SER A 1404 42.81 -3.15 62.11
CA SER A 1404 42.98 -1.71 62.04
C SER A 1404 41.98 -1.13 61.06
N PHE A 1405 41.70 0.16 61.21
CA PHE A 1405 40.69 0.81 60.38
C PHE A 1405 40.92 2.31 60.34
N LYS A 1406 40.73 2.88 59.16
CA LYS A 1406 40.86 4.33 58.99
C LYS A 1406 39.74 5.05 59.73
N VAL A 1407 40.03 6.27 60.15
CA VAL A 1407 39.11 7.09 60.93
C VAL A 1407 39.03 8.46 60.29
N LEU A 1408 37.85 8.82 59.80
CA LEU A 1408 37.60 10.17 59.34
C LEU A 1408 37.28 11.06 60.53
N ILE A 1409 37.02 12.34 60.27
CA ILE A 1409 36.72 13.31 61.31
C ILE A 1409 35.43 14.00 60.96
N GLY A 1410 34.39 13.78 61.76
CA GLY A 1410 33.11 14.40 61.52
C GLY A 1410 33.11 15.89 61.82
N SER A 1411 33.17 16.24 63.10
CA SER A 1411 33.28 17.62 63.54
C SER A 1411 34.64 17.79 64.20
N ARG A 1412 35.43 18.76 63.72
CA ARG A 1412 36.80 18.83 64.17
C ARG A 1412 36.96 19.59 65.50
N VAL A 1413 35.89 19.71 66.28
CA VAL A 1413 36.04 20.13 67.67
C VAL A 1413 36.81 19.08 68.44
N LEU A 1414 37.76 19.53 69.26
CA LEU A 1414 38.72 18.63 69.87
C LEU A 1414 38.76 18.84 71.38
N ASN A 1415 39.15 17.77 72.08
CA ASN A 1415 39.45 17.81 73.50
C ASN A 1415 40.51 16.76 73.78
N VAL A 1416 41.32 17.00 74.81
CA VAL A 1416 42.46 16.13 75.11
C VAL A 1416 41.92 15.02 75.99
N LYS A 1417 41.33 14.01 75.34
CA LYS A 1417 40.77 12.86 76.04
C LYS A 1417 41.19 11.60 75.30
N SER A 1418 41.32 10.51 76.06
CA SER A 1418 41.67 9.20 75.54
C SER A 1418 40.44 8.30 75.57
N ALA A 1419 40.25 7.54 74.49
CA ALA A 1419 39.10 6.66 74.42
C ALA A 1419 39.52 5.23 74.76
N SER A 1420 38.53 4.34 74.84
CA SER A 1420 38.77 3.00 75.37
C SER A 1420 38.08 1.93 74.52
N VAL A 1421 38.64 0.73 74.57
CA VAL A 1421 38.06 -0.45 73.95
C VAL A 1421 37.90 -1.53 75.01
N TYR A 1422 36.72 -2.14 75.04
CA TYR A 1422 36.38 -3.16 76.02
C TYR A 1422 35.98 -4.43 75.28
N VAL A 1423 36.65 -5.53 75.59
CA VAL A 1423 36.42 -6.81 74.94
C VAL A 1423 35.80 -7.74 75.97
N TYR A 1424 35.09 -8.75 75.49
CA TYR A 1424 34.41 -9.69 76.38
C TYR A 1424 33.95 -10.89 75.55
N ASP A 1425 33.27 -11.81 76.22
CA ASP A 1425 32.73 -13.01 75.62
C ASP A 1425 31.22 -13.08 75.89
N TYR A 1426 30.55 -13.96 75.14
CA TYR A 1426 29.08 -14.01 75.20
C TYR A 1426 28.55 -15.09 76.13
N TYR A 1427 29.22 -16.24 76.20
CA TYR A 1427 28.74 -17.35 77.03
C TYR A 1427 28.53 -16.89 78.46
N GLU A 1428 29.61 -16.56 79.14
CA GLU A 1428 29.58 -15.76 80.35
C GLU A 1428 30.28 -14.45 80.04
N THR A 1429 29.59 -13.34 80.26
CA THR A 1429 30.16 -12.07 79.87
C THR A 1429 31.22 -11.58 80.84
N GLY A 1430 31.41 -12.26 81.98
CA GLY A 1430 32.28 -11.75 83.02
C GLY A 1430 33.72 -11.59 82.57
N GLU A 1431 34.29 -12.64 81.97
CA GLU A 1431 35.67 -12.57 81.52
C GLU A 1431 35.79 -11.56 80.39
N ASN A 1432 36.55 -10.50 80.63
CA ASN A 1432 36.61 -9.40 79.69
C ASN A 1432 37.96 -8.70 79.84
N GLY A 1433 38.18 -7.69 79.00
CA GLY A 1433 39.43 -6.95 79.01
C GLY A 1433 39.25 -5.48 78.70
N PHE A 1434 40.02 -4.64 79.39
CA PHE A 1434 39.98 -3.20 79.20
C PHE A 1434 41.23 -2.73 78.47
N ALA A 1435 41.08 -1.67 77.68
CA ALA A 1435 42.23 -0.98 77.13
C ALA A 1435 41.79 0.42 76.76
N SER A 1436 42.77 1.30 76.55
CA SER A 1436 42.49 2.65 76.10
C SER A 1436 43.59 3.09 75.15
N TYR A 1437 43.45 4.32 74.65
CA TYR A 1437 44.29 4.83 73.58
C TYR A 1437 44.06 6.33 73.50
N SER A 1438 45.16 7.07 73.43
CA SER A 1438 45.07 8.52 73.30
C SER A 1438 44.68 8.90 71.89
N GLN A 1439 44.15 10.11 71.77
CA GLN A 1439 43.84 10.64 70.45
C GLN A 1439 45.13 10.89 69.68
N PRO A 1440 45.13 10.64 68.36
CA PRO A 1440 46.29 10.99 67.54
C PRO A 1440 46.55 12.48 67.42
N CYS A 1441 45.76 13.32 68.08
CA CYS A 1441 46.08 14.73 68.20
C CYS A 1441 46.69 14.97 69.57
N LYS B 22 -2.38 58.20 -14.81
CA LYS B 22 -2.03 56.96 -15.50
C LYS B 22 -2.60 56.97 -16.92
N VAL B 23 -1.92 56.30 -17.83
CA VAL B 23 -2.31 56.22 -19.23
C VAL B 23 -2.57 54.76 -19.58
N GLN B 24 -3.73 54.51 -20.18
CA GLN B 24 -4.11 53.17 -20.61
C GLN B 24 -4.26 53.14 -22.13
N TYR B 25 -3.86 52.02 -22.72
CA TYR B 25 -3.86 51.81 -24.15
C TYR B 25 -4.65 50.56 -24.48
N ALA B 26 -5.03 50.43 -25.75
CA ALA B 26 -5.78 49.27 -26.21
C ALA B 26 -5.56 49.11 -27.70
N LEU B 27 -4.90 48.02 -28.08
CA LEU B 27 -4.52 47.77 -29.46
C LEU B 27 -5.14 46.48 -29.97
N THR B 28 -5.77 46.56 -31.14
CA THR B 28 -6.49 45.45 -31.73
C THR B 28 -6.00 45.25 -33.15
N ILE B 29 -5.56 44.03 -33.44
CA ILE B 29 -5.07 43.62 -34.76
C ILE B 29 -5.25 42.13 -34.93
N PRO B 30 -5.64 41.70 -36.12
CA PRO B 30 -5.67 40.26 -36.40
C PRO B 30 -4.27 39.67 -36.29
N ALA B 31 -4.20 38.47 -35.70
CA ALA B 31 -2.93 37.78 -35.55
C ALA B 31 -2.42 37.26 -36.89
N LEU B 32 -3.32 36.97 -37.82
CA LEU B 32 -2.97 36.31 -39.07
C LEU B 32 -3.45 37.20 -40.21
N LEU B 33 -2.60 38.11 -40.64
CA LEU B 33 -2.94 39.06 -41.69
C LEU B 33 -2.81 38.41 -43.06
N LYS B 34 -3.68 38.84 -43.98
CA LYS B 34 -3.67 38.34 -45.36
C LYS B 34 -3.07 39.40 -46.27
N SER B 35 -2.05 39.02 -47.03
CA SER B 35 -1.29 39.97 -47.81
C SER B 35 -2.13 40.54 -48.95
N GLY B 36 -1.73 41.72 -49.42
CA GLY B 36 -2.34 42.33 -50.58
C GLY B 36 -3.79 42.74 -50.42
N GLU B 37 -4.32 42.73 -49.21
CA GLU B 37 -5.71 43.12 -48.97
C GLU B 37 -5.78 44.11 -47.81
N THR B 38 -6.51 45.21 -48.04
CA THR B 38 -6.65 46.23 -47.02
C THR B 38 -7.22 45.66 -45.73
N GLN B 39 -6.56 45.96 -44.63
CA GLN B 39 -6.96 45.44 -43.33
C GLN B 39 -7.09 46.60 -42.34
N ARG B 40 -7.36 46.28 -41.08
CA ARG B 40 -7.74 47.27 -40.10
C ARG B 40 -6.98 47.05 -38.80
N ALA B 41 -6.58 48.15 -38.17
CA ALA B 41 -5.94 48.14 -36.85
C ALA B 41 -6.57 49.24 -36.03
N CYS B 42 -6.78 49.00 -34.73
CA CYS B 42 -7.57 49.93 -33.95
C CYS B 42 -7.00 50.09 -32.55
N VAL B 43 -7.20 51.26 -31.95
CA VAL B 43 -6.72 51.56 -30.60
C VAL B 43 -7.79 52.34 -29.86
N ASN B 44 -7.72 52.28 -28.53
CA ASN B 44 -8.72 52.91 -27.67
C ASN B 44 -8.04 53.64 -26.51
N LEU B 45 -7.10 54.51 -26.84
CA LEU B 45 -6.29 55.18 -25.83
C LEU B 45 -7.15 56.01 -24.87
N ILE B 46 -6.73 56.05 -23.60
CA ILE B 46 -7.51 56.65 -22.54
C ILE B 46 -6.57 56.95 -21.38
N GLY B 47 -7.01 57.81 -20.47
CA GLY B 47 -6.33 57.99 -19.19
C GLY B 47 -5.44 59.21 -19.13
N TYR B 48 -4.73 59.47 -20.22
CA TYR B 48 -3.88 60.63 -20.34
C TYR B 48 -4.71 61.90 -20.36
N HIS B 49 -4.09 63.00 -19.92
CA HIS B 49 -4.73 64.32 -19.97
C HIS B 49 -4.18 65.18 -21.09
N GLN B 50 -2.87 65.39 -21.10
CA GLN B 50 -2.27 66.28 -22.08
C GLN B 50 -2.29 65.66 -23.47
N PRO B 51 -2.17 66.47 -24.51
CA PRO B 51 -1.92 65.91 -25.84
C PRO B 51 -0.60 65.15 -25.87
N LEU B 52 -0.55 64.11 -26.70
CA LEU B 52 0.60 63.25 -26.82
C LEU B 52 0.88 63.02 -28.30
N ALA B 53 1.76 62.06 -28.57
CA ALA B 53 2.03 61.63 -29.93
C ALA B 53 1.97 60.11 -29.99
N LEU B 54 1.60 59.58 -31.15
CA LEU B 54 1.41 58.16 -31.34
C LEU B 54 2.24 57.67 -32.52
N SER B 55 2.74 56.44 -32.39
CA SER B 55 3.42 55.77 -33.50
C SER B 55 3.01 54.31 -33.50
N VAL B 56 2.36 53.88 -34.59
CA VAL B 56 2.01 52.49 -34.81
C VAL B 56 2.74 52.02 -36.05
N VAL B 57 3.61 51.02 -35.89
CA VAL B 57 4.46 50.57 -36.98
C VAL B 57 4.38 49.06 -37.09
N LEU B 58 3.97 48.56 -38.25
CA LEU B 58 4.18 47.16 -38.58
C LEU B 58 5.59 47.05 -39.14
N GLU B 59 6.52 46.59 -38.32
CA GLU B 59 7.91 46.49 -38.78
C GLU B 59 8.03 45.29 -39.72
N HIS B 60 8.23 45.58 -40.99
CA HIS B 60 8.61 44.58 -41.98
C HIS B 60 10.04 44.13 -41.71
N GLN B 61 10.53 43.16 -42.47
CA GLN B 61 11.95 42.80 -42.38
C GLN B 61 12.83 44.02 -42.49
N ARG B 62 12.50 44.93 -43.41
CA ARG B 62 13.21 46.19 -43.49
C ARG B 62 12.33 47.41 -43.34
N VAL B 63 11.24 47.50 -44.08
CA VAL B 63 10.51 48.76 -44.22
C VAL B 63 9.58 48.95 -43.01
N ASN B 64 9.23 50.19 -42.75
CA ASN B 64 8.38 50.56 -41.63
C ASN B 64 7.13 51.26 -42.12
N ILE B 65 6.01 51.00 -41.45
CA ILE B 65 4.73 51.57 -41.84
C ILE B 65 4.24 52.49 -40.74
N SER B 66 3.43 53.47 -41.11
CA SER B 66 3.04 54.56 -40.23
C SER B 66 1.54 54.54 -40.00
N ILE B 67 1.01 53.38 -39.61
CA ILE B 67 -0.44 53.19 -39.54
C ILE B 67 -1.07 54.25 -38.67
N PHE B 68 -0.52 54.47 -37.49
CA PHE B 68 -0.90 55.61 -36.65
C PHE B 68 0.36 56.38 -36.30
N SER B 69 0.46 57.61 -36.79
CA SER B 69 1.62 58.45 -36.56
C SER B 69 1.20 59.88 -36.30
N GLU B 70 0.19 60.07 -35.46
CA GLU B 70 -0.46 61.36 -35.30
C GLU B 70 -0.20 61.96 -33.92
N LYS B 71 -0.84 63.10 -33.66
CA LYS B 71 -0.92 63.69 -32.34
C LYS B 71 -2.22 63.27 -31.68
N VAL B 72 -2.23 63.23 -30.36
CA VAL B 72 -3.36 62.73 -29.60
C VAL B 72 -3.87 63.85 -28.71
N GLN B 73 -5.19 64.07 -28.72
CA GLN B 73 -5.82 65.25 -28.13
C GLN B 73 -6.73 64.90 -26.96
N PRO B 74 -6.31 65.22 -25.73
CA PRO B 74 -6.99 64.76 -24.51
C PRO B 74 -7.54 63.33 -24.57
N PRO B 75 -8.07 62.80 -23.44
CA PRO B 75 -8.28 61.35 -23.35
C PRO B 75 -9.32 60.77 -24.30
N HIS B 76 -9.56 59.46 -24.17
CA HIS B 76 -10.56 58.74 -24.95
C HIS B 76 -10.24 58.74 -26.44
N TYR B 77 -9.11 58.15 -26.80
CA TYR B 77 -8.75 58.01 -28.22
C TYR B 77 -9.22 56.65 -28.73
N PHE B 78 -10.51 56.56 -29.02
CA PHE B 78 -11.16 55.38 -29.57
C PHE B 78 -11.14 55.53 -31.08
N LYS B 79 -10.00 55.22 -31.70
CA LYS B 79 -9.80 55.44 -33.13
C LYS B 79 -9.39 54.14 -33.79
N CYS B 80 -9.97 53.87 -34.95
CA CYS B 80 -9.97 52.53 -35.54
C CYS B 80 -9.82 52.67 -37.05
N ASN B 81 -8.61 52.48 -37.57
CA ASN B 81 -8.31 52.88 -38.94
C ASN B 81 -7.64 51.75 -39.71
N LYS B 82 -7.72 51.84 -41.03
CA LYS B 82 -7.29 50.77 -41.91
C LYS B 82 -5.90 51.05 -42.48
N PHE B 83 -5.43 50.10 -43.28
CA PHE B 83 -4.11 50.16 -43.87
C PHE B 83 -4.05 49.15 -45.02
N MET B 84 -2.98 49.25 -45.81
CA MET B 84 -2.74 48.35 -46.93
C MET B 84 -1.57 47.46 -46.57
N VAL B 85 -1.76 46.15 -46.69
CA VAL B 85 -0.71 45.19 -46.42
C VAL B 85 0.04 44.86 -47.71
N PRO B 86 1.37 44.87 -47.68
CA PRO B 86 2.12 44.46 -48.88
C PRO B 86 1.97 42.98 -49.14
N THR B 87 2.27 42.60 -50.38
CA THR B 87 2.28 41.19 -50.72
C THR B 87 3.46 40.48 -50.04
N VAL B 88 3.18 39.31 -49.50
CA VAL B 88 4.20 38.45 -48.93
C VAL B 88 3.94 37.03 -49.42
N ILE B 89 4.93 36.44 -50.06
CA ILE B 89 4.71 35.21 -50.82
C ILE B 89 4.45 34.00 -49.93
N THR B 90 4.81 34.07 -48.66
CA THR B 90 4.75 32.91 -47.77
C THR B 90 4.26 33.35 -46.40
N ASN B 91 3.60 32.46 -45.67
CA ASN B 91 3.22 32.77 -44.31
C ASN B 91 4.46 32.99 -43.46
N ALA B 92 4.70 34.25 -43.10
CA ALA B 92 5.93 34.63 -42.43
C ALA B 92 5.62 35.45 -41.19
N PRO B 93 6.44 35.31 -40.15
CA PRO B 93 6.19 36.06 -38.92
C PRO B 93 6.89 37.41 -38.93
N ASP B 94 6.19 38.42 -38.41
CA ASP B 94 6.75 39.75 -38.26
C ASP B 94 6.24 40.35 -36.96
N PHE B 95 6.74 41.54 -36.66
CA PHE B 95 6.41 42.21 -35.42
C PHE B 95 5.71 43.53 -35.69
N VAL B 96 5.12 44.08 -34.63
CA VAL B 96 4.46 45.38 -34.65
C VAL B 96 4.88 46.13 -33.40
N THR B 97 4.91 47.45 -33.49
CA THR B 97 5.42 48.31 -32.44
C THR B 97 4.53 49.52 -32.20
N LEU B 98 4.55 49.96 -30.95
CA LEU B 98 3.73 51.03 -30.43
C LEU B 98 4.63 52.00 -29.67
N SER B 99 4.44 53.29 -29.88
CA SER B 99 5.06 54.31 -29.05
C SER B 99 4.04 55.38 -28.73
N VAL B 100 3.94 55.76 -27.47
CA VAL B 100 2.97 56.79 -27.11
C VAL B 100 3.75 57.99 -26.54
N SER B 101 4.92 58.24 -27.11
CA SER B 101 5.73 59.36 -26.66
C SER B 101 4.93 60.66 -26.71
N GLY B 102 5.04 61.44 -25.64
CA GLY B 102 4.29 62.68 -25.56
C GLY B 102 4.66 63.44 -24.31
N GLY B 103 3.82 64.43 -23.99
CA GLY B 103 4.08 65.26 -22.82
C GLY B 103 4.17 64.46 -21.54
N GLY B 104 3.28 63.49 -21.37
CA GLY B 104 3.32 62.67 -20.18
C GLY B 104 4.19 61.44 -20.34
N GLU B 105 3.82 60.36 -19.67
CA GLU B 105 4.56 59.11 -19.78
C GLU B 105 4.42 58.53 -21.19
N ASP B 106 5.42 57.74 -21.57
CA ASP B 106 5.42 57.05 -22.85
C ASP B 106 5.71 55.58 -22.65
N ILE B 107 5.16 54.75 -23.53
CA ILE B 107 5.45 53.32 -23.55
C ILE B 107 5.78 52.91 -24.98
N LYS B 108 6.64 51.91 -25.11
CA LYS B 108 6.97 51.27 -26.36
C LYS B 108 6.61 49.79 -26.24
N ASP B 109 5.89 49.28 -27.21
CA ASP B 109 5.34 47.93 -27.16
C ASP B 109 5.67 47.19 -28.44
N ARG B 110 5.86 45.89 -28.33
CA ARG B 110 6.23 45.05 -29.47
C ARG B 110 5.51 43.71 -29.40
N LYS B 111 4.76 43.41 -30.45
CA LYS B 111 4.00 42.17 -30.58
C LYS B 111 4.36 41.48 -31.89
N ALA B 112 3.72 40.34 -32.13
CA ALA B 112 4.01 39.51 -33.30
C ALA B 112 2.71 39.19 -34.03
N VAL B 113 2.77 39.22 -35.37
CA VAL B 113 1.70 38.73 -36.23
C VAL B 113 2.35 37.88 -37.32
N VAL B 114 1.51 37.28 -38.16
CA VAL B 114 1.98 36.48 -39.28
C VAL B 114 1.23 36.92 -40.52
N ILE B 115 1.97 37.25 -41.57
CA ILE B 115 1.40 37.69 -42.85
C ILE B 115 1.49 36.53 -43.83
N ALA B 116 0.36 36.19 -44.45
CA ALA B 116 0.26 35.01 -45.27
C ALA B 116 -0.09 35.37 -46.71
N PRO B 117 0.31 34.55 -47.68
CA PRO B 117 -0.05 34.82 -49.07
C PRO B 117 -1.52 34.48 -49.32
N LEU B 118 -1.95 34.80 -50.54
CA LEU B 118 -3.32 34.56 -50.97
C LEU B 118 -3.33 33.95 -52.36
N ASN B 119 -4.39 33.22 -52.68
CA ASN B 119 -4.54 32.50 -53.94
C ASN B 119 -5.83 32.93 -54.63
N THR B 120 -5.99 32.45 -55.86
CA THR B 120 -7.15 32.75 -56.68
C THR B 120 -8.12 31.57 -56.65
N ILE B 121 -9.38 31.85 -57.00
CA ILE B 121 -10.47 30.89 -56.86
C ILE B 121 -11.07 30.63 -58.23
N CYS B 122 -11.30 29.36 -58.55
CA CYS B 122 -11.86 28.95 -59.82
C CYS B 122 -13.00 27.98 -59.61
N LEU B 123 -14.15 28.24 -60.24
CA LEU B 123 -15.36 27.46 -60.04
C LEU B 123 -16.04 27.16 -61.38
N ILE B 124 -16.77 26.05 -61.39
CA ILE B 124 -17.42 25.52 -62.59
C ILE B 124 -18.91 25.79 -62.46
N GLN B 125 -19.54 26.23 -63.54
CA GLN B 125 -21.00 26.24 -63.61
C GLN B 125 -21.46 25.02 -64.43
N MET B 126 -22.13 24.10 -63.74
CA MET B 126 -22.78 22.98 -64.43
C MET B 126 -24.22 23.35 -64.72
N ASP B 127 -24.50 23.68 -65.98
CA ASP B 127 -25.89 23.74 -66.39
C ASP B 127 -26.47 22.32 -66.41
N LYS B 128 -27.77 22.23 -66.10
CA LYS B 128 -28.45 20.94 -66.10
C LYS B 128 -27.70 19.95 -65.20
N PRO B 129 -27.80 20.11 -63.89
CA PRO B 129 -26.95 19.31 -62.97
C PRO B 129 -26.97 17.82 -63.24
N VAL B 130 -28.07 17.27 -63.71
CA VAL B 130 -28.12 15.85 -64.05
C VAL B 130 -27.99 15.73 -65.55
N TYR B 131 -27.59 14.54 -66.00
CA TYR B 131 -27.17 14.40 -67.39
C TYR B 131 -27.81 13.16 -68.01
N LYS B 132 -28.18 13.29 -69.27
CA LYS B 132 -28.83 12.24 -70.05
C LYS B 132 -28.14 12.09 -71.40
N PRO B 133 -28.29 10.95 -72.07
CA PRO B 133 -27.65 10.77 -73.38
C PRO B 133 -28.17 11.76 -74.41
N GLY B 134 -27.30 12.12 -75.35
CA GLY B 134 -27.66 13.06 -76.39
C GLY B 134 -27.91 14.48 -75.93
N CYS B 135 -27.33 14.87 -74.80
CA CYS B 135 -27.52 16.19 -74.22
C CYS B 135 -26.47 17.16 -74.77
N LYS B 136 -26.39 18.32 -74.11
CA LYS B 136 -25.36 19.32 -74.42
C LYS B 136 -24.92 19.97 -73.12
N VAL B 137 -23.67 19.73 -72.74
CA VAL B 137 -23.11 20.41 -71.57
C VAL B 137 -22.59 21.77 -72.00
N ARG B 138 -22.94 22.80 -71.24
CA ARG B 138 -22.61 24.18 -71.55
C ARG B 138 -21.88 24.78 -70.37
N PHE B 139 -20.56 24.90 -70.50
CA PHE B 139 -19.66 25.23 -69.42
C PHE B 139 -19.64 26.73 -69.17
N ARG B 140 -19.35 27.11 -67.93
CA ARG B 140 -19.18 28.52 -67.59
C ARG B 140 -18.27 28.58 -66.38
N LEU B 141 -17.02 28.97 -66.61
CA LEU B 141 -15.96 28.90 -65.61
C LEU B 141 -15.64 30.30 -65.11
N ILE B 142 -15.54 30.43 -63.79
CA ILE B 142 -15.50 31.74 -63.15
C ILE B 142 -14.33 31.78 -62.18
N SER B 143 -13.46 32.76 -62.36
CA SER B 143 -12.28 32.93 -61.52
C SER B 143 -12.35 34.28 -60.81
N LEU B 144 -11.96 34.28 -59.54
CA LEU B 144 -11.97 35.47 -58.72
C LEU B 144 -10.66 35.64 -57.98
N ASN B 145 -10.31 36.90 -57.71
CA ASN B 145 -9.38 37.23 -56.65
C ASN B 145 -9.96 36.81 -55.31
N THR B 146 -9.12 36.85 -54.27
CA THR B 146 -9.60 36.54 -52.94
C THR B 146 -10.77 37.43 -52.55
N MET B 147 -10.62 38.73 -52.80
CA MET B 147 -11.78 39.61 -52.79
C MET B 147 -12.48 39.45 -54.14
N LEU B 148 -13.81 39.46 -54.12
CA LEU B 148 -14.57 39.02 -55.29
C LEU B 148 -14.43 40.05 -56.41
N LEU B 149 -13.28 40.01 -57.08
CA LEU B 149 -13.08 40.79 -58.28
C LEU B 149 -12.45 39.94 -59.36
N PRO B 150 -12.94 40.05 -60.59
CA PRO B 150 -12.41 39.22 -61.68
C PRO B 150 -10.96 39.53 -61.98
N ILE B 151 -10.26 38.52 -62.50
CA ILE B 151 -8.81 38.55 -62.67
C ILE B 151 -8.45 37.90 -64.01
N SER B 152 -7.37 38.36 -64.61
CA SER B 152 -6.88 37.74 -65.83
C SER B 152 -6.24 36.40 -65.52
N GLU B 153 -6.60 35.37 -66.28
CA GLU B 153 -6.11 34.03 -66.00
C GLU B 153 -6.17 33.17 -67.25
N LYS B 154 -5.03 32.57 -67.60
CA LYS B 154 -4.91 31.68 -68.75
C LYS B 154 -4.99 30.24 -68.27
N TYR B 155 -5.51 29.37 -69.13
CA TYR B 155 -5.78 27.98 -68.80
C TYR B 155 -5.09 27.07 -69.82
N THR B 156 -4.59 25.94 -69.34
CA THR B 156 -3.82 25.03 -70.18
C THR B 156 -4.22 23.56 -70.07
N ALA B 157 -4.83 23.14 -68.97
CA ALA B 157 -5.15 21.73 -68.75
C ALA B 157 -6.63 21.57 -68.43
N VAL B 158 -7.48 22.16 -69.27
CA VAL B 158 -8.92 22.07 -69.09
C VAL B 158 -9.45 20.90 -69.91
N TYR B 159 -10.13 19.98 -69.26
CA TYR B 159 -10.61 18.76 -69.92
C TYR B 159 -11.60 18.03 -69.02
N LEU B 160 -12.03 16.88 -69.51
CA LEU B 160 -12.90 15.98 -68.78
C LEU B 160 -12.21 14.63 -68.58
N GLU B 161 -12.84 13.78 -67.77
CA GLU B 161 -12.31 12.46 -67.45
C GLU B 161 -13.48 11.50 -67.30
N ASP B 162 -13.36 10.32 -67.88
CA ASP B 162 -14.40 9.30 -67.76
C ASP B 162 -14.30 8.61 -66.41
N PRO B 163 -15.34 7.89 -65.99
CA PRO B 163 -15.21 7.05 -64.79
C PRO B 163 -14.10 6.03 -64.90
N SER B 164 -13.74 5.63 -66.11
CA SER B 164 -12.55 4.78 -66.28
C SER B 164 -11.27 5.54 -66.00
N GLY B 165 -11.33 6.86 -65.89
CA GLY B 165 -10.16 7.67 -65.59
C GLY B 165 -9.37 8.12 -66.79
N SER B 166 -10.02 8.47 -67.89
CA SER B 166 -9.34 8.88 -69.11
C SER B 166 -9.92 10.19 -69.61
N ARG B 167 -9.04 11.03 -70.16
CA ARG B 167 -9.45 12.34 -70.68
C ARG B 167 -10.33 12.16 -71.90
N ILE B 168 -11.46 12.87 -71.92
CA ILE B 168 -12.40 12.76 -73.02
C ILE B 168 -12.20 13.87 -74.03
N ALA B 169 -12.37 15.13 -73.60
CA ALA B 169 -12.18 16.28 -74.46
C ALA B 169 -11.35 17.30 -73.72
N GLN B 170 -10.38 17.92 -74.42
CA GLN B 170 -9.46 18.86 -73.82
C GLN B 170 -9.46 20.16 -74.61
N TRP B 171 -9.08 21.24 -73.94
CA TRP B 171 -8.99 22.55 -74.56
C TRP B 171 -7.72 23.22 -74.09
N GLN B 172 -7.19 24.12 -74.93
CA GLN B 172 -5.93 24.80 -74.65
C GLN B 172 -6.07 26.27 -75.02
N ASN B 173 -5.27 27.10 -74.37
CA ASN B 173 -5.18 28.53 -74.70
C ASN B 173 -6.53 29.22 -74.52
N GLN B 174 -7.02 29.18 -73.28
CA GLN B 174 -8.31 29.77 -72.95
C GLN B 174 -8.10 30.92 -71.99
N GLU B 175 -8.50 32.12 -72.41
CA GLU B 175 -8.29 33.33 -71.64
C GLU B 175 -9.62 33.86 -71.11
N SER B 176 -9.60 34.34 -69.87
CA SER B 176 -10.80 34.88 -69.25
C SER B 176 -11.15 36.22 -69.88
N VAL B 177 -12.23 36.25 -70.65
CA VAL B 177 -12.63 37.49 -71.31
C VAL B 177 -13.07 38.53 -70.30
N GLY B 178 -13.89 38.13 -69.32
CA GLY B 178 -14.27 39.00 -68.23
C GLY B 178 -14.19 38.24 -66.92
N GLY B 179 -13.24 37.31 -66.85
CA GLY B 179 -13.22 36.34 -65.79
C GLY B 179 -14.06 35.11 -66.05
N VAL B 180 -14.64 35.01 -67.25
CA VAL B 180 -15.56 33.93 -67.59
C VAL B 180 -15.01 33.19 -68.80
N VAL B 181 -15.09 31.86 -68.75
CA VAL B 181 -14.71 31.00 -69.87
C VAL B 181 -15.86 30.04 -70.13
N GLN B 182 -16.48 30.17 -71.30
CA GLN B 182 -17.69 29.43 -71.61
C GLN B 182 -17.44 28.45 -72.75
N LEU B 183 -17.74 27.17 -72.51
CA LEU B 183 -17.46 26.10 -73.45
C LEU B 183 -18.73 25.34 -73.78
N GLU B 184 -18.63 24.40 -74.72
CA GLU B 184 -19.76 23.64 -75.20
C GLU B 184 -19.33 22.23 -75.55
N PHE B 185 -20.19 21.25 -75.25
CA PHE B 185 -19.95 19.88 -75.69
C PHE B 185 -21.25 19.10 -75.80
N PRO B 186 -21.69 18.78 -77.01
CA PRO B 186 -22.79 17.82 -77.16
C PRO B 186 -22.34 16.43 -76.76
N LEU B 187 -23.31 15.61 -76.36
CA LEU B 187 -23.04 14.29 -75.79
C LEU B 187 -23.53 13.20 -76.72
N ILE B 188 -22.76 12.11 -76.81
CA ILE B 188 -23.19 10.94 -77.55
C ILE B 188 -24.45 10.36 -76.92
N SER B 189 -25.18 9.57 -77.72
CA SER B 189 -26.35 8.88 -77.22
C SER B 189 -26.00 7.68 -76.36
N ASP B 190 -24.73 7.25 -76.34
CA ASP B 190 -24.34 6.15 -75.47
C ASP B 190 -24.39 6.58 -74.02
N ALA B 191 -23.54 7.54 -73.65
CA ALA B 191 -23.54 8.16 -72.32
C ALA B 191 -23.54 7.10 -71.21
N ALA B 192 -22.44 6.35 -71.17
CA ALA B 192 -22.22 5.35 -70.13
C ALA B 192 -22.47 5.99 -68.77
N PRO B 193 -23.47 5.51 -68.03
CA PRO B 193 -23.84 6.17 -66.76
C PRO B 193 -22.68 6.18 -65.78
N GLY B 194 -22.56 7.28 -65.05
CA GLY B 194 -21.44 7.46 -64.15
C GLY B 194 -21.25 8.91 -63.78
N SER B 195 -20.00 9.27 -63.53
CA SER B 195 -19.64 10.64 -63.13
C SER B 195 -18.41 11.06 -63.93
N TYR B 196 -18.63 11.93 -64.92
CA TYR B 196 -17.51 12.52 -65.63
C TYR B 196 -16.95 13.69 -64.83
N THR B 197 -15.62 13.81 -64.86
CA THR B 197 -14.90 14.70 -63.97
C THR B 197 -14.30 15.85 -64.76
N ILE B 198 -14.49 17.08 -64.29
CA ILE B 198 -13.96 18.26 -64.94
C ILE B 198 -12.67 18.66 -64.26
N THR B 199 -11.63 18.87 -65.06
CA THR B 199 -10.37 19.38 -64.57
C THR B 199 -10.05 20.67 -65.32
N ALA B 200 -9.58 21.68 -64.59
CA ALA B 200 -9.21 22.95 -65.21
C ALA B 200 -8.00 23.51 -64.49
N GLU B 201 -6.93 23.77 -65.23
CA GLU B 201 -5.70 24.31 -64.68
C GLU B 201 -5.48 25.72 -65.22
N GLY B 202 -5.24 26.66 -64.30
CA GLY B 202 -4.99 28.04 -64.64
C GLY B 202 -3.66 28.51 -64.12
N GLU B 203 -3.25 29.70 -64.58
CA GLU B 203 -1.95 30.24 -64.22
C GLU B 203 -1.83 30.55 -62.74
N SER B 204 -2.94 30.69 -62.03
CA SER B 204 -2.92 30.97 -60.60
C SER B 204 -3.69 29.93 -59.79
N CYS B 205 -4.83 29.47 -60.30
CA CYS B 205 -5.49 28.34 -59.65
C CYS B 205 -4.68 27.07 -59.89
N GLU B 206 -5.18 25.97 -59.34
CA GLU B 206 -4.45 24.70 -59.38
C GLU B 206 -5.24 23.59 -60.01
N SER B 207 -6.54 23.50 -59.71
CA SER B 207 -7.39 22.47 -60.30
C SER B 207 -8.84 22.84 -60.01
N ALA B 208 -9.67 22.81 -61.04
CA ALA B 208 -11.10 23.02 -60.86
C ALA B 208 -11.80 21.66 -60.84
N ARG B 209 -11.59 20.96 -59.72
CA ARG B 209 -12.18 19.65 -59.51
C ARG B 209 -13.70 19.70 -59.58
N GLN B 210 -14.28 18.74 -60.31
CA GLN B 210 -15.72 18.73 -60.54
C GLN B 210 -16.11 17.41 -61.18
N GLY B 211 -17.29 16.91 -60.82
CA GLY B 211 -17.80 15.66 -61.34
C GLY B 211 -19.19 15.81 -61.91
N PHE B 212 -19.56 14.87 -62.79
CA PHE B 212 -20.88 14.85 -63.40
C PHE B 212 -21.79 13.82 -62.74
N THR B 213 -23.04 13.82 -63.20
CA THR B 213 -24.10 12.98 -62.64
C THR B 213 -24.93 12.36 -63.77
N VAL B 214 -24.26 11.81 -64.77
CA VAL B 214 -24.96 11.18 -65.88
C VAL B 214 -25.41 9.78 -65.47
N ASP B 215 -26.63 9.42 -65.87
CA ASP B 215 -27.18 8.11 -65.60
C ASP B 215 -27.81 7.54 -66.87
N GLU B 216 -28.39 6.35 -66.73
CA GLU B 216 -29.07 5.73 -67.86
C GLU B 216 -30.54 6.18 -67.91
N TYR B 217 -31.03 6.39 -69.13
CA TYR B 217 -32.40 6.82 -69.37
C TYR B 217 -33.32 5.61 -69.27
N ILE B 218 -33.58 5.19 -68.04
CA ILE B 218 -34.48 4.10 -67.75
C ILE B 218 -35.72 4.65 -67.06
N LEU B 219 -36.90 4.23 -67.54
CA LEU B 219 -38.19 4.74 -67.07
C LEU B 219 -39.08 3.58 -66.64
N PRO B 220 -39.20 3.35 -65.33
CA PRO B 220 -40.18 2.34 -64.86
C PRO B 220 -41.59 2.73 -65.25
N ARG B 221 -42.39 1.72 -65.59
CA ARG B 221 -43.74 1.96 -66.10
C ARG B 221 -44.70 2.49 -65.04
N PHE B 222 -44.40 2.31 -63.76
CA PHE B 222 -45.32 2.68 -62.70
C PHE B 222 -44.61 3.54 -61.67
N SER B 223 -45.27 3.74 -60.53
CA SER B 223 -44.74 4.63 -59.49
C SER B 223 -45.56 4.40 -58.22
N VAL B 224 -44.86 4.01 -57.15
CA VAL B 224 -45.46 3.85 -55.83
C VAL B 224 -45.09 5.07 -54.99
N ILE B 225 -46.02 5.52 -54.16
CA ILE B 225 -45.89 6.74 -53.39
C ILE B 225 -46.33 6.46 -51.97
N VAL B 226 -45.37 6.46 -51.04
CA VAL B 226 -45.64 6.17 -49.64
C VAL B 226 -44.81 7.11 -48.76
N ASP B 227 -45.38 7.52 -47.63
CA ASP B 227 -44.65 8.25 -46.59
C ASP B 227 -45.01 7.57 -45.28
N PRO B 228 -44.30 6.50 -44.90
CA PRO B 228 -44.65 5.80 -43.68
C PRO B 228 -44.46 6.69 -42.47
N PRO B 229 -45.27 6.50 -41.42
CA PRO B 229 -45.10 7.31 -40.20
C PRO B 229 -43.76 7.09 -39.53
N ASN B 230 -43.11 5.96 -39.79
CA ASN B 230 -41.71 5.75 -39.45
C ASN B 230 -41.51 5.57 -37.96
N THR B 231 -42.59 5.60 -37.20
CA THR B 231 -42.52 5.54 -35.74
C THR B 231 -43.88 5.14 -35.17
N ILE B 232 -43.92 4.08 -34.38
CA ILE B 232 -45.18 3.60 -33.81
C ILE B 232 -44.96 3.27 -32.33
N SER B 233 -45.93 3.63 -31.51
CA SER B 233 -45.85 3.40 -30.07
C SER B 233 -46.77 2.28 -29.64
N ILE B 234 -46.62 1.88 -28.38
CA ILE B 234 -47.39 0.75 -27.85
C ILE B 234 -48.86 1.13 -27.69
N LEU B 235 -49.12 2.34 -27.18
CA LEU B 235 -50.50 2.74 -26.92
C LEU B 235 -51.18 3.18 -28.21
N ASP B 236 -51.10 2.33 -29.23
CA ASP B 236 -51.67 2.62 -30.53
C ASP B 236 -52.42 1.39 -31.03
N ASP B 237 -53.64 1.61 -31.53
CA ASP B 237 -54.48 0.50 -31.98
C ASP B 237 -54.77 0.50 -33.47
N ILE B 238 -54.46 1.58 -34.18
CA ILE B 238 -54.76 1.69 -35.60
C ILE B 238 -53.58 2.33 -36.31
N LEU B 239 -53.25 1.80 -37.49
CA LEU B 239 -52.25 2.39 -38.37
C LEU B 239 -52.91 2.73 -39.69
N THR B 240 -52.81 3.99 -40.10
CA THR B 240 -53.37 4.43 -41.37
C THR B 240 -52.25 4.90 -42.28
N LEU B 241 -52.32 4.50 -43.54
CA LEU B 241 -51.39 4.94 -44.57
C LEU B 241 -52.13 5.55 -45.74
N ASN B 242 -51.52 6.56 -46.37
CA ASN B 242 -52.06 7.24 -47.54
C ASN B 242 -51.10 6.94 -48.69
N VAL B 243 -51.46 5.98 -49.53
CA VAL B 243 -50.57 5.49 -50.58
C VAL B 243 -51.10 5.91 -51.93
N SER B 244 -50.19 6.18 -52.87
CA SER B 244 -50.54 6.57 -54.22
C SER B 244 -49.74 5.73 -55.22
N ALA B 245 -50.17 5.74 -56.48
CA ALA B 245 -49.48 5.02 -57.54
C ALA B 245 -49.93 5.56 -58.88
N ILE B 246 -48.97 5.72 -59.79
CA ILE B 246 -49.21 6.42 -61.05
C ILE B 246 -48.31 5.81 -62.14
N TYR B 247 -48.80 5.87 -63.38
CA TYR B 247 -48.03 5.45 -64.55
C TYR B 247 -46.82 6.36 -64.74
N THR B 248 -46.08 6.11 -65.81
CA THR B 248 -44.99 7.01 -66.19
C THR B 248 -45.51 8.41 -66.45
N TYR B 249 -46.51 8.53 -67.32
CA TYR B 249 -46.92 9.83 -67.85
C TYR B 249 -48.08 10.43 -67.06
N GLY B 250 -48.14 10.18 -65.76
CA GLY B 250 -49.18 10.77 -64.95
C GLY B 250 -50.55 10.17 -65.19
N GLN B 251 -50.65 8.84 -65.13
CA GLN B 251 -51.92 8.17 -65.33
C GLN B 251 -52.25 7.33 -64.11
N PRO B 252 -53.49 7.40 -63.61
CA PRO B 252 -53.91 6.45 -62.59
C PRO B 252 -53.83 5.03 -63.12
N VAL B 253 -53.36 4.13 -62.27
CA VAL B 253 -53.20 2.74 -62.67
C VAL B 253 -54.17 1.88 -61.86
N PRO B 254 -55.26 1.43 -62.45
CA PRO B 254 -56.13 0.49 -61.73
C PRO B 254 -55.36 -0.79 -61.41
N GLY B 255 -55.58 -1.30 -60.21
CA GLY B 255 -54.86 -2.48 -59.76
C GLY B 255 -54.99 -2.64 -58.26
N SER B 256 -54.66 -3.86 -57.82
CA SER B 256 -54.82 -4.26 -56.43
C SER B 256 -53.56 -3.93 -55.65
N VAL B 257 -53.73 -3.52 -54.40
CA VAL B 257 -52.63 -3.23 -53.50
C VAL B 257 -52.84 -4.07 -52.25
N THR B 258 -51.89 -4.94 -51.94
CA THR B 258 -51.97 -5.77 -50.75
C THR B 258 -50.70 -5.61 -49.93
N ILE B 259 -50.83 -5.81 -48.62
CA ILE B 259 -49.75 -5.53 -47.68
C ILE B 259 -49.67 -6.64 -46.64
N LYS B 260 -48.44 -7.07 -46.36
CA LYS B 260 -48.12 -7.97 -45.26
C LYS B 260 -47.10 -7.26 -44.38
N CYS B 261 -47.24 -7.40 -43.06
CA CYS B 261 -46.29 -6.80 -42.12
C CYS B 261 -46.30 -7.60 -40.82
N CYS B 262 -45.11 -7.87 -40.29
CA CYS B 262 -44.96 -8.59 -39.03
C CYS B 262 -43.48 -8.57 -38.63
N ARG B 263 -43.17 -9.28 -37.55
CA ARG B 263 -41.80 -9.56 -37.12
C ARG B 263 -41.87 -10.70 -36.12
N GLU B 264 -40.70 -11.17 -35.69
CA GLU B 264 -40.60 -12.30 -34.79
C GLU B 264 -40.83 -11.83 -33.35
N ALA B 265 -40.79 -12.78 -32.41
CA ALA B 265 -41.02 -12.44 -31.02
C ALA B 265 -39.74 -12.08 -30.27
N SER B 266 -38.83 -13.05 -30.07
CA SER B 266 -37.51 -12.72 -29.53
C SER B 266 -36.34 -13.44 -30.19
N SER B 267 -36.44 -14.74 -30.48
CA SER B 267 -35.37 -15.55 -31.04
C SER B 267 -34.04 -15.32 -30.30
N TYR B 268 -34.01 -15.76 -29.04
CA TYR B 268 -32.83 -15.49 -28.20
C TYR B 268 -31.60 -16.20 -28.72
N TYR B 269 -31.49 -17.51 -28.48
CA TYR B 269 -30.42 -18.32 -29.05
C TYR B 269 -30.90 -19.71 -29.49
N GLY B 270 -31.90 -20.24 -28.78
CA GLY B 270 -32.33 -21.61 -28.95
C GLY B 270 -31.60 -22.57 -28.02
N ARG B 271 -32.19 -23.76 -27.91
CA ARG B 271 -31.58 -24.95 -27.28
C ARG B 271 -31.13 -24.62 -25.86
N LYS B 272 -29.88 -24.91 -25.48
CA LYS B 272 -29.44 -24.92 -24.09
C LYS B 272 -29.79 -23.64 -23.34
N GLY B 273 -30.10 -22.57 -24.05
CA GLY B 273 -30.72 -21.42 -23.43
C GLY B 273 -32.22 -21.58 -23.53
N ASN B 274 -32.85 -20.78 -24.39
CA ASN B 274 -34.29 -20.87 -24.63
C ASN B 274 -34.53 -21.87 -25.76
N CYS B 275 -34.74 -23.14 -25.39
CA CYS B 275 -35.01 -24.21 -26.36
C CYS B 275 -36.18 -23.87 -27.27
N PHE B 276 -37.32 -23.54 -26.68
CA PHE B 276 -38.48 -23.07 -27.41
C PHE B 276 -38.84 -21.69 -26.90
N LYS B 277 -38.98 -20.74 -27.83
CA LYS B 277 -39.13 -19.34 -27.46
C LYS B 277 -40.04 -18.65 -28.48
N GLY B 278 -41.16 -18.13 -27.98
CA GLY B 278 -42.09 -17.40 -28.83
C GLY B 278 -42.66 -18.28 -29.94
N ASN B 279 -43.09 -17.62 -31.01
CA ASN B 279 -43.67 -18.32 -32.15
C ASN B 279 -43.11 -17.83 -33.46
N ARG B 280 -43.74 -18.25 -34.55
CA ARG B 280 -43.25 -17.97 -35.89
C ARG B 280 -43.28 -16.49 -36.22
N GLY B 281 -44.07 -15.70 -35.49
CA GLY B 281 -44.28 -14.30 -35.81
C GLY B 281 -45.67 -14.05 -36.39
N ILE B 282 -46.51 -13.35 -35.64
CA ILE B 282 -47.89 -13.12 -36.05
C ILE B 282 -47.88 -12.10 -37.19
N CYS B 283 -48.44 -12.49 -38.33
CA CYS B 283 -48.41 -11.67 -39.54
C CYS B 283 -49.84 -11.38 -40.00
N THR B 284 -50.11 -10.13 -40.33
CA THR B 284 -51.41 -9.72 -40.81
C THR B 284 -51.39 -9.54 -42.33
N ASN B 285 -52.57 -9.65 -42.92
CA ASN B 285 -52.73 -9.52 -44.37
C ASN B 285 -53.84 -8.52 -44.65
N ILE B 286 -53.57 -7.59 -45.57
CA ILE B 286 -54.62 -6.70 -46.06
C ILE B 286 -54.52 -6.64 -47.58
N THR B 287 -55.65 -6.33 -48.21
CA THR B 287 -55.71 -6.17 -49.64
C THR B 287 -56.87 -5.24 -49.99
N GLY B 288 -56.65 -4.42 -51.03
CA GLY B 288 -57.66 -3.47 -51.46
C GLY B 288 -57.45 -3.12 -52.92
N GLU B 289 -58.37 -2.29 -53.42
CA GLU B 289 -58.37 -1.89 -54.81
C GLU B 289 -58.54 -0.38 -54.92
N LEU B 290 -58.02 0.19 -56.01
CA LEU B 290 -58.20 1.61 -56.31
C LEU B 290 -58.35 1.80 -57.81
N GLY B 291 -58.23 3.03 -58.30
CA GLY B 291 -58.43 3.28 -59.70
C GLY B 291 -59.10 4.59 -60.10
N PRO B 292 -59.97 5.19 -59.23
CA PRO B 292 -60.55 6.49 -59.59
C PRO B 292 -59.53 7.53 -60.02
N ASP B 293 -58.54 7.79 -59.17
CA ASP B 293 -57.43 8.68 -59.52
C ASP B 293 -56.09 8.12 -59.13
N GLY B 294 -56.04 7.10 -58.29
CA GLY B 294 -54.82 6.60 -57.69
C GLY B 294 -54.72 7.14 -56.29
N ALA B 295 -55.21 6.37 -55.33
CA ALA B 295 -55.20 6.73 -53.92
C ALA B 295 -55.73 5.55 -53.13
N PHE B 296 -55.14 5.29 -51.97
CA PHE B 296 -55.66 4.24 -51.12
C PHE B 296 -55.33 4.55 -49.67
N TYR B 297 -56.23 4.17 -48.77
CA TYR B 297 -56.09 4.42 -47.35
C TYR B 297 -55.98 3.07 -46.65
N GLY B 298 -54.76 2.69 -46.33
CA GLY B 298 -54.46 1.47 -45.62
C GLY B 298 -54.67 1.63 -44.13
N VAL B 299 -55.91 1.55 -43.68
CA VAL B 299 -56.22 1.57 -42.25
C VAL B 299 -56.30 0.14 -41.75
N VAL B 300 -55.52 -0.16 -40.71
CA VAL B 300 -55.40 -1.51 -40.16
C VAL B 300 -55.43 -1.42 -38.64
N SER B 301 -56.13 -2.35 -38.01
CA SER B 301 -56.06 -2.46 -36.56
C SER B 301 -54.82 -3.25 -36.17
N LEU B 302 -54.03 -2.68 -35.27
CA LEU B 302 -52.89 -3.36 -34.69
C LEU B 302 -53.30 -4.27 -33.56
N LEU B 303 -54.56 -4.24 -33.17
CA LEU B 303 -55.06 -5.11 -32.12
C LEU B 303 -54.67 -6.57 -32.33
N PRO B 304 -54.73 -7.15 -33.53
CA PRO B 304 -54.19 -8.51 -33.70
C PRO B 304 -52.75 -8.63 -33.25
N PHE B 305 -51.93 -7.61 -33.49
CA PHE B 305 -50.58 -7.62 -32.96
C PHE B 305 -50.59 -7.31 -31.47
N GLN B 306 -49.66 -7.92 -30.75
CA GLN B 306 -49.60 -7.84 -29.30
C GLN B 306 -48.72 -6.66 -28.90
N MET B 307 -49.33 -5.72 -28.19
CA MET B 307 -48.61 -4.60 -27.61
C MET B 307 -48.64 -4.71 -26.10
N GLY B 308 -47.46 -4.70 -25.48
CA GLY B 308 -47.34 -4.89 -24.04
C GLY B 308 -46.81 -6.24 -23.62
N GLN B 309 -46.10 -6.95 -24.49
CA GLN B 309 -45.62 -8.31 -24.23
C GLN B 309 -44.14 -8.42 -24.53
N SER B 310 -43.64 -9.64 -24.64
CA SER B 310 -42.24 -9.86 -25.00
C SER B 310 -42.04 -10.15 -26.49
N GLY B 311 -43.11 -10.28 -27.26
CA GLY B 311 -42.99 -10.75 -28.62
C GLY B 311 -42.59 -9.69 -29.63
N PHE B 312 -41.74 -8.78 -29.21
CA PHE B 312 -41.42 -7.61 -30.01
C PHE B 312 -40.03 -7.70 -30.62
N GLN B 313 -39.89 -7.16 -31.82
CA GLN B 313 -38.59 -6.85 -32.38
C GLN B 313 -38.36 -5.36 -32.53
N MET B 314 -39.23 -4.53 -31.93
CA MET B 314 -39.14 -3.08 -31.97
C MET B 314 -39.26 -2.49 -33.36
N SER B 315 -39.59 -3.29 -34.37
CA SER B 315 -39.82 -2.76 -35.70
C SER B 315 -40.85 -3.63 -36.41
N LEU B 316 -41.54 -3.04 -37.39
CA LEU B 316 -42.52 -3.74 -38.21
C LEU B 316 -42.04 -3.73 -39.64
N GLY B 317 -41.48 -4.86 -40.09
CA GLY B 317 -41.14 -5.01 -41.49
C GLY B 317 -42.42 -5.03 -42.31
N VAL B 318 -42.56 -4.06 -43.21
CA VAL B 318 -43.80 -3.84 -43.94
C VAL B 318 -43.52 -3.98 -45.43
N ALA B 319 -44.31 -4.82 -46.10
CA ALA B 319 -44.19 -5.07 -47.52
C ALA B 319 -45.52 -4.80 -48.22
N LEU B 320 -45.45 -4.15 -49.38
CA LEU B 320 -46.63 -3.80 -50.16
C LEU B 320 -46.36 -4.13 -51.63
N THR B 321 -47.38 -4.64 -52.32
CA THR B 321 -47.27 -4.96 -53.74
C THR B 321 -48.51 -4.49 -54.48
N VAL B 322 -48.31 -4.07 -55.73
CA VAL B 322 -49.39 -3.62 -56.60
C VAL B 322 -49.25 -4.30 -57.95
N THR B 323 -50.35 -4.80 -58.48
CA THR B 323 -50.41 -5.43 -59.78
C THR B 323 -51.34 -4.63 -60.69
N GLU B 324 -51.61 -5.17 -61.87
CA GLU B 324 -52.60 -4.62 -62.78
C GLU B 324 -53.68 -5.65 -63.08
N GLU B 325 -54.86 -5.15 -63.46
CA GLU B 325 -55.94 -6.04 -63.85
C GLU B 325 -55.60 -6.79 -65.14
N GLY B 326 -55.18 -6.06 -66.16
CA GLY B 326 -54.85 -6.68 -67.44
C GLY B 326 -53.54 -7.42 -67.38
N THR B 327 -52.49 -6.74 -66.95
CA THR B 327 -51.20 -7.38 -66.80
C THR B 327 -51.01 -7.88 -65.38
N GLY B 328 -50.68 -9.16 -65.26
CA GLY B 328 -50.43 -9.74 -63.96
C GLY B 328 -49.13 -9.27 -63.34
N ILE B 329 -48.36 -8.45 -64.04
CA ILE B 329 -47.11 -7.94 -63.50
C ILE B 329 -47.39 -7.12 -62.25
N GLN B 330 -46.40 -7.06 -61.36
CA GLN B 330 -46.56 -6.46 -60.05
C GLN B 330 -45.35 -5.61 -59.73
N VAL B 331 -45.47 -4.84 -58.65
CA VAL B 331 -44.39 -4.04 -58.10
C VAL B 331 -44.31 -4.30 -56.61
N THR B 332 -43.10 -4.45 -56.08
CA THR B 332 -42.89 -4.67 -54.65
C THR B 332 -42.32 -3.42 -54.00
N HIS B 333 -42.57 -3.31 -52.70
CA HIS B 333 -41.95 -2.27 -51.88
C HIS B 333 -42.02 -2.69 -50.43
N GLN B 334 -40.87 -3.01 -49.85
CA GLN B 334 -40.80 -3.44 -48.46
C GLN B 334 -40.03 -2.42 -47.65
N PHE B 335 -40.38 -2.30 -46.37
CA PHE B 335 -39.65 -1.45 -45.47
C PHE B 335 -39.93 -1.88 -44.04
N PHE B 336 -39.52 -1.05 -43.10
CA PHE B 336 -39.62 -1.31 -41.68
C PHE B 336 -40.36 -0.16 -41.02
N ILE B 337 -41.07 -0.44 -39.94
CA ILE B 337 -41.72 0.58 -39.13
C ILE B 337 -41.21 0.48 -37.70
N MET B 338 -40.60 1.56 -37.23
CA MET B 338 -39.96 1.52 -35.92
C MET B 338 -41.00 1.56 -34.81
N ILE B 339 -40.91 0.61 -33.88
CA ILE B 339 -41.80 0.51 -32.74
C ILE B 339 -41.17 1.29 -31.59
N THR B 340 -41.68 2.47 -31.31
CA THR B 340 -41.13 3.31 -30.26
C THR B 340 -41.78 3.00 -28.92
N SER B 341 -41.08 3.40 -27.87
CA SER B 341 -41.58 3.29 -26.50
C SER B 341 -41.49 4.60 -25.73
N GLN B 342 -40.44 5.38 -25.94
CA GLN B 342 -40.29 6.64 -25.24
C GLN B 342 -41.10 7.70 -25.96
N LEU B 343 -42.19 8.13 -25.32
CA LEU B 343 -43.16 9.00 -25.99
C LEU B 343 -42.57 10.37 -26.26
N ALA B 344 -41.98 10.99 -25.23
CA ALA B 344 -41.52 12.37 -25.29
C ALA B 344 -40.05 12.45 -24.92
N THR B 345 -39.46 13.62 -25.14
CA THR B 345 -38.04 13.86 -24.88
C THR B 345 -37.85 15.32 -24.47
N LEU B 346 -36.95 15.50 -23.52
CA LEU B 346 -36.44 16.79 -23.09
C LEU B 346 -34.98 16.89 -23.52
N ILE B 347 -34.60 18.06 -24.03
CA ILE B 347 -33.35 18.23 -24.75
C ILE B 347 -32.70 19.55 -24.36
N PHE B 348 -31.38 19.50 -24.21
CA PHE B 348 -30.55 20.70 -24.08
C PHE B 348 -30.13 21.12 -25.48
N ASP B 349 -30.30 22.40 -25.80
CA ASP B 349 -29.96 22.91 -27.12
C ASP B 349 -28.54 23.46 -27.12
N TYR B 350 -27.69 22.95 -27.99
CA TYR B 350 -26.30 23.40 -28.03
C TYR B 350 -26.18 24.70 -28.80
N ASP B 351 -27.07 25.65 -28.52
CA ASP B 351 -26.96 27.01 -29.01
C ASP B 351 -26.96 28.02 -27.88
N ALA B 352 -27.98 27.98 -27.03
CA ALA B 352 -28.08 28.83 -25.86
C ALA B 352 -27.37 28.16 -24.70
N LEU B 353 -27.62 28.65 -23.48
CA LEU B 353 -27.09 28.06 -22.26
C LEU B 353 -25.56 28.07 -22.28
N LYS B 354 -25.02 29.28 -22.21
CA LYS B 354 -23.58 29.45 -22.21
C LYS B 354 -22.92 28.51 -21.21
N GLU B 355 -21.93 27.78 -21.68
CA GLU B 355 -21.23 26.79 -20.87
C GLU B 355 -20.55 27.41 -19.66
N PHE B 356 -20.19 28.68 -19.76
CA PHE B 356 -19.48 29.39 -18.69
C PHE B 356 -20.51 29.97 -17.75
N TYR B 357 -20.30 29.76 -16.46
CA TYR B 357 -21.18 30.29 -15.44
C TYR B 357 -20.44 31.33 -14.62
N LYS B 358 -21.22 32.24 -14.04
CA LYS B 358 -20.71 33.45 -13.42
C LYS B 358 -21.55 33.80 -12.19
N ARG B 359 -20.93 34.48 -11.23
CA ARG B 359 -21.61 34.89 -10.03
C ARG B 359 -22.63 35.98 -10.33
N GLY B 360 -23.69 36.05 -9.53
CA GLY B 360 -24.61 37.15 -9.57
C GLY B 360 -25.51 37.22 -10.78
N ILE B 361 -24.96 37.11 -11.98
CA ILE B 361 -25.73 37.19 -13.22
C ILE B 361 -26.62 35.95 -13.29
N PRO B 362 -27.94 36.09 -13.33
CA PRO B 362 -28.82 34.92 -13.41
C PRO B 362 -28.54 34.11 -14.67
N TYR B 363 -28.57 32.80 -14.53
CA TYR B 363 -28.28 31.88 -15.62
C TYR B 363 -29.59 31.44 -16.26
N LEU B 364 -29.60 31.41 -17.59
CA LEU B 364 -30.79 31.09 -18.34
C LEU B 364 -30.72 29.66 -18.85
N VAL B 365 -31.79 28.91 -18.65
CA VAL B 365 -31.83 27.50 -19.02
C VAL B 365 -33.02 27.27 -19.94
N LYS B 366 -32.79 26.52 -21.01
CA LYS B 366 -33.79 26.22 -22.02
C LYS B 366 -33.76 24.72 -22.30
N VAL B 367 -34.94 24.11 -22.40
CA VAL B 367 -35.04 22.70 -22.71
C VAL B 367 -36.18 22.50 -23.69
N ILE B 368 -36.00 21.56 -24.62
CA ILE B 368 -36.97 21.27 -25.66
C ILE B 368 -37.73 20.01 -25.27
N LEU B 369 -39.05 20.08 -25.30
CA LEU B 369 -39.91 18.94 -25.01
C LEU B 369 -40.76 18.63 -26.22
N THR B 370 -40.65 17.40 -26.72
CA THR B 370 -41.50 16.96 -27.81
C THR B 370 -42.02 15.57 -27.51
N ASP B 371 -43.18 15.24 -28.08
CA ASP B 371 -43.78 13.95 -27.83
C ASP B 371 -44.09 13.24 -29.15
N ALA B 372 -44.14 11.91 -29.07
CA ALA B 372 -44.45 11.04 -30.18
C ALA B 372 -43.61 11.37 -31.41
N ASN B 373 -44.27 11.77 -32.49
CA ASN B 373 -43.59 12.09 -33.74
C ASN B 373 -43.28 13.58 -33.84
N ASP B 374 -42.40 14.03 -32.95
CA ASP B 374 -41.85 15.38 -32.94
C ASP B 374 -42.97 16.42 -32.82
N ASN B 375 -43.64 16.38 -31.68
CA ASN B 375 -44.76 17.26 -31.45
C ASN B 375 -44.65 17.94 -30.09
N PRO B 376 -44.89 19.24 -30.04
CA PRO B 376 -44.87 19.94 -28.75
C PRO B 376 -46.05 19.51 -27.89
N MET B 377 -45.89 19.67 -26.59
CA MET B 377 -46.94 19.34 -25.63
C MET B 377 -47.44 20.60 -24.93
N ALA B 378 -48.63 20.46 -24.35
CA ALA B 378 -49.25 21.54 -23.59
C ALA B 378 -48.60 21.60 -22.21
N ASN B 379 -49.20 22.38 -21.31
CA ASN B 379 -48.59 22.64 -20.00
C ASN B 379 -48.17 21.35 -19.33
N GLU B 380 -46.86 21.20 -19.19
CA GLU B 380 -46.26 20.05 -18.54
C GLU B 380 -45.18 20.56 -17.60
N GLN B 381 -45.13 20.00 -16.42
CA GLN B 381 -44.17 20.44 -15.42
C GLN B 381 -42.87 19.67 -15.56
N VAL B 382 -41.76 20.38 -15.42
CA VAL B 382 -40.43 19.81 -15.45
C VAL B 382 -39.65 20.36 -14.27
N GLU B 383 -38.59 19.66 -13.90
CA GLU B 383 -37.93 19.80 -12.62
C GLU B 383 -36.45 20.01 -12.83
N VAL B 384 -35.94 21.18 -12.45
CA VAL B 384 -34.53 21.50 -12.55
C VAL B 384 -33.94 21.47 -11.15
N GLU B 385 -32.85 20.72 -10.98
CA GLU B 385 -32.14 20.62 -9.73
C GLU B 385 -30.66 20.91 -9.96
N LEU B 386 -30.11 21.80 -9.14
CA LEU B 386 -28.71 22.19 -9.27
C LEU B 386 -27.79 21.03 -8.95
N ALA B 387 -27.84 20.56 -7.70
CA ALA B 387 -27.09 19.38 -7.29
C ALA B 387 -28.02 18.23 -6.91
N GLY B 388 -28.95 18.45 -5.99
CA GLY B 388 -29.94 17.47 -5.64
C GLY B 388 -31.24 18.12 -5.23
N LYS B 389 -31.38 19.40 -5.57
CA LYS B 389 -32.48 20.22 -5.07
C LYS B 389 -33.26 20.81 -6.23
N THR B 390 -34.47 20.30 -6.44
CA THR B 390 -35.35 20.84 -7.47
C THR B 390 -35.83 22.21 -7.02
N ILE B 391 -35.61 23.21 -7.88
CA ILE B 391 -35.90 24.59 -7.48
C ILE B 391 -36.79 25.29 -8.50
N GLY B 392 -36.79 24.80 -9.73
CA GLY B 392 -37.53 25.50 -10.78
C GLY B 392 -38.99 25.14 -10.87
N ALA B 393 -39.29 23.86 -11.09
CA ALA B 393 -40.65 23.34 -11.09
C ALA B 393 -41.54 24.16 -12.02
N VAL B 394 -41.25 24.08 -13.31
CA VAL B 394 -41.84 25.00 -14.27
C VAL B 394 -42.63 24.23 -15.32
N LEU B 395 -43.77 24.79 -15.70
CA LEU B 395 -44.57 24.27 -16.79
C LEU B 395 -44.00 24.70 -18.14
N THR B 396 -44.50 24.07 -19.20
CA THR B 396 -43.96 24.27 -20.53
C THR B 396 -44.30 25.65 -21.08
N ASP B 397 -43.93 25.88 -22.34
CA ASP B 397 -44.14 27.14 -23.03
C ASP B 397 -45.02 26.94 -24.27
N LYS B 398 -45.85 25.90 -24.25
CA LYS B 398 -46.85 25.61 -25.27
C LYS B 398 -46.24 25.12 -26.59
N GLU B 399 -44.92 25.15 -26.70
CA GLU B 399 -44.26 24.63 -27.90
C GLU B 399 -42.94 23.97 -27.55
N GLY B 400 -42.83 23.42 -26.33
CA GLY B 400 -41.62 22.74 -25.91
C GLY B 400 -40.38 23.61 -25.90
N ARG B 401 -40.48 24.83 -25.40
CA ARG B 401 -39.36 25.75 -25.36
C ARG B 401 -39.12 26.21 -23.93
N ALA B 402 -39.06 25.25 -23.01
CA ALA B 402 -39.04 25.56 -21.58
C ALA B 402 -37.88 26.49 -21.23
N GLU B 403 -38.20 27.53 -20.47
CA GLU B 403 -37.27 28.55 -20.02
C GLU B 403 -37.30 28.64 -18.51
N TYR B 404 -36.14 28.86 -17.90
CA TYR B 404 -36.08 29.24 -16.50
C TYR B 404 -34.85 30.11 -16.25
N ALA B 405 -34.93 30.91 -15.18
CA ALA B 405 -33.85 31.79 -14.75
C ALA B 405 -33.44 31.37 -13.35
N ILE B 406 -32.15 31.03 -13.17
CA ILE B 406 -31.66 30.59 -11.89
C ILE B 406 -30.73 31.65 -11.30
N ASP B 407 -30.79 31.83 -9.98
CA ASP B 407 -29.88 32.74 -9.29
C ASP B 407 -28.48 32.17 -9.32
N THR B 408 -27.48 33.06 -9.38
CA THR B 408 -26.09 32.64 -9.44
C THR B 408 -25.20 33.36 -8.43
N SER B 409 -25.70 34.37 -7.73
CA SER B 409 -24.89 35.02 -6.72
C SER B 409 -24.62 34.06 -5.58
N SER B 410 -23.45 34.20 -4.95
CA SER B 410 -23.03 33.33 -3.86
C SER B 410 -22.91 31.88 -4.34
N PHE B 411 -22.07 31.65 -5.33
CA PHE B 411 -21.88 30.31 -5.89
C PHE B 411 -20.41 30.16 -6.28
N VAL B 412 -19.67 29.38 -5.51
CA VAL B 412 -18.24 29.23 -5.73
C VAL B 412 -17.96 27.75 -5.95
N GLN B 413 -18.91 27.06 -6.56
CA GLN B 413 -18.73 25.65 -6.87
C GLN B 413 -17.77 25.52 -8.05
N GLU B 414 -17.09 24.38 -8.16
CA GLU B 414 -16.05 24.25 -9.17
C GLU B 414 -16.26 23.06 -10.09
N ASN B 415 -17.31 22.29 -9.86
CA ASN B 415 -17.79 21.37 -10.88
C ASN B 415 -19.18 21.74 -11.38
N PHE B 416 -20.18 21.76 -10.48
CA PHE B 416 -21.49 22.31 -10.78
C PHE B 416 -22.09 21.71 -12.05
N THR B 417 -22.43 20.44 -11.97
CA THR B 417 -23.25 19.79 -12.99
C THR B 417 -24.71 19.87 -12.56
N VAL B 418 -25.46 20.74 -13.19
CA VAL B 418 -26.89 20.84 -12.96
C VAL B 418 -27.57 19.73 -13.75
N VAL B 419 -28.84 19.47 -13.47
CA VAL B 419 -29.59 18.47 -14.22
C VAL B 419 -31.07 18.83 -14.16
N VAL B 420 -31.80 18.43 -15.19
CA VAL B 420 -33.23 18.68 -15.31
C VAL B 420 -33.88 17.36 -15.69
N SER B 421 -35.17 17.23 -15.40
CA SER B 421 -35.89 16.00 -15.70
C SER B 421 -37.38 16.28 -15.78
N TYR B 422 -38.12 15.26 -16.18
CA TYR B 422 -39.58 15.28 -16.18
C TYR B 422 -40.04 14.07 -15.38
N GLU B 423 -40.70 14.33 -14.27
CA GLU B 423 -41.38 13.30 -13.50
C GLU B 423 -42.86 13.62 -13.44
N ASN B 424 -43.67 12.66 -13.87
CA ASN B 424 -45.12 12.75 -13.78
C ASN B 424 -45.70 11.34 -13.79
N PRO B 425 -46.37 10.94 -12.75
CA PRO B 425 -46.78 9.55 -12.59
C PRO B 425 -48.01 9.18 -13.42
N HIS B 426 -48.03 9.60 -14.68
CA HIS B 426 -49.19 9.37 -15.52
C HIS B 426 -48.87 8.85 -16.91
N GLN B 427 -47.61 8.87 -17.33
CA GLN B 427 -47.27 8.53 -18.70
C GLN B 427 -46.58 7.18 -18.78
N CYS B 428 -46.16 6.81 -19.99
CA CYS B 428 -45.52 5.53 -20.24
C CYS B 428 -44.04 5.75 -20.53
N TYR B 429 -43.19 5.13 -19.71
CA TYR B 429 -41.74 5.13 -19.92
C TYR B 429 -41.24 3.70 -19.77
N TYR B 430 -41.30 2.94 -20.85
CA TYR B 430 -40.66 1.62 -20.89
C TYR B 430 -39.35 1.73 -21.62
N THR B 431 -38.26 1.55 -20.88
CA THR B 431 -36.95 1.48 -21.50
C THR B 431 -36.57 0.04 -21.78
N GLU B 432 -35.63 -0.12 -22.70
CA GLU B 432 -34.93 -1.39 -22.92
C GLU B 432 -33.64 -1.46 -22.14
N TRP B 433 -32.90 -0.36 -22.06
CA TRP B 433 -31.54 -0.36 -21.53
C TRP B 433 -31.50 -0.06 -20.04
N GLU B 434 -32.39 -0.72 -19.28
CA GLU B 434 -32.37 -0.71 -17.82
C GLU B 434 -32.11 0.68 -17.23
N GLY B 435 -32.52 1.73 -17.94
CA GLY B 435 -32.14 3.08 -17.59
C GLY B 435 -33.09 3.77 -16.62
N PRO B 436 -32.92 5.08 -16.46
CA PRO B 436 -33.85 5.85 -15.65
C PRO B 436 -35.26 5.81 -16.25
N ASP B 437 -36.24 5.91 -15.36
CA ASP B 437 -37.63 5.65 -15.70
C ASP B 437 -38.37 6.87 -16.20
N PHE B 438 -37.66 7.93 -16.62
CA PHE B 438 -38.31 9.19 -16.90
C PHE B 438 -37.30 10.10 -17.58
N PRO B 439 -37.74 11.04 -18.40
CA PRO B 439 -36.80 11.88 -19.17
C PRO B 439 -35.93 12.71 -18.25
N THR B 440 -34.67 12.89 -18.63
CA THR B 440 -33.69 13.58 -17.80
C THR B 440 -32.49 13.96 -18.66
N ALA B 441 -31.89 15.11 -18.36
CA ALA B 441 -30.71 15.56 -19.07
C ALA B 441 -29.82 16.35 -18.13
N GLN B 442 -28.52 16.12 -18.25
CA GLN B 442 -27.52 16.69 -17.36
C GLN B 442 -26.75 17.76 -18.11
N HIS B 443 -26.18 18.70 -17.37
CA HIS B 443 -25.25 19.65 -17.96
C HIS B 443 -24.23 20.08 -16.92
N PHE B 444 -22.96 19.82 -17.22
CA PHE B 444 -21.85 20.21 -16.36
C PHE B 444 -21.30 21.50 -16.94
N VAL B 445 -21.38 22.58 -16.18
CA VAL B 445 -20.98 23.89 -16.66
C VAL B 445 -19.69 24.31 -15.98
N MET B 446 -18.89 25.09 -16.70
CA MET B 446 -17.59 25.53 -16.23
C MET B 446 -17.62 27.05 -16.14
N ARG B 447 -16.75 27.59 -15.29
CA ARG B 447 -16.89 28.95 -14.81
C ARG B 447 -16.12 29.92 -15.68
N PHE B 448 -16.56 31.17 -15.68
CA PHE B 448 -15.72 32.29 -16.10
C PHE B 448 -15.32 33.10 -14.89
N TYR B 449 -14.16 33.73 -14.93
CA TYR B 449 -13.62 34.41 -13.77
C TYR B 449 -13.51 35.91 -13.95
N SER B 450 -13.80 36.64 -12.87
CA SER B 450 -13.57 38.08 -12.82
C SER B 450 -13.13 38.42 -11.40
N GLU B 451 -11.94 39.01 -11.26
CA GLU B 451 -11.41 39.22 -9.93
C GLU B 451 -12.17 40.32 -9.19
N THR B 452 -12.22 41.53 -9.75
CA THR B 452 -12.97 42.59 -9.09
C THR B 452 -14.47 42.38 -9.21
N GLY B 453 -14.92 41.69 -10.25
CA GLY B 453 -16.33 41.44 -10.43
C GLY B 453 -16.97 42.40 -11.41
N SER B 454 -17.09 41.97 -12.66
CA SER B 454 -17.83 42.73 -13.65
C SER B 454 -18.22 41.79 -14.78
N PHE B 455 -19.50 41.50 -14.88
CA PHE B 455 -19.95 40.33 -15.62
C PHE B 455 -20.83 40.81 -16.76
N LEU B 456 -20.62 40.22 -17.93
CA LEU B 456 -21.21 40.70 -19.17
C LEU B 456 -21.63 39.52 -20.02
N ASP B 457 -22.81 39.60 -20.61
CA ASP B 457 -23.27 38.57 -21.53
C ASP B 457 -24.14 39.20 -22.60
N ILE B 458 -24.25 38.50 -23.73
CA ILE B 458 -25.05 38.94 -24.86
C ILE B 458 -26.22 37.97 -24.99
N GLN B 459 -27.43 38.50 -25.12
CA GLN B 459 -28.62 37.67 -25.14
C GLN B 459 -28.54 36.74 -26.34
N GLY B 460 -28.86 35.47 -26.14
CA GLY B 460 -28.79 34.51 -27.21
C GLY B 460 -30.02 34.51 -28.09
N SER B 461 -29.78 34.34 -29.39
CA SER B 461 -30.83 34.17 -30.37
C SER B 461 -30.28 33.41 -31.56
N SER B 462 -30.91 32.27 -31.87
CA SER B 462 -30.47 31.44 -32.98
C SER B 462 -31.26 31.70 -34.25
N VAL B 463 -31.68 32.94 -34.47
CA VAL B 463 -32.42 33.32 -35.67
C VAL B 463 -31.47 34.06 -36.60
N GLU B 464 -31.75 33.99 -37.89
CA GLU B 464 -30.86 34.58 -38.88
C GLU B 464 -30.93 36.09 -38.86
N LEU B 465 -29.81 36.73 -39.19
CA LEU B 465 -29.75 38.17 -39.36
C LEU B 465 -29.88 38.50 -40.84
N ASN B 466 -30.84 39.36 -41.16
CA ASN B 466 -31.09 39.73 -42.54
C ASN B 466 -30.32 40.98 -42.92
N CYS B 467 -30.12 41.16 -44.22
CA CYS B 467 -29.32 42.25 -44.73
C CYS B 467 -30.12 43.55 -44.81
N GLY B 468 -29.41 44.67 -44.72
CA GLY B 468 -30.02 45.97 -44.92
C GLY B 468 -30.97 46.41 -43.83
N GLN B 469 -30.97 45.72 -42.70
CA GLN B 469 -31.90 46.02 -41.61
C GLN B 469 -31.10 46.15 -40.33
N VAL B 470 -31.10 47.36 -39.75
CA VAL B 470 -30.41 47.57 -38.49
C VAL B 470 -30.96 46.63 -37.42
N HIS B 471 -30.06 45.86 -36.82
CA HIS B 471 -30.44 44.95 -35.75
C HIS B 471 -30.07 45.55 -34.40
N ASN B 472 -30.68 45.03 -33.36
CA ASN B 472 -30.70 45.64 -32.04
C ASN B 472 -30.40 44.61 -30.95
N ILE B 473 -29.29 43.89 -31.10
CA ILE B 473 -28.88 42.91 -30.10
C ILE B 473 -28.71 43.56 -28.74
N SER B 474 -28.96 42.78 -27.68
CA SER B 474 -28.96 43.27 -26.32
C SER B 474 -27.92 42.56 -25.46
N VAL B 475 -27.43 43.26 -24.46
CA VAL B 475 -26.36 42.79 -23.59
C VAL B 475 -26.73 43.12 -22.15
N ARG B 476 -26.53 42.16 -21.26
CA ARG B 476 -26.77 42.33 -19.83
C ARG B 476 -25.45 42.39 -19.08
N TYR B 477 -25.42 43.21 -18.03
CA TYR B 477 -24.18 43.48 -17.31
C TYR B 477 -24.46 43.65 -15.82
N ILE B 478 -23.45 43.37 -15.02
CA ILE B 478 -23.38 43.76 -13.62
C ILE B 478 -21.97 44.24 -13.35
N LEU B 479 -21.83 45.26 -12.50
CA LEU B 479 -20.54 45.94 -12.33
C LEU B 479 -20.29 46.11 -10.84
N SER B 480 -19.53 45.20 -10.26
CA SER B 480 -19.29 45.18 -8.82
C SER B 480 -18.64 46.47 -8.35
N LEU B 481 -18.72 46.69 -7.05
CA LEU B 481 -18.01 47.79 -6.41
C LEU B 481 -16.51 47.56 -6.50
N ASP B 482 -15.76 48.55 -6.04
CA ASP B 482 -14.32 48.47 -5.89
C ASP B 482 -13.61 48.22 -7.21
N GLY B 483 -14.30 48.41 -8.32
CA GLY B 483 -13.74 48.22 -9.64
C GLY B 483 -13.39 49.54 -10.31
N MET B 484 -14.32 50.03 -11.12
CA MET B 484 -14.12 51.28 -11.85
C MET B 484 -13.80 52.44 -10.94
N GLY B 485 -14.27 52.39 -9.69
CA GLY B 485 -14.20 53.53 -8.81
C GLY B 485 -15.59 54.06 -8.55
N GLU B 486 -16.07 53.93 -7.31
CA GLU B 486 -17.46 54.23 -7.02
C GLU B 486 -17.69 55.74 -7.00
N GLY B 487 -18.86 56.15 -7.50
CA GLY B 487 -19.24 57.54 -7.55
C GLY B 487 -19.50 58.09 -8.94
N ALA B 488 -19.08 57.38 -9.99
CA ALA B 488 -19.29 57.82 -11.37
C ALA B 488 -20.23 56.83 -12.04
N THR B 489 -21.52 57.19 -12.11
CA THR B 489 -22.53 56.31 -12.65
C THR B 489 -22.71 56.50 -14.15
N THR B 490 -21.63 56.41 -14.91
CA THR B 490 -21.73 56.46 -16.37
C THR B 490 -20.51 55.79 -16.96
N ALA B 491 -20.73 54.87 -17.88
CA ALA B 491 -19.65 54.09 -18.45
C ALA B 491 -19.82 53.96 -19.96
N THR B 492 -18.69 53.90 -20.66
CA THR B 492 -18.68 53.66 -22.09
C THR B 492 -18.05 52.31 -22.36
N PHE B 493 -18.84 51.37 -22.85
CA PHE B 493 -18.35 50.07 -23.28
C PHE B 493 -18.02 50.14 -24.76
N TYR B 494 -17.13 49.28 -25.20
CA TYR B 494 -16.64 49.33 -26.57
C TYR B 494 -16.94 48.03 -27.29
N TYR B 495 -17.00 48.12 -28.61
CA TYR B 495 -17.83 47.26 -29.42
C TYR B 495 -17.17 47.09 -30.77
N LEU B 496 -17.25 45.90 -31.35
CA LEU B 496 -16.54 45.64 -32.58
C LEU B 496 -17.12 44.44 -33.31
N ALA B 497 -17.12 44.53 -34.64
CA ALA B 497 -17.55 43.44 -35.51
C ALA B 497 -16.33 42.91 -36.26
N MET B 498 -16.35 41.62 -36.54
CA MET B 498 -15.26 40.94 -37.24
C MET B 498 -15.92 39.96 -38.19
N SER B 499 -15.98 40.30 -39.47
CA SER B 499 -16.80 39.49 -40.36
C SER B 499 -16.08 38.22 -40.79
N ARG B 500 -15.04 38.38 -41.60
CA ARG B 500 -14.27 37.23 -42.09
C ARG B 500 -12.80 37.34 -41.74
N ALA B 501 -12.14 38.42 -42.16
CA ALA B 501 -10.74 38.65 -41.86
C ALA B 501 -10.47 40.13 -41.62
N LYS B 502 -11.51 40.94 -41.47
CA LYS B 502 -11.37 42.38 -41.34
C LYS B 502 -12.06 42.85 -40.06
N ILE B 503 -11.34 43.66 -39.28
CA ILE B 503 -11.90 44.32 -38.12
C ILE B 503 -12.83 45.43 -38.63
N VAL B 504 -14.13 45.24 -38.45
CA VAL B 504 -15.10 46.12 -39.11
C VAL B 504 -16.05 46.71 -38.07
N GLN B 505 -16.51 47.92 -38.35
CA GLN B 505 -17.59 48.55 -37.60
C GLN B 505 -17.26 48.66 -36.11
N HIS B 506 -16.30 49.52 -35.81
CA HIS B 506 -16.06 49.89 -34.43
C HIS B 506 -17.28 50.60 -33.87
N GLY B 507 -17.51 50.41 -32.58
CA GLY B 507 -18.67 50.99 -31.93
C GLY B 507 -18.40 51.24 -30.48
N GLN B 508 -19.17 52.16 -29.91
CA GLN B 508 -19.01 52.54 -28.52
C GLN B 508 -20.36 52.98 -27.97
N ARG B 509 -20.77 52.34 -26.88
CA ARG B 509 -22.06 52.65 -26.26
C ARG B 509 -21.81 53.23 -24.88
N ASP B 510 -22.29 54.45 -24.66
CA ASP B 510 -22.24 55.10 -23.36
C ASP B 510 -23.60 55.00 -22.67
N VAL B 511 -23.57 54.62 -21.40
CA VAL B 511 -24.78 54.40 -20.62
C VAL B 511 -24.59 55.01 -19.24
N HIS B 512 -25.69 55.22 -18.54
CA HIS B 512 -25.70 55.74 -17.17
C HIS B 512 -26.25 54.70 -16.21
N LEU B 513 -25.73 54.72 -14.99
CA LEU B 513 -26.18 53.84 -13.91
C LEU B 513 -27.10 54.62 -12.97
N ASN B 514 -28.38 54.66 -13.35
CA ASN B 514 -29.38 55.26 -12.48
C ASN B 514 -29.63 54.39 -11.25
N GLN B 515 -29.64 53.08 -11.44
CA GLN B 515 -29.85 52.13 -10.35
C GLN B 515 -28.53 51.89 -9.62
N SER B 516 -28.49 50.83 -8.80
CA SER B 516 -27.34 50.64 -7.93
C SER B 516 -26.13 50.11 -8.70
N LYS B 517 -26.22 48.89 -9.21
CA LYS B 517 -25.08 48.28 -9.90
C LYS B 517 -25.43 47.48 -11.14
N SER B 518 -26.70 47.17 -11.38
CA SER B 518 -27.09 46.14 -12.34
C SER B 518 -27.64 46.79 -13.60
N GLY B 519 -28.15 45.95 -14.50
CA GLY B 519 -28.85 46.44 -15.68
C GLY B 519 -28.46 45.75 -16.96
N LEU B 520 -29.00 46.24 -18.08
CA LEU B 520 -28.69 45.71 -19.39
C LEU B 520 -28.92 46.81 -20.41
N PHE B 521 -28.30 46.66 -21.59
CA PHE B 521 -28.36 47.67 -22.63
C PHE B 521 -28.27 47.01 -24.00
N ASN B 522 -28.67 47.77 -25.02
CA ASN B 522 -28.82 47.27 -26.37
C ASN B 522 -28.10 48.18 -27.35
N ILE B 523 -27.57 47.59 -28.42
CA ILE B 523 -26.92 48.35 -29.47
C ILE B 523 -27.66 48.11 -30.78
N GLY B 524 -27.85 49.17 -31.55
CA GLY B 524 -28.51 49.11 -32.83
C GLY B 524 -27.59 48.88 -34.02
N LEU B 525 -27.10 47.65 -34.18
CA LEU B 525 -26.17 47.37 -35.27
C LEU B 525 -26.86 47.49 -36.62
N ASN B 526 -26.33 48.38 -37.46
CA ASN B 526 -26.79 48.53 -38.85
C ASN B 526 -25.98 47.56 -39.70
N VAL B 527 -26.61 46.42 -40.03
CA VAL B 527 -25.93 45.37 -40.77
C VAL B 527 -25.68 45.82 -42.20
N THR B 528 -24.64 45.28 -42.82
CA THR B 528 -24.34 45.55 -44.22
C THR B 528 -23.94 44.25 -44.89
N SER B 529 -24.21 44.16 -46.19
CA SER B 529 -24.04 42.91 -46.92
C SER B 529 -22.58 42.48 -47.01
N ASP B 530 -21.65 43.40 -46.78
CA ASP B 530 -20.24 43.06 -46.83
C ASP B 530 -19.82 42.11 -45.71
N LEU B 531 -20.64 41.95 -44.69
CA LEU B 531 -20.37 41.02 -43.59
C LEU B 531 -20.51 39.60 -44.12
N ALA B 532 -19.44 38.83 -44.02
CA ALA B 532 -19.50 37.44 -44.42
C ALA B 532 -20.45 36.72 -43.47
N PRO B 533 -21.14 35.67 -43.92
CA PRO B 533 -21.92 34.85 -42.99
C PRO B 533 -21.03 34.33 -41.88
N GLY B 534 -21.52 34.43 -40.65
CA GLY B 534 -20.72 34.04 -39.51
C GLY B 534 -19.79 35.16 -39.04
N ALA B 535 -20.38 36.27 -38.62
CA ALA B 535 -19.62 37.41 -38.14
C ALA B 535 -19.50 37.33 -36.62
N GLU B 536 -18.29 37.44 -36.10
CA GLU B 536 -18.06 37.40 -34.67
C GLU B 536 -18.11 38.81 -34.09
N LEU B 537 -18.90 38.95 -33.03
CA LEU B 537 -19.13 40.21 -32.35
C LEU B 537 -18.36 40.22 -31.04
N ILE B 538 -17.74 41.36 -30.75
CA ILE B 538 -16.85 41.51 -29.59
C ILE B 538 -17.29 42.74 -28.84
N VAL B 539 -17.38 42.65 -27.52
CA VAL B 539 -17.65 43.80 -26.66
C VAL B 539 -16.77 43.69 -25.44
N TYR B 540 -16.44 44.85 -24.84
CA TYR B 540 -15.60 44.88 -23.65
C TYR B 540 -15.75 46.20 -22.92
N CYS B 541 -15.08 46.27 -21.77
CA CYS B 541 -14.90 47.49 -21.01
C CYS B 541 -13.75 47.29 -20.03
N ILE B 542 -12.90 48.30 -19.92
CA ILE B 542 -11.73 48.31 -19.05
C ILE B 542 -12.03 49.25 -17.90
N LEU B 543 -11.79 48.79 -16.67
CA LEU B 543 -12.18 49.64 -15.54
C LEU B 543 -11.03 50.46 -14.97
N ASP B 544 -10.04 49.81 -14.35
CA ASP B 544 -8.82 50.51 -13.98
C ASP B 544 -7.60 49.70 -14.36
N LEU B 545 -7.65 48.38 -14.13
CA LEU B 545 -6.63 47.46 -14.61
C LEU B 545 -7.19 46.10 -14.99
N GLU B 546 -8.51 45.97 -15.15
CA GLU B 546 -9.12 44.71 -15.52
C GLU B 546 -10.09 44.92 -16.66
N LEU B 547 -9.96 44.10 -17.70
CA LEU B 547 -10.79 44.19 -18.88
C LEU B 547 -11.80 43.06 -18.85
N ILE B 548 -13.06 43.38 -19.14
CA ILE B 548 -14.11 42.39 -19.27
C ILE B 548 -14.60 42.41 -20.71
N ALA B 549 -14.63 41.24 -21.35
CA ALA B 549 -15.02 41.15 -22.74
C ALA B 549 -15.82 39.87 -22.98
N ASP B 550 -16.71 39.93 -23.96
CA ASP B 550 -17.41 38.73 -24.43
C ASP B 550 -17.63 38.82 -25.93
N THR B 551 -17.78 37.65 -26.55
CA THR B 551 -17.88 37.51 -27.99
C THR B 551 -18.91 36.46 -28.36
N ILE B 552 -19.50 36.64 -29.53
CA ILE B 552 -20.47 35.71 -30.10
C ILE B 552 -20.12 35.54 -31.57
N SER B 553 -20.74 34.56 -32.22
CA SER B 553 -20.43 34.14 -33.58
C SER B 553 -21.67 34.26 -34.45
N LEU B 554 -22.27 35.45 -34.43
CA LEU B 554 -23.57 35.70 -35.04
C LEU B 554 -23.61 35.22 -36.48
N ASP B 555 -24.81 34.93 -36.95
CA ASP B 555 -25.04 34.48 -38.31
C ASP B 555 -25.47 35.65 -39.19
N ILE B 556 -24.92 35.71 -40.39
CA ILE B 556 -25.20 36.77 -41.37
C ILE B 556 -25.71 36.11 -42.64
N GLU B 557 -26.87 36.58 -43.12
CA GLU B 557 -27.44 35.99 -44.33
C GLU B 557 -26.57 36.33 -45.53
N LYS B 558 -26.48 35.39 -46.46
CA LYS B 558 -25.60 35.51 -47.61
C LYS B 558 -26.17 36.56 -48.56
N CYS B 559 -25.35 37.56 -48.90
CA CYS B 559 -25.85 38.71 -49.67
C CYS B 559 -24.94 39.18 -50.81
N PHE B 560 -23.64 38.91 -50.76
CA PHE B 560 -22.74 39.14 -51.90
C PHE B 560 -22.61 40.61 -52.30
N GLN B 561 -23.20 41.53 -51.53
CA GLN B 561 -22.99 42.97 -51.72
C GLN B 561 -23.47 43.47 -53.09
N ASN B 562 -24.07 42.61 -53.89
CA ASN B 562 -24.49 42.98 -55.24
C ASN B 562 -25.99 42.76 -55.39
N GLN B 563 -26.57 43.47 -56.35
CA GLN B 563 -28.02 43.50 -56.53
C GLN B 563 -28.39 42.97 -57.91
N VAL B 564 -29.39 42.11 -57.96
CA VAL B 564 -29.92 41.57 -59.21
C VAL B 564 -31.45 41.58 -59.13
N SER B 565 -32.09 41.93 -60.24
CA SER B 565 -33.54 42.16 -60.28
C SER B 565 -34.16 41.52 -61.53
N LEU B 566 -33.90 40.24 -61.72
CA LEU B 566 -34.53 39.48 -62.80
C LEU B 566 -36.04 39.67 -62.81
N SER B 567 -36.64 39.56 -63.99
CA SER B 567 -38.09 39.53 -64.11
C SER B 567 -38.47 38.89 -65.43
N PHE B 568 -39.41 37.95 -65.35
CA PHE B 568 -40.02 37.38 -66.54
C PHE B 568 -40.92 38.43 -67.21
N SER B 569 -41.47 38.05 -68.36
CA SER B 569 -42.51 38.86 -68.98
C SER B 569 -43.91 38.46 -68.56
N ASP B 570 -44.21 37.16 -68.55
CA ASP B 570 -45.50 36.65 -68.12
C ASP B 570 -45.31 35.25 -67.56
N ASP B 571 -46.19 34.87 -66.63
CA ASP B 571 -46.00 33.59 -65.96
C ASP B 571 -46.64 32.43 -66.71
N LEU B 572 -47.38 32.71 -67.78
CA LEU B 572 -47.99 31.66 -68.57
C LEU B 572 -48.03 32.06 -70.04
N GLY B 573 -48.40 31.09 -70.88
CA GLY B 573 -48.55 31.32 -72.29
C GLY B 573 -48.51 30.01 -73.06
N PRO B 574 -48.63 30.09 -74.38
CA PRO B 574 -48.47 28.88 -75.20
C PRO B 574 -47.03 28.42 -75.20
N THR B 575 -46.81 27.13 -75.46
CA THR B 575 -45.46 26.58 -75.47
C THR B 575 -44.68 26.97 -76.71
N ALA B 576 -45.17 27.90 -77.51
CA ALA B 576 -44.43 28.45 -78.62
C ALA B 576 -44.36 29.97 -78.55
N SER B 577 -44.62 30.52 -77.37
CA SER B 577 -44.65 31.97 -77.20
C SER B 577 -43.26 32.58 -77.35
N ASN B 578 -43.23 33.80 -77.88
CA ASN B 578 -42.03 34.61 -77.95
C ASN B 578 -41.96 35.41 -76.66
N VAL B 579 -41.14 34.95 -75.73
CA VAL B 579 -41.16 35.45 -74.36
C VAL B 579 -40.06 36.50 -74.17
N SER B 580 -40.25 37.36 -73.18
CA SER B 580 -39.34 38.47 -72.92
C SER B 580 -38.90 38.45 -71.45
N LEU B 581 -37.71 38.97 -71.19
CA LEU B 581 -37.11 39.00 -69.87
C LEU B 581 -36.55 40.39 -69.62
N ASN B 582 -37.02 41.06 -68.57
CA ASN B 582 -36.50 42.36 -68.18
C ASN B 582 -35.71 42.18 -66.89
N LEU B 583 -34.43 42.54 -66.92
CA LEU B 583 -33.56 42.34 -65.77
C LEU B 583 -32.62 43.52 -65.60
N SER B 584 -32.18 43.71 -64.35
CA SER B 584 -31.27 44.79 -63.98
C SER B 584 -30.29 44.27 -62.95
N ALA B 585 -29.14 44.94 -62.85
CA ALA B 585 -28.12 44.56 -61.89
C ALA B 585 -27.22 45.77 -61.67
N ALA B 586 -26.07 45.54 -61.05
CA ALA B 586 -25.10 46.61 -60.88
C ALA B 586 -24.61 47.07 -62.25
N PRO B 587 -24.34 48.36 -62.44
CA PRO B 587 -23.83 48.83 -63.73
C PRO B 587 -22.46 48.24 -64.03
N GLY B 588 -22.15 48.12 -65.33
CA GLY B 588 -20.85 47.60 -65.74
C GLY B 588 -20.60 46.17 -65.32
N SER B 589 -21.58 45.29 -65.56
CA SER B 589 -21.52 43.91 -65.11
C SER B 589 -21.69 42.98 -66.29
N LEU B 590 -20.77 42.02 -66.43
CA LEU B 590 -20.99 40.93 -67.37
C LEU B 590 -21.74 39.83 -66.63
N CYS B 591 -22.79 39.29 -67.25
CA CYS B 591 -23.90 38.78 -66.46
C CYS B 591 -24.49 37.55 -67.15
N GLY B 592 -24.31 36.38 -66.56
CA GLY B 592 -24.67 35.13 -67.20
C GLY B 592 -25.99 34.57 -66.69
N VAL B 593 -26.76 34.00 -67.61
CA VAL B 593 -28.17 33.67 -67.38
C VAL B 593 -28.35 32.15 -67.45
N LYS B 594 -29.46 31.67 -66.89
CA LYS B 594 -29.84 30.27 -66.96
C LYS B 594 -31.32 30.12 -66.62
N VAL B 595 -31.98 29.19 -67.30
CA VAL B 595 -33.35 28.79 -67.00
C VAL B 595 -33.44 27.28 -67.09
N ILE B 596 -34.08 26.66 -66.09
CA ILE B 596 -34.09 25.20 -65.98
C ILE B 596 -35.40 24.74 -65.37
N ASP B 597 -35.68 23.44 -65.53
CA ASP B 597 -36.83 22.81 -64.91
C ASP B 597 -36.64 22.67 -63.40
N SER B 598 -37.75 22.65 -62.67
CA SER B 598 -37.71 22.28 -61.27
C SER B 598 -37.50 20.78 -61.09
N SER B 599 -37.77 19.98 -62.12
CA SER B 599 -37.65 18.53 -61.99
C SER B 599 -36.25 18.13 -61.56
N LEU B 600 -35.24 18.75 -62.16
CA LEU B 600 -33.86 18.48 -61.75
C LEU B 600 -33.66 18.84 -60.29
N LEU B 601 -34.28 19.92 -59.84
CA LEU B 601 -34.26 20.24 -58.42
C LEU B 601 -34.94 19.17 -57.58
N LEU B 602 -36.09 18.68 -58.01
CA LEU B 602 -36.78 17.65 -57.27
C LEU B 602 -36.02 16.34 -57.23
N ILE B 603 -35.16 16.07 -58.22
CA ILE B 603 -34.33 14.88 -58.24
C ILE B 603 -33.09 15.07 -57.37
N ASN B 604 -32.26 16.07 -57.70
CA ASN B 604 -31.07 16.39 -56.93
C ASN B 604 -31.14 17.86 -56.55
N PRO B 605 -31.72 18.17 -55.40
CA PRO B 605 -31.74 19.54 -54.89
C PRO B 605 -30.41 19.96 -54.25
N TYR B 606 -29.31 19.60 -54.92
CA TYR B 606 -27.97 20.04 -54.54
C TYR B 606 -27.43 20.71 -55.79
N GLU B 607 -27.25 22.02 -55.73
CA GLU B 607 -26.72 22.74 -56.87
C GLU B 607 -25.35 23.30 -56.54
N SER B 608 -24.36 22.95 -57.35
CA SER B 608 -23.05 23.52 -57.19
C SER B 608 -23.08 25.01 -57.56
N LEU B 609 -22.03 25.71 -57.18
CA LEU B 609 -21.95 27.15 -57.33
C LEU B 609 -23.14 27.78 -56.58
N SER B 610 -23.10 27.61 -55.26
CA SER B 610 -24.12 28.15 -54.38
C SER B 610 -23.57 29.35 -53.63
N ALA B 611 -24.47 30.16 -53.09
CA ALA B 611 -24.09 31.35 -52.36
C ALA B 611 -23.22 30.99 -51.16
N SER B 612 -23.68 30.02 -50.38
CA SER B 612 -22.93 29.55 -49.23
C SER B 612 -21.64 28.85 -49.60
N GLY B 613 -21.64 28.05 -50.67
CA GLY B 613 -20.39 27.46 -51.12
C GLY B 613 -19.39 28.50 -51.56
N VAL B 614 -19.87 29.58 -52.16
CA VAL B 614 -18.98 30.68 -52.56
C VAL B 614 -18.25 31.22 -51.35
N TYR B 615 -19.00 31.53 -50.29
CA TYR B 615 -18.39 32.01 -49.07
C TYR B 615 -17.45 30.97 -48.47
N TYR B 616 -17.90 29.71 -48.43
CA TYR B 616 -17.11 28.64 -47.83
C TYR B 616 -15.80 28.42 -48.55
N SER B 617 -15.75 28.61 -49.87
CA SER B 617 -14.54 28.42 -50.64
C SER B 617 -13.71 29.70 -50.66
N ILE B 618 -13.49 30.24 -49.46
CA ILE B 618 -12.69 31.45 -49.30
C ILE B 618 -11.77 31.18 -48.10
N PRO B 619 -10.47 31.32 -48.25
CA PRO B 619 -9.55 30.67 -47.30
C PRO B 619 -9.47 31.37 -45.96
N TYR B 620 -9.68 30.60 -44.90
CA TYR B 620 -9.35 30.99 -43.54
C TYR B 620 -10.06 32.28 -43.13
N LEU B 621 -11.38 32.19 -43.06
CA LEU B 621 -12.23 33.31 -42.68
C LEU B 621 -12.67 33.26 -41.22
N SER B 622 -12.14 32.32 -40.44
CA SER B 622 -12.50 32.18 -39.04
C SER B 622 -11.28 31.66 -38.31
N LEU B 623 -10.76 32.44 -37.37
CA LEU B 623 -9.47 32.11 -36.78
C LEU B 623 -9.63 31.15 -35.61
N PHE B 624 -8.56 30.40 -35.36
CA PHE B 624 -8.59 29.26 -34.45
C PHE B 624 -7.84 29.52 -33.15
N GLY B 625 -6.56 29.85 -33.24
CA GLY B 625 -5.74 30.08 -32.06
C GLY B 625 -4.61 31.05 -32.32
N TYR B 626 -3.40 30.75 -31.84
CA TYR B 626 -2.23 31.56 -32.13
C TYR B 626 -1.19 30.84 -32.98
N ASN B 627 -1.11 29.53 -32.92
CA ASN B 627 -0.12 28.80 -33.69
C ASN B 627 -0.53 28.87 -35.16
N TYR B 628 0.06 29.81 -35.90
CA TYR B 628 -0.28 30.03 -37.29
C TYR B 628 1.01 29.99 -38.11
N GLY B 629 0.97 29.25 -39.22
CA GLY B 629 2.14 29.12 -40.08
C GLY B 629 3.34 28.51 -39.38
N GLY B 630 3.11 27.59 -38.46
CA GLY B 630 4.21 27.04 -37.70
C GLY B 630 4.83 28.02 -36.73
N PHE B 631 4.13 29.10 -36.40
CA PHE B 631 4.64 30.13 -35.51
C PHE B 631 3.74 30.20 -34.28
N ASN B 632 4.36 30.27 -33.10
CA ASN B 632 3.62 30.07 -31.85
C ASN B 632 2.66 31.22 -31.58
N LEU B 633 3.15 32.46 -31.67
CA LEU B 633 2.38 33.67 -31.44
C LEU B 633 1.91 33.79 -29.99
N GLU B 634 2.61 33.17 -29.05
CA GLU B 634 2.27 33.31 -27.64
C GLU B 634 3.39 34.01 -26.89
N GLU B 635 3.01 34.86 -25.94
CA GLU B 635 3.97 35.46 -25.03
C GLU B 635 4.41 34.44 -23.98
N PRO B 636 5.53 34.69 -23.31
CA PRO B 636 5.96 33.78 -22.23
C PRO B 636 4.90 33.68 -21.15
N GLU B 637 4.76 32.47 -20.59
CA GLU B 637 3.77 32.25 -19.55
C GLU B 637 4.20 32.98 -18.27
N PRO B 638 3.24 33.43 -17.47
CA PRO B 638 3.58 34.15 -16.25
C PRO B 638 4.26 33.23 -15.26
N PRO B 639 4.93 33.78 -14.24
CA PRO B 639 5.52 32.94 -13.19
C PRO B 639 4.45 32.22 -12.39
N CYS B 640 4.89 31.21 -11.64
CA CYS B 640 3.98 30.35 -10.88
C CYS B 640 3.92 30.80 -9.42
N GLU B 641 2.70 30.91 -8.89
CA GLU B 641 2.53 31.21 -7.48
C GLU B 641 2.95 30.03 -6.61
N ASP B 642 3.36 30.35 -5.35
CA ASP B 642 3.79 29.32 -4.42
C ASP B 642 2.58 28.62 -3.81
N PRO B 643 2.72 27.39 -3.33
CA PRO B 643 1.55 26.62 -2.91
C PRO B 643 1.23 26.68 -1.41
N ASN B 644 2.11 27.25 -0.60
CA ASN B 644 2.07 26.97 0.82
C ASN B 644 2.13 28.18 1.74
N THR B 645 2.39 29.38 1.24
CA THR B 645 2.47 30.54 2.11
C THR B 645 1.07 30.98 2.48
N VAL B 646 0.55 30.45 3.59
CA VAL B 646 -0.81 30.76 4.00
C VAL B 646 -0.89 32.19 4.50
N ILE B 647 -2.03 32.83 4.29
CA ILE B 647 -2.20 34.24 4.59
C ILE B 647 -3.47 34.44 5.39
N PHE B 648 -3.57 35.57 6.07
CA PHE B 648 -4.77 35.94 6.81
C PHE B 648 -5.25 37.34 6.42
N CYS B 649 -6.55 37.46 6.27
CA CYS B 649 -7.19 38.78 6.16
C CYS B 649 -8.19 39.01 7.29
N LYS B 650 -9.25 38.19 7.40
CA LYS B 650 -10.26 38.51 8.39
C LYS B 650 -10.73 37.35 9.26
N GLY B 651 -10.86 36.13 8.73
CA GLY B 651 -11.48 35.06 9.49
C GLY B 651 -10.48 33.97 9.83
N ARG B 652 -10.54 32.87 9.09
CA ARG B 652 -9.50 31.86 9.18
C ARG B 652 -8.29 32.36 8.39
N TYR B 653 -7.36 31.47 8.11
CA TYR B 653 -6.17 31.78 7.34
C TYR B 653 -6.35 31.25 5.93
N TYR B 654 -5.73 31.93 4.96
CA TYR B 654 -6.09 31.79 3.56
C TYR B 654 -4.85 31.49 2.71
N LEU B 655 -5.08 30.86 1.57
CA LEU B 655 -4.30 30.43 0.42
C LEU B 655 -5.17 30.40 -0.83
N PRO B 656 -4.65 30.83 -1.97
CA PRO B 656 -5.28 30.55 -3.26
C PRO B 656 -4.93 29.19 -3.82
N VAL B 657 -5.82 28.70 -4.69
CA VAL B 657 -5.48 27.65 -5.66
C VAL B 657 -6.48 27.79 -6.80
N SER B 658 -6.14 27.21 -7.95
CA SER B 658 -7.00 27.35 -9.12
C SER B 658 -7.23 25.99 -9.74
N SER B 659 -8.35 25.86 -10.44
CA SER B 659 -8.58 24.69 -11.28
C SER B 659 -7.66 24.75 -12.50
N SER B 660 -7.46 23.58 -13.10
CA SER B 660 -6.78 23.57 -14.39
C SER B 660 -7.56 24.34 -15.43
N THR B 661 -8.88 24.27 -15.38
CA THR B 661 -9.75 24.87 -16.38
C THR B 661 -10.54 26.01 -15.74
N GLU B 662 -10.19 27.25 -16.08
CA GLU B 662 -11.02 28.39 -15.71
C GLU B 662 -11.09 29.37 -16.86
N GLY B 663 -12.13 30.21 -16.89
CA GLY B 663 -12.34 31.13 -17.98
C GLY B 663 -11.93 32.54 -17.69
N ASP B 664 -11.00 33.07 -18.50
CA ASP B 664 -10.53 34.44 -18.42
C ASP B 664 -10.53 35.04 -19.82
N THR B 665 -10.31 36.35 -19.90
CA THR B 665 -10.29 37.00 -21.21
C THR B 665 -9.15 36.46 -22.07
N TYR B 666 -8.06 36.03 -21.45
CA TYR B 666 -6.99 35.39 -22.21
C TYR B 666 -7.50 34.19 -22.98
N GLN B 667 -8.45 33.45 -22.41
CA GLN B 667 -9.05 32.33 -23.11
C GLN B 667 -10.25 32.74 -23.94
N ASN B 668 -10.87 33.88 -23.65
CA ASN B 668 -11.88 34.40 -24.57
C ASN B 668 -11.27 34.73 -25.91
N LEU B 669 -10.19 35.48 -25.90
CA LEU B 669 -9.36 35.59 -27.08
C LEU B 669 -8.45 34.37 -27.12
N ARG B 670 -7.54 34.33 -28.09
CA ARG B 670 -6.77 33.13 -28.43
C ARG B 670 -7.68 32.03 -28.96
N ARG B 671 -8.98 32.28 -29.00
CA ARG B 671 -9.99 31.49 -29.68
C ARG B 671 -10.55 32.23 -30.88
N VAL B 672 -10.95 33.48 -30.68
CA VAL B 672 -11.40 34.33 -31.78
C VAL B 672 -10.24 34.61 -32.73
N GLY B 673 -9.08 34.96 -32.20
CA GLY B 673 -7.90 35.20 -33.01
C GLY B 673 -7.38 36.63 -33.05
N LEU B 674 -7.98 37.54 -32.29
CA LEU B 674 -7.49 38.91 -32.28
C LEU B 674 -6.25 39.02 -31.39
N VAL B 675 -5.63 40.20 -31.41
CA VAL B 675 -4.45 40.48 -30.61
C VAL B 675 -4.71 41.72 -29.77
N LEU B 676 -4.52 41.60 -28.46
CA LEU B 676 -4.50 42.71 -27.54
C LEU B 676 -3.19 42.70 -26.75
N GLY B 677 -2.53 43.84 -26.72
CA GLY B 677 -1.27 43.94 -26.01
C GLY B 677 -1.44 44.73 -24.74
N THR B 678 -2.70 44.96 -24.35
CA THR B 678 -2.97 45.79 -23.19
C THR B 678 -2.40 45.16 -21.93
N SER B 679 -1.77 46.02 -21.10
CA SER B 679 -1.05 45.52 -19.93
C SER B 679 -1.99 45.15 -18.79
N SER B 680 -3.27 45.51 -18.89
CA SER B 680 -4.23 45.16 -17.85
C SER B 680 -4.33 43.65 -17.70
N LYS B 681 -4.39 43.19 -16.46
CA LYS B 681 -4.41 41.76 -16.20
C LYS B 681 -5.71 41.15 -16.73
N ILE B 682 -5.57 40.14 -17.58
CA ILE B 682 -6.71 39.32 -17.97
C ILE B 682 -6.32 37.85 -17.88
N ARG B 683 -5.04 37.57 -17.63
CA ARG B 683 -4.62 36.19 -17.49
C ARG B 683 -4.63 35.75 -16.03
N LYS B 684 -4.77 34.45 -15.84
CA LYS B 684 -4.93 33.87 -14.53
C LYS B 684 -3.61 33.84 -13.76
N PRO B 685 -3.65 34.03 -12.45
CA PRO B 685 -2.54 33.61 -11.60
C PRO B 685 -2.62 32.11 -11.34
N VAL B 686 -1.48 31.45 -11.50
CA VAL B 686 -1.43 29.99 -11.55
C VAL B 686 -0.49 29.46 -10.48
N VAL B 687 -0.92 28.38 -9.82
CA VAL B 687 -0.24 27.85 -8.65
C VAL B 687 0.55 26.61 -9.04
N CYS B 688 1.72 26.46 -8.41
CA CYS B 688 2.57 25.32 -8.65
C CYS B 688 1.93 24.04 -8.13
N GLY B 689 2.28 22.93 -8.75
CA GLY B 689 1.68 21.65 -8.45
C GLY B 689 0.26 21.50 -8.92
N MET B 690 -0.41 22.60 -9.26
CA MET B 690 -1.78 22.60 -9.74
C MET B 690 -1.88 23.38 -11.03
N GLU B 691 -0.95 23.11 -11.95
CA GLU B 691 -0.94 23.75 -13.26
C GLU B 691 -2.03 23.16 -14.15
N ALA B 692 -2.10 23.63 -15.39
CA ALA B 692 -3.18 23.22 -16.29
C ALA B 692 -3.09 21.75 -16.64
N LYS B 693 -1.88 21.27 -16.96
CA LYS B 693 -1.64 19.95 -17.54
C LYS B 693 -2.78 19.54 -18.47
N PHE B 694 -3.36 18.36 -18.22
CA PHE B 694 -4.53 17.86 -18.95
C PHE B 694 -4.29 17.77 -20.46
N SER B 695 -3.04 17.89 -20.89
CA SER B 695 -2.67 17.82 -22.30
C SER B 695 -3.55 18.70 -23.17
N VAL B 696 -4.44 18.08 -23.96
CA VAL B 696 -5.27 18.81 -24.92
C VAL B 696 -6.74 18.44 -24.72
N PRO B 697 -7.41 19.04 -23.73
CA PRO B 697 -8.83 18.74 -23.53
C PRO B 697 -9.68 19.33 -24.63
N ARG B 698 -9.72 18.65 -25.77
CA ARG B 698 -10.41 19.14 -26.97
C ARG B 698 -11.75 18.43 -27.10
N LYS B 699 -12.83 19.21 -27.08
CA LYS B 699 -14.18 18.72 -27.35
C LYS B 699 -14.47 18.90 -28.85
N SER B 700 -15.74 18.83 -29.24
CA SER B 700 -16.12 18.94 -30.65
C SER B 700 -15.60 20.24 -31.26
N SER B 701 -15.79 21.36 -30.57
CA SER B 701 -15.24 22.66 -30.96
C SER B 701 -15.72 23.08 -32.35
N GLY B 702 -17.04 23.28 -32.45
CA GLY B 702 -17.60 23.81 -33.68
C GLY B 702 -18.96 23.27 -34.06
N GLU B 703 -19.36 22.15 -33.45
CA GLU B 703 -20.61 21.44 -33.79
C GLU B 703 -20.87 21.44 -35.29
N SER B 704 -19.84 21.09 -36.05
CA SER B 704 -19.91 21.14 -37.50
C SER B 704 -20.81 20.04 -38.04
N ASP B 705 -21.48 20.34 -39.15
CA ASP B 705 -22.28 19.37 -39.88
C ASP B 705 -21.79 19.15 -41.30
N PHE B 706 -20.81 19.95 -41.74
CA PHE B 706 -20.27 19.82 -43.08
C PHE B 706 -19.47 18.53 -43.22
N GLY B 707 -19.25 18.12 -44.46
CA GLY B 707 -18.54 16.89 -44.73
C GLY B 707 -18.63 16.46 -46.18
N SER B 708 -19.01 15.21 -46.38
CA SER B 708 -19.09 14.65 -47.73
C SER B 708 -20.23 13.63 -47.75
N SER B 709 -20.27 12.82 -48.80
CA SER B 709 -21.29 11.79 -49.01
C SER B 709 -22.68 12.40 -49.11
N LEU B 710 -23.32 12.61 -47.95
CA LEU B 710 -24.65 13.21 -47.84
C LEU B 710 -25.64 12.62 -48.84
N SER B 711 -25.38 11.40 -49.30
CA SER B 711 -26.19 10.81 -50.36
C SER B 711 -26.27 9.30 -50.16
N ASN B 712 -27.38 8.85 -49.61
CA ASN B 712 -27.68 7.43 -49.47
C ASN B 712 -28.45 7.00 -50.71
N GLY B 713 -29.10 5.84 -50.65
CA GLY B 713 -29.79 5.32 -51.82
C GLY B 713 -30.86 6.23 -52.38
N HIS B 714 -32.02 6.32 -51.70
CA HIS B 714 -33.15 7.12 -52.17
C HIS B 714 -33.34 7.00 -53.67
N VAL B 715 -33.66 5.80 -54.16
CA VAL B 715 -33.55 5.51 -55.58
C VAL B 715 -34.66 6.23 -56.34
N GLU B 716 -34.32 7.40 -56.88
CA GLU B 716 -35.25 8.17 -57.71
C GLU B 716 -34.56 8.47 -59.04
N THR B 717 -34.66 7.51 -59.95
CA THR B 717 -34.00 7.65 -61.24
C THR B 717 -34.77 8.64 -62.11
N LEU B 718 -34.35 8.73 -63.38
CA LEU B 718 -34.94 9.68 -64.31
C LEU B 718 -36.40 9.33 -64.53
N ARG B 719 -37.30 10.27 -64.23
CA ARG B 719 -38.74 10.01 -64.31
C ARG B 719 -39.48 11.10 -65.07
N LYS B 720 -38.77 11.91 -65.85
CA LYS B 720 -39.43 12.96 -66.60
C LYS B 720 -38.66 13.25 -67.88
N ASN B 721 -39.40 13.59 -68.93
CA ASN B 721 -38.80 13.98 -70.21
C ASN B 721 -38.54 15.48 -70.22
N PHE B 722 -37.61 15.87 -69.35
CA PHE B 722 -37.22 17.27 -69.23
C PHE B 722 -36.62 17.75 -70.55
N SER B 723 -36.81 19.04 -70.82
CA SER B 723 -36.29 19.63 -72.04
C SER B 723 -34.84 20.07 -71.84
N GLU B 724 -34.26 20.67 -72.87
CA GLU B 724 -32.95 21.30 -72.76
C GLU B 724 -33.11 22.75 -72.33
N THR B 725 -32.02 23.30 -71.80
CA THR B 725 -32.00 24.72 -71.46
C THR B 725 -32.05 25.53 -72.75
N PHE B 726 -33.07 26.36 -72.88
CA PHE B 726 -33.31 27.12 -74.09
C PHE B 726 -32.71 28.52 -74.05
N LEU B 727 -32.00 28.88 -72.99
CA LEU B 727 -31.28 30.15 -72.96
C LEU B 727 -29.99 29.99 -72.18
N TRP B 728 -28.88 30.38 -72.82
CA TRP B 728 -27.55 30.21 -72.27
C TRP B 728 -26.71 31.45 -72.56
N ARG B 729 -27.38 32.57 -72.79
CA ARG B 729 -26.74 33.75 -73.35
C ARG B 729 -25.89 34.46 -72.29
N LEU B 730 -24.98 35.30 -72.78
CA LEU B 730 -24.02 35.97 -71.92
C LEU B 730 -24.02 37.47 -72.15
N VAL B 731 -25.21 38.07 -72.22
CA VAL B 731 -25.30 39.52 -72.42
C VAL B 731 -24.71 40.23 -71.22
N SER B 732 -24.20 41.45 -71.43
CA SER B 732 -23.66 42.27 -70.37
C SER B 732 -24.69 43.32 -69.95
N VAL B 733 -24.45 43.90 -68.79
CA VAL B 733 -25.29 44.94 -68.23
C VAL B 733 -25.16 46.18 -69.10
N ASP B 734 -26.30 46.79 -69.42
CA ASP B 734 -26.35 47.99 -70.26
C ASP B 734 -26.49 49.21 -69.37
N SER B 735 -25.42 49.99 -69.28
CA SER B 735 -25.33 51.18 -68.41
C SER B 735 -25.68 50.71 -66.99
N GLU B 736 -26.66 51.33 -66.33
CA GLU B 736 -27.11 50.83 -65.03
C GLU B 736 -27.57 49.38 -65.12
N GLY B 737 -28.12 48.98 -66.26
CA GLY B 737 -28.67 47.65 -66.41
C GLY B 737 -30.17 47.66 -66.60
N GLN B 738 -30.61 47.54 -67.85
CA GLN B 738 -32.02 47.42 -68.17
C GLN B 738 -32.21 46.41 -69.30
N ASN B 739 -31.53 45.28 -69.21
CA ASN B 739 -31.49 44.36 -70.35
C ASN B 739 -32.83 43.65 -70.50
N THR B 740 -33.16 43.31 -71.74
CA THR B 740 -34.37 42.55 -72.05
C THR B 740 -34.00 41.46 -73.04
N ILE B 741 -33.87 40.24 -72.52
CA ILE B 741 -33.55 39.08 -73.33
C ILE B 741 -34.84 38.55 -73.94
N THR B 742 -34.82 38.31 -75.26
CA THR B 742 -35.97 37.77 -75.97
C THR B 742 -35.68 36.34 -76.37
N GLU B 743 -36.53 35.41 -75.94
CA GLU B 743 -36.34 33.99 -76.20
C GLU B 743 -37.62 33.42 -76.80
N THR B 744 -37.56 32.16 -77.21
CA THR B 744 -38.72 31.44 -77.72
C THR B 744 -38.80 30.08 -77.04
N VAL B 745 -39.97 29.76 -76.52
CA VAL B 745 -40.16 28.55 -75.72
C VAL B 745 -40.48 27.35 -76.60
N PRO B 746 -39.91 26.18 -76.32
CA PRO B 746 -40.25 24.97 -77.08
C PRO B 746 -41.48 24.25 -76.53
N ASP B 747 -41.78 23.09 -77.12
CA ASP B 747 -42.98 22.31 -76.84
C ASP B 747 -43.12 21.89 -75.38
N THR B 748 -42.03 21.46 -74.75
CA THR B 748 -42.11 20.74 -73.47
C THR B 748 -42.88 21.54 -72.42
N ILE B 749 -43.87 20.89 -71.82
CA ILE B 749 -44.76 21.53 -70.86
C ILE B 749 -44.19 21.24 -69.48
N THR B 750 -43.25 22.08 -69.04
CA THR B 750 -42.56 21.89 -67.76
C THR B 750 -42.28 23.26 -67.15
N LYS B 751 -41.38 23.27 -66.17
CA LYS B 751 -41.09 24.45 -65.36
C LYS B 751 -39.90 25.20 -65.97
N TRP B 752 -39.83 26.49 -65.70
CA TRP B 752 -38.93 27.37 -66.43
C TRP B 752 -38.27 28.37 -65.50
N GLN B 753 -37.79 27.88 -64.36
CA GLN B 753 -37.23 28.78 -63.35
C GLN B 753 -35.96 29.43 -63.87
N GLY B 754 -35.86 30.74 -63.65
CA GLY B 754 -34.75 31.52 -64.14
C GLY B 754 -33.90 32.18 -63.07
N SER B 755 -32.60 32.27 -63.35
CA SER B 755 -31.62 32.82 -62.43
C SER B 755 -30.41 33.30 -63.23
N MET B 756 -29.56 34.10 -62.58
CA MET B 756 -28.31 34.54 -63.16
C MET B 756 -27.21 34.46 -62.12
N PHE B 757 -25.99 34.68 -62.59
CA PHE B 757 -24.88 35.10 -61.74
C PHE B 757 -24.14 36.19 -62.51
N CYS B 758 -23.83 37.29 -61.84
CA CYS B 758 -23.77 38.56 -62.58
C CYS B 758 -22.66 39.42 -61.98
N VAL B 759 -21.46 39.37 -62.60
CA VAL B 759 -20.25 39.91 -62.00
C VAL B 759 -20.05 41.36 -62.44
N SER B 760 -19.43 42.15 -61.56
CA SER B 760 -19.05 43.53 -61.87
C SER B 760 -17.65 43.78 -61.32
N GLU B 761 -16.72 44.13 -62.22
CA GLU B 761 -15.30 44.24 -61.85
C GLU B 761 -15.06 45.11 -60.63
N LYS B 762 -15.78 46.22 -60.50
CA LYS B 762 -15.60 47.09 -59.35
C LYS B 762 -16.00 46.42 -58.03
N GLU B 763 -17.08 45.66 -58.02
CA GLU B 763 -17.62 45.09 -56.78
C GLU B 763 -17.49 43.58 -56.75
N GLY B 764 -18.08 42.88 -57.71
CA GLY B 764 -18.16 41.44 -57.69
C GLY B 764 -19.42 40.98 -58.39
N PHE B 765 -19.95 39.85 -57.93
CA PHE B 765 -21.05 39.20 -58.62
C PHE B 765 -22.32 39.24 -57.78
N GLY B 766 -23.45 39.19 -58.45
CA GLY B 766 -24.74 39.17 -57.79
C GLY B 766 -25.61 38.03 -58.26
N ILE B 767 -26.01 37.16 -57.34
CA ILE B 767 -26.94 36.10 -57.69
C ILE B 767 -28.27 36.33 -57.00
N THR B 768 -29.28 35.60 -57.44
CA THR B 768 -30.59 35.70 -56.82
C THR B 768 -30.63 34.95 -55.49
N LYS B 769 -31.62 35.28 -54.68
CA LYS B 769 -31.94 34.48 -53.51
C LYS B 769 -33.14 33.57 -53.78
N TYR B 770 -34.14 34.08 -54.48
CA TYR B 770 -35.26 33.28 -55.00
C TYR B 770 -35.29 33.44 -56.52
N SER B 771 -35.23 32.32 -57.22
CA SER B 771 -35.33 32.33 -58.68
C SER B 771 -36.74 32.67 -59.13
N ALA B 772 -36.84 33.15 -60.36
CA ALA B 772 -38.15 33.44 -60.92
C ALA B 772 -38.78 32.17 -61.47
N ASN B 773 -40.11 32.08 -61.38
CA ASN B 773 -40.82 30.85 -61.69
C ASN B 773 -41.72 31.05 -62.91
N PHE B 774 -41.65 30.11 -63.86
CA PHE B 774 -42.47 30.16 -65.07
C PHE B 774 -42.99 28.77 -65.41
N THR B 775 -44.13 28.74 -66.08
CA THR B 775 -44.74 27.51 -66.56
C THR B 775 -45.23 27.71 -68.00
N SER B 776 -44.95 26.72 -68.84
CA SER B 776 -45.50 26.65 -70.19
C SER B 776 -46.62 25.63 -70.19
N PHE B 777 -47.75 25.96 -70.82
CA PHE B 777 -48.90 25.07 -70.82
C PHE B 777 -49.83 25.45 -71.95
N LEU B 778 -50.66 24.49 -72.37
CA LEU B 778 -51.71 24.76 -73.32
C LEU B 778 -53.03 24.21 -72.80
N PRO B 779 -54.16 24.83 -73.11
CA PRO B 779 -55.44 24.33 -72.60
C PRO B 779 -56.02 23.17 -73.39
N PHE B 780 -55.56 22.91 -74.61
CA PHE B 780 -56.09 21.79 -75.40
C PHE B 780 -54.97 20.83 -75.74
N PHE B 781 -55.20 19.55 -75.46
CA PHE B 781 -54.25 18.48 -75.77
C PHE B 781 -54.95 17.41 -76.59
N VAL B 782 -54.27 16.89 -77.61
CA VAL B 782 -54.75 15.74 -78.37
C VAL B 782 -53.58 14.83 -78.64
N GLU B 783 -53.77 13.52 -78.43
CA GLU B 783 -52.71 12.54 -78.62
C GLU B 783 -53.27 11.32 -79.31
N LEU B 784 -52.47 10.72 -80.20
CA LEU B 784 -52.81 9.46 -80.82
C LEU B 784 -51.60 8.53 -80.78
N SER B 785 -51.87 7.24 -80.66
CA SER B 785 -50.83 6.22 -80.48
C SER B 785 -50.70 5.38 -81.74
N LEU B 786 -49.48 5.24 -82.24
CA LEU B 786 -49.18 4.27 -83.27
C LEU B 786 -47.94 3.48 -82.89
N PRO B 787 -47.86 2.22 -83.29
CA PRO B 787 -46.61 1.48 -83.12
C PRO B 787 -45.54 1.99 -84.07
N TYR B 788 -44.33 1.47 -83.89
CA TYR B 788 -43.26 1.77 -84.82
C TYR B 788 -43.62 1.34 -86.24
N SER B 789 -44.12 0.12 -86.40
CA SER B 789 -44.38 -0.43 -87.73
C SER B 789 -45.61 -1.33 -87.68
N LEU B 790 -45.96 -1.86 -88.84
CA LEU B 790 -47.17 -2.66 -88.97
C LEU B 790 -47.05 -3.56 -90.20
N THR B 791 -47.88 -4.60 -90.22
CA THR B 791 -47.91 -5.58 -91.31
C THR B 791 -49.11 -5.32 -92.21
N ARG B 792 -48.91 -5.50 -93.52
CA ARG B 792 -49.93 -5.18 -94.49
C ARG B 792 -51.19 -6.02 -94.28
N GLU B 793 -52.35 -5.40 -94.52
CA GLU B 793 -53.65 -6.05 -94.41
C GLU B 793 -53.91 -6.57 -93.00
N GLU B 794 -53.93 -5.66 -92.05
CA GLU B 794 -54.23 -6.01 -90.66
C GLU B 794 -55.24 -5.04 -90.08
N ILE B 795 -56.26 -5.58 -89.41
CA ILE B 795 -57.30 -4.78 -88.78
C ILE B 795 -56.72 -4.14 -87.53
N LEU B 796 -56.67 -2.81 -87.51
CA LEU B 796 -56.06 -2.07 -86.42
C LEU B 796 -57.01 -1.01 -85.90
N VAL B 797 -57.06 -0.85 -84.58
CA VAL B 797 -57.82 0.21 -83.94
C VAL B 797 -56.84 1.29 -83.49
N MET B 798 -57.19 2.54 -83.75
CA MET B 798 -56.41 3.67 -83.25
C MET B 798 -56.99 4.12 -81.92
N LYS B 799 -56.25 4.95 -81.20
CA LYS B 799 -56.70 5.51 -79.93
C LYS B 799 -56.31 6.98 -79.89
N ALA B 800 -57.33 7.85 -79.86
CA ALA B 800 -57.13 9.29 -79.76
C ALA B 800 -57.66 9.75 -78.41
N PHE B 801 -56.80 10.38 -77.62
CA PHE B 801 -57.18 10.93 -76.33
C PHE B 801 -57.18 12.45 -76.44
N VAL B 802 -58.26 13.07 -75.97
CA VAL B 802 -58.43 14.52 -76.01
C VAL B 802 -58.57 15.02 -74.58
N SER B 803 -57.83 16.06 -74.24
CA SER B 803 -57.84 16.66 -72.92
C SER B 803 -58.11 18.15 -73.01
N ASN B 804 -59.01 18.63 -72.17
CA ASN B 804 -59.28 20.04 -72.01
C ASN B 804 -58.79 20.48 -70.65
N TYR B 805 -58.36 21.72 -70.54
CA TYR B 805 -57.89 22.27 -69.28
C TYR B 805 -58.50 23.64 -69.01
N LEU B 806 -59.54 24.02 -69.75
CA LEU B 806 -60.35 25.17 -69.36
C LEU B 806 -61.09 24.85 -68.08
N GLU B 807 -61.24 25.87 -67.23
CA GLU B 807 -61.93 25.70 -65.96
C GLU B 807 -63.37 25.25 -66.12
N GLU B 808 -63.97 25.50 -67.28
CA GLU B 808 -65.37 25.21 -67.51
C GLU B 808 -65.54 23.99 -68.42
N CYS B 809 -66.68 23.33 -68.28
CA CYS B 809 -67.00 22.17 -69.11
C CYS B 809 -67.25 22.62 -70.54
N ILE B 810 -66.80 21.81 -71.51
CA ILE B 810 -66.90 22.15 -72.92
C ILE B 810 -67.42 20.96 -73.72
N LYS B 811 -67.66 21.20 -75.00
CA LYS B 811 -68.01 20.17 -75.97
C LYS B 811 -67.08 20.23 -77.17
N ILE B 812 -67.01 19.13 -77.90
CA ILE B 812 -66.02 18.96 -78.96
C ILE B 812 -66.43 17.76 -79.79
N ILE B 813 -66.06 17.78 -81.07
CA ILE B 813 -66.14 16.59 -81.91
C ILE B 813 -64.82 16.49 -82.66
N VAL B 814 -64.56 15.34 -83.27
CA VAL B 814 -63.31 15.07 -83.96
C VAL B 814 -63.60 14.55 -85.36
N THR B 815 -62.86 15.08 -86.34
CA THR B 815 -63.01 14.71 -87.73
C THR B 815 -61.68 14.22 -88.27
N LEU B 816 -61.75 13.33 -89.26
CA LEU B 816 -60.58 12.72 -89.87
C LEU B 816 -60.58 12.99 -91.36
N GLN B 817 -59.43 13.42 -91.88
CA GLN B 817 -59.30 13.71 -93.31
C GLN B 817 -59.16 12.42 -94.11
N PRO B 818 -59.96 12.21 -95.15
CA PRO B 818 -59.87 10.95 -95.91
C PRO B 818 -58.56 10.84 -96.68
N SER B 819 -58.15 9.59 -96.90
CA SER B 819 -56.95 9.32 -97.68
C SER B 819 -57.13 7.99 -98.41
N ALA B 820 -56.51 7.89 -99.58
CA ALA B 820 -56.73 6.76 -100.48
C ALA B 820 -55.64 5.71 -100.41
N ASP B 821 -54.45 6.06 -99.91
CA ASP B 821 -53.37 5.08 -99.84
C ASP B 821 -53.75 3.91 -98.96
N PHE B 822 -54.37 4.18 -97.82
CA PHE B 822 -54.86 3.15 -96.91
C PHE B 822 -56.37 3.25 -96.84
N GLU B 823 -57.02 2.11 -96.63
CA GLU B 823 -58.44 2.12 -96.32
C GLU B 823 -58.64 2.36 -94.84
N VAL B 824 -59.51 3.32 -94.51
CA VAL B 824 -59.85 3.62 -93.12
C VAL B 824 -61.24 3.05 -92.87
N ILE B 825 -61.35 2.23 -91.83
CA ILE B 825 -62.63 1.58 -91.52
C ILE B 825 -63.46 2.52 -90.65
N PRO B 826 -64.63 2.95 -91.08
CA PRO B 826 -65.46 3.79 -90.22
C PRO B 826 -66.07 2.99 -89.08
N GLN B 827 -65.54 3.19 -87.87
CA GLN B 827 -66.07 2.50 -86.70
C GLN B 827 -67.46 3.01 -86.31
N ASP B 828 -67.92 4.09 -86.95
CA ASP B 828 -69.28 4.59 -86.77
C ASP B 828 -69.55 4.98 -85.32
N VAL B 829 -68.56 5.62 -84.70
CA VAL B 829 -68.69 6.19 -83.37
C VAL B 829 -68.70 7.71 -83.51
N LYS B 830 -69.71 8.35 -82.90
CA LYS B 830 -69.87 9.79 -83.09
C LYS B 830 -70.70 10.33 -81.95
N GLN B 831 -70.10 11.16 -81.09
CA GLN B 831 -70.79 11.71 -79.94
C GLN B 831 -70.03 12.94 -79.45
N ASP B 832 -70.78 13.97 -79.04
CA ASP B 832 -70.20 15.16 -78.42
C ASP B 832 -70.22 14.96 -76.91
N GLN B 833 -69.20 14.27 -76.42
CA GLN B 833 -69.07 14.05 -74.99
C GLN B 833 -68.92 15.39 -74.28
N CYS B 834 -69.68 15.57 -73.21
CA CYS B 834 -69.61 16.80 -72.42
C CYS B 834 -68.52 16.65 -71.36
N ILE B 835 -67.31 16.34 -71.83
CA ILE B 835 -66.15 16.29 -70.95
C ILE B 835 -65.91 17.68 -70.37
N CYS B 836 -65.24 17.73 -69.23
CA CYS B 836 -65.17 18.98 -68.50
C CYS B 836 -63.75 19.34 -68.11
N SER B 837 -63.62 20.34 -67.22
CA SER B 837 -62.32 20.82 -66.79
C SER B 837 -61.42 19.67 -66.38
N GLY B 838 -60.30 19.52 -67.09
CA GLY B 838 -59.38 18.42 -66.84
C GLY B 838 -59.98 17.06 -67.12
N GLY B 839 -60.66 16.91 -68.25
CA GLY B 839 -61.26 15.65 -68.61
C GLY B 839 -60.64 15.09 -69.88
N ARG B 840 -60.83 13.78 -70.07
CA ARG B 840 -60.19 13.10 -71.18
C ARG B 840 -61.16 12.10 -71.80
N SER B 841 -60.95 11.81 -73.08
CA SER B 841 -61.75 10.86 -73.82
C SER B 841 -60.84 9.83 -74.49
N SER B 842 -61.46 8.83 -75.11
CA SER B 842 -60.75 7.66 -75.64
C SER B 842 -61.26 7.31 -77.04
N TYR B 843 -61.32 8.29 -77.91
CA TYR B 843 -61.85 8.05 -79.25
C TYR B 843 -60.99 7.07 -80.02
N SER B 844 -61.64 6.23 -80.83
CA SER B 844 -60.95 5.16 -81.56
C SER B 844 -61.56 5.01 -82.94
N TRP B 845 -60.74 4.54 -83.87
CA TRP B 845 -61.18 4.22 -85.23
C TRP B 845 -60.48 2.96 -85.69
N ASN B 846 -61.10 2.29 -86.65
CA ASN B 846 -60.64 0.99 -87.13
C ASN B 846 -59.85 1.18 -88.41
N ILE B 847 -58.74 0.44 -88.54
CA ILE B 847 -57.80 0.59 -89.65
C ILE B 847 -57.44 -0.77 -90.20
N ILE B 848 -57.48 -0.92 -91.52
CA ILE B 848 -56.87 -2.03 -92.24
C ILE B 848 -55.59 -1.54 -92.89
N ALA B 849 -54.52 -2.33 -92.75
CA ALA B 849 -53.22 -1.97 -93.30
C ALA B 849 -53.20 -2.24 -94.80
N SER B 850 -54.07 -1.54 -95.50
CA SER B 850 -54.19 -1.65 -96.95
C SER B 850 -53.28 -0.65 -97.67
N SER B 851 -52.00 -0.66 -97.31
CA SER B 851 -51.02 0.24 -97.89
C SER B 851 -49.63 -0.33 -97.64
N LEU B 852 -48.62 0.30 -98.22
CA LEU B 852 -47.23 -0.07 -98.00
C LEU B 852 -46.37 1.17 -97.80
N GLY B 853 -45.39 1.06 -96.93
CA GLY B 853 -44.44 2.14 -96.73
C GLY B 853 -44.88 3.08 -95.63
N ARG B 854 -44.63 4.37 -95.83
CA ARG B 854 -44.93 5.41 -94.86
C ARG B 854 -46.34 5.94 -95.06
N ILE B 855 -47.09 6.07 -93.97
CA ILE B 855 -48.43 6.64 -94.00
C ILE B 855 -48.57 7.62 -92.84
N SER B 856 -49.12 8.79 -93.14
CA SER B 856 -49.24 9.89 -92.19
C SER B 856 -50.71 10.19 -91.94
N PHE B 857 -51.00 10.73 -90.77
CA PHE B 857 -52.37 10.88 -90.29
C PHE B 857 -52.54 12.25 -89.64
N ILE B 858 -53.73 12.83 -89.79
CA ILE B 858 -54.01 14.17 -89.28
C ILE B 858 -55.31 14.14 -88.49
N VAL B 859 -55.30 14.82 -87.34
CA VAL B 859 -56.50 14.98 -86.52
C VAL B 859 -57.09 16.36 -86.81
N SER B 860 -58.34 16.54 -86.44
CA SER B 860 -58.99 17.84 -86.57
C SER B 860 -59.96 18.04 -85.43
N ALA B 861 -60.03 19.29 -84.95
CA ALA B 861 -60.93 19.66 -83.87
C ALA B 861 -61.49 21.04 -84.16
N GLU B 862 -62.65 21.33 -83.57
CA GLU B 862 -63.37 22.57 -83.81
C GLU B 862 -63.62 23.40 -82.57
N THR B 863 -63.59 22.80 -81.38
CA THR B 863 -63.90 23.48 -80.12
C THR B 863 -65.30 24.09 -80.15
N THR B 864 -66.28 23.25 -80.51
CA THR B 864 -67.68 23.61 -80.32
C THR B 864 -68.00 23.46 -78.84
N HIS B 865 -67.41 24.33 -78.03
CA HIS B 865 -67.28 24.12 -76.59
C HIS B 865 -68.55 24.41 -75.81
N ILE B 866 -69.23 25.53 -76.11
CA ILE B 866 -70.35 25.99 -75.29
C ILE B 866 -69.82 26.17 -73.87
N GLY B 867 -69.13 27.29 -73.64
CA GLY B 867 -68.28 27.40 -72.46
C GLY B 867 -69.00 27.17 -71.15
N ALA B 868 -70.17 27.77 -70.98
CA ALA B 868 -70.89 27.68 -69.71
C ALA B 868 -71.48 26.27 -69.58
N SER B 869 -70.61 25.32 -69.23
CA SER B 869 -70.96 23.91 -69.02
C SER B 869 -71.57 23.38 -70.30
N CYS B 870 -72.79 22.89 -70.29
CA CYS B 870 -73.53 22.52 -71.49
C CYS B 870 -74.87 23.24 -71.58
N ASP B 871 -75.45 23.60 -70.44
CA ASP B 871 -76.71 24.34 -70.44
C ASP B 871 -76.50 25.78 -70.89
N GLY B 872 -75.47 26.44 -70.35
CA GLY B 872 -75.20 27.82 -70.68
C GLY B 872 -74.40 27.96 -71.96
N PRO B 873 -74.89 28.80 -72.88
CA PRO B 873 -74.18 28.99 -74.15
C PRO B 873 -72.83 29.66 -73.94
N SER B 874 -71.93 29.42 -74.88
CA SER B 874 -70.60 30.03 -74.79
C SER B 874 -70.68 31.55 -74.85
N ASP B 875 -71.44 32.09 -75.81
CA ASP B 875 -71.48 33.53 -76.09
C ASP B 875 -70.04 33.98 -76.32
N GLN B 876 -69.53 34.97 -75.59
CA GLN B 876 -68.20 35.52 -75.85
C GLN B 876 -67.19 34.92 -74.88
N SER B 877 -66.99 33.61 -75.03
CA SER B 877 -66.07 32.86 -74.20
C SER B 877 -64.87 32.31 -74.96
N GLN B 878 -65.12 31.61 -76.07
CA GLN B 878 -64.07 31.02 -76.88
C GLN B 878 -64.57 30.93 -78.32
N SER B 879 -63.65 31.09 -79.27
CA SER B 879 -64.02 31.14 -80.67
C SER B 879 -63.57 29.91 -81.44
N THR B 880 -62.27 29.63 -81.46
CA THR B 880 -61.76 28.51 -82.24
C THR B 880 -60.34 28.20 -81.79
N ARG B 881 -60.11 26.94 -81.41
CA ARG B 881 -58.77 26.41 -81.19
C ARG B 881 -58.56 25.26 -82.15
N LYS B 882 -57.49 25.34 -82.93
CA LYS B 882 -57.17 24.34 -83.94
C LYS B 882 -55.97 23.53 -83.49
N ASP B 883 -56.11 22.21 -83.52
CA ASP B 883 -55.01 21.33 -83.10
C ASP B 883 -54.99 20.14 -84.05
N THR B 884 -54.18 20.23 -85.10
CA THR B 884 -54.00 19.16 -86.07
C THR B 884 -52.57 18.67 -85.96
N VAL B 885 -52.42 17.36 -85.80
CA VAL B 885 -51.11 16.74 -85.60
C VAL B 885 -50.93 15.64 -86.62
N ILE B 886 -49.69 15.37 -86.99
CA ILE B 886 -49.38 14.30 -87.92
C ILE B 886 -48.93 13.07 -87.14
N GLN B 887 -49.23 11.90 -87.69
CA GLN B 887 -48.93 10.63 -87.05
C GLN B 887 -48.37 9.68 -88.09
N THR B 888 -47.41 8.86 -87.68
CA THR B 888 -46.56 8.12 -88.61
C THR B 888 -46.69 6.62 -88.40
N ILE B 889 -46.88 5.88 -89.49
CA ILE B 889 -46.78 4.43 -89.45
C ILE B 889 -45.97 3.96 -90.66
N LEU B 890 -45.25 2.85 -90.46
CA LEU B 890 -44.49 2.20 -91.52
C LEU B 890 -44.99 0.77 -91.63
N VAL B 891 -45.67 0.45 -92.72
CA VAL B 891 -46.21 -0.88 -92.93
C VAL B 891 -45.36 -1.59 -93.99
N GLN B 892 -45.12 -2.88 -93.78
CA GLN B 892 -44.20 -3.59 -94.65
C GLN B 892 -44.77 -4.94 -95.05
N PRO B 893 -44.51 -5.40 -96.27
CA PRO B 893 -45.05 -6.69 -96.71
C PRO B 893 -44.50 -7.84 -95.87
N GLU B 894 -45.33 -8.87 -95.68
CA GLU B 894 -44.90 -10.05 -94.95
C GLU B 894 -43.79 -10.77 -95.71
N GLY B 895 -42.90 -11.41 -94.96
CA GLY B 895 -41.75 -12.06 -95.55
C GLY B 895 -40.47 -11.59 -94.89
N ILE B 896 -39.33 -11.80 -95.54
CA ILE B 896 -38.06 -11.29 -95.03
C ILE B 896 -37.34 -10.56 -96.15
N ARG B 897 -36.60 -9.52 -95.76
CA ARG B 897 -35.93 -8.65 -96.71
C ARG B 897 -34.71 -9.37 -97.29
N LYS B 898 -34.84 -9.84 -98.53
CA LYS B 898 -33.76 -10.51 -99.23
C LYS B 898 -33.25 -9.62 -100.34
N GLU B 899 -31.94 -9.46 -100.41
CA GLU B 899 -31.30 -8.52 -101.33
C GLU B 899 -30.23 -9.24 -102.15
N GLU B 900 -30.13 -8.86 -103.42
CA GLU B 900 -29.11 -9.37 -104.32
C GLU B 900 -28.43 -8.18 -104.97
N THR B 901 -27.11 -8.13 -104.90
CA THR B 901 -26.34 -7.00 -105.38
C THR B 901 -25.52 -7.41 -106.59
N SER B 902 -25.25 -6.43 -107.45
CA SER B 902 -24.47 -6.68 -108.68
C SER B 902 -23.45 -5.56 -108.80
N SER B 903 -22.23 -5.82 -108.33
CA SER B 903 -21.16 -4.85 -108.40
C SER B 903 -20.38 -5.02 -109.70
N ASN B 904 -20.30 -3.94 -110.49
CA ASN B 904 -19.68 -3.98 -111.80
C ASN B 904 -18.75 -2.78 -111.97
N LEU B 905 -17.56 -3.06 -112.49
CA LEU B 905 -16.59 -2.03 -112.87
C LEU B 905 -16.54 -1.90 -114.38
N VAL B 906 -16.57 -0.67 -114.87
CA VAL B 906 -16.36 -0.37 -116.27
C VAL B 906 -15.16 0.57 -116.39
N CYS B 907 -14.19 0.18 -117.20
CA CYS B 907 -13.02 1.00 -117.48
C CYS B 907 -13.05 1.32 -118.97
N VAL B 908 -13.77 2.37 -119.33
CA VAL B 908 -14.01 2.73 -120.73
C VAL B 908 -13.11 3.90 -121.08
N GLU B 909 -12.34 3.75 -122.15
CA GLU B 909 -11.43 4.78 -122.64
C GLU B 909 -11.95 5.19 -124.01
N ASP B 910 -12.91 6.11 -124.03
CA ASP B 910 -13.65 6.46 -125.23
C ASP B 910 -14.24 5.21 -125.89
N SER B 911 -14.73 4.30 -125.06
CA SER B 911 -15.30 3.05 -125.53
C SER B 911 -16.71 2.90 -124.98
N ASN B 912 -17.57 2.28 -125.78
CA ASN B 912 -18.96 2.09 -125.44
C ASN B 912 -19.21 0.62 -125.13
N VAL B 913 -19.70 0.34 -123.92
CA VAL B 913 -20.12 -0.99 -123.53
C VAL B 913 -21.60 -0.93 -123.21
N GLU B 914 -22.36 -1.88 -123.73
CA GLU B 914 -23.81 -1.77 -123.82
C GLU B 914 -24.50 -2.85 -122.99
N MET B 915 -24.08 -2.99 -121.74
CA MET B 915 -24.48 -4.16 -120.97
C MET B 915 -25.93 -4.02 -120.50
N PRO B 916 -26.72 -5.10 -120.53
CA PRO B 916 -28.08 -5.03 -120.03
C PRO B 916 -28.17 -5.41 -118.55
N ILE B 917 -29.39 -5.45 -118.03
CA ILE B 917 -29.65 -5.85 -116.66
C ILE B 917 -30.33 -7.22 -116.69
N ASN B 918 -29.63 -8.23 -116.19
CA ASN B 918 -30.16 -9.61 -116.15
C ASN B 918 -31.02 -9.74 -114.90
N LEU B 919 -32.30 -9.46 -115.05
CA LEU B 919 -33.27 -9.58 -113.98
C LEU B 919 -34.10 -10.84 -114.17
N THR B 920 -34.25 -11.60 -113.08
CA THR B 920 -35.00 -12.86 -113.11
C THR B 920 -35.71 -13.01 -111.77
N LEU B 921 -37.03 -12.94 -111.79
CA LEU B 921 -37.80 -13.03 -110.55
C LEU B 921 -37.80 -14.47 -110.05
N PRO B 922 -37.31 -14.73 -108.84
CA PRO B 922 -37.35 -16.09 -108.31
C PRO B 922 -38.76 -16.49 -107.93
N GLU B 923 -38.97 -17.80 -107.83
CA GLU B 923 -40.28 -18.31 -107.48
C GLU B 923 -40.58 -18.03 -106.00
N ASN B 924 -41.87 -18.06 -105.67
CA ASN B 924 -42.35 -17.89 -104.30
C ASN B 924 -41.96 -16.52 -103.73
N ILE B 925 -42.22 -15.48 -104.51
CA ILE B 925 -41.99 -14.10 -104.09
C ILE B 925 -43.27 -13.58 -103.45
N VAL B 926 -43.11 -12.84 -102.35
CA VAL B 926 -44.26 -12.19 -101.75
C VAL B 926 -44.77 -11.12 -102.71
N GLN B 927 -46.05 -11.21 -103.06
CA GLN B 927 -46.62 -10.32 -104.05
C GLN B 927 -46.59 -8.87 -103.57
N GLY B 928 -46.26 -7.97 -104.49
CA GLY B 928 -46.23 -6.55 -104.20
C GLY B 928 -44.90 -6.03 -103.67
N SER B 929 -44.02 -6.92 -103.21
CA SER B 929 -42.74 -6.53 -102.65
C SER B 929 -41.67 -6.68 -103.73
N ALA B 930 -41.40 -5.58 -104.42
CA ALA B 930 -40.44 -5.58 -105.50
C ALA B 930 -39.91 -4.17 -105.73
N SER B 931 -38.58 -4.03 -105.72
CA SER B 931 -37.95 -2.76 -106.09
C SER B 931 -36.61 -3.05 -106.73
N ALA B 932 -36.34 -2.38 -107.84
CA ALA B 932 -35.11 -2.59 -108.61
C ALA B 932 -34.34 -1.27 -108.68
N PHE B 933 -33.07 -1.32 -108.31
CA PHE B 933 -32.24 -0.13 -108.16
C PHE B 933 -31.02 -0.24 -109.08
N VAL B 934 -30.58 0.90 -109.61
CA VAL B 934 -29.36 0.98 -110.41
C VAL B 934 -28.59 2.22 -109.95
N THR B 935 -27.29 2.06 -109.73
CA THR B 935 -26.47 3.08 -109.08
C THR B 935 -25.19 3.30 -109.88
N PHE B 936 -24.76 4.56 -109.96
CA PHE B 936 -23.51 4.93 -110.58
C PHE B 936 -22.74 5.88 -109.68
N VAL B 937 -21.41 5.87 -109.81
CA VAL B 937 -20.54 6.76 -109.04
C VAL B 937 -19.50 7.34 -109.98
N GLY B 938 -19.22 8.63 -109.82
CA GLY B 938 -18.14 9.26 -110.55
C GLY B 938 -16.75 8.94 -110.04
N ASP B 939 -16.65 8.49 -108.79
CA ASP B 939 -15.39 8.02 -108.24
C ASP B 939 -15.62 6.62 -107.67
N VAL B 940 -14.59 5.78 -107.79
CA VAL B 940 -14.72 4.39 -107.35
C VAL B 940 -15.02 4.31 -105.86
N LEU B 941 -14.43 5.22 -105.08
CA LEU B 941 -14.69 5.29 -103.65
C LEU B 941 -15.79 6.32 -103.37
N GLY B 942 -16.92 6.12 -104.05
CA GLY B 942 -18.04 7.02 -103.93
C GLY B 942 -19.20 6.44 -103.14
N LEU B 943 -19.46 5.15 -103.34
CA LEU B 943 -20.57 4.51 -102.61
C LEU B 943 -20.36 4.51 -101.11
N PRO B 944 -19.20 4.10 -100.54
CA PRO B 944 -19.02 4.10 -99.08
C PRO B 944 -18.72 5.47 -98.51
N LEU B 945 -19.53 6.46 -98.86
CA LEU B 945 -19.32 7.83 -98.40
C LEU B 945 -20.44 8.37 -97.53
N SER B 946 -21.68 8.35 -98.02
CA SER B 946 -22.79 8.95 -97.27
C SER B 946 -23.41 8.00 -96.26
N ASN B 947 -23.07 6.71 -96.31
CA ASN B 947 -23.61 5.72 -95.38
C ASN B 947 -22.51 5.07 -94.55
N LEU B 948 -21.55 5.86 -94.08
CA LEU B 948 -20.46 5.30 -93.29
C LEU B 948 -20.95 4.69 -91.99
N GLN B 949 -21.87 5.38 -91.30
CA GLN B 949 -22.37 4.86 -90.04
C GLN B 949 -23.30 3.67 -90.22
N ASN B 950 -23.85 3.50 -91.41
CA ASN B 950 -24.74 2.38 -91.73
C ASN B 950 -24.25 1.67 -92.98
N LEU B 951 -22.95 1.36 -93.01
CA LEU B 951 -22.41 0.58 -94.13
C LEU B 951 -23.09 -0.78 -94.23
N LEU B 952 -23.60 -1.29 -93.11
CA LEU B 952 -24.21 -2.61 -93.06
C LEU B 952 -25.38 -2.60 -92.08
N GLN B 953 -26.42 -3.34 -92.42
CA GLN B 953 -27.58 -3.46 -91.54
C GLN B 953 -27.29 -4.30 -90.31
N MET B 954 -26.19 -5.06 -90.31
CA MET B 954 -25.82 -5.85 -89.15
C MET B 954 -25.44 -4.93 -88.00
N PRO B 955 -26.00 -5.14 -86.81
CA PRO B 955 -25.91 -4.12 -85.77
C PRO B 955 -24.53 -4.06 -85.13
N TYR B 956 -24.31 -2.96 -84.41
CA TYR B 956 -23.13 -2.77 -83.59
C TYR B 956 -23.41 -3.29 -82.18
N GLY B 957 -22.53 -2.97 -81.23
CA GLY B 957 -22.76 -3.31 -79.84
C GLY B 957 -21.55 -3.80 -79.10
N CYS B 958 -20.61 -4.43 -79.80
CA CYS B 958 -19.35 -4.86 -79.22
C CYS B 958 -18.22 -4.17 -79.96
N GLY B 959 -17.01 -4.32 -79.42
CA GLY B 959 -15.86 -3.64 -79.99
C GLY B 959 -15.64 -3.98 -81.45
N GLU B 960 -15.81 -5.26 -81.80
CA GLU B 960 -15.62 -5.67 -83.19
C GLU B 960 -16.63 -5.01 -84.12
N GLN B 961 -17.92 -5.09 -83.77
CA GLN B 961 -18.92 -4.43 -84.60
C GLN B 961 -18.77 -2.91 -84.55
N ASN B 962 -18.52 -2.36 -83.36
CA ASN B 962 -18.43 -0.91 -83.22
C ASN B 962 -17.36 -0.35 -84.14
N LEU B 963 -16.16 -0.93 -84.12
CA LEU B 963 -15.06 -0.40 -84.91
C LEU B 963 -15.18 -0.84 -86.35
N ALA B 964 -16.36 -0.65 -86.93
CA ALA B 964 -16.57 -0.83 -88.35
C ALA B 964 -16.65 0.49 -89.09
N ARG B 965 -17.09 1.55 -88.42
CA ARG B 965 -17.22 2.87 -89.02
C ARG B 965 -15.95 3.70 -88.86
N MET B 966 -14.94 3.19 -88.18
CA MET B 966 -13.75 3.97 -87.86
C MET B 966 -12.48 3.46 -88.51
N ALA B 967 -12.41 2.18 -88.86
CA ALA B 967 -11.19 1.66 -89.47
C ALA B 967 -10.90 2.30 -90.83
N PRO B 968 -11.86 2.38 -91.77
CA PRO B 968 -11.51 2.88 -93.12
C PRO B 968 -11.47 4.39 -93.21
N ILE B 969 -12.16 5.10 -92.32
CA ILE B 969 -12.29 6.55 -92.48
C ILE B 969 -10.95 7.28 -92.50
N PRO B 970 -9.94 6.95 -91.68
CA PRO B 970 -8.66 7.65 -91.84
C PRO B 970 -8.08 7.48 -93.23
N TYR B 971 -8.21 6.29 -93.80
CA TYR B 971 -7.59 6.03 -95.10
C TYR B 971 -8.35 6.70 -96.23
N VAL B 972 -9.69 6.70 -96.19
CA VAL B 972 -10.42 7.43 -97.21
C VAL B 972 -10.17 8.92 -97.10
N LEU B 973 -10.07 9.44 -95.88
CA LEU B 973 -9.72 10.85 -95.69
C LEU B 973 -8.34 11.15 -96.24
N GLU B 974 -7.38 10.26 -96.00
CA GLU B 974 -6.04 10.43 -96.54
C GLU B 974 -6.05 10.45 -98.06
N TYR B 975 -6.81 9.54 -98.68
CA TYR B 975 -6.87 9.53 -100.14
C TYR B 975 -7.50 10.80 -100.68
N LEU B 976 -8.54 11.28 -100.00
CA LEU B 976 -9.17 12.54 -100.40
C LEU B 976 -8.16 13.68 -100.33
N ASN B 977 -7.38 13.73 -99.26
CA ASN B 977 -6.33 14.73 -99.16
C ASN B 977 -5.29 14.58 -100.27
N ASN B 978 -4.86 13.35 -100.52
CA ASN B 978 -3.77 13.13 -101.48
C ASN B 978 -4.21 13.49 -102.89
N THR B 979 -5.33 12.96 -103.35
CA THR B 979 -5.81 13.32 -104.67
C THR B 979 -6.77 14.51 -104.61
N ASN B 980 -6.36 15.51 -103.84
CA ASN B 980 -6.98 16.84 -103.76
C ASN B 980 -8.50 16.75 -103.87
N GLN B 981 -9.08 15.82 -103.10
CA GLN B 981 -10.52 15.59 -103.14
C GLN B 981 -11.21 15.94 -101.83
N LEU B 982 -10.45 16.25 -100.78
CA LEU B 982 -11.03 16.49 -99.47
C LEU B 982 -11.58 17.91 -99.39
N THR B 983 -12.71 18.07 -98.70
CA THR B 983 -13.34 19.37 -98.50
C THR B 983 -13.50 19.63 -97.02
N ASP B 984 -13.72 20.90 -96.67
CA ASP B 984 -13.78 21.29 -95.26
C ASP B 984 -14.99 20.69 -94.56
N GLU B 985 -16.17 20.79 -95.16
CA GLU B 985 -17.36 20.26 -94.52
C GLU B 985 -17.27 18.74 -94.38
N LEU B 986 -16.73 18.07 -95.40
CA LEU B 986 -16.55 16.62 -95.30
C LEU B 986 -15.54 16.27 -94.22
N LEU B 987 -14.46 17.04 -94.11
CA LEU B 987 -13.50 16.82 -93.05
C LEU B 987 -14.14 16.98 -91.69
N GLN B 988 -14.94 18.03 -91.52
CA GLN B 988 -15.63 18.26 -90.26
C GLN B 988 -16.55 17.09 -89.92
N THR B 989 -17.34 16.64 -90.91
CA THR B 989 -18.28 15.55 -90.65
C THR B 989 -17.54 14.24 -90.34
N ALA B 990 -16.46 13.97 -91.08
CA ALA B 990 -15.68 12.77 -90.82
C ALA B 990 -15.06 12.80 -89.44
N VAL B 991 -14.53 13.96 -89.03
CA VAL B 991 -13.96 14.08 -87.69
C VAL B 991 -15.05 13.95 -86.64
N GLN B 992 -16.25 14.44 -86.94
CA GLN B 992 -17.39 14.23 -86.05
C GLN B 992 -17.65 12.74 -85.85
N PHE B 993 -17.66 11.99 -86.96
CA PHE B 993 -17.82 10.54 -86.85
C PHE B 993 -16.67 9.91 -86.07
N LEU B 994 -15.46 10.41 -86.29
CA LEU B 994 -14.30 9.93 -85.57
C LEU B 994 -14.49 10.08 -84.07
N ASN B 995 -14.96 11.26 -83.66
CA ASN B 995 -15.18 11.51 -82.24
C ASN B 995 -16.32 10.64 -81.72
N GLU B 996 -17.35 10.44 -82.53
CA GLU B 996 -18.44 9.53 -82.16
C GLU B 996 -17.92 8.15 -81.85
N GLY B 997 -17.13 7.59 -82.76
CA GLY B 997 -16.57 6.27 -82.55
C GLY B 997 -15.61 6.23 -81.39
N TYR B 998 -14.82 7.29 -81.22
CA TYR B 998 -13.93 7.39 -80.07
C TYR B 998 -14.71 7.28 -78.77
N TYR B 999 -15.77 8.08 -78.63
CA TYR B 999 -16.58 8.01 -77.41
C TYR B 999 -17.17 6.62 -77.22
N ARG B 1000 -17.73 6.05 -78.29
CA ARG B 1000 -18.40 4.76 -78.14
C ARG B 1000 -17.42 3.67 -77.75
N GLN B 1001 -16.23 3.65 -78.35
CA GLN B 1001 -15.24 2.65 -77.97
C GLN B 1001 -14.69 2.90 -76.58
N LEU B 1002 -14.68 4.15 -76.13
CA LEU B 1002 -14.15 4.44 -74.80
C LEU B 1002 -14.87 3.65 -73.72
N ARG B 1003 -16.14 3.30 -73.95
CA ARG B 1003 -16.86 2.47 -72.98
C ARG B 1003 -16.30 1.06 -72.92
N TYR B 1004 -15.48 0.69 -73.90
CA TYR B 1004 -15.06 -0.71 -74.05
C TYR B 1004 -13.70 -1.02 -73.44
N LYS B 1005 -13.04 -0.05 -72.84
CA LYS B 1005 -11.70 -0.30 -72.32
C LYS B 1005 -11.74 -1.15 -71.06
N LEU B 1006 -10.92 -2.18 -71.03
CA LEU B 1006 -10.74 -2.78 -69.72
C LEU B 1006 -9.97 -1.83 -68.81
N PRO B 1007 -10.32 -1.76 -67.52
CA PRO B 1007 -9.50 -1.00 -66.58
C PRO B 1007 -8.07 -1.49 -66.52
N SER B 1008 -7.84 -2.75 -66.90
CA SER B 1008 -6.49 -3.30 -66.99
C SER B 1008 -5.69 -2.73 -68.17
N GLY B 1009 -6.19 -1.69 -68.82
CA GLY B 1009 -5.52 -1.10 -69.97
C GLY B 1009 -5.82 -1.79 -71.27
N ALA B 1010 -6.55 -2.89 -71.25
CA ALA B 1010 -6.95 -3.60 -72.45
C ALA B 1010 -8.31 -3.11 -72.93
N TYR B 1011 -8.71 -3.61 -74.10
CA TYR B 1011 -10.04 -3.38 -74.64
C TYR B 1011 -10.72 -4.71 -74.90
N ASP B 1012 -11.85 -4.92 -74.23
CA ASP B 1012 -12.62 -6.15 -74.37
C ASP B 1012 -14.08 -5.79 -74.62
N ALA B 1013 -14.65 -6.46 -75.62
CA ALA B 1013 -16.02 -6.20 -76.03
C ALA B 1013 -17.01 -6.74 -75.01
N PHE B 1014 -18.29 -6.43 -75.24
CA PHE B 1014 -19.39 -6.88 -74.38
C PHE B 1014 -19.15 -6.44 -72.93
N TRP B 1015 -19.11 -5.13 -72.77
CA TRP B 1015 -18.85 -4.54 -71.45
C TRP B 1015 -19.88 -4.99 -70.42
N SER B 1016 -21.07 -5.38 -70.89
CA SER B 1016 -22.07 -5.90 -69.97
C SER B 1016 -21.62 -7.19 -69.30
N SER B 1017 -21.01 -8.10 -70.04
CA SER B 1017 -20.52 -9.37 -69.52
C SER B 1017 -19.08 -9.57 -69.96
N PRO B 1018 -18.14 -8.82 -69.37
CA PRO B 1018 -16.73 -8.96 -69.75
C PRO B 1018 -16.14 -10.26 -69.21
N SER B 1019 -15.04 -10.69 -69.83
CA SER B 1019 -14.33 -11.88 -69.36
C SER B 1019 -12.84 -11.71 -69.69
N ASP B 1020 -12.09 -11.22 -68.70
CA ASP B 1020 -10.63 -11.24 -68.71
C ASP B 1020 -10.02 -10.53 -69.92
N GLY B 1021 -10.58 -9.39 -70.31
CA GLY B 1021 -9.95 -8.58 -71.35
C GLY B 1021 -9.93 -9.20 -72.72
N SER B 1022 -9.15 -8.62 -73.64
CA SER B 1022 -9.05 -9.13 -75.00
C SER B 1022 -7.74 -8.66 -75.61
N SER B 1023 -6.81 -9.60 -75.84
CA SER B 1023 -5.55 -9.24 -76.46
C SER B 1023 -5.74 -8.82 -77.92
N TRP B 1024 -6.49 -9.61 -78.68
CA TRP B 1024 -6.69 -9.33 -80.09
C TRP B 1024 -7.46 -8.03 -80.30
N LEU B 1025 -8.58 -7.86 -79.58
CA LEU B 1025 -9.33 -6.63 -79.69
C LEU B 1025 -8.53 -5.45 -79.16
N SER B 1026 -7.74 -5.66 -78.10
CA SER B 1026 -6.90 -4.58 -77.59
C SER B 1026 -5.92 -4.12 -78.65
N ALA B 1027 -5.28 -5.06 -79.33
CA ALA B 1027 -4.33 -4.71 -80.38
C ALA B 1027 -5.03 -3.98 -81.52
N TYR B 1028 -6.21 -4.48 -81.92
CA TYR B 1028 -6.95 -3.83 -83.00
C TYR B 1028 -7.33 -2.41 -82.62
N THR B 1029 -7.85 -2.23 -81.41
CA THR B 1029 -8.19 -0.90 -80.93
C THR B 1029 -6.97 0.00 -80.91
N PHE B 1030 -5.84 -0.52 -80.45
CA PHE B 1030 -4.62 0.27 -80.34
C PHE B 1030 -4.13 0.70 -81.73
N LYS B 1031 -4.25 -0.19 -82.71
CA LYS B 1031 -3.90 0.18 -84.08
C LYS B 1031 -4.84 1.27 -84.61
N THR B 1032 -6.14 1.12 -84.33
CA THR B 1032 -7.07 2.15 -84.75
C THR B 1032 -6.73 3.48 -84.10
N PHE B 1033 -6.35 3.44 -82.83
CA PHE B 1033 -5.90 4.63 -82.13
C PHE B 1033 -4.71 5.26 -82.85
N GLU B 1034 -3.73 4.42 -83.22
CA GLU B 1034 -2.54 4.92 -83.88
C GLU B 1034 -2.88 5.61 -85.19
N LYS B 1035 -3.74 4.99 -86.00
CA LYS B 1035 -4.04 5.58 -87.30
C LYS B 1035 -4.90 6.82 -87.17
N ALA B 1036 -5.80 6.87 -86.19
CA ALA B 1036 -6.70 8.00 -86.04
C ALA B 1036 -6.15 9.10 -85.13
N LYS B 1037 -4.93 8.93 -84.62
CA LYS B 1037 -4.38 9.92 -83.69
C LYS B 1037 -4.22 11.31 -84.31
N LYS B 1038 -4.10 11.41 -85.63
CA LYS B 1038 -3.74 12.69 -86.23
C LYS B 1038 -4.88 13.70 -86.13
N TYR B 1039 -6.12 13.25 -86.24
CA TYR B 1039 -7.25 14.17 -86.33
C TYR B 1039 -7.84 14.48 -84.95
N ILE B 1040 -8.31 13.46 -84.25
CA ILE B 1040 -9.01 13.65 -82.99
C ILE B 1040 -8.03 13.50 -81.83
N TYR B 1041 -8.41 14.04 -80.68
CA TYR B 1041 -7.62 13.87 -79.48
C TYR B 1041 -7.62 12.41 -79.04
N VAL B 1042 -6.43 11.91 -78.72
CA VAL B 1042 -6.28 10.61 -78.08
C VAL B 1042 -5.29 10.79 -76.94
N ASP B 1043 -5.68 10.37 -75.74
CA ASP B 1043 -4.78 10.43 -74.61
C ASP B 1043 -3.59 9.52 -74.84
N GLY B 1044 -2.39 10.08 -74.67
CA GLY B 1044 -1.18 9.28 -74.84
C GLY B 1044 -1.06 8.18 -73.81
N LYS B 1045 -1.48 8.44 -72.57
CA LYS B 1045 -1.38 7.42 -71.54
C LYS B 1045 -2.21 6.19 -71.89
N ILE B 1046 -3.27 6.36 -72.69
CA ILE B 1046 -3.98 5.20 -73.20
C ILE B 1046 -3.04 4.34 -74.05
N GLN B 1047 -2.29 4.99 -74.94
CA GLN B 1047 -1.34 4.26 -75.78
C GLN B 1047 -0.28 3.58 -74.93
N GLN B 1048 0.24 4.29 -73.93
CA GLN B 1048 1.32 3.73 -73.12
C GLN B 1048 0.82 2.58 -72.25
N GLN B 1049 -0.40 2.68 -71.70
CA GLN B 1049 -0.91 1.59 -70.90
C GLN B 1049 -1.25 0.38 -71.77
N THR B 1050 -1.72 0.61 -73.00
CA THR B 1050 -1.92 -0.50 -73.90
C THR B 1050 -0.60 -1.15 -74.28
N LEU B 1051 0.44 -0.35 -74.45
CA LEU B 1051 1.77 -0.88 -74.73
C LEU B 1051 2.28 -1.71 -73.57
N LEU B 1052 2.09 -1.23 -72.35
CA LEU B 1052 2.49 -2.00 -71.17
C LEU B 1052 1.67 -3.27 -71.03
N TYR B 1053 0.39 -3.21 -71.42
CA TYR B 1053 -0.42 -4.42 -71.46
C TYR B 1053 0.14 -5.40 -72.47
N LEU B 1054 0.61 -4.91 -73.61
CA LEU B 1054 1.29 -5.75 -74.58
C LEU B 1054 2.54 -6.37 -73.97
N GLN B 1055 3.31 -5.55 -73.24
CA GLN B 1055 4.51 -6.05 -72.56
C GLN B 1055 4.15 -7.20 -71.61
N THR B 1056 3.10 -7.01 -70.82
CA THR B 1056 2.69 -8.03 -69.86
C THR B 1056 2.12 -9.26 -70.54
N SER B 1057 1.51 -9.11 -71.72
CA SER B 1057 0.87 -10.23 -72.42
C SER B 1057 1.92 -10.98 -73.24
N GLN B 1058 2.86 -11.59 -72.52
CA GLN B 1058 3.90 -12.37 -73.19
C GLN B 1058 3.41 -13.79 -73.49
N LYS B 1059 3.18 -14.57 -72.44
CA LYS B 1059 2.79 -15.99 -72.54
C LYS B 1059 3.57 -16.69 -73.65
N LEU B 1060 4.89 -16.63 -73.52
CA LEU B 1060 5.82 -17.07 -74.57
C LEU B 1060 5.84 -18.59 -74.63
N ASP B 1061 5.05 -19.14 -75.56
CA ASP B 1061 5.09 -20.58 -75.84
C ASP B 1061 6.15 -20.82 -76.91
N ASN B 1062 7.32 -21.29 -76.49
CA ASN B 1062 8.48 -21.53 -77.35
C ASN B 1062 8.86 -20.20 -78.00
N GLY B 1063 9.00 -20.12 -79.32
CA GLY B 1063 9.37 -18.89 -79.99
C GLY B 1063 8.21 -18.07 -80.50
N CYS B 1064 6.99 -18.40 -80.10
CA CYS B 1064 5.79 -17.72 -80.57
C CYS B 1064 5.11 -17.01 -79.40
N PHE B 1065 4.19 -16.12 -79.74
CA PHE B 1065 3.38 -15.43 -78.75
C PHE B 1065 1.99 -16.07 -78.66
N LYS B 1066 1.31 -15.80 -77.55
CA LYS B 1066 -0.02 -16.33 -77.31
C LYS B 1066 -1.00 -15.18 -77.11
N ALA B 1067 -2.16 -15.28 -77.76
CA ALA B 1067 -3.21 -14.29 -77.64
C ALA B 1067 -4.18 -14.68 -76.52
N GLU B 1068 -4.94 -13.69 -76.08
CA GLU B 1068 -5.98 -13.90 -75.08
C GLU B 1068 -7.35 -13.77 -75.74
N GLY B 1069 -8.26 -14.64 -75.36
CA GLY B 1069 -9.59 -14.65 -75.95
C GLY B 1069 -9.82 -15.84 -76.87
N ASN B 1070 -11.06 -16.31 -76.88
CA ASN B 1070 -11.43 -17.52 -77.60
C ASN B 1070 -12.79 -17.35 -78.28
N LEU B 1071 -13.14 -16.11 -78.63
CA LEU B 1071 -14.45 -15.83 -79.19
C LEU B 1071 -14.41 -14.94 -80.41
N PHE B 1072 -13.24 -14.60 -80.92
CA PHE B 1072 -13.11 -13.74 -82.10
C PHE B 1072 -12.65 -14.52 -83.32
N MET B 1073 -11.58 -15.31 -83.20
CA MET B 1073 -11.07 -16.10 -84.31
C MET B 1073 -11.36 -17.58 -84.06
N ARG B 1074 -12.40 -18.04 -84.75
CA ARG B 1074 -12.98 -19.36 -84.50
C ARG B 1074 -12.71 -20.37 -85.61
N GLN B 1075 -11.86 -20.04 -86.58
CA GLN B 1075 -11.64 -20.91 -87.73
C GLN B 1075 -10.19 -21.33 -87.94
N CYS B 1076 -9.22 -20.47 -87.60
CA CYS B 1076 -7.82 -20.78 -87.87
C CYS B 1076 -7.30 -21.95 -87.03
N GLY B 1077 -7.98 -22.29 -85.95
CA GLY B 1077 -7.64 -23.48 -85.20
C GLY B 1077 -6.34 -23.41 -84.43
N GLN B 1078 -5.55 -24.50 -84.50
CA GLN B 1078 -4.36 -24.66 -83.67
C GLN B 1078 -3.27 -23.63 -84.00
N GLU B 1079 -3.39 -22.92 -85.11
CA GLU B 1079 -2.42 -21.89 -85.47
C GLU B 1079 -2.77 -20.53 -84.85
N ARG B 1080 -3.49 -20.53 -83.73
CA ARG B 1080 -3.89 -19.27 -83.10
C ARG B 1080 -2.68 -18.47 -82.64
N ASP B 1081 -1.67 -19.13 -82.08
CA ASP B 1081 -0.50 -18.42 -81.58
C ASP B 1081 0.28 -17.77 -82.71
N LEU B 1082 0.52 -18.51 -83.79
CA LEU B 1082 1.24 -17.94 -84.93
C LEU B 1082 0.44 -16.85 -85.60
N CYS B 1083 -0.89 -17.04 -85.71
CA CYS B 1083 -1.74 -16.00 -86.26
C CYS B 1083 -1.68 -14.73 -85.41
N PHE B 1084 -1.68 -14.88 -84.09
CA PHE B 1084 -1.58 -13.71 -83.22
C PHE B 1084 -0.24 -13.02 -83.38
N THR B 1085 0.84 -13.79 -83.48
CA THR B 1085 2.15 -13.18 -83.73
C THR B 1085 2.15 -12.40 -85.04
N ALA B 1086 1.61 -13.01 -86.10
CA ALA B 1086 1.59 -12.36 -87.39
C ALA B 1086 0.78 -11.07 -87.34
N TYR B 1087 -0.39 -11.11 -86.71
CA TYR B 1087 -1.25 -9.94 -86.65
C TYR B 1087 -0.63 -8.84 -85.79
N LEU B 1088 0.03 -9.23 -84.70
CA LEU B 1088 0.75 -8.26 -83.89
C LEU B 1088 1.84 -7.58 -84.69
N ALA B 1089 2.60 -8.36 -85.47
CA ALA B 1089 3.59 -7.76 -86.35
C ALA B 1089 2.96 -6.84 -87.37
N ILE B 1090 1.79 -7.24 -87.91
CA ILE B 1090 1.08 -6.40 -88.87
C ILE B 1090 0.77 -5.05 -88.26
N ALA B 1091 0.22 -5.06 -87.05
CA ALA B 1091 -0.10 -3.80 -86.37
C ALA B 1091 1.16 -3.00 -86.08
N LEU B 1092 2.23 -3.66 -85.63
CA LEU B 1092 3.44 -2.96 -85.27
C LEU B 1092 4.06 -2.24 -86.47
N LEU B 1093 4.08 -2.91 -87.63
CA LEU B 1093 4.57 -2.25 -88.84
C LEU B 1093 3.60 -1.18 -89.31
N GLU B 1094 2.29 -1.46 -89.24
CA GLU B 1094 1.29 -0.50 -89.66
C GLU B 1094 1.27 0.74 -88.78
N SER B 1095 1.92 0.68 -87.62
CA SER B 1095 2.03 1.81 -86.72
C SER B 1095 3.30 2.64 -86.95
N ASN B 1096 3.97 2.45 -88.09
CA ASN B 1096 5.14 3.23 -88.47
C ASN B 1096 6.24 3.16 -87.41
N TYR B 1097 6.51 1.95 -86.92
CA TYR B 1097 7.61 1.72 -86.00
C TYR B 1097 8.67 0.85 -86.64
N SER B 1098 9.93 1.19 -86.40
CA SER B 1098 11.04 0.32 -86.77
C SER B 1098 11.01 -0.94 -85.89
N SER B 1099 11.85 -1.91 -86.26
CA SER B 1099 11.93 -3.17 -85.53
C SER B 1099 12.71 -3.06 -84.24
N GLY B 1100 12.99 -1.84 -83.78
CA GLY B 1100 13.88 -1.62 -82.67
C GLY B 1100 13.36 -2.00 -81.31
N MET B 1101 12.08 -2.33 -81.18
CA MET B 1101 11.56 -2.75 -79.89
C MET B 1101 11.47 -4.27 -79.80
N THR B 1102 11.49 -4.75 -78.56
CA THR B 1102 11.58 -6.18 -78.29
C THR B 1102 10.37 -6.92 -78.84
N LEU B 1103 9.18 -6.35 -78.71
CA LEU B 1103 7.98 -7.00 -79.19
C LEU B 1103 8.07 -7.27 -80.69
N LEU B 1104 8.46 -6.26 -81.47
CA LEU B 1104 8.52 -6.44 -82.91
C LEU B 1104 9.70 -7.32 -83.31
N ASP B 1105 10.80 -7.25 -82.55
CA ASP B 1105 11.92 -8.15 -82.81
C ASP B 1105 11.50 -9.61 -82.66
N ASP B 1106 10.82 -9.94 -81.56
CA ASP B 1106 10.40 -11.32 -81.35
C ASP B 1106 9.26 -11.69 -82.29
N ALA B 1107 8.47 -10.71 -82.73
CA ALA B 1107 7.44 -10.98 -83.73
C ALA B 1107 8.07 -11.39 -85.06
N LEU B 1108 9.07 -10.63 -85.53
CA LEU B 1108 9.78 -11.02 -86.74
C LEU B 1108 10.48 -12.37 -86.55
N GLY B 1109 11.02 -12.62 -85.36
CA GLY B 1109 11.64 -13.91 -85.10
C GLY B 1109 10.66 -15.07 -85.23
N CYS B 1110 9.48 -14.91 -84.64
CA CYS B 1110 8.45 -15.95 -84.78
C CYS B 1110 8.00 -16.10 -86.23
N LEU B 1111 7.85 -14.97 -86.94
CA LEU B 1111 7.42 -15.02 -88.34
C LEU B 1111 8.45 -15.73 -89.21
N GLU B 1112 9.74 -15.52 -88.95
CA GLU B 1112 10.77 -16.14 -89.76
C GLU B 1112 10.72 -17.66 -89.64
N ALA B 1113 10.50 -18.17 -88.43
CA ALA B 1113 10.39 -19.61 -88.21
C ALA B 1113 8.95 -20.08 -88.44
N ALA B 1114 8.39 -19.65 -89.58
CA ALA B 1114 7.06 -20.07 -89.97
C ALA B 1114 6.93 -20.31 -91.47
N MET B 1115 8.02 -20.22 -92.23
CA MET B 1115 7.92 -20.36 -93.69
C MET B 1115 7.48 -21.77 -94.08
N SER B 1116 8.16 -22.79 -93.58
CA SER B 1116 7.80 -24.17 -93.91
C SER B 1116 6.57 -24.60 -93.11
N SER B 1117 6.50 -24.18 -91.84
CA SER B 1117 5.44 -24.60 -90.95
C SER B 1117 4.19 -23.75 -91.18
N ALA B 1118 3.17 -23.96 -90.36
CA ALA B 1118 1.88 -23.25 -90.44
C ALA B 1118 1.31 -23.33 -91.86
N SER B 1119 1.19 -24.57 -92.34
CA SER B 1119 0.77 -24.84 -93.71
C SER B 1119 -0.74 -24.57 -93.87
N THR B 1120 -1.08 -23.28 -93.79
CA THR B 1120 -2.44 -22.81 -93.98
C THR B 1120 -2.41 -21.48 -94.72
N LEU B 1121 -3.25 -21.36 -95.75
CA LEU B 1121 -3.24 -20.14 -96.56
C LEU B 1121 -3.74 -18.93 -95.78
N TYR B 1122 -4.57 -19.17 -94.75
CA TYR B 1122 -5.00 -18.07 -93.89
C TYR B 1122 -3.81 -17.40 -93.22
N PHE B 1123 -2.91 -18.19 -92.64
CA PHE B 1123 -1.69 -17.63 -92.07
C PHE B 1123 -0.72 -17.21 -93.16
N LYS B 1124 -0.80 -17.84 -94.33
CA LYS B 1124 0.04 -17.44 -95.45
C LYS B 1124 -0.22 -16.00 -95.84
N SER B 1125 -1.48 -15.59 -95.83
CA SER B 1125 -1.81 -14.21 -96.19
C SER B 1125 -1.15 -13.23 -95.24
N TYR B 1126 -1.23 -13.49 -93.94
CA TYR B 1126 -0.58 -12.64 -92.95
C TYR B 1126 0.93 -12.61 -93.15
N THR B 1127 1.53 -13.79 -93.38
CA THR B 1127 2.98 -13.85 -93.58
C THR B 1127 3.39 -13.06 -94.81
N VAL B 1128 2.65 -13.21 -95.90
CA VAL B 1128 2.94 -12.49 -97.13
C VAL B 1128 2.89 -11.00 -96.89
N TYR B 1129 1.83 -10.54 -96.22
CA TYR B 1129 1.66 -9.10 -96.11
C TYR B 1129 2.66 -8.49 -95.12
N VAL B 1130 2.98 -9.20 -94.03
CA VAL B 1130 3.98 -8.68 -93.11
C VAL B 1130 5.35 -8.62 -93.78
N PHE B 1131 5.70 -9.66 -94.53
CA PHE B 1131 7.01 -9.68 -95.18
C PHE B 1131 7.06 -8.76 -96.39
N THR B 1132 5.90 -8.36 -96.91
CA THR B 1132 5.86 -7.24 -97.85
C THR B 1132 6.10 -5.91 -97.14
N LEU B 1133 5.43 -5.70 -96.01
CA LEU B 1133 5.58 -4.45 -95.28
C LEU B 1133 7.03 -4.23 -94.89
N VAL B 1134 7.65 -5.23 -94.26
CA VAL B 1134 9.08 -5.16 -94.02
C VAL B 1134 9.76 -5.31 -95.39
N GLN B 1135 10.45 -4.26 -95.82
CA GLN B 1135 10.89 -4.20 -97.21
C GLN B 1135 12.02 -5.18 -97.45
N ASN B 1136 11.69 -6.35 -98.00
CA ASN B 1136 12.67 -7.40 -98.25
C ASN B 1136 12.71 -7.70 -99.75
N TRP B 1137 13.76 -8.40 -100.14
CA TRP B 1137 13.93 -8.87 -101.51
C TRP B 1137 13.92 -10.38 -101.63
N GLU B 1138 14.00 -11.10 -100.52
CA GLU B 1138 14.26 -12.54 -100.54
C GLU B 1138 13.06 -13.35 -100.06
N ILE B 1139 12.61 -13.12 -98.83
CA ILE B 1139 11.53 -13.93 -98.28
C ILE B 1139 10.19 -13.54 -98.90
N ARG B 1140 9.97 -12.22 -99.05
CA ARG B 1140 8.69 -11.78 -99.60
C ARG B 1140 8.52 -12.22 -101.05
N ASN B 1141 9.59 -12.12 -101.85
CA ASN B 1141 9.50 -12.50 -103.26
C ASN B 1141 9.23 -13.99 -103.40
N THR B 1142 9.99 -14.82 -102.70
CA THR B 1142 9.79 -16.26 -102.81
C THR B 1142 8.42 -16.67 -102.29
N LEU B 1143 7.96 -16.06 -101.20
CA LEU B 1143 6.65 -16.41 -100.65
C LEU B 1143 5.53 -15.98 -101.58
N LEU B 1144 5.62 -14.77 -102.14
CA LEU B 1144 4.58 -14.31 -103.06
C LEU B 1144 4.54 -15.15 -104.32
N ASN B 1145 5.71 -15.53 -104.85
CA ASN B 1145 5.73 -16.35 -106.05
C ASN B 1145 5.22 -17.76 -105.75
N GLU B 1146 5.50 -18.28 -104.57
CA GLU B 1146 4.97 -19.57 -104.17
C GLU B 1146 3.45 -19.54 -104.10
N LEU B 1147 2.89 -18.49 -103.49
CA LEU B 1147 1.45 -18.47 -103.28
C LEU B 1147 0.69 -18.05 -104.53
N LYS B 1148 1.33 -17.27 -105.42
CA LYS B 1148 0.66 -16.82 -106.64
C LYS B 1148 0.26 -17.99 -107.53
N SER B 1149 0.89 -19.16 -107.35
CA SER B 1149 0.46 -20.34 -108.09
C SER B 1149 -0.95 -20.74 -107.71
N LYS B 1150 -1.29 -20.67 -106.42
CA LYS B 1150 -2.53 -21.21 -105.90
C LYS B 1150 -3.64 -20.16 -105.93
N VAL B 1151 -3.85 -19.57 -107.10
CA VAL B 1151 -4.90 -18.57 -107.30
C VAL B 1151 -5.94 -19.16 -108.25
N VAL B 1152 -7.21 -19.09 -107.86
CA VAL B 1152 -8.32 -19.48 -108.70
C VAL B 1152 -8.63 -18.34 -109.66
N SER B 1153 -8.64 -18.64 -110.95
CA SER B 1153 -8.92 -17.67 -111.99
C SER B 1153 -10.31 -17.93 -112.56
N GLU B 1154 -11.13 -16.90 -112.58
CA GLU B 1154 -12.45 -16.91 -113.21
C GLU B 1154 -12.45 -15.87 -114.32
N ARG B 1155 -13.62 -15.63 -114.91
CA ARG B 1155 -13.70 -14.82 -116.11
C ARG B 1155 -13.28 -13.39 -115.78
N GLY B 1156 -12.02 -13.06 -116.06
CA GLY B 1156 -11.47 -11.77 -115.76
C GLY B 1156 -11.13 -11.51 -114.30
N THR B 1157 -11.22 -12.54 -113.45
CA THR B 1157 -11.02 -12.34 -112.01
C THR B 1157 -10.01 -13.34 -111.48
N LEU B 1158 -9.36 -12.97 -110.36
CA LEU B 1158 -8.42 -13.84 -109.67
C LEU B 1158 -8.63 -13.70 -108.18
N HIS B 1159 -8.65 -14.82 -107.47
CA HIS B 1159 -8.80 -14.76 -106.02
C HIS B 1159 -8.31 -16.05 -105.40
N TRP B 1160 -8.16 -16.02 -104.07
CA TRP B 1160 -7.63 -17.15 -103.31
C TRP B 1160 -8.68 -17.61 -102.32
N GLU B 1161 -9.04 -18.89 -102.38
CA GLU B 1161 -10.02 -19.45 -101.47
C GLU B 1161 -9.37 -19.83 -100.14
N ARG B 1162 -10.22 -19.99 -99.12
CA ARG B 1162 -9.74 -20.42 -97.81
C ARG B 1162 -9.16 -21.82 -97.86
N GLU B 1163 -9.50 -22.60 -98.88
CA GLU B 1163 -8.98 -23.96 -99.05
C GLU B 1163 -9.27 -24.80 -97.81
N ASP B 1164 -10.52 -24.71 -97.33
CA ASP B 1164 -10.97 -25.46 -96.16
C ASP B 1164 -11.17 -26.92 -96.58
N LYS B 1165 -10.05 -27.63 -96.70
CA LYS B 1165 -10.09 -29.01 -97.18
C LYS B 1165 -10.87 -29.91 -96.23
N LEU B 1166 -10.91 -29.57 -94.95
CA LEU B 1166 -11.68 -30.33 -93.97
C LEU B 1166 -13.17 -30.07 -94.21
N GLY B 1167 -13.82 -30.97 -94.91
CA GLY B 1167 -15.23 -30.82 -95.22
C GLY B 1167 -15.50 -29.90 -96.39
N GLN B 1168 -15.02 -30.28 -97.58
CA GLN B 1168 -15.30 -29.52 -98.80
C GLN B 1168 -16.59 -30.06 -99.41
N GLU B 1169 -17.72 -29.68 -98.79
CA GLU B 1169 -19.04 -30.09 -99.23
C GLU B 1169 -19.89 -28.85 -99.48
N GLY B 1170 -21.15 -29.08 -99.84
CA GLY B 1170 -22.09 -27.99 -100.04
C GLY B 1170 -23.33 -28.12 -99.18
N ILE B 1171 -23.62 -29.34 -98.76
CA ILE B 1171 -24.83 -29.64 -98.00
C ILE B 1171 -24.70 -29.16 -96.55
N PRO B 1172 -23.64 -29.54 -95.80
CA PRO B 1172 -23.63 -29.15 -94.37
C PRO B 1172 -23.16 -27.72 -94.15
N LEU B 1173 -23.99 -26.76 -94.56
CA LEU B 1173 -23.79 -25.33 -94.26
C LEU B 1173 -22.47 -24.82 -94.83
N TYR B 1174 -22.07 -25.33 -95.99
CA TYR B 1174 -20.93 -24.81 -96.73
C TYR B 1174 -21.30 -24.41 -98.15
N TYR B 1175 -22.58 -24.40 -98.48
CA TYR B 1175 -23.02 -23.97 -99.82
C TYR B 1175 -22.59 -22.55 -100.20
N PRO B 1176 -22.70 -21.52 -99.33
CA PRO B 1176 -22.53 -20.14 -99.80
C PRO B 1176 -21.23 -19.84 -100.53
N ASN B 1177 -21.33 -19.05 -101.60
CA ASN B 1177 -20.16 -18.69 -102.42
C ASN B 1177 -19.48 -17.42 -101.94
N TYR B 1178 -20.27 -16.45 -101.45
CA TYR B 1178 -19.76 -15.14 -101.07
C TYR B 1178 -18.99 -15.23 -99.75
N SER B 1179 -17.95 -16.04 -99.76
CA SER B 1179 -17.22 -16.35 -98.54
C SER B 1179 -16.54 -15.10 -98.00
N PRO B 1180 -16.76 -14.74 -96.74
CA PRO B 1180 -16.03 -13.60 -96.15
C PRO B 1180 -14.54 -13.83 -96.07
N ALA B 1181 -14.09 -15.07 -95.90
CA ALA B 1181 -12.67 -15.32 -95.66
C ALA B 1181 -11.84 -15.11 -96.92
N GLU B 1182 -12.39 -15.42 -98.10
CA GLU B 1182 -11.63 -15.24 -99.33
C GLU B 1182 -11.37 -13.77 -99.62
N VAL B 1183 -12.32 -12.90 -99.27
CA VAL B 1183 -12.18 -11.48 -99.54
C VAL B 1183 -10.96 -10.91 -98.81
N GLU B 1184 -10.79 -11.27 -97.54
CA GLU B 1184 -9.72 -10.69 -96.74
C GLU B 1184 -8.34 -11.20 -97.19
N ILE B 1185 -8.24 -12.49 -97.51
CA ILE B 1185 -6.96 -13.00 -98.03
C ILE B 1185 -6.63 -12.36 -99.37
N THR B 1186 -7.64 -12.21 -100.23
CA THR B 1186 -7.40 -11.57 -101.53
C THR B 1186 -6.96 -10.13 -101.35
N ALA B 1187 -7.55 -9.42 -100.38
CA ALA B 1187 -7.13 -8.06 -100.09
C ALA B 1187 -5.70 -8.02 -99.56
N TYR B 1188 -5.35 -8.98 -98.69
CA TYR B 1188 -3.97 -9.05 -98.21
C TYR B 1188 -3.02 -9.24 -99.38
N MET B 1189 -3.36 -10.11 -100.32
CA MET B 1189 -2.51 -10.34 -101.47
C MET B 1189 -2.40 -9.08 -102.34
N LEU B 1190 -3.53 -8.41 -102.55
CA LEU B 1190 -3.55 -7.21 -103.38
C LEU B 1190 -2.66 -6.12 -102.77
N LEU B 1191 -2.79 -5.90 -101.46
CA LEU B 1191 -1.92 -4.94 -100.79
C LEU B 1191 -0.46 -5.37 -100.85
N SER B 1192 -0.21 -6.66 -100.63
CA SER B 1192 1.17 -7.15 -100.63
C SER B 1192 1.84 -6.90 -101.97
N ILE B 1193 1.11 -7.10 -103.06
CA ILE B 1193 1.71 -6.94 -104.38
C ILE B 1193 1.79 -5.47 -104.77
N ALA B 1194 0.73 -4.70 -104.48
CA ALA B 1194 0.73 -3.28 -104.83
C ALA B 1194 1.79 -2.52 -104.04
N LYS B 1195 2.13 -3.00 -102.85
CA LYS B 1195 3.21 -2.42 -102.06
C LYS B 1195 4.55 -2.97 -102.52
N GLY B 1196 4.82 -2.91 -103.82
CA GLY B 1196 6.05 -3.41 -104.38
C GLY B 1196 7.08 -2.32 -104.57
N SER B 1197 8.29 -2.75 -104.94
CA SER B 1197 9.35 -1.80 -105.25
C SER B 1197 8.94 -0.89 -106.39
N ASP B 1198 8.42 -1.49 -107.47
CA ASP B 1198 7.81 -0.74 -108.56
C ASP B 1198 6.83 -1.65 -109.30
N PRO B 1199 5.53 -1.40 -109.19
CA PRO B 1199 4.55 -2.26 -109.89
C PRO B 1199 4.79 -2.27 -111.39
N THR B 1200 4.87 -3.48 -111.94
CA THR B 1200 5.20 -3.64 -113.36
C THR B 1200 3.94 -3.57 -114.22
N HIS B 1201 4.15 -3.28 -115.51
CA HIS B 1201 3.04 -3.07 -116.42
C HIS B 1201 2.23 -4.35 -116.62
N ASP B 1202 2.91 -5.48 -116.85
CA ASP B 1202 2.21 -6.75 -116.98
C ASP B 1202 1.39 -7.05 -115.73
N ASP B 1203 1.90 -6.67 -114.56
CA ASP B 1203 1.20 -6.88 -113.30
C ASP B 1203 -0.01 -5.96 -113.15
N LEU B 1204 -0.17 -4.99 -114.06
CA LEU B 1204 -1.30 -4.07 -113.92
C LEU B 1204 -2.62 -4.73 -114.29
N THR B 1205 -2.62 -5.57 -115.33
CA THR B 1205 -3.84 -6.34 -115.61
C THR B 1205 -4.11 -7.34 -114.50
N TYR B 1206 -3.04 -7.83 -113.86
CA TYR B 1206 -3.20 -8.67 -112.68
C TYR B 1206 -3.88 -7.88 -111.57
N MET B 1207 -3.50 -6.61 -111.40
CA MET B 1207 -4.16 -5.70 -110.48
C MET B 1207 -5.64 -5.56 -110.82
N ALA B 1208 -5.94 -5.35 -112.11
CA ALA B 1208 -7.33 -5.16 -112.51
C ALA B 1208 -8.17 -6.41 -112.23
N GLN B 1209 -7.60 -7.58 -112.51
CA GLN B 1209 -8.33 -8.83 -112.27
C GLN B 1209 -8.51 -9.09 -110.79
N ILE B 1210 -7.49 -8.84 -109.97
CA ILE B 1210 -7.63 -9.02 -108.54
C ILE B 1210 -8.54 -7.96 -107.92
N SER B 1211 -8.75 -6.83 -108.60
CA SER B 1211 -9.60 -5.77 -108.08
C SER B 1211 -11.07 -5.95 -108.44
N VAL B 1212 -11.36 -6.40 -109.67
CA VAL B 1212 -12.75 -6.56 -110.08
C VAL B 1212 -13.43 -7.63 -109.24
N TRP B 1213 -12.73 -8.72 -108.94
CA TRP B 1213 -13.32 -9.77 -108.11
C TRP B 1213 -13.60 -9.25 -106.70
N LEU B 1214 -12.63 -8.57 -106.09
CA LEU B 1214 -12.82 -8.05 -104.74
C LEU B 1214 -13.96 -7.05 -104.70
N ILE B 1215 -14.05 -6.17 -105.70
CA ILE B 1215 -15.09 -5.16 -105.72
C ILE B 1215 -16.44 -5.76 -106.08
N GLN B 1216 -16.46 -6.97 -106.65
CA GLN B 1216 -17.72 -7.60 -107.00
C GLN B 1216 -18.51 -7.95 -105.75
N GLN B 1217 -17.83 -8.26 -104.65
CA GLN B 1217 -18.47 -8.65 -103.39
C GLN B 1217 -18.86 -7.42 -102.58
N GLN B 1218 -19.53 -6.48 -103.23
CA GLN B 1218 -19.93 -5.22 -102.61
C GLN B 1218 -21.44 -5.16 -102.47
N ASN B 1219 -21.90 -4.77 -101.28
CA ASN B 1219 -23.33 -4.67 -101.02
C ASN B 1219 -23.81 -3.26 -101.34
N SER B 1220 -25.08 -2.96 -101.04
CA SER B 1220 -25.68 -1.70 -101.44
C SER B 1220 -25.12 -0.50 -100.67
N TYR B 1221 -24.59 -0.71 -99.48
CA TYR B 1221 -24.17 0.38 -98.61
C TYR B 1221 -22.68 0.40 -98.32
N GLY B 1222 -21.92 -0.60 -98.73
CA GLY B 1222 -20.48 -0.59 -98.54
C GLY B 1222 -19.92 -1.80 -97.81
N GLY B 1223 -20.60 -2.25 -96.77
CA GLY B 1223 -20.14 -3.43 -96.04
C GLY B 1223 -20.18 -4.64 -96.94
N PHE B 1224 -19.01 -5.23 -97.20
CA PHE B 1224 -18.92 -6.28 -98.20
C PHE B 1224 -19.36 -7.64 -97.64
N ARG B 1225 -18.60 -8.17 -96.69
CA ARG B 1225 -18.91 -9.49 -96.15
C ARG B 1225 -19.03 -9.49 -94.63
N SER B 1226 -18.16 -8.77 -93.92
CA SER B 1226 -18.17 -8.72 -92.47
C SER B 1226 -17.26 -7.56 -92.04
N THR B 1227 -17.35 -7.21 -90.76
CA THR B 1227 -16.56 -6.10 -90.25
C THR B 1227 -15.06 -6.37 -90.40
N GLN B 1228 -14.62 -7.59 -90.07
CA GLN B 1228 -13.21 -7.92 -90.19
C GLN B 1228 -12.75 -7.87 -91.64
N ASP B 1229 -13.68 -7.94 -92.59
CA ASP B 1229 -13.34 -7.99 -93.99
C ASP B 1229 -13.62 -6.69 -94.74
N THR B 1230 -14.75 -6.05 -94.44
CA THR B 1230 -15.12 -4.86 -95.21
C THR B 1230 -14.13 -3.73 -95.03
N VAL B 1231 -13.58 -3.56 -93.83
CA VAL B 1231 -12.64 -2.46 -93.59
C VAL B 1231 -11.33 -2.72 -94.31
N VAL B 1232 -10.87 -3.97 -94.30
CA VAL B 1232 -9.64 -4.32 -95.00
C VAL B 1232 -9.84 -4.13 -96.51
N ALA B 1233 -10.99 -4.51 -97.02
CA ALA B 1233 -11.27 -4.31 -98.44
C ALA B 1233 -11.29 -2.82 -98.77
N LEU B 1234 -11.90 -2.00 -97.93
CA LEU B 1234 -11.91 -0.56 -98.18
C LEU B 1234 -10.51 0.02 -98.17
N GLN B 1235 -9.68 -0.34 -97.21
CA GLN B 1235 -8.34 0.23 -97.16
C GLN B 1235 -7.49 -0.26 -98.33
N ALA B 1236 -7.66 -1.52 -98.73
CA ALA B 1236 -6.94 -2.03 -99.90
C ALA B 1236 -7.36 -1.30 -101.16
N LEU B 1237 -8.67 -1.07 -101.32
CA LEU B 1237 -9.15 -0.31 -102.46
C LEU B 1237 -8.61 1.11 -102.43
N ALA B 1238 -8.50 1.70 -101.24
CA ALA B 1238 -7.95 3.04 -101.12
C ALA B 1238 -6.50 3.08 -101.59
N PHE B 1239 -5.69 2.11 -101.15
CA PHE B 1239 -4.31 2.07 -101.58
C PHE B 1239 -4.20 1.84 -103.08
N TYR B 1240 -5.04 0.95 -103.62
CA TYR B 1240 -5.00 0.66 -105.06
C TYR B 1240 -5.39 1.90 -105.87
N ALA B 1241 -6.46 2.59 -105.46
CA ALA B 1241 -6.90 3.79 -106.14
C ALA B 1241 -5.93 4.95 -105.95
N GLN B 1242 -5.07 4.90 -104.93
CA GLN B 1242 -4.00 5.86 -104.83
C GLN B 1242 -3.03 5.71 -106.00
N LEU B 1243 -2.97 4.51 -106.58
CA LEU B 1243 -2.13 4.26 -107.74
C LEU B 1243 -2.79 4.65 -109.07
N LEU B 1244 -4.10 4.51 -109.18
CA LEU B 1244 -4.81 4.83 -110.42
C LEU B 1244 -5.69 6.05 -110.18
N PHE B 1245 -5.43 7.12 -110.92
CA PHE B 1245 -6.22 8.33 -110.80
C PHE B 1245 -6.30 9.01 -112.16
N LYS B 1246 -7.49 9.46 -112.52
CA LYS B 1246 -7.75 10.04 -113.83
C LYS B 1246 -8.24 11.47 -113.67
N SER B 1247 -7.57 12.41 -114.34
CA SER B 1247 -7.91 13.82 -114.18
C SER B 1247 -9.23 14.17 -114.84
N ASN B 1248 -9.48 13.63 -116.04
CA ASN B 1248 -10.64 14.02 -116.83
C ASN B 1248 -11.88 13.19 -116.51
N ALA B 1249 -11.84 11.88 -116.79
CA ALA B 1249 -12.92 10.94 -116.48
C ALA B 1249 -14.28 11.46 -116.98
N HIS B 1250 -14.26 11.94 -118.23
CA HIS B 1250 -15.48 12.41 -118.89
C HIS B 1250 -16.36 11.22 -119.24
N HIS B 1251 -17.65 11.32 -118.94
CA HIS B 1251 -18.55 10.21 -119.22
C HIS B 1251 -19.94 10.75 -119.52
N ASN B 1252 -20.65 10.04 -120.40
CA ASN B 1252 -22.09 10.17 -120.52
C ASN B 1252 -22.69 8.76 -120.54
N VAL B 1253 -23.68 8.55 -119.69
CA VAL B 1253 -24.29 7.25 -119.50
C VAL B 1253 -25.75 7.34 -119.90
N PHE B 1254 -26.27 6.24 -120.47
CA PHE B 1254 -27.63 6.24 -120.95
C PHE B 1254 -28.25 4.85 -120.82
N LEU B 1255 -29.44 4.84 -120.24
CA LEU B 1255 -30.32 3.69 -120.15
C LEU B 1255 -31.36 3.73 -121.26
N ARG B 1256 -31.54 2.57 -121.91
CA ARG B 1256 -32.51 2.37 -122.95
C ARG B 1256 -33.39 1.19 -122.58
N SER B 1257 -34.60 1.21 -123.13
CA SER B 1257 -35.57 0.13 -122.97
C SER B 1257 -36.16 -0.21 -124.34
N GLU B 1258 -37.11 -1.13 -124.33
CA GLU B 1258 -37.88 -1.41 -125.53
C GLU B 1258 -38.80 -0.25 -125.91
N TYR B 1259 -39.08 0.66 -124.98
CA TYR B 1259 -39.94 1.81 -125.25
C TYR B 1259 -39.19 3.10 -125.50
N GLY B 1260 -37.93 3.19 -125.08
CA GLY B 1260 -37.14 4.36 -125.38
C GLY B 1260 -35.98 4.49 -124.42
N ASP B 1261 -35.18 5.53 -124.64
CA ASP B 1261 -34.07 5.86 -123.75
C ASP B 1261 -34.65 6.26 -122.40
N VAL B 1262 -34.08 5.72 -121.34
CA VAL B 1262 -34.65 5.93 -120.01
C VAL B 1262 -33.75 6.83 -119.18
N GLY B 1263 -32.44 6.71 -119.34
CA GLY B 1263 -31.52 7.51 -118.55
C GLY B 1263 -30.50 8.20 -119.45
N GLN B 1264 -30.20 9.45 -119.10
CA GLN B 1264 -29.20 10.25 -119.80
C GLN B 1264 -28.51 11.14 -118.79
N LEU B 1265 -27.33 10.74 -118.34
CA LEU B 1265 -26.58 11.48 -117.34
C LEU B 1265 -25.19 11.83 -117.86
N ASN B 1266 -24.65 12.94 -117.35
CA ASN B 1266 -23.32 13.42 -117.67
C ASN B 1266 -22.47 13.39 -116.41
N LEU B 1267 -21.32 12.72 -116.46
CA LEU B 1267 -20.43 12.58 -115.33
C LEU B 1267 -19.10 13.25 -115.64
N SER B 1268 -18.63 14.08 -114.71
CA SER B 1268 -17.41 14.84 -114.87
C SER B 1268 -16.77 14.99 -113.49
N GLU B 1269 -15.85 15.95 -113.36
CA GLU B 1269 -15.17 16.13 -112.08
C GLU B 1269 -16.13 16.51 -110.97
N HIS B 1270 -17.09 17.38 -111.27
CA HIS B 1270 -18.05 17.79 -110.25
C HIS B 1270 -18.93 16.63 -109.80
N ASN B 1271 -19.46 15.87 -110.77
CA ASN B 1271 -20.24 14.67 -110.45
C ASN B 1271 -19.30 13.47 -110.37
N ARG B 1272 -18.52 13.46 -109.30
CA ARG B 1272 -17.55 12.39 -109.08
C ARG B 1272 -17.76 11.73 -107.73
N LEU B 1273 -18.20 12.51 -106.75
CA LEU B 1273 -18.43 12.00 -105.41
C LEU B 1273 -19.89 11.82 -105.06
N VAL B 1274 -20.80 12.39 -105.85
CA VAL B 1274 -22.24 12.22 -105.64
C VAL B 1274 -22.71 11.03 -106.46
N VAL B 1275 -23.55 10.20 -105.84
CA VAL B 1275 -24.04 8.98 -106.46
C VAL B 1275 -25.23 9.32 -107.35
N GLN B 1276 -25.33 8.64 -108.48
CA GLN B 1276 -26.46 8.77 -109.39
C GLN B 1276 -27.37 7.57 -109.23
N ARG B 1277 -28.64 7.83 -108.93
CA ARG B 1277 -29.61 6.81 -108.58
C ARG B 1277 -30.66 6.70 -109.67
N LEU B 1278 -31.04 5.47 -109.99
CA LEU B 1278 -32.16 5.19 -110.87
C LEU B 1278 -32.97 4.05 -110.26
N GLN B 1279 -34.28 4.15 -110.33
CA GLN B 1279 -35.15 3.07 -109.87
C GLN B 1279 -35.97 2.61 -111.06
N LEU B 1280 -36.07 1.30 -111.23
CA LEU B 1280 -36.69 0.74 -112.42
C LEU B 1280 -38.19 0.86 -112.35
N PRO B 1281 -38.84 1.55 -113.30
CA PRO B 1281 -40.32 1.56 -113.31
C PRO B 1281 -40.93 0.19 -113.49
N GLU B 1282 -40.31 -0.68 -114.29
CA GLU B 1282 -40.77 -2.04 -114.50
C GLU B 1282 -39.69 -3.01 -114.04
N VAL B 1283 -40.04 -3.90 -113.12
CA VAL B 1283 -39.08 -4.85 -112.57
C VAL B 1283 -38.88 -6.07 -113.44
N SER B 1284 -39.74 -6.28 -114.44
CA SER B 1284 -39.65 -7.45 -115.32
C SER B 1284 -39.25 -7.02 -116.72
N GLY B 1285 -38.58 -5.89 -116.83
CA GLY B 1285 -38.17 -5.36 -118.12
C GLY B 1285 -36.85 -5.93 -118.60
N ASN B 1286 -36.44 -5.47 -119.77
CA ASN B 1286 -35.13 -5.81 -120.34
C ASN B 1286 -34.41 -4.49 -120.64
N TYR B 1287 -33.70 -3.98 -119.64
CA TYR B 1287 -33.12 -2.65 -119.68
C TYR B 1287 -31.66 -2.76 -120.09
N SER B 1288 -31.17 -1.76 -120.81
CA SER B 1288 -29.80 -1.81 -121.32
C SER B 1288 -29.09 -0.50 -121.02
N ILE B 1289 -28.02 -0.58 -120.24
CA ILE B 1289 -27.23 0.59 -119.87
C ILE B 1289 -25.97 0.62 -120.73
N SER B 1290 -25.51 1.84 -121.03
CA SER B 1290 -24.29 2.03 -121.79
C SER B 1290 -23.58 3.29 -121.34
N ILE B 1291 -22.25 3.25 -121.36
CA ILE B 1291 -21.41 4.36 -120.95
C ILE B 1291 -20.48 4.71 -122.11
N ASN B 1292 -20.29 6.00 -122.34
CA ASN B 1292 -19.34 6.47 -123.33
C ASN B 1292 -18.45 7.53 -122.69
N GLY B 1293 -17.21 7.59 -123.15
CA GLY B 1293 -16.25 8.55 -122.67
C GLY B 1293 -15.02 7.85 -122.12
N THR B 1294 -14.18 8.60 -121.43
CA THR B 1294 -12.92 8.10 -120.91
C THR B 1294 -12.99 8.07 -119.40
N GLY B 1295 -12.42 7.02 -118.80
CA GLY B 1295 -12.32 6.92 -117.36
C GLY B 1295 -12.89 5.60 -116.88
N CYS B 1296 -13.00 5.49 -115.56
CA CYS B 1296 -13.51 4.28 -114.91
C CYS B 1296 -14.72 4.63 -114.07
N CYS B 1297 -15.73 3.78 -114.14
CA CYS B 1297 -16.96 3.97 -113.38
C CYS B 1297 -17.42 2.63 -112.82
N LEU B 1298 -18.34 2.71 -111.87
CA LEU B 1298 -18.92 1.53 -111.24
C LEU B 1298 -20.43 1.52 -111.45
N VAL B 1299 -21.00 0.32 -111.54
CA VAL B 1299 -22.42 0.13 -111.80
C VAL B 1299 -22.96 -0.83 -110.76
N GLN B 1300 -24.10 -0.50 -110.18
CA GLN B 1300 -24.83 -1.40 -109.32
C GLN B 1300 -26.22 -1.65 -109.86
N SER B 1301 -26.71 -2.88 -109.73
CA SER B 1301 -28.12 -3.19 -109.89
C SER B 1301 -28.52 -4.10 -108.74
N THR B 1302 -29.57 -3.73 -108.03
CA THR B 1302 -30.00 -4.43 -106.83
C THR B 1302 -31.49 -4.75 -106.91
N ILE B 1303 -31.87 -5.88 -106.31
CA ILE B 1303 -33.26 -6.35 -106.31
C ILE B 1303 -33.70 -6.56 -104.87
N ARG B 1304 -34.81 -5.94 -104.49
CA ARG B 1304 -35.35 -6.02 -103.14
C ARG B 1304 -36.74 -6.63 -103.22
N TYR B 1305 -37.00 -7.62 -102.36
CA TYR B 1305 -38.25 -8.37 -102.37
C TYR B 1305 -38.39 -9.09 -101.03
N ASN B 1306 -39.46 -9.88 -100.92
CA ASN B 1306 -39.74 -10.64 -99.71
C ASN B 1306 -40.00 -12.10 -100.04
N ILE B 1307 -39.59 -12.97 -99.12
CA ILE B 1307 -39.93 -14.39 -99.14
C ILE B 1307 -40.41 -14.77 -97.75
N PRO B 1308 -41.47 -15.57 -97.62
CA PRO B 1308 -41.99 -15.88 -96.28
C PRO B 1308 -41.18 -16.95 -95.54
N VAL B 1309 -40.02 -16.53 -95.03
CA VAL B 1309 -39.18 -17.34 -94.14
C VAL B 1309 -38.91 -18.70 -94.76
N PRO B 1310 -38.03 -18.81 -95.75
CA PRO B 1310 -37.79 -20.11 -96.39
C PRO B 1310 -37.06 -21.07 -95.47
N LYS B 1311 -37.80 -21.65 -94.53
CA LYS B 1311 -37.27 -22.64 -93.60
C LYS B 1311 -37.56 -24.05 -94.12
N GLU B 1312 -36.94 -24.36 -95.25
CA GLU B 1312 -37.22 -25.62 -95.93
C GLU B 1312 -36.06 -26.60 -95.92
N ASN B 1313 -34.83 -26.13 -95.74
CA ASN B 1313 -33.65 -26.94 -95.95
C ASN B 1313 -32.85 -27.09 -94.67
N SER B 1314 -32.05 -28.15 -94.61
CA SER B 1314 -31.21 -28.40 -93.46
C SER B 1314 -30.13 -27.32 -93.37
N ALA B 1315 -30.07 -26.67 -92.22
CA ALA B 1315 -29.16 -25.55 -92.00
C ALA B 1315 -28.96 -25.38 -90.50
N PHE B 1316 -28.44 -24.23 -90.11
CA PHE B 1316 -28.27 -23.90 -88.70
C PHE B 1316 -29.66 -23.82 -88.09
N TYR B 1317 -30.05 -24.86 -87.35
CA TYR B 1317 -31.46 -25.04 -87.04
C TYR B 1317 -31.95 -24.05 -85.99
N VAL B 1318 -33.17 -23.56 -86.20
CA VAL B 1318 -33.86 -22.68 -85.26
C VAL B 1318 -35.34 -23.03 -85.27
N ALA B 1319 -35.97 -23.02 -84.09
CA ALA B 1319 -37.40 -23.31 -83.95
C ALA B 1319 -37.98 -22.36 -82.91
N ALA B 1320 -38.94 -21.55 -83.31
CA ALA B 1320 -39.48 -20.47 -82.47
C ALA B 1320 -40.95 -20.72 -82.17
N ASP B 1321 -41.35 -20.41 -80.93
CA ASP B 1321 -42.73 -20.57 -80.48
C ASP B 1321 -42.90 -19.78 -79.19
N SER B 1322 -44.04 -19.99 -78.53
CA SER B 1322 -44.32 -19.25 -77.31
C SER B 1322 -45.55 -19.82 -76.61
N VAL B 1323 -45.83 -19.27 -75.43
CA VAL B 1323 -47.02 -19.59 -74.66
C VAL B 1323 -47.66 -18.31 -74.15
N SER B 1324 -48.97 -18.36 -73.94
CA SER B 1324 -49.71 -17.24 -73.39
C SER B 1324 -50.55 -17.69 -72.20
N LYS B 1325 -50.47 -16.92 -71.14
CA LYS B 1325 -51.17 -17.25 -69.90
C LYS B 1325 -52.31 -16.30 -69.59
N ASN B 1326 -52.17 -15.03 -69.95
CA ASN B 1326 -53.21 -14.04 -69.74
C ASN B 1326 -54.08 -13.91 -70.98
N CYS B 1327 -54.20 -15.00 -71.73
CA CYS B 1327 -54.97 -14.99 -72.97
C CYS B 1327 -56.44 -14.74 -72.66
N LEU B 1328 -56.90 -13.52 -72.96
CA LEU B 1328 -58.26 -13.10 -72.64
C LEU B 1328 -58.93 -12.61 -73.91
N ASN B 1329 -60.17 -13.06 -74.13
CA ASN B 1329 -61.01 -12.68 -75.27
C ASN B 1329 -60.20 -12.52 -76.56
N GLY B 1330 -59.34 -13.51 -76.81
CA GLY B 1330 -58.47 -13.46 -77.96
C GLY B 1330 -57.11 -12.86 -77.64
N VAL B 1331 -56.94 -11.58 -77.95
CA VAL B 1331 -55.63 -10.94 -77.79
C VAL B 1331 -55.18 -10.99 -76.34
N ALA B 1332 -53.91 -11.32 -76.14
CA ALA B 1332 -53.34 -11.54 -74.81
C ALA B 1332 -52.36 -10.42 -74.45
N TYR B 1333 -52.28 -10.13 -73.15
CA TYR B 1333 -51.45 -9.01 -72.70
C TYR B 1333 -49.97 -9.33 -72.82
N THR B 1334 -49.55 -10.48 -72.32
CA THR B 1334 -48.13 -10.85 -72.27
C THR B 1334 -47.94 -12.28 -72.75
N ILE B 1335 -46.88 -12.48 -73.52
CA ILE B 1335 -46.55 -13.77 -74.11
C ILE B 1335 -45.12 -14.12 -73.74
N THR B 1336 -44.88 -15.39 -73.41
CA THR B 1336 -43.55 -15.88 -73.12
C THR B 1336 -43.02 -16.56 -74.38
N ILE B 1337 -42.03 -15.93 -75.00
CA ILE B 1337 -41.49 -16.35 -76.28
C ILE B 1337 -40.27 -17.21 -76.01
N THR B 1338 -40.22 -18.38 -76.65
CA THR B 1338 -39.08 -19.29 -76.50
C THR B 1338 -38.62 -19.79 -77.86
N VAL B 1339 -37.34 -20.12 -77.94
CA VAL B 1339 -36.71 -20.60 -79.15
C VAL B 1339 -35.74 -21.71 -78.80
N SER B 1340 -35.46 -22.56 -79.79
CA SER B 1340 -34.54 -23.68 -79.67
C SER B 1340 -33.62 -23.67 -80.88
N VAL B 1341 -32.31 -23.61 -80.63
CA VAL B 1341 -31.32 -23.37 -81.67
C VAL B 1341 -30.23 -24.42 -81.60
N SER B 1342 -29.78 -24.90 -82.76
CA SER B 1342 -28.74 -25.92 -82.81
C SER B 1342 -27.87 -25.70 -84.02
N TYR B 1343 -26.62 -26.15 -83.92
CA TYR B 1343 -25.63 -26.02 -84.98
C TYR B 1343 -25.64 -27.27 -85.84
N ARG B 1344 -25.47 -27.11 -87.15
CA ARG B 1344 -25.53 -28.23 -88.08
C ARG B 1344 -24.45 -28.14 -89.15
N GLY B 1345 -23.55 -27.16 -89.05
CA GLY B 1345 -22.50 -27.00 -90.04
C GLY B 1345 -21.38 -28.00 -89.86
N LEU B 1346 -20.45 -27.97 -90.80
CA LEU B 1346 -19.32 -28.89 -90.81
C LEU B 1346 -18.03 -28.28 -90.28
N ARG B 1347 -18.05 -27.05 -89.79
CA ARG B 1347 -16.82 -26.41 -89.36
C ARG B 1347 -16.29 -27.08 -88.09
N ASN B 1348 -15.10 -26.63 -87.67
CA ASN B 1348 -14.53 -27.09 -86.41
C ASN B 1348 -15.43 -26.69 -85.25
N GLU B 1349 -15.78 -25.40 -85.17
CA GLU B 1349 -16.72 -24.91 -84.17
C GLU B 1349 -17.18 -23.52 -84.58
N THR B 1350 -18.38 -23.15 -84.18
CA THR B 1350 -19.03 -21.95 -84.66
C THR B 1350 -18.53 -20.71 -83.92
N ASN B 1351 -18.53 -19.59 -84.64
CA ASN B 1351 -18.09 -18.30 -84.10
C ASN B 1351 -19.27 -17.59 -83.44
N MET B 1352 -19.08 -16.32 -83.13
CA MET B 1352 -20.14 -15.54 -82.49
C MET B 1352 -21.34 -15.43 -83.41
N VAL B 1353 -22.54 -15.52 -82.82
CA VAL B 1353 -23.78 -15.63 -83.58
C VAL B 1353 -24.75 -14.58 -83.07
N ILE B 1354 -25.66 -14.15 -83.94
CA ILE B 1354 -26.65 -13.14 -83.62
C ILE B 1354 -28.03 -13.66 -84.00
N ILE B 1355 -28.98 -13.51 -83.09
CA ILE B 1355 -30.39 -13.77 -83.34
C ILE B 1355 -31.14 -12.44 -83.35
N ASP B 1356 -32.06 -12.29 -84.30
CA ASP B 1356 -32.96 -11.16 -84.37
C ASP B 1356 -34.40 -11.64 -84.46
N ILE B 1357 -35.27 -11.02 -83.68
CA ILE B 1357 -36.70 -11.29 -83.68
C ILE B 1357 -37.43 -10.00 -83.99
N GLN B 1358 -38.30 -10.04 -84.98
CA GLN B 1358 -39.19 -8.92 -85.25
C GLN B 1358 -40.41 -9.03 -84.35
N MET B 1359 -40.69 -7.99 -83.58
CA MET B 1359 -41.80 -8.06 -82.64
C MET B 1359 -43.13 -7.85 -83.34
N LEU B 1360 -44.11 -8.67 -82.94
CA LEU B 1360 -45.34 -8.87 -83.71
C LEU B 1360 -46.25 -7.66 -83.57
N SER B 1361 -46.08 -6.71 -84.49
CA SER B 1361 -46.98 -5.56 -84.64
C SER B 1361 -46.97 -4.74 -83.35
N GLY B 1362 -48.12 -4.45 -82.74
CA GLY B 1362 -48.18 -3.49 -81.66
C GLY B 1362 -48.00 -4.02 -80.25
N TYR B 1363 -46.81 -4.50 -79.94
CA TYR B 1363 -46.47 -4.89 -78.57
C TYR B 1363 -45.28 -4.07 -78.09
N GLN B 1364 -44.78 -4.46 -76.92
CA GLN B 1364 -43.49 -3.99 -76.45
C GLN B 1364 -42.86 -5.09 -75.62
N ALA B 1365 -41.53 -5.17 -75.66
CA ALA B 1365 -40.82 -6.18 -74.90
C ALA B 1365 -40.74 -5.78 -73.44
N ASP B 1366 -40.40 -6.76 -72.61
CA ASP B 1366 -40.20 -6.54 -71.17
C ASP B 1366 -38.73 -6.22 -70.93
N TYR B 1367 -38.45 -4.95 -70.68
CA TYR B 1367 -37.07 -4.54 -70.38
C TYR B 1367 -36.49 -5.26 -69.17
N PRO B 1368 -37.21 -5.44 -68.05
CA PRO B 1368 -36.67 -6.31 -67.00
C PRO B 1368 -36.42 -7.73 -67.47
N SER B 1369 -37.23 -8.26 -68.39
CA SER B 1369 -36.92 -9.57 -68.94
C SER B 1369 -35.63 -9.56 -69.74
N LEU B 1370 -35.38 -8.48 -70.48
CA LEU B 1370 -34.11 -8.34 -71.17
C LEU B 1370 -32.96 -8.34 -70.18
N ARG B 1371 -33.12 -7.59 -69.10
CA ARG B 1371 -32.08 -7.51 -68.08
C ARG B 1371 -31.83 -8.86 -67.42
N GLN B 1372 -32.90 -9.60 -67.11
CA GLN B 1372 -32.72 -10.91 -66.47
C GLN B 1372 -32.10 -11.90 -67.44
N LEU B 1373 -32.49 -11.83 -68.71
CA LEU B 1373 -31.82 -12.64 -69.72
C LEU B 1373 -30.34 -12.33 -69.77
N GLU B 1374 -29.99 -11.05 -69.73
CA GLU B 1374 -28.58 -10.67 -69.83
C GLU B 1374 -27.78 -11.14 -68.63
N ASN B 1375 -28.25 -10.84 -67.41
CA ASN B 1375 -27.43 -11.21 -66.26
C ASN B 1375 -27.46 -12.72 -66.02
N SER B 1376 -28.44 -13.42 -66.57
CA SER B 1376 -28.32 -14.87 -66.65
C SER B 1376 -27.25 -15.22 -67.69
N GLN B 1377 -26.34 -16.10 -67.31
CA GLN B 1377 -25.11 -16.31 -68.07
C GLN B 1377 -25.31 -17.35 -69.17
N GLN B 1378 -26.08 -16.95 -70.18
CA GLN B 1378 -26.18 -17.73 -71.41
C GLN B 1378 -25.98 -16.83 -72.63
N VAL B 1379 -26.34 -15.56 -72.49
CA VAL B 1379 -26.30 -14.60 -73.59
C VAL B 1379 -25.26 -13.53 -73.28
N SER B 1380 -24.50 -13.14 -74.29
CA SER B 1380 -23.48 -12.13 -74.08
C SER B 1380 -24.09 -10.74 -73.94
N LYS B 1381 -24.91 -10.33 -74.90
CA LYS B 1381 -25.50 -9.00 -74.87
C LYS B 1381 -26.77 -9.00 -75.71
N THR B 1382 -27.56 -7.94 -75.54
CA THR B 1382 -28.81 -7.76 -76.26
C THR B 1382 -28.97 -6.30 -76.67
N GLU B 1383 -29.82 -6.10 -77.67
CA GLU B 1383 -30.19 -4.78 -78.15
C GLU B 1383 -31.65 -4.82 -78.59
N GLU B 1384 -32.33 -3.68 -78.48
CA GLU B 1384 -33.70 -3.54 -78.91
C GLU B 1384 -33.87 -2.21 -79.60
N GLN B 1385 -34.48 -2.24 -80.79
CA GLN B 1385 -34.63 -1.02 -81.57
C GLN B 1385 -35.54 -1.30 -82.76
N ASP B 1386 -36.40 -0.34 -83.07
CA ASP B 1386 -37.19 -0.34 -84.30
C ASP B 1386 -37.81 -1.71 -84.59
N ASN B 1387 -38.52 -2.23 -83.59
CA ASN B 1387 -39.31 -3.45 -83.71
C ASN B 1387 -38.45 -4.71 -83.92
N HIS B 1388 -37.16 -4.63 -83.60
CA HIS B 1388 -36.28 -5.78 -83.69
C HIS B 1388 -35.48 -5.90 -82.41
N VAL B 1389 -35.38 -7.14 -81.91
CA VAL B 1389 -34.52 -7.45 -80.77
C VAL B 1389 -33.41 -8.36 -81.26
N PHE B 1390 -32.19 -8.10 -80.79
CA PHE B 1390 -31.00 -8.85 -81.18
C PHE B 1390 -30.33 -9.39 -79.93
N LEU B 1391 -30.10 -10.70 -79.90
CA LEU B 1391 -29.28 -11.31 -78.87
C LEU B 1391 -27.99 -11.78 -79.51
N TYR B 1392 -26.91 -11.74 -78.75
CA TYR B 1392 -25.57 -11.98 -79.26
C TYR B 1392 -24.95 -13.07 -78.40
N LEU B 1393 -24.64 -14.22 -79.01
CA LEU B 1393 -24.15 -15.37 -78.30
C LEU B 1393 -22.73 -15.71 -78.74
N ASN B 1394 -21.92 -16.18 -77.78
CA ASN B 1394 -20.56 -16.59 -78.11
C ASN B 1394 -20.54 -17.73 -79.11
N ALA B 1395 -21.40 -18.73 -78.91
CA ALA B 1395 -21.43 -19.88 -79.79
C ALA B 1395 -22.67 -20.71 -79.49
N VAL B 1396 -23.13 -21.45 -80.49
CA VAL B 1396 -24.21 -22.41 -80.35
C VAL B 1396 -23.69 -23.78 -80.76
N PRO B 1397 -23.55 -24.71 -79.82
CA PRO B 1397 -23.04 -26.04 -80.18
C PRO B 1397 -24.03 -26.86 -80.99
N LEU B 1398 -23.65 -28.10 -81.29
CA LEU B 1398 -24.55 -28.99 -82.03
C LEU B 1398 -25.85 -29.21 -81.26
N LYS B 1399 -25.74 -29.41 -79.95
CA LYS B 1399 -26.91 -29.61 -79.11
C LYS B 1399 -27.80 -28.37 -79.13
N THR B 1400 -29.11 -28.60 -79.03
CA THR B 1400 -30.06 -27.50 -79.09
C THR B 1400 -30.17 -26.80 -77.74
N ILE B 1401 -30.27 -25.47 -77.78
CA ILE B 1401 -30.37 -24.62 -76.60
C ILE B 1401 -31.69 -23.88 -76.66
N GLN B 1402 -32.34 -23.75 -75.52
CA GLN B 1402 -33.67 -23.15 -75.42
C GLN B 1402 -33.58 -21.85 -74.62
N LEU B 1403 -34.16 -20.79 -75.18
CA LEU B 1403 -34.21 -19.48 -74.54
C LEU B 1403 -35.65 -18.98 -74.48
N SER B 1404 -35.93 -18.12 -73.51
CA SER B 1404 -37.27 -17.61 -73.29
C SER B 1404 -37.22 -16.20 -72.73
N PHE B 1405 -38.28 -15.43 -72.97
CA PHE B 1405 -38.38 -14.07 -72.44
C PHE B 1405 -39.80 -13.55 -72.64
N LYS B 1406 -40.15 -12.53 -71.87
CA LYS B 1406 -41.51 -12.02 -71.84
C LYS B 1406 -41.68 -10.83 -72.79
N VAL B 1407 -42.89 -10.73 -73.34
CA VAL B 1407 -43.28 -9.60 -74.19
C VAL B 1407 -44.67 -9.14 -73.79
N LEU B 1408 -44.80 -7.86 -73.47
CA LEU B 1408 -46.11 -7.28 -73.18
C LEU B 1408 -46.71 -6.79 -74.49
N ILE B 1409 -47.87 -6.14 -74.42
CA ILE B 1409 -48.52 -5.55 -75.59
C ILE B 1409 -48.60 -4.05 -75.38
N GLY B 1410 -48.36 -3.30 -76.45
CA GLY B 1410 -48.59 -1.87 -76.41
C GLY B 1410 -50.01 -1.56 -76.85
N SER B 1411 -50.15 -0.87 -77.98
CA SER B 1411 -51.48 -0.57 -78.51
C SER B 1411 -52.15 -1.86 -78.97
N ARG B 1412 -53.47 -1.90 -78.86
CA ARG B 1412 -54.22 -3.10 -79.23
C ARG B 1412 -54.45 -3.17 -80.73
N VAL B 1413 -54.34 -4.38 -81.28
CA VAL B 1413 -54.56 -4.64 -82.70
C VAL B 1413 -54.84 -6.13 -82.88
N LEU B 1414 -55.82 -6.44 -83.73
CA LEU B 1414 -56.13 -7.81 -84.10
C LEU B 1414 -55.70 -8.04 -85.54
N ASN B 1415 -56.09 -9.19 -86.08
CA ASN B 1415 -55.65 -9.63 -87.41
C ASN B 1415 -54.14 -9.78 -87.43
N VAL B 1416 -53.61 -10.28 -86.32
CA VAL B 1416 -52.18 -10.30 -86.09
C VAL B 1416 -51.57 -11.48 -86.84
N LYS B 1417 -50.56 -11.21 -87.65
CA LYS B 1417 -49.95 -12.20 -88.52
C LYS B 1417 -48.76 -12.86 -87.83
N SER B 1418 -47.94 -13.56 -88.61
CA SER B 1418 -46.77 -14.25 -88.10
C SER B 1418 -45.59 -13.29 -87.96
N ALA B 1419 -44.50 -13.80 -87.39
CA ALA B 1419 -43.31 -13.03 -87.08
C ALA B 1419 -42.07 -13.79 -87.55
N SER B 1420 -40.99 -13.05 -87.72
CA SER B 1420 -39.75 -13.59 -88.28
C SER B 1420 -38.65 -13.60 -87.24
N VAL B 1421 -37.88 -14.68 -87.25
CA VAL B 1421 -36.66 -14.82 -86.45
C VAL B 1421 -35.54 -15.24 -87.39
N TYR B 1422 -34.43 -14.51 -87.36
CA TYR B 1422 -33.28 -14.81 -88.21
C TYR B 1422 -32.05 -14.96 -87.32
N VAL B 1423 -31.37 -16.09 -87.45
CA VAL B 1423 -30.15 -16.36 -86.71
C VAL B 1423 -29.02 -16.52 -87.72
N TYR B 1424 -27.86 -15.94 -87.41
CA TYR B 1424 -26.74 -16.07 -88.35
C TYR B 1424 -25.44 -15.83 -87.62
N ASP B 1425 -24.40 -16.54 -88.03
CA ASP B 1425 -23.06 -16.29 -87.53
C ASP B 1425 -22.52 -14.98 -88.11
N TYR B 1426 -21.91 -14.17 -87.24
CA TYR B 1426 -21.54 -12.82 -87.62
C TYR B 1426 -20.50 -12.81 -88.73
N TYR B 1427 -19.39 -13.52 -88.53
CA TYR B 1427 -18.33 -13.55 -89.52
C TYR B 1427 -18.65 -14.46 -90.71
N GLU B 1428 -19.65 -15.33 -90.59
CA GLU B 1428 -20.03 -16.22 -91.68
C GLU B 1428 -21.54 -16.31 -91.69
N THR B 1429 -22.19 -15.42 -92.45
CA THR B 1429 -23.64 -15.36 -92.48
C THR B 1429 -24.27 -16.57 -93.15
N GLY B 1430 -23.46 -17.40 -93.81
CA GLY B 1430 -24.01 -18.57 -94.49
C GLY B 1430 -24.59 -19.59 -93.54
N GLU B 1431 -23.93 -19.79 -92.39
CA GLU B 1431 -24.40 -20.74 -91.38
C GLU B 1431 -25.51 -20.07 -90.59
N ASN B 1432 -26.71 -20.08 -91.18
CA ASN B 1432 -27.83 -19.30 -90.66
C ASN B 1432 -29.08 -20.16 -90.58
N GLY B 1433 -30.09 -19.63 -89.88
CA GLY B 1433 -31.37 -20.28 -89.80
C GLY B 1433 -32.49 -19.25 -89.77
N PHE B 1434 -33.64 -19.67 -90.28
CA PHE B 1434 -34.85 -18.85 -90.27
C PHE B 1434 -35.94 -19.60 -89.52
N ALA B 1435 -36.70 -18.86 -88.72
CA ALA B 1435 -37.73 -19.46 -87.88
C ALA B 1435 -38.97 -18.60 -87.93
N SER B 1436 -40.12 -19.27 -87.95
CA SER B 1436 -41.40 -18.60 -87.95
C SER B 1436 -41.92 -18.46 -86.53
N TYR B 1437 -42.80 -17.48 -86.35
CA TYR B 1437 -43.48 -17.28 -85.09
C TYR B 1437 -44.96 -17.02 -85.32
N SER B 1438 -45.79 -17.60 -84.45
CA SER B 1438 -47.21 -17.30 -84.47
C SER B 1438 -47.66 -16.96 -83.06
N GLN B 1439 -48.67 -16.11 -82.98
CA GLN B 1439 -49.27 -15.77 -81.71
C GLN B 1439 -49.96 -17.00 -81.13
N PRO B 1440 -49.72 -17.33 -79.85
CA PRO B 1440 -50.51 -18.40 -79.22
C PRO B 1440 -52.00 -18.11 -79.24
N CYS B 1441 -52.37 -16.84 -79.18
CA CYS B 1441 -53.77 -16.44 -79.24
C CYS B 1441 -54.09 -15.82 -80.58
N LYS C 22 24.83 -48.90 -14.01
CA LYS C 22 24.67 -47.73 -14.86
C LYS C 22 26.03 -47.15 -15.22
N VAL C 23 26.15 -46.72 -16.48
CA VAL C 23 27.41 -46.27 -17.04
C VAL C 23 27.48 -44.76 -16.90
N GLN C 24 28.61 -44.28 -16.42
CA GLN C 24 28.89 -42.85 -16.43
C GLN C 24 30.34 -42.62 -16.84
N TYR C 25 30.63 -41.37 -17.15
CA TYR C 25 31.81 -40.97 -17.91
C TYR C 25 32.39 -39.71 -17.30
N ALA C 26 33.71 -39.56 -17.44
CA ALA C 26 34.39 -38.37 -16.95
C ALA C 26 35.39 -37.92 -17.99
N LEU C 27 35.16 -36.72 -18.54
CA LEU C 27 35.99 -36.13 -19.57
C LEU C 27 36.70 -34.89 -19.04
N THR C 28 38.02 -34.96 -19.04
CA THR C 28 38.84 -33.96 -18.37
C THR C 28 39.73 -33.28 -19.39
N ILE C 29 39.49 -31.98 -19.60
CA ILE C 29 40.39 -31.12 -20.35
C ILE C 29 40.18 -29.68 -19.91
N PRO C 30 41.26 -28.91 -19.86
CA PRO C 30 41.11 -27.46 -19.78
C PRO C 30 40.35 -26.93 -20.98
N ALA C 31 39.48 -25.96 -20.72
CA ALA C 31 38.72 -25.34 -21.80
C ALA C 31 39.60 -24.47 -22.68
N LEU C 32 40.79 -24.15 -22.23
CA LEU C 32 41.73 -23.32 -22.98
C LEU C 32 42.85 -24.24 -23.45
N LEU C 33 42.88 -24.50 -24.74
CA LEU C 33 43.91 -25.32 -25.34
C LEU C 33 45.01 -24.43 -25.90
N LYS C 34 46.24 -24.90 -25.78
CA LYS C 34 47.39 -24.10 -26.17
C LYS C 34 47.88 -24.61 -27.53
N SER C 35 47.84 -23.76 -28.54
CA SER C 35 48.28 -24.19 -29.87
C SER C 35 49.78 -24.37 -29.90
N GLY C 36 50.22 -25.43 -30.59
CA GLY C 36 51.63 -25.64 -30.81
C GLY C 36 52.35 -26.51 -29.81
N GLU C 37 51.64 -27.11 -28.84
CA GLU C 37 52.27 -27.97 -27.86
C GLU C 37 51.39 -29.17 -27.55
N THR C 38 52.02 -30.23 -27.05
CA THR C 38 51.30 -31.44 -26.69
C THR C 38 50.55 -31.22 -25.37
N GLN C 39 49.33 -31.73 -25.32
CA GLN C 39 48.46 -31.60 -24.16
C GLN C 39 47.95 -32.98 -23.77
N ARG C 40 47.21 -33.04 -22.66
CA ARG C 40 46.62 -34.28 -22.19
C ARG C 40 45.16 -34.05 -21.84
N ALA C 41 44.31 -34.94 -22.33
CA ALA C 41 42.90 -35.01 -21.98
C ALA C 41 42.64 -36.43 -21.52
N CYS C 42 41.69 -36.62 -20.61
CA CYS C 42 41.61 -37.91 -19.95
C CYS C 42 40.18 -38.30 -19.64
N VAL C 43 39.95 -39.58 -19.36
CA VAL C 43 38.63 -40.16 -19.24
C VAL C 43 38.62 -41.11 -18.05
N ASN C 44 37.46 -41.22 -17.41
CA ASN C 44 37.32 -42.05 -16.21
C ASN C 44 36.01 -42.86 -16.25
N LEU C 45 35.78 -43.56 -17.35
CA LEU C 45 34.54 -44.30 -17.55
C LEU C 45 34.34 -45.38 -16.49
N ILE C 46 33.07 -45.65 -16.16
CA ILE C 46 32.75 -46.63 -15.13
C ILE C 46 31.29 -47.03 -15.29
N GLY C 47 30.91 -48.15 -14.69
CA GLY C 47 29.52 -48.51 -14.51
C GLY C 47 29.00 -49.59 -15.45
N TYR C 48 29.78 -49.89 -16.48
CA TYR C 48 29.41 -50.85 -17.50
C TYR C 48 30.02 -52.22 -17.20
N HIS C 49 29.65 -53.19 -18.03
CA HIS C 49 30.21 -54.53 -17.95
C HIS C 49 30.90 -54.96 -19.23
N GLN C 50 30.20 -54.89 -20.36
CA GLN C 50 30.71 -55.43 -21.60
C GLN C 50 31.74 -54.48 -22.20
N PRO C 51 32.70 -55.01 -22.95
CA PRO C 51 33.66 -54.14 -23.66
C PRO C 51 32.94 -53.21 -24.61
N LEU C 52 33.43 -51.97 -24.66
CA LEU C 52 32.71 -50.85 -25.25
C LEU C 52 33.54 -50.25 -26.37
N ALA C 53 32.91 -49.41 -27.19
CA ALA C 53 33.61 -48.66 -28.23
C ALA C 53 33.66 -47.20 -27.78
N LEU C 54 34.78 -46.54 -28.07
CA LEU C 54 34.99 -45.16 -27.66
C LEU C 54 35.49 -44.32 -28.83
N SER C 55 35.05 -43.08 -28.88
CA SER C 55 35.62 -42.10 -29.81
C SER C 55 35.65 -40.75 -29.13
N VAL C 56 36.82 -40.12 -29.14
CA VAL C 56 37.00 -38.75 -28.67
C VAL C 56 37.58 -37.95 -29.82
N VAL C 57 36.93 -36.84 -30.16
CA VAL C 57 37.31 -36.07 -31.33
C VAL C 57 37.48 -34.62 -30.94
N LEU C 58 38.66 -34.07 -31.21
CA LEU C 58 38.83 -32.63 -31.29
C LEU C 58 38.57 -32.22 -32.73
N GLU C 59 37.30 -32.02 -33.07
CA GLU C 59 36.98 -31.66 -34.44
C GLU C 59 37.51 -30.26 -34.72
N HIS C 60 38.45 -30.17 -35.65
CA HIS C 60 38.97 -28.88 -36.08
C HIS C 60 37.96 -28.25 -37.05
N GLN C 61 38.38 -27.21 -37.76
CA GLN C 61 37.51 -26.61 -38.76
C GLN C 61 37.01 -27.67 -39.73
N ARG C 62 37.94 -28.44 -40.30
CA ARG C 62 37.56 -29.48 -41.25
C ARG C 62 37.98 -30.86 -40.79
N VAL C 63 39.07 -30.97 -40.07
CA VAL C 63 39.69 -32.26 -39.75
C VAL C 63 39.16 -32.76 -38.41
N ASN C 64 38.96 -34.07 -38.33
CA ASN C 64 38.50 -34.72 -37.12
C ASN C 64 39.66 -35.42 -36.44
N ILE C 65 39.91 -35.07 -35.19
CA ILE C 65 40.98 -35.67 -34.41
C ILE C 65 40.42 -36.88 -33.67
N SER C 66 41.32 -37.77 -33.25
CA SER C 66 40.92 -39.08 -32.76
C SER C 66 41.51 -39.35 -31.37
N ILE C 67 41.29 -38.42 -30.44
CA ILE C 67 42.06 -38.39 -29.20
C ILE C 67 41.98 -39.74 -28.48
N PHE C 68 40.77 -40.26 -28.29
CA PHE C 68 40.59 -41.65 -27.91
C PHE C 68 39.68 -42.29 -28.95
N SER C 69 40.11 -43.42 -29.50
CA SER C 69 39.31 -44.15 -30.47
C SER C 69 39.43 -45.65 -30.26
N GLU C 70 39.61 -46.08 -29.02
CA GLU C 70 40.07 -47.42 -28.76
C GLU C 70 38.91 -48.34 -28.36
N LYS C 71 39.26 -49.57 -28.03
CA LYS C 71 38.30 -50.59 -27.62
C LYS C 71 38.34 -50.72 -26.11
N VAL C 72 37.36 -50.12 -25.44
CA VAL C 72 37.30 -50.12 -23.99
C VAL C 72 37.00 -51.53 -23.50
N GLN C 73 37.61 -51.92 -22.38
CA GLN C 73 37.48 -53.28 -21.89
C GLN C 73 36.99 -53.34 -20.45
N PRO C 74 35.77 -53.83 -20.24
CA PRO C 74 35.11 -53.84 -18.92
C PRO C 74 35.36 -52.60 -18.06
N PRO C 75 34.69 -52.50 -16.87
CA PRO C 75 34.64 -51.19 -16.18
C PRO C 75 35.96 -50.70 -15.61
N HIS C 76 35.88 -49.57 -14.92
CA HIS C 76 37.00 -48.95 -14.21
C HIS C 76 38.02 -48.39 -15.21
N TYR C 77 37.51 -47.73 -16.25
CA TYR C 77 38.38 -47.25 -17.32
C TYR C 77 38.82 -45.83 -17.00
N PHE C 78 40.01 -45.71 -16.44
CA PHE C 78 40.65 -44.45 -16.10
C PHE C 78 41.90 -44.38 -16.97
N LYS C 79 41.82 -43.62 -18.06
CA LYS C 79 42.92 -43.52 -19.01
C LYS C 79 43.09 -42.10 -19.50
N CYS C 80 44.34 -41.67 -19.59
CA CYS C 80 44.67 -40.27 -19.82
C CYS C 80 45.63 -40.19 -20.99
N ASN C 81 45.24 -39.51 -22.07
CA ASN C 81 46.01 -39.51 -23.30
C ASN C 81 46.53 -38.12 -23.63
N LYS C 82 47.81 -38.07 -24.04
CA LYS C 82 48.39 -36.88 -24.62
C LYS C 82 48.30 -36.91 -26.14
N PHE C 83 48.38 -35.73 -26.72
CA PHE C 83 48.25 -35.56 -28.16
C PHE C 83 48.61 -34.14 -28.53
N MET C 84 48.86 -33.91 -29.82
CA MET C 84 49.25 -32.61 -30.35
C MET C 84 48.03 -31.90 -30.91
N VAL C 85 47.92 -30.61 -30.62
CA VAL C 85 46.94 -29.75 -31.27
C VAL C 85 47.58 -29.12 -32.50
N PRO C 86 46.86 -29.04 -33.62
CA PRO C 86 47.34 -28.20 -34.72
C PRO C 86 47.20 -26.73 -34.35
N THR C 87 48.21 -25.95 -34.70
CA THR C 87 48.26 -24.56 -34.25
C THR C 87 47.22 -23.73 -34.98
N VAL C 88 46.79 -22.66 -34.32
CA VAL C 88 45.90 -21.66 -34.92
C VAL C 88 46.49 -20.28 -34.61
N ILE C 89 46.52 -19.42 -35.62
CA ILE C 89 47.15 -18.12 -35.48
C ILE C 89 46.40 -17.18 -34.54
N THR C 90 45.18 -17.53 -34.13
CA THR C 90 44.36 -16.63 -33.34
C THR C 90 43.59 -17.46 -32.33
N ASN C 91 43.21 -16.85 -31.20
CA ASN C 91 42.33 -17.52 -30.26
C ASN C 91 40.97 -17.75 -30.91
N ALA C 92 40.50 -18.99 -30.85
CA ALA C 92 39.33 -19.39 -31.61
C ALA C 92 38.46 -20.33 -30.80
N PRO C 93 37.14 -20.24 -30.96
CA PRO C 93 36.23 -21.19 -30.31
C PRO C 93 36.04 -22.42 -31.18
N ASP C 94 36.20 -23.59 -30.58
CA ASP C 94 36.19 -24.86 -31.29
C ASP C 94 35.36 -25.87 -30.50
N PHE C 95 35.24 -27.07 -31.07
CA PHE C 95 34.34 -28.09 -30.56
C PHE C 95 35.06 -29.42 -30.32
N VAL C 96 34.52 -30.18 -29.37
CA VAL C 96 34.97 -31.53 -29.05
C VAL C 96 33.75 -32.42 -28.96
N THR C 97 33.82 -33.59 -29.62
CA THR C 97 32.74 -34.56 -29.61
C THR C 97 33.16 -35.84 -28.91
N LEU C 98 32.20 -36.45 -28.22
CA LEU C 98 32.38 -37.68 -27.47
C LEU C 98 31.34 -38.69 -27.90
N SER C 99 31.79 -39.89 -28.28
CA SER C 99 30.90 -41.00 -28.59
C SER C 99 31.27 -42.20 -27.74
N VAL C 100 30.26 -42.80 -27.11
CA VAL C 100 30.42 -43.84 -26.12
C VAL C 100 29.62 -45.05 -26.60
N SER C 101 29.54 -45.21 -27.92
CA SER C 101 28.71 -46.25 -28.50
C SER C 101 29.21 -47.64 -28.12
N GLY C 102 28.29 -48.59 -28.05
CA GLY C 102 28.67 -49.95 -27.75
C GLY C 102 27.46 -50.83 -27.61
N GLY C 103 27.71 -52.06 -27.14
CA GLY C 103 26.64 -53.04 -27.03
C GLY C 103 25.49 -52.57 -26.18
N GLY C 104 25.79 -51.88 -25.08
CA GLY C 104 24.75 -51.28 -24.28
C GLY C 104 24.32 -49.95 -24.87
N GLU C 105 24.24 -48.93 -24.03
CA GLU C 105 23.83 -47.62 -24.49
C GLU C 105 24.95 -46.95 -25.28
N ASP C 106 24.58 -45.89 -26.00
CA ASP C 106 25.53 -45.03 -26.67
C ASP C 106 25.32 -43.59 -26.21
N ILE C 107 26.41 -42.83 -26.15
CA ILE C 107 26.36 -41.45 -25.69
C ILE C 107 27.05 -40.57 -26.72
N LYS C 108 26.36 -39.52 -27.15
CA LYS C 108 26.93 -38.49 -27.99
C LYS C 108 26.88 -37.17 -27.26
N ASP C 109 28.00 -36.45 -27.26
CA ASP C 109 28.02 -35.11 -26.70
C ASP C 109 28.98 -34.21 -27.47
N ARG C 110 28.69 -32.91 -27.42
CA ARG C 110 29.56 -31.89 -27.97
C ARG C 110 29.79 -30.83 -26.90
N LYS C 111 31.02 -30.36 -26.80
CA LYS C 111 31.38 -29.27 -25.91
C LYS C 111 32.23 -28.26 -26.67
N ALA C 112 32.36 -27.07 -26.10
CA ALA C 112 33.04 -25.95 -26.74
C ALA C 112 34.27 -25.55 -25.92
N VAL C 113 35.40 -25.42 -26.60
CA VAL C 113 36.66 -24.99 -26.02
C VAL C 113 37.18 -23.82 -26.84
N VAL C 114 38.39 -23.35 -26.51
CA VAL C 114 39.06 -22.30 -27.28
C VAL C 114 40.54 -22.61 -27.37
N ILE C 115 41.08 -22.56 -28.58
CA ILE C 115 42.50 -22.74 -28.85
C ILE C 115 43.17 -21.37 -28.92
N ALA C 116 44.42 -21.28 -28.47
CA ALA C 116 45.06 -19.98 -28.42
C ALA C 116 46.46 -20.00 -29.04
N PRO C 117 46.87 -18.89 -29.67
CA PRO C 117 48.22 -18.81 -30.23
C PRO C 117 49.27 -18.56 -29.16
N LEU C 118 50.50 -18.35 -29.62
CA LEU C 118 51.67 -18.26 -28.74
C LEU C 118 52.67 -17.23 -29.22
N ASN C 119 53.49 -16.75 -28.29
CA ASN C 119 54.66 -15.92 -28.56
C ASN C 119 55.91 -16.59 -27.97
N THR C 120 57.07 -15.99 -28.21
CA THR C 120 58.33 -16.48 -27.69
C THR C 120 58.85 -15.52 -26.64
N ILE C 121 59.80 -16.01 -25.84
CA ILE C 121 60.27 -15.29 -24.66
C ILE C 121 61.68 -14.81 -24.91
N CYS C 122 61.87 -13.50 -24.86
CA CYS C 122 63.17 -12.88 -25.06
C CYS C 122 63.54 -12.10 -23.81
N LEU C 123 64.75 -12.35 -23.29
CA LEU C 123 65.14 -11.80 -22.01
C LEU C 123 66.62 -11.42 -22.02
N ILE C 124 66.97 -10.51 -21.11
CA ILE C 124 68.31 -9.98 -20.96
C ILE C 124 68.95 -10.66 -19.75
N GLN C 125 70.18 -11.13 -19.89
CA GLN C 125 70.98 -11.51 -18.73
C GLN C 125 71.91 -10.35 -18.37
N MET C 126 71.28 -9.26 -17.93
CA MET C 126 72.04 -8.04 -17.64
C MET C 126 72.56 -8.13 -16.21
N ASP C 127 73.76 -8.68 -16.08
CA ASP C 127 74.42 -8.75 -14.79
C ASP C 127 74.83 -7.36 -14.33
N LYS C 128 75.54 -7.33 -13.20
CA LYS C 128 76.08 -6.08 -12.64
C LYS C 128 74.94 -5.11 -12.36
N PRO C 129 74.10 -5.36 -11.37
CA PRO C 129 72.90 -4.53 -11.18
C PRO C 129 73.19 -3.04 -11.11
N VAL C 130 74.23 -2.61 -10.41
CA VAL C 130 74.56 -1.20 -10.30
C VAL C 130 75.70 -0.91 -11.26
N TYR C 131 75.81 0.34 -11.68
CA TYR C 131 76.81 0.75 -12.64
C TYR C 131 77.47 2.05 -12.20
N LYS C 132 78.78 2.13 -12.45
CA LYS C 132 79.57 3.31 -12.15
C LYS C 132 80.32 3.74 -13.41
N PRO C 133 80.70 5.01 -13.51
CA PRO C 133 81.33 5.50 -14.74
C PRO C 133 82.62 4.74 -15.06
N GLY C 134 82.88 4.60 -16.36
CA GLY C 134 84.03 3.86 -16.81
C GLY C 134 83.88 2.36 -16.76
N CYS C 135 82.66 1.85 -16.88
CA CYS C 135 82.38 0.42 -16.81
C CYS C 135 82.20 -0.15 -18.21
N LYS C 136 81.76 -1.41 -18.28
CA LYS C 136 81.47 -2.07 -19.54
C LYS C 136 80.31 -3.03 -19.33
N VAL C 137 79.25 -2.85 -20.10
CA VAL C 137 78.08 -3.72 -20.02
C VAL C 137 78.28 -4.92 -20.93
N ARG C 138 78.07 -6.11 -20.38
CA ARG C 138 78.25 -7.38 -21.09
C ARG C 138 76.87 -7.96 -21.36
N PHE C 139 76.44 -7.92 -22.62
CA PHE C 139 75.08 -8.26 -22.99
C PHE C 139 74.93 -9.77 -23.17
N ARG C 140 73.72 -10.26 -22.92
CA ARG C 140 73.40 -11.65 -23.23
C ARG C 140 71.88 -11.78 -23.41
N LEU C 141 71.45 -11.78 -24.66
CA LEU C 141 70.07 -12.00 -25.05
C LEU C 141 69.77 -13.49 -25.11
N ILE C 142 68.61 -13.89 -24.60
CA ILE C 142 68.16 -15.27 -24.62
C ILE C 142 66.76 -15.33 -25.21
N SER C 143 66.53 -16.32 -26.06
CA SER C 143 65.24 -16.54 -26.69
C SER C 143 64.78 -17.98 -26.43
N LEU C 144 63.54 -18.13 -26.00
CA LEU C 144 63.00 -19.40 -25.58
C LEU C 144 61.59 -19.59 -26.13
N ASN C 145 61.18 -20.84 -26.26
CA ASN C 145 59.83 -21.15 -26.67
C ASN C 145 58.88 -21.06 -25.48
N THR C 146 57.58 -21.22 -25.77
CA THR C 146 56.60 -21.37 -24.71
C THR C 146 56.97 -22.52 -23.79
N MET C 147 57.44 -23.61 -24.38
CA MET C 147 58.03 -24.68 -23.60
C MET C 147 59.54 -24.41 -23.48
N LEU C 148 60.19 -25.07 -22.53
CA LEU C 148 61.59 -24.78 -22.21
C LEU C 148 62.47 -25.31 -23.33
N LEU C 149 62.53 -24.54 -24.42
CA LEU C 149 63.49 -24.80 -25.47
C LEU C 149 63.80 -23.51 -26.19
N PRO C 150 65.08 -23.26 -26.49
CA PRO C 150 65.44 -22.04 -27.23
C PRO C 150 65.15 -22.18 -28.71
N ILE C 151 65.17 -21.05 -29.41
CA ILE C 151 65.11 -21.01 -30.86
C ILE C 151 66.07 -19.93 -31.33
N SER C 152 66.51 -20.05 -32.57
CA SER C 152 67.29 -18.98 -33.17
C SER C 152 66.36 -17.86 -33.63
N GLU C 153 66.49 -16.69 -33.00
CA GLU C 153 65.61 -15.56 -33.25
C GLU C 153 66.44 -14.38 -33.70
N LYS C 154 66.05 -13.79 -34.83
CA LYS C 154 66.83 -12.75 -35.46
C LYS C 154 66.33 -11.40 -34.99
N TYR C 155 67.25 -10.52 -34.62
CA TYR C 155 66.91 -9.20 -34.11
C TYR C 155 67.56 -8.14 -35.00
N THR C 156 66.80 -7.09 -35.28
CA THR C 156 67.24 -6.05 -36.21
C THR C 156 67.31 -4.66 -35.59
N ALA C 157 66.58 -4.41 -34.50
CA ALA C 157 66.46 -3.07 -33.93
C ALA C 157 66.69 -3.08 -32.43
N VAL C 158 67.80 -3.68 -31.99
CA VAL C 158 68.19 -3.62 -30.58
C VAL C 158 69.17 -2.47 -30.39
N TYR C 159 68.94 -1.70 -29.32
CA TYR C 159 69.73 -0.52 -29.05
C TYR C 159 69.46 -0.02 -27.63
N LEU C 160 70.19 1.03 -27.25
CA LEU C 160 70.07 1.67 -25.95
C LEU C 160 69.27 2.97 -26.08
N GLU C 161 68.57 3.31 -25.00
CA GLU C 161 67.82 4.56 -24.95
C GLU C 161 68.03 5.21 -23.61
N ASP C 162 68.35 6.50 -23.62
CA ASP C 162 68.59 7.27 -22.43
C ASP C 162 67.28 7.65 -21.76
N PRO C 163 67.32 8.06 -20.49
CA PRO C 163 66.11 8.61 -19.87
C PRO C 163 65.57 9.85 -20.57
N SER C 164 66.40 10.55 -21.34
CA SER C 164 65.92 11.70 -22.09
C SER C 164 65.13 11.31 -23.34
N GLY C 165 65.52 10.23 -24.01
CA GLY C 165 64.82 9.78 -25.20
C GLY C 165 65.61 9.74 -26.48
N SER C 166 66.91 9.42 -26.42
CA SER C 166 67.75 9.32 -27.61
C SER C 166 68.41 7.95 -27.67
N ARG C 167 68.47 7.39 -28.87
CA ARG C 167 69.15 6.11 -29.08
C ARG C 167 70.66 6.30 -28.93
N ILE C 168 71.31 5.36 -28.26
CA ILE C 168 72.73 5.51 -27.97
C ILE C 168 73.58 4.63 -28.87
N ALA C 169 73.45 3.31 -28.73
CA ALA C 169 74.21 2.36 -29.52
C ALA C 169 73.25 1.31 -30.05
N GLN C 170 73.32 1.04 -31.35
CA GLN C 170 72.34 0.22 -32.03
C GLN C 170 73.02 -0.95 -32.72
N TRP C 171 72.27 -2.02 -32.89
CA TRP C 171 72.71 -3.20 -33.63
C TRP C 171 71.63 -3.58 -34.62
N GLN C 172 72.05 -4.18 -35.73
CA GLN C 172 71.13 -4.55 -36.81
C GLN C 172 71.34 -6.00 -37.19
N ASN C 173 70.23 -6.66 -37.53
CA ASN C 173 70.26 -7.99 -38.13
C ASN C 173 71.03 -8.97 -37.24
N GLN C 174 70.77 -8.87 -35.94
CA GLN C 174 71.53 -9.61 -34.94
C GLN C 174 71.09 -11.07 -35.00
N GLU C 175 72.03 -11.94 -35.36
CA GLU C 175 71.77 -13.37 -35.50
C GLU C 175 71.94 -14.07 -34.16
N SER C 176 71.00 -14.97 -33.85
CA SER C 176 71.09 -15.80 -32.66
C SER C 176 71.52 -17.20 -33.06
N VAL C 177 72.68 -17.63 -32.57
CA VAL C 177 73.23 -18.91 -33.00
C VAL C 177 72.33 -20.06 -32.59
N GLY C 178 71.94 -20.11 -31.32
CA GLY C 178 71.08 -21.16 -30.83
C GLY C 178 70.09 -20.65 -29.81
N GLY C 179 69.77 -19.36 -29.90
CA GLY C 179 68.98 -18.71 -28.88
C GLY C 179 69.77 -17.87 -27.90
N VAL C 180 71.05 -17.66 -28.15
CA VAL C 180 71.90 -16.86 -27.29
C VAL C 180 72.64 -15.83 -28.14
N VAL C 181 72.66 -14.58 -27.66
CA VAL C 181 73.42 -13.51 -28.30
C VAL C 181 74.24 -12.83 -27.21
N GLN C 182 75.52 -12.63 -27.47
CA GLN C 182 76.41 -12.01 -26.50
C GLN C 182 77.06 -10.78 -27.11
N LEU C 183 76.77 -9.62 -26.53
CA LEU C 183 77.27 -8.34 -27.04
C LEU C 183 78.07 -7.63 -25.96
N GLU C 184 78.59 -6.46 -26.33
CA GLU C 184 79.41 -5.65 -25.44
C GLU C 184 79.07 -4.19 -25.65
N PHE C 185 79.23 -3.39 -24.59
CA PHE C 185 79.27 -1.95 -24.79
C PHE C 185 80.04 -1.25 -23.68
N PRO C 186 81.13 -0.58 -24.01
CA PRO C 186 81.85 0.21 -23.01
C PRO C 186 81.03 1.40 -22.57
N LEU C 187 81.39 1.95 -21.42
CA LEU C 187 80.64 3.01 -20.78
C LEU C 187 81.57 4.18 -20.51
N ILE C 188 81.18 5.36 -21.00
CA ILE C 188 82.03 6.52 -20.87
C ILE C 188 82.27 6.84 -19.39
N SER C 189 83.46 7.37 -19.10
CA SER C 189 83.80 7.76 -17.74
C SER C 189 82.94 8.90 -17.24
N ASP C 190 82.22 9.60 -18.12
CA ASP C 190 81.21 10.54 -17.66
C ASP C 190 79.99 9.79 -17.10
N ALA C 191 79.33 9.02 -17.96
CA ALA C 191 78.27 8.10 -17.58
C ALA C 191 77.18 8.80 -16.76
N ALA C 192 76.49 9.71 -17.43
CA ALA C 192 75.36 10.42 -16.83
C ALA C 192 74.43 9.43 -16.15
N PRO C 193 74.36 9.46 -14.82
CA PRO C 193 73.59 8.44 -14.09
C PRO C 193 72.12 8.48 -14.45
N GLY C 194 71.49 7.31 -14.38
CA GLY C 194 70.06 7.23 -14.66
C GLY C 194 69.66 5.79 -14.89
N SER C 195 68.46 5.64 -15.47
CA SER C 195 67.91 4.33 -15.79
C SER C 195 67.86 4.22 -17.31
N TYR C 196 68.99 3.82 -17.91
CA TYR C 196 69.03 3.58 -19.33
C TYR C 196 68.27 2.31 -19.66
N THR C 197 67.47 2.35 -20.73
CA THR C 197 66.62 1.23 -21.10
C THR C 197 67.14 0.57 -22.37
N ILE C 198 66.82 -0.71 -22.52
CA ILE C 198 67.16 -1.47 -23.72
C ILE C 198 65.89 -1.63 -24.55
N THR C 199 65.97 -1.29 -25.82
CA THR C 199 64.91 -1.57 -26.77
C THR C 199 65.41 -2.64 -27.73
N ALA C 200 64.51 -3.54 -28.13
CA ALA C 200 64.93 -4.68 -28.93
C ALA C 200 63.77 -5.17 -29.77
N GLU C 201 63.98 -5.26 -31.08
CA GLU C 201 62.99 -5.76 -32.03
C GLU C 201 63.52 -7.01 -32.72
N GLY C 202 62.72 -8.08 -32.68
CA GLY C 202 63.03 -9.31 -33.39
C GLY C 202 61.85 -9.77 -34.23
N GLU C 203 62.08 -10.85 -34.96
CA GLU C 203 61.04 -11.40 -35.82
C GLU C 203 59.89 -12.00 -35.02
N SER C 204 60.07 -12.22 -33.72
CA SER C 204 59.03 -12.82 -32.88
C SER C 204 58.53 -11.90 -31.78
N CYS C 205 59.43 -11.41 -30.92
CA CYS C 205 59.02 -10.52 -29.85
C CYS C 205 58.60 -9.16 -30.40
N GLU C 206 58.21 -8.27 -29.50
CA GLU C 206 57.82 -6.90 -29.85
C GLU C 206 58.69 -5.86 -29.18
N SER C 207 58.96 -5.98 -27.88
CA SER C 207 59.75 -4.97 -27.17
C SER C 207 60.20 -5.59 -25.85
N ALA C 208 61.52 -5.55 -25.60
CA ALA C 208 62.08 -6.11 -24.37
C ALA C 208 62.78 -5.00 -23.57
N ARG C 209 62.07 -4.52 -22.56
CA ARG C 209 62.65 -3.53 -21.67
C ARG C 209 63.74 -4.13 -20.80
N GLN C 210 64.77 -3.33 -20.55
CA GLN C 210 65.78 -3.69 -19.57
C GLN C 210 66.34 -2.42 -18.97
N GLY C 211 66.15 -2.28 -17.65
CA GLY C 211 66.47 -1.06 -16.96
C GLY C 211 67.87 -1.11 -16.36
N PHE C 212 68.46 0.06 -16.17
CA PHE C 212 69.83 0.16 -15.70
C PHE C 212 69.90 1.10 -14.51
N THR C 213 70.97 0.95 -13.73
CA THR C 213 71.11 1.64 -12.46
C THR C 213 72.49 2.26 -12.34
N VAL C 214 72.92 2.99 -13.37
CA VAL C 214 74.16 3.73 -13.27
C VAL C 214 73.97 4.91 -12.33
N ASP C 215 74.91 5.10 -11.42
CA ASP C 215 74.93 6.25 -10.53
C ASP C 215 76.35 6.80 -10.46
N GLU C 216 76.45 8.07 -10.09
CA GLU C 216 77.75 8.71 -10.00
C GLU C 216 78.60 8.08 -8.92
N TYR C 217 79.88 7.87 -9.22
CA TYR C 217 80.83 7.23 -8.31
C TYR C 217 81.14 8.20 -7.18
N ILE C 218 80.25 8.25 -6.20
CA ILE C 218 80.42 9.07 -5.01
C ILE C 218 80.37 8.18 -3.78
N LEU C 219 81.43 8.22 -2.98
CA LEU C 219 81.54 7.44 -1.74
C LEU C 219 81.70 8.42 -0.59
N PRO C 220 80.68 8.62 0.23
CA PRO C 220 80.77 9.60 1.32
C PRO C 220 81.89 9.24 2.29
N ARG C 221 82.51 10.28 2.85
CA ARG C 221 83.68 10.09 3.70
C ARG C 221 83.37 9.37 5.01
N PHE C 222 82.12 9.39 5.46
CA PHE C 222 81.73 8.76 6.71
C PHE C 222 80.49 7.92 6.48
N SER C 223 80.29 6.91 7.32
CA SER C 223 79.08 6.11 7.21
C SER C 223 78.64 5.63 8.58
N VAL C 224 77.39 5.94 8.96
CA VAL C 224 76.84 5.60 10.26
C VAL C 224 75.80 4.50 10.07
N ILE C 225 75.81 3.53 10.98
CA ILE C 225 74.89 2.40 10.95
C ILE C 225 74.14 2.38 12.27
N VAL C 226 72.81 2.30 12.19
CA VAL C 226 71.95 2.28 13.37
C VAL C 226 70.86 1.24 13.17
N ASP C 227 70.42 0.64 14.28
CA ASP C 227 69.35 -0.37 14.25
C ASP C 227 68.29 0.01 15.27
N PRO C 228 67.49 1.04 14.98
CA PRO C 228 66.46 1.46 15.93
C PRO C 228 65.42 0.38 16.12
N PRO C 229 64.83 0.29 17.32
CA PRO C 229 63.81 -0.74 17.56
C PRO C 229 62.58 -0.58 16.68
N ASN C 230 62.39 0.59 16.08
CA ASN C 230 61.34 0.82 15.09
C ASN C 230 59.97 0.80 15.75
N THR C 231 59.94 0.60 17.06
CA THR C 231 58.70 0.58 17.82
C THR C 231 58.99 0.73 19.30
N ILE C 232 58.00 1.15 20.08
CA ILE C 232 58.16 1.34 21.52
C ILE C 232 56.78 1.36 22.17
N SER C 233 56.65 0.63 23.28
CA SER C 233 55.41 0.65 24.04
C SER C 233 55.44 1.75 25.08
N ILE C 234 54.27 2.06 25.64
CA ILE C 234 54.20 3.10 26.66
C ILE C 234 54.73 2.56 27.98
N LEU C 235 54.57 1.26 28.21
CA LEU C 235 55.13 0.62 29.41
C LEU C 235 56.56 0.17 29.17
N ASP C 236 57.48 1.12 29.29
CA ASP C 236 58.89 0.87 29.00
C ASP C 236 59.75 1.83 29.81
N ASP C 237 60.96 1.38 30.15
CA ASP C 237 61.85 2.13 31.02
C ASP C 237 63.12 2.60 30.35
N ILE C 238 63.88 1.70 29.73
CA ILE C 238 65.17 2.02 29.12
C ILE C 238 65.13 1.49 27.70
N LEU C 239 65.55 2.31 26.75
CA LEU C 239 65.71 1.84 25.37
C LEU C 239 67.14 2.10 24.93
N THR C 240 67.77 1.10 24.34
CA THR C 240 69.13 1.24 23.86
C THR C 240 69.12 1.50 22.37
N LEU C 241 69.99 2.40 21.92
CA LEU C 241 70.41 2.47 20.53
C LEU C 241 71.78 1.85 20.42
N ASN C 242 71.93 0.91 19.49
CA ASN C 242 73.19 0.18 19.33
C ASN C 242 73.75 0.65 18.00
N VAL C 243 74.45 1.79 18.03
CA VAL C 243 74.82 2.52 16.82
C VAL C 243 76.33 2.40 16.64
N SER C 244 76.78 2.56 15.40
CA SER C 244 78.20 2.58 15.09
C SER C 244 78.41 3.42 13.84
N ALA C 245 79.68 3.58 13.49
CA ALA C 245 80.03 4.26 12.24
C ALA C 245 81.41 3.81 11.84
N ILE C 246 81.76 4.06 10.57
CA ILE C 246 82.98 3.54 9.99
C ILE C 246 83.37 4.45 8.83
N TYR C 247 84.65 4.44 8.50
CA TYR C 247 85.20 5.30 7.47
C TYR C 247 84.87 4.78 6.08
N THR C 248 85.48 5.39 5.06
CA THR C 248 85.29 4.96 3.69
C THR C 248 85.79 3.53 3.49
N TYR C 249 86.94 3.21 4.08
CA TYR C 249 87.58 1.92 3.86
C TYR C 249 87.65 1.08 5.13
N GLY C 250 86.64 1.19 5.99
CA GLY C 250 86.60 0.37 7.18
C GLY C 250 87.58 0.82 8.24
N GLN C 251 87.44 2.04 8.72
CA GLN C 251 88.33 2.56 9.74
C GLN C 251 87.51 3.14 10.89
N PRO C 252 87.92 2.87 12.14
CA PRO C 252 87.16 3.38 13.28
C PRO C 252 87.08 4.90 13.26
N VAL C 253 85.98 5.41 13.80
CA VAL C 253 85.68 6.84 13.75
C VAL C 253 85.44 7.39 15.15
N PRO C 254 86.48 7.62 15.94
CA PRO C 254 86.27 8.23 17.25
C PRO C 254 85.69 9.63 17.12
N GLY C 255 84.94 10.03 18.13
CA GLY C 255 84.29 11.33 18.12
C GLY C 255 83.16 11.39 19.12
N SER C 256 82.50 12.54 19.12
CA SER C 256 81.39 12.80 20.04
C SER C 256 80.07 12.54 19.32
N VAL C 257 79.21 11.75 19.95
CA VAL C 257 77.88 11.46 19.44
C VAL C 257 76.87 12.07 20.40
N THR C 258 76.09 13.03 19.93
CA THR C 258 75.05 13.64 20.74
C THR C 258 73.69 13.35 20.13
N ILE C 259 72.72 13.07 21.00
CA ILE C 259 71.42 12.56 20.62
C ILE C 259 70.35 13.43 21.26
N LYS C 260 69.36 13.82 20.45
CA LYS C 260 68.15 14.49 20.94
C LYS C 260 66.96 13.73 20.38
N CYS C 261 66.01 13.41 21.25
CA CYS C 261 64.78 12.74 20.84
C CYS C 261 63.63 13.29 21.67
N CYS C 262 62.66 13.90 21.00
CA CYS C 262 61.53 14.54 21.68
C CYS C 262 60.46 14.83 20.63
N ARG C 263 59.38 15.47 21.07
CA ARG C 263 58.17 15.61 20.28
C ARG C 263 57.24 16.57 21.00
N GLU C 264 56.34 17.17 20.24
CA GLU C 264 55.29 18.02 20.79
C GLU C 264 54.25 17.15 21.49
N ALA C 265 53.46 17.77 22.37
CA ALA C 265 52.48 17.02 23.17
C ALA C 265 51.25 16.63 22.34
N SER C 266 50.41 17.61 22.00
CA SER C 266 49.29 17.31 21.10
C SER C 266 48.94 18.42 20.12
N SER C 267 49.10 19.70 20.46
CA SER C 267 48.86 20.84 19.57
C SER C 267 47.58 20.77 18.74
N TYR C 268 46.41 20.83 19.37
CA TYR C 268 45.18 20.66 18.61
C TYR C 268 44.88 21.75 17.59
N TYR C 269 44.49 22.95 18.02
CA TYR C 269 44.07 23.94 17.04
C TYR C 269 44.49 25.38 17.30
N GLY C 270 44.71 25.80 18.55
CA GLY C 270 44.74 27.20 18.88
C GLY C 270 43.36 27.81 18.81
N ARG C 271 43.30 29.14 18.91
CA ARG C 271 42.09 29.97 18.73
C ARG C 271 40.90 29.27 19.41
N LYS C 272 39.76 29.12 18.74
CA LYS C 272 38.58 28.45 19.29
C LYS C 272 38.82 26.96 19.47
N GLY C 273 40.06 26.50 19.23
CA GLY C 273 40.43 25.10 19.34
C GLY C 273 41.11 24.80 20.65
N ASN C 274 42.44 24.86 20.66
CA ASN C 274 43.23 24.67 21.89
C ASN C 274 44.40 25.65 21.89
N CYS C 275 44.20 26.85 22.45
CA CYS C 275 45.19 27.92 22.37
C CYS C 275 46.49 27.54 23.07
N PHE C 276 46.41 27.32 24.38
CA PHE C 276 47.59 27.04 25.19
C PHE C 276 47.37 25.70 25.88
N LYS C 277 48.02 24.67 25.36
CA LYS C 277 47.77 23.30 25.77
C LYS C 277 49.02 22.49 25.48
N GLY C 278 49.37 21.60 26.41
CA GLY C 278 50.64 20.93 26.27
C GLY C 278 51.79 21.91 26.45
N ASN C 279 52.94 21.53 25.90
CA ASN C 279 54.13 22.34 25.98
C ASN C 279 54.78 22.36 24.61
N ARG C 280 56.01 22.81 24.57
CA ARG C 280 56.77 22.73 23.34
C ARG C 280 57.38 21.36 23.13
N GLY C 281 57.14 20.47 24.09
CA GLY C 281 57.61 19.11 24.04
C GLY C 281 58.75 18.83 24.99
N ILE C 282 58.54 17.92 25.94
CA ILE C 282 59.59 17.55 26.87
C ILE C 282 60.71 16.87 26.08
N CYS C 283 61.94 17.34 26.27
CA CYS C 283 63.04 17.01 25.38
C CYS C 283 64.33 16.87 26.18
N THR C 284 65.17 15.93 25.78
CA THR C 284 66.44 15.68 26.43
C THR C 284 67.59 15.90 25.45
N ASN C 285 68.81 15.75 25.98
CA ASN C 285 70.02 15.85 25.17
C ASN C 285 71.10 15.04 25.84
N ILE C 286 71.69 14.10 25.10
CA ILE C 286 72.72 13.22 25.64
C ILE C 286 73.92 13.23 24.72
N THR C 287 75.05 12.75 25.23
CA THR C 287 76.28 12.66 24.46
C THR C 287 77.10 11.47 24.94
N GLY C 288 77.95 10.95 24.05
CA GLY C 288 78.79 9.82 24.34
C GLY C 288 80.01 9.82 23.44
N GLU C 289 80.94 8.92 23.76
CA GLU C 289 82.21 8.84 23.07
C GLU C 289 82.46 7.42 22.59
N LEU C 290 83.06 7.31 21.41
CA LEU C 290 83.49 6.03 20.87
C LEU C 290 84.98 6.11 20.56
N GLY C 291 85.51 5.11 19.86
CA GLY C 291 86.93 5.11 19.57
C GLY C 291 87.67 3.77 19.59
N PRO C 292 87.23 2.79 20.44
CA PRO C 292 87.90 1.47 20.38
C PRO C 292 87.97 0.92 18.96
N ASP C 293 86.81 0.70 18.35
CA ASP C 293 86.73 0.43 16.92
C ASP C 293 85.55 1.14 16.26
N GLY C 294 84.74 1.86 17.03
CA GLY C 294 83.55 2.52 16.51
C GLY C 294 82.28 1.84 16.97
N ALA C 295 81.66 2.35 18.03
CA ALA C 295 80.46 1.76 18.62
C ALA C 295 79.96 2.66 19.73
N PHE C 296 78.64 2.70 19.91
CA PHE C 296 78.02 3.40 21.03
C PHE C 296 76.71 2.72 21.37
N TYR C 297 76.55 2.37 22.64
CA TYR C 297 75.36 1.70 23.14
C TYR C 297 74.63 2.71 24.02
N GLY C 298 73.83 3.55 23.37
CA GLY C 298 73.11 4.62 24.02
C GLY C 298 71.81 4.17 24.66
N VAL C 299 71.90 3.59 25.85
CA VAL C 299 70.71 3.35 26.66
C VAL C 299 70.18 4.69 27.15
N VAL C 300 68.87 4.87 27.06
CA VAL C 300 68.23 6.12 27.45
C VAL C 300 67.04 5.80 28.34
N SER C 301 66.89 6.57 29.42
CA SER C 301 65.74 6.46 30.29
C SER C 301 64.56 7.18 29.66
N LEU C 302 63.38 6.62 29.86
CA LEU C 302 62.16 7.22 29.39
C LEU C 302 61.33 7.79 30.53
N LEU C 303 61.68 7.44 31.77
CA LEU C 303 60.94 7.92 32.93
C LEU C 303 60.79 9.43 32.96
N PRO C 304 61.81 10.23 32.66
CA PRO C 304 61.56 11.68 32.54
C PRO C 304 60.51 12.02 31.50
N PHE C 305 60.46 11.30 30.39
CA PHE C 305 59.39 11.50 29.42
C PHE C 305 58.07 10.97 29.97
N GLN C 306 56.98 11.42 29.36
CA GLN C 306 55.65 11.23 29.92
C GLN C 306 54.99 10.05 29.22
N MET C 307 54.90 8.93 29.94
CA MET C 307 54.25 7.73 29.43
C MET C 307 52.83 7.65 29.97
N GLY C 308 51.85 7.62 29.06
CA GLY C 308 50.49 7.34 29.45
C GLY C 308 49.65 8.57 29.69
N GLN C 309 50.08 9.71 29.14
CA GLN C 309 49.38 10.97 29.39
C GLN C 309 48.99 11.63 28.09
N SER C 310 48.49 12.87 28.17
CA SER C 310 47.91 13.56 27.03
C SER C 310 48.94 14.20 26.11
N GLY C 311 50.21 14.19 26.48
CA GLY C 311 51.23 14.78 25.63
C GLY C 311 51.73 13.82 24.58
N PHE C 312 50.84 12.99 24.07
CA PHE C 312 51.21 11.85 23.25
C PHE C 312 51.10 12.20 21.77
N GLN C 313 52.00 11.63 20.98
CA GLN C 313 51.87 11.61 19.53
C GLN C 313 52.28 10.27 18.95
N MET C 314 52.54 9.27 19.80
CA MET C 314 52.74 7.88 19.42
C MET C 314 53.95 7.63 18.53
N SER C 315 54.87 8.58 18.45
CA SER C 315 56.15 8.37 17.77
C SER C 315 57.14 9.35 18.33
N LEU C 316 58.37 8.90 18.56
CA LEU C 316 59.43 9.76 19.06
C LEU C 316 60.36 10.11 17.91
N GLY C 317 60.49 11.39 17.61
CA GLY C 317 61.44 11.83 16.61
C GLY C 317 62.84 11.73 17.15
N VAL C 318 63.68 10.96 16.46
CA VAL C 318 65.02 10.63 16.93
C VAL C 318 66.02 11.37 16.06
N ALA C 319 66.92 12.10 16.70
CA ALA C 319 67.97 12.85 16.02
C ALA C 319 69.33 12.42 16.55
N LEU C 320 70.23 12.05 15.64
CA LEU C 320 71.59 11.69 15.98
C LEU C 320 72.54 12.53 15.14
N THR C 321 73.54 13.12 15.78
CA THR C 321 74.60 13.82 15.09
C THR C 321 75.93 13.34 15.66
N VAL C 322 76.83 12.93 14.77
CA VAL C 322 78.12 12.38 15.17
C VAL C 322 79.21 13.25 14.57
N THR C 323 80.19 13.62 15.39
CA THR C 323 81.27 14.50 14.98
C THR C 323 82.60 13.75 15.07
N GLU C 324 83.68 14.46 14.77
CA GLU C 324 85.02 13.91 14.83
C GLU C 324 85.91 14.88 15.58
N GLU C 325 86.95 14.34 16.23
CA GLU C 325 87.80 15.17 17.07
C GLU C 325 88.49 16.27 16.26
N GLY C 326 89.36 15.89 15.34
CA GLY C 326 90.04 16.86 14.51
C GLY C 326 89.06 17.63 13.64
N THR C 327 88.34 16.91 12.80
CA THR C 327 87.35 17.54 11.94
C THR C 327 86.03 17.69 12.68
N GLY C 328 85.64 18.94 12.94
CA GLY C 328 84.35 19.21 13.53
C GLY C 328 83.17 18.85 12.67
N ILE C 329 83.41 18.18 11.55
CA ILE C 329 82.35 17.71 10.67
C ILE C 329 81.35 16.88 11.47
N GLN C 330 80.09 16.94 11.08
CA GLN C 330 79.01 16.33 11.83
C GLN C 330 78.07 15.60 10.89
N VAL C 331 77.83 14.33 11.20
CA VAL C 331 76.97 13.46 10.41
C VAL C 331 75.67 13.26 11.16
N THR C 332 74.56 13.60 10.51
CA THR C 332 73.25 13.64 11.15
C THR C 332 72.32 12.60 10.54
N HIS C 333 71.49 12.00 11.38
CA HIS C 333 70.45 11.08 10.92
C HIS C 333 69.22 11.24 11.79
N GLN C 334 68.10 11.62 11.18
CA GLN C 334 66.85 11.82 11.89
C GLN C 334 65.84 10.76 11.46
N PHE C 335 65.03 10.32 12.42
CA PHE C 335 63.98 9.35 12.12
C PHE C 335 63.00 9.32 13.28
N PHE C 336 61.82 8.77 13.00
CA PHE C 336 60.75 8.67 13.98
C PHE C 336 60.65 7.23 14.46
N ILE C 337 60.49 7.05 15.76
CA ILE C 337 60.25 5.73 16.35
C ILE C 337 58.85 5.70 16.93
N MET C 338 58.00 4.87 16.36
CA MET C 338 56.57 4.90 16.65
C MET C 338 56.29 4.29 18.02
N ILE C 339 55.49 4.98 18.82
CA ILE C 339 55.09 4.53 20.15
C ILE C 339 53.79 3.76 19.98
N THR C 340 53.83 2.47 20.28
CA THR C 340 52.70 1.61 19.96
C THR C 340 51.60 1.69 21.00
N SER C 341 50.42 1.22 20.61
CA SER C 341 49.26 1.13 21.49
C SER C 341 48.88 -0.31 21.72
N GLN C 342 48.60 -1.05 20.66
CA GLN C 342 48.11 -2.42 20.78
C GLN C 342 49.29 -3.32 21.13
N LEU C 343 49.29 -3.83 22.36
CA LEU C 343 50.29 -4.79 22.77
C LEU C 343 50.23 -6.06 21.92
N ALA C 344 49.14 -6.81 22.01
CA ALA C 344 49.04 -8.13 21.42
C ALA C 344 47.91 -8.20 20.42
N THR C 345 48.13 -8.95 19.34
CA THR C 345 47.14 -9.14 18.29
C THR C 345 47.10 -10.59 17.85
N LEU C 346 45.90 -11.06 17.52
CA LEU C 346 45.63 -12.42 17.10
C LEU C 346 44.97 -12.37 15.73
N ILE C 347 45.40 -13.24 14.82
CA ILE C 347 45.02 -13.14 13.42
C ILE C 347 44.73 -14.52 12.85
N PHE C 348 43.77 -14.56 11.93
CA PHE C 348 43.43 -15.74 11.14
C PHE C 348 44.64 -16.10 10.27
N ASP C 349 44.79 -17.38 9.95
CA ASP C 349 45.81 -17.80 8.99
C ASP C 349 45.20 -17.88 7.60
N TYR C 350 45.54 -16.94 6.73
CA TYR C 350 44.99 -16.97 5.39
C TYR C 350 45.84 -17.84 4.48
N ASP C 351 46.17 -19.03 4.95
CA ASP C 351 46.63 -20.13 4.13
C ASP C 351 45.72 -21.34 4.33
N ALA C 352 45.48 -21.68 5.59
CA ALA C 352 44.36 -22.51 5.99
C ALA C 352 43.13 -21.62 6.06
N LEU C 353 42.10 -22.07 6.77
CA LEU C 353 40.85 -21.34 6.95
C LEU C 353 40.09 -21.23 5.62
N LYS C 354 39.80 -22.41 5.07
CA LYS C 354 38.90 -22.50 3.94
C LYS C 354 37.53 -21.92 4.33
N GLU C 355 36.93 -21.21 3.38
CA GLU C 355 35.73 -20.44 3.67
C GLU C 355 34.45 -21.27 3.53
N PHE C 356 34.50 -22.40 2.83
CA PHE C 356 33.32 -23.18 2.52
C PHE C 356 33.29 -24.42 3.40
N TYR C 357 32.19 -24.62 4.11
CA TYR C 357 32.15 -25.62 5.16
C TYR C 357 31.11 -26.71 4.91
N LYS C 358 31.32 -27.81 5.64
CA LYS C 358 30.68 -29.12 5.49
C LYS C 358 30.27 -29.69 6.84
N ARG C 359 29.09 -30.30 6.87
CA ARG C 359 28.48 -30.74 8.12
C ARG C 359 29.23 -31.95 8.67
N GLY C 360 29.28 -32.04 10.00
CA GLY C 360 29.83 -33.20 10.66
C GLY C 360 31.33 -33.35 10.60
N ILE C 361 31.98 -32.75 9.61
CA ILE C 361 33.43 -32.75 9.51
C ILE C 361 33.94 -31.51 10.19
N PRO C 362 34.73 -31.63 11.26
CA PRO C 362 35.06 -30.45 12.08
C PRO C 362 35.81 -29.40 11.28
N TYR C 363 35.49 -28.14 11.58
CA TYR C 363 36.18 -27.01 10.98
C TYR C 363 37.35 -26.62 11.89
N LEU C 364 38.52 -26.49 11.30
CA LEU C 364 39.69 -26.12 12.08
C LEU C 364 39.94 -24.63 11.94
N VAL C 365 40.29 -24.00 13.06
CA VAL C 365 40.56 -22.58 13.11
C VAL C 365 41.93 -22.38 13.74
N LYS C 366 42.84 -21.77 12.99
CA LYS C 366 44.20 -21.52 13.47
C LYS C 366 44.43 -20.01 13.48
N VAL C 367 44.86 -19.50 14.62
CA VAL C 367 45.03 -18.08 14.85
C VAL C 367 46.34 -17.84 15.58
N ILE C 368 46.99 -16.75 15.24
CA ILE C 368 48.36 -16.48 15.65
C ILE C 368 48.36 -15.19 16.47
N LEU C 369 48.91 -15.28 17.68
CA LEU C 369 48.94 -14.17 18.62
C LEU C 369 50.38 -13.75 18.85
N THR C 370 50.60 -12.44 18.92
CA THR C 370 51.91 -11.92 19.25
C THR C 370 51.78 -10.59 19.98
N ASP C 371 52.91 -10.10 20.48
CA ASP C 371 52.95 -8.79 21.14
C ASP C 371 53.96 -7.89 20.45
N ALA C 372 53.67 -6.60 20.45
CA ALA C 372 54.65 -5.56 20.16
C ALA C 372 55.53 -5.90 18.97
N ASN C 373 56.76 -6.30 19.26
CA ASN C 373 57.75 -6.60 18.23
C ASN C 373 57.73 -8.08 17.85
N ASP C 374 56.54 -8.57 17.49
CA ASP C 374 56.34 -9.86 16.85
C ASP C 374 57.08 -10.98 17.59
N ASN C 375 56.66 -11.20 18.83
CA ASN C 375 57.25 -12.26 19.63
C ASN C 375 56.26 -13.40 19.79
N PRO C 376 56.73 -14.63 19.92
CA PRO C 376 55.82 -15.74 20.25
C PRO C 376 55.18 -15.51 21.61
N MET C 377 53.92 -15.91 21.71
CA MET C 377 53.16 -15.78 22.94
C MET C 377 53.19 -17.07 23.74
N ALA C 378 53.52 -16.93 25.01
CA ALA C 378 53.55 -18.06 25.93
C ALA C 378 52.13 -18.59 26.11
N ASN C 379 51.99 -19.62 26.93
CA ASN C 379 50.68 -20.25 27.08
C ASN C 379 49.65 -19.24 27.58
N GLU C 380 48.71 -18.92 26.71
CA GLU C 380 47.62 -18.01 27.04
C GLU C 380 46.33 -18.68 26.62
N GLN C 381 45.22 -18.25 27.22
CA GLN C 381 43.92 -18.79 26.88
C GLN C 381 43.11 -17.78 26.07
N VAL C 382 42.53 -18.25 24.98
CA VAL C 382 41.69 -17.45 24.11
C VAL C 382 40.36 -18.17 23.96
N GLU C 383 39.40 -17.53 23.31
CA GLU C 383 38.03 -18.00 23.30
C GLU C 383 37.48 -17.98 21.88
N VAL C 384 36.71 -19.00 21.53
CA VAL C 384 36.10 -19.12 20.21
C VAL C 384 34.59 -19.03 20.41
N GLU C 385 33.95 -18.06 19.77
CA GLU C 385 32.52 -17.84 19.93
C GLU C 385 31.87 -17.82 18.55
N LEU C 386 30.92 -18.73 18.34
CA LEU C 386 30.32 -18.91 17.03
C LEU C 386 29.36 -17.78 16.70
N ALA C 387 28.28 -17.66 17.46
CA ALA C 387 27.31 -16.58 17.29
C ALA C 387 27.33 -15.64 18.48
N GLY C 388 27.12 -16.14 19.68
CA GLY C 388 27.31 -15.36 20.87
C GLY C 388 27.79 -16.22 22.01
N LYS C 389 28.02 -17.51 21.74
CA LYS C 389 28.33 -18.47 22.77
C LYS C 389 29.80 -18.84 22.70
N THR C 390 30.47 -18.80 23.84
CA THR C 390 31.89 -19.10 23.92
C THR C 390 32.09 -20.61 23.96
N ILE C 391 32.83 -21.13 22.98
CA ILE C 391 33.08 -22.57 22.91
C ILE C 391 34.55 -22.93 22.91
N GLY C 392 35.47 -22.03 22.55
CA GLY C 392 36.85 -22.42 22.43
C GLY C 392 37.56 -22.62 23.75
N ALA C 393 37.80 -21.53 24.48
CA ALA C 393 38.52 -21.56 25.75
C ALA C 393 39.78 -22.43 25.65
N VAL C 394 40.60 -22.09 24.68
CA VAL C 394 41.74 -22.92 24.29
C VAL C 394 43.04 -22.25 24.74
N LEU C 395 43.94 -23.07 25.27
CA LEU C 395 45.30 -22.64 25.57
C LEU C 395 46.17 -22.78 24.33
N THR C 396 47.14 -21.88 24.19
CA THR C 396 47.97 -21.89 23.01
C THR C 396 49.07 -22.93 23.11
N ASP C 397 49.92 -22.96 22.09
CA ASP C 397 51.03 -23.89 21.98
C ASP C 397 52.36 -23.17 22.22
N LYS C 398 52.36 -22.27 23.20
CA LYS C 398 53.58 -21.66 23.73
C LYS C 398 54.16 -20.64 22.76
N GLU C 399 53.63 -20.56 21.54
CA GLU C 399 54.08 -19.55 20.59
C GLU C 399 52.94 -18.94 19.79
N GLY C 400 51.74 -18.90 20.36
CA GLY C 400 50.64 -18.23 19.70
C GLY C 400 50.21 -18.84 18.38
N ARG C 401 49.89 -20.13 18.38
CA ARG C 401 49.42 -20.79 17.17
C ARG C 401 48.19 -21.63 17.45
N ALA C 402 47.17 -21.03 18.03
CA ALA C 402 46.02 -21.78 18.52
C ALA C 402 45.25 -22.41 17.37
N GLU C 403 44.88 -23.68 17.51
CA GLU C 403 44.03 -24.38 16.56
C GLU C 403 42.85 -24.98 17.31
N TYR C 404 41.69 -24.95 16.71
CA TYR C 404 40.47 -25.45 17.34
C TYR C 404 39.62 -26.21 16.33
N ALA C 405 39.03 -27.31 16.81
CA ALA C 405 38.20 -28.19 15.99
C ALA C 405 36.75 -27.96 16.39
N ILE C 406 36.05 -27.15 15.59
CA ILE C 406 34.65 -26.85 15.86
C ILE C 406 33.78 -27.90 15.20
N ASP C 407 32.79 -28.41 15.95
CA ASP C 407 31.83 -29.35 15.39
C ASP C 407 31.03 -28.68 14.29
N THR C 408 30.73 -29.44 13.24
CA THR C 408 29.93 -28.96 12.13
C THR C 408 28.66 -29.75 11.92
N SER C 409 28.46 -30.84 12.65
CA SER C 409 27.23 -31.61 12.51
C SER C 409 26.04 -30.79 13.00
N SER C 410 24.89 -31.06 12.41
CA SER C 410 23.62 -30.48 12.85
C SER C 410 23.61 -28.96 12.69
N PHE C 411 24.21 -28.46 11.61
CA PHE C 411 24.19 -27.04 11.30
C PHE C 411 23.55 -26.84 9.93
N VAL C 412 22.52 -26.00 9.87
CA VAL C 412 21.84 -25.72 8.62
C VAL C 412 21.96 -24.21 8.41
N GLN C 413 22.79 -23.58 9.22
CA GLN C 413 22.86 -22.12 9.30
C GLN C 413 23.38 -21.55 7.98
N GLU C 414 23.21 -20.25 7.80
CA GLU C 414 23.40 -19.65 6.48
C GLU C 414 24.47 -18.57 6.45
N ASN C 415 24.53 -17.69 7.45
CA ASN C 415 25.60 -16.70 7.51
C ASN C 415 26.83 -17.20 8.24
N PHE C 416 26.71 -17.47 9.53
CA PHE C 416 27.81 -18.04 10.32
C PHE C 416 29.08 -17.19 10.19
N THR C 417 29.02 -16.00 10.76
CA THR C 417 30.23 -15.25 11.07
C THR C 417 30.66 -15.64 12.48
N VAL C 418 31.69 -16.44 12.58
CA VAL C 418 32.27 -16.78 13.86
C VAL C 418 33.25 -15.67 14.22
N VAL C 419 33.60 -15.56 15.50
CA VAL C 419 34.60 -14.61 15.94
C VAL C 419 35.38 -15.22 17.09
N VAL C 420 36.60 -14.74 17.29
CA VAL C 420 37.52 -15.23 18.31
C VAL C 420 37.91 -14.03 19.16
N SER C 421 38.33 -14.31 20.38
CA SER C 421 38.50 -13.29 21.38
C SER C 421 39.65 -13.64 22.31
N TYR C 422 40.26 -12.62 22.88
CA TYR C 422 41.18 -12.79 24.00
C TYR C 422 40.69 -11.94 25.16
N GLU C 423 40.17 -12.61 26.18
CA GLU C 423 39.72 -11.96 27.40
C GLU C 423 40.75 -12.17 28.50
N ASN C 424 41.29 -11.08 29.02
CA ASN C 424 42.13 -11.17 30.20
C ASN C 424 42.22 -9.81 30.88
N PRO C 425 41.79 -9.69 32.12
CA PRO C 425 41.80 -8.40 32.82
C PRO C 425 43.14 -8.09 33.48
N HIS C 426 44.24 -8.35 32.79
CA HIS C 426 45.54 -8.19 33.42
C HIS C 426 46.56 -7.43 32.60
N GLN C 427 46.50 -7.45 31.28
CA GLN C 427 47.58 -6.95 30.46
C GLN C 427 47.58 -5.42 30.42
N CYS C 428 48.76 -4.86 30.19
CA CYS C 428 48.95 -3.43 30.01
C CYS C 428 48.38 -3.07 28.64
N TYR C 429 47.09 -2.80 28.61
CA TYR C 429 46.33 -2.59 27.37
C TYR C 429 45.24 -1.62 27.81
N TYR C 430 44.92 -0.65 26.95
CA TYR C 430 44.15 0.53 27.39
C TYR C 430 43.35 1.03 26.18
N THR C 431 42.03 1.02 26.30
CA THR C 431 41.21 1.21 25.11
C THR C 431 41.53 2.53 24.40
N GLU C 432 41.85 2.43 23.10
CA GLU C 432 42.35 3.61 22.42
C GLU C 432 41.42 4.15 21.35
N TRP C 433 41.16 3.40 20.28
CA TRP C 433 40.36 3.93 19.19
C TRP C 433 38.95 3.35 19.21
N GLU C 434 38.24 3.61 20.31
CA GLU C 434 36.82 3.28 20.48
C GLU C 434 36.46 1.91 19.92
N GLY C 435 37.40 0.97 19.97
CA GLY C 435 37.23 -0.31 19.32
C GLY C 435 36.88 -1.42 20.28
N PRO C 436 37.22 -2.66 19.91
CA PRO C 436 36.94 -3.79 20.80
C PRO C 436 37.65 -3.59 22.13
N ASP C 437 36.94 -3.94 23.19
CA ASP C 437 37.46 -3.83 24.54
C ASP C 437 38.37 -4.98 24.90
N PHE C 438 38.85 -5.72 23.90
CA PHE C 438 39.80 -6.81 24.00
C PHE C 438 40.00 -7.37 22.61
N PRO C 439 41.11 -8.04 22.32
CA PRO C 439 41.37 -8.51 20.95
C PRO C 439 40.27 -9.44 20.45
N THR C 440 39.86 -9.22 19.20
CA THR C 440 38.79 -9.98 18.56
C THR C 440 39.08 -10.10 17.07
N ALA C 441 38.51 -11.13 16.46
CA ALA C 441 38.70 -11.35 15.04
C ALA C 441 37.61 -12.29 14.52
N GLN C 442 36.83 -11.82 13.55
CA GLN C 442 35.70 -12.57 13.05
C GLN C 442 35.94 -13.01 11.61
N HIS C 443 35.55 -14.24 11.32
CA HIS C 443 35.53 -14.76 9.97
C HIS C 443 34.09 -15.10 9.58
N PHE C 444 33.68 -14.64 8.41
CA PHE C 444 32.40 -14.97 7.82
C PHE C 444 32.62 -16.05 6.78
N VAL C 445 31.88 -17.15 6.87
CA VAL C 445 32.08 -18.32 6.03
C VAL C 445 30.75 -18.76 5.45
N MET C 446 30.82 -19.55 4.38
CA MET C 446 29.62 -20.02 3.72
C MET C 446 29.63 -21.54 3.62
N ARG C 447 28.43 -22.11 3.72
CA ARG C 447 28.22 -23.52 3.52
C ARG C 447 28.48 -23.87 2.07
N PHE C 448 28.99 -25.07 1.85
CA PHE C 448 29.08 -25.63 0.51
C PHE C 448 27.92 -26.58 0.32
N TYR C 449 27.51 -26.79 -0.92
CA TYR C 449 26.30 -27.57 -1.20
C TYR C 449 26.63 -29.01 -1.52
N SER C 450 25.77 -29.90 -1.05
CA SER C 450 25.85 -31.32 -1.40
C SER C 450 24.43 -31.86 -1.38
N GLU C 451 23.97 -32.38 -2.52
CA GLU C 451 22.58 -32.82 -2.62
C GLU C 451 22.30 -33.95 -1.63
N THR C 452 23.21 -34.90 -1.51
CA THR C 452 22.99 -36.01 -0.59
C THR C 452 23.81 -35.87 0.68
N GLY C 453 24.97 -35.24 0.59
CA GLY C 453 25.82 -35.09 1.76
C GLY C 453 26.90 -36.13 1.80
N SER C 454 28.10 -35.76 1.36
CA SER C 454 29.31 -36.53 1.58
C SER C 454 30.47 -35.64 1.19
N PHE C 455 31.43 -35.49 2.09
CA PHE C 455 32.26 -34.30 2.12
C PHE C 455 33.72 -34.71 2.03
N LEU C 456 34.55 -33.82 1.50
CA LEU C 456 35.95 -34.10 1.24
C LEU C 456 36.76 -32.84 1.46
N ASP C 457 37.99 -32.99 1.95
CA ASP C 457 38.86 -31.85 2.16
C ASP C 457 40.31 -32.28 2.13
N ILE C 458 41.19 -31.32 1.85
CA ILE C 458 42.61 -31.57 1.73
C ILE C 458 43.35 -30.69 2.72
N GLN C 459 44.35 -31.25 3.39
CA GLN C 459 45.10 -30.51 4.40
C GLN C 459 46.03 -29.51 3.72
N GLY C 460 45.84 -28.24 4.02
CA GLY C 460 46.73 -27.22 3.52
C GLY C 460 48.09 -27.26 4.19
N SER C 461 49.07 -26.70 3.50
CA SER C 461 50.43 -26.60 4.00
C SER C 461 50.92 -25.16 3.88
N SER C 462 51.61 -24.69 4.91
CA SER C 462 52.17 -23.35 4.91
C SER C 462 53.57 -23.31 4.30
N VAL C 463 54.07 -24.44 3.81
CA VAL C 463 55.43 -24.52 3.31
C VAL C 463 55.42 -25.05 1.89
N GLU C 464 56.47 -24.70 1.15
CA GLU C 464 56.62 -25.16 -0.22
C GLU C 464 57.08 -26.61 -0.26
N LEU C 465 56.75 -27.31 -1.34
CA LEU C 465 57.13 -28.70 -1.51
C LEU C 465 58.30 -28.83 -2.48
N ASN C 466 59.44 -29.25 -1.95
CA ASN C 466 60.68 -29.28 -2.73
C ASN C 466 60.63 -30.36 -3.81
N CYS C 467 61.50 -30.22 -4.79
CA CYS C 467 61.54 -31.10 -5.96
C CYS C 467 61.95 -32.51 -5.58
N GLY C 468 61.46 -33.47 -6.35
CA GLY C 468 61.91 -34.84 -6.27
C GLY C 468 61.67 -35.54 -4.95
N GLN C 469 60.82 -34.99 -4.10
CA GLN C 469 60.51 -35.60 -2.81
C GLN C 469 59.05 -36.01 -2.80
N VAL C 470 58.79 -37.30 -3.01
CA VAL C 470 57.44 -37.81 -2.86
C VAL C 470 56.99 -37.62 -1.42
N HIS C 471 55.79 -37.10 -1.24
CA HIS C 471 55.24 -36.83 0.08
C HIS C 471 53.89 -37.52 0.20
N ASN C 472 53.28 -37.42 1.38
CA ASN C 472 52.03 -38.10 1.69
C ASN C 472 50.99 -37.10 2.15
N ILE C 473 50.78 -36.06 1.35
CA ILE C 473 49.77 -35.03 1.58
C ILE C 473 48.43 -35.66 1.93
N SER C 474 47.66 -34.99 2.79
CA SER C 474 46.55 -35.62 3.50
C SER C 474 45.19 -35.16 2.99
N VAL C 475 44.24 -36.08 3.00
CA VAL C 475 42.85 -35.82 2.63
C VAL C 475 41.95 -36.47 3.67
N ARG C 476 40.82 -35.84 3.96
CA ARG C 476 39.80 -36.40 4.84
C ARG C 476 38.48 -36.48 4.10
N TYR C 477 37.65 -37.44 4.50
CA TYR C 477 36.43 -37.73 3.77
C TYR C 477 35.35 -38.29 4.70
N ILE C 478 34.11 -37.91 4.41
CA ILE C 478 32.90 -38.55 4.91
C ILE C 478 32.06 -38.99 3.74
N LEU C 479 31.58 -40.22 3.79
CA LEU C 479 30.56 -40.73 2.87
C LEU C 479 29.32 -41.03 3.68
N SER C 480 28.25 -40.30 3.40
CA SER C 480 26.98 -40.67 4.01
C SER C 480 26.43 -41.93 3.34
N LEU C 481 25.52 -42.58 4.04
CA LEU C 481 24.66 -43.55 3.40
C LEU C 481 23.88 -42.84 2.29
N ASP C 482 23.31 -43.65 1.40
CA ASP C 482 22.61 -43.19 0.19
C ASP C 482 23.59 -42.71 -0.88
N GLY C 483 24.82 -43.22 -0.87
CA GLY C 483 25.80 -42.85 -1.86
C GLY C 483 26.07 -43.93 -2.89
N MET C 484 27.21 -44.62 -2.75
CA MET C 484 27.49 -45.77 -3.61
C MET C 484 26.38 -46.80 -3.53
N GLY C 485 25.91 -47.10 -2.33
CA GLY C 485 25.07 -48.26 -2.11
C GLY C 485 25.73 -49.20 -1.13
N GLU C 486 25.08 -49.42 0.02
CA GLU C 486 25.71 -50.11 1.12
C GLU C 486 26.03 -51.56 0.75
N GLY C 487 27.08 -52.08 1.38
CA GLY C 487 27.59 -53.40 1.09
C GLY C 487 28.87 -53.43 0.29
N ALA C 488 29.16 -52.37 -0.46
CA ALA C 488 30.42 -52.24 -1.18
C ALA C 488 31.34 -51.36 -0.35
N THR C 489 32.18 -51.98 0.47
CA THR C 489 32.97 -51.23 1.45
C THR C 489 34.31 -50.81 0.90
N THR C 490 34.34 -50.25 -0.30
CA THR C 490 35.57 -49.75 -0.90
C THR C 490 35.23 -48.80 -2.03
N ALA C 491 35.86 -47.63 -2.01
CA ALA C 491 35.60 -46.59 -2.99
C ALA C 491 36.91 -46.17 -3.65
N THR C 492 36.81 -45.75 -4.90
CA THR C 492 37.94 -45.25 -5.64
C THR C 492 37.85 -43.73 -5.74
N PHE C 493 38.89 -43.06 -5.28
CA PHE C 493 39.00 -41.61 -5.33
C PHE C 493 39.99 -41.27 -6.42
N TYR C 494 39.78 -40.15 -7.09
CA TYR C 494 40.50 -39.88 -8.32
C TYR C 494 41.24 -38.57 -8.22
N TYR C 495 42.34 -38.46 -8.95
CA TYR C 495 43.43 -37.59 -8.56
C TYR C 495 44.02 -36.95 -9.80
N LEU C 496 44.34 -35.66 -9.70
CA LEU C 496 44.68 -34.86 -10.87
C LEU C 496 45.62 -33.74 -10.49
N ALA C 497 46.51 -33.37 -11.41
CA ALA C 497 47.37 -32.21 -11.25
C ALA C 497 47.46 -31.46 -12.56
N MET C 498 47.72 -30.16 -12.45
CA MET C 498 47.94 -29.31 -13.64
C MET C 498 49.00 -28.26 -13.29
N SER C 499 50.01 -28.14 -14.13
CA SER C 499 51.09 -27.18 -13.84
C SER C 499 50.74 -25.77 -14.33
N ARG C 500 50.62 -25.58 -15.64
CA ARG C 500 50.38 -24.26 -16.21
C ARG C 500 49.06 -24.20 -16.96
N ALA C 501 48.86 -25.08 -17.94
CA ALA C 501 47.54 -25.32 -18.50
C ALA C 501 47.37 -26.80 -18.82
N LYS C 502 48.26 -27.65 -18.35
CA LYS C 502 48.41 -29.00 -18.85
C LYS C 502 48.03 -30.01 -17.77
N ILE C 503 47.13 -30.93 -18.13
CA ILE C 503 46.75 -32.02 -17.26
C ILE C 503 47.98 -32.89 -17.04
N VAL C 504 48.42 -33.01 -15.79
CA VAL C 504 49.67 -33.69 -15.48
C VAL C 504 49.48 -34.68 -14.34
N GLN C 505 50.15 -35.82 -14.46
CA GLN C 505 50.33 -36.80 -13.37
C GLN C 505 49.00 -37.20 -12.73
N HIS C 506 48.20 -37.92 -13.52
CA HIS C 506 46.96 -38.46 -13.02
C HIS C 506 47.22 -39.44 -11.88
N GLY C 507 46.15 -39.73 -11.12
CA GLY C 507 46.26 -40.69 -10.05
C GLY C 507 44.91 -41.22 -9.65
N GLN C 508 44.94 -42.33 -8.91
CA GLN C 508 43.74 -42.92 -8.35
C GLN C 508 44.13 -43.71 -7.10
N ARG C 509 43.26 -43.71 -6.10
CA ARG C 509 43.47 -44.52 -4.91
C ARG C 509 42.17 -45.23 -4.56
N ASP C 510 42.26 -46.54 -4.42
CA ASP C 510 41.14 -47.34 -3.92
C ASP C 510 41.32 -47.63 -2.44
N VAL C 511 40.25 -47.44 -1.67
CA VAL C 511 40.32 -47.48 -0.22
C VAL C 511 39.12 -48.22 0.33
N HIS C 512 39.37 -49.09 1.31
CA HIS C 512 38.32 -49.82 2.00
C HIS C 512 37.80 -49.00 3.16
N LEU C 513 36.48 -48.83 3.21
CA LEU C 513 35.81 -48.17 4.33
C LEU C 513 35.63 -49.19 5.45
N ASN C 514 36.74 -49.44 6.15
CA ASN C 514 36.74 -50.44 7.20
C ASN C 514 35.83 -50.03 8.36
N GLN C 515 35.83 -48.74 8.69
CA GLN C 515 34.93 -48.22 9.70
C GLN C 515 33.57 -47.94 9.04
N SER C 516 32.69 -47.23 9.75
CA SER C 516 31.31 -47.08 9.29
C SER C 516 31.24 -46.25 8.01
N LYS C 517 31.64 -44.98 8.06
CA LYS C 517 31.35 -44.07 6.95
C LYS C 517 32.47 -43.13 6.55
N SER C 518 33.56 -43.01 7.31
CA SER C 518 34.52 -41.95 7.02
C SER C 518 35.97 -42.40 7.11
N GLY C 519 36.87 -41.44 7.12
CA GLY C 519 38.28 -41.69 7.30
C GLY C 519 39.11 -40.56 6.73
N LEU C 520 40.37 -40.86 6.43
CA LEU C 520 41.27 -39.88 5.87
C LEU C 520 42.39 -40.63 5.16
N PHE C 521 43.10 -39.95 4.27
CA PHE C 521 44.14 -40.59 3.49
C PHE C 521 45.31 -39.65 3.22
N ASN C 522 46.48 -40.25 3.01
CA ASN C 522 47.70 -39.54 2.67
C ASN C 522 48.06 -39.85 1.22
N ILE C 523 48.29 -38.82 0.43
CA ILE C 523 48.51 -39.02 -0.99
C ILE C 523 50.00 -39.03 -1.29
N GLY C 524 50.50 -40.16 -1.77
CA GLY C 524 51.89 -40.33 -2.10
C GLY C 524 52.30 -39.74 -3.43
N LEU C 525 52.18 -38.42 -3.57
CA LEU C 525 52.51 -37.77 -4.83
C LEU C 525 54.01 -37.65 -4.99
N ASN C 526 54.52 -38.09 -6.13
CA ASN C 526 55.94 -37.96 -6.47
C ASN C 526 56.09 -36.66 -7.26
N VAL C 527 56.57 -35.62 -6.57
CA VAL C 527 56.73 -34.31 -7.20
C VAL C 527 57.90 -34.35 -8.17
N THR C 528 57.84 -33.53 -9.21
CA THR C 528 58.87 -33.49 -10.24
C THR C 528 59.08 -32.06 -10.70
N SER C 529 60.29 -31.79 -11.18
CA SER C 529 60.68 -30.45 -11.60
C SER C 529 59.73 -29.88 -12.65
N ASP C 530 59.21 -30.73 -13.54
CA ASP C 530 58.27 -30.28 -14.56
C ASP C 530 57.04 -29.62 -13.97
N LEU C 531 56.66 -30.02 -12.76
CA LEU C 531 55.50 -29.48 -12.09
C LEU C 531 55.80 -28.03 -11.75
N ALA C 532 55.32 -27.13 -12.58
CA ALA C 532 55.62 -25.71 -12.43
C ALA C 532 54.96 -25.19 -11.16
N PRO C 533 55.51 -24.12 -10.58
CA PRO C 533 54.82 -23.45 -9.47
C PRO C 533 53.41 -23.05 -9.88
N GLY C 534 52.58 -22.83 -8.87
CA GLY C 534 51.18 -22.60 -9.14
C GLY C 534 50.54 -23.84 -9.70
N ALA C 535 50.93 -24.99 -9.15
CA ALA C 535 50.40 -26.28 -9.54
C ALA C 535 49.08 -26.52 -8.82
N GLU C 536 48.06 -26.88 -9.57
CA GLU C 536 46.73 -27.11 -9.02
C GLU C 536 46.48 -28.60 -8.88
N LEU C 537 46.04 -28.98 -7.68
CA LEU C 537 45.80 -30.37 -7.33
C LEU C 537 44.31 -30.59 -7.16
N ILE C 538 43.81 -31.71 -7.68
CA ILE C 538 42.39 -31.97 -7.81
C ILE C 538 42.13 -33.39 -7.33
N VAL C 539 41.05 -33.56 -6.58
CA VAL C 539 40.59 -34.88 -6.18
C VAL C 539 39.08 -34.89 -6.36
N TYR C 540 38.53 -36.07 -6.60
CA TYR C 540 37.09 -36.21 -6.72
C TYR C 540 36.66 -37.66 -6.55
N CYS C 541 35.34 -37.84 -6.55
CA CYS C 541 34.73 -39.17 -6.51
C CYS C 541 33.26 -39.07 -6.92
N ILE C 542 32.84 -40.05 -7.72
CA ILE C 542 31.47 -40.16 -8.22
C ILE C 542 30.77 -41.21 -7.37
N LEU C 543 29.62 -40.88 -6.82
CA LEU C 543 29.01 -41.76 -5.83
C LEU C 543 27.97 -42.68 -6.46
N ASP C 544 26.83 -42.13 -6.87
CA ASP C 544 25.92 -42.87 -7.73
C ASP C 544 25.41 -41.97 -8.83
N LEU C 545 25.11 -40.72 -8.48
CA LEU C 545 24.66 -39.75 -9.45
C LEU C 545 25.26 -38.37 -9.19
N GLU C 546 26.29 -38.27 -8.36
CA GLU C 546 26.87 -36.98 -8.04
C GLU C 546 28.38 -37.10 -7.90
N LEU C 547 29.08 -36.12 -8.45
CA LEU C 547 30.53 -36.04 -8.37
C LEU C 547 30.90 -34.96 -7.37
N ILE C 548 31.82 -35.27 -6.48
CA ILE C 548 32.31 -34.30 -5.51
C ILE C 548 33.82 -34.18 -5.68
N ALA C 549 34.32 -32.95 -5.63
CA ALA C 549 35.73 -32.70 -5.86
C ALA C 549 36.25 -31.66 -4.87
N ASP C 550 37.53 -31.75 -4.57
CA ASP C 550 38.22 -30.75 -3.77
C ASP C 550 39.53 -30.40 -4.45
N THR C 551 39.92 -29.14 -4.38
CA THR C 551 41.06 -28.64 -5.12
C THR C 551 41.92 -27.76 -4.22
N ILE C 552 43.20 -27.66 -4.57
CA ILE C 552 44.15 -26.83 -3.87
C ILE C 552 45.11 -26.23 -4.89
N SER C 553 45.75 -25.13 -4.50
CA SER C 553 46.45 -24.22 -5.38
C SER C 553 47.93 -24.16 -5.03
N LEU C 554 48.54 -25.33 -4.89
CA LEU C 554 49.86 -25.41 -4.31
C LEU C 554 50.88 -24.69 -5.19
N ASP C 555 52.03 -24.38 -4.63
CA ASP C 555 53.10 -23.71 -5.34
C ASP C 555 54.36 -24.57 -5.26
N ILE C 556 55.04 -24.72 -6.39
CA ILE C 556 56.15 -25.65 -6.50
C ILE C 556 57.44 -24.87 -6.67
N GLU C 557 58.48 -25.30 -5.97
CA GLU C 557 59.79 -24.69 -6.10
C GLU C 557 60.29 -24.83 -7.52
N LYS C 558 61.32 -24.07 -7.84
CA LYS C 558 61.77 -23.92 -9.22
C LYS C 558 62.95 -24.84 -9.48
N CYS C 559 62.83 -25.69 -10.50
CA CYS C 559 63.90 -26.64 -10.81
C CYS C 559 64.23 -26.75 -12.29
N PHE C 560 63.34 -26.35 -13.20
CA PHE C 560 63.67 -26.19 -14.62
C PHE C 560 64.23 -27.46 -15.25
N GLN C 561 63.83 -28.63 -14.72
CA GLN C 561 64.07 -29.95 -15.30
C GLN C 561 65.53 -30.19 -15.68
N ASN C 562 66.45 -29.34 -15.22
CA ASN C 562 67.83 -29.44 -15.65
C ASN C 562 68.75 -29.40 -14.45
N GLN C 563 69.90 -30.04 -14.60
CA GLN C 563 70.81 -30.28 -13.49
C GLN C 563 72.03 -29.40 -13.65
N VAL C 564 72.37 -28.66 -12.60
CA VAL C 564 73.57 -27.83 -12.59
C VAL C 564 74.37 -28.14 -11.34
N SER C 565 75.66 -28.34 -11.51
CA SER C 565 76.56 -28.64 -10.39
C SER C 565 77.83 -27.81 -10.49
N LEU C 566 77.65 -26.51 -10.71
CA LEU C 566 78.77 -25.58 -10.70
C LEU C 566 79.53 -25.70 -9.38
N SER C 567 80.86 -25.71 -9.46
CA SER C 567 81.65 -25.95 -8.27
C SER C 567 83.00 -25.27 -8.43
N PHE C 568 83.39 -24.51 -7.41
CA PHE C 568 84.70 -23.90 -7.34
C PHE C 568 85.75 -24.95 -6.99
N SER C 569 87.01 -24.66 -7.33
CA SER C 569 88.10 -25.53 -6.93
C SER C 569 88.61 -25.23 -5.51
N ASP C 570 88.63 -23.97 -5.10
CA ASP C 570 89.10 -23.62 -3.76
C ASP C 570 88.46 -22.32 -3.34
N ASP C 571 88.37 -22.11 -2.02
CA ASP C 571 87.59 -21.01 -1.49
C ASP C 571 88.42 -19.78 -1.20
N LEU C 572 89.73 -19.92 -1.06
CA LEU C 572 90.61 -18.82 -0.73
C LEU C 572 91.90 -18.90 -1.53
N GLY C 573 92.64 -17.79 -1.55
CA GLY C 573 93.89 -17.73 -2.25
C GLY C 573 94.42 -16.31 -2.39
N PRO C 574 95.52 -16.15 -3.13
CA PRO C 574 96.08 -14.81 -3.34
C PRO C 574 95.22 -13.99 -4.28
N THR C 575 95.51 -12.70 -4.32
CA THR C 575 94.76 -11.77 -5.14
C THR C 575 95.11 -11.84 -6.61
N ALA C 576 96.10 -12.65 -6.99
CA ALA C 576 96.43 -12.87 -8.39
C ALA C 576 96.38 -14.36 -8.71
N SER C 577 95.60 -15.12 -7.92
CA SER C 577 95.55 -16.57 -8.06
C SER C 577 94.98 -16.98 -9.41
N ASN C 578 95.26 -18.22 -9.78
CA ASN C 578 94.73 -18.84 -10.98
C ASN C 578 93.65 -19.83 -10.54
N VAL C 579 92.40 -19.51 -10.81
CA VAL C 579 91.28 -20.26 -10.24
C VAL C 579 90.67 -21.17 -11.31
N SER C 580 90.20 -22.33 -10.86
CA SER C 580 89.55 -23.32 -11.70
C SER C 580 88.16 -23.64 -11.17
N LEU C 581 87.23 -23.90 -12.08
CA LEU C 581 85.81 -24.03 -11.78
C LEU C 581 85.28 -25.21 -12.56
N ASN C 582 84.91 -26.29 -11.85
CA ASN C 582 84.38 -27.49 -12.48
C ASN C 582 82.86 -27.37 -12.52
N LEU C 583 82.29 -27.38 -13.72
CA LEU C 583 80.86 -27.29 -13.87
C LEU C 583 80.36 -28.49 -14.67
N SER C 584 79.23 -29.04 -14.23
CA SER C 584 78.61 -30.19 -14.84
C SER C 584 77.11 -29.96 -14.99
N ALA C 585 76.57 -30.38 -16.14
CA ALA C 585 75.17 -30.17 -16.47
C ALA C 585 74.78 -31.17 -17.54
N ALA C 586 73.64 -30.94 -18.18
CA ALA C 586 73.16 -31.82 -19.21
C ALA C 586 74.07 -31.75 -20.43
N PRO C 587 74.29 -32.87 -21.12
CA PRO C 587 75.24 -32.88 -22.24
C PRO C 587 74.78 -31.99 -23.38
N GLY C 588 75.77 -31.50 -24.15
CA GLY C 588 75.50 -30.74 -25.36
C GLY C 588 74.72 -29.47 -25.11
N SER C 589 75.12 -28.72 -24.09
CA SER C 589 74.44 -27.49 -23.70
C SER C 589 75.38 -26.31 -23.85
N LEU C 590 74.95 -25.32 -24.63
CA LEU C 590 75.65 -24.04 -24.69
C LEU C 590 75.41 -23.35 -23.34
N CYS C 591 76.49 -23.04 -22.63
CA CYS C 591 76.40 -23.06 -21.18
C CYS C 591 77.11 -21.82 -20.61
N GLY C 592 76.39 -20.73 -20.46
CA GLY C 592 76.97 -19.44 -20.10
C GLY C 592 77.05 -19.26 -18.59
N VAL C 593 77.94 -18.36 -18.17
CA VAL C 593 78.29 -18.20 -16.76
C VAL C 593 78.39 -16.71 -16.42
N LYS C 594 78.69 -16.44 -15.15
CA LYS C 594 78.97 -15.10 -14.66
C LYS C 594 79.49 -15.20 -13.24
N VAL C 595 80.43 -14.32 -12.88
CA VAL C 595 80.93 -14.20 -11.52
C VAL C 595 80.96 -12.71 -11.15
N ILE C 596 80.48 -12.38 -9.96
CA ILE C 596 80.24 -11.00 -9.59
C ILE C 596 80.51 -10.80 -8.11
N ASP C 597 80.85 -9.56 -7.76
CA ASP C 597 80.91 -9.15 -6.36
C ASP C 597 79.53 -9.27 -5.72
N SER C 598 79.51 -9.64 -4.44
CA SER C 598 78.26 -9.69 -3.69
C SER C 598 77.73 -8.30 -3.37
N SER C 599 78.61 -7.30 -3.26
CA SER C 599 78.20 -5.99 -2.79
C SER C 599 77.04 -5.43 -3.59
N LEU C 600 76.99 -5.72 -4.89
CA LEU C 600 75.89 -5.25 -5.72
C LEU C 600 74.57 -5.82 -5.21
N LEU C 601 74.57 -7.09 -4.84
CA LEU C 601 73.39 -7.67 -4.20
C LEU C 601 73.14 -7.05 -2.83
N LEU C 602 74.20 -6.83 -2.05
CA LEU C 602 74.06 -6.20 -0.75
C LEU C 602 73.37 -4.85 -0.82
N ILE C 603 73.57 -4.11 -1.90
CA ILE C 603 72.86 -2.86 -2.13
C ILE C 603 71.47 -3.11 -2.69
N ASN C 604 71.40 -3.73 -3.86
CA ASN C 604 70.13 -4.07 -4.51
C ASN C 604 70.12 -5.57 -4.77
N PRO C 605 69.49 -6.34 -3.90
CA PRO C 605 69.32 -7.78 -4.13
C PRO C 605 68.18 -8.09 -5.10
N TYR C 606 68.13 -7.34 -6.20
CA TYR C 606 67.17 -7.52 -7.29
C TYR C 606 67.94 -7.78 -8.57
N GLU C 607 68.00 -9.04 -8.99
CA GLU C 607 68.66 -9.37 -10.24
C GLU C 607 67.63 -9.61 -11.34
N SER C 608 67.96 -9.16 -12.55
CA SER C 608 67.15 -9.53 -13.71
C SER C 608 67.44 -10.97 -14.10
N LEU C 609 66.55 -11.53 -14.92
CA LEU C 609 66.64 -12.93 -15.31
C LEU C 609 66.65 -13.84 -14.08
N SER C 610 65.54 -13.81 -13.36
CA SER C 610 65.37 -14.62 -12.17
C SER C 610 64.42 -15.78 -12.45
N ALA C 611 64.62 -16.87 -11.72
CA ALA C 611 63.80 -18.07 -11.86
C ALA C 611 62.35 -17.74 -11.57
N SER C 612 62.12 -16.78 -10.67
CA SER C 612 60.78 -16.29 -10.42
C SER C 612 60.27 -15.37 -11.51
N GLY C 613 61.10 -14.45 -12.00
CA GLY C 613 60.64 -13.55 -13.04
C GLY C 613 60.25 -14.29 -14.31
N VAL C 614 61.02 -15.31 -14.67
CA VAL C 614 60.75 -16.03 -15.91
C VAL C 614 59.42 -16.76 -15.81
N TYR C 615 59.18 -17.46 -14.71
CA TYR C 615 57.91 -18.14 -14.53
C TYR C 615 56.77 -17.15 -14.45
N TYR C 616 56.96 -16.05 -13.74
CA TYR C 616 55.93 -15.03 -13.66
C TYR C 616 55.67 -14.37 -15.01
N SER C 617 56.62 -14.42 -15.91
CA SER C 617 56.45 -13.89 -17.26
C SER C 617 55.95 -14.96 -18.20
N ILE C 618 54.89 -15.64 -17.75
CA ILE C 618 54.29 -16.72 -18.53
C ILE C 618 52.78 -16.57 -18.47
N PRO C 619 52.12 -16.21 -19.57
CA PRO C 619 50.68 -16.00 -19.52
C PRO C 619 49.94 -17.32 -19.52
N TYR C 620 48.88 -17.37 -18.72
CA TYR C 620 47.96 -18.50 -18.67
C TYR C 620 48.67 -19.76 -18.19
N LEU C 621 49.68 -19.53 -17.36
CA LEU C 621 50.15 -20.54 -16.42
C LEU C 621 49.14 -20.77 -15.31
N SER C 622 48.23 -19.82 -15.11
CA SER C 622 47.20 -19.91 -14.09
C SER C 622 45.88 -19.52 -14.74
N LEU C 623 44.98 -20.47 -14.85
CA LEU C 623 43.69 -20.16 -15.45
C LEU C 623 42.64 -19.97 -14.36
N PHE C 624 41.78 -18.99 -14.57
CA PHE C 624 40.78 -18.64 -13.58
C PHE C 624 39.36 -18.93 -14.05
N GLY C 625 38.93 -18.35 -15.18
CA GLY C 625 37.54 -18.44 -15.56
C GLY C 625 37.29 -19.21 -16.85
N TYR C 626 36.19 -18.89 -17.53
CA TYR C 626 35.89 -19.46 -18.84
C TYR C 626 35.75 -18.41 -19.93
N ASN C 627 35.47 -17.16 -19.58
CA ASN C 627 35.32 -16.08 -20.57
C ASN C 627 36.71 -15.60 -20.96
N TYR C 628 37.23 -16.15 -22.05
CA TYR C 628 38.60 -15.87 -22.48
C TYR C 628 38.58 -15.37 -23.91
N GLY C 629 39.21 -14.22 -24.13
CA GLY C 629 39.31 -13.66 -25.48
C GLY C 629 37.97 -13.37 -26.12
N GLY C 630 37.04 -12.81 -25.36
CA GLY C 630 35.71 -12.56 -25.90
C GLY C 630 34.93 -13.81 -26.19
N PHE C 631 35.44 -14.98 -25.79
CA PHE C 631 34.76 -16.25 -25.95
C PHE C 631 34.20 -16.66 -24.60
N ASN C 632 32.89 -16.89 -24.53
CA ASN C 632 32.27 -17.22 -23.26
C ASN C 632 32.50 -18.68 -22.88
N LEU C 633 32.03 -19.60 -23.72
CA LEU C 633 32.13 -21.05 -23.52
C LEU C 633 31.26 -21.56 -22.37
N GLU C 634 30.48 -20.70 -21.71
CA GLU C 634 29.60 -21.18 -20.66
C GLU C 634 28.29 -21.68 -21.24
N GLU C 635 27.85 -22.85 -20.77
CA GLU C 635 26.56 -23.36 -21.18
C GLU C 635 25.45 -22.67 -20.37
N PRO C 636 24.26 -22.57 -20.92
CA PRO C 636 23.18 -21.87 -20.21
C PRO C 636 22.71 -22.62 -18.98
N GLU C 637 22.13 -21.86 -18.06
CA GLU C 637 21.62 -22.42 -16.82
C GLU C 637 20.36 -23.25 -17.10
N PRO C 638 20.08 -24.24 -16.26
CA PRO C 638 18.86 -25.05 -16.43
C PRO C 638 17.64 -24.29 -15.93
N PRO C 639 16.44 -24.80 -16.17
CA PRO C 639 15.23 -24.08 -15.77
C PRO C 639 15.13 -23.91 -14.27
N CYS C 640 14.37 -22.89 -13.86
CA CYS C 640 14.20 -22.52 -12.46
C CYS C 640 12.99 -23.24 -11.88
N GLU C 641 12.83 -23.16 -10.57
CA GLU C 641 11.70 -23.79 -9.88
C GLU C 641 10.70 -22.76 -9.40
N ASP C 642 9.44 -23.19 -9.25
CA ASP C 642 8.37 -22.32 -8.80
C ASP C 642 8.47 -22.04 -7.31
N PRO C 643 8.01 -20.88 -6.88
CA PRO C 643 8.14 -20.50 -5.47
C PRO C 643 6.94 -20.85 -4.60
N ASN C 644 6.08 -21.76 -5.04
CA ASN C 644 4.87 -22.04 -4.29
C ASN C 644 4.49 -23.51 -4.19
N THR C 645 5.28 -24.41 -4.75
CA THR C 645 4.96 -25.84 -4.66
C THR C 645 5.17 -26.28 -3.23
N VAL C 646 4.14 -26.93 -2.65
CA VAL C 646 4.21 -27.32 -1.26
C VAL C 646 4.38 -28.83 -1.16
N ILE C 647 5.41 -29.25 -0.45
CA ILE C 647 5.72 -30.67 -0.30
C ILE C 647 5.84 -31.01 1.18
N PHE C 648 5.24 -32.13 1.55
CA PHE C 648 5.38 -32.71 2.87
C PHE C 648 6.18 -33.99 2.79
N CYS C 649 7.07 -34.22 3.77
CA CYS C 649 7.84 -35.46 3.81
C CYS C 649 7.51 -36.30 5.04
N LYS C 650 7.79 -35.80 6.24
CA LYS C 650 7.58 -36.59 7.44
C LYS C 650 6.83 -35.86 8.54
N GLY C 651 7.08 -34.58 8.75
CA GLY C 651 6.43 -33.83 9.81
C GLY C 651 5.58 -32.71 9.26
N ARG C 652 6.15 -31.52 9.31
CA ARG C 652 5.45 -30.30 8.95
C ARG C 652 5.36 -30.16 7.44
N TYR C 653 4.80 -29.04 6.98
CA TYR C 653 4.50 -28.82 5.57
C TYR C 653 5.36 -27.68 5.07
N TYR C 654 6.06 -27.88 3.95
CA TYR C 654 7.28 -27.15 3.68
C TYR C 654 7.24 -26.48 2.30
N LEU C 655 7.92 -25.31 2.20
CA LEU C 655 8.06 -24.53 0.98
C LEU C 655 9.54 -24.31 0.65
N PRO C 656 9.84 -24.18 -0.63
CA PRO C 656 11.23 -23.99 -1.07
C PRO C 656 11.85 -22.72 -0.51
N VAL C 657 13.17 -22.77 -0.40
CA VAL C 657 13.98 -21.58 -0.15
C VAL C 657 15.42 -21.93 -0.46
N SER C 658 16.19 -20.95 -0.91
CA SER C 658 17.58 -21.18 -1.27
C SER C 658 18.37 -19.88 -1.10
N SER C 659 19.69 -20.01 -0.99
CA SER C 659 20.56 -18.86 -1.00
C SER C 659 21.33 -18.75 -2.31
N SER C 660 21.35 -17.55 -2.85
CA SER C 660 22.21 -17.29 -4.00
C SER C 660 23.67 -17.54 -3.66
N THR C 661 24.16 -16.95 -2.59
CA THR C 661 25.56 -16.98 -2.24
C THR C 661 25.85 -18.29 -1.53
N GLU C 662 26.12 -19.34 -2.30
CA GLU C 662 26.61 -20.60 -1.77
C GLU C 662 27.65 -21.15 -2.72
N GLY C 663 28.00 -22.42 -2.54
CA GLY C 663 29.00 -23.05 -3.39
C GLY C 663 28.63 -24.44 -3.86
N ASP C 664 28.96 -24.73 -5.12
CA ASP C 664 28.72 -26.04 -5.71
C ASP C 664 30.04 -26.51 -6.32
N THR C 665 30.09 -27.77 -6.74
CA THR C 665 31.25 -28.24 -7.49
C THR C 665 31.36 -27.50 -8.81
N TYR C 666 30.22 -27.02 -9.34
CA TYR C 666 30.23 -26.18 -10.52
C TYR C 666 31.05 -24.91 -10.31
N GLN C 667 30.92 -24.27 -9.15
CA GLN C 667 31.81 -23.16 -8.84
C GLN C 667 33.16 -23.62 -8.29
N ASN C 668 33.26 -24.85 -7.82
CA ASN C 668 34.58 -25.39 -7.50
C ASN C 668 35.46 -25.41 -8.73
N LEU C 669 34.96 -25.99 -9.81
CA LEU C 669 35.53 -25.81 -11.11
C LEU C 669 35.09 -24.43 -11.62
N ARG C 670 35.46 -24.09 -12.85
CA ARG C 670 35.28 -22.74 -13.38
C ARG C 670 36.13 -21.73 -12.62
N ARG C 671 36.86 -22.16 -11.61
CA ARG C 671 37.89 -21.41 -10.94
C ARG C 671 39.27 -21.85 -11.38
N VAL C 672 39.44 -23.14 -11.66
CA VAL C 672 40.66 -23.62 -12.30
C VAL C 672 40.57 -23.46 -13.80
N GLY C 673 39.49 -23.92 -14.41
CA GLY C 673 39.34 -23.86 -15.85
C GLY C 673 39.09 -25.19 -16.54
N LEU C 674 39.13 -26.30 -15.82
CA LEU C 674 38.79 -27.60 -16.38
C LEU C 674 37.32 -27.60 -16.80
N VAL C 675 36.96 -28.56 -17.64
CA VAL C 675 35.56 -28.76 -18.01
C VAL C 675 35.23 -30.24 -17.97
N LEU C 676 34.04 -30.54 -17.45
CA LEU C 676 33.46 -31.88 -17.44
C LEU C 676 32.06 -31.82 -18.03
N GLY C 677 31.58 -32.98 -18.47
CA GLY C 677 30.26 -33.03 -19.05
C GLY C 677 29.48 -34.27 -18.63
N THR C 678 29.84 -34.84 -17.49
CA THR C 678 29.19 -36.06 -17.03
C THR C 678 27.70 -35.82 -16.83
N SER C 679 26.91 -36.85 -17.16
CA SER C 679 25.46 -36.71 -17.17
C SER C 679 24.91 -36.43 -15.77
N SER C 680 25.69 -36.68 -14.73
CA SER C 680 25.23 -36.46 -13.37
C SER C 680 25.10 -34.98 -13.07
N LYS C 681 24.30 -34.66 -12.06
CA LYS C 681 24.14 -33.29 -11.61
C LYS C 681 25.47 -32.77 -11.06
N ILE C 682 25.77 -31.50 -11.33
CA ILE C 682 26.81 -30.78 -10.61
C ILE C 682 26.28 -29.41 -10.20
N ARG C 683 25.27 -28.91 -10.89
CA ARG C 683 24.74 -27.60 -10.60
C ARG C 683 23.63 -27.69 -9.57
N LYS C 684 23.66 -26.79 -8.60
CA LYS C 684 22.68 -26.79 -7.54
C LYS C 684 21.34 -26.26 -8.02
N PRO C 685 20.25 -26.97 -7.74
CA PRO C 685 18.93 -26.49 -8.15
C PRO C 685 18.51 -25.25 -7.39
N VAL C 686 18.15 -24.22 -8.15
CA VAL C 686 17.87 -22.90 -7.59
C VAL C 686 16.44 -22.52 -7.93
N VAL C 687 15.63 -22.34 -6.90
CA VAL C 687 14.25 -21.94 -7.07
C VAL C 687 14.20 -20.45 -7.35
N CYS C 688 13.14 -20.02 -8.01
CA CYS C 688 13.00 -18.63 -8.41
C CYS C 688 12.85 -17.71 -7.19
N GLY C 689 13.13 -16.44 -7.40
CA GLY C 689 12.94 -15.42 -6.39
C GLY C 689 14.20 -14.97 -5.68
N MET C 690 15.23 -15.79 -5.65
CA MET C 690 16.48 -15.49 -4.96
C MET C 690 17.70 -15.81 -5.82
N GLU C 691 17.70 -15.32 -7.05
CA GLU C 691 18.75 -15.63 -8.02
C GLU C 691 20.02 -14.84 -7.69
N ALA C 692 20.99 -14.87 -8.61
CA ALA C 692 22.36 -14.45 -8.29
C ALA C 692 22.41 -12.97 -7.90
N LYS C 693 21.88 -12.09 -8.74
CA LYS C 693 21.93 -10.63 -8.57
C LYS C 693 23.23 -10.16 -7.95
N PHE C 694 23.13 -9.29 -6.94
CA PHE C 694 24.24 -8.93 -6.05
C PHE C 694 25.43 -8.34 -6.78
N SER C 695 25.18 -7.52 -7.80
CA SER C 695 26.24 -6.87 -8.56
C SER C 695 27.28 -7.87 -9.07
N VAL C 696 28.54 -7.65 -8.73
CA VAL C 696 29.62 -8.55 -9.13
C VAL C 696 30.58 -8.74 -7.95
N PRO C 697 30.44 -9.83 -7.20
CA PRO C 697 31.31 -10.03 -6.04
C PRO C 697 32.71 -10.48 -6.41
N ARG C 698 33.56 -9.54 -6.80
CA ARG C 698 34.95 -9.85 -7.16
C ARG C 698 35.88 -9.10 -6.22
N LYS C 699 36.37 -9.80 -5.22
CA LYS C 699 37.37 -9.27 -4.29
C LYS C 699 38.75 -9.55 -4.88
N SER C 700 39.80 -9.44 -4.04
CA SER C 700 41.16 -9.69 -4.51
C SER C 700 41.29 -11.03 -5.22
N SER C 701 40.77 -12.09 -4.60
CA SER C 701 40.68 -13.42 -5.22
C SER C 701 42.06 -13.91 -5.69
N GLY C 702 42.95 -14.04 -4.72
CA GLY C 702 44.29 -14.53 -5.01
C GLY C 702 45.41 -13.97 -4.16
N GLU C 703 45.21 -12.77 -3.60
CA GLU C 703 46.21 -12.13 -2.73
C GLU C 703 47.53 -11.93 -3.46
N SER C 704 47.53 -11.05 -4.44
CA SER C 704 48.68 -10.84 -5.30
C SER C 704 49.81 -10.14 -4.56
N ASP C 705 51.05 -10.48 -4.93
CA ASP C 705 52.25 -9.81 -4.43
C ASP C 705 53.17 -9.33 -5.53
N PHE C 706 52.96 -9.77 -6.77
CA PHE C 706 53.78 -9.37 -7.90
C PHE C 706 53.49 -7.91 -8.26
N GLY C 707 54.48 -7.26 -8.88
CA GLY C 707 54.32 -5.87 -9.28
C GLY C 707 55.46 -5.27 -10.05
N SER C 708 55.62 -3.95 -9.94
CA SER C 708 56.65 -3.22 -10.68
C SER C 708 57.34 -2.26 -9.72
N SER C 709 58.16 -1.36 -10.26
CA SER C 709 58.91 -0.37 -9.49
C SER C 709 59.87 -1.05 -8.52
N LEU C 710 59.32 -1.77 -7.53
CA LEU C 710 60.07 -2.67 -6.65
C LEU C 710 61.27 -1.98 -5.99
N SER C 711 61.11 -0.70 -5.64
CA SER C 711 62.19 0.00 -4.97
C SER C 711 61.61 1.10 -4.08
N ASN C 712 62.00 1.07 -2.81
CA ASN C 712 61.73 2.15 -1.87
C ASN C 712 62.91 3.12 -1.90
N GLY C 713 62.96 4.02 -0.92
CA GLY C 713 64.06 4.95 -0.85
C GLY C 713 65.38 4.26 -0.58
N HIS C 714 65.58 3.80 0.66
CA HIS C 714 66.76 3.05 1.08
C HIS C 714 68.05 3.58 0.46
N VAL C 715 68.37 4.85 0.71
CA VAL C 715 69.49 5.48 0.02
C VAL C 715 70.81 5.05 0.65
N GLU C 716 71.35 3.92 0.18
CA GLU C 716 72.72 3.52 0.49
C GLU C 716 73.55 3.72 -0.77
N THR C 717 74.05 4.94 -0.95
CA THR C 717 74.89 5.23 -2.10
C THR C 717 76.13 4.36 -2.08
N LEU C 718 76.67 4.12 -3.27
CA LEU C 718 77.78 3.19 -3.45
C LEU C 718 78.96 3.55 -2.56
N ARG C 719 79.49 2.55 -1.86
CA ARG C 719 80.50 2.74 -0.84
C ARG C 719 81.72 1.86 -1.06
N LYS C 720 81.90 1.33 -2.27
CA LYS C 720 82.93 0.34 -2.50
C LYS C 720 83.58 0.57 -3.86
N ASN C 721 84.88 0.26 -3.93
CA ASN C 721 85.60 0.22 -5.20
C ASN C 721 85.49 -1.18 -5.78
N PHE C 722 84.24 -1.58 -6.01
CA PHE C 722 83.95 -2.91 -6.53
C PHE C 722 84.59 -3.10 -7.90
N SER C 723 85.07 -4.31 -8.14
CA SER C 723 85.73 -4.63 -9.38
C SER C 723 84.70 -4.89 -10.47
N GLU C 724 85.16 -5.31 -11.64
CA GLU C 724 84.29 -5.72 -12.72
C GLU C 724 84.15 -7.24 -12.74
N THR C 725 83.12 -7.70 -13.44
CA THR C 725 82.96 -9.14 -13.63
C THR C 725 84.05 -9.64 -14.57
N PHE C 726 85.05 -10.30 -14.00
CA PHE C 726 86.25 -10.68 -14.71
C PHE C 726 86.04 -11.85 -15.67
N LEU C 727 84.87 -12.49 -15.65
CA LEU C 727 84.61 -13.58 -16.59
C LEU C 727 83.24 -13.39 -17.21
N TRP C 728 83.15 -13.66 -18.51
CA TRP C 728 81.90 -13.54 -19.24
C TRP C 728 81.80 -14.58 -20.34
N ARG C 729 82.52 -15.70 -20.24
CA ARG C 729 82.60 -16.59 -21.40
C ARG C 729 81.33 -17.41 -21.56
N LEU C 730 81.22 -18.05 -22.72
CA LEU C 730 80.00 -18.74 -23.10
C LEU C 730 80.28 -20.18 -23.53
N VAL C 731 81.08 -20.90 -22.73
CA VAL C 731 81.51 -22.24 -23.10
C VAL C 731 80.30 -23.15 -23.20
N SER C 732 80.44 -24.23 -23.98
CA SER C 732 79.40 -25.23 -24.13
C SER C 732 79.73 -26.46 -23.29
N VAL C 733 78.78 -27.38 -23.20
CA VAL C 733 78.93 -28.58 -22.40
C VAL C 733 79.64 -29.65 -23.22
N ASP C 734 80.62 -30.29 -22.62
CA ASP C 734 81.44 -31.29 -23.26
C ASP C 734 81.12 -32.67 -22.70
N SER C 735 80.69 -33.57 -23.58
CA SER C 735 80.38 -34.96 -23.19
C SER C 735 79.36 -34.90 -22.05
N GLU C 736 79.56 -35.67 -20.99
CA GLU C 736 78.67 -35.59 -19.83
C GLU C 736 78.69 -34.19 -19.22
N GLY C 737 79.79 -33.46 -19.38
CA GLY C 737 79.90 -32.13 -18.84
C GLY C 737 80.84 -32.05 -17.67
N GLN C 738 82.07 -31.62 -17.92
CA GLN C 738 83.07 -31.39 -16.88
C GLN C 738 83.88 -30.14 -17.20
N ASN C 739 83.20 -29.07 -17.61
CA ASN C 739 83.90 -27.90 -18.11
C ASN C 739 84.69 -27.23 -17.00
N THR C 740 85.89 -26.77 -17.35
CA THR C 740 86.83 -26.20 -16.40
C THR C 740 87.03 -24.73 -16.76
N ILE C 741 86.41 -23.83 -16.01
CA ILE C 741 86.64 -22.40 -16.18
C ILE C 741 87.90 -22.00 -15.42
N THR C 742 88.91 -21.53 -16.15
CA THR C 742 90.18 -21.15 -15.56
C THR C 742 90.40 -19.66 -15.81
N GLU C 743 90.63 -18.91 -14.75
CA GLU C 743 90.80 -17.47 -14.86
C GLU C 743 91.95 -17.04 -13.95
N THR C 744 92.42 -15.81 -14.15
CA THR C 744 93.37 -15.18 -13.23
C THR C 744 92.71 -13.96 -12.63
N VAL C 745 92.79 -13.83 -11.31
CA VAL C 745 92.00 -12.86 -10.56
C VAL C 745 92.73 -11.53 -10.42
N PRO C 746 92.04 -10.40 -10.61
CA PRO C 746 92.66 -9.10 -10.37
C PRO C 746 92.84 -8.76 -8.90
N ASP C 747 93.35 -7.57 -8.63
CA ASP C 747 93.88 -7.22 -7.31
C ASP C 747 92.82 -7.04 -6.23
N THR C 748 91.64 -6.54 -6.55
CA THR C 748 90.70 -6.12 -5.51
C THR C 748 90.29 -7.30 -4.63
N ILE C 749 90.11 -7.04 -3.34
CA ILE C 749 89.79 -8.07 -2.36
C ILE C 749 88.30 -7.92 -2.06
N THR C 750 87.50 -8.82 -2.61
CA THR C 750 86.05 -8.72 -2.55
C THR C 750 85.45 -10.12 -2.48
N LYS C 751 84.18 -10.22 -2.83
CA LYS C 751 83.48 -11.49 -2.98
C LYS C 751 83.32 -11.81 -4.47
N TRP C 752 83.20 -13.09 -4.79
CA TRP C 752 83.11 -13.50 -6.19
C TRP C 752 82.03 -14.55 -6.40
N GLN C 753 80.82 -14.27 -5.92
CA GLN C 753 79.73 -15.21 -6.11
C GLN C 753 79.45 -15.41 -7.58
N GLY C 754 79.38 -16.67 -7.99
CA GLY C 754 79.21 -17.03 -9.38
C GLY C 754 77.95 -17.81 -9.64
N SER C 755 77.25 -17.46 -10.71
CA SER C 755 76.07 -18.16 -11.17
C SER C 755 76.24 -18.47 -12.66
N MET C 756 75.27 -19.16 -13.22
CA MET C 756 75.37 -19.63 -14.59
C MET C 756 74.03 -20.20 -15.03
N PHE C 757 73.84 -20.21 -16.35
CA PHE C 757 72.66 -20.79 -16.98
C PHE C 757 73.14 -21.58 -18.18
N CYS C 758 72.58 -22.76 -18.38
CA CYS C 758 73.23 -23.76 -19.23
C CYS C 758 72.17 -24.35 -20.15
N VAL C 759 71.97 -23.71 -21.31
CA VAL C 759 70.82 -24.01 -22.16
C VAL C 759 71.13 -25.18 -23.08
N SER C 760 70.09 -25.95 -23.39
CA SER C 760 70.21 -27.09 -24.28
C SER C 760 68.87 -27.30 -25.00
N GLU C 761 68.87 -27.09 -26.31
CA GLU C 761 67.66 -27.12 -27.12
C GLU C 761 66.74 -28.29 -26.79
N LYS C 762 67.30 -29.47 -26.51
CA LYS C 762 66.48 -30.65 -26.31
C LYS C 762 65.61 -30.54 -25.07
N GLU C 763 66.11 -29.92 -24.01
CA GLU C 763 65.36 -29.84 -22.76
C GLU C 763 65.23 -28.43 -22.23
N GLY C 764 66.20 -27.56 -22.51
CA GLY C 764 66.18 -26.21 -22.05
C GLY C 764 67.40 -25.92 -21.20
N PHE C 765 67.16 -25.47 -19.96
CA PHE C 765 68.24 -25.13 -19.05
C PHE C 765 67.75 -25.14 -17.62
N GLY C 766 68.69 -25.03 -16.68
CA GLY C 766 68.38 -24.86 -15.28
C GLY C 766 69.23 -23.77 -14.66
N ILE C 767 68.59 -22.79 -14.01
CA ILE C 767 69.33 -21.72 -13.38
C ILE C 767 69.96 -22.22 -12.08
N THR C 768 71.03 -21.57 -11.65
CA THR C 768 71.64 -21.87 -10.36
C THR C 768 70.72 -21.40 -9.23
N LYS C 769 70.85 -22.08 -8.09
CA LYS C 769 70.11 -21.69 -6.90
C LYS C 769 71.02 -21.11 -5.84
N TYR C 770 72.09 -21.82 -5.49
CA TYR C 770 73.10 -21.36 -4.53
C TYR C 770 74.36 -21.00 -5.33
N SER C 771 74.64 -19.71 -5.43
CA SER C 771 75.82 -19.28 -6.18
C SER C 771 77.09 -19.77 -5.50
N ALA C 772 78.09 -20.10 -6.32
CA ALA C 772 79.40 -20.43 -5.79
C ALA C 772 79.98 -19.21 -5.10
N ASN C 773 80.64 -19.43 -3.98
CA ASN C 773 81.15 -18.36 -3.15
C ASN C 773 82.67 -18.43 -3.08
N PHE C 774 83.33 -17.33 -3.45
CA PHE C 774 84.79 -17.30 -3.47
C PHE C 774 85.31 -16.00 -2.88
N THR C 775 86.44 -16.11 -2.19
CA THR C 775 87.16 -14.99 -1.63
C THR C 775 88.65 -15.22 -1.83
N SER C 776 89.39 -14.14 -2.09
CA SER C 776 90.84 -14.18 -2.17
C SER C 776 91.39 -13.20 -1.16
N PHE C 777 92.61 -13.43 -0.69
CA PHE C 777 93.13 -12.62 0.40
C PHE C 777 94.65 -12.65 0.38
N LEU C 778 95.23 -11.71 1.10
CA LEU C 778 96.64 -11.66 1.45
C LEU C 778 96.79 -11.52 2.95
N PRO C 779 97.53 -12.44 3.60
CA PRO C 779 97.70 -12.33 5.06
C PRO C 779 98.53 -11.13 5.49
N PHE C 780 99.18 -10.44 4.57
CA PHE C 780 99.98 -9.27 4.90
C PHE C 780 99.59 -8.11 4.00
N PHE C 781 99.35 -6.95 4.61
CA PHE C 781 99.06 -5.73 3.87
C PHE C 781 100.11 -4.66 4.17
N VAL C 782 100.57 -4.00 3.12
CA VAL C 782 101.42 -2.82 3.24
C VAL C 782 100.81 -1.71 2.39
N GLU C 783 100.62 -0.54 2.99
CA GLU C 783 99.94 0.55 2.29
C GLU C 783 100.62 1.86 2.60
N LEU C 784 100.59 2.76 1.62
CA LEU C 784 101.34 4.02 1.66
C LEU C 784 100.39 5.20 1.47
N SER C 785 100.73 6.32 2.09
CA SER C 785 99.93 7.54 2.01
C SER C 785 100.78 8.68 1.49
N LEU C 786 100.45 9.19 0.32
CA LEU C 786 101.12 10.34 -0.26
C LEU C 786 100.13 11.23 -0.98
N PRO C 787 100.43 12.52 -1.07
CA PRO C 787 99.56 13.42 -1.85
C PRO C 787 99.78 13.26 -3.34
N TYR C 788 98.91 13.92 -4.09
CA TYR C 788 99.04 13.93 -5.55
C TYR C 788 100.28 14.68 -6.00
N SER C 789 100.46 15.91 -5.51
CA SER C 789 101.52 16.78 -6.00
C SER C 789 102.13 17.54 -4.84
N LEU C 790 103.37 17.98 -5.04
CA LEU C 790 104.10 18.69 -4.00
C LEU C 790 104.92 19.81 -4.62
N THR C 791 105.52 20.64 -3.76
CA THR C 791 106.37 21.75 -4.16
C THR C 791 107.79 21.53 -3.64
N ARG C 792 108.77 21.98 -4.41
CA ARG C 792 110.17 21.68 -4.14
C ARG C 792 110.64 22.30 -2.83
N GLU C 793 111.48 21.56 -2.12
CA GLU C 793 111.96 21.90 -0.77
C GLU C 793 110.79 22.16 0.19
N GLU C 794 110.00 21.11 0.40
CA GLU C 794 108.97 21.10 1.43
C GLU C 794 109.06 19.82 2.23
N ILE C 795 109.12 19.93 3.55
CA ILE C 795 109.21 18.76 4.41
C ILE C 795 107.80 18.18 4.55
N LEU C 796 107.64 16.92 4.17
CA LEU C 796 106.37 16.23 4.30
C LEU C 796 106.53 15.03 5.21
N VAL C 797 105.55 14.80 6.07
CA VAL C 797 105.51 13.65 6.96
C VAL C 797 104.59 12.60 6.32
N MET C 798 105.17 11.47 5.94
CA MET C 798 104.45 10.44 5.22
C MET C 798 104.10 9.29 6.16
N LYS C 799 102.90 8.74 5.97
CA LYS C 799 102.34 7.73 6.87
C LYS C 799 102.19 6.43 6.10
N ALA C 800 102.72 5.34 6.66
CA ALA C 800 102.63 4.01 6.08
C ALA C 800 101.95 3.09 7.09
N PHE C 801 101.05 2.25 6.60
CA PHE C 801 100.32 1.32 7.45
C PHE C 801 100.69 -0.11 7.09
N VAL C 802 101.01 -0.90 8.12
CA VAL C 802 101.35 -2.31 7.97
C VAL C 802 100.32 -3.14 8.74
N SER C 803 99.76 -4.13 8.07
CA SER C 803 98.69 -4.94 8.65
C SER C 803 99.05 -6.41 8.56
N ASN C 804 98.90 -7.10 9.69
CA ASN C 804 99.05 -8.54 9.77
C ASN C 804 97.70 -9.17 10.05
N TYR C 805 97.32 -10.17 9.24
CA TYR C 805 96.14 -10.98 9.50
C TYR C 805 96.49 -12.43 9.77
N LEU C 806 97.75 -12.74 10.07
CA LEU C 806 98.08 -14.08 10.50
C LEU C 806 97.40 -14.37 11.84
N GLU C 807 97.04 -15.64 12.03
CA GLU C 807 96.31 -16.03 13.24
C GLU C 807 97.09 -15.75 14.51
N GLU C 808 98.39 -15.57 14.41
CA GLU C 808 99.23 -15.30 15.58
C GLU C 808 100.03 -14.02 15.37
N CYS C 809 100.46 -13.43 16.46
CA CYS C 809 101.17 -12.15 16.42
C CYS C 809 102.60 -12.34 15.92
N ILE C 810 103.05 -11.42 15.07
CA ILE C 810 104.32 -11.53 14.36
C ILE C 810 105.13 -10.25 14.55
N LYS C 811 106.36 -10.28 14.06
CA LYS C 811 107.24 -9.12 14.05
C LYS C 811 107.72 -8.83 12.63
N ILE C 812 108.13 -7.57 12.43
CA ILE C 812 108.34 -7.02 11.10
C ILE C 812 109.10 -5.72 11.24
N ILE C 813 109.93 -5.40 10.24
CA ILE C 813 110.51 -4.08 10.13
C ILE C 813 110.23 -3.54 8.74
N VAL C 814 110.12 -2.21 8.64
CA VAL C 814 109.79 -1.53 7.40
C VAL C 814 110.92 -0.58 7.05
N THR C 815 111.39 -0.64 5.81
CA THR C 815 112.49 0.19 5.36
C THR C 815 112.08 0.97 4.12
N LEU C 816 112.47 2.25 4.10
CA LEU C 816 112.35 3.09 2.93
C LEU C 816 113.75 3.26 2.34
N GLN C 817 113.91 2.85 1.10
CA GLN C 817 115.23 2.89 0.48
C GLN C 817 115.59 4.32 0.12
N PRO C 818 116.70 4.85 0.64
CA PRO C 818 117.06 6.24 0.34
C PRO C 818 117.44 6.44 -1.12
N SER C 819 117.23 7.65 -1.61
CA SER C 819 117.56 7.98 -2.99
C SER C 819 118.23 9.35 -3.02
N ALA C 820 118.81 9.66 -4.17
CA ALA C 820 119.65 10.85 -4.30
C ALA C 820 118.92 12.07 -4.85
N ASP C 821 117.96 11.87 -5.77
CA ASP C 821 117.29 13.02 -6.37
C ASP C 821 116.59 13.86 -5.30
N PHE C 822 115.89 13.21 -4.39
CA PHE C 822 115.32 13.86 -3.22
C PHE C 822 116.14 13.47 -2.00
N GLU C 823 116.23 14.38 -1.04
CA GLU C 823 116.89 14.07 0.22
C GLU C 823 115.91 13.43 1.18
N VAL C 824 116.35 12.37 1.84
CA VAL C 824 115.52 11.62 2.80
C VAL C 824 115.98 12.02 4.20
N ILE C 825 115.02 12.38 5.04
CA ILE C 825 115.33 12.88 6.38
C ILE C 825 115.22 11.74 7.38
N PRO C 826 116.33 11.29 7.98
CA PRO C 826 116.26 10.20 8.96
C PRO C 826 115.55 10.59 10.23
N GLN C 827 114.38 9.98 10.48
CA GLN C 827 113.61 10.28 11.68
C GLN C 827 114.15 9.61 12.92
N ASP C 828 115.06 8.64 12.78
CA ASP C 828 115.67 7.94 13.91
C ASP C 828 114.61 7.21 14.74
N VAL C 829 113.55 6.77 14.09
CA VAL C 829 112.49 5.99 14.73
C VAL C 829 112.65 4.55 14.29
N LYS C 830 112.69 3.63 15.26
CA LYS C 830 113.01 2.24 14.94
C LYS C 830 112.43 1.35 16.04
N GLN C 831 111.36 0.62 15.72
CA GLN C 831 110.75 -0.31 16.64
C GLN C 831 110.18 -1.49 15.87
N ASP C 832 110.54 -2.71 16.29
CA ASP C 832 109.94 -3.93 15.75
C ASP C 832 108.67 -4.22 16.56
N GLN C 833 107.61 -3.51 16.21
CA GLN C 833 106.33 -3.71 16.88
C GLN C 833 105.80 -5.10 16.56
N CYS C 834 105.41 -5.83 17.61
CA CYS C 834 104.90 -7.19 17.43
C CYS C 834 103.45 -7.12 16.95
N ILE C 835 103.30 -6.68 15.70
CA ILE C 835 101.99 -6.54 15.11
C ILE C 835 101.32 -7.91 15.03
N CYS C 836 100.01 -7.93 15.13
CA CYS C 836 99.32 -9.20 15.34
C CYS C 836 98.08 -9.31 14.46
N SER C 837 97.27 -10.32 14.70
CA SER C 837 96.04 -10.50 13.93
C SER C 837 95.15 -9.26 14.06
N GLY C 838 94.72 -8.73 12.92
CA GLY C 838 93.92 -7.51 12.92
C GLY C 838 94.65 -6.33 13.52
N GLY C 839 95.95 -6.22 13.30
CA GLY C 839 96.73 -5.14 13.86
C GLY C 839 97.36 -4.30 12.77
N ARG C 840 97.48 -3.01 13.07
CA ARG C 840 98.06 -2.06 12.14
C ARG C 840 98.97 -1.11 12.90
N SER C 841 99.98 -0.59 12.22
CA SER C 841 100.97 0.28 12.84
C SER C 841 100.97 1.65 12.17
N SER C 842 101.73 2.57 12.75
CA SER C 842 101.73 3.97 12.34
C SER C 842 103.16 4.42 12.02
N TYR C 843 103.86 3.62 11.22
CA TYR C 843 105.21 3.98 10.82
C TYR C 843 105.21 5.24 9.97
N SER C 844 106.17 6.13 10.22
CA SER C 844 106.26 7.40 9.55
C SER C 844 107.73 7.73 9.29
N TRP C 845 107.93 8.68 8.39
CA TRP C 845 109.27 9.16 8.07
C TRP C 845 109.20 10.63 7.66
N ASN C 846 110.34 11.30 7.73
CA ASN C 846 110.47 12.70 7.35
C ASN C 846 111.17 12.80 6.00
N ILE C 847 110.61 13.59 5.10
CA ILE C 847 111.11 13.73 3.73
C ILE C 847 111.12 15.21 3.37
N ILE C 848 112.18 15.65 2.70
CA ILE C 848 112.25 16.98 2.11
C ILE C 848 112.16 16.86 0.59
N ALA C 849 111.35 17.72 -0.01
CA ALA C 849 111.12 17.70 -1.46
C ALA C 849 112.26 18.41 -2.19
N SER C 850 113.45 17.83 -2.08
CA SER C 850 114.65 18.42 -2.64
C SER C 850 114.92 17.88 -4.05
N SER C 851 113.90 17.94 -4.90
CA SER C 851 114.00 17.44 -6.27
C SER C 851 112.97 18.15 -7.13
N LEU C 852 113.00 17.84 -8.42
CA LEU C 852 112.05 18.40 -9.38
C LEU C 852 111.48 17.28 -10.23
N GLY C 853 110.15 17.25 -10.35
CA GLY C 853 109.50 16.32 -11.26
C GLY C 853 109.07 14.99 -10.66
N ARG C 854 109.68 13.91 -11.14
CA ARG C 854 109.20 12.55 -10.96
C ARG C 854 109.89 11.89 -9.79
N ILE C 855 109.13 11.40 -8.80
CA ILE C 855 109.68 10.69 -7.66
C ILE C 855 108.80 9.50 -7.32
N SER C 856 109.43 8.36 -7.04
CA SER C 856 108.75 7.15 -6.59
C SER C 856 109.42 6.64 -5.32
N PHE C 857 108.62 6.14 -4.40
CA PHE C 857 109.12 5.53 -3.17
C PHE C 857 108.91 4.03 -3.21
N ILE C 858 109.85 3.29 -2.63
CA ILE C 858 109.81 1.84 -2.56
C ILE C 858 110.00 1.42 -1.11
N VAL C 859 109.11 0.57 -0.61
CA VAL C 859 109.16 0.08 0.76
C VAL C 859 109.62 -1.37 0.74
N SER C 860 109.84 -1.92 1.94
CA SER C 860 110.31 -3.30 2.04
C SER C 860 109.78 -3.93 3.31
N ALA C 861 109.75 -5.26 3.30
CA ALA C 861 109.30 -6.04 4.44
C ALA C 861 110.09 -7.34 4.47
N GLU C 862 110.16 -7.94 5.66
CA GLU C 862 110.89 -9.19 5.85
C GLU C 862 110.08 -10.19 6.68
N THR C 863 109.22 -9.67 7.55
CA THR C 863 108.41 -10.45 8.47
C THR C 863 109.25 -11.44 9.27
N THR C 864 110.31 -10.92 9.87
CA THR C 864 111.04 -11.68 10.89
C THR C 864 110.15 -11.74 12.12
N HIS C 865 109.40 -12.82 12.25
CA HIS C 865 108.17 -12.82 13.03
C HIS C 865 108.30 -13.39 14.42
N ILE C 866 108.97 -14.54 14.58
CA ILE C 866 108.91 -15.28 15.83
C ILE C 866 107.45 -15.54 16.13
N GLY C 867 106.84 -16.46 15.38
CA GLY C 867 105.39 -16.53 15.30
C GLY C 867 104.70 -16.74 16.63
N ALA C 868 105.19 -17.68 17.44
CA ALA C 868 104.48 -18.11 18.64
C ALA C 868 104.54 -16.98 19.67
N SER C 869 103.54 -16.10 19.58
CA SER C 869 103.47 -14.87 20.39
C SER C 869 104.73 -14.07 20.09
N CYS C 870 105.56 -13.77 21.07
CA CYS C 870 106.87 -13.18 20.81
C CYS C 870 107.99 -13.93 21.51
N ASP C 871 107.74 -14.49 22.69
CA ASP C 871 108.74 -15.31 23.36
C ASP C 871 108.87 -16.69 22.70
N GLY C 872 107.75 -17.31 22.35
CA GLY C 872 107.78 -18.58 21.68
C GLY C 872 108.36 -18.47 20.30
N PRO C 873 109.39 -19.26 20.01
CA PRO C 873 110.10 -19.14 18.73
C PRO C 873 109.20 -19.50 17.56
N SER C 874 109.46 -18.85 16.42
CA SER C 874 108.77 -19.22 15.19
C SER C 874 109.12 -20.65 14.79
N ASP C 875 110.40 -21.00 14.88
CA ASP C 875 110.91 -22.31 14.45
C ASP C 875 110.57 -22.45 12.97
N GLN C 876 109.95 -23.54 12.53
CA GLN C 876 109.55 -23.70 11.14
C GLN C 876 108.06 -23.42 11.00
N SER C 877 107.73 -22.14 11.04
CA SER C 877 106.36 -21.66 10.88
C SER C 877 106.10 -21.05 9.51
N GLN C 878 107.07 -20.29 8.99
CA GLN C 878 106.96 -19.71 7.67
C GLN C 878 108.37 -19.44 7.15
N SER C 879 108.47 -19.16 5.86
CA SER C 879 109.77 -18.99 5.21
C SER C 879 110.06 -17.55 4.82
N THR C 880 109.20 -16.93 4.02
CA THR C 880 109.50 -15.59 3.50
C THR C 880 108.25 -14.84 3.05
N ARG C 881 107.99 -13.70 3.66
CA ARG C 881 106.95 -12.78 3.22
C ARG C 881 107.59 -11.49 2.75
N LYS C 882 107.43 -11.18 1.47
CA LYS C 882 107.90 -9.93 0.88
C LYS C 882 106.71 -9.24 0.22
N ASP C 883 106.47 -8.00 0.59
CA ASP C 883 105.38 -7.22 0.04
C ASP C 883 105.85 -5.77 -0.07
N THR C 884 106.24 -5.38 -1.29
CA THR C 884 106.77 -4.05 -1.55
C THR C 884 105.82 -3.32 -2.49
N VAL C 885 105.42 -2.11 -2.09
CA VAL C 885 104.51 -1.28 -2.87
C VAL C 885 105.21 0.02 -3.23
N ILE C 886 105.02 0.44 -4.47
CA ILE C 886 105.66 1.64 -4.98
C ILE C 886 104.66 2.79 -4.89
N GLN C 887 105.16 3.98 -4.55
CA GLN C 887 104.29 5.13 -4.37
C GLN C 887 104.75 6.27 -5.27
N THR C 888 103.78 7.04 -5.75
CA THR C 888 103.97 8.03 -6.80
C THR C 888 103.81 9.44 -6.25
N ILE C 889 104.82 10.28 -6.45
CA ILE C 889 104.71 11.71 -6.14
C ILE C 889 105.42 12.51 -7.23
N LEU C 890 104.82 13.64 -7.57
CA LEU C 890 105.42 14.57 -8.53
C LEU C 890 105.51 15.93 -7.84
N VAL C 891 106.63 16.59 -8.03
CA VAL C 891 106.90 17.89 -7.43
C VAL C 891 107.07 18.92 -8.54
N GLN C 892 106.46 20.09 -8.34
CA GLN C 892 106.52 21.16 -9.33
C GLN C 892 107.12 22.41 -8.70
N PRO C 893 107.93 23.15 -9.46
CA PRO C 893 108.47 24.41 -8.95
C PRO C 893 107.36 25.40 -8.62
N GLU C 894 107.57 26.15 -7.54
CA GLU C 894 106.61 27.19 -7.17
C GLU C 894 106.63 28.29 -8.21
N GLY C 895 105.43 28.72 -8.62
CA GLY C 895 105.30 29.69 -9.68
C GLY C 895 104.38 29.19 -10.78
N ILE C 896 103.90 30.10 -11.63
CA ILE C 896 102.90 29.78 -12.63
C ILE C 896 103.58 29.50 -13.96
N ARG C 897 103.09 28.46 -14.64
CA ARG C 897 103.70 28.00 -15.88
C ARG C 897 103.42 28.99 -17.00
N LYS C 898 104.47 29.65 -17.48
CA LYS C 898 104.38 30.56 -18.61
C LYS C 898 105.09 29.93 -19.80
N GLU C 899 104.40 29.86 -20.93
CA GLU C 899 104.90 29.20 -22.13
C GLU C 899 105.14 30.22 -23.23
N GLU C 900 106.29 30.10 -23.89
CA GLU C 900 106.64 30.96 -25.01
C GLU C 900 106.89 30.09 -26.23
N THR C 901 106.21 30.41 -27.33
CA THR C 901 106.20 29.57 -28.51
C THR C 901 106.58 30.38 -29.75
N SER C 902 106.99 29.66 -30.80
CA SER C 902 107.33 30.27 -32.08
C SER C 902 106.88 29.30 -33.17
N SER C 903 105.79 29.63 -33.84
CA SER C 903 105.25 28.78 -34.90
C SER C 903 105.54 29.39 -36.26
N ASN C 904 106.00 28.56 -37.19
CA ASN C 904 106.46 29.02 -38.48
C ASN C 904 106.25 27.95 -39.54
N LEU C 905 106.40 28.35 -40.80
CA LEU C 905 106.39 27.44 -41.94
C LEU C 905 107.61 27.68 -42.80
N VAL C 906 108.11 26.61 -43.41
CA VAL C 906 109.22 26.67 -44.36
C VAL C 906 108.80 25.97 -45.65
N CYS C 907 109.03 26.63 -46.78
CA CYS C 907 108.76 26.07 -48.10
C CYS C 907 110.06 26.19 -48.89
N VAL C 908 110.94 25.20 -48.73
CA VAL C 908 112.29 25.26 -49.29
C VAL C 908 112.28 24.53 -50.62
N GLU C 909 113.04 25.06 -51.58
CA GLU C 909 113.17 24.50 -52.91
C GLU C 909 114.65 24.53 -53.27
N ASP C 910 115.37 23.44 -52.94
CA ASP C 910 116.82 23.35 -53.11
C ASP C 910 117.53 24.48 -52.37
N SER C 911 116.90 24.98 -51.31
CA SER C 911 117.44 26.08 -50.52
C SER C 911 117.49 25.66 -49.07
N ASN C 912 118.37 26.32 -48.31
CA ASN C 912 118.60 25.98 -46.91
C ASN C 912 118.17 27.17 -46.03
N VAL C 913 117.40 26.88 -44.99
CA VAL C 913 116.99 27.89 -44.01
C VAL C 913 117.83 27.70 -42.77
N GLU C 914 118.61 28.73 -42.40
CA GLU C 914 119.53 28.64 -41.29
C GLU C 914 119.08 29.57 -40.18
N MET C 915 117.77 29.58 -39.92
CA MET C 915 117.21 30.45 -38.89
C MET C 915 117.76 30.05 -37.52
N PRO C 916 118.33 30.96 -36.76
CA PRO C 916 118.70 30.63 -35.39
C PRO C 916 117.64 30.98 -34.35
N ILE C 917 117.97 30.80 -33.09
CA ILE C 917 116.99 30.97 -32.03
C ILE C 917 117.27 32.28 -31.30
N ASN C 918 116.22 33.07 -31.09
CA ASN C 918 116.32 34.27 -30.25
C ASN C 918 115.62 33.97 -28.93
N LEU C 919 116.36 33.33 -28.04
CA LEU C 919 115.89 33.05 -26.69
C LEU C 919 116.08 34.30 -25.83
N THR C 920 115.02 34.67 -25.12
CA THR C 920 115.01 35.89 -24.31
C THR C 920 114.52 35.54 -22.92
N LEU C 921 115.44 35.30 -22.00
CA LEU C 921 115.07 34.90 -20.64
C LEU C 921 114.49 36.10 -19.89
N PRO C 922 113.25 36.03 -19.44
CA PRO C 922 112.68 37.15 -18.67
C PRO C 922 113.31 37.25 -17.29
N GLU C 923 113.28 38.45 -16.74
CA GLU C 923 113.77 38.67 -15.39
C GLU C 923 112.89 37.94 -14.37
N ASN C 924 113.51 37.51 -13.27
CA ASN C 924 112.83 36.88 -12.14
C ASN C 924 112.17 35.56 -12.56
N ILE C 925 113.01 34.60 -12.94
CA ILE C 925 112.56 33.27 -13.34
C ILE C 925 112.80 32.31 -12.18
N VAL C 926 112.02 31.24 -12.15
CA VAL C 926 112.17 30.22 -11.11
C VAL C 926 113.34 29.31 -11.47
N GLN C 927 114.27 29.15 -10.53
CA GLN C 927 115.47 28.36 -10.79
C GLN C 927 115.11 26.91 -11.06
N GLY C 928 115.84 26.30 -12.00
CA GLY C 928 115.56 24.95 -12.43
C GLY C 928 114.27 24.80 -13.21
N SER C 929 113.40 25.80 -13.19
CA SER C 929 112.12 25.76 -13.89
C SER C 929 112.25 26.57 -15.17
N ALA C 930 112.92 25.97 -16.17
CA ALA C 930 113.03 26.59 -17.48
C ALA C 930 113.61 25.56 -18.44
N SER C 931 112.98 25.38 -19.59
CA SER C 931 113.56 24.52 -20.62
C SER C 931 113.00 24.88 -21.98
N ALA C 932 113.68 24.37 -23.02
CA ALA C 932 113.37 24.69 -24.40
C ALA C 932 113.17 23.40 -25.19
N PHE C 933 112.19 23.41 -26.10
CA PHE C 933 111.85 22.26 -26.90
C PHE C 933 111.73 22.66 -28.36
N VAL C 934 112.01 21.71 -29.25
CA VAL C 934 111.98 21.96 -30.69
C VAL C 934 111.21 20.83 -31.36
N THR C 935 110.31 21.20 -32.27
CA THR C 935 109.33 20.30 -32.84
C THR C 935 109.37 20.35 -34.35
N PHE C 936 109.28 19.18 -34.98
CA PHE C 936 109.19 19.05 -36.44
C PHE C 936 108.10 18.07 -36.81
N VAL C 937 107.45 18.33 -37.94
CA VAL C 937 106.45 17.43 -38.50
C VAL C 937 106.71 17.29 -39.99
N GLY C 938 106.51 16.07 -40.51
CA GLY C 938 106.65 15.86 -41.93
C GLY C 938 105.49 16.35 -42.76
N ASP C 939 104.34 16.61 -42.13
CA ASP C 939 103.17 17.13 -42.82
C ASP C 939 102.60 18.29 -42.03
N VAL C 940 101.91 19.18 -42.75
CA VAL C 940 101.33 20.36 -42.11
C VAL C 940 100.32 19.95 -41.05
N LEU C 941 99.45 19.00 -41.38
CA LEU C 941 98.43 18.54 -40.44
C LEU C 941 98.95 17.38 -39.60
N GLY C 942 100.11 17.56 -38.98
CA GLY C 942 100.72 16.49 -38.20
C GLY C 942 100.63 16.67 -36.70
N LEU C 943 100.82 17.91 -36.23
CA LEU C 943 100.80 18.16 -34.79
C LEU C 943 99.43 17.89 -34.15
N PRO C 944 98.29 18.41 -34.69
CA PRO C 944 96.99 18.19 -34.03
C PRO C 944 96.42 16.79 -34.24
N LEU C 945 97.27 15.78 -34.09
CA LEU C 945 96.85 14.39 -34.18
C LEU C 945 97.01 13.65 -32.86
N SER C 946 98.21 13.63 -32.30
CA SER C 946 98.46 12.96 -31.03
C SER C 946 97.90 13.71 -29.84
N ASN C 947 97.59 15.00 -30.00
CA ASN C 947 96.93 15.80 -28.97
C ASN C 947 95.51 16.14 -29.39
N LEU C 948 94.88 15.23 -30.14
CA LEU C 948 93.52 15.45 -30.61
C LEU C 948 92.55 15.62 -29.45
N GLN C 949 92.82 14.96 -28.33
CA GLN C 949 92.00 15.17 -27.14
C GLN C 949 92.47 16.37 -26.32
N ASN C 950 93.69 16.86 -26.54
CA ASN C 950 94.25 17.92 -25.71
C ASN C 950 94.92 18.98 -26.57
N LEU C 951 94.19 19.50 -27.56
CA LEU C 951 94.69 20.62 -28.34
C LEU C 951 95.11 21.78 -27.43
N LEU C 952 94.40 21.96 -26.33
CA LEU C 952 94.72 23.02 -25.39
C LEU C 952 94.64 22.47 -23.96
N GLN C 953 95.58 22.89 -23.13
CA GLN C 953 95.55 22.52 -21.72
C GLN C 953 94.34 23.10 -20.99
N MET C 954 93.75 24.14 -21.54
CA MET C 954 92.66 24.85 -20.88
C MET C 954 91.43 23.94 -20.81
N PRO C 955 90.74 23.88 -19.67
CA PRO C 955 89.72 22.85 -19.48
C PRO C 955 88.48 23.09 -20.34
N TYR C 956 87.56 22.14 -20.23
CA TYR C 956 86.30 22.08 -20.95
C TYR C 956 85.14 22.02 -19.95
N GLY C 957 83.94 21.78 -20.46
CA GLY C 957 82.80 21.61 -19.58
C GLY C 957 81.44 22.01 -20.12
N CYS C 958 81.40 22.75 -21.22
CA CYS C 958 80.14 23.01 -21.90
C CYS C 958 80.25 22.50 -23.34
N GLY C 959 79.12 22.50 -24.04
CA GLY C 959 79.10 21.95 -25.38
C GLY C 959 80.07 22.65 -26.30
N GLU C 960 80.16 23.97 -26.20
CA GLU C 960 81.15 24.69 -26.98
C GLU C 960 82.55 24.26 -26.58
N GLN C 961 82.81 24.17 -25.28
CA GLN C 961 84.06 23.56 -24.82
C GLN C 961 84.15 22.10 -25.24
N ASN C 962 83.00 21.41 -25.25
CA ASN C 962 83.02 19.98 -25.58
C ASN C 962 83.39 19.75 -27.04
N LEU C 963 82.83 20.53 -27.96
CA LEU C 963 83.17 20.37 -29.36
C LEU C 963 84.44 21.13 -29.69
N ALA C 964 85.47 20.95 -28.86
CA ALA C 964 86.79 21.48 -29.14
C ALA C 964 87.73 20.42 -29.71
N ARG C 965 87.52 19.17 -29.33
CA ARG C 965 88.29 18.05 -29.83
C ARG C 965 87.56 17.29 -30.92
N MET C 966 86.34 17.72 -31.27
CA MET C 966 85.47 16.90 -32.09
C MET C 966 84.90 17.60 -33.32
N ALA C 967 85.02 18.92 -33.41
CA ALA C 967 84.47 19.61 -34.58
C ALA C 967 85.42 19.55 -35.78
N PRO C 968 86.73 19.79 -35.63
CA PRO C 968 87.62 19.70 -36.80
C PRO C 968 87.90 18.29 -37.27
N ILE C 969 87.65 17.28 -36.42
CA ILE C 969 88.11 15.93 -36.73
C ILE C 969 87.46 15.34 -37.98
N PRO C 970 86.16 15.53 -38.26
CA PRO C 970 85.68 15.05 -39.59
C PRO C 970 86.39 15.72 -40.74
N TYR C 971 86.73 17.00 -40.61
CA TYR C 971 87.44 17.70 -41.67
C TYR C 971 88.83 17.11 -41.88
N VAL C 972 89.58 16.90 -40.79
CA VAL C 972 90.92 16.37 -40.95
C VAL C 972 90.88 14.91 -41.42
N LEU C 973 89.85 14.16 -41.03
CA LEU C 973 89.70 12.80 -41.53
C LEU C 973 89.43 12.79 -43.03
N GLU C 974 88.57 13.71 -43.49
CA GLU C 974 88.34 13.86 -44.92
C GLU C 974 89.61 14.23 -45.64
N TYR C 975 90.43 15.10 -45.02
CA TYR C 975 91.71 15.47 -45.62
C TYR C 975 92.64 14.27 -45.73
N LEU C 976 92.68 13.43 -44.70
CA LEU C 976 93.52 12.23 -44.74
C LEU C 976 93.04 11.28 -45.83
N ASN C 977 91.74 11.10 -45.95
CA ASN C 977 91.21 10.27 -47.04
C ASN C 977 91.53 10.85 -48.40
N ASN C 978 91.43 12.17 -48.54
CA ASN C 978 91.58 12.80 -49.85
C ASN C 978 93.04 12.80 -50.30
N THR C 979 93.97 13.15 -49.42
CA THR C 979 95.38 13.14 -49.78
C THR C 979 96.03 11.80 -49.44
N ASN C 980 95.35 10.72 -49.83
CA ASN C 980 95.85 9.34 -49.76
C ASN C 980 96.65 9.09 -48.49
N GLN C 981 96.10 9.51 -47.36
CA GLN C 981 96.82 9.43 -46.10
C GLN C 981 95.97 8.92 -44.94
N LEU C 982 94.78 8.38 -45.22
CA LEU C 982 94.01 7.77 -44.15
C LEU C 982 94.60 6.41 -43.77
N THR C 983 94.73 6.19 -42.47
CA THR C 983 95.32 4.96 -41.93
C THR C 983 94.23 4.21 -41.18
N ASP C 984 94.34 2.87 -41.16
CA ASP C 984 93.29 2.06 -40.54
C ASP C 984 93.17 2.31 -39.04
N GLU C 985 94.28 2.23 -38.29
CA GLU C 985 94.15 2.47 -36.86
C GLU C 985 93.82 3.93 -36.57
N LEU C 986 94.35 4.85 -37.37
CA LEU C 986 94.00 6.26 -37.21
C LEU C 986 92.50 6.47 -37.37
N LEU C 987 91.93 5.89 -38.42
CA LEU C 987 90.50 6.00 -38.67
C LEU C 987 89.69 5.40 -37.54
N GLN C 988 90.03 4.18 -37.11
CA GLN C 988 89.23 3.54 -36.07
C GLN C 988 89.33 4.29 -34.75
N THR C 989 90.52 4.79 -34.40
CA THR C 989 90.68 5.50 -33.14
C THR C 989 89.98 6.86 -33.21
N ALA C 990 89.99 7.50 -34.39
CA ALA C 990 89.22 8.72 -34.57
C ALA C 990 87.73 8.47 -34.45
N VAL C 991 87.26 7.34 -34.99
CA VAL C 991 85.85 6.95 -34.84
C VAL C 991 85.52 6.78 -33.36
N GLN C 992 86.40 6.10 -32.63
CA GLN C 992 86.20 5.95 -31.18
C GLN C 992 86.13 7.32 -30.51
N PHE C 993 87.06 8.22 -30.88
CA PHE C 993 87.02 9.58 -30.35
C PHE C 993 85.67 10.21 -30.58
N LEU C 994 85.19 10.16 -31.83
CA LEU C 994 83.88 10.68 -32.15
C LEU C 994 82.82 10.05 -31.25
N ASN C 995 83.00 8.77 -30.91
CA ASN C 995 82.03 8.10 -30.07
C ASN C 995 81.96 8.75 -28.69
N GLU C 996 83.10 8.91 -28.01
CA GLU C 996 83.00 9.49 -26.67
C GLU C 996 82.58 10.95 -26.75
N GLY C 997 83.00 11.64 -27.80
CA GLY C 997 82.57 13.02 -27.98
C GLY C 997 81.07 13.13 -28.07
N TYR C 998 80.45 12.27 -28.88
CA TYR C 998 79.00 12.26 -29.00
C TYR C 998 78.34 11.90 -27.68
N TYR C 999 78.91 10.93 -26.97
CA TYR C 999 78.34 10.51 -25.70
C TYR C 999 78.34 11.66 -24.68
N ARG C 1000 79.50 12.27 -24.46
CA ARG C 1000 79.57 13.35 -23.49
C ARG C 1000 78.86 14.59 -24.02
N GLN C 1001 78.62 14.63 -25.32
CA GLN C 1001 77.89 15.74 -25.92
C GLN C 1001 76.40 15.64 -25.63
N LEU C 1002 75.84 14.45 -25.76
CA LEU C 1002 74.40 14.27 -25.61
C LEU C 1002 73.91 14.65 -24.22
N ARG C 1003 74.82 14.73 -23.24
CA ARG C 1003 74.45 15.10 -21.89
C ARG C 1003 73.77 16.46 -21.83
N TYR C 1004 74.08 17.34 -22.79
CA TYR C 1004 73.64 18.71 -22.70
C TYR C 1004 72.37 18.99 -23.49
N LYS C 1005 71.70 17.94 -23.99
CA LYS C 1005 70.55 18.16 -24.83
C LYS C 1005 69.33 18.52 -23.98
N LEU C 1006 68.90 19.77 -24.08
CA LEU C 1006 67.62 20.08 -23.48
C LEU C 1006 66.52 19.34 -24.22
N PRO C 1007 65.67 18.61 -23.49
CA PRO C 1007 64.62 17.83 -24.17
C PRO C 1007 63.69 18.66 -25.04
N SER C 1008 63.75 20.00 -24.95
CA SER C 1008 62.99 20.87 -25.84
C SER C 1008 63.50 20.84 -27.28
N GLY C 1009 64.45 19.96 -27.59
CA GLY C 1009 65.03 19.90 -28.92
C GLY C 1009 66.34 20.65 -29.06
N ALA C 1010 66.68 21.51 -28.12
CA ALA C 1010 67.90 22.28 -28.15
C ALA C 1010 68.95 21.68 -27.22
N TYR C 1011 70.17 22.20 -27.32
CA TYR C 1011 71.25 21.88 -26.40
C TYR C 1011 71.50 23.05 -25.47
N ASP C 1012 71.50 22.77 -24.17
CA ASP C 1012 71.81 23.78 -23.17
C ASP C 1012 73.14 23.45 -22.52
N ALA C 1013 73.96 24.47 -22.37
CA ALA C 1013 75.15 24.31 -21.57
C ALA C 1013 74.77 24.19 -20.11
N PHE C 1014 75.72 23.72 -19.29
CA PHE C 1014 75.53 23.62 -17.85
C PHE C 1014 74.35 22.71 -17.52
N TRP C 1015 74.54 21.43 -17.81
CA TRP C 1015 73.51 20.44 -17.48
C TRP C 1015 73.06 20.57 -16.04
N SER C 1016 73.96 20.99 -15.15
CA SER C 1016 73.59 21.26 -13.77
C SER C 1016 72.68 22.48 -13.65
N SER C 1017 72.77 23.42 -14.57
CA SER C 1017 71.97 24.65 -14.53
C SER C 1017 71.26 24.82 -15.88
N PRO C 1018 70.25 24.02 -16.14
CA PRO C 1018 69.55 24.12 -17.42
C PRO C 1018 68.65 25.33 -17.48
N SER C 1019 68.73 26.06 -18.60
CA SER C 1019 67.89 27.24 -18.80
C SER C 1019 67.69 27.44 -20.31
N ASP C 1020 66.58 26.90 -20.82
CA ASP C 1020 66.02 27.21 -22.14
C ASP C 1020 67.03 27.13 -23.28
N GLY C 1021 68.13 26.41 -23.09
CA GLY C 1021 69.10 26.20 -24.15
C GLY C 1021 69.70 27.45 -24.76
N SER C 1022 70.48 27.28 -25.83
CA SER C 1022 71.03 28.40 -26.58
C SER C 1022 70.93 28.07 -28.05
N SER C 1023 70.41 29.01 -28.84
CA SER C 1023 70.19 28.75 -30.26
C SER C 1023 71.51 28.59 -31.01
N TRP C 1024 72.50 29.41 -30.69
CA TRP C 1024 73.79 29.29 -31.36
C TRP C 1024 74.44 27.96 -31.03
N LEU C 1025 74.38 27.57 -29.75
CA LEU C 1025 74.88 26.26 -29.35
C LEU C 1025 74.14 25.15 -30.07
N SER C 1026 72.83 25.31 -30.25
CA SER C 1026 72.05 24.27 -30.90
C SER C 1026 72.42 24.12 -32.36
N ALA C 1027 72.53 25.23 -33.10
CA ALA C 1027 72.95 25.16 -34.49
C ALA C 1027 74.37 24.61 -34.60
N TYR C 1028 75.25 25.03 -33.70
CA TYR C 1028 76.61 24.53 -33.64
C TYR C 1028 76.64 23.01 -33.51
N THR C 1029 75.94 22.49 -32.51
CA THR C 1029 75.89 21.05 -32.28
C THR C 1029 75.20 20.34 -33.44
N PHE C 1030 74.16 20.95 -34.00
CA PHE C 1030 73.43 20.31 -35.09
C PHE C 1030 74.34 20.12 -36.30
N LYS C 1031 75.13 21.14 -36.66
CA LYS C 1031 75.99 20.97 -37.81
C LYS C 1031 77.12 19.99 -37.50
N THR C 1032 77.56 19.97 -36.23
CA THR C 1032 78.54 18.95 -35.87
C THR C 1032 77.97 17.56 -36.08
N PHE C 1033 76.71 17.34 -35.67
CA PHE C 1033 76.08 16.04 -35.91
C PHE C 1033 75.96 15.74 -37.39
N GLU C 1034 75.55 16.74 -38.17
CA GLU C 1034 75.33 16.51 -39.60
C GLU C 1034 76.64 16.17 -40.30
N LYS C 1035 77.74 16.80 -39.89
CA LYS C 1035 79.02 16.51 -40.53
C LYS C 1035 79.64 15.20 -40.05
N ALA C 1036 79.51 14.86 -38.77
CA ALA C 1036 80.18 13.68 -38.23
C ALA C 1036 79.32 12.43 -38.25
N LYS C 1037 78.05 12.54 -38.61
CA LYS C 1037 77.17 11.38 -38.73
C LYS C 1037 77.63 10.42 -39.81
N LYS C 1038 78.48 10.88 -40.73
CA LYS C 1038 78.98 10.03 -41.79
C LYS C 1038 79.78 8.85 -41.23
N TYR C 1039 80.37 9.01 -40.05
CA TYR C 1039 81.25 8.01 -39.48
C TYR C 1039 80.57 7.16 -38.41
N ILE C 1040 80.09 7.79 -37.35
CA ILE C 1040 79.51 7.08 -36.23
C ILE C 1040 78.00 7.25 -36.27
N TYR C 1041 77.29 6.47 -35.46
CA TYR C 1041 75.84 6.59 -35.40
C TYR C 1041 75.45 7.85 -34.63
N VAL C 1042 74.58 8.63 -35.24
CA VAL C 1042 73.84 9.69 -34.58
C VAL C 1042 72.38 9.50 -34.93
N ASP C 1043 71.52 9.46 -33.93
CA ASP C 1043 70.10 9.22 -34.16
C ASP C 1043 69.52 10.31 -35.05
N GLY C 1044 68.88 9.90 -36.14
CA GLY C 1044 68.27 10.88 -37.03
C GLY C 1044 67.08 11.57 -36.41
N LYS C 1045 66.40 10.91 -35.47
CA LYS C 1045 65.22 11.51 -34.87
C LYS C 1045 65.58 12.69 -33.98
N ILE C 1046 66.70 12.61 -33.27
CA ILE C 1046 67.15 13.75 -32.47
C ILE C 1046 67.58 14.89 -33.38
N GLN C 1047 68.20 14.57 -34.52
CA GLN C 1047 68.50 15.60 -35.51
C GLN C 1047 67.23 16.27 -35.99
N GLN C 1048 66.18 15.48 -36.25
CA GLN C 1048 64.92 16.06 -36.68
C GLN C 1048 64.31 16.93 -35.60
N GLN C 1049 64.40 16.50 -34.34
CA GLN C 1049 63.87 17.31 -33.25
C GLN C 1049 64.62 18.62 -33.11
N THR C 1050 65.95 18.59 -33.21
CA THR C 1050 66.73 19.81 -33.15
C THR C 1050 66.42 20.73 -34.33
N LEU C 1051 66.24 20.15 -35.51
CA LEU C 1051 65.86 20.94 -36.67
C LEU C 1051 64.48 21.55 -36.50
N LEU C 1052 63.56 20.81 -35.89
CA LEU C 1052 62.24 21.35 -35.58
C LEU C 1052 62.34 22.51 -34.60
N TYR C 1053 63.20 22.38 -33.59
CA TYR C 1053 63.43 23.50 -32.67
C TYR C 1053 63.97 24.72 -33.41
N LEU C 1054 64.95 24.50 -34.30
CA LEU C 1054 65.52 25.59 -35.06
C LEU C 1054 64.47 26.28 -35.93
N GLN C 1055 63.63 25.49 -36.59
CA GLN C 1055 62.59 26.07 -37.44
C GLN C 1055 61.55 26.83 -36.61
N THR C 1056 61.03 26.18 -35.56
CA THR C 1056 59.99 26.80 -34.74
C THR C 1056 60.49 28.02 -33.98
N SER C 1057 61.80 28.15 -33.78
CA SER C 1057 62.37 29.33 -33.15
C SER C 1057 62.34 30.49 -34.15
N GLN C 1058 61.13 30.96 -34.43
CA GLN C 1058 60.95 31.95 -35.48
C GLN C 1058 61.40 33.33 -35.02
N LYS C 1059 60.69 33.91 -34.06
CA LYS C 1059 61.01 35.19 -33.42
C LYS C 1059 61.61 36.19 -34.41
N LEU C 1060 60.93 36.33 -35.55
CA LEU C 1060 61.43 37.15 -36.65
C LEU C 1060 61.35 38.64 -36.34
N ASP C 1061 62.48 39.22 -35.94
CA ASP C 1061 62.61 40.67 -35.88
C ASP C 1061 62.67 41.19 -37.31
N ASN C 1062 61.53 41.66 -37.81
CA ASN C 1062 61.37 42.00 -39.23
C ASN C 1062 61.66 40.71 -40.01
N GLY C 1063 62.54 40.72 -41.00
CA GLY C 1063 62.95 39.51 -41.67
C GLY C 1063 64.15 38.82 -41.04
N CYS C 1064 64.59 39.28 -39.88
CA CYS C 1064 65.78 38.78 -39.23
C CYS C 1064 65.41 37.87 -38.06
N PHE C 1065 66.12 36.76 -37.95
CA PHE C 1065 65.93 35.83 -36.84
C PHE C 1065 66.65 36.36 -35.60
N LYS C 1066 66.27 35.80 -34.45
CA LYS C 1066 66.83 36.20 -33.16
C LYS C 1066 67.49 35.01 -32.48
N ALA C 1067 68.69 35.24 -31.94
CA ALA C 1067 69.42 34.21 -31.21
C ALA C 1067 68.81 34.01 -29.83
N GLU C 1068 68.83 32.77 -29.36
CA GLU C 1068 68.35 32.42 -28.03
C GLU C 1068 69.55 32.18 -27.12
N GLY C 1069 69.46 32.68 -25.90
CA GLY C 1069 70.61 32.64 -25.01
C GLY C 1069 71.32 33.97 -24.95
N ASN C 1070 71.95 34.22 -23.81
CA ASN C 1070 72.59 35.50 -23.51
C ASN C 1070 73.93 35.29 -22.85
N LEU C 1071 74.72 34.35 -23.37
CA LEU C 1071 75.95 33.96 -22.69
C LEU C 1071 77.15 33.86 -23.60
N PHE C 1072 76.97 33.68 -24.91
CA PHE C 1072 78.07 33.42 -25.83
C PHE C 1072 78.54 34.65 -26.59
N MET C 1073 77.65 35.25 -27.39
CA MET C 1073 78.04 36.25 -28.37
C MET C 1073 77.87 37.66 -27.79
N ARG C 1074 78.77 37.98 -26.86
CA ARG C 1074 78.75 39.25 -26.13
C ARG C 1074 79.67 40.29 -26.75
N GLN C 1075 80.37 39.95 -27.83
CA GLN C 1075 81.34 40.86 -28.45
C GLN C 1075 80.80 41.58 -29.67
N CYS C 1076 79.70 41.11 -30.27
CA CYS C 1076 79.26 41.61 -31.56
C CYS C 1076 78.41 42.89 -31.44
N GLY C 1077 78.05 43.29 -30.23
CA GLY C 1077 77.19 44.44 -30.07
C GLY C 1077 75.74 44.09 -30.36
N GLN C 1078 74.98 45.11 -30.79
CA GLN C 1078 73.56 44.90 -31.10
C GLN C 1078 73.34 44.14 -32.40
N GLU C 1079 74.42 43.67 -33.04
CA GLU C 1079 74.33 42.86 -34.26
C GLU C 1079 74.09 41.38 -33.97
N ARG C 1080 73.66 41.03 -32.76
CA ARG C 1080 73.56 39.62 -32.39
C ARG C 1080 72.56 38.88 -33.28
N ASP C 1081 71.42 39.52 -33.58
CA ASP C 1081 70.40 38.84 -34.38
C ASP C 1081 70.91 38.55 -35.79
N LEU C 1082 71.48 39.56 -36.46
CA LEU C 1082 72.00 39.36 -37.81
C LEU C 1082 73.14 38.35 -37.81
N CYS C 1083 74.02 38.42 -36.82
CA CYS C 1083 75.13 37.47 -36.76
C CYS C 1083 74.62 36.04 -36.57
N PHE C 1084 73.62 35.87 -35.72
CA PHE C 1084 73.01 34.55 -35.55
C PHE C 1084 72.39 34.05 -36.85
N THR C 1085 71.71 34.94 -37.59
CA THR C 1085 71.14 34.54 -38.87
C THR C 1085 72.22 34.12 -39.85
N ALA C 1086 73.31 34.89 -39.93
CA ALA C 1086 74.38 34.57 -40.87
C ALA C 1086 75.01 33.24 -40.54
N TYR C 1087 75.23 32.98 -39.25
CA TYR C 1087 75.85 31.74 -38.81
C TYR C 1087 74.91 30.55 -39.05
N LEU C 1088 73.60 30.76 -38.87
CA LEU C 1088 72.61 29.74 -39.22
C LEU C 1088 72.68 29.41 -40.70
N ALA C 1089 72.76 30.43 -41.54
CA ALA C 1089 72.90 30.19 -42.97
C ALA C 1089 74.19 29.43 -43.27
N ILE C 1090 75.27 29.77 -42.58
CA ILE C 1090 76.51 29.00 -42.70
C ILE C 1090 76.23 27.53 -42.47
N ALA C 1091 75.73 27.20 -41.27
CA ALA C 1091 75.47 25.80 -40.92
C ALA C 1091 74.60 25.12 -41.98
N LEU C 1092 73.58 25.82 -42.47
CA LEU C 1092 72.71 25.23 -43.48
C LEU C 1092 73.47 24.92 -44.75
N LEU C 1093 74.40 25.79 -45.15
CA LEU C 1093 75.16 25.55 -46.36
C LEU C 1093 76.12 24.38 -46.19
N GLU C 1094 77.01 24.43 -45.20
CA GLU C 1094 77.92 23.29 -45.07
C GLU C 1094 77.23 22.00 -44.68
N SER C 1095 75.97 22.03 -44.25
CA SER C 1095 75.29 20.81 -43.84
C SER C 1095 74.59 20.11 -45.01
N ASN C 1096 75.05 20.34 -46.24
CA ASN C 1096 74.52 19.65 -47.42
C ASN C 1096 73.01 19.89 -47.58
N TYR C 1097 72.59 21.15 -47.45
CA TYR C 1097 71.23 21.55 -47.75
C TYR C 1097 71.20 22.47 -48.96
N SER C 1098 70.28 22.20 -49.88
CA SER C 1098 70.00 23.11 -50.98
C SER C 1098 69.24 24.32 -50.46
N SER C 1099 69.06 25.31 -51.33
CA SER C 1099 68.36 26.53 -50.97
C SER C 1099 66.84 26.36 -50.96
N GLY C 1100 66.34 25.12 -50.99
CA GLY C 1100 64.93 24.88 -51.15
C GLY C 1100 64.04 25.03 -49.94
N MET C 1101 64.62 25.21 -48.74
CA MET C 1101 63.81 25.29 -47.54
C MET C 1101 63.61 26.73 -47.09
N THR C 1102 62.49 26.97 -46.41
CA THR C 1102 62.12 28.31 -46.01
C THR C 1102 63.13 28.91 -45.04
N LEU C 1103 63.75 28.08 -44.19
CA LEU C 1103 64.74 28.59 -43.24
C LEU C 1103 65.93 29.18 -43.97
N LEU C 1104 66.50 28.43 -44.92
CA LEU C 1104 67.65 28.94 -45.65
C LEU C 1104 67.26 30.09 -46.56
N ASP C 1105 66.05 30.03 -47.13
CA ASP C 1105 65.59 31.14 -47.96
C ASP C 1105 65.48 32.43 -47.16
N ASP C 1106 64.93 32.35 -45.94
CA ASP C 1106 64.86 33.52 -45.08
C ASP C 1106 66.24 33.99 -44.65
N ALA C 1107 67.17 33.05 -44.44
CA ALA C 1107 68.54 33.45 -44.11
C ALA C 1107 69.17 34.25 -45.24
N LEU C 1108 69.01 33.79 -46.48
CA LEU C 1108 69.49 34.55 -47.63
C LEU C 1108 68.79 35.90 -47.75
N GLY C 1109 67.47 35.93 -47.50
CA GLY C 1109 66.76 37.19 -47.57
C GLY C 1109 67.22 38.19 -46.52
N CYS C 1110 67.54 37.69 -45.32
CA CYS C 1110 68.05 38.55 -44.26
C CYS C 1110 69.43 39.08 -44.59
N LEU C 1111 70.30 38.24 -45.15
CA LEU C 1111 71.67 38.68 -45.44
C LEU C 1111 71.74 39.57 -46.68
N GLU C 1112 70.84 39.41 -47.65
CA GLU C 1112 70.92 40.21 -48.87
C GLU C 1112 70.67 41.68 -48.60
N ALA C 1113 69.83 41.99 -47.61
CA ALA C 1113 69.61 43.38 -47.22
C ALA C 1113 70.51 43.75 -46.04
N ALA C 1114 71.80 43.46 -46.19
CA ALA C 1114 72.76 43.76 -45.14
C ALA C 1114 74.11 44.26 -45.63
N MET C 1115 74.30 44.44 -46.94
CA MET C 1115 75.60 44.91 -47.43
C MET C 1115 75.85 46.37 -47.08
N SER C 1116 74.83 47.22 -47.24
CA SER C 1116 75.02 48.64 -46.98
C SER C 1116 75.35 48.90 -45.51
N SER C 1117 74.64 48.23 -44.61
CA SER C 1117 74.84 48.40 -43.17
C SER C 1117 75.85 47.38 -42.66
N ALA C 1118 75.94 47.26 -41.34
CA ALA C 1118 76.76 46.24 -40.67
C ALA C 1118 78.23 46.36 -41.07
N SER C 1119 78.83 47.49 -40.71
CA SER C 1119 80.25 47.73 -40.95
C SER C 1119 81.06 47.28 -39.73
N THR C 1120 80.79 46.04 -39.33
CA THR C 1120 81.54 45.37 -38.27
C THR C 1120 82.28 44.20 -38.90
N LEU C 1121 83.60 44.15 -38.69
CA LEU C 1121 84.43 43.20 -39.42
C LEU C 1121 84.09 41.76 -39.09
N TYR C 1122 83.73 41.49 -37.83
CA TYR C 1122 83.38 40.12 -37.45
C TYR C 1122 82.14 39.64 -38.19
N PHE C 1123 81.08 40.45 -38.20
CA PHE C 1123 79.87 40.08 -38.93
C PHE C 1123 80.12 40.02 -40.43
N LYS C 1124 80.94 40.94 -40.95
CA LYS C 1124 81.24 40.92 -42.38
C LYS C 1124 81.99 39.66 -42.75
N SER C 1125 82.75 39.09 -41.81
CA SER C 1125 83.40 37.81 -42.07
C SER C 1125 82.37 36.72 -42.35
N TYR C 1126 81.33 36.61 -41.50
CA TYR C 1126 80.27 35.66 -41.77
C TYR C 1126 79.55 35.97 -43.07
N THR C 1127 79.33 37.26 -43.35
CA THR C 1127 78.62 37.60 -44.58
C THR C 1127 79.42 37.19 -45.82
N VAL C 1128 80.73 37.43 -45.81
CA VAL C 1128 81.59 36.98 -46.90
C VAL C 1128 81.59 35.47 -46.99
N TYR C 1129 81.64 34.79 -45.84
CA TYR C 1129 81.66 33.33 -45.84
C TYR C 1129 80.39 32.76 -46.44
N VAL C 1130 79.23 33.33 -46.08
CA VAL C 1130 77.97 32.82 -46.60
C VAL C 1130 77.81 33.12 -48.08
N PHE C 1131 78.23 34.32 -48.51
CA PHE C 1131 78.14 34.63 -49.94
C PHE C 1131 79.17 33.87 -50.76
N THR C 1132 80.23 33.36 -50.13
CA THR C 1132 81.11 32.42 -50.79
C THR C 1132 80.48 31.03 -50.87
N LEU C 1133 79.78 30.63 -49.79
CA LEU C 1133 79.12 29.33 -49.77
C LEU C 1133 78.05 29.23 -50.85
N VAL C 1134 77.13 30.19 -50.88
CA VAL C 1134 76.17 30.26 -51.97
C VAL C 1134 76.89 30.84 -53.18
N GLN C 1135 76.93 30.06 -54.27
CA GLN C 1135 77.83 30.42 -55.37
C GLN C 1135 77.35 31.72 -56.01
N ASN C 1136 78.03 32.82 -55.69
CA ASN C 1136 77.65 34.14 -56.15
C ASN C 1136 78.87 34.81 -56.77
N TRP C 1137 78.62 35.60 -57.81
CA TRP C 1137 79.70 36.21 -58.58
C TRP C 1137 79.90 37.68 -58.29
N GLU C 1138 78.85 38.41 -57.93
CA GLU C 1138 78.93 39.85 -57.70
C GLU C 1138 79.04 40.19 -56.22
N ILE C 1139 78.05 39.80 -55.42
CA ILE C 1139 78.01 40.21 -54.02
C ILE C 1139 79.21 39.63 -53.26
N ARG C 1140 79.50 38.35 -53.46
CA ARG C 1140 80.64 37.73 -52.79
C ARG C 1140 81.94 38.39 -53.22
N ASN C 1141 82.10 38.64 -54.53
CA ASN C 1141 83.35 39.19 -55.02
C ASN C 1141 83.51 40.64 -54.60
N THR C 1142 82.45 41.45 -54.70
CA THR C 1142 82.56 42.84 -54.27
C THR C 1142 82.81 42.92 -52.77
N LEU C 1143 82.24 42.00 -52.00
CA LEU C 1143 82.44 42.03 -50.55
C LEU C 1143 83.85 41.61 -50.18
N LEU C 1144 84.39 40.58 -50.84
CA LEU C 1144 85.76 40.19 -50.57
C LEU C 1144 86.75 41.27 -51.02
N ASN C 1145 86.45 41.95 -52.12
CA ASN C 1145 87.30 43.07 -52.54
C ASN C 1145 87.23 44.22 -51.55
N GLU C 1146 86.04 44.46 -50.98
CA GLU C 1146 85.92 45.49 -49.95
C GLU C 1146 86.75 45.14 -48.73
N LEU C 1147 86.72 43.87 -48.30
CA LEU C 1147 87.50 43.48 -47.13
C LEU C 1147 88.98 43.44 -47.43
N LYS C 1148 89.37 43.11 -48.66
CA LYS C 1148 90.78 43.06 -49.03
C LYS C 1148 91.44 44.42 -48.87
N SER C 1149 90.67 45.51 -48.90
CA SER C 1149 91.22 46.82 -48.59
C SER C 1149 91.62 46.91 -47.13
N LYS C 1150 90.81 46.36 -46.24
CA LYS C 1150 91.00 46.52 -44.80
C LYS C 1150 91.79 45.34 -44.24
N VAL C 1151 92.98 45.11 -44.81
CA VAL C 1151 93.86 44.01 -44.43
C VAL C 1151 95.11 44.59 -43.78
N VAL C 1152 95.53 43.97 -42.67
CA VAL C 1152 96.74 44.39 -41.99
C VAL C 1152 97.89 43.50 -42.46
N SER C 1153 98.92 44.13 -43.02
CA SER C 1153 100.05 43.42 -43.61
C SER C 1153 101.29 43.61 -42.75
N GLU C 1154 101.93 42.50 -42.39
CA GLU C 1154 103.21 42.49 -41.71
C GLU C 1154 104.21 41.76 -42.59
N ARG C 1155 105.40 41.49 -42.03
CA ARG C 1155 106.55 41.12 -42.85
C ARG C 1155 106.34 39.75 -43.47
N GLY C 1156 105.84 39.73 -44.71
CA GLY C 1156 105.50 38.50 -45.38
C GLY C 1156 104.21 37.85 -44.91
N THR C 1157 103.43 38.54 -44.08
CA THR C 1157 102.23 37.97 -43.49
C THR C 1157 101.06 38.92 -43.66
N LEU C 1158 99.85 38.36 -43.59
CA LEU C 1158 98.63 39.15 -43.66
C LEU C 1158 97.64 38.65 -42.62
N HIS C 1159 96.81 39.56 -42.12
CA HIS C 1159 95.69 39.18 -41.27
C HIS C 1159 94.68 40.32 -41.30
N TRP C 1160 93.67 40.22 -40.44
CA TRP C 1160 92.63 41.23 -40.32
C TRP C 1160 92.36 41.48 -38.85
N GLU C 1161 92.80 42.63 -38.34
CA GLU C 1161 92.47 43.00 -36.99
C GLU C 1161 90.98 43.38 -36.91
N ARG C 1162 90.40 43.20 -35.74
CA ARG C 1162 88.95 43.27 -35.60
C ARG C 1162 88.41 44.70 -35.79
N GLU C 1163 89.30 45.70 -35.90
CA GLU C 1163 88.90 47.09 -36.03
C GLU C 1163 88.13 47.56 -34.80
N ASP C 1164 88.70 47.30 -33.63
CA ASP C 1164 88.08 47.63 -32.34
C ASP C 1164 88.34 49.09 -32.03
N LYS C 1165 87.54 49.96 -32.68
CA LYS C 1165 87.68 51.40 -32.48
C LYS C 1165 87.24 51.81 -31.09
N LEU C 1166 86.42 51.00 -30.43
CA LEU C 1166 85.92 51.30 -29.09
C LEU C 1166 86.97 50.89 -28.05
N GLY C 1167 87.72 51.88 -27.55
CA GLY C 1167 88.77 51.60 -26.60
C GLY C 1167 90.11 51.29 -27.25
N GLN C 1168 90.61 52.23 -28.05
CA GLN C 1168 91.83 52.03 -28.82
C GLN C 1168 93.04 52.41 -27.96
N GLU C 1169 93.12 51.75 -26.80
CA GLU C 1169 94.28 51.84 -25.92
C GLU C 1169 94.61 50.46 -25.40
N GLY C 1170 95.77 50.30 -24.76
CA GLY C 1170 96.23 48.96 -24.42
C GLY C 1170 96.42 48.68 -22.94
N ILE C 1171 96.69 49.72 -22.15
CA ILE C 1171 96.90 49.56 -20.71
C ILE C 1171 95.69 48.92 -20.04
N PRO C 1172 94.45 49.39 -20.27
CA PRO C 1172 93.32 48.74 -19.56
C PRO C 1172 92.99 47.37 -20.14
N LEU C 1173 93.86 46.40 -19.84
CA LEU C 1173 93.66 44.99 -20.18
C LEU C 1173 93.51 44.80 -21.69
N TYR C 1174 94.14 45.68 -22.48
CA TYR C 1174 94.11 45.56 -23.92
C TYR C 1174 95.49 45.50 -24.56
N TYR C 1175 96.56 45.49 -23.77
CA TYR C 1175 97.90 45.30 -24.34
C TYR C 1175 98.05 43.96 -25.06
N PRO C 1176 97.60 42.80 -24.52
CA PRO C 1176 97.76 41.54 -25.26
C PRO C 1176 97.24 41.63 -26.68
N ASN C 1177 98.16 41.60 -27.64
CA ASN C 1177 97.79 41.69 -29.05
C ASN C 1177 97.14 40.41 -29.55
N TYR C 1178 97.39 39.29 -28.86
CA TYR C 1178 96.83 37.99 -29.27
C TYR C 1178 95.36 37.91 -28.84
N SER C 1179 94.58 38.85 -29.37
CA SER C 1179 93.14 38.73 -29.27
C SER C 1179 92.65 37.74 -30.32
N PRO C 1180 92.01 36.64 -29.92
CA PRO C 1180 91.75 35.54 -30.86
C PRO C 1180 90.80 35.90 -31.99
N ALA C 1181 90.01 36.97 -31.85
CA ALA C 1181 88.98 37.27 -32.84
C ALA C 1181 89.57 37.50 -34.23
N GLU C 1182 90.78 38.05 -34.29
CA GLU C 1182 91.42 38.29 -35.58
C GLU C 1182 91.70 36.99 -36.31
N VAL C 1183 92.18 35.96 -35.60
CA VAL C 1183 92.56 34.71 -36.25
C VAL C 1183 91.32 34.02 -36.82
N GLU C 1184 90.19 34.12 -36.11
CA GLU C 1184 88.95 33.51 -36.57
C GLU C 1184 88.48 34.11 -37.89
N ILE C 1185 88.37 35.43 -37.94
CA ILE C 1185 87.94 36.11 -39.15
C ILE C 1185 88.94 35.88 -40.28
N THR C 1186 90.22 35.87 -39.95
CA THR C 1186 91.24 35.56 -40.95
C THR C 1186 91.05 34.15 -41.51
N ALA C 1187 90.66 33.21 -40.65
CA ALA C 1187 90.38 31.86 -41.12
C ALA C 1187 89.18 31.83 -42.06
N TYR C 1188 88.12 32.58 -41.73
CA TYR C 1188 86.99 32.68 -42.66
C TYR C 1188 87.42 33.26 -43.99
N MET C 1189 88.25 34.30 -43.98
CA MET C 1189 88.69 34.90 -45.23
C MET C 1189 89.51 33.91 -46.04
N LEU C 1190 90.42 33.19 -45.38
CA LEU C 1190 91.23 32.18 -46.06
C LEU C 1190 90.34 31.12 -46.71
N LEU C 1191 89.39 30.58 -45.95
CA LEU C 1191 88.52 29.55 -46.50
C LEU C 1191 87.72 30.08 -47.69
N SER C 1192 87.14 31.27 -47.54
CA SER C 1192 86.27 31.81 -48.59
C SER C 1192 87.06 32.07 -49.86
N ILE C 1193 88.26 32.65 -49.74
CA ILE C 1193 89.05 32.92 -50.94
C ILE C 1193 89.56 31.61 -51.53
N ALA C 1194 89.94 30.65 -50.68
CA ALA C 1194 90.52 29.40 -51.18
C ALA C 1194 89.50 28.58 -51.95
N LYS C 1195 88.26 28.52 -51.48
CA LYS C 1195 87.24 27.75 -52.19
C LYS C 1195 86.58 28.59 -53.29
N GLY C 1196 87.43 29.19 -54.11
CA GLY C 1196 86.99 29.95 -55.26
C GLY C 1196 86.79 29.07 -56.48
N SER C 1197 86.46 29.72 -57.59
CA SER C 1197 86.34 29.01 -58.86
C SER C 1197 87.67 28.43 -59.28
N ASP C 1198 88.75 29.21 -59.11
CA ASP C 1198 90.10 28.76 -59.45
C ASP C 1198 91.14 29.56 -58.68
N PRO C 1199 91.74 28.99 -57.62
CA PRO C 1199 92.84 29.69 -56.93
C PRO C 1199 93.98 29.97 -57.89
N THR C 1200 94.22 31.26 -58.13
CA THR C 1200 95.19 31.67 -59.14
C THR C 1200 96.59 31.74 -58.54
N HIS C 1201 97.59 31.73 -59.43
CA HIS C 1201 98.97 31.84 -58.99
C HIS C 1201 99.25 33.20 -58.37
N ASP C 1202 98.71 34.27 -58.94
CA ASP C 1202 98.79 35.57 -58.29
C ASP C 1202 98.12 35.58 -56.94
N ASP C 1203 97.14 34.70 -56.72
CA ASP C 1203 96.54 34.52 -55.41
C ASP C 1203 97.35 33.59 -54.53
N LEU C 1204 98.31 32.85 -55.08
CA LEU C 1204 99.07 31.89 -54.27
C LEU C 1204 99.96 32.60 -53.27
N THR C 1205 100.58 33.72 -53.65
CA THR C 1205 101.37 34.48 -52.68
C THR C 1205 100.48 35.04 -51.58
N TYR C 1206 99.28 35.50 -51.94
CA TYR C 1206 98.36 36.06 -50.96
C TYR C 1206 97.91 34.99 -49.97
N MET C 1207 97.62 33.79 -50.47
CA MET C 1207 97.14 32.72 -49.60
C MET C 1207 98.28 32.11 -48.77
N ALA C 1208 99.50 32.09 -49.32
CA ALA C 1208 100.64 31.70 -48.50
C ALA C 1208 100.88 32.70 -47.38
N GLN C 1209 100.73 33.99 -47.67
CA GLN C 1209 100.90 35.01 -46.64
C GLN C 1209 99.82 34.90 -45.56
N ILE C 1210 98.57 34.68 -45.97
CA ILE C 1210 97.52 34.53 -44.97
C ILE C 1210 97.74 33.27 -44.13
N SER C 1211 98.25 32.20 -44.75
CA SER C 1211 98.47 30.97 -44.00
C SER C 1211 99.65 31.08 -43.04
N VAL C 1212 100.72 31.76 -43.42
CA VAL C 1212 101.90 31.78 -42.57
C VAL C 1212 101.64 32.59 -41.29
N TRP C 1213 100.94 33.72 -41.40
CA TRP C 1213 100.58 34.47 -40.21
C TRP C 1213 99.67 33.64 -39.31
N LEU C 1214 98.66 33.00 -39.92
CA LEU C 1214 97.71 32.21 -39.14
C LEU C 1214 98.43 31.11 -38.38
N ILE C 1215 99.35 30.40 -39.05
CA ILE C 1215 100.06 29.32 -38.40
C ILE C 1215 101.08 29.84 -37.39
N GLN C 1216 101.52 31.09 -37.55
CA GLN C 1216 102.49 31.65 -36.61
C GLN C 1216 101.95 31.68 -35.19
N GLN C 1217 100.63 31.85 -35.04
CA GLN C 1217 100.01 31.92 -33.73
C GLN C 1217 99.35 30.59 -33.34
N GLN C 1218 100.20 29.58 -33.15
CA GLN C 1218 99.76 28.25 -32.74
C GLN C 1218 100.49 27.84 -31.47
N ASN C 1219 99.76 27.28 -30.52
CA ASN C 1219 100.35 26.85 -29.26
C ASN C 1219 101.02 25.49 -29.44
N SER C 1220 101.53 24.94 -28.34
CA SER C 1220 102.33 23.72 -28.40
C SER C 1220 101.50 22.46 -28.61
N TYR C 1221 100.21 22.48 -28.26
CA TYR C 1221 99.40 21.26 -28.28
C TYR C 1221 98.32 21.27 -29.36
N GLY C 1222 98.15 22.37 -30.10
CA GLY C 1222 97.20 22.38 -31.19
C GLY C 1222 96.18 23.50 -31.14
N GLY C 1223 95.68 23.81 -29.94
CA GLY C 1223 94.79 24.95 -29.79
C GLY C 1223 95.54 26.24 -30.09
N PHE C 1224 94.99 27.04 -31.00
CA PHE C 1224 95.70 28.25 -31.43
C PHE C 1224 95.62 29.34 -30.36
N ARG C 1225 94.43 29.84 -30.11
CA ARG C 1225 94.23 30.79 -29.01
C ARG C 1225 93.05 30.43 -28.13
N SER C 1226 91.96 29.92 -28.70
CA SER C 1226 90.78 29.57 -27.93
C SER C 1226 90.00 28.53 -28.71
N THR C 1227 88.93 28.04 -28.07
CA THR C 1227 88.14 26.96 -28.66
C THR C 1227 87.51 27.38 -29.99
N GLN C 1228 86.80 28.51 -29.99
CA GLN C 1228 86.17 28.98 -31.22
C GLN C 1228 87.18 29.39 -32.27
N ASP C 1229 88.44 29.59 -31.88
CA ASP C 1229 89.51 29.99 -32.78
C ASP C 1229 90.26 28.80 -33.36
N THR C 1230 90.64 27.84 -32.52
CA THR C 1230 91.42 26.72 -33.01
C THR C 1230 90.64 25.89 -34.02
N VAL C 1231 89.32 25.75 -33.84
CA VAL C 1231 88.52 24.96 -34.76
C VAL C 1231 88.54 25.57 -36.16
N VAL C 1232 88.26 26.87 -36.26
CA VAL C 1232 88.20 27.50 -37.57
C VAL C 1232 89.59 27.61 -38.18
N ALA C 1233 90.60 27.88 -37.36
CA ALA C 1233 91.97 27.94 -37.87
C ALA C 1233 92.41 26.60 -38.43
N LEU C 1234 92.10 25.51 -37.73
CA LEU C 1234 92.52 24.20 -38.21
C LEU C 1234 91.74 23.77 -39.45
N GLN C 1235 90.44 24.07 -39.50
CA GLN C 1235 89.69 23.68 -40.71
C GLN C 1235 90.14 24.50 -41.92
N ALA C 1236 90.40 25.79 -41.73
CA ALA C 1236 90.95 26.61 -42.80
C ALA C 1236 92.32 26.09 -43.23
N LEU C 1237 93.15 25.70 -42.26
CA LEU C 1237 94.47 25.15 -42.57
C LEU C 1237 94.36 23.84 -43.34
N ALA C 1238 93.39 22.99 -42.97
CA ALA C 1238 93.20 21.74 -43.68
C ALA C 1238 92.78 21.98 -45.12
N PHE C 1239 91.85 22.92 -45.34
CA PHE C 1239 91.46 23.21 -46.71
C PHE C 1239 92.59 23.90 -47.47
N TYR C 1240 93.43 24.64 -46.74
CA TYR C 1240 94.62 25.25 -47.33
C TYR C 1240 95.58 24.19 -47.86
N ALA C 1241 95.93 23.23 -47.00
CA ALA C 1241 96.80 22.13 -47.38
C ALA C 1241 96.11 21.16 -48.32
N GLN C 1242 94.79 21.28 -48.49
CA GLN C 1242 94.09 20.48 -49.49
C GLN C 1242 94.52 20.86 -50.91
N LEU C 1243 94.79 22.15 -51.14
CA LEU C 1243 95.16 22.63 -52.46
C LEU C 1243 96.59 22.29 -52.86
N LEU C 1244 97.49 22.08 -51.89
CA LEU C 1244 98.89 21.82 -52.19
C LEU C 1244 99.36 20.61 -51.39
N PHE C 1245 100.09 19.72 -52.05
CA PHE C 1245 100.62 18.54 -51.40
C PHE C 1245 101.85 18.08 -52.16
N LYS C 1246 102.91 17.72 -51.43
CA LYS C 1246 104.20 17.38 -52.01
C LYS C 1246 104.24 15.89 -52.31
N SER C 1247 104.67 15.55 -53.53
CA SER C 1247 104.69 14.15 -53.95
C SER C 1247 105.63 13.31 -53.09
N ASN C 1248 106.82 13.83 -52.81
CA ASN C 1248 107.82 13.07 -52.06
C ASN C 1248 108.12 13.69 -50.71
N ALA C 1249 108.28 15.02 -50.66
CA ALA C 1249 108.60 15.75 -49.43
C ALA C 1249 109.91 15.22 -48.81
N HIS C 1250 110.98 15.37 -49.58
CA HIS C 1250 112.30 14.98 -49.14
C HIS C 1250 113.00 16.15 -48.46
N HIS C 1251 113.54 15.91 -47.27
CA HIS C 1251 114.25 16.94 -46.53
C HIS C 1251 115.33 16.31 -45.67
N ASN C 1252 116.42 17.04 -45.48
CA ASN C 1252 117.37 16.77 -44.41
C ASN C 1252 117.41 18.00 -43.50
N VAL C 1253 117.29 17.76 -42.20
CA VAL C 1253 117.28 18.82 -41.21
C VAL C 1253 118.38 18.55 -40.20
N PHE C 1254 119.06 19.61 -39.78
CA PHE C 1254 120.04 19.50 -38.71
C PHE C 1254 120.13 20.79 -37.93
N LEU C 1255 120.13 20.64 -36.61
CA LEU C 1255 120.26 21.75 -35.68
C LEU C 1255 121.68 21.75 -35.13
N ARG C 1256 122.28 22.94 -35.04
CA ARG C 1256 123.67 23.07 -34.64
C ARG C 1256 123.78 24.08 -33.51
N SER C 1257 124.86 23.93 -32.75
CA SER C 1257 125.31 24.91 -31.78
C SER C 1257 126.70 25.36 -32.16
N GLU C 1258 127.25 26.31 -31.40
CA GLU C 1258 128.64 26.65 -31.58
C GLU C 1258 129.57 25.50 -31.18
N TYR C 1259 129.07 24.53 -30.40
CA TYR C 1259 129.84 23.36 -30.03
C TYR C 1259 129.71 22.23 -31.06
N GLY C 1260 128.68 22.25 -31.88
CA GLY C 1260 128.50 21.24 -32.90
C GLY C 1260 127.08 21.23 -33.38
N ASP C 1261 126.78 20.28 -34.27
CA ASP C 1261 125.43 20.06 -34.77
C ASP C 1261 124.64 19.29 -33.73
N VAL C 1262 123.57 19.91 -33.23
CA VAL C 1262 122.81 19.31 -32.14
C VAL C 1262 122.13 18.02 -32.60
N GLY C 1263 121.48 18.05 -33.75
CA GLY C 1263 120.75 16.89 -34.23
C GLY C 1263 120.72 16.84 -35.73
N GLN C 1264 120.51 15.63 -36.27
CA GLN C 1264 120.49 15.37 -37.71
C GLN C 1264 119.37 14.37 -38.01
N LEU C 1265 118.34 14.80 -38.71
CA LEU C 1265 117.22 13.95 -39.10
C LEU C 1265 116.97 14.04 -40.59
N ASN C 1266 116.32 12.99 -41.11
CA ASN C 1266 115.97 12.89 -42.52
C ASN C 1266 114.46 12.73 -42.65
N LEU C 1267 113.80 13.77 -43.14
CA LEU C 1267 112.34 13.81 -43.26
C LEU C 1267 111.95 13.31 -44.64
N SER C 1268 110.98 12.40 -44.68
CA SER C 1268 110.57 11.80 -45.94
C SER C 1268 109.09 11.45 -45.85
N GLU C 1269 108.62 10.61 -46.79
CA GLU C 1269 107.23 10.17 -46.77
C GLU C 1269 106.92 9.38 -45.51
N HIS C 1270 107.86 8.54 -45.07
CA HIS C 1270 107.66 7.78 -43.84
C HIS C 1270 107.58 8.72 -42.64
N ASN C 1271 108.48 9.69 -42.57
CA ASN C 1271 108.43 10.72 -41.53
C ASN C 1271 107.62 11.91 -42.08
N ARG C 1272 106.36 11.62 -42.38
CA ARG C 1272 105.41 12.65 -42.79
C ARG C 1272 104.41 12.88 -41.68
N LEU C 1273 104.10 11.82 -40.94
CA LEU C 1273 103.08 11.88 -39.90
C LEU C 1273 103.65 11.80 -38.50
N VAL C 1274 104.86 11.30 -38.33
CA VAL C 1274 105.48 11.16 -37.02
C VAL C 1274 106.15 12.48 -36.65
N VAL C 1275 106.14 12.80 -35.35
CA VAL C 1275 106.59 14.08 -34.84
C VAL C 1275 107.98 13.93 -34.26
N GLN C 1276 108.86 14.89 -34.56
CA GLN C 1276 110.23 14.90 -34.07
C GLN C 1276 110.35 15.91 -32.94
N ARG C 1277 110.81 15.45 -31.78
CA ARG C 1277 110.90 16.27 -30.59
C ARG C 1277 112.34 16.31 -30.11
N LEU C 1278 112.79 17.49 -29.69
CA LEU C 1278 114.11 17.66 -29.12
C LEU C 1278 114.03 18.52 -27.87
N GLN C 1279 114.80 18.15 -26.86
CA GLN C 1279 114.89 18.87 -25.60
C GLN C 1279 116.28 19.50 -25.51
N LEU C 1280 116.34 20.80 -25.26
CA LEU C 1280 117.63 21.47 -25.19
C LEU C 1280 118.21 21.36 -23.79
N PRO C 1281 119.34 20.69 -23.61
CA PRO C 1281 119.97 20.66 -22.26
C PRO C 1281 120.38 22.03 -21.77
N GLU C 1282 120.78 22.93 -22.67
CA GLU C 1282 121.17 24.28 -22.30
C GLU C 1282 120.09 25.25 -22.77
N VAL C 1283 119.60 26.07 -21.85
CA VAL C 1283 118.48 26.96 -22.15
C VAL C 1283 118.91 28.36 -22.55
N SER C 1284 120.20 28.69 -22.41
CA SER C 1284 120.70 30.01 -22.77
C SER C 1284 121.82 29.89 -23.80
N GLY C 1285 121.75 28.87 -24.64
CA GLY C 1285 122.73 28.66 -25.68
C GLY C 1285 122.40 29.44 -26.94
N ASN C 1286 123.20 29.20 -27.98
CA ASN C 1286 123.03 29.85 -29.27
C ASN C 1286 122.95 28.77 -30.35
N TYR C 1287 121.73 28.43 -30.75
CA TYR C 1287 121.47 27.34 -31.66
C TYR C 1287 120.85 27.85 -32.96
N SER C 1288 121.09 27.11 -34.04
CA SER C 1288 120.63 27.47 -35.37
C SER C 1288 120.19 26.22 -36.11
N ILE C 1289 119.03 26.28 -36.75
CA ILE C 1289 118.49 25.13 -37.46
C ILE C 1289 118.90 25.21 -38.92
N SER C 1290 118.73 24.10 -39.63
CA SER C 1290 118.98 24.06 -41.06
C SER C 1290 118.07 23.03 -41.70
N ILE C 1291 117.27 23.48 -42.66
CA ILE C 1291 116.35 22.61 -43.40
C ILE C 1291 116.69 22.71 -44.88
N ASN C 1292 116.89 21.58 -45.52
CA ASN C 1292 117.12 21.54 -46.96
C ASN C 1292 116.28 20.42 -47.55
N GLY C 1293 115.93 20.56 -48.84
CA GLY C 1293 115.24 19.50 -49.51
C GLY C 1293 114.00 20.02 -50.21
N THR C 1294 113.04 19.11 -50.42
CA THR C 1294 111.89 19.37 -51.26
C THR C 1294 110.62 19.28 -50.42
N GLY C 1295 109.75 20.27 -50.55
CA GLY C 1295 108.45 20.23 -49.93
C GLY C 1295 108.26 21.38 -48.96
N CYS C 1296 107.32 21.19 -48.05
CA CYS C 1296 106.99 22.17 -47.02
C CYS C 1296 107.03 21.50 -45.66
N CYS C 1297 107.58 22.19 -44.66
CA CYS C 1297 107.72 21.65 -43.33
C CYS C 1297 107.38 22.70 -42.29
N LEU C 1298 107.34 22.28 -41.04
CA LEU C 1298 106.97 23.13 -39.91
C LEU C 1298 108.01 23.01 -38.80
N VAL C 1299 108.29 24.14 -38.15
CA VAL C 1299 109.31 24.21 -37.10
C VAL C 1299 108.69 24.89 -35.89
N GLN C 1300 108.90 24.31 -34.70
CA GLN C 1300 108.45 24.92 -33.46
C GLN C 1300 109.58 25.01 -32.47
N SER C 1301 109.66 26.15 -31.79
CA SER C 1301 110.52 26.33 -30.63
C SER C 1301 109.66 26.80 -29.47
N THR C 1302 109.72 26.08 -28.36
CA THR C 1302 108.85 26.32 -27.22
C THR C 1302 109.70 26.55 -25.98
N ILE C 1303 109.26 27.51 -25.15
CA ILE C 1303 109.98 27.90 -23.95
C ILE C 1303 109.04 27.78 -22.77
N ARG C 1304 109.42 26.96 -21.79
CA ARG C 1304 108.63 26.79 -20.57
C ARG C 1304 109.43 27.31 -19.38
N TYR C 1305 108.72 27.87 -18.41
CA TYR C 1305 109.32 28.32 -17.15
C TYR C 1305 108.18 28.68 -16.19
N ASN C 1306 108.55 28.97 -14.95
CA ASN C 1306 107.62 29.42 -13.93
C ASN C 1306 107.97 30.83 -13.48
N ILE C 1307 106.95 31.58 -13.08
CA ILE C 1307 107.15 32.90 -12.50
C ILE C 1307 106.27 33.00 -11.25
N PRO C 1308 106.77 33.56 -10.15
CA PRO C 1308 105.99 33.56 -8.89
C PRO C 1308 104.94 34.67 -8.79
N VAL C 1309 103.78 34.39 -9.39
CA VAL C 1309 102.57 35.19 -9.25
C VAL C 1309 102.87 36.66 -9.58
N PRO C 1310 103.01 37.01 -10.85
CA PRO C 1310 103.26 38.42 -11.20
C PRO C 1310 102.05 39.30 -10.97
N LYS C 1311 101.80 39.63 -9.70
CA LYS C 1311 100.67 40.47 -9.33
C LYS C 1311 101.15 41.92 -9.13
N GLU C 1312 101.63 42.49 -10.24
CA GLU C 1312 102.24 43.80 -10.21
C GLU C 1312 101.42 44.89 -10.89
N ASN C 1313 100.44 44.54 -11.71
CA ASN C 1313 99.81 45.48 -12.61
C ASN C 1313 98.30 45.49 -12.44
N SER C 1314 97.69 46.60 -12.84
CA SER C 1314 96.24 46.70 -12.84
C SER C 1314 95.66 45.89 -13.99
N ALA C 1315 94.85 44.90 -13.65
CA ALA C 1315 94.32 43.96 -14.62
C ALA C 1315 92.95 43.50 -14.12
N PHE C 1316 92.49 42.35 -14.61
CA PHE C 1316 91.26 41.77 -14.11
C PHE C 1316 91.49 41.42 -12.65
N TYR C 1317 90.96 42.24 -11.75
CA TYR C 1317 91.47 42.26 -10.38
C TYR C 1317 90.97 41.07 -9.58
N VAL C 1318 91.88 40.47 -8.82
CA VAL C 1318 91.59 39.33 -7.97
C VAL C 1318 92.31 39.54 -6.65
N ALA C 1319 91.62 39.23 -5.55
CA ALA C 1319 92.18 39.34 -4.21
C ALA C 1319 91.76 38.11 -3.41
N ALA C 1320 92.73 37.28 -3.04
CA ALA C 1320 92.46 36.02 -2.37
C ALA C 1320 93.02 36.03 -0.96
N ASP C 1321 92.24 35.49 -0.03
CA ASP C 1321 92.68 35.34 1.36
C ASP C 1321 91.89 34.19 1.98
N SER C 1322 92.19 33.89 3.25
CA SER C 1322 91.52 32.77 3.89
C SER C 1322 91.62 32.91 5.40
N VAL C 1323 90.78 32.14 6.08
CA VAL C 1323 90.68 32.15 7.54
C VAL C 1323 90.62 30.71 8.04
N SER C 1324 90.93 30.55 9.32
CA SER C 1324 90.90 29.25 9.98
C SER C 1324 90.15 29.34 11.29
N LYS C 1325 89.34 28.32 11.56
CA LYS C 1325 88.65 28.17 12.84
C LYS C 1325 89.10 26.94 13.60
N ASN C 1326 89.77 26.00 12.93
CA ASN C 1326 90.23 24.78 13.57
C ASN C 1326 91.75 24.81 13.71
N CYS C 1327 92.29 25.99 14.02
CA CYS C 1327 93.74 26.15 14.14
C CYS C 1327 94.24 25.41 15.37
N LEU C 1328 94.81 24.23 15.17
CA LEU C 1328 95.29 23.38 16.25
C LEU C 1328 96.79 23.23 16.14
N ASN C 1329 97.48 23.54 17.23
CA ASN C 1329 98.93 23.40 17.37
C ASN C 1329 99.69 23.76 16.09
N GLY C 1330 99.34 24.92 15.55
CA GLY C 1330 99.97 25.41 14.34
C GLY C 1330 99.11 25.26 13.10
N VAL C 1331 99.44 24.29 12.25
CA VAL C 1331 98.69 24.10 11.01
C VAL C 1331 97.25 23.73 11.33
N ALA C 1332 96.33 24.18 10.48
CA ALA C 1332 94.90 23.98 10.69
C ALA C 1332 94.32 23.07 9.60
N TYR C 1333 93.50 22.11 10.04
CA TYR C 1333 93.06 21.04 9.15
C TYR C 1333 92.17 21.57 8.03
N THR C 1334 91.12 22.30 8.37
CA THR C 1334 90.09 22.68 7.41
C THR C 1334 89.93 24.19 7.44
N ILE C 1335 89.94 24.79 6.24
CA ILE C 1335 90.22 26.22 6.07
C ILE C 1335 89.16 26.85 5.18
N THR C 1336 88.73 28.06 5.52
CA THR C 1336 87.74 28.81 4.75
C THR C 1336 88.48 29.76 3.82
N ILE C 1337 88.43 29.49 2.53
CA ILE C 1337 89.11 30.30 1.52
C ILE C 1337 88.09 31.21 0.86
N THR C 1338 88.36 32.51 0.85
CA THR C 1338 87.48 33.48 0.22
C THR C 1338 88.27 34.37 -0.74
N VAL C 1339 87.59 34.81 -1.79
CA VAL C 1339 88.20 35.56 -2.87
C VAL C 1339 87.26 36.70 -3.27
N SER C 1340 87.83 37.71 -3.91
CA SER C 1340 87.08 38.83 -4.44
C SER C 1340 87.56 39.10 -5.87
N VAL C 1341 86.61 39.26 -6.79
CA VAL C 1341 86.90 39.37 -8.21
C VAL C 1341 86.21 40.62 -8.76
N SER C 1342 86.90 41.33 -9.64
CA SER C 1342 86.32 42.49 -10.31
C SER C 1342 86.96 42.66 -11.68
N TYR C 1343 86.24 43.34 -12.56
CA TYR C 1343 86.68 43.59 -13.93
C TYR C 1343 87.18 45.01 -14.04
N ARG C 1344 88.28 45.20 -14.77
CA ARG C 1344 88.88 46.52 -14.93
C ARG C 1344 89.27 46.80 -16.38
N GLY C 1345 88.86 45.98 -17.32
CA GLY C 1345 89.12 46.24 -18.72
C GLY C 1345 88.11 47.19 -19.32
N LEU C 1346 88.31 47.49 -20.60
CA LEU C 1346 87.50 48.46 -21.32
C LEU C 1346 86.38 47.84 -22.15
N ARG C 1347 86.22 46.51 -22.10
CA ARG C 1347 85.16 45.88 -22.88
C ARG C 1347 83.79 46.21 -22.30
N ASN C 1348 82.77 46.12 -23.16
CA ASN C 1348 81.42 46.45 -22.74
C ASN C 1348 80.89 45.41 -21.76
N GLU C 1349 81.04 44.13 -22.09
CA GLU C 1349 80.56 43.06 -21.23
C GLU C 1349 81.53 41.89 -21.29
N THR C 1350 81.81 41.31 -20.12
CA THR C 1350 82.65 40.14 -20.02
C THR C 1350 81.88 38.89 -20.45
N ASN C 1351 82.61 37.92 -20.94
CA ASN C 1351 82.08 36.62 -21.31
C ASN C 1351 82.17 35.70 -20.10
N MET C 1352 82.04 34.40 -20.35
CA MET C 1352 82.32 33.42 -19.31
C MET C 1352 83.73 33.64 -18.78
N VAL C 1353 83.92 33.42 -17.48
CA VAL C 1353 85.25 33.52 -16.89
C VAL C 1353 85.50 32.26 -16.08
N ILE C 1354 86.77 31.86 -16.01
CA ILE C 1354 87.20 30.67 -15.29
C ILE C 1354 88.15 31.10 -14.19
N ILE C 1355 87.89 30.64 -12.97
CA ILE C 1355 88.76 30.87 -11.83
C ILE C 1355 89.31 29.53 -11.39
N ASP C 1356 90.61 29.46 -11.15
CA ASP C 1356 91.26 28.22 -10.76
C ASP C 1356 92.20 28.47 -9.60
N ILE C 1357 92.26 27.52 -8.67
CA ILE C 1357 93.14 27.60 -7.51
C ILE C 1357 93.84 26.26 -7.37
N GLN C 1358 95.13 26.28 -7.09
CA GLN C 1358 95.81 25.06 -6.69
C GLN C 1358 95.75 24.96 -5.17
N MET C 1359 95.19 23.87 -4.64
CA MET C 1359 94.97 23.90 -3.20
C MET C 1359 96.30 23.82 -2.47
N LEU C 1360 96.30 24.33 -1.23
CA LEU C 1360 97.55 24.63 -0.52
C LEU C 1360 98.18 23.34 -0.05
N SER C 1361 99.03 22.79 -0.91
CA SER C 1361 99.91 21.65 -0.60
C SER C 1361 99.04 20.46 -0.19
N GLY C 1362 99.27 19.85 0.97
CA GLY C 1362 98.65 18.57 1.28
C GLY C 1362 97.26 18.66 1.86
N TYR C 1363 96.34 19.29 1.15
CA TYR C 1363 94.94 19.38 1.52
C TYR C 1363 94.06 18.76 0.44
N GLN C 1364 92.75 18.86 0.64
CA GLN C 1364 91.78 18.32 -0.29
C GLN C 1364 90.48 19.09 -0.15
N ALA C 1365 89.82 19.33 -1.28
CA ALA C 1365 88.61 20.14 -1.30
C ALA C 1365 87.44 19.38 -0.69
N ASP C 1366 86.39 20.12 -0.34
CA ASP C 1366 85.20 19.55 0.27
C ASP C 1366 84.11 19.39 -0.78
N TYR C 1367 83.80 18.13 -1.09
CA TYR C 1367 82.73 17.84 -2.05
C TYR C 1367 81.37 18.40 -1.63
N PRO C 1368 80.92 18.24 -0.37
CA PRO C 1368 79.67 18.92 0.02
C PRO C 1368 79.73 20.43 -0.14
N SER C 1369 80.87 21.05 0.14
CA SER C 1369 81.00 22.49 -0.06
C SER C 1369 80.88 22.84 -1.54
N LEU C 1370 81.49 22.02 -2.41
CA LEU C 1370 81.34 22.23 -3.84
C LEU C 1370 79.88 22.17 -4.25
N ARG C 1371 79.15 21.18 -3.74
CA ARG C 1371 77.73 21.06 -4.07
C ARG C 1371 76.92 22.24 -3.54
N GLN C 1372 77.25 22.72 -2.34
CA GLN C 1372 76.58 23.90 -1.81
C GLN C 1372 76.85 25.12 -2.68
N LEU C 1373 78.09 25.28 -3.13
CA LEU C 1373 78.40 26.40 -4.00
C LEU C 1373 77.63 26.30 -5.31
N GLU C 1374 77.55 25.10 -5.87
CA GLU C 1374 76.87 24.92 -7.14
C GLU C 1374 75.37 25.18 -7.02
N ASN C 1375 74.71 24.53 -6.05
CA ASN C 1375 73.26 24.69 -5.95
C ASN C 1375 72.89 26.08 -5.46
N SER C 1376 73.76 26.72 -4.69
CA SER C 1376 73.63 28.15 -4.50
C SER C 1376 73.90 28.85 -5.82
N GLN C 1377 73.07 29.84 -6.15
CA GLN C 1377 73.01 30.36 -7.52
C GLN C 1377 74.04 31.47 -7.73
N GLN C 1378 75.30 31.06 -7.71
CA GLN C 1378 76.38 31.96 -8.12
C GLN C 1378 77.29 31.32 -9.16
N VAL C 1379 77.53 30.02 -9.08
CA VAL C 1379 78.38 29.30 -10.00
C VAL C 1379 77.57 28.15 -10.60
N SER C 1380 77.59 28.04 -11.92
CA SER C 1380 76.84 27.00 -12.60
C SER C 1380 77.71 25.81 -12.99
N LYS C 1381 79.00 25.82 -12.66
CA LYS C 1381 79.86 24.70 -12.98
C LYS C 1381 81.12 24.78 -12.13
N THR C 1382 81.42 23.68 -11.44
CA THR C 1382 82.63 23.53 -10.64
C THR C 1382 83.37 22.28 -11.08
N GLU C 1383 84.63 22.19 -10.66
CA GLU C 1383 85.46 21.06 -11.04
C GLU C 1383 86.66 20.98 -10.12
N GLU C 1384 87.14 19.77 -9.89
CA GLU C 1384 88.41 19.54 -9.21
C GLU C 1384 89.18 18.47 -9.96
N GLN C 1385 90.40 18.80 -10.37
CA GLN C 1385 91.25 17.80 -11.00
C GLN C 1385 92.70 18.21 -10.78
N ASP C 1386 93.55 17.20 -10.61
CA ASP C 1386 95.00 17.40 -10.50
C ASP C 1386 95.36 18.57 -9.59
N ASN C 1387 94.78 18.56 -8.38
CA ASN C 1387 95.13 19.50 -7.32
C ASN C 1387 94.69 20.93 -7.60
N HIS C 1388 93.74 21.10 -8.52
CA HIS C 1388 93.25 22.41 -8.94
C HIS C 1388 91.73 22.41 -8.96
N VAL C 1389 91.14 23.40 -8.31
CA VAL C 1389 89.70 23.64 -8.32
C VAL C 1389 89.41 24.71 -9.37
N PHE C 1390 88.33 24.53 -10.10
CA PHE C 1390 87.90 25.44 -11.15
C PHE C 1390 86.44 25.79 -10.94
N LEU C 1391 86.12 27.07 -11.03
CA LEU C 1391 84.74 27.55 -11.02
C LEU C 1391 84.50 28.38 -12.27
N TYR C 1392 83.38 28.12 -12.94
CA TYR C 1392 83.00 28.83 -14.15
C TYR C 1392 81.94 29.86 -13.77
N LEU C 1393 82.31 31.13 -13.83
CA LEU C 1393 81.40 32.22 -13.52
C LEU C 1393 80.84 32.79 -14.82
N ASN C 1394 79.53 33.02 -14.84
CA ASN C 1394 78.87 33.52 -16.05
C ASN C 1394 79.43 34.88 -16.45
N ALA C 1395 79.48 35.82 -15.52
CA ALA C 1395 80.00 37.15 -15.81
C ALA C 1395 80.36 37.83 -14.50
N VAL C 1396 81.41 38.64 -14.56
CA VAL C 1396 81.86 39.45 -13.44
C VAL C 1396 81.61 40.91 -13.78
N PRO C 1397 80.67 41.56 -13.11
CA PRO C 1397 80.42 42.97 -13.38
C PRO C 1397 81.58 43.84 -12.91
N LEU C 1398 81.53 45.14 -13.20
CA LEU C 1398 82.57 46.04 -12.75
C LEU C 1398 82.67 46.05 -11.23
N LYS C 1399 81.56 45.77 -10.54
CA LYS C 1399 81.57 45.71 -9.09
C LYS C 1399 82.29 44.46 -8.61
N THR C 1400 82.84 44.53 -7.39
CA THR C 1400 83.52 43.40 -6.81
C THR C 1400 82.51 42.37 -6.30
N ILE C 1401 82.76 41.10 -6.62
CA ILE C 1401 81.94 40.00 -6.15
C ILE C 1401 82.83 39.02 -5.40
N GLN C 1402 82.39 38.57 -4.23
CA GLN C 1402 83.19 37.72 -3.35
C GLN C 1402 82.63 36.31 -3.32
N LEU C 1403 83.53 35.34 -3.45
CA LEU C 1403 83.21 33.92 -3.35
C LEU C 1403 83.90 33.33 -2.14
N SER C 1404 83.40 32.19 -1.67
CA SER C 1404 83.95 31.57 -0.48
C SER C 1404 83.70 30.07 -0.52
N PHE C 1405 84.54 29.31 0.18
CA PHE C 1405 84.40 27.87 0.23
C PHE C 1405 85.29 27.31 1.35
N LYS C 1406 85.22 26.00 1.52
CA LYS C 1406 85.98 25.30 2.55
C LYS C 1406 86.82 24.19 1.92
N VAL C 1407 87.97 23.95 2.54
CA VAL C 1407 88.90 22.92 2.08
C VAL C 1407 89.37 22.11 3.29
N LEU C 1408 89.29 20.79 3.17
CA LEU C 1408 89.67 19.89 4.25
C LEU C 1408 91.19 19.76 4.32
N ILE C 1409 91.67 18.78 5.07
CA ILE C 1409 93.08 18.46 5.16
C ILE C 1409 93.33 17.14 4.45
N GLY C 1410 94.34 17.11 3.59
CA GLY C 1410 94.74 15.88 2.93
C GLY C 1410 95.91 15.24 3.66
N SER C 1411 97.01 15.03 2.96
CA SER C 1411 98.23 14.53 3.58
C SER C 1411 98.87 15.66 4.37
N ARG C 1412 98.96 15.48 5.69
CA ARG C 1412 99.51 16.55 6.52
C ARG C 1412 100.98 16.78 6.19
N VAL C 1413 101.38 18.04 6.19
CA VAL C 1413 102.68 18.46 5.69
C VAL C 1413 103.05 19.78 6.32
N LEU C 1414 104.34 19.97 6.59
CA LEU C 1414 104.86 21.24 7.06
C LEU C 1414 105.70 21.88 5.96
N ASN C 1415 106.34 23.00 6.28
CA ASN C 1415 107.05 23.80 5.30
C ASN C 1415 106.11 24.25 4.18
N VAL C 1416 104.96 24.76 4.58
CA VAL C 1416 103.89 25.10 3.64
C VAL C 1416 104.23 26.43 2.96
N LYS C 1417 104.27 26.41 1.64
CA LYS C 1417 104.55 27.60 0.86
C LYS C 1417 103.23 28.26 0.47
N SER C 1418 103.27 29.16 -0.51
CA SER C 1418 102.05 29.82 -0.97
C SER C 1418 101.42 29.01 -2.11
N ALA C 1419 100.15 29.31 -2.38
CA ALA C 1419 99.41 28.71 -3.47
C ALA C 1419 98.91 29.84 -4.38
N SER C 1420 98.33 29.46 -5.51
CA SER C 1420 98.00 30.43 -6.54
C SER C 1420 96.58 30.27 -7.05
N VAL C 1421 96.04 31.40 -7.51
CA VAL C 1421 94.75 31.49 -8.18
C VAL C 1421 94.97 32.20 -9.51
N TYR C 1422 94.50 31.60 -10.59
CA TYR C 1422 94.53 32.20 -11.91
C TYR C 1422 93.11 32.34 -12.42
N VAL C 1423 92.75 33.55 -12.85
CA VAL C 1423 91.43 33.86 -13.37
C VAL C 1423 91.59 34.40 -14.78
N TYR C 1424 90.72 33.95 -15.69
CA TYR C 1424 90.84 34.37 -17.08
C TYR C 1424 89.51 34.20 -17.78
N ASP C 1425 89.18 35.15 -18.65
CA ASP C 1425 88.04 34.97 -19.54
C ASP C 1425 88.34 33.89 -20.56
N TYR C 1426 87.33 33.09 -20.89
CA TYR C 1426 87.55 31.92 -21.74
C TYR C 1426 88.04 32.32 -23.13
N TYR C 1427 87.38 33.32 -23.73
CA TYR C 1427 87.71 33.71 -25.09
C TYR C 1427 88.74 34.81 -25.15
N GLU C 1428 89.07 35.44 -24.03
CA GLU C 1428 90.13 36.44 -23.96
C GLU C 1428 90.92 36.20 -22.69
N THR C 1429 91.97 35.39 -22.78
CA THR C 1429 92.85 35.16 -21.65
C THR C 1429 93.72 36.36 -21.34
N GLY C 1430 93.74 37.37 -22.21
CA GLY C 1430 94.48 38.59 -21.90
C GLY C 1430 93.91 39.32 -20.70
N GLU C 1431 92.59 39.31 -20.55
CA GLU C 1431 91.94 39.86 -19.36
C GLU C 1431 92.06 38.82 -18.24
N ASN C 1432 93.23 38.81 -17.61
CA ASN C 1432 93.56 37.77 -16.65
C ASN C 1432 94.02 38.39 -15.33
N GLY C 1433 93.86 37.62 -14.27
CA GLY C 1433 94.31 38.04 -12.96
C GLY C 1433 94.95 36.88 -12.22
N PHE C 1434 95.85 37.23 -11.30
CA PHE C 1434 96.54 36.26 -10.47
C PHE C 1434 96.47 36.70 -9.02
N ALA C 1435 96.18 35.74 -8.14
CA ALA C 1435 96.02 36.02 -6.72
C ALA C 1435 96.83 35.02 -5.92
N SER C 1436 97.34 35.48 -4.78
CA SER C 1436 98.17 34.67 -3.91
C SER C 1436 97.32 34.03 -2.81
N TYR C 1437 97.84 32.92 -2.27
CA TYR C 1437 97.20 32.19 -1.20
C TYR C 1437 98.24 31.88 -0.14
N SER C 1438 97.98 32.32 1.09
CA SER C 1438 98.88 32.09 2.21
C SER C 1438 98.14 31.35 3.31
N GLN C 1439 98.89 30.58 4.08
CA GLN C 1439 98.31 29.85 5.19
C GLN C 1439 97.82 30.80 6.27
N PRO C 1440 96.54 30.76 6.64
CA PRO C 1440 96.08 31.60 7.75
C PRO C 1440 96.80 31.34 9.06
N CYS C 1441 97.17 30.09 9.33
CA CYS C 1441 97.91 29.76 10.55
C CYS C 1441 99.39 29.64 10.24
N LYS D 22 8.12 -49.86 24.53
CA LYS D 22 7.56 -48.75 25.29
C LYS D 22 6.12 -49.00 25.70
N VAL D 23 5.79 -48.58 26.92
CA VAL D 23 4.46 -48.76 27.48
C VAL D 23 3.60 -47.59 27.02
N GLN D 24 2.33 -47.87 26.79
CA GLN D 24 1.35 -46.85 26.47
C GLN D 24 -0.02 -47.36 26.90
N TYR D 25 -0.99 -46.47 26.94
CA TYR D 25 -2.22 -46.67 27.67
C TYR D 25 -3.32 -45.85 27.02
N ALA D 26 -4.56 -46.14 27.36
CA ALA D 26 -5.69 -45.37 26.85
C ALA D 26 -6.76 -45.29 27.93
N LEU D 27 -7.07 -44.06 28.33
CA LEU D 27 -8.09 -43.80 29.33
C LEU D 27 -9.35 -43.31 28.64
N THR D 28 -10.46 -44.00 28.89
CA THR D 28 -11.70 -43.73 28.17
C THR D 28 -12.78 -43.47 29.21
N ILE D 29 -13.19 -42.21 29.32
CA ILE D 29 -14.11 -41.74 30.35
C ILE D 29 -14.96 -40.61 29.79
N PRO D 30 -16.25 -40.58 30.08
CA PRO D 30 -17.04 -39.38 29.77
C PRO D 30 -16.59 -38.21 30.62
N ALA D 31 -16.67 -37.01 30.04
CA ALA D 31 -16.38 -35.81 30.81
C ALA D 31 -17.58 -35.35 31.62
N LEU D 32 -18.77 -35.88 31.34
CA LEU D 32 -19.98 -35.49 32.04
C LEU D 32 -20.52 -36.69 32.79
N LEU D 33 -20.21 -36.75 34.07
CA LEU D 33 -20.72 -37.80 34.93
C LEU D 33 -22.15 -37.50 35.35
N LYS D 34 -22.94 -38.55 35.41
CA LYS D 34 -24.34 -38.48 35.80
C LYS D 34 -24.48 -39.04 37.20
N SER D 35 -25.29 -38.38 38.03
CA SER D 35 -25.31 -38.69 39.45
C SER D 35 -26.09 -39.98 39.74
N GLY D 36 -25.63 -40.71 40.76
CA GLY D 36 -26.42 -41.73 41.41
C GLY D 36 -26.62 -43.03 40.65
N GLU D 37 -25.90 -43.26 39.56
CA GLU D 37 -26.15 -44.40 38.70
C GLU D 37 -24.85 -45.01 38.23
N THR D 38 -24.93 -46.29 37.85
CA THR D 38 -23.73 -47.02 37.47
C THR D 38 -23.24 -46.59 36.09
N GLN D 39 -21.93 -46.33 36.02
CA GLN D 39 -21.29 -45.84 34.83
C GLN D 39 -20.08 -46.72 34.50
N ARG D 40 -19.49 -46.42 33.35
CA ARG D 40 -18.42 -47.23 32.78
C ARG D 40 -17.16 -46.38 32.64
N ALA D 41 -16.02 -47.03 32.79
CA ALA D 41 -14.74 -46.43 32.47
C ALA D 41 -13.82 -47.52 31.97
N CYS D 42 -12.97 -47.22 30.99
CA CYS D 42 -12.21 -48.29 30.36
C CYS D 42 -10.79 -47.85 30.03
N VAL D 43 -9.90 -48.82 29.85
CA VAL D 43 -8.48 -48.54 29.67
C VAL D 43 -7.89 -49.54 28.70
N ASN D 44 -6.79 -49.16 28.05
CA ASN D 44 -6.19 -49.93 26.96
C ASN D 44 -4.67 -50.00 27.07
N LEU D 45 -4.15 -50.46 28.19
CA LEU D 45 -2.71 -50.67 28.31
C LEU D 45 -2.16 -51.61 27.24
N ILE D 46 -0.95 -51.31 26.77
CA ILE D 46 -0.22 -52.17 25.84
C ILE D 46 1.23 -51.70 25.82
N GLY D 47 2.13 -52.59 25.42
CA GLY D 47 3.52 -52.22 25.22
C GLY D 47 4.46 -52.85 26.22
N TYR D 48 3.95 -53.09 27.42
CA TYR D 48 4.73 -53.68 28.49
C TYR D 48 4.89 -55.19 28.30
N HIS D 49 5.79 -55.77 29.08
CA HIS D 49 6.04 -57.21 29.05
C HIS D 49 5.84 -57.86 30.39
N GLN D 50 6.45 -57.32 31.44
CA GLN D 50 6.42 -57.92 32.76
C GLN D 50 5.08 -57.64 33.43
N PRO D 51 4.82 -58.29 34.55
CA PRO D 51 3.69 -57.87 35.40
C PRO D 51 3.91 -56.46 35.93
N LEU D 52 2.81 -55.73 36.07
CA LEU D 52 2.78 -54.37 36.56
C LEU D 52 1.65 -54.24 37.58
N ALA D 53 1.37 -53.00 37.97
CA ALA D 53 0.22 -52.67 38.80
C ALA D 53 -0.43 -51.42 38.26
N LEU D 54 -1.72 -51.25 38.53
CA LEU D 54 -2.44 -50.06 38.10
C LEU D 54 -3.35 -49.60 39.22
N SER D 55 -3.77 -48.34 39.15
CA SER D 55 -4.69 -47.80 40.14
C SER D 55 -5.50 -46.66 39.54
N VAL D 56 -6.81 -46.85 39.42
CA VAL D 56 -7.73 -45.86 38.89
C VAL D 56 -8.55 -45.29 40.04
N VAL D 57 -8.50 -43.97 40.20
CA VAL D 57 -9.14 -43.29 41.32
C VAL D 57 -9.94 -42.13 40.78
N LEU D 58 -11.05 -41.83 41.45
CA LEU D 58 -11.80 -40.61 41.19
C LEU D 58 -11.64 -39.71 42.41
N GLU D 59 -11.47 -38.42 42.18
CA GLU D 59 -11.42 -37.46 43.28
C GLU D 59 -12.81 -36.94 43.56
N HIS D 60 -13.50 -37.54 44.53
CA HIS D 60 -14.64 -36.85 45.13
C HIS D 60 -14.08 -35.75 46.00
N GLN D 61 -14.90 -34.74 46.30
CA GLN D 61 -14.41 -33.61 47.07
C GLN D 61 -13.99 -34.05 48.47
N ARG D 62 -14.38 -35.26 48.86
CA ARG D 62 -13.93 -35.82 50.12
C ARG D 62 -13.21 -37.15 49.98
N VAL D 63 -13.68 -38.03 49.11
CA VAL D 63 -13.18 -39.40 49.10
C VAL D 63 -12.51 -39.72 47.78
N ASN D 64 -11.64 -40.73 47.82
CA ASN D 64 -11.09 -41.35 46.63
C ASN D 64 -11.90 -42.58 46.29
N ILE D 65 -11.78 -43.04 45.04
CA ILE D 65 -12.52 -44.19 44.56
C ILE D 65 -11.52 -45.13 43.88
N SER D 66 -11.91 -46.39 43.72
CA SER D 66 -10.97 -47.44 43.33
C SER D 66 -11.43 -48.20 42.10
N ILE D 67 -11.78 -47.48 41.04
CA ILE D 67 -12.43 -48.11 39.89
C ILE D 67 -11.58 -49.24 39.35
N PHE D 68 -10.28 -49.02 39.23
CA PHE D 68 -9.35 -50.06 38.84
C PHE D 68 -8.14 -49.98 39.74
N SER D 69 -7.76 -51.10 40.36
CA SER D 69 -6.56 -51.18 41.17
C SER D 69 -5.88 -52.52 41.01
N GLU D 70 -5.77 -52.99 39.77
CA GLU D 70 -5.49 -54.39 39.47
C GLU D 70 -4.02 -54.62 39.17
N LYS D 71 -3.57 -55.84 39.44
CA LYS D 71 -2.29 -56.33 38.95
C LYS D 71 -2.36 -56.56 37.46
N VAL D 72 -1.21 -56.48 36.80
CA VAL D 72 -1.14 -56.53 35.35
C VAL D 72 -0.23 -57.69 34.96
N GLN D 73 -0.68 -58.53 34.03
CA GLN D 73 0.02 -59.74 33.66
C GLN D 73 0.23 -59.83 32.15
N PRO D 74 1.48 -59.71 31.70
CA PRO D 74 1.78 -59.55 30.26
C PRO D 74 0.83 -58.66 29.47
N PRO D 75 1.19 -58.32 28.21
CA PRO D 75 0.53 -57.18 27.55
C PRO D 75 -0.90 -57.41 27.09
N HIS D 76 -1.41 -56.42 26.36
CA HIS D 76 -2.71 -56.48 25.70
C HIS D 76 -3.86 -56.48 26.70
N TYR D 77 -3.84 -55.48 27.58
CA TYR D 77 -4.96 -55.28 28.51
C TYR D 77 -5.75 -54.06 28.11
N PHE D 78 -6.99 -54.32 27.71
CA PHE D 78 -8.01 -53.30 27.47
C PHE D 78 -9.23 -53.85 28.21
N LYS D 79 -9.64 -53.14 29.25
CA LYS D 79 -10.73 -53.59 30.09
C LYS D 79 -11.60 -52.42 30.49
N CYS D 80 -12.91 -52.69 30.49
CA CYS D 80 -13.92 -51.66 30.70
C CYS D 80 -14.78 -52.14 31.86
N ASN D 81 -15.18 -51.24 32.77
CA ASN D 81 -15.82 -51.69 33.99
C ASN D 81 -16.79 -50.68 34.60
N LYS D 82 -17.46 -51.16 35.64
CA LYS D 82 -18.59 -50.52 36.30
C LYS D 82 -18.12 -49.62 37.44
N PHE D 83 -19.02 -48.76 37.89
CA PHE D 83 -18.88 -48.07 39.17
C PHE D 83 -20.15 -47.27 39.44
N MET D 84 -20.28 -46.78 40.67
CA MET D 84 -21.44 -45.97 41.08
C MET D 84 -20.99 -44.55 41.38
N VAL D 85 -21.81 -43.59 40.97
CA VAL D 85 -21.56 -42.19 41.27
C VAL D 85 -22.27 -41.82 42.58
N PRO D 86 -21.56 -41.40 43.61
CA PRO D 86 -22.23 -40.85 44.79
C PRO D 86 -22.93 -39.54 44.43
N THR D 87 -24.11 -39.34 45.01
CA THR D 87 -24.90 -38.17 44.68
C THR D 87 -24.25 -36.89 45.17
N VAL D 88 -24.45 -35.81 44.43
CA VAL D 88 -24.04 -34.48 44.82
C VAL D 88 -25.14 -33.52 44.42
N ILE D 89 -25.44 -32.55 45.28
CA ILE D 89 -26.53 -31.61 45.03
C ILE D 89 -26.24 -30.64 43.90
N THR D 90 -25.01 -30.55 43.41
CA THR D 90 -24.64 -29.53 42.44
C THR D 90 -23.70 -30.11 41.41
N ASN D 91 -23.72 -29.56 40.20
CA ASN D 91 -22.68 -29.87 39.22
C ASN D 91 -21.32 -29.41 39.71
N ALA D 92 -20.33 -30.28 39.60
CA ALA D 92 -19.02 -30.00 40.15
C ALA D 92 -17.93 -30.70 39.33
N PRO D 93 -16.96 -29.95 38.84
CA PRO D 93 -15.78 -30.58 38.24
C PRO D 93 -14.85 -31.14 39.31
N ASP D 94 -14.35 -32.34 39.04
CA ASP D 94 -13.44 -33.06 39.91
C ASP D 94 -12.43 -33.82 39.05
N PHE D 95 -11.55 -34.58 39.71
CA PHE D 95 -10.43 -35.22 39.05
C PHE D 95 -10.50 -36.75 39.12
N VAL D 96 -9.94 -37.35 38.08
CA VAL D 96 -9.73 -38.79 37.98
C VAL D 96 -8.25 -39.00 37.70
N THR D 97 -7.71 -40.09 38.24
CA THR D 97 -6.27 -40.33 38.28
C THR D 97 -5.96 -41.80 38.00
N LEU D 98 -4.76 -42.02 37.50
CA LEU D 98 -4.17 -43.34 37.31
C LEU D 98 -2.73 -43.39 37.77
N SER D 99 -2.39 -44.43 38.50
CA SER D 99 -1.00 -44.78 38.80
C SER D 99 -0.66 -46.06 38.07
N VAL D 100 0.54 -46.11 37.51
CA VAL D 100 0.93 -47.20 36.61
C VAL D 100 2.19 -47.85 37.18
N SER D 101 2.31 -47.85 38.51
CA SER D 101 3.50 -48.40 39.13
C SER D 101 3.60 -49.91 38.90
N GLY D 102 4.81 -50.43 38.98
CA GLY D 102 4.99 -51.86 38.82
C GLY D 102 6.42 -52.18 38.44
N GLY D 103 6.58 -53.26 37.67
CA GLY D 103 7.91 -53.75 37.35
C GLY D 103 8.78 -52.72 36.66
N GLY D 104 8.21 -51.98 35.72
CA GLY D 104 8.99 -50.96 35.02
C GLY D 104 8.76 -49.56 35.56
N GLU D 105 8.74 -48.59 34.67
CA GLU D 105 8.48 -47.22 35.04
C GLU D 105 7.01 -47.05 35.41
N ASP D 106 6.68 -45.96 36.07
CA ASP D 106 5.32 -45.67 36.48
C ASP D 106 4.83 -44.40 35.79
N ILE D 107 3.51 -44.31 35.59
CA ILE D 107 2.88 -43.16 34.98
C ILE D 107 1.78 -42.67 35.90
N LYS D 108 1.75 -41.36 36.10
CA LYS D 108 0.78 -40.72 36.98
C LYS D 108 -0.06 -39.76 36.16
N ASP D 109 -1.38 -39.92 36.24
CA ASP D 109 -2.29 -39.25 35.32
C ASP D 109 -3.43 -38.64 36.10
N ARG D 110 -3.72 -37.37 35.82
CA ARG D 110 -4.70 -36.60 36.57
C ARG D 110 -5.45 -35.69 35.61
N LYS D 111 -6.73 -35.95 35.39
CA LYS D 111 -7.55 -35.09 34.57
C LYS D 111 -8.84 -34.78 35.31
N ALA D 112 -9.71 -34.00 34.68
CA ALA D 112 -10.90 -33.49 35.32
C ALA D 112 -12.13 -33.73 34.45
N VAL D 113 -13.20 -34.16 35.10
CA VAL D 113 -14.54 -34.24 34.52
C VAL D 113 -15.45 -33.41 35.41
N VAL D 114 -16.74 -33.44 35.10
CA VAL D 114 -17.74 -32.74 35.88
C VAL D 114 -18.93 -33.66 36.12
N ILE D 115 -19.37 -33.74 37.37
CA ILE D 115 -20.56 -34.48 37.76
C ILE D 115 -21.75 -33.52 37.72
N ALA D 116 -22.92 -34.04 37.35
CA ALA D 116 -24.08 -33.17 37.27
C ALA D 116 -25.17 -33.59 38.24
N PRO D 117 -25.96 -32.65 38.75
CA PRO D 117 -27.13 -33.00 39.55
C PRO D 117 -28.27 -33.47 38.68
N LEU D 118 -29.17 -34.24 39.30
CA LEU D 118 -30.18 -34.97 38.56
C LEU D 118 -31.59 -34.54 38.98
N ASN D 119 -32.52 -34.70 38.04
CA ASN D 119 -33.95 -34.54 38.27
C ASN D 119 -34.71 -35.64 37.53
N THR D 120 -35.83 -36.05 38.11
CA THR D 120 -36.64 -37.13 37.55
C THR D 120 -37.80 -36.55 36.75
N ILE D 121 -38.29 -37.34 35.81
CA ILE D 121 -39.22 -36.88 34.78
C ILE D 121 -40.65 -37.11 35.22
N CYS D 122 -41.53 -36.20 34.83
CA CYS D 122 -42.96 -36.29 35.04
C CYS D 122 -43.64 -36.30 33.68
N LEU D 123 -44.54 -37.25 33.46
CA LEU D 123 -44.99 -37.58 32.13
C LEU D 123 -46.51 -37.70 32.09
N ILE D 124 -47.07 -37.37 30.93
CA ILE D 124 -48.49 -37.10 30.75
C ILE D 124 -49.07 -38.12 29.80
N GLN D 125 -50.07 -38.88 30.26
CA GLN D 125 -50.70 -39.91 29.43
C GLN D 125 -52.17 -39.53 29.17
N MET D 126 -52.37 -38.73 28.13
CA MET D 126 -53.71 -38.26 27.78
C MET D 126 -54.23 -39.04 26.59
N ASP D 127 -55.41 -39.61 26.75
CA ASP D 127 -56.11 -40.30 25.68
C ASP D 127 -56.91 -39.32 24.83
N LYS D 128 -57.35 -39.82 23.66
CA LYS D 128 -58.34 -39.14 22.83
C LYS D 128 -57.94 -37.69 22.60
N PRO D 129 -56.92 -37.44 21.78
CA PRO D 129 -56.35 -36.07 21.72
C PRO D 129 -57.38 -35.00 21.43
N VAL D 130 -58.26 -35.22 20.47
CA VAL D 130 -59.29 -34.25 20.14
C VAL D 130 -60.49 -34.53 21.02
N TYR D 131 -61.24 -33.49 21.32
CA TYR D 131 -62.34 -33.54 22.25
C TYR D 131 -63.55 -32.81 21.68
N LYS D 132 -64.72 -33.29 22.07
CA LYS D 132 -66.02 -32.77 21.71
C LYS D 132 -66.88 -32.63 22.95
N PRO D 133 -67.90 -31.77 22.94
CA PRO D 133 -68.63 -31.47 24.17
C PRO D 133 -69.23 -32.71 24.81
N GLY D 134 -69.33 -32.67 26.14
CA GLY D 134 -69.84 -33.79 26.89
C GLY D 134 -69.01 -35.05 26.83
N CYS D 135 -67.70 -34.96 27.03
CA CYS D 135 -66.79 -36.08 26.92
C CYS D 135 -66.34 -36.55 28.30
N LYS D 136 -65.53 -37.60 28.32
CA LYS D 136 -64.91 -38.13 29.52
C LYS D 136 -63.40 -38.02 29.36
N VAL D 137 -62.78 -37.17 30.17
CA VAL D 137 -61.32 -37.05 30.11
C VAL D 137 -60.71 -38.00 31.13
N ARG D 138 -59.80 -38.85 30.66
CA ARG D 138 -59.24 -39.94 31.44
C ARG D 138 -57.74 -39.74 31.59
N PHE D 139 -57.30 -39.56 32.84
CA PHE D 139 -55.92 -39.26 33.15
C PHE D 139 -55.12 -40.52 33.38
N ARG D 140 -53.91 -40.53 32.85
CA ARG D 140 -52.83 -41.28 33.48
C ARG D 140 -51.63 -40.37 33.53
N LEU D 141 -51.00 -40.27 34.70
CA LEU D 141 -49.82 -39.46 34.87
C LEU D 141 -48.76 -40.30 35.57
N ILE D 142 -47.50 -40.16 35.15
CA ILE D 142 -46.46 -41.03 35.69
C ILE D 142 -45.25 -40.20 36.09
N SER D 143 -44.44 -40.75 36.98
CA SER D 143 -43.15 -40.19 37.33
C SER D 143 -42.09 -41.27 37.18
N LEU D 144 -41.00 -40.94 36.49
CA LEU D 144 -39.96 -41.90 36.23
C LEU D 144 -38.62 -41.31 36.62
N ASN D 145 -37.69 -42.18 36.98
CA ASN D 145 -36.31 -41.75 37.08
C ASN D 145 -35.83 -41.26 35.71
N THR D 146 -34.73 -40.50 35.72
CA THR D 146 -34.01 -40.26 34.48
C THR D 146 -33.73 -41.57 33.77
N MET D 147 -33.22 -42.55 34.50
CA MET D 147 -33.15 -43.91 34.00
C MET D 147 -34.55 -44.51 34.04
N LEU D 148 -34.77 -45.55 33.24
CA LEU D 148 -36.08 -46.17 33.15
C LEU D 148 -36.35 -46.89 34.46
N LEU D 149 -36.53 -46.10 35.51
CA LEU D 149 -36.69 -46.63 36.85
C LEU D 149 -37.85 -45.94 37.54
N PRO D 150 -38.93 -46.68 37.80
CA PRO D 150 -40.16 -46.06 38.32
C PRO D 150 -39.99 -45.60 39.76
N ILE D 151 -40.77 -44.60 40.13
CA ILE D 151 -40.61 -43.90 41.39
C ILE D 151 -41.97 -43.39 41.87
N SER D 152 -42.14 -43.31 43.19
CA SER D 152 -43.34 -42.71 43.75
C SER D 152 -43.17 -41.21 43.87
N GLU D 153 -44.23 -40.46 43.55
CA GLU D 153 -44.17 -39.01 43.56
C GLU D 153 -45.50 -38.43 44.02
N LYS D 154 -45.43 -37.41 44.86
CA LYS D 154 -46.61 -36.82 45.48
C LYS D 154 -46.96 -35.53 44.76
N TYR D 155 -48.26 -35.31 44.56
CA TYR D 155 -48.74 -34.17 43.79
C TYR D 155 -49.74 -33.37 44.60
N THR D 156 -49.64 -32.05 44.48
CA THR D 156 -50.53 -31.14 45.17
C THR D 156 -51.01 -29.98 44.31
N ALA D 157 -50.43 -29.77 43.13
CA ALA D 157 -50.72 -28.61 42.30
C ALA D 157 -51.19 -29.05 40.92
N VAL D 158 -52.13 -29.98 40.90
CA VAL D 158 -52.65 -30.52 39.65
C VAL D 158 -54.01 -29.90 39.39
N TYR D 159 -54.13 -29.25 38.24
CA TYR D 159 -55.35 -28.52 37.89
C TYR D 159 -55.31 -28.21 36.40
N LEU D 160 -56.33 -27.49 35.95
CA LEU D 160 -56.51 -27.18 34.54
C LEU D 160 -56.60 -25.67 34.32
N GLU D 161 -56.27 -25.25 33.11
CA GLU D 161 -56.34 -23.84 32.74
C GLU D 161 -56.98 -23.69 31.37
N ASP D 162 -57.99 -22.83 31.31
CA ASP D 162 -58.65 -22.45 30.07
C ASP D 162 -57.81 -21.42 29.35
N PRO D 163 -58.08 -21.18 28.06
CA PRO D 163 -57.45 -20.05 27.38
C PRO D 163 -57.72 -18.71 28.04
N SER D 164 -58.79 -18.62 28.84
CA SER D 164 -59.02 -17.41 29.62
C SER D 164 -58.12 -17.34 30.85
N GLY D 165 -57.69 -18.47 31.39
CA GLY D 165 -56.78 -18.48 32.51
C GLY D 165 -57.38 -18.81 33.87
N SER D 166 -58.15 -19.90 33.98
CA SER D 166 -58.81 -20.27 35.22
C SER D 166 -58.42 -21.68 35.65
N ARG D 167 -58.25 -21.88 36.94
CA ARG D 167 -58.14 -23.22 37.50
C ARG D 167 -59.52 -23.86 37.48
N ILE D 168 -59.73 -24.81 36.58
CA ILE D 168 -61.06 -25.42 36.46
C ILE D 168 -61.24 -26.55 37.47
N ALA D 169 -60.45 -27.61 37.35
CA ALA D 169 -60.57 -28.76 38.23
C ALA D 169 -59.22 -29.05 38.85
N GLN D 170 -59.18 -29.17 40.17
CA GLN D 170 -57.94 -29.29 40.91
C GLN D 170 -57.98 -30.50 41.83
N TRP D 171 -56.79 -30.99 42.19
CA TRP D 171 -56.65 -32.08 43.13
C TRP D 171 -55.47 -31.79 44.05
N GLN D 172 -55.51 -32.33 45.25
CA GLN D 172 -54.47 -32.14 46.25
C GLN D 172 -54.10 -33.48 46.87
N ASN D 173 -52.82 -33.65 47.20
CA ASN D 173 -52.36 -34.78 47.99
C ASN D 173 -52.55 -36.11 47.27
N GLN D 174 -51.91 -36.23 46.11
CA GLN D 174 -51.99 -37.45 45.32
C GLN D 174 -50.61 -38.08 45.17
N GLU D 175 -50.50 -39.33 45.62
CA GLU D 175 -49.28 -40.11 45.49
C GLU D 175 -49.40 -41.12 44.35
N SER D 176 -48.34 -41.22 43.56
CA SER D 176 -48.31 -42.20 42.48
C SER D 176 -48.31 -43.61 43.05
N VAL D 177 -49.38 -44.36 42.78
CA VAL D 177 -49.57 -45.65 43.41
C VAL D 177 -48.54 -46.66 42.91
N GLY D 178 -48.32 -46.70 41.60
CA GLY D 178 -47.32 -47.56 41.02
C GLY D 178 -46.44 -46.74 40.11
N GLY D 179 -46.11 -45.53 40.57
CA GLY D 179 -45.54 -44.54 39.70
C GLY D 179 -46.54 -43.93 38.75
N VAL D 180 -47.83 -44.17 38.96
CA VAL D 180 -48.88 -43.79 38.03
C VAL D 180 -50.10 -43.36 38.83
N VAL D 181 -50.87 -42.43 38.27
CA VAL D 181 -52.10 -41.94 38.86
C VAL D 181 -53.14 -41.81 37.75
N GLN D 182 -54.40 -42.08 38.08
CA GLN D 182 -55.50 -42.06 37.14
C GLN D 182 -56.65 -41.23 37.70
N LEU D 183 -57.14 -40.28 36.92
CA LEU D 183 -58.25 -39.42 37.34
C LEU D 183 -59.24 -39.24 36.20
N GLU D 184 -60.31 -38.49 36.48
CA GLU D 184 -61.40 -38.30 35.53
C GLU D 184 -61.86 -36.85 35.52
N PHE D 185 -62.32 -36.39 34.36
CA PHE D 185 -63.07 -35.15 34.27
C PHE D 185 -64.28 -35.32 33.37
N PRO D 186 -65.47 -35.22 33.92
CA PRO D 186 -66.66 -35.11 33.09
C PRO D 186 -66.69 -33.75 32.41
N LEU D 187 -67.05 -33.74 31.13
CA LEU D 187 -67.03 -32.53 30.33
C LEU D 187 -68.44 -32.00 30.14
N ILE D 188 -68.57 -30.68 30.22
CA ILE D 188 -69.84 -30.03 29.93
C ILE D 188 -70.18 -30.15 28.45
N SER D 189 -71.48 -30.19 28.17
CA SER D 189 -71.96 -30.09 26.80
C SER D 189 -71.70 -28.72 26.20
N ASP D 190 -71.37 -27.72 27.01
CA ASP D 190 -70.96 -26.44 26.45
C ASP D 190 -69.60 -26.56 25.79
N ALA D 191 -68.58 -26.83 26.60
CA ALA D 191 -67.23 -27.17 26.14
C ALA D 191 -66.75 -26.21 25.05
N ALA D 192 -66.64 -24.94 25.44
CA ALA D 192 -66.12 -23.91 24.55
C ALA D 192 -64.78 -24.38 23.98
N PRO D 193 -64.70 -24.65 22.69
CA PRO D 193 -63.51 -25.28 22.12
C PRO D 193 -62.29 -24.40 22.28
N GLY D 194 -61.13 -25.04 22.42
CA GLY D 194 -59.89 -24.32 22.61
C GLY D 194 -58.78 -25.28 22.98
N SER D 195 -57.77 -24.75 23.66
CA SER D 195 -56.59 -25.52 24.05
C SER D 195 -56.42 -25.37 25.56
N TYR D 196 -56.98 -26.33 26.30
CA TYR D 196 -56.86 -26.33 27.74
C TYR D 196 -55.57 -27.02 28.18
N THR D 197 -55.06 -26.62 29.33
CA THR D 197 -53.75 -27.05 29.79
C THR D 197 -53.85 -27.70 31.16
N ILE D 198 -52.97 -28.66 31.42
CA ILE D 198 -52.83 -29.26 32.74
C ILE D 198 -51.60 -28.67 33.41
N THR D 199 -51.75 -28.20 34.63
CA THR D 199 -50.64 -27.86 35.50
C THR D 199 -50.51 -28.93 36.56
N ALA D 200 -49.31 -29.49 36.70
CA ALA D 200 -49.07 -30.58 37.63
C ALA D 200 -47.75 -30.34 38.34
N GLU D 201 -47.68 -30.71 39.61
CA GLU D 201 -46.45 -30.60 40.38
C GLU D 201 -46.22 -31.85 41.21
N GLY D 202 -45.01 -32.40 41.11
CA GLY D 202 -44.54 -33.39 42.04
C GLY D 202 -43.38 -32.82 42.84
N GLU D 203 -42.95 -33.59 43.83
CA GLU D 203 -41.85 -33.13 44.67
C GLU D 203 -40.53 -33.04 43.91
N SER D 204 -40.46 -33.62 42.71
CA SER D 204 -39.25 -33.57 41.90
C SER D 204 -39.43 -32.81 40.59
N CYS D 205 -40.43 -33.19 39.79
CA CYS D 205 -40.66 -32.49 38.54
C CYS D 205 -41.34 -31.14 38.81
N GLU D 206 -41.42 -30.32 37.77
CA GLU D 206 -41.92 -28.96 37.91
C GLU D 206 -43.03 -28.60 36.94
N SER D 207 -43.05 -29.17 35.75
CA SER D 207 -44.11 -28.83 34.79
C SER D 207 -44.41 -30.02 33.91
N ALA D 208 -45.58 -30.63 34.12
CA ALA D 208 -46.08 -31.67 33.25
C ALA D 208 -47.04 -31.06 32.23
N ARG D 209 -46.47 -30.28 31.33
CA ARG D 209 -47.26 -29.52 30.36
C ARG D 209 -47.99 -30.45 29.40
N GLN D 210 -49.24 -30.09 29.12
CA GLN D 210 -50.04 -30.75 28.10
C GLN D 210 -51.20 -29.85 27.73
N GLY D 211 -51.46 -29.73 26.43
CA GLY D 211 -52.53 -28.89 25.92
C GLY D 211 -53.58 -29.74 25.23
N PHE D 212 -54.72 -29.12 24.94
CA PHE D 212 -55.80 -29.86 24.29
C PHE D 212 -56.24 -29.23 22.98
N THR D 213 -57.16 -29.94 22.33
CA THR D 213 -57.69 -29.58 21.04
C THR D 213 -59.16 -29.97 20.95
N VAL D 214 -59.93 -29.61 21.99
CA VAL D 214 -61.37 -29.82 21.96
C VAL D 214 -61.96 -29.05 20.78
N ASP D 215 -62.89 -29.69 20.07
CA ASP D 215 -63.50 -29.12 18.88
C ASP D 215 -65.01 -29.09 19.05
N GLU D 216 -65.63 -28.15 18.34
CA GLU D 216 -67.08 -28.17 18.22
C GLU D 216 -67.50 -29.17 17.16
N TYR D 217 -68.53 -29.96 17.46
CA TYR D 217 -69.03 -30.98 16.53
C TYR D 217 -69.99 -30.32 15.55
N ILE D 218 -69.41 -29.71 14.52
CA ILE D 218 -70.17 -29.03 13.48
C ILE D 218 -69.94 -29.76 12.17
N LEU D 219 -71.04 -30.18 11.53
CA LEU D 219 -70.99 -31.06 10.37
C LEU D 219 -71.65 -30.40 9.16
N PRO D 220 -70.88 -29.85 8.24
CA PRO D 220 -71.43 -29.56 6.91
C PRO D 220 -71.88 -30.85 6.25
N ARG D 221 -73.01 -30.78 5.54
CA ARG D 221 -73.60 -32.00 5.01
C ARG D 221 -72.74 -32.64 3.93
N PHE D 222 -71.86 -31.88 3.28
CA PHE D 222 -71.05 -32.37 2.19
C PHE D 222 -69.57 -32.26 2.53
N SER D 223 -68.76 -32.90 1.70
CA SER D 223 -67.31 -32.77 1.82
C SER D 223 -66.69 -33.10 0.46
N VAL D 224 -65.80 -32.23 0.00
CA VAL D 224 -65.15 -32.39 -1.30
C VAL D 224 -63.68 -32.71 -1.06
N ILE D 225 -63.17 -33.66 -1.83
CA ILE D 225 -61.76 -34.05 -1.78
C ILE D 225 -61.17 -33.85 -3.18
N VAL D 226 -60.08 -33.09 -3.24
CA VAL D 226 -59.31 -32.88 -4.46
C VAL D 226 -57.84 -33.09 -4.13
N ASP D 227 -57.14 -33.84 -4.99
CA ASP D 227 -55.71 -34.09 -4.83
C ASP D 227 -55.07 -33.56 -6.10
N PRO D 228 -54.80 -32.25 -6.17
CA PRO D 228 -54.11 -31.73 -7.33
C PRO D 228 -52.69 -32.24 -7.40
N PRO D 229 -52.14 -32.40 -8.60
CA PRO D 229 -50.72 -32.79 -8.71
C PRO D 229 -49.76 -31.78 -8.12
N ASN D 230 -50.21 -30.54 -7.92
CA ASN D 230 -49.50 -29.54 -7.14
C ASN D 230 -48.26 -29.00 -7.86
N THR D 231 -47.98 -29.53 -9.06
CA THR D 231 -46.81 -29.10 -9.81
C THR D 231 -46.98 -29.45 -11.28
N ILE D 232 -46.75 -28.49 -12.17
CA ILE D 232 -46.90 -28.69 -13.60
C ILE D 232 -45.71 -28.07 -14.31
N SER D 233 -45.40 -28.58 -15.50
CA SER D 233 -44.29 -28.06 -16.28
C SER D 233 -44.76 -27.02 -17.28
N ILE D 234 -43.87 -26.72 -18.23
CA ILE D 234 -44.28 -25.94 -19.39
C ILE D 234 -44.52 -26.85 -20.58
N LEU D 235 -43.70 -27.90 -20.70
CA LEU D 235 -43.85 -28.88 -21.77
C LEU D 235 -44.93 -29.89 -21.40
N ASP D 236 -46.08 -29.38 -20.99
CA ASP D 236 -47.20 -30.20 -20.55
C ASP D 236 -48.50 -29.69 -21.17
N ASP D 237 -49.43 -30.61 -21.41
CA ASP D 237 -50.60 -30.34 -22.22
C ASP D 237 -51.92 -30.53 -21.50
N ILE D 238 -52.00 -31.43 -20.53
CA ILE D 238 -53.27 -31.80 -19.90
C ILE D 238 -53.08 -31.79 -18.39
N LEU D 239 -54.00 -31.14 -17.70
CA LEU D 239 -54.13 -31.24 -16.26
C LEU D 239 -55.20 -32.27 -15.94
N THR D 240 -54.78 -33.45 -15.50
CA THR D 240 -55.70 -34.48 -15.08
C THR D 240 -55.94 -34.37 -13.58
N LEU D 241 -57.18 -34.57 -13.16
CA LEU D 241 -57.55 -34.56 -11.76
C LEU D 241 -58.58 -35.66 -11.50
N ASN D 242 -58.66 -36.11 -10.25
CA ASN D 242 -59.71 -37.05 -9.83
C ASN D 242 -60.28 -36.50 -8.53
N VAL D 243 -61.46 -35.90 -8.62
CA VAL D 243 -62.08 -35.18 -7.52
C VAL D 243 -63.33 -35.94 -7.07
N SER D 244 -63.73 -35.75 -5.82
CA SER D 244 -64.89 -36.43 -5.26
C SER D 244 -65.58 -35.57 -4.21
N ALA D 245 -66.80 -35.98 -3.84
CA ALA D 245 -67.55 -35.34 -2.77
C ALA D 245 -68.53 -36.34 -2.19
N ILE D 246 -68.99 -36.08 -0.96
CA ILE D 246 -69.77 -37.04 -0.20
C ILE D 246 -70.74 -36.31 0.73
N TYR D 247 -71.84 -36.98 1.07
CA TYR D 247 -72.73 -36.58 2.15
C TYR D 247 -72.03 -36.72 3.50
N THR D 248 -72.79 -36.51 4.57
CA THR D 248 -72.24 -36.61 5.92
C THR D 248 -71.69 -38.00 6.21
N TYR D 249 -72.44 -39.04 5.84
CA TYR D 249 -72.16 -40.40 6.31
C TYR D 249 -71.80 -41.36 5.19
N GLY D 250 -70.96 -40.94 4.25
CA GLY D 250 -70.50 -41.85 3.21
C GLY D 250 -71.54 -42.17 2.17
N GLN D 251 -72.03 -41.15 1.49
CA GLN D 251 -73.07 -41.36 0.49
C GLN D 251 -72.67 -40.68 -0.81
N PRO D 252 -73.04 -41.26 -1.95
CA PRO D 252 -72.80 -40.58 -3.23
C PRO D 252 -73.58 -39.28 -3.30
N VAL D 253 -73.00 -38.31 -4.02
CA VAL D 253 -73.65 -37.01 -4.17
C VAL D 253 -73.79 -36.67 -5.65
N PRO D 254 -74.89 -37.08 -6.30
CA PRO D 254 -75.13 -36.62 -7.67
C PRO D 254 -75.27 -35.11 -7.72
N GLY D 255 -74.83 -34.52 -8.82
CA GLY D 255 -74.94 -33.09 -8.98
C GLY D 255 -73.98 -32.59 -10.05
N SER D 256 -73.94 -31.26 -10.17
CA SER D 256 -73.13 -30.59 -11.18
C SER D 256 -71.94 -29.91 -10.51
N VAL D 257 -70.77 -30.07 -11.10
CA VAL D 257 -69.54 -29.46 -10.61
C VAL D 257 -68.92 -28.67 -11.74
N THR D 258 -68.86 -27.34 -11.60
CA THR D 258 -68.30 -26.50 -12.63
C THR D 258 -67.02 -25.84 -12.11
N ILE D 259 -66.03 -25.74 -12.99
CA ILE D 259 -64.67 -25.37 -12.64
C ILE D 259 -64.19 -24.22 -13.55
N LYS D 260 -63.53 -23.26 -12.92
CA LYS D 260 -62.86 -22.15 -13.62
C LYS D 260 -61.46 -22.03 -13.03
N CYS D 261 -60.47 -21.82 -13.89
CA CYS D 261 -59.09 -21.64 -13.47
C CYS D 261 -58.41 -20.64 -14.40
N CYS D 262 -57.63 -19.73 -13.82
CA CYS D 262 -56.87 -18.74 -14.57
C CYS D 262 -55.86 -18.09 -13.63
N ARG D 263 -55.24 -17.02 -14.11
CA ARG D 263 -54.15 -16.39 -13.39
C ARG D 263 -53.86 -15.03 -14.01
N GLU D 264 -52.85 -14.35 -13.50
CA GLU D 264 -52.30 -13.13 -14.07
C GLU D 264 -51.03 -13.49 -14.83
N ALA D 265 -50.66 -12.62 -15.77
CA ALA D 265 -49.48 -12.86 -16.60
C ALA D 265 -48.22 -12.25 -16.02
N SER D 266 -48.15 -10.92 -15.92
CA SER D 266 -46.93 -10.31 -15.39
C SER D 266 -47.15 -9.26 -14.31
N SER D 267 -48.11 -8.35 -14.45
CA SER D 267 -48.40 -7.29 -13.47
C SER D 267 -47.13 -6.65 -12.92
N TYR D 268 -46.35 -6.05 -13.82
CA TYR D 268 -45.08 -5.47 -13.38
C TYR D 268 -45.30 -4.33 -12.39
N TYR D 269 -45.67 -3.15 -12.88
CA TYR D 269 -46.17 -2.11 -11.98
C TYR D 269 -47.30 -1.27 -12.57
N GLY D 270 -47.20 -0.90 -13.84
CA GLY D 270 -48.15 0.00 -14.46
C GLY D 270 -47.75 1.47 -14.32
N ARG D 271 -48.38 2.29 -15.17
CA ARG D 271 -48.21 3.76 -15.20
C ARG D 271 -46.72 4.08 -15.30
N LYS D 272 -46.14 4.81 -14.34
CA LYS D 272 -44.71 5.05 -14.33
C LYS D 272 -43.91 3.75 -14.32
N GLY D 273 -44.58 2.62 -14.18
CA GLY D 273 -44.02 1.34 -14.55
C GLY D 273 -44.37 1.14 -16.00
N ASN D 274 -45.25 0.18 -16.30
CA ASN D 274 -45.68 -0.06 -17.68
C ASN D 274 -47.19 0.04 -17.73
N CYS D 275 -47.68 1.16 -18.24
CA CYS D 275 -49.07 1.58 -18.14
C CYS D 275 -50.06 0.43 -18.35
N PHE D 276 -50.06 -0.18 -19.53
CA PHE D 276 -50.98 -1.27 -19.82
C PHE D 276 -50.19 -2.47 -20.34
N LYS D 277 -50.70 -3.66 -20.05
CA LYS D 277 -49.91 -4.88 -20.13
C LYS D 277 -50.81 -6.07 -20.33
N GLY D 278 -50.76 -6.66 -21.52
CA GLY D 278 -51.46 -7.90 -21.79
C GLY D 278 -52.95 -7.81 -21.56
N ASN D 279 -53.49 -8.84 -20.91
CA ASN D 279 -54.93 -8.95 -20.70
C ASN D 279 -55.25 -9.08 -19.22
N ARG D 280 -56.48 -9.43 -18.89
CA ARG D 280 -56.85 -9.61 -17.50
C ARG D 280 -56.75 -11.05 -17.02
N GLY D 281 -56.29 -11.98 -17.86
CA GLY D 281 -56.15 -13.37 -17.46
C GLY D 281 -57.06 -14.34 -18.19
N ILE D 282 -56.51 -15.44 -18.66
CA ILE D 282 -57.23 -16.42 -19.47
C ILE D 282 -58.06 -17.33 -18.57
N CYS D 283 -59.34 -16.99 -18.38
CA CYS D 283 -60.22 -17.69 -17.45
C CYS D 283 -61.16 -18.61 -18.22
N THR D 284 -61.29 -19.84 -17.74
CA THR D 284 -62.06 -20.88 -18.44
C THR D 284 -63.44 -21.06 -17.83
N ASN D 285 -64.14 -22.08 -18.34
CA ASN D 285 -65.39 -22.54 -17.74
C ASN D 285 -65.68 -23.93 -18.26
N ILE D 286 -65.60 -24.92 -17.37
CA ILE D 286 -65.94 -26.30 -17.72
C ILE D 286 -66.89 -26.82 -16.65
N THR D 287 -67.55 -27.94 -16.94
CA THR D 287 -68.51 -28.51 -16.01
C THR D 287 -68.56 -30.02 -16.18
N GLY D 288 -69.03 -30.70 -15.14
CA GLY D 288 -69.15 -32.15 -15.16
C GLY D 288 -70.23 -32.62 -14.19
N GLU D 289 -70.51 -33.92 -14.26
CA GLU D 289 -71.55 -34.55 -13.48
C GLU D 289 -71.00 -35.75 -12.73
N LEU D 290 -71.69 -36.11 -11.66
CA LEU D 290 -71.35 -37.30 -10.88
C LEU D 290 -72.62 -37.89 -10.28
N GLY D 291 -72.50 -39.00 -9.56
CA GLY D 291 -73.66 -39.66 -9.03
C GLY D 291 -73.69 -41.18 -9.11
N PRO D 292 -73.12 -41.79 -10.19
CA PRO D 292 -73.05 -43.26 -10.21
C PRO D 292 -72.40 -43.80 -8.96
N ASP D 293 -71.33 -43.13 -8.53
CA ASP D 293 -70.77 -43.32 -7.20
C ASP D 293 -70.43 -42.01 -6.53
N GLY D 294 -70.25 -40.93 -7.29
CA GLY D 294 -69.77 -39.66 -6.79
C GLY D 294 -68.29 -39.57 -7.07
N ALA D 295 -67.93 -38.95 -8.19
CA ALA D 295 -66.56 -38.86 -8.65
C ALA D 295 -66.53 -38.06 -9.93
N PHE D 296 -65.38 -37.44 -10.22
CA PHE D 296 -65.21 -36.79 -11.51
C PHE D 296 -63.75 -36.85 -11.90
N TYR D 297 -63.50 -37.09 -13.18
CA TYR D 297 -62.15 -37.18 -13.73
C TYR D 297 -61.94 -35.93 -14.58
N GLY D 298 -61.36 -34.92 -13.96
CA GLY D 298 -61.17 -33.60 -14.52
C GLY D 298 -59.98 -33.44 -15.43
N VAL D 299 -60.13 -33.86 -16.69
CA VAL D 299 -59.11 -33.57 -17.69
C VAL D 299 -59.27 -32.13 -18.16
N VAL D 300 -58.16 -31.40 -18.25
CA VAL D 300 -58.15 -29.98 -18.59
C VAL D 300 -57.12 -29.75 -19.68
N SER D 301 -57.52 -29.03 -20.72
CA SER D 301 -56.60 -28.67 -21.78
C SER D 301 -55.83 -27.40 -21.40
N LEU D 302 -54.52 -27.54 -21.27
CA LEU D 302 -53.65 -26.42 -20.97
C LEU D 302 -53.24 -25.70 -22.24
N LEU D 303 -53.58 -26.25 -23.40
CA LEU D 303 -53.20 -25.65 -24.67
C LEU D 303 -53.69 -24.22 -24.82
N PRO D 304 -54.96 -23.89 -24.53
CA PRO D 304 -55.37 -22.48 -24.67
C PRO D 304 -54.52 -21.55 -23.83
N PHE D 305 -54.04 -22.05 -22.70
CA PHE D 305 -53.25 -21.24 -21.79
C PHE D 305 -51.94 -20.83 -22.43
N GLN D 306 -51.44 -19.67 -22.01
CA GLN D 306 -50.35 -19.01 -22.73
C GLN D 306 -49.01 -19.67 -22.38
N MET D 307 -48.95 -20.97 -22.63
CA MET D 307 -47.79 -21.77 -22.27
C MET D 307 -46.61 -21.37 -23.14
N GLY D 308 -45.43 -21.27 -22.54
CA GLY D 308 -44.23 -21.04 -23.30
C GLY D 308 -43.96 -19.58 -23.63
N GLN D 309 -44.59 -18.67 -22.88
CA GLN D 309 -44.47 -17.25 -23.18
C GLN D 309 -43.89 -16.47 -22.00
N SER D 310 -43.97 -15.14 -22.04
CA SER D 310 -43.47 -14.30 -20.95
C SER D 310 -44.55 -13.96 -19.93
N GLY D 311 -45.78 -14.39 -20.15
CA GLY D 311 -46.87 -14.04 -19.25
C GLY D 311 -47.18 -15.08 -18.21
N PHE D 312 -46.25 -15.35 -17.30
CA PHE D 312 -46.46 -16.35 -16.26
C PHE D 312 -46.27 -15.78 -14.86
N GLN D 313 -46.91 -16.43 -13.89
CA GLN D 313 -46.66 -16.19 -12.48
C GLN D 313 -46.33 -17.48 -11.75
N MET D 314 -46.01 -18.55 -12.48
CA MET D 314 -45.48 -19.81 -11.98
C MET D 314 -46.47 -20.59 -11.14
N SER D 315 -47.67 -20.05 -10.92
CA SER D 315 -48.73 -20.79 -10.25
C SER D 315 -50.06 -20.45 -10.89
N LEU D 316 -50.93 -21.45 -11.01
CA LEU D 316 -52.26 -21.28 -11.59
C LEU D 316 -53.27 -21.10 -10.46
N GLY D 317 -54.02 -20.00 -10.52
CA GLY D 317 -55.18 -19.86 -9.66
C GLY D 317 -56.20 -20.92 -10.02
N VAL D 318 -56.58 -21.72 -9.03
CA VAL D 318 -57.50 -22.83 -9.22
C VAL D 318 -58.70 -22.62 -8.32
N ALA D 319 -59.90 -22.78 -8.89
CA ALA D 319 -61.15 -22.69 -8.15
C ALA D 319 -62.05 -23.85 -8.53
N LEU D 320 -62.73 -24.41 -7.53
CA LEU D 320 -63.58 -25.59 -7.72
C LEU D 320 -64.94 -25.30 -7.09
N THR D 321 -66.01 -25.61 -7.81
CA THR D 321 -67.36 -25.36 -7.32
C THR D 321 -68.22 -26.61 -7.49
N VAL D 322 -68.85 -27.02 -6.39
CA VAL D 322 -69.66 -28.23 -6.35
C VAL D 322 -71.05 -27.87 -5.83
N THR D 323 -72.07 -28.05 -6.66
CA THR D 323 -73.45 -27.76 -6.29
C THR D 323 -74.25 -29.07 -6.25
N GLU D 324 -75.55 -28.93 -6.01
CA GLU D 324 -76.46 -30.06 -5.92
C GLU D 324 -77.74 -29.72 -6.65
N GLU D 325 -78.50 -30.76 -7.00
CA GLU D 325 -79.74 -30.54 -7.76
C GLU D 325 -80.83 -29.96 -6.88
N GLY D 326 -81.28 -30.73 -5.88
CA GLY D 326 -82.37 -30.29 -5.04
C GLY D 326 -81.99 -29.05 -4.25
N THR D 327 -80.77 -29.04 -3.73
CA THR D 327 -80.27 -27.87 -3.03
C THR D 327 -79.33 -27.08 -3.94
N GLY D 328 -79.67 -25.81 -4.15
CA GLY D 328 -78.84 -24.93 -4.95
C GLY D 328 -77.57 -24.52 -4.26
N ILE D 329 -77.35 -24.98 -3.02
CA ILE D 329 -76.12 -24.68 -2.31
C ILE D 329 -74.93 -25.18 -3.11
N GLN D 330 -73.77 -24.56 -2.87
CA GLN D 330 -72.57 -24.85 -3.62
C GLN D 330 -71.42 -25.11 -2.66
N VAL D 331 -70.49 -25.94 -3.10
CA VAL D 331 -69.31 -26.29 -2.32
C VAL D 331 -68.09 -25.73 -3.05
N THR D 332 -67.32 -24.90 -2.35
CA THR D 332 -66.23 -24.14 -2.95
C THR D 332 -64.89 -24.61 -2.39
N HIS D 333 -63.88 -24.66 -3.26
CA HIS D 333 -62.54 -25.08 -2.86
C HIS D 333 -61.55 -24.60 -3.90
N GLN D 334 -60.79 -23.55 -3.56
CA GLN D 334 -59.89 -22.91 -4.52
C GLN D 334 -58.45 -23.01 -4.03
N PHE D 335 -57.50 -23.10 -4.97
CA PHE D 335 -56.10 -23.19 -4.60
C PHE D 335 -55.22 -22.83 -5.79
N PHE D 336 -53.96 -23.24 -5.69
CA PHE D 336 -52.94 -22.85 -6.65
C PHE D 336 -52.08 -24.04 -7.01
N ILE D 337 -51.54 -24.06 -8.23
CA ILE D 337 -50.73 -25.17 -8.71
C ILE D 337 -49.38 -24.65 -9.18
N MET D 338 -48.31 -25.29 -8.72
CA MET D 338 -46.96 -24.89 -9.08
C MET D 338 -46.70 -25.19 -10.54
N ILE D 339 -46.05 -24.25 -11.22
CA ILE D 339 -45.71 -24.41 -12.63
C ILE D 339 -44.19 -24.40 -12.75
N THR D 340 -43.60 -25.56 -13.00
CA THR D 340 -42.15 -25.67 -12.98
C THR D 340 -41.53 -25.34 -14.33
N SER D 341 -40.29 -24.89 -14.26
CA SER D 341 -39.48 -24.55 -15.42
C SER D 341 -38.21 -25.38 -15.50
N GLN D 342 -37.52 -25.56 -14.37
CA GLN D 342 -36.33 -26.39 -14.32
C GLN D 342 -36.79 -27.82 -14.07
N LEU D 343 -36.88 -28.59 -15.14
CA LEU D 343 -37.60 -29.86 -15.09
C LEU D 343 -36.94 -30.84 -14.14
N ALA D 344 -35.61 -30.85 -14.08
CA ALA D 344 -34.88 -31.83 -13.30
C ALA D 344 -33.90 -31.12 -12.36
N THR D 345 -33.40 -31.87 -11.38
CA THR D 345 -32.36 -31.39 -10.48
C THR D 345 -31.67 -32.54 -9.78
N LEU D 346 -30.42 -32.32 -9.39
CA LEU D 346 -29.60 -33.27 -8.66
C LEU D 346 -29.01 -32.58 -7.44
N ILE D 347 -28.80 -33.35 -6.38
CA ILE D 347 -28.26 -32.83 -5.13
C ILE D 347 -27.39 -33.88 -4.45
N PHE D 348 -26.85 -33.51 -3.29
CA PHE D 348 -25.98 -34.36 -2.50
C PHE D 348 -26.74 -34.84 -1.27
N ASP D 349 -26.25 -35.89 -0.64
CA ASP D 349 -26.83 -36.38 0.60
C ASP D 349 -25.94 -36.01 1.78
N TYR D 350 -26.51 -35.36 2.78
CA TYR D 350 -25.73 -35.07 3.98
C TYR D 350 -25.92 -36.18 4.99
N ASP D 351 -25.83 -37.42 4.53
CA ASP D 351 -25.66 -38.58 5.39
C ASP D 351 -24.48 -39.41 4.93
N ALA D 352 -24.28 -39.51 3.62
CA ALA D 352 -22.99 -39.88 3.07
C ALA D 352 -22.14 -38.63 2.98
N LEU D 353 -21.03 -38.71 2.25
CA LEU D 353 -20.19 -37.56 1.92
C LEU D 353 -19.55 -36.97 3.18
N LYS D 354 -18.71 -37.80 3.81
CA LYS D 354 -17.93 -37.33 4.94
C LYS D 354 -17.05 -36.16 4.51
N GLU D 355 -17.03 -35.14 5.37
CA GLU D 355 -16.59 -33.81 4.97
C GLU D 355 -15.09 -33.67 4.84
N PHE D 356 -14.31 -34.72 5.11
CA PHE D 356 -12.87 -34.65 5.00
C PHE D 356 -12.35 -35.58 3.92
N TYR D 357 -11.38 -35.09 3.17
CA TYR D 357 -10.60 -35.88 2.24
C TYR D 357 -9.29 -36.28 2.91
N LYS D 358 -8.80 -37.45 2.53
CA LYS D 358 -7.90 -38.24 3.35
C LYS D 358 -7.12 -39.17 2.42
N ARG D 359 -5.82 -38.99 2.37
CA ARG D 359 -5.04 -39.31 1.17
C ARG D 359 -5.05 -40.81 0.85
N GLY D 360 -4.78 -41.13 -0.40
CA GLY D 360 -4.50 -42.49 -0.80
C GLY D 360 -5.71 -43.41 -0.85
N ILE D 361 -6.73 -43.14 -0.07
CA ILE D 361 -7.94 -43.95 -0.03
C ILE D 361 -9.03 -43.23 -0.81
N PRO D 362 -9.59 -43.83 -1.85
CA PRO D 362 -10.50 -43.10 -2.74
C PRO D 362 -11.69 -42.53 -1.99
N TYR D 363 -12.07 -41.32 -2.37
CA TYR D 363 -13.23 -40.66 -1.79
C TYR D 363 -14.45 -40.93 -2.67
N LEU D 364 -15.56 -41.27 -2.05
CA LEU D 364 -16.77 -41.60 -2.78
C LEU D 364 -17.63 -40.37 -2.99
N VAL D 365 -18.41 -40.39 -4.06
CA VAL D 365 -19.28 -39.29 -4.45
C VAL D 365 -20.65 -39.88 -4.70
N LYS D 366 -21.67 -39.27 -4.09
CA LYS D 366 -23.05 -39.71 -4.23
C LYS D 366 -23.90 -38.54 -4.67
N VAL D 367 -24.67 -38.74 -5.74
CA VAL D 367 -25.40 -37.67 -6.40
C VAL D 367 -26.78 -38.17 -6.79
N ILE D 368 -27.76 -37.29 -6.65
CA ILE D 368 -29.17 -37.65 -6.66
C ILE D 368 -29.91 -36.80 -7.69
N LEU D 369 -30.25 -37.40 -8.82
CA LEU D 369 -30.93 -36.70 -9.90
C LEU D 369 -32.36 -37.19 -10.01
N THR D 370 -33.29 -36.26 -10.16
CA THR D 370 -34.68 -36.57 -10.49
C THR D 370 -35.24 -35.43 -11.33
N ASP D 371 -36.53 -35.52 -11.59
CA ASP D 371 -37.23 -34.48 -12.35
C ASP D 371 -38.52 -34.10 -11.64
N ALA D 372 -38.83 -32.80 -11.71
CA ALA D 372 -40.15 -32.28 -11.36
C ALA D 372 -40.66 -32.84 -10.04
N ASN D 373 -41.71 -33.64 -10.12
CA ASN D 373 -42.31 -34.27 -8.95
C ASN D 373 -41.50 -35.49 -8.54
N ASP D 374 -40.18 -35.28 -8.42
CA ASP D 374 -39.24 -36.23 -7.83
C ASP D 374 -39.44 -37.62 -8.42
N ASN D 375 -39.20 -37.71 -9.72
CA ASN D 375 -39.44 -38.96 -10.40
C ASN D 375 -38.11 -39.55 -10.87
N PRO D 376 -38.03 -40.88 -10.97
CA PRO D 376 -36.74 -41.52 -11.22
C PRO D 376 -36.16 -41.16 -12.59
N MET D 377 -34.84 -41.19 -12.65
CA MET D 377 -34.07 -40.95 -13.86
C MET D 377 -33.68 -42.26 -14.54
N ALA D 378 -33.88 -42.29 -15.85
CA ALA D 378 -33.35 -43.37 -16.67
C ALA D 378 -31.84 -43.22 -16.75
N ASN D 379 -31.18 -44.11 -17.48
CA ASN D 379 -29.73 -44.11 -17.50
C ASN D 379 -29.21 -42.82 -18.11
N GLU D 380 -28.62 -41.96 -17.29
CA GLU D 380 -28.14 -40.67 -17.74
C GLU D 380 -26.74 -40.45 -17.21
N GLN D 381 -25.97 -39.61 -17.90
CA GLN D 381 -24.61 -39.31 -17.48
C GLN D 381 -24.47 -37.83 -17.11
N VAL D 382 -23.71 -37.59 -16.06
CA VAL D 382 -23.29 -36.25 -15.64
C VAL D 382 -21.78 -36.26 -15.52
N GLU D 383 -21.21 -35.10 -15.20
CA GLU D 383 -19.78 -34.96 -15.11
C GLU D 383 -19.39 -34.36 -13.76
N VAL D 384 -18.24 -34.80 -13.24
CA VAL D 384 -17.67 -34.29 -12.00
C VAL D 384 -16.44 -33.49 -12.40
N GLU D 385 -16.33 -32.26 -11.89
CA GLU D 385 -15.27 -31.34 -12.27
C GLU D 385 -14.57 -30.84 -11.01
N LEU D 386 -13.30 -31.21 -10.85
CA LEU D 386 -12.58 -30.83 -9.64
C LEU D 386 -12.39 -29.32 -9.58
N ALA D 387 -11.50 -28.81 -10.43
CA ALA D 387 -11.29 -27.37 -10.55
C ALA D 387 -11.74 -26.87 -11.91
N GLY D 388 -11.24 -27.45 -12.99
CA GLY D 388 -11.72 -27.15 -14.32
C GLY D 388 -11.61 -28.38 -15.20
N LYS D 389 -11.18 -29.48 -14.59
CA LYS D 389 -10.92 -30.72 -15.31
C LYS D 389 -12.02 -31.71 -14.98
N THR D 390 -12.39 -32.51 -15.96
CA THR D 390 -13.57 -33.36 -15.84
C THR D 390 -13.17 -34.83 -15.79
N ILE D 391 -13.59 -35.52 -14.73
CA ILE D 391 -13.29 -36.94 -14.58
C ILE D 391 -14.50 -37.77 -14.18
N GLY D 392 -15.68 -37.18 -13.99
CA GLY D 392 -16.82 -37.97 -13.56
C GLY D 392 -17.34 -38.90 -14.65
N ALA D 393 -17.99 -38.34 -15.66
CA ALA D 393 -18.52 -39.10 -16.79
C ALA D 393 -19.30 -40.32 -16.33
N VAL D 394 -20.28 -40.07 -15.47
CA VAL D 394 -20.96 -41.15 -14.75
C VAL D 394 -22.39 -41.27 -15.24
N LEU D 395 -22.79 -42.49 -15.58
CA LEU D 395 -24.17 -42.85 -15.85
C LEU D 395 -24.84 -43.38 -14.57
N THR D 396 -26.17 -43.34 -14.57
CA THR D 396 -26.92 -43.59 -13.35
C THR D 396 -27.36 -45.05 -13.26
N ASP D 397 -27.96 -45.38 -12.12
CA ASP D 397 -28.40 -46.72 -11.78
C ASP D 397 -29.91 -46.86 -11.87
N LYS D 398 -30.54 -46.09 -12.76
CA LYS D 398 -31.98 -46.05 -12.99
C LYS D 398 -32.74 -45.43 -11.82
N GLU D 399 -32.06 -45.04 -10.74
CA GLU D 399 -32.71 -44.39 -9.62
C GLU D 399 -32.00 -43.11 -9.21
N GLY D 400 -30.97 -42.70 -9.95
CA GLY D 400 -30.24 -41.50 -9.60
C GLY D 400 -29.46 -41.59 -8.31
N ARG D 401 -28.87 -42.75 -8.04
CA ARG D 401 -28.04 -42.90 -6.84
C ARG D 401 -26.58 -42.85 -7.24
N ALA D 402 -26.24 -42.02 -8.21
CA ALA D 402 -24.98 -42.22 -8.92
C ALA D 402 -23.79 -41.97 -7.98
N GLU D 403 -22.72 -42.74 -8.17
CA GLU D 403 -21.57 -42.67 -7.30
C GLU D 403 -20.31 -42.55 -8.13
N TYR D 404 -19.23 -42.13 -7.49
CA TYR D 404 -17.92 -42.02 -8.12
C TYR D 404 -16.84 -42.28 -7.08
N ALA D 405 -15.66 -42.65 -7.55
CA ALA D 405 -14.51 -42.91 -6.69
C ALA D 405 -13.34 -42.07 -7.19
N ILE D 406 -13.07 -40.96 -6.49
CA ILE D 406 -11.94 -40.11 -6.85
C ILE D 406 -10.71 -40.57 -6.10
N ASP D 407 -9.56 -40.54 -6.78
CA ASP D 407 -8.29 -40.84 -6.15
C ASP D 407 -7.95 -39.76 -5.12
N THR D 408 -7.35 -40.18 -4.01
CA THR D 408 -6.86 -39.25 -3.00
C THR D 408 -5.34 -39.28 -2.84
N SER D 409 -4.65 -40.09 -3.62
CA SER D 409 -3.20 -40.18 -3.48
C SER D 409 -2.52 -38.96 -4.08
N SER D 410 -1.46 -38.51 -3.41
CA SER D 410 -0.62 -37.40 -3.87
C SER D 410 -1.39 -36.09 -3.94
N PHE D 411 -2.34 -35.90 -3.06
CA PHE D 411 -3.13 -34.67 -3.03
C PHE D 411 -2.76 -33.91 -1.76
N VAL D 412 -2.23 -32.71 -1.93
CA VAL D 412 -1.77 -31.92 -0.79
C VAL D 412 -2.54 -30.61 -0.84
N GLN D 413 -3.76 -30.67 -1.38
CA GLN D 413 -4.53 -29.47 -1.64
C GLN D 413 -5.30 -29.09 -0.37
N GLU D 414 -5.72 -27.83 -0.28
CA GLU D 414 -6.23 -27.32 0.99
C GLU D 414 -7.67 -26.83 0.92
N ASN D 415 -7.99 -25.89 0.04
CA ASN D 415 -9.36 -25.43 -0.07
C ASN D 415 -10.23 -26.44 -0.79
N PHE D 416 -9.89 -26.77 -2.05
CA PHE D 416 -10.41 -27.96 -2.71
C PHE D 416 -11.94 -27.98 -2.76
N THR D 417 -12.50 -27.08 -3.56
CA THR D 417 -13.92 -27.12 -3.85
C THR D 417 -14.12 -27.82 -5.20
N VAL D 418 -14.92 -28.87 -5.21
CA VAL D 418 -15.27 -29.58 -6.43
C VAL D 418 -16.66 -29.14 -6.84
N VAL D 419 -17.05 -29.40 -8.08
CA VAL D 419 -18.41 -29.16 -8.55
C VAL D 419 -18.80 -30.35 -9.41
N VAL D 420 -20.11 -30.50 -9.63
CA VAL D 420 -20.65 -31.53 -10.51
C VAL D 420 -21.79 -30.91 -11.30
N SER D 421 -21.93 -31.31 -12.55
CA SER D 421 -22.96 -30.76 -13.41
C SER D 421 -23.59 -31.86 -14.25
N TYR D 422 -24.79 -31.59 -14.72
CA TYR D 422 -25.43 -32.44 -15.73
C TYR D 422 -25.40 -31.66 -17.04
N GLU D 423 -25.05 -32.35 -18.12
CA GLU D 423 -24.97 -31.74 -19.43
C GLU D 423 -25.68 -32.59 -20.47
N ASN D 424 -26.39 -31.93 -21.36
CA ASN D 424 -26.88 -32.42 -22.64
C ASN D 424 -27.44 -31.25 -23.43
N PRO D 425 -27.33 -31.25 -24.74
CA PRO D 425 -27.95 -30.18 -25.53
C PRO D 425 -29.40 -30.50 -25.84
N HIS D 426 -30.11 -31.03 -24.85
CA HIS D 426 -31.34 -31.74 -25.13
C HIS D 426 -32.49 -31.36 -24.21
N GLN D 427 -32.23 -30.70 -23.09
CA GLN D 427 -33.25 -30.45 -22.10
C GLN D 427 -33.78 -29.04 -22.27
N CYS D 428 -34.92 -28.75 -21.65
CA CYS D 428 -35.44 -27.39 -21.56
C CYS D 428 -35.34 -26.99 -20.10
N TYR D 429 -34.33 -26.19 -19.77
CA TYR D 429 -33.98 -25.82 -18.41
C TYR D 429 -33.96 -24.30 -18.38
N TYR D 430 -35.11 -23.69 -18.10
CA TYR D 430 -35.33 -22.27 -18.37
C TYR D 430 -35.18 -21.49 -17.07
N THR D 431 -33.95 -21.09 -16.79
CA THR D 431 -33.76 -20.33 -15.57
C THR D 431 -34.19 -18.89 -15.79
N GLU D 432 -34.57 -18.25 -14.69
CA GLU D 432 -34.92 -16.84 -14.65
C GLU D 432 -34.30 -16.14 -13.46
N TRP D 433 -33.94 -16.86 -12.41
CA TRP D 433 -33.08 -16.29 -11.37
C TRP D 433 -31.61 -16.47 -11.73
N GLU D 434 -31.27 -15.97 -12.92
CA GLU D 434 -29.89 -15.72 -13.36
C GLU D 434 -28.89 -16.78 -12.90
N GLY D 435 -29.27 -18.05 -13.03
CA GLY D 435 -28.41 -19.13 -12.63
C GLY D 435 -27.70 -19.77 -13.81
N PRO D 436 -27.03 -20.89 -13.55
CA PRO D 436 -26.40 -21.63 -14.65
C PRO D 436 -27.44 -22.30 -15.53
N ASP D 437 -27.04 -22.58 -16.77
CA ASP D 437 -27.93 -23.10 -17.79
C ASP D 437 -28.10 -24.62 -17.71
N PHE D 438 -27.74 -25.22 -16.58
CA PHE D 438 -27.96 -26.65 -16.38
C PHE D 438 -27.79 -26.94 -14.90
N PRO D 439 -28.37 -28.02 -14.39
CA PRO D 439 -28.18 -28.36 -12.98
C PRO D 439 -26.71 -28.55 -12.65
N THR D 440 -26.29 -27.92 -11.55
CA THR D 440 -24.90 -27.91 -11.13
C THR D 440 -24.85 -27.65 -9.64
N ALA D 441 -23.85 -28.22 -8.98
CA ALA D 441 -23.71 -28.03 -7.55
C ALA D 441 -22.26 -28.29 -7.14
N GLN D 442 -21.74 -27.43 -6.28
CA GLN D 442 -20.36 -27.52 -5.82
C GLN D 442 -20.35 -27.94 -4.36
N HIS D 443 -19.35 -28.73 -4.00
CA HIS D 443 -19.11 -29.12 -2.62
C HIS D 443 -17.71 -28.71 -2.20
N PHE D 444 -17.61 -28.09 -1.04
CA PHE D 444 -16.34 -27.67 -0.46
C PHE D 444 -16.10 -28.52 0.79
N VAL D 445 -14.95 -29.18 0.84
CA VAL D 445 -14.64 -30.12 1.91
C VAL D 445 -13.25 -29.83 2.46
N MET D 446 -13.00 -30.32 3.67
CA MET D 446 -11.71 -30.14 4.33
C MET D 446 -10.98 -31.46 4.44
N ARG D 447 -9.66 -31.36 4.61
CA ARG D 447 -8.77 -32.50 4.64
C ARG D 447 -8.52 -32.91 6.09
N PHE D 448 -8.12 -34.17 6.28
CA PHE D 448 -7.73 -34.64 7.60
C PHE D 448 -6.21 -34.51 7.77
N TYR D 449 -5.72 -34.88 8.94
CA TYR D 449 -4.30 -34.91 9.24
C TYR D 449 -3.89 -36.19 9.95
N SER D 450 -2.70 -36.68 9.62
CA SER D 450 -2.03 -37.74 10.38
C SER D 450 -0.55 -37.69 10.03
N GLU D 451 0.31 -37.68 11.05
CA GLU D 451 1.73 -37.43 10.78
C GLU D 451 2.35 -38.53 9.92
N THR D 452 2.04 -39.79 10.20
CA THR D 452 2.68 -40.84 9.42
C THR D 452 1.80 -41.30 8.27
N GLY D 453 0.50 -41.17 8.40
CA GLY D 453 -0.39 -41.57 7.33
C GLY D 453 -0.94 -42.97 7.57
N SER D 454 -2.15 -43.03 8.10
CA SER D 454 -2.83 -44.29 8.30
C SER D 454 -4.29 -43.96 8.61
N PHE D 455 -5.21 -44.53 7.84
CA PHE D 455 -6.49 -43.88 7.64
C PHE D 455 -7.63 -44.83 7.98
N LEU D 456 -8.69 -44.26 8.56
CA LEU D 456 -9.87 -44.98 9.00
C LEU D 456 -11.09 -44.31 8.42
N ASP D 457 -11.99 -45.09 7.83
CA ASP D 457 -13.29 -44.59 7.43
C ASP D 457 -14.36 -45.66 7.58
N ILE D 458 -15.60 -45.21 7.67
CA ILE D 458 -16.76 -46.09 7.79
C ILE D 458 -17.53 -45.99 6.49
N GLN D 459 -18.16 -47.09 6.08
CA GLN D 459 -19.11 -47.04 4.99
C GLN D 459 -20.44 -46.58 5.57
N GLY D 460 -20.75 -45.30 5.40
CA GLY D 460 -21.99 -44.77 5.95
C GLY D 460 -23.21 -45.44 5.37
N SER D 461 -24.20 -45.65 6.24
CA SER D 461 -25.44 -46.31 5.88
C SER D 461 -26.62 -45.40 6.13
N SER D 462 -27.54 -45.36 5.17
CA SER D 462 -28.76 -44.57 5.30
C SER D 462 -29.89 -45.37 5.91
N VAL D 463 -29.59 -46.35 6.76
CA VAL D 463 -30.56 -47.34 7.18
C VAL D 463 -30.64 -47.41 8.70
N GLU D 464 -31.85 -47.56 9.20
CA GLU D 464 -32.04 -47.95 10.59
C GLU D 464 -31.81 -49.44 10.76
N LEU D 465 -31.15 -49.80 11.86
CA LEU D 465 -30.82 -51.18 12.13
C LEU D 465 -31.70 -51.71 13.25
N ASN D 466 -32.39 -52.81 12.99
CA ASN D 466 -33.38 -53.34 13.91
C ASN D 466 -32.70 -53.92 15.15
N CYS D 467 -33.47 -53.97 16.23
CA CYS D 467 -32.99 -54.48 17.51
C CYS D 467 -32.64 -55.95 17.42
N GLY D 468 -31.68 -56.36 18.23
CA GLY D 468 -31.37 -57.76 18.41
C GLY D 468 -30.94 -58.50 17.17
N GLN D 469 -30.51 -57.79 16.13
CA GLN D 469 -30.04 -58.42 14.90
C GLN D 469 -28.61 -57.98 14.67
N VAL D 470 -27.67 -58.91 14.82
CA VAL D 470 -26.26 -58.58 14.68
C VAL D 470 -26.01 -58.00 13.30
N HIS D 471 -25.39 -56.84 13.26
CA HIS D 471 -25.15 -56.12 12.03
C HIS D 471 -23.65 -55.97 11.81
N ASN D 472 -23.26 -55.96 10.56
CA ASN D 472 -21.86 -56.07 10.15
C ASN D 472 -21.47 -54.87 9.29
N ILE D 473 -21.72 -53.66 9.81
CA ILE D 473 -21.29 -52.45 9.13
C ILE D 473 -19.80 -52.53 8.83
N SER D 474 -19.38 -51.86 7.76
CA SER D 474 -18.07 -52.07 7.17
C SER D 474 -17.17 -50.86 7.37
N VAL D 475 -15.90 -51.14 7.63
CA VAL D 475 -14.88 -50.13 7.87
C VAL D 475 -13.70 -50.40 6.95
N ARG D 476 -13.17 -49.34 6.35
CA ARG D 476 -12.01 -49.41 5.47
C ARG D 476 -10.86 -48.64 6.09
N TYR D 477 -9.64 -49.04 5.75
CA TYR D 477 -8.45 -48.43 6.33
C TYR D 477 -7.32 -48.42 5.33
N ILE D 478 -6.32 -47.61 5.64
CA ILE D 478 -4.99 -47.71 5.04
C ILE D 478 -4.00 -47.59 6.18
N LEU D 479 -2.73 -47.89 5.91
CA LEU D 479 -1.68 -47.79 6.92
C LEU D 479 -0.37 -47.52 6.19
N SER D 480 0.47 -46.69 6.77
CA SER D 480 1.70 -46.30 6.12
C SER D 480 2.88 -47.14 6.59
N LEU D 481 3.94 -47.12 5.78
CA LEU D 481 5.21 -47.68 6.23
C LEU D 481 5.73 -46.86 7.41
N ASP D 482 6.77 -47.40 8.05
CA ASP D 482 7.28 -46.85 9.29
C ASP D 482 6.15 -46.66 10.30
N GLY D 483 5.26 -47.64 10.37
CA GLY D 483 4.11 -47.53 11.24
C GLY D 483 4.26 -48.32 12.51
N MET D 484 3.67 -49.52 12.52
CA MET D 484 3.83 -50.42 13.66
C MET D 484 5.28 -50.83 13.82
N GLY D 485 6.10 -50.61 12.80
CA GLY D 485 7.39 -51.24 12.69
C GLY D 485 7.28 -52.30 11.61
N GLU D 486 7.89 -52.05 10.47
CA GLU D 486 7.64 -52.88 9.29
C GLU D 486 8.18 -54.28 9.48
N GLY D 487 7.40 -55.27 9.03
CA GLY D 487 7.69 -56.67 9.24
C GLY D 487 6.65 -57.42 10.05
N ALA D 488 5.67 -56.73 10.62
CA ALA D 488 4.61 -57.34 11.41
C ALA D 488 3.27 -57.06 10.73
N THR D 489 2.77 -58.05 9.98
CA THR D 489 1.52 -57.88 9.24
C THR D 489 0.32 -58.31 10.07
N THR D 490 0.15 -57.71 11.24
CA THR D 490 -1.00 -58.03 12.08
C THR D 490 -1.42 -56.76 12.80
N ALA D 491 -2.68 -56.39 12.65
CA ALA D 491 -3.16 -55.10 13.14
C ALA D 491 -4.42 -55.28 13.97
N THR D 492 -4.39 -54.72 15.16
CA THR D 492 -5.51 -54.75 16.10
C THR D 492 -6.19 -53.39 16.07
N PHE D 493 -7.51 -53.39 16.22
CA PHE D 493 -8.30 -52.17 16.19
C PHE D 493 -9.30 -52.21 17.33
N TYR D 494 -9.46 -51.08 18.01
CA TYR D 494 -10.34 -51.09 19.16
C TYR D 494 -11.63 -50.33 18.85
N TYR D 495 -12.66 -50.66 19.62
CA TYR D 495 -14.04 -50.47 19.21
C TYR D 495 -14.87 -50.03 20.40
N LEU D 496 -15.74 -49.06 20.19
CA LEU D 496 -16.47 -48.42 21.28
C LEU D 496 -17.86 -48.02 20.86
N ALA D 497 -18.84 -48.34 21.71
CA ALA D 497 -20.21 -47.91 21.53
C ALA D 497 -20.61 -47.06 22.73
N MET D 498 -21.31 -45.97 22.46
CA MET D 498 -21.52 -44.93 23.46
C MET D 498 -22.96 -44.46 23.29
N SER D 499 -23.86 -44.90 24.18
CA SER D 499 -25.29 -44.79 23.88
C SER D 499 -25.84 -43.41 24.23
N ARG D 500 -25.94 -43.10 25.52
CA ARG D 500 -26.47 -41.82 25.96
C ARG D 500 -25.43 -41.02 26.72
N ALA D 501 -24.96 -41.56 27.82
CA ALA D 501 -23.74 -41.13 28.47
C ALA D 501 -23.01 -42.35 29.00
N LYS D 502 -23.29 -43.52 28.45
CA LYS D 502 -22.78 -44.77 28.96
C LYS D 502 -21.92 -45.46 27.89
N ILE D 503 -20.84 -46.08 28.34
CA ILE D 503 -19.93 -46.84 27.49
C ILE D 503 -20.47 -48.26 27.37
N VAL D 504 -20.78 -48.69 26.15
CA VAL D 504 -21.31 -50.03 25.95
C VAL D 504 -20.50 -50.69 24.85
N GLN D 505 -20.48 -52.03 24.88
CA GLN D 505 -20.05 -52.84 23.74
C GLN D 505 -18.66 -52.43 23.25
N HIS D 506 -17.68 -52.64 24.10
CA HIS D 506 -16.31 -52.56 23.65
C HIS D 506 -16.03 -53.71 22.68
N GLY D 507 -15.14 -53.45 21.73
CA GLY D 507 -14.80 -54.50 20.79
C GLY D 507 -13.35 -54.38 20.38
N GLN D 508 -12.86 -55.47 19.80
CA GLN D 508 -11.49 -55.52 19.30
C GLN D 508 -11.45 -56.45 18.08
N ARG D 509 -10.84 -55.97 17.00
CA ARG D 509 -10.69 -56.77 15.79
C ARG D 509 -9.23 -56.81 15.40
N ASP D 510 -8.65 -57.99 15.41
CA ASP D 510 -7.28 -58.19 14.97
C ASP D 510 -7.28 -58.96 13.66
N VAL D 511 -6.54 -58.45 12.68
CA VAL D 511 -6.50 -59.03 11.36
C VAL D 511 -5.05 -59.22 10.93
N HIS D 512 -4.86 -60.06 9.92
CA HIS D 512 -3.54 -60.25 9.33
C HIS D 512 -3.53 -59.63 7.95
N LEU D 513 -2.36 -59.12 7.54
CA LEU D 513 -2.21 -58.35 6.32
C LEU D 513 -1.63 -59.23 5.21
N ASN D 514 -2.50 -60.03 4.61
CA ASN D 514 -2.11 -60.75 3.40
C ASN D 514 -1.68 -59.77 2.31
N GLN D 515 -2.32 -58.62 2.27
CA GLN D 515 -1.94 -57.56 1.35
C GLN D 515 -0.92 -56.66 2.05
N SER D 516 -0.39 -55.68 1.31
CA SER D 516 0.62 -54.80 1.86
C SER D 516 -0.01 -53.76 2.79
N LYS D 517 -0.92 -52.95 2.28
CA LYS D 517 -1.33 -51.74 2.99
C LYS D 517 -2.82 -51.54 3.18
N SER D 518 -3.67 -52.04 2.29
CA SER D 518 -5.08 -51.70 2.29
C SER D 518 -5.87 -52.79 3.03
N GLY D 519 -7.18 -52.66 2.98
CA GLY D 519 -8.08 -53.67 3.49
C GLY D 519 -9.34 -53.03 4.05
N LEU D 520 -10.26 -53.89 4.47
CA LEU D 520 -11.53 -53.45 5.03
C LEU D 520 -12.22 -54.68 5.62
N PHE D 521 -13.19 -54.43 6.50
CA PHE D 521 -13.82 -55.51 7.24
C PHE D 521 -15.08 -55.02 7.93
N ASN D 522 -15.66 -55.90 8.73
CA ASN D 522 -16.95 -55.68 9.37
C ASN D 522 -16.79 -55.80 10.88
N ILE D 523 -17.77 -55.30 11.62
CA ILE D 523 -17.81 -55.47 13.07
C ILE D 523 -19.18 -55.96 13.49
N GLY D 524 -19.20 -56.86 14.48
CA GLY D 524 -20.41 -57.50 14.96
C GLY D 524 -21.21 -56.75 16.00
N LEU D 525 -21.99 -55.75 15.58
CA LEU D 525 -22.87 -55.04 16.50
C LEU D 525 -23.88 -56.00 17.10
N ASN D 526 -23.72 -56.31 18.38
CA ASN D 526 -24.67 -57.14 19.12
C ASN D 526 -25.79 -56.21 19.58
N VAL D 527 -26.74 -55.97 18.68
CA VAL D 527 -27.76 -54.95 18.89
C VAL D 527 -28.62 -55.31 20.09
N THR D 528 -28.89 -54.32 20.95
CA THR D 528 -29.71 -54.52 22.13
C THR D 528 -30.42 -53.22 22.47
N SER D 529 -31.58 -53.34 23.10
CA SER D 529 -32.43 -52.18 23.37
C SER D 529 -31.72 -51.11 24.18
N ASP D 530 -30.80 -51.52 25.05
CA ASP D 530 -30.05 -50.55 25.84
C ASP D 530 -29.28 -49.58 24.97
N LEU D 531 -29.00 -49.96 23.73
CA LEU D 531 -28.37 -49.07 22.76
C LEU D 531 -29.30 -47.90 22.55
N ALA D 532 -28.92 -46.74 23.08
CA ALA D 532 -29.76 -45.56 23.00
C ALA D 532 -29.83 -45.08 21.56
N PRO D 533 -30.91 -44.40 21.19
CA PRO D 533 -31.01 -43.87 19.82
C PRO D 533 -29.90 -42.89 19.53
N GLY D 534 -29.47 -42.86 18.28
CA GLY D 534 -28.39 -41.98 17.87
C GLY D 534 -27.12 -42.30 18.65
N ALA D 535 -26.86 -43.58 18.83
CA ALA D 535 -25.72 -44.02 19.62
C ALA D 535 -24.45 -43.80 18.80
N GLU D 536 -23.39 -43.37 19.46
CA GLU D 536 -22.18 -43.00 18.77
C GLU D 536 -21.24 -44.20 18.74
N LEU D 537 -20.63 -44.43 17.59
CA LEU D 537 -19.68 -45.52 17.39
C LEU D 537 -18.30 -44.96 17.09
N ILE D 538 -17.30 -45.42 17.82
CA ILE D 538 -15.91 -45.01 17.68
C ILE D 538 -15.05 -46.23 17.41
N VAL D 539 -14.06 -46.07 16.55
CA VAL D 539 -13.02 -47.08 16.35
C VAL D 539 -11.69 -46.35 16.36
N TYR D 540 -10.61 -47.07 16.66
CA TYR D 540 -9.28 -46.48 16.60
C TYR D 540 -8.19 -47.53 16.60
N CYS D 541 -6.95 -47.04 16.55
CA CYS D 541 -5.75 -47.84 16.68
C CYS D 541 -4.56 -46.95 17.00
N ILE D 542 -3.42 -47.61 17.18
CA ILE D 542 -2.13 -47.01 17.52
C ILE D 542 -1.06 -47.73 16.73
N LEU D 543 -0.09 -46.99 16.20
CA LEU D 543 1.15 -47.62 15.71
C LEU D 543 2.25 -47.49 16.76
N ASP D 544 2.72 -46.26 16.99
CA ASP D 544 3.63 -46.00 18.10
C ASP D 544 3.16 -44.77 18.87
N LEU D 545 2.66 -43.77 18.15
CA LEU D 545 2.15 -42.59 18.81
C LEU D 545 0.95 -41.95 18.13
N GLU D 546 0.44 -42.49 17.03
CA GLU D 546 -0.72 -41.94 16.34
C GLU D 546 -1.98 -42.63 16.81
N LEU D 547 -2.87 -41.88 17.43
CA LEU D 547 -4.20 -42.37 17.76
C LEU D 547 -5.06 -42.10 16.55
N ILE D 548 -5.52 -43.17 15.92
CA ILE D 548 -6.16 -43.10 14.62
C ILE D 548 -7.57 -43.64 14.75
N ALA D 549 -8.56 -42.75 14.56
CA ALA D 549 -9.90 -43.04 15.00
C ALA D 549 -10.94 -42.57 13.99
N ASP D 550 -12.14 -43.10 14.15
CA ASP D 550 -13.29 -42.70 13.37
C ASP D 550 -14.53 -42.73 14.23
N THR D 551 -15.49 -41.85 13.89
CA THR D 551 -16.69 -41.61 14.67
C THR D 551 -17.92 -41.64 13.77
N ILE D 552 -19.05 -42.07 14.33
CA ILE D 552 -20.32 -42.05 13.62
C ILE D 552 -21.46 -41.99 14.64
N SER D 553 -22.65 -41.63 14.17
CA SER D 553 -23.78 -41.21 15.00
C SER D 553 -24.99 -42.07 14.70
N LEU D 554 -24.79 -43.39 14.79
CA LEU D 554 -25.71 -44.35 14.22
C LEU D 554 -27.12 -44.23 14.80
N ASP D 555 -28.11 -44.55 13.97
CA ASP D 555 -29.52 -44.43 14.32
C ASP D 555 -30.00 -45.72 14.98
N ILE D 556 -31.00 -45.60 15.85
CA ILE D 556 -31.56 -46.74 16.58
C ILE D 556 -33.07 -46.60 16.66
N GLU D 557 -33.76 -47.72 16.47
CA GLU D 557 -35.20 -47.79 16.62
C GLU D 557 -35.57 -47.90 18.10
N LYS D 558 -36.87 -47.97 18.37
CA LYS D 558 -37.35 -48.03 19.75
C LYS D 558 -37.55 -49.47 20.17
N CYS D 559 -36.99 -49.85 21.33
CA CYS D 559 -37.28 -51.17 21.91
C CYS D 559 -37.50 -51.17 23.42
N PHE D 560 -36.98 -50.19 24.16
CA PHE D 560 -37.34 -49.96 25.57
C PHE D 560 -37.18 -51.20 26.44
N GLN D 561 -36.22 -52.05 26.12
CA GLN D 561 -35.76 -53.18 26.95
C GLN D 561 -36.89 -54.07 27.45
N ASN D 562 -38.10 -53.92 26.90
CA ASN D 562 -39.26 -54.57 27.48
C ASN D 562 -40.12 -55.15 26.38
N GLN D 563 -40.93 -56.14 26.75
CA GLN D 563 -41.70 -56.92 25.80
C GLN D 563 -43.18 -56.76 26.10
N VAL D 564 -43.96 -56.47 25.08
CA VAL D 564 -45.42 -56.39 25.18
C VAL D 564 -46.03 -57.10 23.98
N SER D 565 -47.05 -57.91 24.24
CA SER D 565 -47.63 -58.79 23.23
C SER D 565 -49.15 -58.75 23.27
N LEU D 566 -49.72 -57.55 23.20
CA LEU D 566 -51.17 -57.41 23.12
C LEU D 566 -51.72 -58.20 21.94
N SER D 567 -52.88 -58.80 22.13
CA SER D 567 -53.51 -59.58 21.07
C SER D 567 -54.99 -59.68 21.34
N PHE D 568 -55.78 -59.68 20.27
CA PHE D 568 -57.21 -59.84 20.40
C PHE D 568 -57.57 -61.31 20.59
N SER D 569 -58.86 -61.56 20.76
CA SER D 569 -59.40 -62.91 20.59
C SER D 569 -59.80 -63.18 19.15
N ASP D 570 -60.23 -62.15 18.42
CA ASP D 570 -60.56 -62.23 17.01
C ASP D 570 -60.47 -60.84 16.41
N ASP D 571 -60.78 -60.71 15.13
CA ASP D 571 -60.73 -59.40 14.50
C ASP D 571 -62.10 -58.84 14.17
N LEU D 572 -63.10 -59.70 14.02
CA LEU D 572 -64.45 -59.27 13.68
C LEU D 572 -65.41 -59.70 14.78
N GLY D 573 -66.64 -59.22 14.68
CA GLY D 573 -67.68 -59.58 15.60
C GLY D 573 -68.89 -58.67 15.52
N PRO D 574 -69.91 -58.97 16.31
CA PRO D 574 -71.11 -58.12 16.33
C PRO D 574 -70.80 -56.79 16.98
N THR D 575 -71.72 -55.84 16.78
CA THR D 575 -71.52 -54.50 17.33
C THR D 575 -71.69 -54.48 18.83
N ALA D 576 -72.13 -55.57 19.44
CA ALA D 576 -72.26 -55.68 20.89
C ALA D 576 -71.49 -56.89 21.39
N SER D 577 -70.36 -57.17 20.77
CA SER D 577 -69.58 -58.35 21.10
C SER D 577 -69.02 -58.27 22.52
N ASN D 578 -69.01 -59.41 23.18
CA ASN D 578 -68.34 -59.57 24.47
C ASN D 578 -66.89 -59.93 24.15
N VAL D 579 -66.02 -58.96 24.22
CA VAL D 579 -64.71 -59.06 23.59
C VAL D 579 -63.67 -59.47 24.62
N SER D 580 -62.60 -60.11 24.14
CA SER D 580 -61.53 -60.62 24.98
C SER D 580 -60.18 -60.27 24.39
N LEU D 581 -59.24 -59.89 25.25
CA LEU D 581 -57.87 -59.50 24.86
C LEU D 581 -56.87 -60.30 25.67
N ASN D 582 -56.04 -61.08 25.00
CA ASN D 582 -54.95 -61.79 25.65
C ASN D 582 -53.68 -60.97 25.44
N LEU D 583 -53.00 -60.65 26.53
CA LEU D 583 -51.80 -59.83 26.49
C LEU D 583 -50.75 -60.39 27.45
N SER D 584 -49.50 -60.07 27.16
CA SER D 584 -48.38 -60.54 27.97
C SER D 584 -47.28 -59.49 27.97
N ALA D 585 -46.49 -59.47 29.03
CA ALA D 585 -45.40 -58.51 29.17
C ALA D 585 -44.43 -59.06 30.21
N ALA D 586 -43.56 -58.19 30.72
CA ALA D 586 -42.65 -58.60 31.78
C ALA D 586 -43.44 -59.04 33.01
N PRO D 587 -43.03 -60.13 33.67
CA PRO D 587 -43.77 -60.62 34.83
C PRO D 587 -43.88 -59.57 35.94
N GLY D 588 -45.01 -59.57 36.62
CA GLY D 588 -45.20 -58.68 37.75
C GLY D 588 -45.10 -57.20 37.41
N SER D 589 -45.79 -56.77 36.35
CA SER D 589 -45.70 -55.41 35.85
C SER D 589 -47.06 -54.75 35.90
N LEU D 590 -47.07 -53.44 36.14
CA LEU D 590 -48.28 -52.64 36.18
C LEU D 590 -48.47 -51.98 34.83
N CYS D 591 -49.63 -52.17 34.20
CA CYS D 591 -49.77 -51.76 32.81
C CYS D 591 -51.04 -50.94 32.62
N GLY D 592 -50.95 -49.92 31.78
CA GLY D 592 -52.12 -49.17 31.33
C GLY D 592 -52.35 -49.44 29.85
N VAL D 593 -53.62 -49.38 29.45
CA VAL D 593 -54.03 -49.80 28.12
C VAL D 593 -54.98 -48.76 27.54
N LYS D 594 -55.01 -48.67 26.21
CA LYS D 594 -55.89 -47.75 25.50
C LYS D 594 -56.34 -48.39 24.20
N VAL D 595 -57.61 -48.21 23.85
CA VAL D 595 -58.16 -48.68 22.58
C VAL D 595 -59.06 -47.59 22.01
N ILE D 596 -58.84 -47.23 20.75
CA ILE D 596 -59.45 -46.05 20.16
C ILE D 596 -59.64 -46.26 18.66
N ASP D 597 -60.57 -45.49 18.08
CA ASP D 597 -60.72 -45.46 16.64
C ASP D 597 -59.50 -44.82 15.98
N SER D 598 -59.23 -45.25 14.76
CA SER D 598 -58.20 -44.59 13.95
C SER D 598 -58.68 -43.26 13.38
N SER D 599 -59.99 -42.99 13.42
CA SER D 599 -60.47 -41.73 12.89
C SER D 599 -59.76 -40.56 13.54
N LEU D 600 -59.57 -40.61 14.85
CA LEU D 600 -58.75 -39.61 15.52
C LEU D 600 -57.33 -39.64 14.99
N LEU D 601 -56.80 -40.84 14.75
CA LEU D 601 -55.50 -40.95 14.08
C LEU D 601 -55.54 -40.30 12.71
N LEU D 602 -56.65 -40.47 11.99
CA LEU D 602 -56.81 -39.85 10.68
C LEU D 602 -56.87 -38.33 10.77
N ILE D 603 -57.28 -37.78 11.90
CA ILE D 603 -57.43 -36.34 12.05
C ILE D 603 -56.13 -35.70 12.55
N ASN D 604 -55.69 -36.08 13.74
CA ASN D 604 -54.50 -35.48 14.35
C ASN D 604 -53.51 -36.59 14.67
N PRO D 605 -52.67 -36.96 13.72
CA PRO D 605 -51.67 -38.00 13.97
C PRO D 605 -50.51 -37.49 14.83
N TYR D 606 -50.86 -36.80 15.91
CA TYR D 606 -49.90 -36.39 16.94
C TYR D 606 -50.30 -37.09 18.22
N GLU D 607 -49.40 -37.90 18.75
CA GLU D 607 -49.67 -38.63 19.98
C GLU D 607 -48.67 -38.24 21.05
N SER D 608 -49.15 -37.58 22.10
CA SER D 608 -48.30 -37.33 23.26
C SER D 608 -47.87 -38.63 23.88
N LEU D 609 -46.69 -38.60 24.51
CA LEU D 609 -45.93 -39.81 24.85
C LEU D 609 -45.57 -40.55 23.56
N SER D 610 -44.73 -39.91 22.76
CA SER D 610 -44.06 -40.55 21.65
C SER D 610 -42.79 -41.22 22.16
N ALA D 611 -42.60 -42.47 21.75
CA ALA D 611 -41.40 -43.21 22.13
C ALA D 611 -40.18 -42.39 21.73
N SER D 612 -40.26 -41.72 20.60
CA SER D 612 -39.30 -40.69 20.22
C SER D 612 -39.35 -39.48 21.12
N GLY D 613 -40.54 -38.94 21.38
CA GLY D 613 -40.65 -37.86 22.35
C GLY D 613 -40.25 -38.30 23.73
N VAL D 614 -40.43 -39.59 24.02
CA VAL D 614 -39.95 -40.14 25.29
C VAL D 614 -38.46 -39.93 25.41
N TYR D 615 -37.72 -40.32 24.38
CA TYR D 615 -36.28 -40.12 24.39
C TYR D 615 -35.94 -38.63 24.40
N TYR D 616 -36.70 -37.84 23.64
CA TYR D 616 -36.49 -36.39 23.66
C TYR D 616 -36.77 -35.80 25.02
N SER D 617 -37.47 -36.52 25.88
CA SER D 617 -37.72 -36.07 27.25
C SER D 617 -36.60 -36.54 28.17
N ILE D 618 -35.36 -36.34 27.73
CA ILE D 618 -34.19 -36.84 28.44
C ILE D 618 -33.03 -35.87 28.22
N PRO D 619 -32.44 -35.34 29.28
CA PRO D 619 -31.32 -34.40 29.11
C PRO D 619 -29.99 -35.13 29.00
N TYR D 620 -29.07 -34.49 28.29
CA TYR D 620 -27.67 -34.93 28.23
C TYR D 620 -27.56 -36.37 27.76
N LEU D 621 -28.36 -36.68 26.75
CA LEU D 621 -28.32 -37.97 26.09
C LEU D 621 -27.14 -38.11 25.15
N SER D 622 -26.35 -37.05 24.98
CA SER D 622 -25.23 -37.06 24.04
C SER D 622 -24.42 -35.81 24.31
N LEU D 623 -23.10 -35.93 24.34
CA LEU D 623 -22.30 -34.76 24.65
C LEU D 623 -21.65 -34.21 23.38
N PHE D 624 -21.35 -32.91 23.43
CA PHE D 624 -21.04 -32.15 22.23
C PHE D 624 -19.65 -31.53 22.28
N GLY D 625 -19.26 -30.94 23.40
CA GLY D 625 -17.97 -30.29 23.50
C GLY D 625 -17.26 -30.55 24.82
N TYR D 626 -16.79 -29.48 25.47
CA TYR D 626 -16.27 -29.58 26.83
C TYR D 626 -16.70 -28.45 27.74
N ASN D 627 -17.06 -27.29 27.20
CA ASN D 627 -17.58 -26.20 28.02
C ASN D 627 -18.96 -26.63 28.48
N TYR D 628 -19.02 -27.29 29.62
CA TYR D 628 -20.23 -27.92 30.11
C TYR D 628 -20.68 -27.15 31.34
N GLY D 629 -21.89 -26.61 31.30
CA GLY D 629 -22.27 -25.63 32.30
C GLY D 629 -21.34 -24.44 32.27
N GLY D 630 -20.71 -24.18 31.13
CA GLY D 630 -19.70 -23.16 31.04
C GLY D 630 -18.39 -23.52 31.69
N PHE D 631 -18.10 -24.81 31.82
CA PHE D 631 -16.88 -25.27 32.49
C PHE D 631 -15.90 -25.73 31.41
N ASN D 632 -14.72 -25.10 31.38
CA ASN D 632 -13.82 -25.31 30.25
C ASN D 632 -13.40 -26.77 30.12
N LEU D 633 -12.59 -27.25 31.06
CA LEU D 633 -12.11 -28.64 31.14
C LEU D 633 -11.10 -29.01 30.07
N GLU D 634 -10.80 -28.12 29.12
CA GLU D 634 -9.85 -28.45 28.07
C GLU D 634 -8.44 -28.08 28.51
N GLU D 635 -7.46 -28.84 28.04
CA GLU D 635 -6.07 -28.51 28.30
C GLU D 635 -5.68 -27.26 27.51
N PRO D 636 -4.73 -26.48 28.04
CA PRO D 636 -4.21 -25.35 27.27
C PRO D 636 -3.48 -25.84 26.02
N GLU D 637 -3.48 -24.99 25.00
CA GLU D 637 -2.84 -25.34 23.75
C GLU D 637 -1.32 -25.23 23.87
N PRO D 638 -0.60 -26.29 23.50
CA PRO D 638 0.86 -26.31 23.65
C PRO D 638 1.53 -25.15 22.95
N PRO D 639 2.83 -24.91 23.22
CA PRO D 639 3.49 -23.74 22.64
C PRO D 639 3.63 -23.83 21.13
N CYS D 640 3.86 -22.67 20.52
CA CYS D 640 3.90 -22.51 19.07
C CYS D 640 5.31 -22.78 18.55
N GLU D 641 5.45 -22.87 17.23
CA GLU D 641 6.75 -22.97 16.59
C GLU D 641 7.05 -21.70 15.78
N ASP D 642 8.31 -21.28 15.83
CA ASP D 642 8.76 -20.12 15.08
C ASP D 642 8.68 -20.40 13.58
N PRO D 643 8.35 -19.39 12.80
CA PRO D 643 8.05 -19.63 11.39
C PRO D 643 9.26 -19.47 10.48
N ASN D 644 10.41 -19.16 11.06
CA ASN D 644 11.55 -18.72 10.26
C ASN D 644 12.68 -19.73 10.19
N THR D 645 12.77 -20.66 11.14
CA THR D 645 13.87 -21.62 11.16
C THR D 645 13.74 -22.51 9.94
N VAL D 646 14.87 -22.78 9.29
CA VAL D 646 14.84 -23.50 8.02
C VAL D 646 15.36 -24.91 8.23
N ILE D 647 14.85 -25.85 7.42
CA ILE D 647 15.13 -27.26 7.59
C ILE D 647 15.56 -27.83 6.24
N PHE D 648 16.46 -28.80 6.28
CA PHE D 648 16.76 -29.61 5.10
C PHE D 648 16.62 -31.10 5.41
N CYS D 649 15.92 -31.81 4.53
CA CYS D 649 15.90 -33.27 4.55
C CYS D 649 16.46 -33.85 3.26
N LYS D 650 15.87 -33.56 2.10
CA LYS D 650 16.29 -34.22 0.87
C LYS D 650 16.64 -33.28 -0.27
N GLY D 651 15.88 -32.24 -0.53
CA GLY D 651 16.09 -31.45 -1.73
C GLY D 651 16.48 -30.03 -1.39
N ARG D 652 15.56 -29.10 -1.58
CA ARG D 652 15.81 -27.70 -1.25
C ARG D 652 15.61 -27.54 0.24
N TYR D 653 15.58 -26.31 0.74
CA TYR D 653 15.42 -26.08 2.16
C TYR D 653 13.95 -25.83 2.47
N TYR D 654 13.54 -26.18 3.68
CA TYR D 654 12.15 -26.42 4.02
C TYR D 654 11.68 -25.49 5.13
N LEU D 655 10.48 -24.81 4.90
CA LEU D 655 9.83 -23.96 5.89
C LEU D 655 8.41 -24.42 6.17
N PRO D 656 8.09 -24.62 7.44
CA PRO D 656 6.76 -25.10 7.83
C PRO D 656 5.65 -24.13 7.47
N VAL D 657 4.48 -24.71 7.25
CA VAL D 657 3.27 -23.94 6.95
C VAL D 657 2.10 -24.88 7.20
N SER D 658 0.91 -24.31 7.37
CA SER D 658 -0.23 -25.13 7.75
C SER D 658 -1.52 -24.44 7.35
N SER D 659 -2.62 -25.17 7.48
CA SER D 659 -3.93 -24.55 7.46
C SER D 659 -4.27 -24.04 8.85
N SER D 660 -5.20 -23.09 8.91
CA SER D 660 -5.70 -22.66 10.21
C SER D 660 -6.62 -23.72 10.79
N THR D 661 -7.50 -24.27 9.97
CA THR D 661 -8.50 -25.23 10.40
C THR D 661 -8.24 -26.54 9.68
N GLU D 662 -7.82 -27.56 10.43
CA GLU D 662 -7.53 -28.87 9.87
C GLU D 662 -8.09 -29.93 10.81
N GLY D 663 -8.07 -31.18 10.35
CA GLY D 663 -8.72 -32.25 11.07
C GLY D 663 -7.80 -33.30 11.65
N ASP D 664 -7.98 -33.64 12.92
CA ASP D 664 -7.14 -34.61 13.60
C ASP D 664 -8.01 -35.45 14.51
N THR D 665 -7.35 -36.25 15.37
CA THR D 665 -8.06 -36.95 16.43
C THR D 665 -8.67 -35.97 17.43
N TYR D 666 -7.94 -34.90 17.77
CA TYR D 666 -8.53 -33.88 18.62
C TYR D 666 -9.84 -33.34 18.05
N GLN D 667 -9.90 -33.05 16.75
CA GLN D 667 -11.14 -32.55 16.19
C GLN D 667 -12.18 -33.64 15.94
N ASN D 668 -11.78 -34.88 15.71
CA ASN D 668 -12.82 -35.90 15.59
C ASN D 668 -13.45 -36.21 16.93
N LEU D 669 -12.68 -36.15 18.01
CA LEU D 669 -13.23 -36.01 19.35
C LEU D 669 -13.50 -34.52 19.57
N ARG D 670 -13.76 -34.16 20.83
CA ARG D 670 -14.27 -32.84 21.18
C ARG D 670 -15.64 -32.59 20.56
N ARG D 671 -16.15 -33.55 19.83
CA ARG D 671 -17.51 -33.62 19.32
C ARG D 671 -18.34 -34.63 20.10
N VAL D 672 -17.82 -35.85 20.27
CA VAL D 672 -18.35 -36.70 21.32
C VAL D 672 -18.02 -36.12 22.69
N GLY D 673 -16.76 -35.78 22.91
CA GLY D 673 -16.31 -35.19 24.15
C GLY D 673 -15.71 -36.14 25.17
N LEU D 674 -15.51 -37.41 24.83
CA LEU D 674 -14.90 -38.32 25.78
C LEU D 674 -13.43 -37.94 25.97
N VAL D 675 -12.83 -38.42 27.06
CA VAL D 675 -11.54 -37.93 27.49
C VAL D 675 -10.51 -39.03 27.32
N LEU D 676 -9.27 -38.65 27.00
CA LEU D 676 -8.14 -39.55 26.88
C LEU D 676 -6.97 -39.00 27.66
N GLY D 677 -6.12 -39.90 28.14
CA GLY D 677 -4.92 -39.50 28.86
C GLY D 677 -3.65 -40.00 28.21
N THR D 678 -3.79 -40.64 27.07
CA THR D 678 -2.68 -41.34 26.43
C THR D 678 -1.50 -40.42 26.17
N SER D 679 -0.30 -40.92 26.45
CA SER D 679 0.92 -40.14 26.22
C SER D 679 1.15 -39.86 24.74
N SER D 680 0.65 -40.72 23.86
CA SER D 680 0.91 -40.58 22.44
C SER D 680 0.22 -39.34 21.88
N LYS D 681 0.85 -38.75 20.86
CA LYS D 681 0.35 -37.53 20.25
C LYS D 681 -0.95 -37.77 19.50
N ILE D 682 -1.84 -36.79 19.52
CA ILE D 682 -2.98 -36.79 18.61
C ILE D 682 -3.07 -35.44 17.90
N ARG D 683 -2.52 -34.42 18.52
CA ARG D 683 -2.98 -33.07 18.27
C ARG D 683 -1.97 -32.30 17.42
N LYS D 684 -2.48 -31.57 16.44
CA LYS D 684 -1.64 -31.03 15.39
C LYS D 684 -0.65 -30.00 15.90
N PRO D 685 0.63 -30.17 15.58
CA PRO D 685 1.58 -29.09 15.78
C PRO D 685 1.29 -27.98 14.79
N VAL D 686 1.38 -26.74 15.27
CA VAL D 686 0.92 -25.58 14.51
C VAL D 686 1.96 -24.48 14.62
N VAL D 687 2.05 -23.65 13.60
CA VAL D 687 3.01 -22.57 13.54
C VAL D 687 2.31 -21.25 13.83
N CYS D 688 3.10 -20.26 14.21
CA CYS D 688 2.57 -18.95 14.54
C CYS D 688 2.13 -18.21 13.28
N GLY D 689 1.34 -17.16 13.49
CA GLY D 689 0.96 -16.25 12.41
C GLY D 689 -0.30 -16.64 11.66
N MET D 690 -0.77 -17.87 11.80
CA MET D 690 -1.96 -18.35 11.11
C MET D 690 -2.96 -18.91 12.12
N GLU D 691 -3.14 -18.19 13.21
CA GLU D 691 -3.87 -18.68 14.37
C GLU D 691 -5.34 -18.90 14.04
N ALA D 692 -6.09 -19.47 15.00
CA ALA D 692 -7.45 -19.89 14.73
C ALA D 692 -8.36 -18.70 14.45
N LYS D 693 -8.33 -17.68 15.32
CA LYS D 693 -9.19 -16.51 15.27
C LYS D 693 -10.59 -16.85 14.79
N PHE D 694 -11.13 -16.06 13.86
CA PHE D 694 -12.43 -16.30 13.26
C PHE D 694 -13.55 -16.38 14.29
N SER D 695 -13.32 -15.91 15.51
CA SER D 695 -14.29 -16.02 16.60
C SER D 695 -14.78 -17.45 16.74
N VAL D 696 -16.03 -17.70 16.36
CA VAL D 696 -16.60 -19.05 16.39
C VAL D 696 -17.32 -19.33 15.06
N PRO D 697 -16.77 -20.21 14.21
CA PRO D 697 -17.42 -20.51 12.93
C PRO D 697 -18.62 -21.42 13.09
N ARG D 698 -19.79 -20.84 13.36
CA ARG D 698 -21.01 -21.59 13.63
C ARG D 698 -21.89 -21.60 12.38
N LYS D 699 -22.08 -22.78 11.80
CA LYS D 699 -23.05 -22.99 10.74
C LYS D 699 -24.36 -23.48 11.37
N SER D 700 -25.29 -23.97 10.53
CA SER D 700 -26.51 -24.59 11.06
C SER D 700 -26.17 -25.76 11.98
N SER D 701 -25.05 -26.43 11.71
CA SER D 701 -24.44 -27.41 12.61
C SER D 701 -25.35 -28.61 12.82
N GLY D 702 -25.73 -29.24 11.71
CA GLY D 702 -26.43 -30.51 11.80
C GLY D 702 -27.62 -30.69 10.89
N GLU D 703 -28.26 -29.58 10.49
CA GLU D 703 -29.48 -29.62 9.68
C GLU D 703 -30.60 -30.37 10.41
N SER D 704 -31.07 -29.76 11.50
CA SER D 704 -32.04 -30.42 12.38
C SER D 704 -33.47 -30.25 11.89
N ASP D 705 -34.39 -30.99 12.52
CA ASP D 705 -35.82 -30.92 12.21
C ASP D 705 -36.70 -30.79 13.44
N PHE D 706 -36.17 -31.04 14.63
CA PHE D 706 -36.93 -30.90 15.87
C PHE D 706 -37.37 -29.45 16.06
N GLY D 707 -38.66 -29.28 16.37
CA GLY D 707 -39.23 -27.96 16.46
C GLY D 707 -40.63 -27.89 17.03
N SER D 708 -41.48 -27.04 16.46
CA SER D 708 -42.82 -26.81 16.99
C SER D 708 -43.81 -26.84 15.82
N SER D 709 -45.07 -26.54 16.12
CA SER D 709 -46.17 -26.49 15.16
C SER D 709 -46.47 -27.85 14.53
N LEU D 710 -45.57 -28.33 13.65
CA LEU D 710 -45.72 -29.60 12.94
C LEU D 710 -47.13 -29.80 12.37
N SER D 711 -47.81 -28.70 12.04
CA SER D 711 -49.15 -28.78 11.50
C SER D 711 -49.43 -27.52 10.70
N ASN D 712 -50.07 -27.67 9.55
CA ASN D 712 -50.44 -26.55 8.70
C ASN D 712 -51.80 -26.02 9.11
N GLY D 713 -52.38 -25.13 8.31
CA GLY D 713 -53.73 -24.66 8.56
C GLY D 713 -54.69 -25.83 8.57
N HIS D 714 -54.92 -26.43 7.40
CA HIS D 714 -55.53 -27.76 7.25
C HIS D 714 -56.63 -28.04 8.27
N VAL D 715 -57.59 -27.12 8.41
CA VAL D 715 -58.60 -27.25 9.46
C VAL D 715 -59.68 -28.21 9.02
N GLU D 716 -59.51 -29.49 9.36
CA GLU D 716 -60.53 -30.50 9.11
C GLU D 716 -61.41 -30.61 10.36
N THR D 717 -62.63 -30.10 10.24
CA THR D 717 -63.58 -30.17 11.34
C THR D 717 -63.96 -31.62 11.61
N LEU D 718 -64.38 -31.89 12.83
CA LEU D 718 -64.82 -33.24 13.18
C LEU D 718 -66.01 -33.63 12.32
N ARG D 719 -65.90 -34.77 11.67
CA ARG D 719 -66.90 -35.26 10.73
C ARG D 719 -67.33 -36.68 11.05
N LYS D 720 -67.12 -37.11 12.29
CA LYS D 720 -67.50 -38.45 12.70
C LYS D 720 -68.09 -38.38 14.10
N ASN D 721 -69.20 -39.10 14.29
CA ASN D 721 -69.89 -39.14 15.57
C ASN D 721 -69.37 -40.33 16.38
N PHE D 722 -68.05 -40.35 16.54
CA PHE D 722 -67.41 -41.46 17.24
C PHE D 722 -67.72 -41.39 18.73
N SER D 723 -67.59 -42.54 19.38
CA SER D 723 -67.95 -42.68 20.79
C SER D 723 -66.73 -42.45 21.68
N GLU D 724 -66.88 -42.76 22.96
CA GLU D 724 -65.79 -42.71 23.91
C GLU D 724 -64.96 -43.98 23.82
N THR D 725 -63.85 -43.98 24.56
CA THR D 725 -63.08 -45.21 24.72
C THR D 725 -63.83 -46.12 25.67
N PHE D 726 -63.98 -47.38 25.28
CA PHE D 726 -64.79 -48.33 26.02
C PHE D 726 -63.98 -49.17 27.01
N LEU D 727 -62.67 -48.96 27.11
CA LEU D 727 -61.86 -49.69 28.07
C LEU D 727 -60.80 -48.75 28.62
N TRP D 728 -60.64 -48.73 29.94
CA TRP D 728 -59.63 -47.91 30.57
C TRP D 728 -59.02 -48.62 31.77
N ARG D 729 -59.02 -49.94 31.75
CA ARG D 729 -58.61 -50.72 32.90
C ARG D 729 -57.11 -50.54 33.16
N LEU D 730 -56.73 -50.78 34.41
CA LEU D 730 -55.36 -50.54 34.84
C LEU D 730 -54.75 -51.78 35.49
N VAL D 731 -54.97 -52.94 34.88
CA VAL D 731 -54.55 -54.19 35.50
C VAL D 731 -53.03 -54.30 35.48
N SER D 732 -52.53 -55.23 36.28
CA SER D 732 -51.10 -55.54 36.33
C SER D 732 -50.84 -56.90 35.70
N VAL D 733 -49.57 -57.31 35.78
CA VAL D 733 -49.11 -58.58 35.25
C VAL D 733 -48.94 -59.56 36.40
N ASP D 734 -49.45 -60.77 36.22
CA ASP D 734 -49.44 -61.78 37.26
C ASP D 734 -48.64 -62.99 36.80
N SER D 735 -47.80 -63.50 37.69
CA SER D 735 -46.85 -64.59 37.36
C SER D 735 -46.04 -64.10 36.16
N GLU D 736 -45.77 -64.97 35.17
CA GLU D 736 -45.09 -64.51 33.97
C GLU D 736 -45.93 -63.49 33.22
N GLY D 737 -47.25 -63.65 33.21
CA GLY D 737 -48.14 -62.70 32.57
C GLY D 737 -48.77 -63.22 31.30
N GLN D 738 -50.00 -63.70 31.41
CA GLN D 738 -50.81 -64.10 30.27
C GLN D 738 -52.21 -63.57 30.44
N ASN D 739 -52.32 -62.29 30.79
CA ASN D 739 -53.59 -61.75 31.24
C ASN D 739 -54.57 -61.66 30.08
N THR D 740 -55.85 -61.59 30.42
CA THR D 740 -56.91 -61.50 29.43
C THR D 740 -58.02 -60.62 29.96
N ILE D 741 -58.27 -59.52 29.26
CA ILE D 741 -59.27 -58.55 29.65
C ILE D 741 -60.56 -58.83 28.91
N THR D 742 -61.68 -58.86 29.63
CA THR D 742 -62.99 -59.08 29.05
C THR D 742 -63.77 -57.78 29.13
N GLU D 743 -64.39 -57.38 28.02
CA GLU D 743 -65.08 -56.11 27.95
C GLU D 743 -66.40 -56.27 27.20
N THR D 744 -67.29 -55.29 27.42
CA THR D 744 -68.57 -55.21 26.73
C THR D 744 -68.58 -53.90 25.94
N VAL D 745 -68.96 -53.98 24.67
CA VAL D 745 -68.66 -52.89 23.74
C VAL D 745 -69.89 -52.05 23.43
N PRO D 746 -69.72 -50.77 23.09
CA PRO D 746 -70.84 -49.98 22.58
C PRO D 746 -71.21 -50.43 21.18
N ASP D 747 -72.27 -49.86 20.62
CA ASP D 747 -72.78 -50.32 19.34
C ASP D 747 -72.41 -49.43 18.16
N THR D 748 -71.17 -48.95 18.10
CA THR D 748 -70.72 -48.21 16.92
C THR D 748 -69.89 -49.12 16.03
N ILE D 749 -70.00 -48.93 14.71
CA ILE D 749 -69.31 -49.76 13.73
C ILE D 749 -68.10 -48.97 13.23
N THR D 750 -66.97 -49.18 13.89
CA THR D 750 -65.76 -48.38 13.63
C THR D 750 -64.53 -49.23 13.91
N LYS D 751 -63.39 -48.55 14.07
CA LYS D 751 -62.09 -49.17 14.24
C LYS D 751 -61.68 -49.11 15.72
N TRP D 752 -60.88 -50.08 16.15
CA TRP D 752 -60.62 -50.26 17.57
C TRP D 752 -59.16 -50.60 17.85
N GLN D 753 -58.25 -49.79 17.30
CA GLN D 753 -56.83 -50.04 17.48
C GLN D 753 -56.41 -49.83 18.93
N GLY D 754 -55.63 -50.77 19.45
CA GLY D 754 -55.24 -50.75 20.85
C GLY D 754 -53.76 -50.83 21.10
N SER D 755 -53.30 -50.16 22.16
CA SER D 755 -51.92 -50.15 22.59
C SER D 755 -51.87 -50.20 24.12
N MET D 756 -50.68 -50.38 24.67
CA MET D 756 -50.52 -50.33 26.11
C MET D 756 -49.14 -49.77 26.45
N PHE D 757 -48.87 -49.74 27.74
CA PHE D 757 -47.60 -49.35 28.32
C PHE D 757 -47.50 -50.01 29.68
N CYS D 758 -46.52 -50.90 29.83
CA CYS D 758 -46.52 -51.85 30.94
C CYS D 758 -45.21 -51.68 31.72
N VAL D 759 -45.26 -50.86 32.75
CA VAL D 759 -44.07 -50.53 33.53
C VAL D 759 -43.76 -51.65 34.51
N SER D 760 -42.47 -51.81 34.81
CA SER D 760 -42.02 -52.78 35.80
C SER D 760 -40.84 -52.19 36.55
N GLU D 761 -40.98 -52.08 37.88
CA GLU D 761 -39.95 -51.44 38.69
C GLU D 761 -38.57 -52.01 38.43
N LYS D 762 -38.45 -53.32 38.23
CA LYS D 762 -37.13 -53.89 37.99
C LYS D 762 -36.54 -53.48 36.65
N GLU D 763 -37.36 -53.35 35.60
CA GLU D 763 -36.84 -53.09 34.27
C GLU D 763 -37.39 -51.82 33.63
N GLY D 764 -38.71 -51.64 33.65
CA GLY D 764 -39.31 -50.46 33.08
C GLY D 764 -40.56 -50.81 32.30
N PHE D 765 -40.86 -50.01 31.28
CA PHE D 765 -42.06 -50.23 30.48
C PHE D 765 -41.67 -50.42 29.03
N GLY D 766 -42.66 -50.86 28.24
CA GLY D 766 -42.57 -50.80 26.80
C GLY D 766 -43.90 -50.50 26.17
N ILE D 767 -43.99 -49.42 25.39
CA ILE D 767 -45.17 -49.21 24.56
C ILE D 767 -45.01 -50.00 23.27
N THR D 768 -46.14 -50.41 22.70
CA THR D 768 -46.08 -51.19 21.47
C THR D 768 -45.58 -50.34 20.31
N LYS D 769 -45.12 -51.02 19.27
CA LYS D 769 -44.73 -50.37 18.03
C LYS D 769 -45.91 -50.22 17.08
N TYR D 770 -46.76 -51.25 16.98
CA TYR D 770 -47.96 -51.22 16.16
C TYR D 770 -49.16 -51.42 17.07
N SER D 771 -50.22 -50.65 16.83
CA SER D 771 -51.47 -50.87 17.53
C SER D 771 -52.19 -52.09 16.96
N ALA D 772 -52.67 -52.94 17.85
CA ALA D 772 -53.46 -54.08 17.41
C ALA D 772 -54.78 -53.60 16.84
N ASN D 773 -55.12 -54.07 15.65
CA ASN D 773 -56.22 -53.53 14.86
C ASN D 773 -57.45 -54.40 15.03
N PHE D 774 -58.60 -53.77 15.23
CA PHE D 774 -59.87 -54.48 15.34
C PHE D 774 -60.96 -53.73 14.60
N THR D 775 -61.92 -54.48 14.08
CA THR D 775 -63.05 -53.92 13.36
C THR D 775 -64.34 -54.34 14.02
N SER D 776 -65.18 -53.37 14.33
CA SER D 776 -66.58 -53.57 14.67
C SER D 776 -67.38 -53.48 13.39
N PHE D 777 -68.26 -54.44 13.15
CA PHE D 777 -68.99 -54.51 11.89
C PHE D 777 -70.34 -55.17 12.11
N LEU D 778 -71.25 -54.93 11.16
CA LEU D 778 -72.55 -55.58 11.14
C LEU D 778 -72.91 -55.98 9.71
N PRO D 779 -73.33 -57.23 9.49
CA PRO D 779 -73.69 -57.65 8.13
C PRO D 779 -74.89 -56.91 7.55
N PHE D 780 -75.84 -56.47 8.38
CA PHE D 780 -77.09 -55.88 7.88
C PHE D 780 -77.35 -54.55 8.56
N PHE D 781 -77.89 -53.61 7.81
CA PHE D 781 -78.40 -52.35 8.34
C PHE D 781 -79.83 -52.13 7.87
N VAL D 782 -80.66 -51.55 8.74
CA VAL D 782 -81.89 -50.90 8.32
C VAL D 782 -82.12 -49.71 9.25
N GLU D 783 -82.59 -48.61 8.68
CA GLU D 783 -82.65 -47.34 9.40
C GLU D 783 -83.81 -46.49 8.92
N LEU D 784 -84.35 -45.68 9.84
CA LEU D 784 -85.42 -44.74 9.56
C LEU D 784 -85.00 -43.33 9.94
N SER D 785 -85.29 -42.39 9.06
CA SER D 785 -85.12 -40.97 9.35
C SER D 785 -86.50 -40.38 9.60
N LEU D 786 -86.77 -40.02 10.85
CA LEU D 786 -88.08 -39.49 11.20
C LEU D 786 -87.91 -38.14 11.85
N PRO D 787 -88.87 -37.23 11.65
CA PRO D 787 -88.71 -35.87 12.15
C PRO D 787 -88.83 -35.82 13.66
N TYR D 788 -88.30 -34.73 14.22
CA TYR D 788 -88.40 -34.49 15.65
C TYR D 788 -89.85 -34.45 16.12
N SER D 789 -90.66 -33.63 15.48
CA SER D 789 -92.05 -33.44 15.88
C SER D 789 -92.86 -33.04 14.66
N LEU D 790 -94.18 -33.17 14.79
CA LEU D 790 -95.09 -33.02 13.67
C LEU D 790 -96.41 -32.43 14.15
N THR D 791 -97.23 -32.02 13.18
CA THR D 791 -98.54 -31.45 13.44
C THR D 791 -99.61 -32.48 13.13
N ARG D 792 -100.65 -32.50 13.96
CA ARG D 792 -101.69 -33.52 13.84
C ARG D 792 -102.39 -33.43 12.49
N GLU D 793 -102.80 -34.59 11.97
CA GLU D 793 -103.49 -34.70 10.69
C GLU D 793 -102.64 -34.13 9.54
N GLU D 794 -101.51 -34.79 9.30
CA GLU D 794 -100.68 -34.47 8.15
C GLU D 794 -100.26 -35.74 7.44
N ILE D 795 -100.31 -35.73 6.11
CA ILE D 795 -99.89 -36.87 5.31
C ILE D 795 -98.37 -36.88 5.28
N LEU D 796 -97.77 -38.00 5.68
CA LEU D 796 -96.33 -38.12 5.78
C LEU D 796 -95.84 -39.30 4.94
N VAL D 797 -94.64 -39.17 4.40
CA VAL D 797 -93.96 -40.26 3.72
C VAL D 797 -92.75 -40.67 4.55
N MET D 798 -92.63 -41.95 4.82
CA MET D 798 -91.46 -42.49 5.51
C MET D 798 -90.49 -43.06 4.49
N LYS D 799 -89.28 -43.36 4.95
CA LYS D 799 -88.21 -43.89 4.11
C LYS D 799 -87.34 -44.85 4.93
N ALA D 800 -87.50 -46.14 4.67
CA ALA D 800 -86.70 -47.17 5.33
C ALA D 800 -85.51 -47.50 4.44
N PHE D 801 -84.31 -47.34 4.98
CA PHE D 801 -83.08 -47.62 4.25
C PHE D 801 -82.57 -48.98 4.72
N VAL D 802 -82.52 -49.93 3.80
CA VAL D 802 -82.23 -51.33 4.13
C VAL D 802 -81.08 -51.83 3.27
N SER D 803 -79.97 -52.19 3.91
CA SER D 803 -78.74 -52.52 3.23
C SER D 803 -78.17 -53.83 3.72
N ASN D 804 -77.60 -54.59 2.79
CA ASN D 804 -76.94 -55.87 3.06
C ASN D 804 -75.48 -55.78 2.69
N TYR D 805 -74.61 -56.35 3.54
CA TYR D 805 -73.19 -56.47 3.24
C TYR D 805 -72.75 -57.90 3.01
N LEU D 806 -73.65 -58.87 3.03
CA LEU D 806 -73.26 -60.22 2.64
C LEU D 806 -72.81 -60.26 1.19
N GLU D 807 -71.68 -60.91 0.97
CA GLU D 807 -71.08 -61.04 -0.35
C GLU D 807 -72.00 -61.70 -1.35
N GLU D 808 -72.98 -62.47 -0.88
CA GLU D 808 -73.94 -63.14 -1.74
C GLU D 808 -75.24 -62.34 -1.79
N CYS D 809 -75.88 -62.35 -2.94
CA CYS D 809 -77.04 -61.51 -3.17
C CYS D 809 -78.28 -62.10 -2.51
N ILE D 810 -79.06 -61.25 -1.84
CA ILE D 810 -80.14 -61.72 -0.99
C ILE D 810 -81.46 -61.11 -1.42
N LYS D 811 -82.52 -61.51 -0.72
CA LYS D 811 -83.86 -61.00 -0.93
C LYS D 811 -84.53 -60.73 0.42
N ILE D 812 -85.64 -60.01 0.37
CA ILE D 812 -86.24 -59.42 1.56
C ILE D 812 -87.66 -58.95 1.28
N ILE D 813 -88.47 -58.85 2.32
CA ILE D 813 -89.70 -58.07 2.29
C ILE D 813 -89.69 -57.13 3.49
N VAL D 814 -90.34 -55.98 3.33
CA VAL D 814 -90.46 -55.00 4.40
C VAL D 814 -91.76 -55.25 5.15
N THR D 815 -91.68 -55.21 6.47
CA THR D 815 -92.80 -55.51 7.34
C THR D 815 -92.98 -54.41 8.38
N LEU D 816 -94.20 -53.91 8.49
CA LEU D 816 -94.55 -52.85 9.43
C LEU D 816 -95.67 -53.34 10.34
N GLN D 817 -95.51 -53.12 11.64
CA GLN D 817 -96.53 -53.53 12.60
C GLN D 817 -97.57 -52.43 12.74
N PRO D 818 -98.83 -52.68 12.38
CA PRO D 818 -99.85 -51.64 12.47
C PRO D 818 -100.25 -51.36 13.90
N SER D 819 -100.86 -50.20 14.10
CA SER D 819 -101.34 -49.80 15.41
C SER D 819 -102.60 -48.97 15.24
N ALA D 820 -103.29 -48.75 16.35
CA ALA D 820 -104.60 -48.11 16.32
C ALA D 820 -104.56 -46.62 16.60
N ASP D 821 -103.62 -46.15 17.42
CA ASP D 821 -103.63 -44.75 17.81
C ASP D 821 -103.51 -43.82 16.61
N PHE D 822 -102.63 -44.17 15.67
CA PHE D 822 -102.46 -43.42 14.44
C PHE D 822 -103.15 -44.20 13.32
N GLU D 823 -103.27 -43.56 12.16
CA GLU D 823 -103.72 -44.26 10.96
C GLU D 823 -102.52 -44.51 10.05
N VAL D 824 -102.45 -45.73 9.51
CA VAL D 824 -101.40 -46.10 8.56
C VAL D 824 -102.03 -46.17 7.18
N ILE D 825 -101.46 -45.39 6.25
CA ILE D 825 -102.03 -45.29 4.91
C ILE D 825 -101.55 -46.47 4.08
N PRO D 826 -102.45 -47.24 3.47
CA PRO D 826 -102.01 -48.31 2.56
C PRO D 826 -101.50 -47.76 1.24
N GLN D 827 -100.18 -47.78 1.06
CA GLN D 827 -99.59 -47.31 -0.20
C GLN D 827 -99.78 -48.30 -1.33
N ASP D 828 -99.90 -49.60 -1.02
CA ASP D 828 -100.24 -50.63 -2.00
C ASP D 828 -99.14 -50.78 -3.06
N VAL D 829 -97.92 -51.02 -2.60
CA VAL D 829 -96.78 -51.31 -3.47
C VAL D 829 -96.12 -52.59 -2.96
N LYS D 830 -95.42 -53.30 -3.83
CA LYS D 830 -94.90 -54.62 -3.48
C LYS D 830 -93.78 -55.01 -4.43
N GLN D 831 -92.67 -55.47 -3.85
CA GLN D 831 -91.52 -55.94 -4.62
C GLN D 831 -90.56 -56.67 -3.69
N ASP D 832 -89.80 -57.61 -4.25
CA ASP D 832 -88.72 -58.28 -3.53
C ASP D 832 -87.43 -58.09 -4.34
N GLN D 833 -86.71 -57.01 -4.04
CA GLN D 833 -85.47 -56.74 -4.75
C GLN D 833 -84.45 -57.83 -4.49
N CYS D 834 -83.66 -58.16 -5.50
CA CYS D 834 -82.54 -59.08 -5.35
C CYS D 834 -81.32 -58.27 -4.87
N ILE D 835 -81.53 -57.58 -3.75
CA ILE D 835 -80.49 -56.69 -3.22
C ILE D 835 -79.28 -57.52 -2.83
N CYS D 836 -78.11 -56.87 -2.81
CA CYS D 836 -76.88 -57.64 -2.69
C CYS D 836 -75.86 -56.92 -1.81
N SER D 837 -74.62 -57.37 -1.84
CA SER D 837 -73.57 -56.74 -1.05
C SER D 837 -73.44 -55.27 -1.42
N GLY D 838 -73.38 -54.42 -0.42
CA GLY D 838 -73.35 -52.99 -0.67
C GLY D 838 -74.57 -52.52 -1.43
N GLY D 839 -75.69 -53.22 -1.29
CA GLY D 839 -76.91 -52.84 -1.94
C GLY D 839 -77.95 -52.43 -0.91
N ARG D 840 -78.78 -51.45 -1.30
CA ARG D 840 -79.75 -50.88 -0.38
C ARG D 840 -81.01 -50.51 -1.13
N SER D 841 -82.13 -50.55 -0.42
CA SER D 841 -83.45 -50.22 -0.96
C SER D 841 -84.02 -49.00 -0.25
N SER D 842 -85.15 -48.52 -0.77
CA SER D 842 -85.74 -47.24 -0.37
C SER D 842 -87.24 -47.39 -0.15
N TYR D 843 -87.64 -48.36 0.65
CA TYR D 843 -89.06 -48.56 0.93
C TYR D 843 -89.67 -47.33 1.59
N SER D 844 -90.91 -47.04 1.24
CA SER D 844 -91.63 -45.88 1.74
C SER D 844 -93.06 -46.27 2.10
N TRP D 845 -93.62 -45.58 3.09
CA TRP D 845 -95.01 -45.72 3.47
C TRP D 845 -95.58 -44.34 3.84
N ASN D 846 -96.90 -44.28 3.83
CA ASN D 846 -97.63 -43.03 4.06
C ASN D 846 -98.36 -43.09 5.39
N ILE D 847 -98.39 -41.96 6.10
CA ILE D 847 -99.07 -41.85 7.38
C ILE D 847 -99.80 -40.52 7.44
N ILE D 848 -101.01 -40.53 7.98
CA ILE D 848 -101.73 -39.32 8.36
C ILE D 848 -101.62 -39.16 9.87
N ALA D 849 -101.29 -37.96 10.32
CA ALA D 849 -101.03 -37.71 11.74
C ALA D 849 -102.35 -37.69 12.53
N SER D 850 -102.99 -38.84 12.56
CA SER D 850 -104.26 -39.01 13.27
C SER D 850 -104.04 -39.64 14.64
N SER D 851 -103.24 -38.96 15.45
CA SER D 851 -102.90 -39.43 16.79
C SER D 851 -102.41 -38.23 17.60
N LEU D 852 -102.00 -38.48 18.84
CA LEU D 852 -101.58 -37.42 19.74
C LEU D 852 -100.37 -37.84 20.54
N GLY D 853 -99.43 -36.91 20.71
CA GLY D 853 -98.38 -37.05 21.71
C GLY D 853 -97.22 -37.90 21.21
N ARG D 854 -96.81 -38.86 22.04
CA ARG D 854 -95.62 -39.66 21.78
C ARG D 854 -96.02 -40.98 21.14
N ILE D 855 -95.38 -41.31 20.01
CA ILE D 855 -95.71 -42.51 19.26
C ILE D 855 -94.42 -43.19 18.82
N SER D 856 -94.40 -44.52 18.89
CA SER D 856 -93.26 -45.33 18.51
C SER D 856 -93.61 -46.18 17.31
N PHE D 857 -92.66 -46.29 16.38
CA PHE D 857 -92.82 -47.06 15.15
C PHE D 857 -91.74 -48.14 15.09
N ILE D 858 -92.13 -49.35 14.70
CA ILE D 858 -91.22 -50.48 14.66
C ILE D 858 -91.30 -51.14 13.30
N VAL D 859 -90.15 -51.57 12.79
CA VAL D 859 -90.07 -52.33 11.56
C VAL D 859 -89.73 -53.77 11.93
N SER D 860 -89.71 -54.64 10.92
CA SER D 860 -89.21 -55.99 11.12
C SER D 860 -88.71 -56.52 9.78
N ALA D 861 -87.56 -57.19 9.83
CA ALA D 861 -86.92 -57.69 8.63
C ALA D 861 -86.58 -59.15 8.82
N GLU D 862 -86.85 -59.94 7.78
CA GLU D 862 -86.76 -61.40 7.86
C GLU D 862 -85.55 -61.99 7.18
N THR D 863 -84.95 -61.31 6.21
CA THR D 863 -83.86 -61.83 5.39
C THR D 863 -84.24 -63.17 4.74
N THR D 864 -85.31 -63.12 3.96
CA THR D 864 -85.64 -64.20 3.03
C THR D 864 -84.66 -64.13 1.87
N HIS D 865 -83.43 -64.56 2.12
CA HIS D 865 -82.27 -64.13 1.35
C HIS D 865 -82.09 -64.86 0.03
N ILE D 866 -81.97 -66.19 0.04
CA ILE D 866 -81.53 -66.94 -1.14
C ILE D 866 -80.19 -66.37 -1.58
N GLY D 867 -79.14 -66.68 -0.82
CA GLY D 867 -77.87 -65.99 -0.99
C GLY D 867 -77.22 -66.21 -2.34
N ALA D 868 -77.26 -67.44 -2.84
CA ALA D 868 -76.55 -67.78 -4.07
C ALA D 868 -77.26 -67.13 -5.25
N SER D 869 -76.99 -65.83 -5.43
CA SER D 869 -77.62 -65.00 -6.46
C SER D 869 -79.11 -65.02 -6.25
N CYS D 870 -79.92 -65.40 -7.23
CA CYS D 870 -81.37 -65.49 -7.06
C CYS D 870 -81.93 -66.84 -7.49
N ASP D 871 -81.41 -67.42 -8.56
CA ASP D 871 -81.89 -68.74 -8.99
C ASP D 871 -81.34 -69.84 -8.10
N GLY D 872 -80.11 -69.69 -7.62
CA GLY D 872 -79.51 -70.65 -6.72
C GLY D 872 -80.00 -70.47 -5.30
N PRO D 873 -80.74 -71.46 -4.78
CA PRO D 873 -81.26 -71.35 -3.42
C PRO D 873 -80.14 -71.32 -2.39
N SER D 874 -80.38 -70.59 -1.31
CA SER D 874 -79.40 -70.51 -0.23
C SER D 874 -79.22 -71.85 0.46
N ASP D 875 -80.32 -72.56 0.72
CA ASP D 875 -80.34 -73.86 1.40
C ASP D 875 -79.65 -73.69 2.74
N GLN D 876 -78.69 -74.54 3.11
CA GLN D 876 -78.05 -74.46 4.43
C GLN D 876 -76.85 -73.51 4.36
N SER D 877 -77.16 -72.26 4.09
CA SER D 877 -76.17 -71.18 4.13
C SER D 877 -76.46 -70.16 5.21
N GLN D 878 -77.71 -69.71 5.31
CA GLN D 878 -78.15 -68.86 6.41
C GLN D 878 -79.60 -69.23 6.72
N SER D 879 -80.03 -68.93 7.93
CA SER D 879 -81.38 -69.26 8.37
C SER D 879 -82.30 -68.04 8.37
N THR D 880 -81.96 -67.01 9.15
CA THR D 880 -82.76 -65.79 9.23
C THR D 880 -82.00 -64.74 10.03
N ARG D 881 -82.00 -63.51 9.54
CA ARG D 881 -81.46 -62.38 10.30
C ARG D 881 -82.61 -61.45 10.64
N LYS D 882 -82.85 -61.27 11.93
CA LYS D 882 -83.93 -60.43 12.43
C LYS D 882 -83.34 -59.10 12.88
N ASP D 883 -83.86 -58.01 12.33
CA ASP D 883 -83.34 -56.68 12.68
C ASP D 883 -84.50 -55.71 12.66
N THR D 884 -84.88 -55.21 13.83
CA THR D 884 -85.99 -54.29 13.99
C THR D 884 -85.48 -53.03 14.67
N VAL D 885 -85.92 -51.87 14.20
CA VAL D 885 -85.49 -50.59 14.74
C VAL D 885 -86.71 -49.78 15.14
N ILE D 886 -86.63 -49.16 16.30
CA ILE D 886 -87.71 -48.33 16.80
C ILE D 886 -87.40 -46.87 16.48
N GLN D 887 -88.46 -46.11 16.24
CA GLN D 887 -88.35 -44.69 15.97
C GLN D 887 -89.47 -43.98 16.72
N THR D 888 -89.26 -42.69 16.97
CA THR D 888 -90.13 -41.90 17.82
C THR D 888 -90.65 -40.67 17.07
N ILE D 889 -91.92 -40.36 17.29
CA ILE D 889 -92.49 -39.11 16.78
C ILE D 889 -93.33 -38.45 17.87
N LEU D 890 -93.21 -37.14 17.96
CA LEU D 890 -94.04 -36.31 18.84
C LEU D 890 -94.97 -35.50 17.94
N VAL D 891 -96.24 -35.81 17.98
CA VAL D 891 -97.22 -35.05 17.22
C VAL D 891 -98.00 -34.16 18.18
N GLN D 892 -98.13 -32.89 17.81
CA GLN D 892 -98.73 -31.90 18.68
C GLN D 892 -99.93 -31.26 18.00
N PRO D 893 -100.99 -30.99 18.76
CA PRO D 893 -102.10 -30.22 18.21
C PRO D 893 -101.66 -28.81 17.85
N GLU D 894 -102.36 -28.20 16.91
CA GLU D 894 -102.07 -26.82 16.55
C GLU D 894 -102.40 -25.90 17.72
N GLY D 895 -102.06 -24.63 17.57
CA GLY D 895 -102.27 -23.65 18.62
C GLY D 895 -100.96 -23.18 19.18
N ILE D 896 -100.97 -22.63 20.39
CA ILE D 896 -99.74 -22.26 21.09
C ILE D 896 -99.87 -22.67 22.54
N ARG D 897 -98.72 -22.89 23.18
CA ARG D 897 -98.67 -23.36 24.56
C ARG D 897 -99.25 -22.30 25.48
N LYS D 898 -100.49 -22.49 25.91
CA LYS D 898 -101.19 -21.53 26.75
C LYS D 898 -101.45 -22.15 28.12
N GLU D 899 -101.00 -21.46 29.17
CA GLU D 899 -100.97 -22.00 30.51
C GLU D 899 -101.72 -21.07 31.47
N GLU D 900 -102.48 -21.66 32.38
CA GLU D 900 -103.19 -20.91 33.42
C GLU D 900 -103.08 -21.67 34.74
N THR D 901 -102.54 -21.02 35.76
CA THR D 901 -102.14 -21.66 37.00
C THR D 901 -102.82 -21.01 38.20
N SER D 902 -102.68 -21.65 39.36
CA SER D 902 -103.15 -21.10 40.63
C SER D 902 -102.41 -21.79 41.77
N SER D 903 -101.42 -21.10 42.33
CA SER D 903 -100.67 -21.62 43.48
C SER D 903 -101.04 -20.82 44.73
N ASN D 904 -101.39 -21.53 45.79
CA ASN D 904 -101.92 -20.87 46.99
C ASN D 904 -101.40 -21.54 48.25
N LEU D 905 -101.29 -20.72 49.31
CA LEU D 905 -100.92 -21.19 50.64
C LEU D 905 -102.16 -21.62 51.41
N VAL D 906 -102.11 -22.82 51.97
CA VAL D 906 -103.08 -23.27 52.95
C VAL D 906 -102.35 -23.52 54.26
N CYS D 907 -102.83 -22.88 55.32
CA CYS D 907 -102.22 -23.00 56.65
C CYS D 907 -103.30 -23.56 57.57
N VAL D 908 -103.44 -24.88 57.58
CA VAL D 908 -104.49 -25.54 58.33
C VAL D 908 -103.91 -26.12 59.61
N GLU D 909 -104.51 -25.75 60.73
CA GLU D 909 -104.12 -26.23 62.05
C GLU D 909 -105.35 -26.91 62.64
N ASP D 910 -105.48 -28.22 62.38
CA ASP D 910 -106.64 -29.00 62.77
C ASP D 910 -107.92 -28.43 62.16
N SER D 911 -107.81 -27.92 60.93
CA SER D 911 -108.91 -27.29 60.23
C SER D 911 -108.98 -27.83 58.80
N ASN D 912 -110.16 -27.72 58.20
CA ASN D 912 -110.41 -28.17 56.84
C ASN D 912 -110.75 -26.98 55.96
N VAL D 913 -110.07 -26.87 54.83
CA VAL D 913 -110.38 -25.90 53.78
C VAL D 913 -110.92 -26.68 52.60
N GLU D 914 -112.09 -26.28 52.09
CA GLU D 914 -112.83 -27.09 51.13
C GLU D 914 -112.92 -26.36 49.80
N MET D 915 -111.79 -25.91 49.31
CA MET D 915 -111.79 -24.98 48.19
C MET D 915 -112.27 -25.64 46.90
N PRO D 916 -113.28 -25.08 46.26
CA PRO D 916 -113.67 -25.59 44.93
C PRO D 916 -112.71 -25.09 43.86
N ILE D 917 -112.87 -25.62 42.65
CA ILE D 917 -112.06 -25.23 41.51
C ILE D 917 -112.84 -24.26 40.65
N ASN D 918 -112.18 -23.17 40.25
CA ASN D 918 -112.76 -22.18 39.33
C ASN D 918 -112.08 -22.37 37.99
N LEU D 919 -112.54 -23.35 37.21
CA LEU D 919 -112.02 -23.61 35.88
C LEU D 919 -112.98 -23.05 34.84
N THR D 920 -112.41 -22.44 33.81
CA THR D 920 -113.20 -21.79 32.76
C THR D 920 -112.56 -22.11 31.42
N LEU D 921 -113.19 -22.96 30.63
CA LEU D 921 -112.67 -23.29 29.31
C LEU D 921 -113.12 -22.24 28.31
N PRO D 922 -112.22 -21.46 27.73
CA PRO D 922 -112.63 -20.38 26.82
C PRO D 922 -112.93 -20.89 25.43
N GLU D 923 -113.32 -19.96 24.55
CA GLU D 923 -113.55 -20.28 23.16
C GLU D 923 -112.24 -20.19 22.38
N ASN D 924 -112.28 -20.65 21.13
CA ASN D 924 -111.12 -20.67 20.23
C ASN D 924 -110.00 -21.51 20.82
N ILE D 925 -110.37 -22.69 21.31
CA ILE D 925 -109.42 -23.67 21.82
C ILE D 925 -109.31 -24.82 20.83
N VAL D 926 -108.11 -25.37 20.72
CA VAL D 926 -107.90 -26.53 19.87
C VAL D 926 -108.53 -27.75 20.53
N GLN D 927 -109.33 -28.48 19.77
CA GLN D 927 -110.09 -29.60 20.31
C GLN D 927 -109.15 -30.63 20.93
N GLY D 928 -109.54 -31.14 22.09
CA GLY D 928 -108.74 -32.08 22.84
C GLY D 928 -107.45 -31.51 23.38
N SER D 929 -107.12 -30.26 23.05
CA SER D 929 -105.87 -29.65 23.48
C SER D 929 -106.13 -28.83 24.74
N ALA D 930 -106.29 -29.56 25.86
CA ALA D 930 -106.46 -28.94 27.17
C ALA D 930 -106.38 -30.03 28.22
N SER D 931 -105.72 -29.74 29.34
CA SER D 931 -105.75 -30.65 30.48
C SER D 931 -105.49 -29.89 31.76
N ALA D 932 -105.87 -30.51 32.88
CA ALA D 932 -105.84 -29.90 34.20
C ALA D 932 -105.04 -30.77 35.15
N PHE D 933 -104.03 -30.18 35.79
CA PHE D 933 -103.22 -30.87 36.77
C PHE D 933 -103.23 -30.11 38.09
N VAL D 934 -102.98 -30.84 39.18
CA VAL D 934 -102.98 -30.25 40.52
C VAL D 934 -101.78 -30.79 41.28
N THR D 935 -101.15 -29.91 42.06
CA THR D 935 -99.86 -30.15 42.68
C THR D 935 -99.91 -29.85 44.17
N PHE D 936 -99.30 -30.73 44.96
CA PHE D 936 -99.14 -30.56 46.40
C PHE D 936 -97.70 -30.84 46.81
N VAL D 937 -97.25 -30.12 47.83
CA VAL D 937 -95.93 -30.32 48.42
C VAL D 937 -96.05 -30.31 49.92
N GLY D 938 -95.34 -31.20 50.59
CA GLY D 938 -95.30 -31.20 52.04
C GLY D 938 -94.38 -30.16 52.64
N ASP D 939 -93.57 -29.50 51.81
CA ASP D 939 -92.66 -28.47 52.27
C ASP D 939 -92.82 -27.23 51.42
N VAL D 940 -92.54 -26.08 52.03
CA VAL D 940 -92.68 -24.81 51.33
C VAL D 940 -91.83 -24.80 50.07
N LEU D 941 -90.58 -25.25 50.20
CA LEU D 941 -89.67 -25.35 49.07
C LEU D 941 -89.63 -26.79 48.54
N GLY D 942 -90.74 -27.19 47.91
CA GLY D 942 -90.83 -28.54 47.38
C GLY D 942 -90.80 -28.63 45.87
N LEU D 943 -91.44 -27.67 45.20
CA LEU D 943 -91.60 -27.77 43.74
C LEU D 943 -90.29 -27.60 42.98
N PRO D 944 -89.58 -26.45 43.06
CA PRO D 944 -88.46 -26.20 42.14
C PRO D 944 -87.21 -26.99 42.50
N LEU D 945 -87.40 -28.25 42.87
CA LEU D 945 -86.29 -29.11 43.28
C LEU D 945 -85.87 -30.04 42.17
N SER D 946 -86.79 -30.84 41.63
CA SER D 946 -86.60 -31.48 40.35
C SER D 946 -86.73 -30.50 39.19
N ASN D 947 -86.86 -29.21 39.48
CA ASN D 947 -87.20 -28.20 38.49
C ASN D 947 -86.06 -27.20 38.31
N LEU D 948 -84.94 -27.40 39.00
CA LEU D 948 -83.91 -26.38 39.05
C LEU D 948 -83.32 -26.13 37.67
N GLN D 949 -83.06 -27.19 36.91
CA GLN D 949 -82.50 -27.00 35.57
C GLN D 949 -83.49 -26.32 34.63
N ASN D 950 -84.79 -26.42 34.89
CA ASN D 950 -85.80 -25.81 34.05
C ASN D 950 -86.73 -24.95 34.89
N LEU D 951 -86.14 -24.08 35.72
CA LEU D 951 -86.94 -23.17 36.53
C LEU D 951 -87.84 -22.30 35.68
N LEU D 952 -87.31 -21.82 34.55
CA LEU D 952 -88.08 -21.01 33.62
C LEU D 952 -88.10 -21.69 32.26
N GLN D 953 -89.29 -21.70 31.64
CA GLN D 953 -89.43 -22.32 30.33
C GLN D 953 -88.78 -21.49 29.24
N MET D 954 -88.45 -20.24 29.53
CA MET D 954 -87.80 -19.41 28.53
C MET D 954 -86.34 -19.83 28.41
N PRO D 955 -85.76 -19.79 27.22
CA PRO D 955 -84.38 -20.27 27.04
C PRO D 955 -83.38 -19.35 27.72
N TYR D 956 -82.24 -19.94 28.07
CA TYR D 956 -81.12 -19.19 28.61
C TYR D 956 -80.39 -18.50 27.46
N GLY D 957 -79.19 -18.00 27.72
CA GLY D 957 -78.43 -17.35 26.68
C GLY D 957 -77.53 -16.21 27.10
N CYS D 958 -77.61 -15.78 28.35
CA CYS D 958 -76.66 -14.81 28.87
C CYS D 958 -76.48 -15.02 30.37
N GLY D 959 -75.67 -14.15 30.98
CA GLY D 959 -75.21 -14.39 32.33
C GLY D 959 -76.35 -14.51 33.33
N GLU D 960 -77.28 -13.55 33.29
CA GLU D 960 -78.45 -13.64 34.17
C GLU D 960 -79.29 -14.85 33.80
N GLN D 961 -79.44 -15.13 32.50
CA GLN D 961 -80.04 -16.39 32.09
C GLN D 961 -79.19 -17.56 32.57
N ASN D 962 -77.88 -17.44 32.46
CA ASN D 962 -77.00 -18.44 33.06
C ASN D 962 -77.15 -18.45 34.57
N LEU D 963 -77.20 -17.27 35.20
CA LEU D 963 -77.44 -17.22 36.64
C LEU D 963 -78.94 -17.20 36.91
N ALA D 964 -79.66 -18.12 36.28
CA ALA D 964 -81.06 -18.36 36.62
C ALA D 964 -81.24 -19.56 37.51
N ARG D 965 -80.41 -20.58 37.35
CA ARG D 965 -80.47 -21.78 38.14
C ARG D 965 -79.50 -21.75 39.33
N MET D 966 -78.67 -20.73 39.43
CA MET D 966 -77.59 -20.71 40.40
C MET D 966 -77.76 -19.78 41.58
N ALA D 967 -78.53 -18.70 41.44
CA ALA D 967 -78.68 -17.77 42.55
C ALA D 967 -79.34 -18.41 43.77
N PRO D 968 -80.48 -19.13 43.66
CA PRO D 968 -81.16 -19.58 44.87
C PRO D 968 -80.63 -20.87 45.44
N ILE D 969 -79.96 -21.70 44.63
CA ILE D 969 -79.55 -23.03 45.11
C ILE D 969 -78.65 -22.98 46.33
N PRO D 970 -77.66 -22.08 46.45
CA PRO D 970 -76.93 -22.05 47.72
C PRO D 970 -77.84 -21.76 48.89
N TYR D 971 -78.78 -20.83 48.70
CA TYR D 971 -79.67 -20.43 49.77
C TYR D 971 -80.56 -21.58 50.23
N VAL D 972 -81.12 -22.33 49.28
CA VAL D 972 -81.91 -23.48 49.66
C VAL D 972 -81.03 -24.53 50.32
N LEU D 973 -79.74 -24.54 49.97
CA LEU D 973 -78.82 -25.43 50.67
C LEU D 973 -78.72 -25.05 52.14
N GLU D 974 -78.56 -23.76 52.45
CA GLU D 974 -78.54 -23.41 53.88
C GLU D 974 -79.87 -23.75 54.52
N TYR D 975 -80.98 -23.54 53.80
CA TYR D 975 -82.28 -23.83 54.39
C TYR D 975 -82.39 -25.31 54.74
N LEU D 976 -81.96 -26.17 53.81
CA LEU D 976 -82.00 -27.60 54.04
C LEU D 976 -81.12 -28.00 55.21
N ASN D 977 -79.89 -27.46 55.26
CA ASN D 977 -78.98 -27.79 56.34
C ASN D 977 -79.53 -27.34 57.68
N ASN D 978 -80.10 -26.13 57.74
CA ASN D 978 -80.57 -25.59 59.00
C ASN D 978 -81.84 -26.30 59.48
N THR D 979 -82.78 -26.55 58.58
CA THR D 979 -84.02 -27.20 58.99
C THR D 979 -83.88 -28.71 58.96
N ASN D 980 -82.75 -29.19 59.50
CA ASN D 980 -82.52 -30.60 59.80
C ASN D 980 -83.03 -31.51 58.69
N GLN D 981 -82.77 -31.09 57.45
CA GLN D 981 -83.37 -31.76 56.30
C GLN D 981 -82.34 -32.18 55.26
N LEU D 982 -81.06 -32.15 55.60
CA LEU D 982 -80.01 -32.48 54.64
C LEU D 982 -80.07 -33.96 54.25
N THR D 983 -79.70 -34.23 53.00
CA THR D 983 -79.58 -35.60 52.50
C THR D 983 -78.36 -35.69 51.59
N ASP D 984 -77.52 -36.68 51.84
CA ASP D 984 -76.18 -36.70 51.25
C ASP D 984 -76.22 -36.82 49.73
N GLU D 985 -77.04 -37.72 49.19
CA GLU D 985 -77.10 -37.83 47.74
C GLU D 985 -77.68 -36.55 47.12
N LEU D 986 -78.62 -35.94 47.83
CA LEU D 986 -79.18 -34.67 47.36
C LEU D 986 -78.12 -33.59 47.30
N LEU D 987 -77.27 -33.51 48.33
CA LEU D 987 -76.20 -32.54 48.33
C LEU D 987 -75.23 -32.82 47.19
N GLN D 988 -74.90 -34.09 46.97
CA GLN D 988 -74.03 -34.46 45.86
C GLN D 988 -74.61 -33.98 44.53
N THR D 989 -75.89 -34.22 44.31
CA THR D 989 -76.50 -33.82 43.05
C THR D 989 -76.58 -32.30 42.91
N ALA D 990 -76.90 -31.62 44.01
CA ALA D 990 -76.97 -30.17 43.97
C ALA D 990 -75.60 -29.57 43.64
N VAL D 991 -74.54 -30.07 44.27
CA VAL D 991 -73.22 -29.54 43.98
C VAL D 991 -72.81 -29.91 42.56
N GLN D 992 -73.37 -30.99 42.02
CA GLN D 992 -73.22 -31.20 40.58
C GLN D 992 -73.77 -30.00 39.82
N PHE D 993 -75.08 -29.74 39.92
CA PHE D 993 -75.60 -28.52 39.27
C PHE D 993 -74.71 -27.32 39.52
N LEU D 994 -74.15 -27.23 40.72
CA LEU D 994 -73.24 -26.13 41.01
C LEU D 994 -72.02 -26.15 40.10
N ASN D 995 -71.44 -27.34 39.87
CA ASN D 995 -70.18 -27.35 39.14
C ASN D 995 -70.41 -27.02 37.68
N GLU D 996 -71.49 -27.56 37.10
CA GLU D 996 -71.72 -27.20 35.70
C GLU D 996 -72.22 -25.76 35.56
N GLY D 997 -72.90 -25.22 36.58
CA GLY D 997 -73.24 -23.82 36.53
C GLY D 997 -72.01 -22.93 36.55
N TYR D 998 -71.08 -23.22 37.46
CA TYR D 998 -69.73 -22.68 37.37
C TYR D 998 -69.22 -22.72 35.95
N TYR D 999 -69.15 -23.93 35.38
CA TYR D 999 -68.57 -24.10 34.06
C TYR D 999 -69.24 -23.20 33.02
N ARG D 1000 -70.58 -23.26 32.96
CA ARG D 1000 -71.31 -22.51 31.96
C ARG D 1000 -71.07 -21.02 32.13
N GLN D 1001 -71.04 -20.54 33.37
CA GLN D 1001 -70.64 -19.16 33.60
C GLN D 1001 -69.28 -18.88 32.99
N LEU D 1002 -68.32 -19.78 33.23
CA LEU D 1002 -66.94 -19.49 32.89
C LEU D 1002 -66.77 -18.99 31.46
N ARG D 1003 -67.72 -19.33 30.59
CA ARG D 1003 -67.65 -18.87 29.20
C ARG D 1003 -67.82 -17.36 29.11
N TYR D 1004 -68.25 -16.71 30.19
CA TYR D 1004 -68.36 -15.27 30.19
C TYR D 1004 -67.22 -14.57 30.92
N LYS D 1005 -65.99 -15.05 30.76
CA LYS D 1005 -64.84 -14.32 31.26
C LYS D 1005 -64.24 -13.43 30.17
N LEU D 1006 -63.93 -12.17 30.54
CA LEU D 1006 -63.31 -11.25 29.60
C LEU D 1006 -61.90 -10.89 30.07
N PRO D 1007 -60.97 -10.67 29.14
CA PRO D 1007 -59.58 -10.38 29.54
C PRO D 1007 -59.43 -9.14 30.39
N SER D 1008 -60.31 -8.15 30.27
CA SER D 1008 -60.18 -6.92 31.04
C SER D 1008 -60.43 -7.12 32.52
N GLY D 1009 -60.91 -8.30 32.93
CA GLY D 1009 -61.29 -8.53 34.30
C GLY D 1009 -62.76 -8.32 34.58
N ALA D 1010 -63.46 -7.60 33.71
CA ALA D 1010 -64.92 -7.52 33.75
C ALA D 1010 -65.51 -8.74 33.05
N TYR D 1011 -66.80 -8.95 33.27
CA TYR D 1011 -67.54 -9.97 32.54
C TYR D 1011 -68.69 -9.31 31.79
N ASP D 1012 -68.82 -9.65 30.50
CA ASP D 1012 -70.00 -9.29 29.74
C ASP D 1012 -70.63 -10.56 29.20
N ALA D 1013 -71.96 -10.58 29.19
CA ALA D 1013 -72.66 -11.70 28.59
C ALA D 1013 -72.47 -11.67 27.08
N PHE D 1014 -73.07 -12.66 26.41
CA PHE D 1014 -73.10 -12.70 24.96
C PHE D 1014 -71.68 -12.76 24.40
N TRP D 1015 -71.02 -13.88 24.70
CA TRP D 1015 -69.58 -14.00 24.54
C TRP D 1015 -69.14 -13.83 23.09
N SER D 1016 -69.84 -14.47 22.16
CA SER D 1016 -69.41 -14.43 20.76
C SER D 1016 -69.54 -13.04 20.16
N SER D 1017 -70.26 -12.13 20.83
CA SER D 1017 -70.37 -10.74 20.42
C SER D 1017 -70.03 -9.87 21.61
N PRO D 1018 -68.75 -9.78 21.98
CA PRO D 1018 -68.37 -9.02 23.17
C PRO D 1018 -68.63 -7.54 22.99
N SER D 1019 -68.93 -6.88 24.11
CA SER D 1019 -69.15 -5.43 24.07
C SER D 1019 -68.65 -4.84 25.40
N ASP D 1020 -67.39 -4.40 25.39
CA ASP D 1020 -66.77 -3.62 26.45
C ASP D 1020 -67.18 -4.02 27.86
N GLY D 1021 -67.30 -5.31 28.13
CA GLY D 1021 -67.61 -5.76 29.48
C GLY D 1021 -69.02 -5.42 29.94
N SER D 1022 -69.35 -5.77 31.18
CA SER D 1022 -70.66 -5.47 31.75
C SER D 1022 -70.53 -5.37 33.26
N SER D 1023 -70.65 -4.14 33.78
CA SER D 1023 -70.36 -3.90 35.18
C SER D 1023 -71.32 -4.65 36.10
N TRP D 1024 -72.62 -4.48 35.90
CA TRP D 1024 -73.54 -5.08 36.86
C TRP D 1024 -73.43 -6.59 36.80
N LEU D 1025 -73.48 -7.16 35.60
CA LEU D 1025 -73.45 -8.61 35.50
C LEU D 1025 -72.18 -9.17 36.12
N SER D 1026 -71.05 -8.48 35.92
CA SER D 1026 -69.83 -8.88 36.61
C SER D 1026 -70.03 -8.85 38.12
N ALA D 1027 -70.74 -7.84 38.62
CA ALA D 1027 -71.01 -7.77 40.05
C ALA D 1027 -71.89 -8.93 40.53
N TYR D 1028 -72.96 -9.24 39.78
CA TYR D 1028 -73.81 -10.36 40.14
C TYR D 1028 -73.03 -11.66 40.13
N THR D 1029 -72.18 -11.85 39.13
CA THR D 1029 -71.35 -13.06 39.10
C THR D 1029 -70.41 -13.12 40.29
N PHE D 1030 -69.80 -11.99 40.63
CA PHE D 1030 -68.91 -11.93 41.78
C PHE D 1030 -69.67 -12.31 43.05
N LYS D 1031 -70.86 -11.73 43.23
CA LYS D 1031 -71.71 -12.05 44.37
C LYS D 1031 -72.01 -13.53 44.43
N THR D 1032 -72.53 -14.07 43.33
CA THR D 1032 -72.99 -15.46 43.34
C THR D 1032 -71.84 -16.41 43.59
N PHE D 1033 -70.70 -16.18 42.94
CA PHE D 1033 -69.56 -17.07 43.11
C PHE D 1033 -69.00 -16.96 44.52
N GLU D 1034 -68.87 -15.76 45.05
CA GLU D 1034 -68.35 -15.63 46.41
C GLU D 1034 -69.29 -16.28 47.40
N LYS D 1035 -70.59 -16.26 47.14
CA LYS D 1035 -71.51 -17.01 47.98
C LYS D 1035 -71.27 -18.51 47.86
N ALA D 1036 -71.51 -19.08 46.70
CA ALA D 1036 -71.58 -20.52 46.53
C ALA D 1036 -70.23 -21.20 46.60
N LYS D 1037 -69.14 -20.45 46.57
CA LYS D 1037 -67.80 -21.04 46.47
C LYS D 1037 -67.44 -21.89 47.66
N LYS D 1038 -68.17 -21.77 48.77
CA LYS D 1038 -67.76 -22.40 50.01
C LYS D 1038 -67.74 -23.92 49.91
N TYR D 1039 -68.47 -24.48 48.94
CA TYR D 1039 -68.50 -25.93 48.76
C TYR D 1039 -67.70 -26.39 47.54
N ILE D 1040 -68.00 -25.88 46.37
CA ILE D 1040 -67.32 -26.29 45.16
C ILE D 1040 -66.06 -25.46 44.99
N TYR D 1041 -65.06 -26.05 44.32
CA TYR D 1041 -63.83 -25.33 44.07
C TYR D 1041 -64.09 -24.10 43.20
N VAL D 1042 -63.53 -22.98 43.64
CA VAL D 1042 -63.51 -21.76 42.84
C VAL D 1042 -62.14 -21.12 43.04
N ASP D 1043 -61.47 -20.82 41.93
CA ASP D 1043 -60.14 -20.22 42.02
C ASP D 1043 -60.23 -18.79 42.52
N GLY D 1044 -59.46 -18.48 43.58
CA GLY D 1044 -59.54 -17.18 44.21
C GLY D 1044 -59.11 -16.03 43.32
N LYS D 1045 -58.15 -16.28 42.43
CA LYS D 1045 -57.64 -15.21 41.58
C LYS D 1045 -58.74 -14.59 40.74
N ILE D 1046 -59.79 -15.35 40.42
CA ILE D 1046 -60.92 -14.76 39.72
C ILE D 1046 -61.57 -13.69 40.59
N GLN D 1047 -61.76 -13.99 41.88
CA GLN D 1047 -62.30 -12.98 42.78
C GLN D 1047 -61.39 -11.78 42.92
N GLN D 1048 -60.08 -12.01 43.03
CA GLN D 1048 -59.20 -10.85 43.19
C GLN D 1048 -59.20 -9.98 41.93
N GLN D 1049 -59.21 -10.60 40.75
CA GLN D 1049 -59.22 -9.79 39.53
C GLN D 1049 -60.56 -9.08 39.37
N THR D 1050 -61.66 -9.73 39.74
CA THR D 1050 -62.96 -9.07 39.69
C THR D 1050 -62.99 -7.89 40.64
N LEU D 1051 -62.43 -8.06 41.84
CA LEU D 1051 -62.36 -6.98 42.81
C LEU D 1051 -61.51 -5.83 42.27
N LEU D 1052 -60.38 -6.16 41.64
CA LEU D 1052 -59.54 -5.12 41.04
C LEU D 1052 -60.31 -4.35 39.97
N TYR D 1053 -61.06 -5.05 39.13
CA TYR D 1053 -61.89 -4.36 38.15
C TYR D 1053 -62.92 -3.50 38.85
N LEU D 1054 -63.39 -3.93 40.02
CA LEU D 1054 -64.33 -3.10 40.78
C LEU D 1054 -63.69 -1.79 41.21
N GLN D 1055 -62.50 -1.86 41.81
CA GLN D 1055 -61.84 -0.63 42.24
C GLN D 1055 -61.53 0.27 41.05
N THR D 1056 -61.01 -0.32 39.97
CA THR D 1056 -60.73 0.46 38.78
C THR D 1056 -61.99 1.02 38.17
N SER D 1057 -63.15 0.40 38.44
CA SER D 1057 -64.43 0.90 37.97
C SER D 1057 -64.92 1.98 38.93
N GLN D 1058 -64.10 3.02 39.07
CA GLN D 1058 -64.44 4.12 39.96
C GLN D 1058 -65.43 5.07 39.31
N LYS D 1059 -65.00 5.75 38.24
CA LYS D 1059 -65.84 6.62 37.40
C LYS D 1059 -66.89 7.37 38.21
N LEU D 1060 -66.43 8.03 39.27
CA LEU D 1060 -67.31 8.72 40.22
C LEU D 1060 -67.89 9.96 39.55
N ASP D 1061 -69.17 9.85 39.18
CA ASP D 1061 -69.93 11.01 38.74
C ASP D 1061 -70.51 11.68 39.97
N ASN D 1062 -69.93 12.84 40.32
CA ASN D 1062 -70.24 13.57 41.56
C ASN D 1062 -69.86 12.65 42.72
N GLY D 1063 -70.73 12.45 43.71
CA GLY D 1063 -70.47 11.49 44.76
C GLY D 1063 -70.96 10.11 44.46
N CYS D 1064 -71.40 9.86 43.23
CA CYS D 1064 -72.00 8.60 42.83
C CYS D 1064 -71.14 7.92 41.77
N PHE D 1065 -71.13 6.59 41.80
CA PHE D 1065 -70.44 5.82 40.79
C PHE D 1065 -71.24 5.81 39.49
N LYS D 1066 -70.69 5.14 38.47
CA LYS D 1066 -71.35 5.00 37.18
C LYS D 1066 -71.26 3.56 36.71
N ALA D 1067 -72.28 3.10 35.99
CA ALA D 1067 -72.30 1.73 35.48
C ALA D 1067 -71.73 1.65 34.07
N GLU D 1068 -71.28 0.45 33.69
CA GLU D 1068 -70.69 0.19 32.37
C GLU D 1068 -71.71 -0.52 31.48
N GLY D 1069 -72.08 0.11 30.38
CA GLY D 1069 -73.09 -0.45 29.50
C GLY D 1069 -74.48 0.03 29.85
N ASN D 1070 -75.37 0.02 28.85
CA ASN D 1070 -76.75 0.46 29.02
C ASN D 1070 -77.71 -0.58 28.48
N LEU D 1071 -77.37 -1.85 28.65
CA LEU D 1071 -78.18 -2.94 28.11
C LEU D 1071 -79.05 -3.62 29.15
N PHE D 1072 -78.75 -3.45 30.43
CA PHE D 1072 -79.33 -4.25 31.48
C PHE D 1072 -80.57 -3.61 32.07
N MET D 1073 -80.43 -2.41 32.63
CA MET D 1073 -81.53 -1.74 33.32
C MET D 1073 -81.98 -0.53 32.50
N ARG D 1074 -82.95 -0.77 31.62
CA ARG D 1074 -83.47 0.27 30.74
C ARG D 1074 -84.66 1.00 31.34
N GLN D 1075 -85.15 0.57 32.50
CA GLN D 1075 -86.39 1.09 33.07
C GLN D 1075 -86.20 1.91 34.33
N CYS D 1076 -85.04 1.85 34.96
CA CYS D 1076 -84.79 2.70 36.12
C CYS D 1076 -84.60 4.16 35.73
N GLY D 1077 -84.41 4.44 34.44
CA GLY D 1077 -84.20 5.81 34.01
C GLY D 1077 -82.95 6.44 34.59
N GLN D 1078 -83.06 7.70 35.01
CA GLN D 1078 -81.91 8.47 35.48
C GLN D 1078 -81.18 7.83 36.64
N GLU D 1079 -81.86 6.99 37.43
CA GLU D 1079 -81.30 6.47 38.66
C GLU D 1079 -80.49 5.20 38.45
N ARG D 1080 -80.00 4.96 37.24
CA ARG D 1080 -79.22 3.75 36.97
C ARG D 1080 -77.94 3.73 37.79
N ASP D 1081 -77.22 4.86 37.84
CA ASP D 1081 -75.98 4.91 38.60
C ASP D 1081 -76.24 4.82 40.10
N LEU D 1082 -77.32 5.45 40.56
CA LEU D 1082 -77.68 5.35 41.97
C LEU D 1082 -78.00 3.91 42.35
N CYS D 1083 -78.75 3.21 41.49
CA CYS D 1083 -79.01 1.79 41.72
C CYS D 1083 -77.72 0.98 41.68
N PHE D 1084 -76.78 1.35 40.81
CA PHE D 1084 -75.51 0.64 40.78
C PHE D 1084 -74.81 0.78 42.12
N THR D 1085 -74.76 2.00 42.66
CA THR D 1085 -74.16 2.22 43.97
C THR D 1085 -74.87 1.41 45.04
N ALA D 1086 -76.21 1.44 45.02
CA ALA D 1086 -76.99 0.76 46.04
C ALA D 1086 -76.72 -0.75 46.02
N TYR D 1087 -76.82 -1.36 44.84
CA TYR D 1087 -76.66 -2.81 44.78
C TYR D 1087 -75.21 -3.21 45.00
N LEU D 1088 -74.26 -2.35 44.63
CA LEU D 1088 -72.87 -2.61 44.98
C LEU D 1088 -72.70 -2.68 46.49
N ALA D 1089 -73.31 -1.73 47.20
CA ALA D 1089 -73.28 -1.79 48.66
C ALA D 1089 -73.95 -3.07 49.16
N ILE D 1090 -75.06 -3.46 48.52
CA ILE D 1090 -75.75 -4.69 48.92
C ILE D 1090 -74.80 -5.86 48.84
N ALA D 1091 -74.10 -5.98 47.72
CA ALA D 1091 -73.18 -7.10 47.53
C ALA D 1091 -72.02 -7.04 48.51
N LEU D 1092 -71.47 -5.84 48.74
CA LEU D 1092 -70.33 -5.72 49.62
C LEU D 1092 -70.69 -6.12 51.05
N LEU D 1093 -71.89 -5.75 51.51
CA LEU D 1093 -72.34 -6.21 52.81
C LEU D 1093 -72.60 -7.72 52.80
N GLU D 1094 -73.34 -8.22 51.81
CA GLU D 1094 -73.68 -9.63 51.80
C GLU D 1094 -72.46 -10.53 51.59
N SER D 1095 -71.33 -9.96 51.20
CA SER D 1095 -70.10 -10.69 50.98
C SER D 1095 -69.34 -10.95 52.28
N ASN D 1096 -70.02 -10.82 53.43
CA ASN D 1096 -69.38 -10.99 54.73
C ASN D 1096 -68.21 -10.02 54.89
N TYR D 1097 -68.38 -8.82 54.34
CA TYR D 1097 -67.34 -7.79 54.38
C TYR D 1097 -67.81 -6.61 55.21
N SER D 1098 -66.93 -6.12 56.08
CA SER D 1098 -67.18 -4.93 56.88
C SER D 1098 -67.14 -3.69 55.98
N SER D 1099 -67.64 -2.58 56.52
CA SER D 1099 -67.74 -1.34 55.76
C SER D 1099 -66.39 -0.66 55.55
N GLY D 1100 -65.36 -1.09 56.26
CA GLY D 1100 -64.08 -0.43 56.23
C GLY D 1100 -63.36 -0.43 54.90
N MET D 1101 -63.80 -1.25 53.96
CA MET D 1101 -63.17 -1.30 52.64
C MET D 1101 -63.51 -0.02 51.88
N THR D 1102 -62.62 0.38 50.99
CA THR D 1102 -62.69 1.71 50.40
C THR D 1102 -63.93 1.90 49.55
N LEU D 1103 -64.19 0.96 48.63
CA LEU D 1103 -65.36 1.10 47.77
C LEU D 1103 -66.66 1.04 48.57
N LEU D 1104 -66.70 0.20 49.60
CA LEU D 1104 -67.89 0.13 50.43
C LEU D 1104 -68.09 1.41 51.21
N ASP D 1105 -67.01 2.03 51.69
CA ASP D 1105 -67.12 3.31 52.35
C ASP D 1105 -67.65 4.37 51.39
N ASP D 1106 -67.16 4.37 50.15
CA ASP D 1106 -67.68 5.30 49.15
C ASP D 1106 -69.15 5.06 48.89
N ALA D 1107 -69.57 3.79 48.83
CA ALA D 1107 -70.98 3.48 48.62
C ALA D 1107 -71.84 3.98 49.77
N LEU D 1108 -71.40 3.76 51.01
CA LEU D 1108 -72.15 4.28 52.15
C LEU D 1108 -72.24 5.80 52.11
N GLY D 1109 -71.14 6.47 51.78
CA GLY D 1109 -71.17 7.91 51.67
C GLY D 1109 -72.14 8.39 50.59
N CYS D 1110 -72.16 7.69 49.46
CA CYS D 1110 -73.07 8.05 48.38
C CYS D 1110 -74.52 7.84 48.78
N LEU D 1111 -74.82 6.72 49.44
CA LEU D 1111 -76.21 6.40 49.76
C LEU D 1111 -76.75 7.21 50.94
N GLU D 1112 -75.90 7.59 51.88
CA GLU D 1112 -76.40 8.27 53.07
C GLU D 1112 -77.05 9.62 52.73
N ALA D 1113 -76.41 10.39 51.85
CA ALA D 1113 -76.95 11.69 51.44
C ALA D 1113 -77.86 11.54 50.22
N ALA D 1114 -78.81 10.61 50.31
CA ALA D 1114 -79.73 10.36 49.21
C ALA D 1114 -81.15 10.10 49.66
N MET D 1115 -81.47 10.32 50.95
CA MET D 1115 -82.80 10.03 51.45
C MET D 1115 -83.86 10.84 50.73
N SER D 1116 -83.60 12.14 50.53
CA SER D 1116 -84.57 12.98 49.83
C SER D 1116 -84.54 12.71 48.32
N SER D 1117 -83.36 12.51 47.76
CA SER D 1117 -83.20 12.40 46.32
C SER D 1117 -83.55 10.98 45.85
N ALA D 1118 -83.48 10.76 44.54
CA ALA D 1118 -83.78 9.46 43.93
C ALA D 1118 -85.18 8.97 44.32
N SER D 1119 -86.18 9.72 43.88
CA SER D 1119 -87.57 9.49 44.28
C SER D 1119 -88.27 8.51 43.36
N THR D 1120 -87.72 7.29 43.31
CA THR D 1120 -88.37 6.17 42.63
C THR D 1120 -88.44 5.01 43.61
N LEU D 1121 -89.63 4.39 43.72
CA LEU D 1121 -89.83 3.35 44.72
C LEU D 1121 -88.98 2.12 44.41
N TYR D 1122 -88.59 1.94 43.15
CA TYR D 1122 -87.63 0.89 42.81
C TYR D 1122 -86.29 1.09 43.53
N PHE D 1123 -85.72 2.29 43.41
CA PHE D 1123 -84.50 2.59 44.16
C PHE D 1123 -84.75 2.64 45.65
N LYS D 1124 -85.97 3.00 46.05
CA LYS D 1124 -86.34 2.97 47.45
C LYS D 1124 -86.23 1.55 48.01
N SER D 1125 -86.59 0.56 47.21
CA SER D 1125 -86.47 -0.83 47.65
C SER D 1125 -85.01 -1.18 47.94
N TYR D 1126 -84.10 -0.80 47.05
CA TYR D 1126 -82.68 -1.05 47.28
C TYR D 1126 -82.17 -0.31 48.50
N THR D 1127 -82.60 0.95 48.68
CA THR D 1127 -82.13 1.70 49.84
C THR D 1127 -82.67 1.10 51.13
N VAL D 1128 -83.93 0.66 51.12
CA VAL D 1128 -84.49 -0.04 52.27
C VAL D 1128 -83.66 -1.27 52.58
N TYR D 1129 -83.32 -2.05 51.56
CA TYR D 1129 -82.60 -3.28 51.83
C TYR D 1129 -81.18 -3.00 52.33
N VAL D 1130 -80.52 -1.97 51.80
CA VAL D 1130 -79.16 -1.70 52.25
C VAL D 1130 -79.16 -1.19 53.68
N PHE D 1131 -80.09 -0.30 54.03
CA PHE D 1131 -80.14 0.20 55.39
C PHE D 1131 -80.70 -0.84 56.35
N THR D 1132 -81.39 -1.85 55.83
CA THR D 1132 -81.69 -3.05 56.62
C THR D 1132 -80.43 -3.87 56.86
N LEU D 1133 -79.61 -4.01 55.82
CA LEU D 1133 -78.40 -4.83 55.92
C LEU D 1133 -77.44 -4.23 56.95
N VAL D 1134 -77.10 -2.95 56.81
CA VAL D 1134 -76.30 -2.28 57.83
C VAL D 1134 -77.19 -2.07 59.04
N GLN D 1135 -76.76 -2.59 60.19
CA GLN D 1135 -77.60 -2.55 61.38
C GLN D 1135 -77.68 -1.13 61.91
N ASN D 1136 -78.86 -0.51 61.78
CA ASN D 1136 -79.07 0.86 62.20
C ASN D 1136 -80.25 0.87 63.16
N TRP D 1137 -80.75 2.07 63.47
CA TRP D 1137 -81.96 2.21 64.26
C TRP D 1137 -82.92 3.28 63.76
N GLU D 1138 -82.47 4.23 62.95
CA GLU D 1138 -83.30 5.36 62.57
C GLU D 1138 -83.56 5.43 61.07
N ILE D 1139 -82.51 5.28 60.26
CA ILE D 1139 -82.65 5.49 58.82
C ILE D 1139 -83.55 4.42 58.21
N ARG D 1140 -83.32 3.14 58.57
CA ARG D 1140 -84.16 2.12 57.97
C ARG D 1140 -85.54 2.09 58.60
N ASN D 1141 -85.68 2.45 59.87
CA ASN D 1141 -87.02 2.58 60.45
C ASN D 1141 -87.81 3.70 59.78
N THR D 1142 -87.20 4.88 59.62
CA THR D 1142 -87.92 5.98 58.99
C THR D 1142 -88.24 5.65 57.55
N LEU D 1143 -87.32 4.99 56.84
CA LEU D 1143 -87.59 4.65 55.45
C LEU D 1143 -88.69 3.60 55.34
N LEU D 1144 -88.68 2.60 56.24
CA LEU D 1144 -89.71 1.56 56.16
C LEU D 1144 -91.08 2.12 56.47
N ASN D 1145 -91.20 2.96 57.51
CA ASN D 1145 -92.51 3.51 57.81
C ASN D 1145 -92.95 4.53 56.77
N GLU D 1146 -92.01 5.22 56.11
CA GLU D 1146 -92.38 6.09 55.01
C GLU D 1146 -92.91 5.28 53.82
N LEU D 1147 -92.20 4.22 53.44
CA LEU D 1147 -92.59 3.47 52.26
C LEU D 1147 -93.82 2.60 52.53
N LYS D 1148 -94.06 2.23 53.79
CA LYS D 1148 -95.21 1.40 54.12
C LYS D 1148 -96.53 2.12 53.85
N SER D 1149 -96.50 3.44 53.65
CA SER D 1149 -97.73 4.16 53.33
C SER D 1149 -98.30 3.72 51.99
N LYS D 1150 -97.44 3.62 50.96
CA LYS D 1150 -97.89 3.34 49.61
C LYS D 1150 -97.79 1.85 49.29
N VAL D 1151 -98.51 1.05 50.07
CA VAL D 1151 -98.54 -0.40 49.91
C VAL D 1151 -99.88 -0.79 49.32
N VAL D 1152 -99.85 -1.51 48.20
CA VAL D 1152 -101.05 -1.98 47.53
C VAL D 1152 -101.59 -3.19 48.30
N SER D 1153 -102.85 -3.09 48.73
CA SER D 1153 -103.49 -4.14 49.52
C SER D 1153 -104.64 -4.75 48.73
N GLU D 1154 -104.59 -6.07 48.57
CA GLU D 1154 -105.66 -6.83 47.95
C GLU D 1154 -106.18 -7.85 48.96
N ARG D 1155 -107.03 -8.77 48.49
CA ARG D 1155 -107.75 -9.66 49.38
C ARG D 1155 -106.77 -10.56 50.15
N GLY D 1156 -106.54 -10.22 51.41
CA GLY D 1156 -105.59 -10.93 52.24
C GLY D 1156 -104.15 -10.78 51.84
N THR D 1157 -103.83 -9.86 50.93
CA THR D 1157 -102.50 -9.80 50.33
C THR D 1157 -101.96 -8.38 50.34
N LEU D 1158 -100.63 -8.29 50.34
CA LEU D 1158 -99.93 -7.01 50.36
C LEU D 1158 -98.79 -7.08 49.34
N HIS D 1159 -98.60 -5.99 48.60
CA HIS D 1159 -97.48 -5.87 47.69
C HIS D 1159 -97.29 -4.39 47.38
N TRP D 1160 -96.38 -4.09 46.46
CA TRP D 1160 -96.19 -2.73 45.96
C TRP D 1160 -96.19 -2.75 44.44
N GLU D 1161 -96.85 -1.78 43.84
CA GLU D 1161 -96.72 -1.60 42.40
C GLU D 1161 -95.50 -0.73 42.08
N ARG D 1162 -94.98 -0.90 40.86
CA ARG D 1162 -93.89 -0.04 40.40
C ARG D 1162 -94.32 1.41 40.32
N GLU D 1163 -95.61 1.67 40.17
CA GLU D 1163 -96.14 3.03 40.05
C GLU D 1163 -95.47 3.75 38.89
N ASP D 1164 -95.33 3.06 37.77
CA ASP D 1164 -94.70 3.62 36.58
C ASP D 1164 -95.66 4.64 36.00
N LYS D 1165 -95.64 5.84 36.60
CA LYS D 1165 -96.60 6.87 36.25
C LYS D 1165 -96.47 7.29 34.79
N LEU D 1166 -95.30 7.07 34.20
CA LEU D 1166 -95.08 7.40 32.80
C LEU D 1166 -95.91 6.47 31.92
N GLY D 1167 -96.99 7.00 31.36
CA GLY D 1167 -97.87 6.20 30.53
C GLY D 1167 -98.63 5.15 31.31
N GLN D 1168 -99.50 5.59 32.23
CA GLN D 1168 -100.32 4.67 33.01
C GLN D 1168 -101.62 4.42 32.26
N GLU D 1169 -101.57 3.42 31.37
CA GLU D 1169 -102.72 3.04 30.56
C GLU D 1169 -102.94 1.53 30.63
N GLY D 1170 -103.84 1.01 29.81
CA GLY D 1170 -104.02 -0.43 29.76
C GLY D 1170 -103.90 -1.02 28.37
N ILE D 1171 -104.25 -0.24 27.35
CA ILE D 1171 -104.24 -0.71 25.96
C ILE D 1171 -102.83 -0.70 25.37
N PRO D 1172 -102.05 0.39 25.48
CA PRO D 1172 -100.71 0.35 24.86
C PRO D 1172 -99.73 -0.52 25.63
N LEU D 1173 -100.02 -1.81 25.67
CA LEU D 1173 -99.11 -2.83 26.21
C LEU D 1173 -98.77 -2.57 27.68
N TYR D 1174 -99.77 -2.11 28.46
CA TYR D 1174 -99.66 -2.02 29.90
C TYR D 1174 -100.74 -2.82 30.64
N TYR D 1175 -101.61 -3.51 29.91
CA TYR D 1175 -102.60 -4.37 30.55
C TYR D 1175 -101.99 -5.42 31.50
N PRO D 1176 -100.88 -6.11 31.15
CA PRO D 1176 -100.42 -7.22 32.01
C PRO D 1176 -100.32 -6.91 33.49
N ASN D 1177 -101.16 -7.58 34.29
CA ASN D 1177 -101.04 -7.52 35.73
C ASN D 1177 -99.90 -8.37 36.24
N TYR D 1178 -99.51 -9.40 35.49
CA TYR D 1178 -98.48 -10.35 35.90
C TYR D 1178 -97.10 -9.73 35.64
N SER D 1179 -96.90 -8.55 36.21
CA SER D 1179 -95.69 -7.79 35.97
C SER D 1179 -94.51 -8.43 36.67
N PRO D 1180 -93.44 -8.76 35.95
CA PRO D 1180 -92.24 -9.31 36.62
C PRO D 1180 -91.58 -8.32 37.56
N ALA D 1181 -91.83 -7.02 37.41
CA ALA D 1181 -90.99 -6.03 38.08
C ALA D 1181 -91.48 -5.73 39.49
N GLU D 1182 -92.79 -5.81 39.73
CA GLU D 1182 -93.33 -5.44 41.03
C GLU D 1182 -92.90 -6.42 42.12
N VAL D 1183 -92.90 -7.72 41.79
CA VAL D 1183 -92.51 -8.72 42.77
C VAL D 1183 -91.08 -8.49 43.22
N GLU D 1184 -90.27 -7.84 42.40
CA GLU D 1184 -88.93 -7.45 42.82
C GLU D 1184 -88.96 -6.58 44.07
N ILE D 1185 -89.65 -5.45 43.99
CA ILE D 1185 -89.72 -4.55 45.14
C ILE D 1185 -90.42 -5.24 46.29
N THR D 1186 -91.43 -6.05 45.99
CA THR D 1186 -92.15 -6.72 47.07
C THR D 1186 -91.25 -7.69 47.82
N ALA D 1187 -90.43 -8.46 47.10
CA ALA D 1187 -89.49 -9.38 47.75
C ALA D 1187 -88.38 -8.64 48.47
N TYR D 1188 -87.94 -7.50 47.91
CA TYR D 1188 -86.98 -6.67 48.63
C TYR D 1188 -87.54 -6.22 49.97
N MET D 1189 -88.80 -5.78 49.98
CA MET D 1189 -89.44 -5.40 51.23
C MET D 1189 -89.54 -6.60 52.16
N LEU D 1190 -89.93 -7.75 51.63
CA LEU D 1190 -90.07 -8.94 52.44
C LEU D 1190 -88.76 -9.30 53.14
N LEU D 1191 -87.66 -9.34 52.38
CA LEU D 1191 -86.38 -9.71 52.95
C LEU D 1191 -85.88 -8.65 53.92
N SER D 1192 -86.09 -7.37 53.60
CA SER D 1192 -85.66 -6.30 54.50
C SER D 1192 -86.37 -6.41 55.84
N ILE D 1193 -87.69 -6.57 55.82
CA ILE D 1193 -88.46 -6.69 57.05
C ILE D 1193 -88.11 -7.99 57.78
N ALA D 1194 -87.82 -9.05 57.02
CA ALA D 1194 -87.39 -10.30 57.64
C ALA D 1194 -86.08 -10.11 58.38
N LYS D 1195 -85.21 -9.24 57.86
CA LYS D 1195 -83.94 -8.94 58.53
C LYS D 1195 -84.04 -7.64 59.33
N GLY D 1196 -84.94 -7.64 60.32
CA GLY D 1196 -85.20 -6.47 61.14
C GLY D 1196 -84.45 -6.52 62.46
N SER D 1197 -84.81 -5.56 63.33
CA SER D 1197 -84.23 -5.52 64.66
C SER D 1197 -84.75 -6.66 65.53
N ASP D 1198 -86.06 -6.72 65.73
CA ASP D 1198 -86.69 -7.82 66.45
C ASP D 1198 -88.15 -7.97 66.01
N PRO D 1199 -88.45 -8.94 65.16
CA PRO D 1199 -89.84 -9.11 64.69
C PRO D 1199 -90.76 -9.58 65.82
N THR D 1200 -91.84 -8.85 66.02
CA THR D 1200 -92.83 -9.23 67.01
C THR D 1200 -93.98 -9.99 66.35
N HIS D 1201 -94.96 -10.39 67.18
CA HIS D 1201 -96.08 -11.18 66.68
C HIS D 1201 -96.95 -10.36 65.72
N ASP D 1202 -97.12 -9.07 65.98
CA ASP D 1202 -97.99 -8.25 65.14
C ASP D 1202 -97.52 -8.22 63.70
N ASP D 1203 -96.24 -8.46 63.45
CA ASP D 1203 -95.70 -8.50 62.10
C ASP D 1203 -96.04 -9.79 61.35
N LEU D 1204 -96.43 -10.84 62.07
CA LEU D 1204 -96.57 -12.16 61.42
C LEU D 1204 -97.73 -12.19 60.45
N THR D 1205 -98.84 -11.51 60.78
CA THR D 1205 -99.95 -11.43 59.82
C THR D 1205 -99.53 -10.65 58.58
N TYR D 1206 -98.76 -9.57 58.77
CA TYR D 1206 -98.23 -8.81 57.64
C TYR D 1206 -97.37 -9.70 56.77
N MET D 1207 -96.55 -10.54 57.42
CA MET D 1207 -95.70 -11.49 56.72
C MET D 1207 -96.53 -12.48 55.91
N ALA D 1208 -97.58 -13.03 56.51
CA ALA D 1208 -98.43 -14.00 55.81
C ALA D 1208 -99.13 -13.34 54.63
N GLN D 1209 -99.60 -12.11 54.82
CA GLN D 1209 -100.27 -11.37 53.75
C GLN D 1209 -99.33 -11.12 52.58
N ILE D 1210 -98.09 -10.70 52.87
CA ILE D 1210 -97.16 -10.49 51.76
C ILE D 1210 -96.77 -11.81 51.11
N SER D 1211 -96.59 -12.87 51.89
CA SER D 1211 -96.13 -14.15 51.33
C SER D 1211 -97.17 -14.79 50.42
N VAL D 1212 -98.44 -14.81 50.84
CA VAL D 1212 -99.45 -15.51 50.05
C VAL D 1212 -99.60 -14.84 48.68
N TRP D 1213 -99.50 -13.50 48.64
CA TRP D 1213 -99.62 -12.82 47.35
C TRP D 1213 -98.55 -13.29 46.39
N LEU D 1214 -97.28 -13.28 46.82
CA LEU D 1214 -96.21 -13.74 45.96
C LEU D 1214 -96.45 -15.18 45.51
N ILE D 1215 -96.84 -16.04 46.45
CA ILE D 1215 -96.96 -17.45 46.09
C ILE D 1215 -98.15 -17.67 45.16
N GLN D 1216 -99.05 -16.68 45.07
CA GLN D 1216 -100.05 -16.74 44.01
C GLN D 1216 -99.39 -16.68 42.64
N GLN D 1217 -98.37 -15.85 42.50
CA GLN D 1217 -97.74 -15.59 41.21
C GLN D 1217 -96.49 -16.45 41.02
N GLN D 1218 -96.71 -17.77 40.99
CA GLN D 1218 -95.65 -18.73 40.75
C GLN D 1218 -96.11 -19.75 39.72
N ASN D 1219 -95.20 -20.15 38.83
CA ASN D 1219 -95.49 -21.16 37.84
C ASN D 1219 -95.23 -22.55 38.41
N SER D 1220 -95.69 -23.59 37.71
CA SER D 1220 -95.46 -24.95 38.16
C SER D 1220 -94.00 -25.35 38.05
N TYR D 1221 -93.15 -24.48 37.52
CA TYR D 1221 -91.75 -24.80 37.30
C TYR D 1221 -90.82 -24.17 38.32
N GLY D 1222 -91.29 -23.19 39.08
CA GLY D 1222 -90.44 -22.55 40.08
C GLY D 1222 -90.13 -21.12 39.73
N GLY D 1223 -89.88 -20.86 38.45
CA GLY D 1223 -89.71 -19.50 37.99
C GLY D 1223 -90.98 -18.70 38.20
N PHE D 1224 -90.89 -17.59 38.94
CA PHE D 1224 -92.08 -16.80 39.22
C PHE D 1224 -92.45 -15.96 38.00
N ARG D 1225 -91.64 -14.96 37.69
CA ARG D 1225 -91.81 -14.16 36.48
C ARG D 1225 -90.55 -14.05 35.64
N SER D 1226 -89.38 -13.94 36.27
CA SER D 1226 -88.13 -13.74 35.55
C SER D 1226 -86.99 -14.11 36.46
N THR D 1227 -85.81 -14.28 35.85
CA THR D 1227 -84.65 -14.82 36.55
C THR D 1227 -84.32 -13.99 37.79
N GLN D 1228 -83.92 -12.74 37.58
CA GLN D 1228 -83.58 -11.88 38.71
C GLN D 1228 -84.74 -11.77 39.69
N ASP D 1229 -85.97 -11.86 39.19
CA ASP D 1229 -87.14 -11.83 40.05
C ASP D 1229 -87.33 -13.13 40.80
N THR D 1230 -87.36 -14.26 40.09
CA THR D 1230 -87.64 -15.53 40.73
C THR D 1230 -86.58 -15.88 41.77
N VAL D 1231 -85.33 -15.47 41.55
CA VAL D 1231 -84.27 -15.84 42.50
C VAL D 1231 -84.43 -15.07 43.80
N VAL D 1232 -84.73 -13.78 43.71
CA VAL D 1232 -84.96 -13.00 44.93
C VAL D 1232 -86.21 -13.50 45.64
N ALA D 1233 -87.24 -13.88 44.88
CA ALA D 1233 -88.44 -14.43 45.50
C ALA D 1233 -88.13 -15.73 46.23
N LEU D 1234 -87.34 -16.61 45.61
CA LEU D 1234 -86.98 -17.88 46.23
C LEU D 1234 -86.15 -17.67 47.48
N GLN D 1235 -85.18 -16.76 47.44
CA GLN D 1235 -84.36 -16.53 48.62
C GLN D 1235 -85.18 -15.90 49.75
N ALA D 1236 -86.10 -14.99 49.40
CA ALA D 1236 -86.98 -14.42 50.41
C ALA D 1236 -87.86 -15.49 51.04
N LEU D 1237 -88.40 -16.39 50.21
CA LEU D 1237 -89.22 -17.47 50.74
C LEU D 1237 -88.41 -18.42 51.60
N ALA D 1238 -87.15 -18.66 51.22
CA ALA D 1238 -86.28 -19.48 52.05
C ALA D 1238 -86.05 -18.83 53.40
N PHE D 1239 -85.80 -17.52 53.40
CA PHE D 1239 -85.63 -16.80 54.66
C PHE D 1239 -86.89 -16.88 55.52
N TYR D 1240 -88.06 -16.72 54.91
CA TYR D 1240 -89.30 -16.76 55.68
C TYR D 1240 -89.54 -18.15 56.26
N ALA D 1241 -89.48 -19.18 55.42
CA ALA D 1241 -89.69 -20.55 55.87
C ALA D 1241 -88.63 -21.01 56.86
N GLN D 1242 -87.44 -20.39 56.84
CA GLN D 1242 -86.47 -20.63 57.90
C GLN D 1242 -87.02 -20.18 59.24
N LEU D 1243 -87.74 -19.06 59.26
CA LEU D 1243 -88.35 -18.53 60.46
C LEU D 1243 -89.55 -19.34 60.94
N LEU D 1244 -90.21 -20.07 60.05
CA LEU D 1244 -91.39 -20.83 60.40
C LEU D 1244 -91.24 -22.26 59.91
N PHE D 1245 -91.01 -23.19 60.83
CA PHE D 1245 -90.94 -24.60 60.50
C PHE D 1245 -91.67 -25.40 61.58
N LYS D 1246 -92.42 -26.40 61.14
CA LYS D 1246 -93.16 -27.28 62.04
C LYS D 1246 -92.47 -28.63 62.09
N SER D 1247 -92.24 -29.14 63.30
CA SER D 1247 -91.56 -30.41 63.45
C SER D 1247 -92.38 -31.56 62.86
N ASN D 1248 -93.69 -31.59 63.12
CA ASN D 1248 -94.54 -32.69 62.69
C ASN D 1248 -95.20 -32.41 61.34
N ALA D 1249 -96.03 -31.37 61.27
CA ALA D 1249 -96.73 -30.96 60.05
C ALA D 1249 -97.47 -32.12 59.42
N HIS D 1250 -98.30 -32.76 60.23
CA HIS D 1250 -99.12 -33.88 59.78
C HIS D 1250 -100.31 -33.37 59.00
N HIS D 1251 -100.65 -34.04 57.89
CA HIS D 1251 -101.75 -33.62 57.05
C HIS D 1251 -102.35 -34.81 56.33
N ASN D 1252 -103.58 -34.65 55.86
CA ASN D 1252 -104.18 -35.56 54.89
C ASN D 1252 -105.04 -34.75 53.94
N VAL D 1253 -104.89 -35.01 52.65
CA VAL D 1253 -105.52 -34.24 51.59
C VAL D 1253 -106.46 -35.15 50.82
N PHE D 1254 -107.53 -34.58 50.29
CA PHE D 1254 -108.49 -35.37 49.55
C PHE D 1254 -109.29 -34.49 48.60
N LEU D 1255 -109.61 -35.06 47.44
CA LEU D 1255 -110.33 -34.36 46.38
C LEU D 1255 -111.66 -35.04 46.13
N ARG D 1256 -112.71 -34.25 45.93
CA ARG D 1256 -114.05 -34.75 45.70
C ARG D 1256 -114.63 -34.10 44.46
N SER D 1257 -115.60 -34.76 43.85
CA SER D 1257 -116.39 -34.23 42.75
C SER D 1257 -117.86 -34.57 42.99
N GLU D 1258 -118.70 -34.27 41.99
CA GLU D 1258 -120.09 -34.68 42.06
C GLU D 1258 -120.26 -36.18 41.85
N TYR D 1259 -119.21 -36.89 41.45
CA TYR D 1259 -119.25 -38.34 41.34
C TYR D 1259 -118.64 -39.05 42.53
N GLY D 1260 -117.70 -38.42 43.23
CA GLY D 1260 -117.13 -39.03 44.41
C GLY D 1260 -115.81 -38.37 44.75
N ASP D 1261 -115.18 -38.88 45.81
CA ASP D 1261 -113.86 -38.44 46.20
C ASP D 1261 -112.85 -38.95 45.18
N VAL D 1262 -111.98 -38.06 44.72
CA VAL D 1262 -111.04 -38.43 43.67
C VAL D 1262 -109.80 -39.10 44.25
N GLY D 1263 -109.19 -38.48 45.24
CA GLY D 1263 -107.99 -39.03 45.84
C GLY D 1263 -107.93 -38.74 47.32
N GLN D 1264 -107.27 -39.62 48.06
CA GLN D 1264 -107.07 -39.51 49.51
C GLN D 1264 -105.61 -39.85 49.81
N LEU D 1265 -104.84 -38.85 50.20
CA LEU D 1265 -103.41 -39.00 50.45
C LEU D 1265 -103.07 -38.52 51.85
N ASN D 1266 -102.02 -39.10 52.43
CA ASN D 1266 -101.56 -38.78 53.76
C ASN D 1266 -100.17 -38.17 53.69
N LEU D 1267 -100.00 -36.97 54.24
CA LEU D 1267 -98.73 -36.25 54.25
C LEU D 1267 -98.14 -36.30 55.65
N SER D 1268 -96.88 -36.71 55.74
CA SER D 1268 -96.21 -36.86 57.03
C SER D 1268 -94.77 -36.35 56.87
N GLU D 1269 -93.94 -36.65 57.87
CA GLU D 1269 -92.53 -36.31 57.78
C GLU D 1269 -91.88 -37.04 56.60
N HIS D 1270 -92.24 -38.30 56.40
CA HIS D 1270 -91.76 -39.02 55.22
C HIS D 1270 -92.21 -38.32 53.95
N ASN D 1271 -93.47 -37.90 53.89
CA ASN D 1271 -94.02 -37.24 52.71
C ASN D 1271 -93.99 -35.73 52.92
N ARG D 1272 -92.76 -35.20 52.98
CA ARG D 1272 -92.57 -33.79 53.24
C ARG D 1272 -91.97 -33.08 52.04
N LEU D 1273 -91.07 -33.77 51.33
CA LEU D 1273 -90.36 -33.16 50.22
C LEU D 1273 -90.81 -33.69 48.87
N VAL D 1274 -91.49 -34.82 48.83
CA VAL D 1274 -91.95 -35.42 47.59
C VAL D 1274 -93.15 -34.62 47.08
N VAL D 1275 -93.18 -34.42 45.78
CA VAL D 1275 -94.21 -33.61 45.14
C VAL D 1275 -95.28 -34.54 44.59
N GLN D 1276 -96.55 -34.21 44.86
CA GLN D 1276 -97.68 -35.02 44.43
C GLN D 1276 -98.42 -34.31 43.30
N ARG D 1277 -98.51 -34.96 42.14
CA ARG D 1277 -99.23 -34.45 40.99
C ARG D 1277 -100.43 -35.34 40.73
N LEU D 1278 -101.56 -34.72 40.36
CA LEU D 1278 -102.74 -35.47 39.99
C LEU D 1278 -103.35 -34.86 38.74
N GLN D 1279 -104.03 -35.70 37.98
CA GLN D 1279 -104.51 -35.37 36.64
C GLN D 1279 -106.02 -35.46 36.62
N LEU D 1280 -106.68 -34.47 36.04
CA LEU D 1280 -108.13 -34.50 35.94
C LEU D 1280 -108.54 -35.15 34.62
N PRO D 1281 -109.34 -36.22 34.64
CA PRO D 1281 -109.79 -36.82 33.38
C PRO D 1281 -110.96 -36.08 32.75
N GLU D 1282 -111.74 -35.35 33.55
CA GLU D 1282 -112.82 -34.51 33.04
C GLU D 1282 -112.44 -33.06 33.31
N VAL D 1283 -112.20 -32.30 32.24
CA VAL D 1283 -111.62 -30.96 32.37
C VAL D 1283 -112.63 -29.88 32.71
N SER D 1284 -113.93 -30.20 32.72
CA SER D 1284 -114.95 -29.19 32.95
C SER D 1284 -115.87 -29.58 34.09
N GLY D 1285 -115.34 -30.34 35.05
CA GLY D 1285 -116.09 -30.70 36.24
C GLY D 1285 -115.94 -29.67 37.34
N ASN D 1286 -116.62 -29.94 38.45
CA ASN D 1286 -116.56 -29.09 39.64
C ASN D 1286 -115.95 -29.93 40.76
N TYR D 1287 -114.77 -29.54 41.21
CA TYR D 1287 -114.00 -30.34 42.16
C TYR D 1287 -113.72 -29.53 43.42
N SER D 1288 -113.52 -30.26 44.51
CA SER D 1288 -113.32 -29.65 45.83
C SER D 1288 -112.12 -30.29 46.50
N ILE D 1289 -111.13 -29.47 46.84
CA ILE D 1289 -109.95 -29.92 47.53
C ILE D 1289 -110.12 -29.66 49.02
N SER D 1290 -109.60 -30.58 49.84
CA SER D 1290 -109.64 -30.37 51.29
C SER D 1290 -108.41 -30.96 51.94
N ILE D 1291 -107.77 -30.16 52.79
CA ILE D 1291 -106.62 -30.57 53.59
C ILE D 1291 -107.00 -30.48 55.06
N ASN D 1292 -106.61 -31.50 55.82
CA ASN D 1292 -106.86 -31.52 57.25
C ASN D 1292 -105.55 -31.82 57.98
N GLY D 1293 -105.39 -31.25 59.15
CA GLY D 1293 -104.21 -31.52 59.95
C GLY D 1293 -103.55 -30.24 60.42
N THR D 1294 -102.28 -30.37 60.79
CA THR D 1294 -101.51 -29.28 61.37
C THR D 1294 -100.38 -28.92 60.44
N GLY D 1295 -100.19 -27.63 60.21
CA GLY D 1295 -99.10 -27.13 59.41
C GLY D 1295 -99.63 -26.36 58.22
N CYS D 1296 -98.80 -26.29 57.19
CA CYS D 1296 -99.09 -25.51 55.98
C CYS D 1296 -98.79 -26.35 54.75
N CYS D 1297 -99.42 -26.00 53.63
CA CYS D 1297 -99.20 -26.72 52.38
C CYS D 1297 -99.44 -25.81 51.19
N LEU D 1298 -98.97 -26.27 50.03
CA LEU D 1298 -99.19 -25.61 48.75
C LEU D 1298 -100.12 -26.42 47.88
N VAL D 1299 -101.06 -25.74 47.25
CA VAL D 1299 -101.94 -26.36 46.26
C VAL D 1299 -101.80 -25.58 44.97
N GLN D 1300 -101.61 -26.29 43.87
CA GLN D 1300 -101.50 -25.68 42.55
C GLN D 1300 -102.51 -26.32 41.62
N SER D 1301 -103.18 -25.49 40.83
CA SER D 1301 -104.06 -25.97 39.77
C SER D 1301 -103.67 -25.30 38.47
N THR D 1302 -103.40 -26.11 37.45
CA THR D 1302 -102.91 -25.62 36.17
C THR D 1302 -103.72 -26.18 35.02
N ILE D 1303 -103.88 -25.37 33.98
CA ILE D 1303 -104.57 -25.75 32.76
C ILE D 1303 -103.62 -25.49 31.60
N ARG D 1304 -103.47 -26.49 30.74
CA ARG D 1304 -102.75 -26.32 29.49
C ARG D 1304 -103.75 -26.39 28.35
N TYR D 1305 -103.55 -25.53 27.34
CA TYR D 1305 -104.43 -25.49 26.17
C TYR D 1305 -103.73 -24.76 25.05
N ASN D 1306 -104.35 -24.79 23.87
CA ASN D 1306 -103.82 -24.16 22.67
C ASN D 1306 -104.78 -23.10 22.15
N ILE D 1307 -104.22 -22.08 21.52
CA ILE D 1307 -105.01 -21.13 20.72
C ILE D 1307 -104.25 -20.86 19.43
N PRO D 1308 -104.92 -20.88 18.29
CA PRO D 1308 -104.21 -20.72 16.99
C PRO D 1308 -103.84 -19.29 16.65
N VAL D 1309 -102.77 -18.83 17.28
CA VAL D 1309 -102.13 -17.55 16.99
C VAL D 1309 -103.16 -16.42 17.03
N PRO D 1310 -103.63 -16.01 18.21
CA PRO D 1310 -104.62 -14.94 18.29
C PRO D 1310 -104.01 -13.55 18.15
N LYS D 1311 -103.57 -13.22 16.94
CA LYS D 1311 -102.98 -11.92 16.66
C LYS D 1311 -104.01 -11.00 15.98
N GLU D 1312 -105.03 -10.64 16.74
CA GLU D 1312 -106.12 -9.83 16.20
C GLU D 1312 -106.14 -8.39 16.66
N ASN D 1313 -105.32 -8.02 17.64
CA ASN D 1313 -105.29 -6.66 18.15
C ASN D 1313 -103.85 -6.14 18.16
N SER D 1314 -103.72 -4.86 18.49
CA SER D 1314 -102.41 -4.22 18.52
C SER D 1314 -101.55 -4.82 19.62
N ALA D 1315 -100.32 -5.19 19.27
CA ALA D 1315 -99.37 -5.77 20.20
C ALA D 1315 -97.97 -5.39 19.74
N PHE D 1316 -96.96 -6.10 20.23
CA PHE D 1316 -95.61 -5.93 19.72
C PHE D 1316 -95.62 -6.34 18.25
N TYR D 1317 -95.53 -5.38 17.34
CA TYR D 1317 -95.89 -5.63 15.96
C TYR D 1317 -94.90 -6.58 15.29
N VAL D 1318 -95.43 -7.63 14.69
CA VAL D 1318 -94.63 -8.62 13.97
C VAL D 1318 -95.39 -9.04 12.72
N ALA D 1319 -94.68 -9.18 11.61
CA ALA D 1319 -95.24 -9.68 10.36
C ALA D 1319 -94.26 -10.67 9.76
N ALA D 1320 -94.69 -11.92 9.60
CA ALA D 1320 -93.82 -13.00 9.15
C ALA D 1320 -94.34 -13.59 7.86
N ASP D 1321 -93.42 -13.89 6.95
CA ASP D 1321 -93.78 -14.50 5.67
C ASP D 1321 -92.52 -15.11 5.05
N SER D 1322 -92.66 -15.64 3.84
CA SER D 1322 -91.54 -16.28 3.18
C SER D 1322 -91.85 -16.49 1.71
N VAL D 1323 -90.81 -16.86 0.96
CA VAL D 1323 -90.91 -17.15 -0.46
C VAL D 1323 -90.06 -18.37 -0.78
N SER D 1324 -90.24 -18.89 -1.99
CA SER D 1324 -89.52 -20.03 -2.49
C SER D 1324 -88.67 -19.65 -3.70
N LYS D 1325 -87.63 -20.44 -3.93
CA LYS D 1325 -86.74 -20.28 -5.07
C LYS D 1325 -86.62 -21.54 -5.91
N ASN D 1326 -86.83 -22.70 -5.30
CA ASN D 1326 -86.69 -23.98 -5.99
C ASN D 1326 -87.94 -24.82 -5.80
N CYS D 1327 -89.11 -24.20 -5.91
CA CYS D 1327 -90.37 -24.91 -5.74
C CYS D 1327 -90.61 -25.87 -6.89
N LEU D 1328 -90.57 -27.17 -6.61
CA LEU D 1328 -90.76 -28.20 -7.63
C LEU D 1328 -91.76 -29.23 -7.13
N ASN D 1329 -92.60 -29.71 -8.05
CA ASN D 1329 -93.58 -30.79 -7.82
C ASN D 1329 -94.20 -30.70 -6.43
N GLY D 1330 -94.68 -29.50 -6.10
CA GLY D 1330 -95.29 -29.27 -4.80
C GLY D 1330 -94.38 -28.54 -3.83
N VAL D 1331 -93.76 -29.30 -2.92
CA VAL D 1331 -92.93 -28.71 -1.89
C VAL D 1331 -91.73 -28.00 -2.50
N ALA D 1332 -91.26 -26.97 -1.82
CA ALA D 1332 -90.07 -26.23 -2.23
C ALA D 1332 -88.90 -26.58 -1.32
N TYR D 1333 -87.76 -26.92 -1.94
CA TYR D 1333 -86.62 -27.40 -1.17
C TYR D 1333 -86.13 -26.37 -0.17
N THR D 1334 -85.84 -25.16 -0.63
CA THR D 1334 -85.31 -24.11 0.23
C THR D 1334 -86.28 -22.95 0.28
N ILE D 1335 -86.43 -22.37 1.46
CA ILE D 1335 -87.36 -21.28 1.69
C ILE D 1335 -86.61 -20.11 2.29
N THR D 1336 -86.87 -18.92 1.76
CA THR D 1336 -86.33 -17.68 2.32
C THR D 1336 -87.43 -17.04 3.15
N ILE D 1337 -87.23 -17.02 4.46
CA ILE D 1337 -88.24 -16.58 5.40
C ILE D 1337 -87.82 -15.22 5.96
N THR D 1338 -88.72 -14.25 5.91
CA THR D 1338 -88.43 -12.91 6.37
C THR D 1338 -89.51 -12.41 7.32
N VAL D 1339 -89.10 -11.63 8.31
CA VAL D 1339 -90.00 -11.04 9.29
C VAL D 1339 -89.69 -9.57 9.41
N SER D 1340 -90.69 -8.81 9.86
CA SER D 1340 -90.57 -7.38 10.08
C SER D 1340 -91.27 -7.04 11.40
N VAL D 1341 -90.53 -6.43 12.31
CA VAL D 1341 -90.99 -6.23 13.68
C VAL D 1341 -90.79 -4.78 14.09
N SER D 1342 -91.75 -4.24 14.82
CA SER D 1342 -91.64 -2.90 15.39
C SER D 1342 -92.27 -2.88 16.77
N TYR D 1343 -91.88 -1.90 17.55
CA TYR D 1343 -92.41 -1.70 18.90
C TYR D 1343 -93.46 -0.60 18.86
N ARG D 1344 -94.53 -0.78 19.63
CA ARG D 1344 -95.63 0.18 19.67
C ARG D 1344 -96.09 0.48 21.09
N GLY D 1345 -95.45 -0.11 22.10
CA GLY D 1345 -95.88 0.08 23.47
C GLY D 1345 -95.48 1.42 24.02
N LEU D 1346 -95.90 1.67 25.26
CA LEU D 1346 -95.75 2.97 25.89
C LEU D 1346 -94.42 3.18 26.58
N ARG D 1347 -93.57 2.15 26.63
CA ARG D 1347 -92.27 2.33 27.25
C ARG D 1347 -91.42 3.29 26.42
N ASN D 1348 -90.56 4.05 27.10
CA ASN D 1348 -89.69 4.99 26.40
C ASN D 1348 -88.76 4.25 25.44
N GLU D 1349 -88.21 3.11 25.87
CA GLU D 1349 -87.46 2.25 24.98
C GLU D 1349 -87.55 0.83 25.51
N THR D 1350 -87.50 -0.14 24.60
CA THR D 1350 -87.67 -1.53 24.99
C THR D 1350 -86.37 -2.11 25.51
N ASN D 1351 -86.51 -3.16 26.31
CA ASN D 1351 -85.39 -3.90 26.88
C ASN D 1351 -85.06 -5.10 26.01
N MET D 1352 -84.39 -6.09 26.60
CA MET D 1352 -84.01 -7.30 25.90
C MET D 1352 -85.23 -7.99 25.29
N VAL D 1353 -85.09 -8.48 24.05
CA VAL D 1353 -86.18 -9.18 23.40
C VAL D 1353 -85.64 -10.47 22.77
N ILE D 1354 -86.53 -11.45 22.65
CA ILE D 1354 -86.24 -12.72 21.98
C ILE D 1354 -87.41 -13.05 21.07
N ILE D 1355 -87.11 -13.50 19.86
CA ILE D 1355 -88.10 -14.02 18.93
C ILE D 1355 -87.89 -15.51 18.81
N ASP D 1356 -88.93 -16.23 18.39
CA ASP D 1356 -88.84 -17.66 18.13
C ASP D 1356 -89.81 -18.10 17.06
N ILE D 1357 -89.36 -19.01 16.20
CA ILE D 1357 -90.22 -19.68 15.23
C ILE D 1357 -90.25 -21.17 15.53
N GLN D 1358 -91.44 -21.75 15.38
CA GLN D 1358 -91.61 -23.17 15.17
C GLN D 1358 -91.26 -23.50 13.72
N MET D 1359 -90.28 -24.39 13.56
CA MET D 1359 -89.82 -24.77 12.23
C MET D 1359 -90.93 -25.44 11.44
N LEU D 1360 -90.93 -25.19 10.13
CA LEU D 1360 -92.05 -25.59 9.27
C LEU D 1360 -91.98 -27.07 8.96
N SER D 1361 -92.68 -27.86 9.77
CA SER D 1361 -93.01 -29.26 9.48
C SER D 1361 -91.72 -30.05 9.28
N GLY D 1362 -91.54 -30.77 8.17
CA GLY D 1362 -90.36 -31.58 7.98
C GLY D 1362 -89.24 -30.87 7.24
N TYR D 1363 -88.70 -29.81 7.84
CA TYR D 1363 -87.62 -29.04 7.25
C TYR D 1363 -86.42 -28.98 8.19
N GLN D 1364 -85.46 -28.15 7.81
CA GLN D 1364 -84.29 -27.85 8.64
C GLN D 1364 -83.64 -26.56 8.13
N ALA D 1365 -83.16 -25.75 9.07
CA ALA D 1365 -82.60 -24.46 8.70
C ALA D 1365 -81.16 -24.60 8.22
N ASP D 1366 -80.55 -23.46 7.88
CA ASP D 1366 -79.19 -23.41 7.33
C ASP D 1366 -78.23 -22.88 8.39
N TYR D 1367 -77.36 -23.74 8.88
CA TYR D 1367 -76.33 -23.31 9.83
C TYR D 1367 -75.39 -22.25 9.27
N PRO D 1368 -74.86 -22.37 8.05
CA PRO D 1368 -74.08 -21.25 7.49
C PRO D 1368 -74.88 -19.96 7.39
N SER D 1369 -76.16 -20.03 7.04
CA SER D 1369 -76.95 -18.81 7.00
C SER D 1369 -77.14 -18.22 8.38
N LEU D 1370 -77.28 -19.08 9.40
CA LEU D 1370 -77.34 -18.58 10.77
C LEU D 1370 -76.06 -17.87 11.14
N ARG D 1371 -74.92 -18.45 10.79
CA ARG D 1371 -73.63 -17.80 11.04
C ARG D 1371 -73.53 -16.48 10.30
N GLN D 1372 -74.03 -16.42 9.07
CA GLN D 1372 -74.06 -15.17 8.33
C GLN D 1372 -74.92 -14.14 9.04
N LEU D 1373 -76.08 -14.56 9.55
CA LEU D 1373 -76.95 -13.65 10.27
C LEU D 1373 -76.26 -13.10 11.50
N GLU D 1374 -75.54 -13.95 12.22
CA GLU D 1374 -74.96 -13.53 13.48
C GLU D 1374 -73.73 -12.66 13.27
N ASN D 1375 -72.80 -13.10 12.41
CA ASN D 1375 -71.61 -12.28 12.17
C ASN D 1375 -71.98 -10.98 11.47
N SER D 1376 -73.08 -10.97 10.72
CA SER D 1376 -73.63 -9.72 10.25
C SER D 1376 -74.26 -8.97 11.42
N GLN D 1377 -73.99 -7.66 11.48
CA GLN D 1377 -74.24 -6.87 12.68
C GLN D 1377 -75.70 -6.42 12.74
N GLN D 1378 -76.56 -7.39 13.03
CA GLN D 1378 -77.97 -7.06 13.28
C GLN D 1378 -78.51 -7.67 14.56
N VAL D 1379 -78.08 -8.88 14.92
CA VAL D 1379 -78.69 -9.67 15.98
C VAL D 1379 -77.63 -10.04 16.99
N SER D 1380 -78.05 -10.43 18.20
CA SER D 1380 -77.07 -10.89 19.16
C SER D 1380 -76.69 -12.35 18.92
N LYS D 1381 -77.62 -13.28 19.18
CA LYS D 1381 -77.35 -14.71 19.05
C LYS D 1381 -78.60 -15.44 18.58
N THR D 1382 -78.38 -16.70 18.21
CA THR D 1382 -79.44 -17.61 17.79
C THR D 1382 -79.22 -18.97 18.44
N GLU D 1383 -80.32 -19.72 18.55
CA GLU D 1383 -80.28 -21.08 19.03
C GLU D 1383 -81.38 -21.89 18.39
N GLU D 1384 -81.00 -22.99 17.76
CA GLU D 1384 -81.96 -23.92 17.18
C GLU D 1384 -81.98 -25.19 18.00
N GLN D 1385 -83.18 -25.62 18.38
CA GLN D 1385 -83.39 -26.86 19.11
C GLN D 1385 -84.89 -27.10 19.22
N ASP D 1386 -85.26 -28.36 19.38
CA ASP D 1386 -86.66 -28.75 19.65
C ASP D 1386 -87.58 -28.07 18.64
N ASN D 1387 -87.22 -28.19 17.36
CA ASN D 1387 -88.04 -27.67 16.26
C ASN D 1387 -88.38 -26.20 16.43
N HIS D 1388 -87.53 -25.42 17.08
CA HIS D 1388 -87.72 -24.00 17.24
C HIS D 1388 -86.37 -23.31 17.15
N VAL D 1389 -86.36 -22.06 16.72
CA VAL D 1389 -85.16 -21.25 16.81
C VAL D 1389 -85.49 -19.93 17.49
N PHE D 1390 -84.59 -19.50 18.36
CA PHE D 1390 -84.71 -18.33 19.21
C PHE D 1390 -83.62 -17.35 18.79
N LEU D 1391 -84.00 -16.09 18.61
CA LEU D 1391 -83.06 -15.02 18.32
C LEU D 1391 -83.09 -14.02 19.45
N TYR D 1392 -81.90 -13.65 19.93
CA TYR D 1392 -81.71 -12.64 20.97
C TYR D 1392 -81.48 -11.31 20.27
N LEU D 1393 -82.35 -10.33 20.54
CA LEU D 1393 -82.16 -8.98 20.03
C LEU D 1393 -82.04 -7.99 21.18
N ASN D 1394 -81.10 -7.06 21.00
CA ASN D 1394 -80.90 -5.99 21.97
C ASN D 1394 -82.16 -5.18 22.17
N ALA D 1395 -82.78 -4.74 21.08
CA ALA D 1395 -83.93 -3.85 21.18
C ALA D 1395 -84.65 -3.83 19.84
N VAL D 1396 -85.89 -3.36 19.87
CA VAL D 1396 -86.69 -3.10 18.68
C VAL D 1396 -87.23 -1.69 18.78
N PRO D 1397 -86.86 -0.81 17.85
CA PRO D 1397 -87.33 0.58 17.93
C PRO D 1397 -88.77 0.73 17.47
N LEU D 1398 -89.26 1.97 17.48
CA LEU D 1398 -90.60 2.24 16.96
C LEU D 1398 -90.68 1.87 15.48
N LYS D 1399 -89.65 2.21 14.71
CA LYS D 1399 -89.63 1.84 13.31
C LYS D 1399 -89.53 0.33 13.16
N THR D 1400 -90.09 -0.18 12.07
CA THR D 1400 -90.03 -1.61 11.81
C THR D 1400 -88.69 -1.97 11.18
N ILE D 1401 -88.13 -3.10 11.62
CA ILE D 1401 -86.89 -3.64 11.08
C ILE D 1401 -87.16 -5.06 10.63
N GLN D 1402 -86.60 -5.44 9.48
CA GLN D 1402 -86.87 -6.72 8.85
C GLN D 1402 -85.60 -7.54 8.71
N LEU D 1403 -85.71 -8.83 9.03
CA LEU D 1403 -84.65 -9.80 8.83
C LEU D 1403 -85.10 -10.88 7.88
N SER D 1404 -84.14 -11.60 7.31
CA SER D 1404 -84.40 -12.65 6.34
C SER D 1404 -83.38 -13.77 6.53
N PHE D 1405 -83.83 -15.01 6.32
CA PHE D 1405 -82.98 -16.17 6.49
C PHE D 1405 -83.51 -17.30 5.62
N LYS D 1406 -82.93 -18.47 5.78
CA LYS D 1406 -83.25 -19.62 4.93
C LYS D 1406 -83.53 -20.87 5.78
N VAL D 1407 -84.37 -21.73 5.23
CA VAL D 1407 -84.61 -23.06 5.80
C VAL D 1407 -84.64 -24.07 4.66
N LEU D 1408 -83.87 -25.15 4.80
CA LEU D 1408 -83.80 -26.21 3.81
C LEU D 1408 -85.01 -27.13 3.94
N ILE D 1409 -85.11 -28.11 3.05
CA ILE D 1409 -86.09 -29.19 3.16
C ILE D 1409 -85.49 -30.29 4.03
N GLY D 1410 -86.28 -30.78 4.96
CA GLY D 1410 -85.87 -31.96 5.70
C GLY D 1410 -86.46 -33.19 5.03
N SER D 1411 -87.00 -34.10 5.84
CA SER D 1411 -87.77 -35.21 5.28
C SER D 1411 -88.99 -34.67 4.57
N ARG D 1412 -89.24 -35.15 3.37
CA ARG D 1412 -90.30 -34.60 2.54
C ARG D 1412 -91.66 -34.94 3.15
N VAL D 1413 -92.58 -33.99 3.10
CA VAL D 1413 -93.91 -34.14 3.68
C VAL D 1413 -94.84 -33.12 3.06
N LEU D 1414 -96.04 -33.57 2.70
CA LEU D 1414 -97.09 -32.69 2.22
C LEU D 1414 -98.14 -32.50 3.30
N ASN D 1415 -99.26 -31.87 2.94
CA ASN D 1415 -100.35 -31.62 3.87
C ASN D 1415 -99.89 -30.70 4.99
N VAL D 1416 -99.12 -29.68 4.61
CA VAL D 1416 -98.41 -28.83 5.56
C VAL D 1416 -99.33 -27.72 6.04
N LYS D 1417 -99.40 -27.54 7.36
CA LYS D 1417 -100.19 -26.49 7.98
C LYS D 1417 -99.33 -25.24 8.23
N SER D 1418 -99.81 -24.35 9.08
CA SER D 1418 -99.10 -23.12 9.39
C SER D 1418 -98.08 -23.33 10.51
N ALA D 1419 -97.30 -22.29 10.76
CA ALA D 1419 -96.26 -22.28 11.80
C ALA D 1419 -96.43 -21.05 12.67
N SER D 1420 -95.70 -21.01 13.78
CA SER D 1420 -95.94 -20.04 14.85
C SER D 1420 -94.71 -19.19 15.15
N VAL D 1421 -94.94 -17.89 15.28
CA VAL D 1421 -93.92 -16.91 15.65
C VAL D 1421 -94.34 -16.28 16.97
N TYR D 1422 -93.41 -16.25 17.93
CA TYR D 1422 -93.65 -15.57 19.20
C TYR D 1422 -92.48 -14.64 19.47
N VAL D 1423 -92.79 -13.36 19.72
CA VAL D 1423 -91.80 -12.34 20.04
C VAL D 1423 -92.13 -11.78 21.42
N TYR D 1424 -91.11 -11.65 22.27
CA TYR D 1424 -91.39 -11.17 23.62
C TYR D 1424 -90.13 -10.56 24.22
N ASP D 1425 -90.31 -9.48 24.99
CA ASP D 1425 -89.22 -8.98 25.82
C ASP D 1425 -88.91 -9.97 26.93
N TYR D 1426 -87.62 -10.04 27.29
CA TYR D 1426 -87.20 -11.05 28.26
C TYR D 1426 -87.60 -10.65 29.67
N TYR D 1427 -87.18 -9.46 30.11
CA TYR D 1427 -87.57 -8.96 31.42
C TYR D 1427 -89.06 -8.68 31.53
N GLU D 1428 -89.76 -8.51 30.40
CA GLU D 1428 -91.18 -8.15 30.41
C GLU D 1428 -91.87 -8.97 29.33
N THR D 1429 -92.39 -10.14 29.70
CA THR D 1429 -93.11 -10.97 28.75
C THR D 1429 -94.48 -10.38 28.40
N GLY D 1430 -94.91 -9.34 29.11
CA GLY D 1430 -96.21 -8.76 28.82
C GLY D 1430 -96.28 -8.08 27.46
N GLU D 1431 -95.23 -7.34 27.11
CA GLU D 1431 -95.18 -6.63 25.82
C GLU D 1431 -94.68 -7.60 24.76
N ASN D 1432 -95.63 -8.34 24.18
CA ASN D 1432 -95.30 -9.43 23.28
C ASN D 1432 -96.16 -9.37 22.02
N GLY D 1433 -95.75 -10.14 21.02
CA GLY D 1433 -96.50 -10.24 19.78
C GLY D 1433 -96.46 -11.66 19.25
N PHE D 1434 -97.47 -11.97 18.42
CA PHE D 1434 -97.62 -13.30 17.84
C PHE D 1434 -97.84 -13.16 16.34
N ALA D 1435 -97.37 -14.15 15.60
CA ALA D 1435 -97.51 -14.13 14.14
C ALA D 1435 -97.69 -15.55 13.63
N SER D 1436 -98.31 -15.63 12.46
CA SER D 1436 -98.47 -16.92 11.80
C SER D 1436 -97.52 -17.04 10.63
N TYR D 1437 -97.36 -18.28 10.15
CA TYR D 1437 -96.49 -18.59 9.04
C TYR D 1437 -97.18 -19.54 8.07
N SER D 1438 -97.10 -19.22 6.79
CA SER D 1438 -97.73 -20.04 5.76
C SER D 1438 -96.68 -20.52 4.77
N GLN D 1439 -96.99 -21.63 4.12
CA GLN D 1439 -96.14 -22.13 3.05
C GLN D 1439 -96.27 -21.23 1.82
N PRO D 1440 -95.16 -20.71 1.28
CA PRO D 1440 -95.25 -19.98 0.02
C PRO D 1440 -95.79 -20.80 -1.12
N CYS D 1441 -95.53 -22.11 -1.13
CA CYS D 1441 -96.02 -22.99 -2.17
C CYS D 1441 -97.21 -23.81 -1.67
#